data_8XA2
#
_entry.id   8XA2
#
loop_
_entity.id
_entity.type
_entity.pdbx_description
1 polymer 'Major capsid protein'
2 polymer Tri2A
3 polymer Tri2B
4 polymer Tri1
#
loop_
_entity_poly.entity_id
_entity_poly.type
_entity_poly.pdbx_seq_one_letter_code
_entity_poly.pdbx_strand_id
1 'polypeptide(L)'
;IPAGIIPTGNVLSTIEVCIFFCIFDFFKQIRSDDNSLYSAQFDILLGTYCNTLNFVRFLELGLSVACICTKFPELAYVRD
GVIQFEVQQPMIARDGPHPVDQPVHNYMVKRIHKRSLSAAFAIASEALSLLSNTYVAATEIDSSLRIRAIQQMARNLRTV
SDSFERGTADQLLGVLLEKAPPLSLLSPINKFQPEGHLNRVARAALLSDLKRRVCADMFFMTRHAREPRLISAYLSDMVS
CTQPSVMVSRITHTNTRGRQVDGVLVTTATLKRQLLQGILQIDDTAADVPVTYGEMVLQGTNLVTALVMGKAVRGMDDVA
RHLLDITDPNTLNIPSIPPQSNSDSTTAGLPVNARVPADLVIVGDKLVFLEALERRVYQATRVAYPLIGNIDITFIMPMG
VFQANSMDRYTRHAGDFSTVSEQDPRQFPPQGIFFYNKDGILTQLTLRDAMGTICHSSLLDVEATLVALRQQHLDRQCYF
GVYVAEGTEDTLDVQMGRFMETWADMMPHHPHWVNEHLTILQFIAPSNPRLRFELNPAFDFFVAPGDVDLPGPQRPPEAM
PTVNATLRIINGNIPVPLCPISFRDCRGTQLGLGRHTMTPATIKAVKDTFEDRAYPTIFYMLEAVIHGNERNFCALLRLL
TQCIRGYWEQSHRVAFVNNFHMLMYITTYLGNGELPEVCINIYRDLLQHVRALRQTITDFTIQGEGHNGETSEALNNILT
DDTFIAPILWDCDALIYRDEAARDRLPAIRVSGRNGYQALHFVDMAGHNFQRRDNVLIHGRPVRGDTGQAIPITPHHDRE
WGILSKIYYYIVIPAFSRGSCCTMGVRYDRLYPALQAVIVPEIPADEEAPTTPEDPRHPLHAHQLVPNSLNVYFHNAHLT
VDGDALLTLQELMGDMAERTTAILVSSAPDAGAATATTRNMRIYDGALYHGLIMMAYQAYDETIATGTFFYPVPVNPLFA
CPEHLASLRGMTNARRVLAKMVPPIPPFLGANHHATIRQPVAYHVTHSKSDFNTLTYSLLGGYFKFTPISLTHQLRTGFH
PGIAFTVVRQDRFATEQLLYAERASESYFVGQIQVHHHDAIGGVNFTLTQPRAHVDLGVGYTAVCATAALRCPLTDMGNT
AQNLFFSRGGVPMLHDNVTESLRRITASGGRLNPTEPLPIFGGLRPATSAGIARGQASVCEFVAMPVSTDLQYFRTACNP
RGRASGMLYMGDRDADIEAIMFDHTQSDVAYTDRATLNPWASQKHSYGDRLYNGTYNLTGASPIYSPCFKFFTPAEVNTN
CNTLDRLLMEAKAVASQSSTDTEYQFKRPPGSTEMTQDPCGLFQEAYPPLCSSDAAMLRTAHAGETGADEVHLAQYLIRD
ASPLRGCLPL
;
A,C,E,F,G
2 'polypeptide(L)'
;AMPFEIEVLLPGELSPAETSALQKCEGKIITFSTLRHRASLVDIALSSYYINGAPPDTLSLLEAYRMRFAAVITRVIPGK
LLAHAIGVGTPTPGLFIQNTSPVDLCNGDYICLLPPVYGSADSIRLDSVGLEIVFPLTIPQTLMREIIAKVVARAVEDLN
LMFSINEGCLLILALIPRLLALLIPRLLALVTREAAQLIHPEAPMLMLPIYETISSWISTSSRLGDTLGTRAILRVCVFD
GPSTVHPGDRTAVIQV
;
R
3 'polypeptide(L)'
;AMPFEIEVLLPGEISPAETSALQKCEGKIITFSTLRHRASLVDIALSSYYINGAPPDTLSLLEAYRMRFAAVITRVIPGK
LLAHAIGVGTPTPGLFIQNTSPVDLCNGDYICLLPPVFGSADEIRLDSVGLEIVFPLTIPQTLMREIIAKVVARAVERTA
ADVICYNGRRYELETNLQHRDGSDAAIRTLVLNLMFSINEGTTLILTLITRLLRFPIYEAISSWISTSSRLGDTLGTRAI
LRVCVFDGPSTVHPGDRTAVIQV
;
V
4 'polypeptide(L)'
;FKSTTQLIQQVSLTDFFRPDIEHAGSTVLILRHPTDLPALARHRAPPGRQTERLAEAWGQLLEASRAYVTSLSFIAACRA
EEYTDKQAAEANRTAIVSAYGCSRMGARLIRFSECLRAMVQCHVFPHRFISFFGSLLEYTIQDNLCNITAVAKGPQEAAR
TDKTSTRRVTANIPACVFWDVDKDLHLSADGLKHVFLVFVYTQRRQREGVRLHLALSQLNEQCFGRGIGFLLGARICMYA
AYTLIGTIPSESVRYTRRMERFGGYNVPTIWLEGVVWGGTNTWNEC
;
Z
#
# COMPACT_ATOMS: atom_id res chain seq x y z
N ILE A 1 6.26 71.57 49.58
CA ILE A 1 6.83 70.54 50.46
C ILE A 1 8.32 70.34 50.18
N PRO A 2 9.19 70.85 51.04
CA PRO A 2 10.62 70.53 50.93
C PRO A 2 10.86 69.08 51.33
N ALA A 3 11.40 68.31 50.39
CA ALA A 3 11.52 66.86 50.57
C ALA A 3 12.45 66.51 51.72
N GLY A 4 13.73 66.87 51.60
CA GLY A 4 14.70 66.53 52.62
C GLY A 4 15.02 65.05 52.69
N ILE A 5 14.72 64.31 51.64
CA ILE A 5 14.97 62.88 51.56
C ILE A 5 15.55 62.61 50.17
N ILE A 6 16.15 61.43 50.01
CA ILE A 6 16.71 61.04 48.70
C ILE A 6 15.57 60.91 47.69
N PRO A 7 15.77 61.26 46.42
CA PRO A 7 14.69 61.13 45.45
C PRO A 7 14.41 59.68 45.06
N THR A 8 13.91 58.90 46.02
CA THR A 8 13.59 57.48 45.90
C THR A 8 14.76 56.66 45.39
N GLY A 9 14.82 56.45 44.08
CA GLY A 9 15.79 55.52 43.52
C GLY A 9 15.41 54.08 43.81
N ASN A 10 14.36 53.60 43.13
CA ASN A 10 13.83 52.24 43.26
C ASN A 10 13.36 51.96 44.69
N VAL A 11 12.23 52.58 45.03
CA VAL A 11 11.52 52.34 46.29
C VAL A 11 11.26 50.86 46.50
N LEU A 12 11.77 50.32 47.60
CA LEU A 12 11.37 49.01 48.11
C LEU A 12 10.45 49.24 49.30
N SER A 13 9.15 49.04 49.08
CA SER A 13 8.18 49.16 50.15
C SER A 13 8.34 48.00 51.14
N THR A 14 7.75 48.17 52.32
CA THR A 14 7.92 47.25 53.42
C THR A 14 6.78 46.23 53.46
N ILE A 15 7.11 44.99 53.82
CA ILE A 15 6.09 43.98 54.10
C ILE A 15 5.72 44.08 55.58
N GLU A 16 4.45 44.36 55.85
CA GLU A 16 3.93 44.40 57.20
C GLU A 16 3.01 43.21 57.40
N VAL A 17 3.19 42.51 58.52
CA VAL A 17 2.30 41.42 58.89
C VAL A 17 1.37 41.91 59.98
N CYS A 18 0.09 41.58 59.84
CA CYS A 18 -0.93 41.97 60.81
C CYS A 18 -1.45 40.71 61.50
N ILE A 19 -1.05 40.53 62.76
CA ILE A 19 -1.51 39.41 63.57
C ILE A 19 -2.68 39.89 64.42
N PHE A 20 -3.66 39.01 64.61
CA PHE A 20 -4.92 39.40 65.24
C PHE A 20 -4.94 38.91 66.69
N PHE A 21 -5.04 39.88 67.61
CA PHE A 21 -5.20 39.56 69.04
C PHE A 21 -6.20 40.49 69.68
N ARG A 57 15.46 53.00 33.25
CA ARG A 57 16.14 54.17 32.71
C ARG A 57 16.39 53.93 31.23
N PHE A 58 16.37 55.01 30.46
CA PHE A 58 16.44 54.92 29.02
C PHE A 58 17.82 54.55 28.54
N LEU A 59 18.86 55.08 29.19
CA LEU A 59 20.23 54.81 28.79
C LEU A 59 20.59 53.35 29.02
N GLU A 60 20.18 52.78 30.17
CA GLU A 60 20.55 51.40 30.46
C GLU A 60 19.78 50.41 29.59
N LEU A 61 18.67 50.84 29.00
CA LEU A 61 18.00 50.01 28.00
C LEU A 61 18.87 49.87 26.75
N GLY A 62 18.76 48.70 26.11
CA GLY A 62 19.55 48.43 24.93
C GLY A 62 19.18 49.27 23.73
N LEU A 63 17.96 49.83 23.72
CA LEU A 63 17.51 50.69 22.63
C LEU A 63 18.18 52.07 22.66
N SER A 64 18.89 52.41 23.74
CA SER A 64 19.51 53.72 23.87
C SER A 64 20.61 53.96 22.85
N VAL A 65 21.17 52.89 22.29
CA VAL A 65 22.27 53.06 21.34
C VAL A 65 21.76 53.47 19.97
N ALA A 66 20.45 53.61 19.80
CA ALA A 66 19.89 54.16 18.57
C ALA A 66 19.71 55.68 18.63
N CYS A 67 20.08 56.31 19.74
CA CYS A 67 19.91 57.75 19.88
C CYS A 67 21.14 58.36 20.50
N ILE A 68 21.31 59.66 20.27
CA ILE A 68 22.36 60.44 20.90
C ILE A 68 21.66 61.51 21.72
N CYS A 69 21.53 61.25 23.02
CA CYS A 69 20.83 62.18 23.90
C CYS A 69 21.73 63.34 24.28
N THR A 70 21.18 64.56 24.26
CA THR A 70 21.93 65.73 24.64
C THR A 70 20.99 66.78 25.22
N LYS A 71 21.51 67.57 26.15
CA LYS A 71 20.73 68.57 26.85
C LYS A 71 20.63 69.86 26.04
N PHE A 72 19.48 70.52 26.17
CA PHE A 72 19.22 71.79 25.48
C PHE A 72 18.12 72.53 26.22
N PRO A 73 18.49 73.33 27.22
CA PRO A 73 17.46 73.95 28.07
C PRO A 73 16.58 74.97 27.36
N GLU A 74 17.13 75.71 26.39
CA GLU A 74 16.39 76.76 25.71
C GLU A 74 15.61 76.23 24.51
N LEU A 75 14.79 75.22 24.74
CA LEU A 75 14.02 74.59 23.66
C LEU A 75 12.57 75.02 23.64
N ALA A 76 11.99 75.39 24.78
CA ALA A 76 10.61 75.84 24.83
C ALA A 76 10.42 77.18 24.10
N TYR A 77 11.48 77.93 23.90
CA TYR A 77 11.42 79.19 23.17
C TYR A 77 11.73 79.01 21.69
N VAL A 78 11.96 77.78 21.23
CA VAL A 78 12.28 77.54 19.83
C VAL A 78 10.99 77.57 19.02
N ARG A 79 10.99 78.40 17.98
CA ARG A 79 9.82 78.64 17.11
C ARG A 79 9.64 77.52 16.09
N ASP A 80 12.71 78.15 15.30
CA ASP A 80 12.89 76.97 14.47
C ASP A 80 14.38 76.63 14.36
N GLY A 81 14.69 75.38 14.05
CA GLY A 81 16.06 74.92 13.99
C GLY A 81 16.37 74.17 12.71
N VAL A 82 17.58 74.39 12.18
CA VAL A 82 18.11 73.59 11.08
C VAL A 82 19.56 73.24 11.42
N ILE A 83 20.05 72.17 10.78
CA ILE A 83 21.46 71.80 10.82
C ILE A 83 21.89 71.50 9.40
N GLN A 84 23.22 71.48 9.22
CA GLN A 84 23.81 71.27 7.90
C GLN A 84 24.90 70.21 8.00
N PHE A 85 25.19 69.58 6.86
CA PHE A 85 26.28 68.64 6.74
C PHE A 85 26.93 68.81 5.36
N GLU A 86 28.24 68.63 5.31
CA GLU A 86 29.01 68.85 4.09
C GLU A 86 29.85 67.61 3.77
N VAL A 87 29.21 66.45 3.77
CA VAL A 87 29.88 65.25 3.29
C VAL A 87 30.07 65.36 1.79
N GLN A 88 31.25 64.97 1.32
CA GLN A 88 31.63 65.17 -0.07
C GLN A 88 31.80 63.82 -0.76
N GLN A 89 31.83 63.86 -2.09
CA GLN A 89 31.97 62.64 -2.87
C GLN A 89 33.43 62.23 -2.91
N PRO A 90 33.80 61.04 -2.43
CA PRO A 90 35.18 60.59 -2.55
C PRO A 90 35.51 60.23 -3.99
N MET A 91 36.74 60.52 -4.39
CA MET A 91 37.17 60.31 -5.76
C MET A 91 38.39 59.40 -5.79
N ILE A 92 38.55 58.70 -6.92
CA ILE A 92 39.65 57.77 -7.08
C ILE A 92 40.75 58.48 -7.85
N ALA A 93 42.00 58.05 -7.68
CA ALA A 93 43.13 58.66 -8.39
C ALA A 93 43.65 57.66 -9.42
N ARG A 94 43.08 57.76 -10.62
CA ARG A 94 43.50 56.94 -11.75
C ARG A 94 44.81 57.49 -12.31
N ASP A 95 45.53 56.65 -13.07
CA ASP A 95 46.90 56.96 -13.48
C ASP A 95 46.98 58.16 -14.42
N GLY A 96 46.18 58.17 -15.48
CA GLY A 96 46.38 59.08 -16.58
C GLY A 96 45.97 60.52 -16.31
N PRO A 97 46.78 61.47 -16.77
CA PRO A 97 46.43 62.89 -16.60
C PRO A 97 45.27 63.31 -17.47
N HIS A 98 44.06 63.00 -17.03
CA HIS A 98 42.82 63.36 -17.73
C HIS A 98 42.20 64.54 -17.01
N PRO A 99 42.24 65.74 -17.59
CA PRO A 99 41.68 66.92 -16.90
C PRO A 99 40.17 67.01 -17.05
N VAL A 100 39.45 66.01 -16.54
CA VAL A 100 38.00 65.97 -16.65
C VAL A 100 37.39 65.70 -15.28
N ASP A 101 38.23 65.46 -14.29
CA ASP A 101 37.74 65.14 -12.96
C ASP A 101 37.75 66.37 -12.06
N GLN A 102 36.61 66.65 -11.42
CA GLN A 102 36.48 67.73 -10.47
C GLN A 102 35.75 67.24 -9.24
N PRO A 103 36.11 67.75 -8.05
CA PRO A 103 35.39 67.35 -6.84
C PRO A 103 34.03 68.02 -6.76
N VAL A 104 33.14 67.40 -5.98
CA VAL A 104 31.80 67.91 -5.77
C VAL A 104 31.44 67.72 -4.29
N HIS A 105 30.77 68.70 -3.71
CA HIS A 105 30.37 68.67 -2.31
C HIS A 105 28.85 68.64 -2.21
N ASN A 106 28.34 67.94 -1.22
CA ASN A 106 26.90 67.84 -0.99
C ASN A 106 26.49 68.75 0.16
N TYR A 107 25.32 69.36 0.00
CA TYR A 107 24.78 70.26 1.02
C TYR A 107 23.32 69.88 1.26
N MET A 108 23.10 68.95 2.19
CA MET A 108 21.77 68.62 2.66
C MET A 108 21.56 69.18 4.05
N VAL A 109 20.32 69.52 4.37
CA VAL A 109 19.95 70.11 5.64
C VAL A 109 18.78 69.34 6.22
N LYS A 110 18.73 69.26 7.54
CA LYS A 110 17.74 68.45 8.24
C LYS A 110 16.81 69.33 9.06
N ARG A 111 15.52 69.00 9.05
CA ARG A 111 14.55 69.70 9.86
C ARG A 111 14.69 69.25 11.31
N ILE A 112 14.18 70.06 12.24
CA ILE A 112 14.44 69.83 13.65
C ILE A 112 13.29 69.05 14.28
N HIS A 113 12.07 69.20 13.74
CA HIS A 113 10.82 68.63 14.24
C HIS A 113 10.52 69.04 15.69
N LYS A 114 9.42 68.56 16.26
CA LYS A 114 9.03 69.00 17.59
C LYS A 114 8.09 68.01 18.27
N ARG A 115 8.49 67.50 19.43
CA ARG A 115 7.65 66.63 20.25
C ARG A 115 7.55 67.23 21.65
N SER A 116 6.71 66.61 22.47
CA SER A 116 6.56 67.00 23.86
C SER A 116 6.02 65.82 24.64
N LEU A 117 6.06 65.93 25.97
CA LEU A 117 5.61 64.86 26.85
C LEU A 117 4.82 65.46 27.99
N SER A 118 3.60 64.96 28.21
CA SER A 118 2.71 65.49 29.22
C SER A 118 2.13 64.37 30.06
N ALA A 119 1.86 64.68 31.33
CA ALA A 119 1.31 63.71 32.26
C ALA A 119 0.49 64.44 33.32
N ALA A 120 -0.39 63.69 33.98
CA ALA A 120 -1.28 64.22 35.00
C ALA A 120 -0.81 63.81 36.38
N PHE A 121 -1.23 64.58 37.38
CA PHE A 121 -0.80 64.36 38.76
C PHE A 121 -1.81 65.03 39.69
N ALA A 122 -2.45 64.23 40.54
CA ALA A 122 -3.53 64.71 41.39
C ALA A 122 -3.10 64.78 42.84
N ILE A 123 -3.52 65.84 43.52
CA ILE A 123 -3.22 66.07 44.94
C ILE A 123 -4.54 66.31 45.66
N ALA A 124 -4.73 65.64 46.80
CA ALA A 124 -5.99 65.69 47.51
C ALA A 124 -6.10 66.94 48.38
N SER A 125 -7.32 67.20 48.88
CA SER A 125 -7.56 68.35 49.73
C SER A 125 -6.92 68.17 51.10
N GLU A 126 -7.04 66.97 51.67
CA GLU A 126 -6.31 66.65 52.89
C GLU A 126 -4.81 66.71 52.65
N ALA A 127 -4.38 66.26 51.47
CA ALA A 127 -2.97 66.32 51.11
C ALA A 127 -2.46 67.74 51.06
N LEU A 128 -3.22 68.66 50.43
CA LEU A 128 -2.77 70.05 50.37
C LEU A 128 -2.88 70.73 51.73
N SER A 129 -3.85 70.31 52.54
CA SER A 129 -4.01 70.90 53.88
C SER A 129 -2.84 70.56 54.78
N LEU A 130 -2.48 69.28 54.85
CA LEU A 130 -1.32 68.91 55.67
C LEU A 130 -0.02 69.30 54.98
N LEU A 131 -0.06 69.47 53.67
CA LEU A 131 1.04 70.00 52.88
C LEU A 131 1.42 71.41 53.30
N SER A 132 0.41 72.26 53.51
CA SER A 132 0.66 73.68 53.73
C SER A 132 1.38 73.94 55.05
N ASN A 133 1.17 73.09 56.06
CA ASN A 133 1.82 73.31 57.34
C ASN A 133 3.26 72.83 57.33
N THR A 134 3.60 71.91 56.43
CA THR A 134 4.97 71.42 56.35
C THR A 134 5.90 72.42 55.68
N TYR A 135 5.35 73.40 54.95
CA TYR A 135 6.16 74.49 54.46
C TYR A 135 6.64 75.40 55.59
N VAL A 136 5.92 75.43 56.70
CA VAL A 136 6.27 76.21 57.88
C VAL A 136 6.52 75.23 59.02
N ALA A 137 7.13 74.09 58.70
CA ALA A 137 7.37 73.03 59.67
C ALA A 137 8.22 73.50 60.84
N ALA A 138 7.77 73.18 62.05
CA ALA A 138 8.32 73.72 63.28
C ALA A 138 8.12 72.66 64.36
N THR A 139 8.14 73.09 65.62
CA THR A 139 7.76 72.21 66.73
C THR A 139 6.31 71.74 66.59
N GLU A 140 5.45 72.58 66.00
CA GLU A 140 4.10 72.17 65.64
C GLU A 140 4.15 71.40 64.33
N ILE A 141 2.98 70.95 63.85
CA ILE A 141 2.79 70.08 62.67
C ILE A 141 3.53 68.76 62.88
N ASP A 142 2.79 67.72 63.25
CA ASP A 142 3.34 66.45 63.69
C ASP A 142 4.21 65.78 62.63
N SER A 143 5.40 65.34 63.06
CA SER A 143 6.42 64.88 62.13
C SER A 143 6.04 63.54 61.50
N SER A 144 5.34 62.69 62.24
CA SER A 144 4.96 61.37 61.72
C SER A 144 3.99 61.50 60.54
N LEU A 145 2.93 62.29 60.72
CA LEU A 145 1.99 62.51 59.62
C LEU A 145 2.63 63.32 58.50
N ARG A 146 3.53 64.24 58.86
CA ARG A 146 4.23 65.02 57.84
C ARG A 146 5.08 64.14 56.94
N ILE A 147 5.85 63.22 57.54
CA ILE A 147 6.70 62.36 56.71
C ILE A 147 5.86 61.29 56.01
N ARG A 148 4.72 60.89 56.57
CA ARG A 148 3.83 59.97 55.87
C ARG A 148 3.28 60.60 54.60
N ALA A 149 2.79 61.85 54.73
CA ALA A 149 2.25 62.57 53.57
C ALA A 149 3.34 62.82 52.54
N ILE A 150 4.52 63.25 52.98
CA ILE A 150 5.58 63.57 52.03
C ILE A 150 6.12 62.30 51.39
N GLN A 151 6.06 61.18 52.09
CA GLN A 151 6.52 59.92 51.53
C GLN A 151 5.57 59.42 50.45
N GLN A 152 4.27 59.49 50.72
CA GLN A 152 3.28 59.08 49.73
C GLN A 152 3.32 59.99 48.49
N MET A 153 3.44 61.30 48.71
CA MET A 153 3.44 62.22 47.59
C MET A 153 4.73 62.14 46.79
N ALA A 154 5.87 61.90 47.46
CA ALA A 154 7.12 61.71 46.74
C ALA A 154 7.10 60.42 45.94
N ARG A 155 6.48 59.37 46.48
CA ARG A 155 6.31 58.12 45.74
C ARG A 155 5.49 58.33 44.48
N ASN A 156 4.35 59.02 44.61
CA ASN A 156 3.51 59.28 43.45
C ASN A 156 4.18 60.18 42.43
N LEU A 157 4.94 61.19 42.91
CA LEU A 157 5.67 62.08 42.02
C LEU A 157 6.75 61.32 41.28
N ARG A 158 7.38 60.34 41.93
CA ARG A 158 8.40 59.58 41.22
C ARG A 158 7.79 58.60 40.23
N THR A 159 6.59 58.08 40.51
CA THR A 159 5.88 57.29 39.50
C THR A 159 5.60 58.13 38.25
N VAL A 160 5.06 59.33 38.44
CA VAL A 160 4.69 60.12 37.28
C VAL A 160 5.95 60.67 36.58
N SER A 161 7.05 60.87 37.31
CA SER A 161 8.29 61.29 36.67
C SER A 161 8.92 60.15 35.89
N ASP A 162 8.82 58.91 36.41
CA ASP A 162 9.32 57.76 35.68
C ASP A 162 8.45 57.41 34.50
N SER A 163 7.20 57.89 34.47
CA SER A 163 6.34 57.64 33.31
C SER A 163 6.88 58.30 32.04
N PHE A 164 7.45 59.50 32.15
CA PHE A 164 8.07 60.18 31.00
C PHE A 164 9.21 59.34 30.44
N GLU A 165 10.05 58.84 31.34
CA GLU A 165 11.11 57.91 30.98
C GLU A 165 10.56 56.68 30.30
N ARG A 166 9.45 56.14 30.80
CA ARG A 166 8.84 54.97 30.20
C ARG A 166 8.32 55.24 28.79
N GLY A 167 7.79 56.43 28.55
CA GLY A 167 7.21 56.76 27.26
C GLY A 167 8.19 57.20 26.20
N THR A 168 9.38 57.62 26.63
CA THR A 168 10.42 58.04 25.68
C THR A 168 10.81 56.91 24.74
N ALA A 169 10.97 55.70 25.29
CA ALA A 169 11.32 54.54 24.47
C ALA A 169 10.19 54.21 23.50
N ASP A 170 8.94 54.35 23.95
CA ASP A 170 7.79 54.10 23.08
C ASP A 170 7.76 55.04 21.89
N GLN A 171 7.95 56.34 22.13
CA GLN A 171 7.85 57.29 21.02
C GLN A 171 9.06 57.20 20.09
N LEU A 172 10.24 56.86 20.63
CA LEU A 172 11.39 56.69 19.76
C LEU A 172 11.25 55.44 18.92
N LEU A 173 10.69 54.37 19.49
CA LEU A 173 10.42 53.17 18.71
C LEU A 173 9.34 53.44 17.67
N GLY A 174 8.39 54.31 17.99
CA GLY A 174 7.36 54.67 17.02
C GLY A 174 7.94 55.39 15.82
N VAL A 175 8.85 56.34 16.06
CA VAL A 175 9.45 57.04 14.92
C VAL A 175 10.41 56.13 14.17
N LEU A 176 11.01 55.15 14.85
CA LEU A 176 11.88 54.20 14.15
C LEU A 176 11.09 53.29 13.23
N LEU A 177 9.93 52.81 13.68
CA LEU A 177 9.03 52.09 12.76
C LEU A 177 8.53 52.99 11.64
N GLU A 178 8.26 54.26 11.93
CA GLU A 178 7.72 55.15 10.92
C GLU A 178 8.79 55.58 9.92
N LYS A 179 10.06 55.32 10.21
CA LYS A 179 11.17 55.71 9.35
C LYS A 179 11.88 54.47 8.80
N ALA A 180 11.12 53.51 8.27
CA ALA A 180 11.74 52.26 7.84
C ALA A 180 11.06 51.67 6.61
N PRO A 181 11.81 51.41 5.55
CA PRO A 181 11.26 50.65 4.42
C PRO A 181 11.46 49.17 4.60
N PRO A 182 10.69 48.32 3.91
CA PRO A 182 10.86 46.88 4.06
C PRO A 182 12.17 46.40 3.45
N LEU A 183 12.68 45.31 4.04
CA LEU A 183 13.86 44.64 3.48
C LEU A 183 13.56 44.05 2.11
N SER A 184 12.38 43.41 1.98
CA SER A 184 12.00 42.76 0.73
C SER A 184 11.77 43.76 -0.40
N LEU A 185 11.61 45.03 -0.07
CA LEU A 185 11.58 46.10 -1.07
C LEU A 185 12.96 46.67 -1.34
N LEU A 186 13.73 46.97 -0.30
CA LEU A 186 14.96 47.74 -0.48
C LEU A 186 16.10 46.88 -1.01
N SER A 187 16.19 45.62 -0.59
CA SER A 187 17.37 44.81 -0.90
C SER A 187 17.56 44.51 -2.40
N PRO A 188 16.53 44.08 -3.17
CA PRO A 188 16.77 43.95 -4.62
C PRO A 188 17.02 45.29 -5.32
N ILE A 189 16.51 46.40 -4.76
CA ILE A 189 16.87 47.72 -5.29
C ILE A 189 18.35 47.99 -5.03
N ASN A 190 18.82 47.65 -3.83
CA ASN A 190 20.21 47.88 -3.47
C ASN A 190 21.17 47.03 -4.30
N LYS A 191 20.82 45.76 -4.54
CA LYS A 191 21.74 44.88 -5.26
C LYS A 191 21.60 45.00 -6.78
N PHE A 192 20.38 44.89 -7.30
CA PHE A 192 20.17 44.78 -8.75
C PHE A 192 20.02 46.20 -9.31
N GLN A 193 21.13 46.96 -9.23
CA GLN A 193 21.29 48.24 -9.89
C GLN A 193 22.77 48.56 -9.99
N PRO A 194 23.41 48.24 -11.13
CA PRO A 194 24.87 48.48 -11.22
C PRO A 194 25.26 49.95 -11.25
N GLU A 195 24.64 50.76 -12.11
CA GLU A 195 25.07 52.16 -12.19
C GLU A 195 23.92 53.15 -12.11
N GLY A 196 22.69 52.73 -12.40
CA GLY A 196 21.55 53.62 -12.42
C GLY A 196 21.15 53.99 -13.83
N HIS A 197 19.91 54.45 -13.96
CA HIS A 197 19.24 54.69 -15.24
C HIS A 197 19.32 53.45 -16.14
N LEU A 198 18.76 52.35 -15.64
CA LEU A 198 18.85 51.05 -16.29
C LEU A 198 17.78 50.84 -17.35
N ASN A 199 17.17 51.92 -17.85
CA ASN A 199 16.09 51.96 -18.83
C ASN A 199 14.95 50.99 -18.50
N ARG A 200 14.19 50.59 -19.52
CA ARG A 200 12.89 49.97 -19.26
C ARG A 200 13.00 48.46 -19.02
N VAL A 201 13.85 47.76 -19.79
CA VAL A 201 13.87 46.30 -19.73
C VAL A 201 14.47 45.81 -18.41
N ALA A 202 15.53 46.47 -17.93
CA ALA A 202 16.04 46.13 -16.62
C ALA A 202 15.12 46.61 -15.51
N ARG A 203 14.28 47.62 -15.76
CA ARG A 203 13.28 47.98 -14.78
C ARG A 203 12.19 46.90 -14.68
N ALA A 204 11.89 46.24 -15.80
CA ALA A 204 10.96 45.11 -15.74
C ALA A 204 11.60 43.88 -15.11
N ALA A 205 12.91 43.71 -15.31
CA ALA A 205 13.63 42.68 -14.55
C ALA A 205 13.58 42.97 -13.06
N LEU A 206 13.72 44.24 -12.69
CA LEU A 206 13.60 44.66 -11.30
C LEU A 206 12.18 44.44 -10.78
N LEU A 207 11.18 44.69 -11.61
CA LEU A 207 9.77 44.40 -11.34
C LEU A 207 9.58 42.94 -10.94
N SER A 208 10.07 42.03 -11.79
CA SER A 208 9.95 40.61 -11.51
C SER A 208 10.76 40.20 -10.28
N ASP A 209 11.90 40.85 -10.06
CA ASP A 209 12.72 40.57 -8.89
C ASP A 209 12.01 40.94 -7.60
N LEU A 210 11.38 42.12 -7.57
CA LEU A 210 10.54 42.49 -6.43
C LEU A 210 9.35 41.57 -6.26
N LYS A 211 8.74 41.12 -7.37
CA LYS A 211 7.63 40.18 -7.30
C LYS A 211 8.06 38.89 -6.59
N ARG A 212 9.15 38.28 -7.07
CA ARG A 212 9.59 37.00 -6.50
C ARG A 212 10.19 37.19 -5.12
N ARG A 213 10.69 38.39 -4.80
CA ARG A 213 11.25 38.61 -3.47
C ARG A 213 10.16 38.81 -2.44
N VAL A 214 9.07 39.50 -2.81
CA VAL A 214 7.93 39.62 -1.90
C VAL A 214 7.25 38.27 -1.71
N CYS A 215 7.12 37.50 -2.80
CA CYS A 215 6.61 36.15 -2.68
C CYS A 215 7.57 35.23 -1.92
N ALA A 216 8.87 35.56 -1.92
CA ALA A 216 9.89 34.67 -1.37
C ALA A 216 9.95 34.66 0.15
N ASP A 217 10.13 35.81 0.79
CA ASP A 217 10.24 35.83 2.25
C ASP A 217 9.32 36.92 2.78
N MET A 218 8.07 36.56 3.02
CA MET A 218 7.12 37.41 3.73
C MET A 218 6.90 36.93 5.16
N PHE A 219 6.96 35.63 5.39
CA PHE A 219 6.85 35.03 6.71
C PHE A 219 7.94 34.00 6.93
N PHE A 220 9.19 34.41 6.66
CA PHE A 220 10.31 33.47 6.66
C PHE A 220 10.63 32.90 8.03
N MET A 221 10.31 33.63 9.10
CA MET A 221 10.62 33.17 10.45
C MET A 221 9.86 31.90 10.80
N THR A 222 8.60 31.83 10.42
CA THR A 222 7.81 30.61 10.63
C THR A 222 7.85 29.67 9.44
N ARG A 223 8.41 30.10 8.31
CA ARG A 223 8.49 29.21 7.16
C ARG A 223 9.66 28.24 7.28
N HIS A 224 10.87 28.77 7.29
CA HIS A 224 12.07 27.95 7.42
C HIS A 224 12.52 27.89 8.88
N ALA A 225 11.60 27.46 9.73
CA ALA A 225 11.90 27.33 11.15
C ALA A 225 12.77 26.12 11.45
N ARG A 226 12.66 25.07 10.64
CA ARG A 226 13.47 23.87 10.83
C ARG A 226 14.83 23.96 10.13
N GLU A 227 15.12 25.06 9.44
CA GLU A 227 16.38 25.24 8.72
C GLU A 227 17.03 26.51 9.27
N PRO A 228 17.88 26.39 10.29
CA PRO A 228 18.46 27.60 10.91
C PRO A 228 19.47 28.32 10.03
N ARG A 229 19.97 27.70 8.97
CA ARG A 229 20.93 28.36 8.09
C ARG A 229 20.29 29.47 7.29
N LEU A 230 19.06 29.26 6.83
CA LEU A 230 18.38 30.27 6.02
C LEU A 230 18.00 31.48 6.85
N ILE A 231 17.68 31.27 8.13
CA ILE A 231 17.29 32.37 9.00
C ILE A 231 18.47 33.30 9.23
N SER A 232 19.63 32.71 9.52
CA SER A 232 20.86 33.49 9.65
C SER A 232 21.24 34.16 8.35
N ALA A 233 21.00 33.50 7.22
CA ALA A 233 21.29 34.09 5.91
C ALA A 233 20.45 35.35 5.67
N TYR A 234 19.13 35.26 5.85
CA TYR A 234 18.27 36.42 5.71
C TYR A 234 18.59 37.51 6.72
N LEU A 235 18.92 37.14 7.96
CA LEU A 235 19.13 38.18 8.97
C LEU A 235 20.46 38.90 8.73
N SER A 236 21.50 38.16 8.36
CA SER A 236 22.78 38.78 8.03
C SER A 236 22.70 39.61 6.76
N ASP A 237 21.89 39.17 5.79
CA ASP A 237 21.64 39.98 4.61
C ASP A 237 20.88 41.25 4.97
N MET A 238 19.96 41.16 5.93
CA MET A 238 19.19 42.32 6.36
C MET A 238 20.07 43.34 7.06
N VAL A 239 20.96 42.87 7.94
CA VAL A 239 21.82 43.79 8.68
C VAL A 239 22.84 44.44 7.76
N SER A 240 23.45 43.67 6.86
CA SER A 240 24.40 44.23 5.90
C SER A 240 23.73 44.56 4.57
N CYS A 241 22.64 45.33 4.65
CA CYS A 241 22.05 45.94 3.47
C CYS A 241 21.76 47.41 3.69
N THR A 242 21.72 47.86 4.94
CA THR A 242 21.55 49.26 5.27
C THR A 242 22.91 49.95 5.29
N GLN A 243 22.98 51.05 4.60
CA GLN A 243 24.13 51.93 4.62
C GLN A 243 24.31 52.54 6.01
N PRO A 244 25.54 52.62 6.52
CA PRO A 244 25.73 53.16 7.86
C PRO A 244 25.64 54.68 7.86
N SER A 245 25.68 55.28 9.03
CA SER A 245 25.46 56.71 9.17
C SER A 245 26.79 57.39 9.46
N VAL A 246 26.72 58.68 9.81
CA VAL A 246 27.92 59.38 10.23
C VAL A 246 28.42 58.79 11.55
N MET A 247 29.71 58.44 11.57
CA MET A 247 30.37 57.88 12.74
C MET A 247 30.80 58.95 13.73
N VAL A 248 29.84 59.74 14.22
CA VAL A 248 30.12 60.77 15.21
C VAL A 248 29.86 60.22 16.60
N SER A 249 30.85 60.34 17.49
CA SER A 249 30.73 59.88 18.86
C SER A 249 31.79 60.56 19.71
N ARG A 250 31.49 60.65 21.01
CA ARG A 250 32.48 60.95 22.03
C ARG A 250 32.71 59.77 22.95
N ILE A 251 31.63 59.25 23.54
CA ILE A 251 31.62 57.96 24.22
C ILE A 251 30.41 57.18 23.73
N THR A 252 30.62 55.93 23.34
CA THR A 252 29.58 55.13 22.72
C THR A 252 29.32 53.89 23.56
N HIS A 253 28.45 53.02 23.06
CA HIS A 253 28.14 51.77 23.74
C HIS A 253 29.07 50.67 23.25
N THR A 254 29.91 50.17 24.15
CA THR A 254 30.84 49.08 23.85
C THR A 254 30.46 47.87 24.68
N ASN A 255 31.08 46.75 24.37
CA ASN A 255 30.92 45.55 25.18
C ASN A 255 31.85 45.62 26.40
N THR A 256 31.96 44.51 27.11
CA THR A 256 32.85 44.46 28.27
C THR A 256 34.31 44.50 27.83
N ARG A 257 34.63 43.90 26.68
CA ARG A 257 36.00 43.90 26.19
C ARG A 257 36.41 45.28 25.69
N GLY A 258 35.52 45.97 25.00
CA GLY A 258 35.83 47.31 24.53
C GLY A 258 35.41 47.59 23.09
N ARG A 259 35.02 46.54 22.37
CA ARG A 259 34.57 46.73 21.00
C ARG A 259 33.20 47.40 20.98
N GLN A 260 33.06 48.47 20.20
CA GLN A 260 31.81 49.18 20.13
C GLN A 260 30.78 48.39 19.32
N VAL A 261 29.52 48.50 19.73
CA VAL A 261 28.43 47.84 19.03
C VAL A 261 28.01 48.71 17.85
N ASP A 262 27.20 48.17 16.96
CA ASP A 262 26.80 48.90 15.77
C ASP A 262 25.31 49.17 15.67
N GLY A 263 24.52 48.78 16.66
CA GLY A 263 23.12 49.15 16.66
C GLY A 263 22.33 48.29 17.62
N VAL A 264 21.00 48.41 17.51
CA VAL A 264 20.07 47.67 18.34
C VAL A 264 19.04 47.01 17.43
N LEU A 265 18.68 45.77 17.76
CA LEU A 265 17.65 45.02 17.06
C LEU A 265 16.50 44.78 18.03
N VAL A 266 15.28 45.14 17.62
CA VAL A 266 14.12 45.09 18.50
C VAL A 266 13.07 44.15 17.91
N THR A 267 12.57 43.24 18.74
CA THR A 267 11.57 42.27 18.33
C THR A 267 10.72 42.00 19.59
N THR A 268 9.97 40.90 19.61
CA THR A 268 9.19 40.45 20.75
C THR A 268 9.85 39.19 21.30
N ALA A 269 9.58 38.88 22.57
CA ALA A 269 10.33 37.86 23.31
C ALA A 269 10.20 36.47 22.71
N THR A 270 9.10 36.19 21.99
CA THR A 270 8.94 34.91 21.33
C THR A 270 10.04 34.69 20.28
N LEU A 271 10.20 35.66 19.39
CA LEU A 271 11.29 35.59 18.42
C LEU A 271 12.66 35.77 19.06
N LYS A 272 12.74 36.49 20.19
CA LYS A 272 13.98 36.54 20.94
C LYS A 272 14.45 35.15 21.35
N ARG A 273 13.57 34.39 21.98
CA ARG A 273 13.93 33.04 22.39
C ARG A 273 14.15 32.13 21.19
N GLN A 274 13.39 32.34 20.12
CA GLN A 274 13.52 31.49 18.94
C GLN A 274 14.88 31.67 18.26
N LEU A 275 15.37 32.91 18.15
CA LEU A 275 16.72 33.09 17.62
C LEU A 275 17.78 32.75 18.65
N LEU A 276 17.47 32.90 19.94
CA LEU A 276 18.50 32.72 20.96
C LEU A 276 18.79 31.24 21.24
N GLN A 277 17.83 30.35 20.99
CA GLN A 277 18.01 28.96 21.39
C GLN A 277 19.06 28.25 20.53
N GLY A 278 19.02 28.44 19.22
CA GLY A 278 19.94 27.69 18.37
C GLY A 278 20.48 28.37 17.14
N ILE A 279 20.11 29.64 16.92
CA ILE A 279 20.43 30.29 15.65
C ILE A 279 21.63 31.21 15.81
N LEU A 280 21.58 32.11 16.78
CA LEU A 280 22.66 33.03 17.05
C LEU A 280 23.30 32.72 18.40
N GLN A 281 24.54 33.17 18.57
CA GLN A 281 25.32 32.86 19.75
C GLN A 281 25.46 34.09 20.64
N ILE A 282 25.68 33.85 21.93
CA ILE A 282 25.82 34.94 22.89
C ILE A 282 27.24 35.46 22.87
N ASP A 283 27.40 36.77 22.69
CA ASP A 283 28.71 37.38 22.77
C ASP A 283 29.09 37.73 24.20
N ASP A 284 28.17 38.35 24.95
CA ASP A 284 28.39 38.70 26.35
C ASP A 284 27.03 38.94 26.98
N THR A 285 27.03 39.15 28.30
CA THR A 285 25.83 39.43 29.06
C THR A 285 25.74 40.87 29.53
N ALA A 286 26.86 41.50 29.86
CA ALA A 286 26.90 42.89 30.27
C ALA A 286 27.47 43.75 29.14
N ALA A 287 27.27 45.06 29.26
CA ALA A 287 27.72 46.01 28.25
C ALA A 287 28.06 47.34 28.90
N ASP A 288 28.82 48.16 28.18
CA ASP A 288 29.24 49.47 28.67
C ASP A 288 28.39 50.56 28.05
N VAL A 289 27.78 51.38 28.89
CA VAL A 289 26.83 52.40 28.46
C VAL A 289 27.23 53.75 29.06
N PRO A 290 27.16 54.84 28.31
CA PRO A 290 27.40 56.17 28.90
C PRO A 290 26.31 56.57 29.89
N VAL A 291 26.51 57.70 30.56
CA VAL A 291 25.65 58.14 31.65
C VAL A 291 25.07 59.53 31.44
N THR A 292 25.31 60.16 30.30
CA THR A 292 24.74 61.48 30.04
C THR A 292 23.88 61.47 28.79
N ALA A 354 29.30 52.61 32.18
CA ALA A 354 28.46 51.91 33.15
C ALA A 354 28.16 50.49 32.68
N ARG A 355 28.30 49.53 33.59
CA ARG A 355 28.10 48.12 33.29
C ARG A 355 26.64 47.76 33.49
N VAL A 356 25.93 47.48 32.41
CA VAL A 356 24.51 47.16 32.42
C VAL A 356 24.33 45.76 31.83
N PRO A 357 23.58 44.87 32.47
CA PRO A 357 23.32 43.56 31.88
C PRO A 357 22.40 43.67 30.67
N ALA A 358 22.93 43.34 29.50
CA ALA A 358 22.16 43.37 28.26
C ALA A 358 22.86 42.49 27.24
N ASP A 359 22.11 41.55 26.66
CA ASP A 359 22.70 40.61 25.71
C ASP A 359 23.01 41.31 24.39
N LEU A 360 23.93 40.72 23.63
CA LEU A 360 24.33 41.26 22.35
C LEU A 360 24.93 40.15 21.51
N VAL A 361 24.71 40.24 20.19
CA VAL A 361 25.07 39.19 19.24
C VAL A 361 25.80 39.82 18.07
N ILE A 362 26.94 39.21 17.70
CA ILE A 362 27.62 39.54 16.46
C ILE A 362 26.97 38.74 15.34
N VAL A 363 26.56 39.44 14.28
CA VAL A 363 26.01 38.82 13.08
C VAL A 363 26.86 39.24 11.90
N GLY A 364 27.44 38.25 11.21
CA GLY A 364 28.28 38.53 10.07
C GLY A 364 29.53 39.30 10.46
N ASP A 365 29.57 40.58 10.10
CA ASP A 365 30.71 41.44 10.40
C ASP A 365 30.37 42.54 11.40
N LYS A 366 29.13 42.59 11.87
CA LYS A 366 28.70 43.65 12.77
C LYS A 366 28.08 43.08 14.04
N LEU A 367 28.24 43.82 15.13
CA LEU A 367 27.81 43.41 16.46
C LEU A 367 26.62 44.27 16.88
N VAL A 368 25.57 43.63 17.39
CA VAL A 368 24.29 44.30 17.58
C VAL A 368 23.65 43.88 18.89
N PHE A 369 22.99 44.83 19.54
CA PHE A 369 22.07 44.53 20.63
C PHE A 369 20.84 43.84 20.08
N LEU A 370 20.31 42.88 20.84
CA LEU A 370 19.12 42.15 20.44
C LEU A 370 18.10 42.36 21.54
N GLU A 371 17.13 43.24 21.30
CA GLU A 371 16.18 43.65 22.32
C GLU A 371 14.81 43.06 22.04
N ALA A 372 14.10 42.70 23.11
CA ALA A 372 12.71 42.26 23.06
C ALA A 372 11.92 42.96 24.14
N LEU A 373 11.97 44.28 24.12
CA LEU A 373 11.56 45.11 25.24
C LEU A 373 10.06 45.06 25.42
N GLU A 374 9.59 44.06 26.17
CA GLU A 374 8.17 43.84 26.38
C GLU A 374 7.88 43.70 27.87
N ARG A 375 8.87 43.24 28.61
CA ARG A 375 8.73 43.08 30.05
C ARG A 375 8.76 44.41 30.78
N ARG A 376 9.68 45.29 30.38
CA ARG A 376 9.85 46.55 31.10
C ARG A 376 8.78 47.56 30.70
N VAL A 377 8.43 47.62 29.42
CA VAL A 377 7.45 48.55 28.89
C VAL A 377 6.49 47.77 28.00
N TYR A 378 5.30 48.33 27.80
CA TYR A 378 4.11 47.71 27.20
C TYR A 378 3.59 46.53 28.02
N GLN A 379 3.99 46.41 29.27
CA GLN A 379 3.47 45.40 30.17
C GLN A 379 2.70 46.08 31.29
N ALA A 380 1.46 45.64 31.49
CA ALA A 380 0.53 46.24 32.45
C ALA A 380 0.36 47.73 32.19
N THR A 381 -0.02 48.08 30.96
CA THR A 381 -0.38 49.45 30.60
C THR A 381 -1.32 49.39 29.41
N ARG A 382 -2.00 50.50 29.16
CA ARG A 382 -3.07 50.53 28.17
C ARG A 382 -2.66 51.17 26.86
N VAL A 383 -1.38 51.06 26.49
CA VAL A 383 -0.93 51.39 25.15
C VAL A 383 -0.61 50.09 24.43
N ALA A 384 -1.19 49.93 23.25
CA ALA A 384 -0.96 48.71 22.47
C ALA A 384 0.46 48.69 21.93
N TYR A 385 1.12 47.56 22.08
CA TYR A 385 2.47 47.40 21.53
C TYR A 385 2.40 47.37 20.00
N PRO A 386 3.22 48.20 19.32
CA PRO A 386 3.29 48.13 17.85
C PRO A 386 4.00 46.89 17.34
N LEU A 387 4.30 46.86 16.04
CA LEU A 387 4.90 45.76 15.29
C LEU A 387 3.97 44.56 15.17
N ILE A 388 2.70 44.73 15.51
CA ILE A 388 1.70 43.66 15.41
C ILE A 388 0.63 44.18 14.46
N GLY A 389 1.05 44.86 13.39
CA GLY A 389 0.16 45.57 12.51
C GLY A 389 -0.88 44.76 11.77
N ASN A 390 -0.48 43.55 11.32
CA ASN A 390 -1.22 42.45 10.69
C ASN A 390 -1.03 42.56 9.18
N ILE A 391 -1.78 41.77 8.40
CA ILE A 391 -1.78 41.88 6.94
C ILE A 391 -3.19 41.72 6.41
N ASP A 392 -3.35 42.00 5.11
CA ASP A 392 -4.58 41.74 4.38
C ASP A 392 -4.17 41.00 3.10
N ILE A 393 -4.27 39.68 3.12
CA ILE A 393 -3.89 38.85 1.97
C ILE A 393 -5.16 38.29 1.36
N THR A 394 -5.14 38.11 0.03
CA THR A 394 -6.26 37.52 -0.69
C THR A 394 -5.77 36.31 -1.46
N PHE A 395 -6.60 35.27 -1.52
CA PHE A 395 -6.24 34.01 -2.15
C PHE A 395 -7.06 33.81 -3.42
N ILE A 396 -6.41 33.29 -4.45
CA ILE A 396 -7.10 32.89 -5.67
C ILE A 396 -7.23 31.37 -5.65
N MET A 397 -8.34 30.87 -6.17
CA MET A 397 -8.62 29.45 -5.97
C MET A 397 -9.54 28.96 -7.09
N PRO A 398 -9.00 28.33 -8.12
CA PRO A 398 -9.84 27.90 -9.25
C PRO A 398 -10.79 26.78 -8.85
N MET A 399 -11.95 26.78 -9.50
CA MET A 399 -13.08 25.96 -9.07
C MET A 399 -13.46 24.88 -10.07
N GLY A 400 -13.78 25.24 -11.31
CA GLY A 400 -14.39 24.29 -12.22
C GLY A 400 -13.85 24.27 -13.63
N VAL A 401 -12.55 24.54 -13.80
CA VAL A 401 -11.94 24.45 -15.11
C VAL A 401 -11.82 22.98 -15.54
N PHE A 402 -11.67 22.78 -16.85
CA PHE A 402 -11.60 21.44 -17.42
C PHE A 402 -10.36 21.33 -18.29
N GLN A 403 -9.70 20.17 -18.22
CA GLN A 403 -8.57 19.88 -19.10
C GLN A 403 -9.10 19.62 -20.49
N ALA A 404 -9.14 20.69 -21.31
CA ALA A 404 -9.82 20.64 -22.60
C ALA A 404 -9.12 19.69 -23.57
N ASN A 405 -7.79 19.69 -23.57
CA ASN A 405 -7.04 18.87 -24.51
C ASN A 405 -7.09 17.41 -24.10
N SER A 406 -7.11 16.52 -25.09
CA SER A 406 -6.87 15.10 -24.83
C SER A 406 -5.41 14.85 -24.46
N MET A 407 -4.53 15.79 -24.78
CA MET A 407 -3.15 15.76 -24.29
C MET A 407 -3.10 15.86 -22.78
N ASP A 408 -4.01 16.61 -22.16
CA ASP A 408 -3.94 16.90 -20.73
C ASP A 408 -4.61 15.84 -19.88
N ARG A 409 -5.29 14.86 -20.49
CA ARG A 409 -5.96 13.81 -19.74
C ARG A 409 -5.02 12.62 -19.55
N TYR A 410 -3.88 12.91 -18.93
CA TYR A 410 -2.82 11.94 -18.70
C TYR A 410 -2.66 11.70 -17.22
N THR A 411 -2.34 10.46 -16.86
CA THR A 411 -2.27 10.01 -15.48
C THR A 411 -0.84 9.94 -14.97
N ARG A 412 -0.69 9.44 -13.74
CA ARG A 412 0.64 9.07 -13.24
C ARG A 412 0.92 7.60 -13.51
N HIS A 413 0.00 6.72 -13.11
CA HIS A 413 -0.01 5.33 -13.52
C HIS A 413 -1.44 4.99 -13.96
N ALA A 414 -1.56 3.91 -14.76
CA ALA A 414 -2.77 3.66 -15.55
C ALA A 414 -4.01 3.53 -14.67
N GLY A 415 -4.08 2.48 -13.86
CA GLY A 415 -5.15 2.39 -12.89
C GLY A 415 -4.76 2.94 -11.53
N ASP A 416 -4.46 4.23 -11.45
CA ASP A 416 -4.22 4.84 -10.14
C ASP A 416 -5.48 4.84 -9.28
N PHE A 417 -6.52 5.52 -9.73
CA PHE A 417 -7.81 5.57 -9.03
C PHE A 417 -8.82 4.78 -9.85
N SER A 418 -8.80 3.46 -9.67
CA SER A 418 -9.69 2.55 -10.37
C SER A 418 -10.83 2.12 -9.46
N THR A 419 -11.86 1.54 -10.09
CA THR A 419 -13.08 1.17 -9.37
C THR A 419 -13.55 -0.21 -9.79
N VAL A 420 -14.79 -0.56 -9.42
CA VAL A 420 -15.38 -1.83 -9.81
C VAL A 420 -16.44 -1.67 -10.89
N SER A 421 -16.85 -0.45 -11.21
CA SER A 421 -17.85 -0.23 -12.24
C SER A 421 -17.25 -0.46 -13.62
N GLU A 422 -18.14 -0.71 -14.60
CA GLU A 422 -17.69 -0.90 -15.97
C GLU A 422 -17.16 0.41 -16.56
N GLN A 423 -17.66 1.54 -16.07
CA GLN A 423 -17.14 2.85 -16.39
C GLN A 423 -16.47 3.42 -15.15
N ASP A 424 -15.20 3.77 -15.27
CA ASP A 424 -14.50 4.42 -14.18
C ASP A 424 -15.06 5.83 -13.99
N PRO A 425 -15.54 6.18 -12.78
CA PRO A 425 -16.08 7.53 -12.58
C PRO A 425 -14.99 8.59 -12.51
N ARG A 426 -14.28 8.75 -13.61
CA ARG A 426 -13.10 9.60 -13.69
C ARG A 426 -13.07 10.42 -14.97
N GLN A 427 -13.88 10.06 -15.96
CA GLN A 427 -14.01 10.81 -17.21
C GLN A 427 -14.50 12.24 -16.96
N PHE A 428 -15.22 12.44 -15.86
CA PHE A 428 -16.10 13.58 -15.71
C PHE A 428 -15.31 14.86 -15.48
N PRO A 429 -15.84 16.02 -15.89
CA PRO A 429 -15.24 17.28 -15.48
C PRO A 429 -15.40 17.48 -13.98
N PRO A 430 -14.46 18.18 -13.35
CA PRO A 430 -14.59 18.42 -11.90
C PRO A 430 -15.72 19.39 -11.57
N GLN A 431 -16.31 19.18 -10.40
CA GLN A 431 -17.36 20.06 -9.89
C GLN A 431 -17.04 20.64 -8.53
N GLY A 432 -16.04 20.11 -7.82
CA GLY A 432 -15.68 20.62 -6.51
C GLY A 432 -14.18 20.64 -6.34
N ILE A 433 -13.73 21.51 -5.44
CA ILE A 433 -12.32 21.68 -5.15
C ILE A 433 -12.10 21.41 -3.66
N PHE A 434 -10.92 20.95 -3.31
CA PHE A 434 -10.57 20.59 -1.94
C PHE A 434 -9.34 21.38 -1.50
N PHE A 435 -9.30 21.75 -0.23
CA PHE A 435 -8.10 22.36 0.34
C PHE A 435 -8.09 22.07 1.84
N TYR A 436 -7.16 22.69 2.55
CA TYR A 436 -6.95 22.45 3.97
C TYR A 436 -7.29 23.68 4.78
N ASN A 437 -7.91 23.46 5.94
CA ASN A 437 -8.15 24.52 6.90
C ASN A 437 -6.88 24.82 7.68
N LYS A 438 -6.97 25.76 8.64
CA LYS A 438 -5.80 26.08 9.45
C LYS A 438 -5.49 24.98 10.46
N ASP A 439 -6.47 24.15 10.79
CA ASP A 439 -6.24 22.98 11.62
C ASP A 439 -5.87 21.75 10.79
N GLY A 440 -5.81 21.88 9.47
CA GLY A 440 -5.43 20.78 8.61
C GLY A 440 -6.54 19.81 8.24
N ILE A 441 -7.78 20.12 8.59
CA ILE A 441 -8.90 19.24 8.26
C ILE A 441 -9.26 19.41 6.79
N LEU A 442 -9.99 18.45 6.24
CA LEU A 442 -10.41 18.53 4.85
C LEU A 442 -11.54 19.53 4.71
N THR A 443 -11.39 20.45 3.76
CA THR A 443 -12.40 21.46 3.49
C THR A 443 -12.82 21.36 2.03
N GLN A 444 -14.05 21.78 1.76
CA GLN A 444 -14.67 21.53 0.46
C GLN A 444 -15.44 22.75 -0.02
N LEU A 445 -15.15 23.15 -1.26
CA LEU A 445 -16.00 24.05 -2.03
C LEU A 445 -16.71 23.24 -3.08
N THR A 446 -18.02 23.44 -3.19
CA THR A 446 -18.83 22.78 -4.19
C THR A 446 -19.57 23.87 -4.96
N LEU A 447 -19.97 23.56 -6.20
CA LEU A 447 -20.70 24.53 -7.02
C LEU A 447 -22.09 24.85 -6.47
N ARG A 448 -22.54 24.12 -5.45
CA ARG A 448 -23.77 24.48 -4.74
C ARG A 448 -23.59 25.77 -3.95
N ASP A 449 -22.36 26.22 -3.73
CA ASP A 449 -22.13 27.46 -2.99
C ASP A 449 -22.25 28.71 -3.85
N ALA A 450 -22.77 28.60 -5.08
CA ALA A 450 -22.62 29.68 -6.05
C ALA A 450 -23.80 30.64 -6.12
N MET A 451 -24.90 30.40 -5.38
CA MET A 451 -26.05 31.28 -5.48
C MET A 451 -25.76 32.69 -4.97
N GLY A 452 -24.80 32.83 -4.07
CA GLY A 452 -24.42 34.14 -3.56
C GLY A 452 -23.78 35.05 -4.59
N THR A 453 -23.38 34.52 -5.75
CA THR A 453 -22.84 35.35 -6.81
C THR A 453 -23.64 35.25 -8.10
N ILE A 454 -23.88 34.04 -8.62
CA ILE A 454 -24.40 33.95 -9.98
C ILE A 454 -25.91 33.88 -10.04
N CYS A 455 -26.58 33.48 -8.97
CA CYS A 455 -28.03 33.28 -8.99
C CYS A 455 -28.78 34.52 -8.50
N HIS A 456 -28.24 35.70 -8.75
CA HIS A 456 -28.86 36.98 -8.44
C HIS A 456 -29.42 37.62 -9.71
N SER A 457 -30.24 38.65 -9.51
CA SER A 457 -30.80 39.39 -10.64
C SER A 457 -29.78 40.30 -11.31
N SER A 458 -28.60 40.47 -10.72
CA SER A 458 -27.59 41.36 -11.27
C SER A 458 -26.94 40.81 -12.54
N LEU A 459 -27.22 39.55 -12.90
CA LEU A 459 -26.71 38.96 -14.13
C LEU A 459 -27.29 39.62 -15.38
N LEU A 460 -28.39 40.37 -15.26
CA LEU A 460 -29.07 40.98 -16.39
C LEU A 460 -29.08 42.50 -16.28
N ASP A 461 -27.90 43.08 -16.02
CA ASP A 461 -27.74 44.52 -15.86
C ASP A 461 -26.97 45.03 -17.07
N VAL A 462 -27.39 44.55 -18.25
CA VAL A 462 -26.61 44.67 -19.48
C VAL A 462 -26.79 46.02 -20.17
N GLU A 463 -27.75 46.84 -19.71
CA GLU A 463 -28.16 48.04 -20.45
C GLU A 463 -27.05 49.07 -20.53
N ALA A 464 -26.40 49.37 -19.38
CA ALA A 464 -25.36 50.39 -19.35
C ALA A 464 -24.15 50.02 -20.20
N THR A 465 -23.85 48.72 -20.29
CA THR A 465 -22.75 48.29 -21.15
C THR A 465 -23.09 48.45 -22.63
N LEU A 466 -24.36 48.23 -23.01
CA LEU A 466 -24.77 48.53 -24.37
C LEU A 466 -24.71 50.02 -24.66
N VAL A 467 -25.08 50.85 -23.69
CA VAL A 467 -25.01 52.31 -23.88
C VAL A 467 -23.55 52.75 -24.04
N ALA A 468 -22.66 52.19 -23.23
CA ALA A 468 -21.25 52.55 -23.31
C ALA A 468 -20.60 52.01 -24.58
N LEU A 469 -20.98 50.81 -24.99
CA LEU A 469 -20.41 50.18 -26.19
C LEU A 469 -20.93 50.82 -27.47
N ARG A 470 -22.13 51.41 -27.42
CA ARG A 470 -22.67 52.11 -28.59
C ARG A 470 -21.91 53.39 -28.92
N GLN A 471 -21.06 53.87 -28.01
CA GLN A 471 -20.31 55.11 -28.22
C GLN A 471 -19.01 54.88 -29.00
N GLN A 472 -18.79 53.68 -29.50
CA GLN A 472 -17.56 53.32 -30.19
C GLN A 472 -17.75 53.42 -31.70
N HIS A 473 -16.66 53.27 -32.43
CA HIS A 473 -16.71 53.31 -33.89
C HIS A 473 -17.18 51.95 -34.40
N LEU A 474 -18.44 51.89 -34.84
CA LEU A 474 -19.05 50.67 -35.34
C LEU A 474 -19.13 50.74 -36.86
N ASP A 475 -18.61 49.71 -37.52
CA ASP A 475 -18.51 49.67 -38.96
C ASP A 475 -19.65 48.85 -39.56
N ARG A 476 -19.84 49.02 -40.87
CA ARG A 476 -20.91 48.35 -41.60
C ARG A 476 -20.51 46.91 -41.93
N GLN A 477 -21.20 45.96 -41.32
CA GLN A 477 -21.03 44.54 -41.61
C GLN A 477 -22.31 43.98 -42.21
N CYS A 478 -22.27 42.69 -42.54
CA CYS A 478 -23.40 42.07 -43.24
C CYS A 478 -24.60 41.91 -42.33
N TYR A 479 -25.79 41.98 -42.93
CA TYR A 479 -27.05 41.95 -42.20
C TYR A 479 -27.78 40.62 -42.38
N PHE A 480 -27.05 39.50 -42.37
CA PHE A 480 -27.68 38.21 -42.62
C PHE A 480 -28.18 37.57 -41.32
N GLY A 481 -27.29 37.35 -40.36
CA GLY A 481 -27.63 36.62 -39.16
C GLY A 481 -28.13 37.42 -37.99
N VAL A 482 -28.39 38.71 -38.17
CA VAL A 482 -28.86 39.57 -37.08
C VAL A 482 -30.17 40.22 -37.47
N TYR A 483 -30.69 39.87 -38.63
CA TYR A 483 -31.85 40.53 -39.21
C TYR A 483 -32.98 39.53 -39.46
N VAL A 484 -34.19 39.88 -39.03
CA VAL A 484 -35.37 39.04 -39.15
C VAL A 484 -36.37 39.75 -40.06
N ALA A 485 -36.91 39.02 -41.04
CA ALA A 485 -37.88 39.56 -41.98
C ALA A 485 -39.27 38.98 -41.69
N GLU A 486 -40.24 39.36 -42.51
CA GLU A 486 -41.58 38.80 -42.45
C GLU A 486 -41.82 37.94 -43.68
N GLY A 487 -42.78 37.02 -43.56
CA GLY A 487 -43.21 36.28 -44.74
C GLY A 487 -43.94 37.18 -45.72
N THR A 488 -43.82 36.84 -47.00
CA THR A 488 -44.39 37.68 -48.06
C THR A 488 -45.64 37.07 -48.69
N GLU A 489 -46.27 36.11 -48.00
CA GLU A 489 -47.57 35.53 -48.38
C GLU A 489 -47.51 34.89 -49.76
N ASP A 490 -46.70 33.84 -49.89
CA ASP A 490 -46.47 33.19 -51.16
C ASP A 490 -46.55 31.67 -51.05
N THR A 491 -46.13 30.97 -52.10
CA THR A 491 -46.08 29.51 -52.11
C THR A 491 -44.75 28.96 -51.63
N LEU A 492 -43.94 29.81 -50.97
CA LEU A 492 -42.63 29.51 -50.39
C LEU A 492 -41.58 29.09 -51.41
N ASP A 493 -41.82 29.26 -52.71
CA ASP A 493 -40.83 28.92 -53.73
C ASP A 493 -40.09 30.17 -54.21
N VAL A 494 -40.82 31.19 -54.64
CA VAL A 494 -40.20 32.45 -55.05
C VAL A 494 -39.61 33.18 -53.86
N GLN A 495 -40.08 32.85 -52.65
CA GLN A 495 -39.48 33.43 -51.44
C GLN A 495 -38.03 32.98 -51.27
N MET A 496 -37.79 31.67 -51.38
CA MET A 496 -36.41 31.19 -51.39
C MET A 496 -35.71 31.57 -52.70
N GLY A 497 -36.47 31.87 -53.75
CA GLY A 497 -35.90 32.47 -54.94
C GLY A 497 -35.19 33.78 -54.67
N ARG A 498 -35.95 34.82 -54.32
CA ARG A 498 -35.30 36.11 -54.11
C ARG A 498 -34.43 36.10 -52.86
N PHE A 499 -34.65 35.15 -51.94
CA PHE A 499 -33.67 34.89 -50.90
C PHE A 499 -32.36 34.40 -51.49
N MET A 500 -32.41 33.57 -52.54
CA MET A 500 -31.18 33.05 -53.14
C MET A 500 -30.41 34.14 -53.88
N GLU A 501 -31.06 34.94 -54.73
CA GLU A 501 -30.26 36.00 -55.37
C GLU A 501 -30.11 37.24 -54.48
N THR A 502 -30.67 37.23 -53.28
CA THR A 502 -30.27 38.25 -52.31
C THR A 502 -29.06 37.78 -51.49
N TRP A 503 -29.09 36.53 -51.02
CA TRP A 503 -28.01 35.95 -50.24
C TRP A 503 -26.78 35.64 -51.07
N ALA A 504 -26.90 35.61 -52.40
CA ALA A 504 -25.78 35.24 -53.23
C ALA A 504 -24.67 36.28 -53.23
N ASP A 505 -24.97 37.53 -52.89
CA ASP A 505 -23.95 38.56 -52.93
C ASP A 505 -24.02 39.57 -51.77
N MET A 506 -24.92 39.40 -50.80
CA MET A 506 -25.07 40.45 -49.80
C MET A 506 -24.02 40.39 -48.70
N MET A 507 -23.28 39.28 -48.58
CA MET A 507 -22.13 39.25 -47.68
C MET A 507 -20.93 39.89 -48.37
N PRO A 508 -20.35 40.94 -47.81
CA PRO A 508 -19.10 41.47 -48.36
C PRO A 508 -17.86 40.77 -47.84
N HIS A 509 -18.01 39.89 -46.86
CA HIS A 509 -16.88 39.18 -46.26
C HIS A 509 -17.42 37.94 -45.56
N HIS A 510 -16.56 37.28 -44.79
CA HIS A 510 -16.96 36.08 -44.04
C HIS A 510 -17.66 36.49 -42.76
N PRO A 511 -18.88 35.98 -42.50
CA PRO A 511 -19.59 36.34 -41.26
C PRO A 511 -18.85 35.85 -40.03
N HIS A 512 -18.91 36.67 -38.97
CA HIS A 512 -18.07 36.47 -37.79
C HIS A 512 -18.56 35.33 -36.91
N TRP A 513 -19.86 35.01 -36.92
CA TRP A 513 -20.41 33.97 -36.06
C TRP A 513 -20.31 32.58 -36.70
N VAL A 514 -19.46 32.42 -37.70
CA VAL A 514 -19.32 31.16 -38.42
C VAL A 514 -18.10 30.38 -37.96
N ASN A 515 -16.97 31.05 -37.78
CA ASN A 515 -15.67 30.39 -37.56
C ASN A 515 -15.58 29.79 -36.16
N GLU A 516 -16.34 28.71 -35.96
CA GLU A 516 -16.24 27.90 -34.76
C GLU A 516 -15.04 26.96 -34.80
N HIS A 517 -14.35 26.88 -35.94
CA HIS A 517 -13.19 26.01 -36.08
C HIS A 517 -11.94 26.57 -35.41
N LEU A 518 -11.98 27.81 -34.93
CA LEU A 518 -10.86 28.38 -34.19
C LEU A 518 -10.69 27.66 -32.85
N THR A 519 -9.45 27.48 -32.44
CA THR A 519 -9.14 26.82 -31.18
C THR A 519 -9.28 27.80 -30.02
N ILE A 520 -8.78 27.40 -28.85
CA ILE A 520 -8.81 28.27 -27.68
C ILE A 520 -7.92 29.48 -27.89
N LEU A 521 -6.67 29.24 -28.28
CA LEU A 521 -5.65 30.30 -28.33
C LEU A 521 -5.92 31.28 -29.46
N GLN A 522 -6.36 30.78 -30.61
CA GLN A 522 -6.65 31.67 -31.74
C GLN A 522 -7.85 32.55 -31.44
N PHE A 523 -8.83 32.02 -30.71
CA PHE A 523 -9.96 32.83 -30.30
C PHE A 523 -9.55 33.89 -29.29
N ILE A 524 -8.70 33.52 -28.33
CA ILE A 524 -8.28 34.52 -27.33
C ILE A 524 -7.04 35.27 -27.80
N ALA A 525 -6.66 35.13 -29.06
CA ALA A 525 -5.54 35.88 -29.59
C ALA A 525 -5.89 37.36 -29.67
N PRO A 526 -4.90 38.26 -29.54
CA PRO A 526 -5.20 39.70 -29.61
C PRO A 526 -5.68 40.18 -30.98
N SER A 527 -5.44 39.41 -32.04
CA SER A 527 -5.87 39.81 -33.37
C SER A 527 -7.36 39.57 -33.62
N ASN A 528 -8.05 38.87 -32.73
CA ASN A 528 -9.44 38.51 -32.95
C ASN A 528 -10.34 39.73 -32.77
N PRO A 529 -11.11 40.13 -33.79
CA PRO A 529 -12.05 41.24 -33.61
C PRO A 529 -13.28 40.86 -32.79
N ARG A 530 -13.60 39.58 -32.70
CA ARG A 530 -14.73 39.14 -31.87
C ARG A 530 -14.34 38.93 -30.42
N LEU A 531 -13.06 39.06 -30.08
CA LEU A 531 -12.62 38.89 -28.70
C LEU A 531 -13.16 40.01 -27.81
N ARG A 532 -13.22 41.23 -28.35
CA ARG A 532 -13.75 42.37 -27.61
C ARG A 532 -15.28 42.39 -27.59
N PHE A 533 -15.93 41.48 -28.30
CA PHE A 533 -17.38 41.45 -28.40
C PHE A 533 -18.01 40.40 -27.46
N GLU A 534 -17.22 39.83 -26.55
CA GLU A 534 -17.70 38.79 -25.65
C GLU A 534 -17.61 39.32 -24.21
N LEU A 535 -18.74 39.76 -23.67
CA LEU A 535 -18.80 40.34 -22.34
C LEU A 535 -19.45 39.39 -21.34
N ASN A 536 -20.66 38.93 -21.61
CA ASN A 536 -21.44 38.20 -20.64
C ASN A 536 -21.68 36.77 -21.10
N PRO A 537 -21.57 35.79 -20.20
CA PRO A 537 -21.85 34.40 -20.60
C PRO A 537 -23.29 34.13 -21.00
N ALA A 538 -24.23 34.97 -20.61
CA ALA A 538 -25.62 34.82 -21.03
C ALA A 538 -25.95 35.62 -22.28
N PHE A 539 -24.96 36.29 -22.88
CA PHE A 539 -25.25 37.24 -23.94
C PHE A 539 -24.34 37.02 -25.14
N ASP A 540 -24.92 37.16 -26.32
CA ASP A 540 -24.18 37.31 -27.57
C ASP A 540 -24.29 38.75 -28.03
N PHE A 541 -23.15 39.37 -28.32
CA PHE A 541 -23.11 40.76 -28.76
C PHE A 541 -22.80 40.79 -30.26
N PHE A 542 -23.64 41.49 -31.01
CA PHE A 542 -23.58 41.50 -32.46
C PHE A 542 -23.88 42.91 -32.94
N VAL A 543 -23.42 43.22 -34.14
CA VAL A 543 -23.67 44.51 -34.77
C VAL A 543 -25.04 44.46 -35.43
N ALA A 544 -25.89 45.42 -35.08
CA ALA A 544 -27.30 45.43 -35.47
C ALA A 544 -27.62 46.73 -36.19
N PRO A 545 -28.65 46.73 -37.05
CA PRO A 545 -29.12 48.00 -37.61
C PRO A 545 -29.65 48.93 -36.54
N GLY A 546 -29.41 50.22 -36.74
CA GLY A 546 -29.83 51.22 -35.78
C GLY A 546 -31.27 51.64 -36.00
N ASP A 547 -32.06 51.56 -34.93
CA ASP A 547 -33.48 51.93 -34.91
C ASP A 547 -34.29 51.17 -35.96
N VAL A 548 -34.01 49.88 -36.10
CA VAL A 548 -34.77 49.00 -36.98
C VAL A 548 -35.43 47.94 -36.10
N ASP A 549 -36.76 47.89 -36.14
CA ASP A 549 -37.52 47.01 -35.27
C ASP A 549 -37.34 45.56 -35.71
N LEU A 550 -37.44 44.64 -34.74
CA LEU A 550 -37.38 43.21 -35.01
C LEU A 550 -38.78 42.61 -34.96
N PRO A 551 -39.28 42.00 -36.04
CA PRO A 551 -38.62 41.86 -37.34
C PRO A 551 -38.78 43.10 -38.24
N GLY A 552 -37.76 43.36 -39.05
CA GLY A 552 -37.82 44.43 -40.02
C GLY A 552 -38.32 43.92 -41.36
N PRO A 553 -38.50 44.81 -42.33
CA PRO A 553 -39.05 44.38 -43.63
C PRO A 553 -38.07 43.52 -44.41
N GLN A 554 -38.57 42.96 -45.51
CA GLN A 554 -37.78 42.00 -46.30
C GLN A 554 -36.58 42.67 -46.94
N ARG A 555 -36.75 43.89 -47.45
CA ARG A 555 -35.62 44.67 -47.94
C ARG A 555 -34.99 45.40 -46.76
N PRO A 556 -33.73 45.16 -46.44
CA PRO A 556 -33.12 45.78 -45.25
C PRO A 556 -32.87 47.26 -45.46
N PRO A 557 -33.44 48.12 -44.62
CA PRO A 557 -33.14 49.55 -44.71
C PRO A 557 -31.73 49.86 -44.24
N GLU A 558 -31.11 50.82 -44.91
CA GLU A 558 -29.76 51.24 -44.54
C GLU A 558 -29.81 52.18 -43.34
N ALA A 559 -28.97 51.89 -42.35
CA ALA A 559 -28.91 52.71 -41.14
C ALA A 559 -27.50 52.61 -40.58
N MET A 560 -27.18 53.53 -39.67
CA MET A 560 -25.90 53.51 -38.98
C MET A 560 -25.89 52.32 -38.04
N PRO A 561 -24.94 51.40 -38.17
CA PRO A 561 -25.02 50.13 -37.42
C PRO A 561 -24.68 50.32 -35.95
N THR A 562 -25.57 49.84 -35.09
CA THR A 562 -25.39 49.83 -33.64
C THR A 562 -25.10 48.41 -33.17
N VAL A 563 -25.07 48.24 -31.85
CA VAL A 563 -24.82 46.95 -31.23
C VAL A 563 -26.05 46.55 -30.44
N ASN A 564 -26.43 45.27 -30.53
CA ASN A 564 -27.54 44.71 -29.77
C ASN A 564 -27.13 43.36 -29.20
N ALA A 565 -27.80 42.98 -28.11
CA ALA A 565 -27.46 41.77 -27.39
C ALA A 565 -28.72 40.95 -27.13
N THR A 566 -28.55 39.62 -27.15
CA THR A 566 -29.65 38.68 -26.94
C THR A 566 -29.23 37.65 -25.90
N LEU A 567 -30.22 36.93 -25.38
CA LEU A 567 -29.98 35.98 -24.31
C LEU A 567 -29.47 34.65 -24.87
N ARG A 568 -28.52 34.05 -24.16
CA ARG A 568 -27.98 32.74 -24.49
C ARG A 568 -28.77 31.69 -23.71
N ILE A 569 -29.87 31.22 -24.32
CA ILE A 569 -30.77 30.29 -23.63
C ILE A 569 -30.10 28.93 -23.46
N ILE A 570 -29.52 28.39 -24.52
CA ILE A 570 -28.73 27.17 -24.45
C ILE A 570 -27.37 27.54 -23.87
N ASN A 571 -26.91 26.75 -22.88
CA ASN A 571 -25.57 26.98 -22.35
C ASN A 571 -24.48 26.60 -23.35
N GLY A 572 -24.81 25.79 -24.35
CA GLY A 572 -23.92 25.50 -25.46
C GLY A 572 -23.89 26.56 -26.54
N ASN A 573 -24.67 27.63 -26.40
CA ASN A 573 -24.59 28.75 -27.33
C ASN A 573 -23.30 29.53 -27.21
N ILE A 574 -22.55 29.33 -26.13
CA ILE A 574 -21.21 29.89 -25.99
C ILE A 574 -20.33 29.21 -27.04
N PRO A 575 -19.31 29.89 -27.58
CA PRO A 575 -18.50 29.29 -28.64
C PRO A 575 -17.71 28.08 -28.15
N VAL A 576 -17.55 27.11 -29.05
CA VAL A 576 -16.78 25.89 -28.76
C VAL A 576 -15.29 26.12 -28.47
N PRO A 577 -14.64 27.26 -28.84
CA PRO A 577 -13.37 27.55 -28.15
C PRO A 577 -13.53 27.74 -26.65
N LEU A 578 -14.70 28.18 -26.18
CA LEU A 578 -14.92 28.33 -24.75
C LEU A 578 -15.58 27.10 -24.13
N CYS A 579 -16.16 26.23 -24.95
CA CYS A 579 -16.82 25.00 -24.48
C CYS A 579 -16.43 23.87 -25.42
N PRO A 580 -15.39 23.11 -25.09
CA PRO A 580 -14.82 22.16 -26.06
C PRO A 580 -15.73 20.96 -26.28
N ILE A 581 -15.50 20.32 -27.44
CA ILE A 581 -16.28 19.14 -27.81
C ILE A 581 -15.98 17.98 -26.89
N SER A 582 -14.72 17.85 -26.48
CA SER A 582 -14.34 16.79 -25.55
C SER A 582 -15.01 16.97 -24.20
N PHE A 583 -15.13 18.21 -23.73
CA PHE A 583 -15.83 18.49 -22.48
C PHE A 583 -17.30 18.11 -22.58
N ARG A 584 -17.95 18.46 -23.69
CA ARG A 584 -19.35 18.11 -23.88
C ARG A 584 -19.55 16.61 -23.98
N ASP A 585 -18.63 15.91 -24.64
CA ASP A 585 -18.72 14.45 -24.72
C ASP A 585 -18.49 13.79 -23.37
N CYS A 586 -17.57 14.34 -22.57
CA CYS A 586 -17.37 13.83 -21.21
C CYS A 586 -18.60 14.08 -20.35
N ARG A 587 -19.26 15.23 -20.54
CA ARG A 587 -20.50 15.52 -19.84
C ARG A 587 -21.62 14.55 -20.23
N GLY A 588 -21.72 14.24 -21.53
CA GLY A 588 -22.70 13.27 -21.97
C GLY A 588 -22.40 11.87 -21.45
N THR A 589 -21.11 11.52 -21.34
CA THR A 589 -20.73 10.26 -20.70
C THR A 589 -21.13 10.26 -19.23
N GLN A 590 -20.98 11.41 -18.56
CA GLN A 590 -21.42 11.55 -17.18
C GLN A 590 -22.91 11.36 -17.04
N LEU A 591 -23.69 11.86 -17.99
CA LEU A 591 -25.13 11.65 -17.96
C LEU A 591 -25.49 10.20 -18.23
N GLY A 592 -24.88 9.60 -19.25
CA GLY A 592 -25.24 8.26 -19.66
C GLY A 592 -24.41 7.16 -19.03
N LEU A 593 -24.51 7.01 -17.71
CA LEU A 593 -23.82 5.90 -17.04
C LEU A 593 -24.72 4.66 -16.99
N GLY A 594 -25.88 4.77 -16.35
CA GLY A 594 -26.84 3.69 -16.27
C GLY A 594 -28.10 3.86 -17.09
N ARG A 595 -28.15 4.84 -17.98
CA ARG A 595 -29.35 5.06 -18.77
C ARG A 595 -29.42 4.08 -19.94
N HIS A 596 -30.54 4.13 -20.67
CA HIS A 596 -30.77 3.22 -21.78
C HIS A 596 -29.87 3.55 -22.95
N THR A 597 -29.34 2.51 -23.59
CA THR A 597 -28.52 2.66 -24.77
C THR A 597 -29.05 1.80 -25.91
N MET A 598 -28.48 1.94 -27.10
CA MET A 598 -28.89 1.17 -28.25
C MET A 598 -28.01 -0.07 -28.38
N THR A 599 -28.65 -1.23 -28.58
CA THR A 599 -27.92 -2.44 -28.90
C THR A 599 -27.30 -2.30 -30.29
N PRO A 600 -26.18 -2.99 -30.56
CA PRO A 600 -25.49 -2.81 -31.86
C PRO A 600 -26.34 -3.10 -33.09
N ALA A 601 -27.33 -3.99 -32.99
CA ALA A 601 -28.15 -4.32 -34.15
C ALA A 601 -29.00 -3.13 -34.59
N THR A 602 -29.70 -2.49 -33.65
CA THR A 602 -30.56 -1.37 -34.03
C THR A 602 -29.73 -0.16 -34.43
N ILE A 603 -28.56 0.03 -33.82
CA ILE A 603 -27.76 1.19 -34.16
C ILE A 603 -27.11 1.02 -35.52
N LYS A 604 -26.73 -0.21 -35.89
CA LYS A 604 -26.18 -0.40 -37.23
C LYS A 604 -27.28 -0.33 -38.29
N ALA A 605 -28.49 -0.78 -37.95
CA ALA A 605 -29.62 -0.63 -38.87
C ALA A 605 -29.97 0.84 -39.09
N VAL A 606 -29.97 1.64 -38.01
CA VAL A 606 -30.33 3.05 -38.11
C VAL A 606 -29.26 3.83 -38.87
N LYS A 607 -27.98 3.56 -38.60
CA LYS A 607 -26.94 4.25 -39.34
C LYS A 607 -26.90 3.80 -40.80
N ASP A 608 -27.26 2.53 -41.07
CA ASP A 608 -27.28 2.06 -42.44
C ASP A 608 -28.45 2.67 -43.22
N THR A 609 -29.58 2.90 -42.55
CA THR A 609 -30.71 3.46 -43.26
C THR A 609 -30.67 4.99 -43.32
N PHE A 610 -29.81 5.65 -42.54
CA PHE A 610 -29.61 7.08 -42.77
C PHE A 610 -28.48 7.32 -43.77
N GLU A 611 -27.45 6.49 -43.76
CA GLU A 611 -26.40 6.60 -44.77
C GLU A 611 -26.70 5.80 -46.03
N ASP A 612 -27.97 5.54 -46.32
CA ASP A 612 -28.39 5.00 -47.61
C ASP A 612 -28.76 6.14 -48.55
N ARG A 613 -28.18 6.14 -49.75
CA ARG A 613 -28.45 7.17 -50.74
C ARG A 613 -29.44 6.72 -51.81
N ALA A 614 -29.77 5.44 -51.87
CA ALA A 614 -30.76 4.92 -52.80
C ALA A 614 -32.15 4.83 -52.19
N TYR A 615 -32.45 5.70 -51.24
CA TYR A 615 -33.71 5.65 -50.51
C TYR A 615 -34.87 6.04 -51.43
N PRO A 616 -35.90 5.20 -51.57
CA PRO A 616 -37.02 5.54 -52.46
C PRO A 616 -37.83 6.72 -51.93
N THR A 617 -38.40 7.47 -52.86
CA THR A 617 -39.25 8.61 -52.51
C THR A 617 -40.70 8.21 -52.28
N ILE A 618 -41.03 6.92 -52.40
CA ILE A 618 -42.40 6.46 -52.14
C ILE A 618 -42.74 6.63 -50.67
N PHE A 619 -41.75 6.42 -49.79
CA PHE A 619 -41.93 6.68 -48.37
C PHE A 619 -42.19 8.17 -48.12
N TYR A 620 -41.49 9.03 -48.87
CA TYR A 620 -41.73 10.47 -48.77
C TYR A 620 -43.13 10.83 -49.25
N MET A 621 -43.58 10.21 -50.34
CA MET A 621 -44.93 10.44 -50.85
C MET A 621 -45.98 10.03 -49.83
N LEU A 622 -45.80 8.85 -49.22
CA LEU A 622 -46.75 8.36 -48.21
C LEU A 622 -46.76 9.25 -46.98
N GLU A 623 -45.58 9.69 -46.52
CA GLU A 623 -45.52 10.57 -45.36
C GLU A 623 -46.12 11.94 -45.67
N ALA A 624 -46.00 12.40 -46.92
CA ALA A 624 -46.58 13.68 -47.30
C ALA A 624 -48.11 13.60 -47.38
N VAL A 625 -48.63 12.53 -47.98
CA VAL A 625 -50.08 12.44 -48.18
C VAL A 625 -50.78 12.11 -46.85
N ILE A 626 -50.21 11.18 -46.07
CA ILE A 626 -50.76 10.87 -44.75
C ILE A 626 -50.65 12.09 -43.82
N HIS A 627 -49.52 12.80 -43.91
CA HIS A 627 -49.24 14.09 -43.25
C HIS A 627 -49.51 14.05 -41.73
N GLY A 628 -49.18 12.92 -41.11
CA GLY A 628 -49.29 12.79 -39.67
C GLY A 628 -50.71 12.81 -39.15
N ASN A 629 -51.63 12.14 -39.83
CA ASN A 629 -53.02 12.07 -39.42
C ASN A 629 -53.36 10.63 -39.05
N GLU A 630 -54.00 10.45 -37.89
CA GLU A 630 -54.34 9.11 -37.43
C GLU A 630 -55.43 8.49 -38.30
N ARG A 631 -56.33 9.33 -38.83
CA ARG A 631 -57.38 8.81 -39.71
C ARG A 631 -56.81 8.27 -41.01
N ASN A 632 -55.70 8.85 -41.48
CA ASN A 632 -55.05 8.34 -42.67
C ASN A 632 -54.36 7.01 -42.41
N PHE A 633 -53.71 6.87 -41.24
CA PHE A 633 -52.99 5.64 -40.94
C PHE A 633 -53.95 4.51 -40.56
N CYS A 634 -55.14 4.85 -40.06
CA CYS A 634 -56.09 3.84 -39.65
C CYS A 634 -56.70 3.05 -40.81
N ALA A 635 -56.54 3.51 -42.04
CA ALA A 635 -57.09 2.83 -43.21
C ALA A 635 -56.02 2.24 -44.13
N LEU A 636 -54.75 2.33 -43.76
CA LEU A 636 -53.64 1.87 -44.59
C LEU A 636 -52.75 0.90 -43.84
N LEU A 637 -53.36 -0.11 -43.20
CA LEU A 637 -52.57 -1.09 -42.46
C LEU A 637 -51.82 -2.02 -43.40
N ARG A 638 -52.51 -2.55 -44.42
CA ARG A 638 -51.94 -3.58 -45.27
C ARG A 638 -50.87 -3.02 -46.20
N LEU A 639 -51.12 -1.85 -46.80
CA LEU A 639 -50.15 -1.22 -47.69
C LEU A 639 -48.87 -0.86 -46.95
N LEU A 640 -49.00 -0.30 -45.74
CA LEU A 640 -47.83 0.03 -44.95
C LEU A 640 -47.08 -1.22 -44.50
N THR A 641 -47.81 -2.27 -44.13
CA THR A 641 -47.18 -3.54 -43.74
C THR A 641 -46.36 -4.11 -44.88
N GLN A 642 -46.95 -4.15 -46.09
CA GLN A 642 -46.27 -4.70 -47.25
C GLN A 642 -45.07 -3.84 -47.65
N CYS A 643 -45.21 -2.52 -47.62
CA CYS A 643 -44.11 -1.63 -48.00
C CYS A 643 -42.94 -1.74 -47.03
N ILE A 644 -43.24 -1.75 -45.72
CA ILE A 644 -42.20 -1.83 -44.70
C ILE A 644 -41.50 -3.18 -44.76
N ARG A 645 -42.26 -4.27 -44.92
CA ARG A 645 -41.66 -5.60 -45.03
C ARG A 645 -40.80 -5.71 -46.27
N GLY A 646 -41.29 -5.23 -47.41
CA GLY A 646 -40.54 -5.33 -48.64
C GLY A 646 -39.26 -4.51 -48.63
N TYR A 647 -39.30 -3.33 -48.01
CA TYR A 647 -38.06 -2.56 -47.90
C TYR A 647 -37.12 -3.16 -46.86
N TRP A 648 -37.65 -3.82 -45.83
CA TRP A 648 -36.78 -4.37 -44.80
C TRP A 648 -36.05 -5.62 -45.28
N GLU A 649 -36.79 -6.65 -45.68
CA GLU A 649 -36.09 -7.87 -46.09
C GLU A 649 -35.72 -7.84 -47.57
N GLN A 650 -35.09 -6.73 -48.00
CA GLN A 650 -34.39 -6.66 -49.27
C GLN A 650 -33.03 -6.01 -49.16
N SER A 651 -32.77 -5.17 -48.15
CA SER A 651 -31.45 -4.62 -47.90
C SER A 651 -31.13 -4.50 -46.41
N HIS A 652 -32.01 -4.98 -45.53
CA HIS A 652 -31.89 -4.86 -44.06
C HIS A 652 -31.75 -3.41 -43.63
N ARG A 653 -32.65 -2.56 -44.13
CA ARG A 653 -32.73 -1.16 -43.74
C ARG A 653 -34.16 -0.84 -43.33
N VAL A 654 -34.32 -0.17 -42.18
CA VAL A 654 -35.65 0.16 -41.70
C VAL A 654 -36.13 1.44 -42.36
N ALA A 655 -37.46 1.58 -42.47
CA ALA A 655 -38.07 2.70 -43.16
C ALA A 655 -39.11 3.37 -42.27
N PHE A 656 -39.55 4.56 -42.71
CA PHE A 656 -40.52 5.41 -42.03
C PHE A 656 -40.10 5.79 -40.62
N VAL A 657 -38.78 5.85 -40.37
CA VAL A 657 -38.27 6.27 -39.07
C VAL A 657 -37.97 7.76 -39.08
N ASN A 658 -37.98 8.39 -40.26
CA ASN A 658 -37.77 9.83 -40.36
C ASN A 658 -38.89 10.60 -39.68
N ASN A 659 -40.13 10.20 -39.93
CA ASN A 659 -41.28 10.92 -39.38
C ASN A 659 -41.58 10.45 -37.97
N PHE A 660 -41.82 11.40 -37.07
CA PHE A 660 -42.15 11.03 -35.69
C PHE A 660 -43.61 10.65 -35.54
N HIS A 661 -44.49 11.19 -36.39
CA HIS A 661 -45.88 10.73 -36.38
C HIS A 661 -46.07 9.49 -37.25
N MET A 662 -45.15 8.53 -37.18
CA MET A 662 -45.29 7.34 -38.00
C MET A 662 -44.96 6.06 -37.25
N LEU A 663 -43.96 6.09 -36.36
CA LEU A 663 -43.37 4.87 -35.81
C LEU A 663 -44.01 4.43 -34.51
N MET A 664 -44.48 5.36 -33.68
CA MET A 664 -45.28 4.96 -32.54
C MET A 664 -46.64 4.42 -32.99
N TYR A 665 -47.13 4.91 -34.13
CA TYR A 665 -48.26 4.27 -34.79
C TYR A 665 -47.95 2.83 -35.16
N ILE A 666 -46.72 2.60 -35.65
CA ILE A 666 -46.29 1.25 -36.03
C ILE A 666 -46.26 0.34 -34.81
N THR A 667 -45.73 0.85 -33.69
CA THR A 667 -45.67 0.05 -32.47
C THR A 667 -47.06 -0.23 -31.90
N THR A 668 -47.95 0.77 -31.93
CA THR A 668 -49.26 0.61 -31.30
C THR A 668 -50.18 -0.27 -32.11
N TYR A 669 -50.21 -0.09 -33.44
CA TYR A 669 -51.12 -0.87 -34.28
C TYR A 669 -50.43 -2.10 -34.86
N LEU A 670 -49.33 -1.89 -35.57
CA LEU A 670 -48.61 -2.97 -36.24
C LEU A 670 -47.48 -3.50 -35.35
N GLY A 671 -47.87 -3.90 -34.14
CA GLY A 671 -46.89 -4.33 -33.15
C GLY A 671 -47.21 -5.65 -32.49
N ASN A 672 -48.34 -6.25 -32.86
CA ASN A 672 -48.75 -7.52 -32.28
C ASN A 672 -47.99 -8.72 -32.85
N GLY A 673 -47.21 -8.52 -33.91
CA GLY A 673 -46.49 -9.60 -34.54
C GLY A 673 -46.69 -9.65 -36.04
N GLU A 674 -47.32 -8.59 -36.58
CA GLU A 674 -47.54 -8.52 -38.03
C GLU A 674 -46.22 -8.37 -38.77
N LEU A 675 -45.40 -7.42 -38.35
CA LEU A 675 -44.06 -7.17 -38.86
C LEU A 675 -43.10 -8.22 -38.31
N PRO A 676 -41.92 -8.38 -38.93
CA PRO A 676 -40.88 -9.21 -38.31
C PRO A 676 -40.45 -8.65 -36.95
N GLU A 677 -40.03 -9.56 -36.08
CA GLU A 677 -39.75 -9.22 -34.68
C GLU A 677 -38.54 -8.30 -34.54
N VAL A 678 -37.65 -8.30 -35.53
CA VAL A 678 -36.45 -7.47 -35.45
C VAL A 678 -36.80 -5.99 -35.57
N CYS A 679 -37.75 -5.65 -36.45
CA CYS A 679 -38.13 -4.25 -36.65
C CYS A 679 -38.84 -3.69 -35.43
N ILE A 680 -39.72 -4.49 -34.83
CA ILE A 680 -40.49 -4.03 -33.67
C ILE A 680 -39.57 -3.78 -32.48
N ASN A 681 -38.54 -4.61 -32.32
CA ASN A 681 -37.57 -4.36 -31.25
C ASN A 681 -36.76 -3.09 -31.52
N ILE A 682 -36.49 -2.80 -32.80
CA ILE A 682 -35.81 -1.56 -33.16
C ILE A 682 -36.65 -0.35 -32.78
N TYR A 683 -37.93 -0.38 -33.15
CA TYR A 683 -38.82 0.75 -32.82
C TYR A 683 -39.03 0.86 -31.32
N ARG A 684 -39.14 -0.27 -30.61
CA ARG A 684 -39.29 -0.24 -29.16
C ARG A 684 -38.05 0.32 -28.49
N ASP A 685 -36.87 -0.04 -28.99
CA ASP A 685 -35.63 0.52 -28.45
C ASP A 685 -35.54 2.02 -28.69
N LEU A 686 -35.99 2.48 -29.87
CA LEU A 686 -35.94 3.91 -30.17
C LEU A 686 -36.90 4.71 -29.28
N LEU A 687 -38.13 4.22 -29.11
CA LEU A 687 -39.06 4.88 -28.19
C LEU A 687 -38.60 4.77 -26.74
N GLN A 688 -37.94 3.67 -26.38
CA GLN A 688 -37.37 3.55 -25.05
C GLN A 688 -36.26 4.55 -24.83
N HIS A 689 -35.46 4.82 -25.86
CA HIS A 689 -34.41 5.83 -25.73
C HIS A 689 -34.99 7.23 -25.62
N VAL A 690 -36.06 7.51 -26.38
CA VAL A 690 -36.71 8.83 -26.27
C VAL A 690 -37.31 9.02 -24.88
N ARG A 691 -37.97 7.97 -24.36
CA ARG A 691 -38.53 8.04 -23.01
C ARG A 691 -37.44 8.12 -21.95
N ALA A 692 -36.28 7.49 -22.20
CA ALA A 692 -35.16 7.57 -21.27
C ALA A 692 -34.55 8.95 -21.27
N LEU A 693 -34.51 9.62 -22.43
CA LEU A 693 -34.06 11.00 -22.49
C LEU A 693 -35.01 11.92 -21.73
N ARG A 694 -36.31 11.70 -21.88
CA ARG A 694 -37.30 12.49 -21.14
C ARG A 694 -37.18 12.23 -19.64
N GLN A 695 -36.93 10.96 -19.25
CA GLN A 695 -36.73 10.63 -17.85
C GLN A 695 -35.45 11.26 -17.31
N THR A 696 -34.40 11.34 -18.15
CA THR A 696 -33.17 12.00 -17.76
C THR A 696 -33.40 13.49 -17.53
N ILE A 697 -34.23 14.12 -18.35
CA ILE A 697 -34.64 15.50 -18.10
C ILE A 697 -35.41 15.60 -16.78
N THR A 698 -36.33 14.66 -16.56
CA THR A 698 -37.20 14.72 -15.39
C THR A 698 -36.43 14.53 -14.08
N ASP A 699 -35.47 13.61 -14.06
CA ASP A 699 -34.75 13.31 -12.83
C ASP A 699 -33.78 14.43 -12.45
N PHE A 700 -33.34 15.21 -13.42
CA PHE A 700 -32.42 16.31 -13.15
C PHE A 700 -33.11 17.63 -12.84
N THR A 701 -34.43 17.66 -12.81
CA THR A 701 -35.17 18.82 -12.33
C THR A 701 -35.96 18.44 -11.08
N ILE A 702 -36.24 19.43 -10.25
CA ILE A 702 -36.94 19.25 -8.99
C ILE A 702 -38.31 19.90 -9.12
N GLN A 703 -39.36 19.10 -8.90
CA GLN A 703 -40.72 19.55 -9.11
C GLN A 703 -41.26 20.27 -7.87
N GLY A 704 -42.54 20.63 -7.94
CA GLY A 704 -43.22 21.23 -6.82
C GLY A 704 -43.11 22.75 -6.71
N GLU A 705 -42.28 23.38 -7.54
CA GLU A 705 -42.15 24.83 -7.54
C GLU A 705 -42.50 25.35 -8.95
N GLY A 706 -43.65 26.01 -9.04
CA GLY A 706 -44.12 26.62 -10.27
C GLY A 706 -44.24 28.12 -10.10
N HIS A 707 -43.49 28.86 -10.90
CA HIS A 707 -43.50 30.32 -10.84
C HIS A 707 -44.09 30.86 -12.13
N ASN A 708 -45.05 31.78 -11.98
CA ASN A 708 -45.77 32.43 -13.09
C ASN A 708 -46.49 31.43 -13.98
N GLY A 709 -46.95 30.33 -13.39
CA GLY A 709 -47.68 29.33 -14.15
C GLY A 709 -46.83 28.38 -14.97
N GLU A 710 -45.51 28.48 -14.88
CA GLU A 710 -44.60 27.63 -15.63
C GLU A 710 -44.16 26.47 -14.74
N THR A 711 -44.25 25.25 -15.27
CA THR A 711 -43.76 24.09 -14.55
C THR A 711 -42.23 24.11 -14.50
N SER A 712 -41.69 23.40 -13.51
CA SER A 712 -40.24 23.35 -13.34
C SER A 712 -39.55 22.63 -14.48
N GLU A 713 -40.28 21.74 -15.17
CA GLU A 713 -39.75 21.11 -16.38
C GLU A 713 -39.50 22.15 -17.46
N ALA A 714 -40.43 23.09 -17.63
CA ALA A 714 -40.24 24.18 -18.58
C ALA A 714 -39.21 25.18 -18.10
N LEU A 715 -39.14 25.40 -16.78
CA LEU A 715 -38.19 26.36 -16.23
C LEU A 715 -36.75 25.88 -16.34
N ASN A 716 -36.52 24.58 -16.21
CA ASN A 716 -35.16 24.04 -16.25
C ASN A 716 -34.68 23.73 -17.67
N ASN A 717 -35.46 22.94 -18.41
CA ASN A 717 -35.04 22.46 -19.72
C ASN A 717 -35.73 23.25 -20.83
N ILE A 718 -35.25 23.04 -22.05
CA ILE A 718 -35.78 23.69 -23.24
C ILE A 718 -36.73 22.76 -24.01
N LEU A 719 -36.37 21.48 -24.12
CA LEU A 719 -37.20 20.51 -24.82
C LEU A 719 -38.48 20.18 -24.06
N THR A 720 -38.58 20.57 -22.79
CA THR A 720 -39.80 20.41 -22.02
C THR A 720 -40.57 21.72 -21.86
N ASP A 721 -40.14 22.79 -22.51
CA ASP A 721 -40.84 24.06 -22.49
C ASP A 721 -41.71 24.18 -23.75
N ASP A 722 -42.97 24.57 -23.56
CA ASP A 722 -43.88 24.71 -24.68
C ASP A 722 -43.66 26.01 -25.46
N THR A 723 -42.84 26.92 -24.95
CA THR A 723 -42.48 28.12 -25.71
C THR A 723 -41.68 27.76 -26.95
N PHE A 724 -40.73 26.83 -26.81
CA PHE A 724 -39.97 26.35 -27.95
C PHE A 724 -40.74 25.22 -28.63
N ILE A 725 -40.74 25.23 -29.97
CA ILE A 725 -41.59 24.36 -30.74
C ILE A 725 -40.74 23.44 -31.62
N ALA A 726 -41.41 22.46 -32.23
CA ALA A 726 -40.76 21.53 -33.13
C ALA A 726 -40.37 22.24 -34.43
N PRO A 727 -39.32 21.75 -35.12
CA PRO A 727 -38.97 22.33 -36.42
C PRO A 727 -40.05 22.16 -37.49
N ILE A 728 -40.79 21.06 -37.48
CA ILE A 728 -41.86 20.81 -38.43
C ILE A 728 -43.11 20.41 -37.66
N LEU A 729 -44.21 21.12 -37.93
CA LEU A 729 -45.48 20.86 -37.28
C LEU A 729 -46.45 20.26 -38.29
N TRP A 730 -46.91 19.05 -38.02
CA TRP A 730 -48.00 18.45 -38.78
C TRP A 730 -49.37 18.85 -38.23
N ASP A 731 -49.48 19.02 -36.92
CA ASP A 731 -50.73 19.37 -36.25
C ASP A 731 -50.57 20.73 -35.57
N CYS A 732 -51.70 21.39 -35.34
CA CYS A 732 -51.71 22.70 -34.72
C CYS A 732 -51.79 22.64 -33.20
N ASP A 733 -51.74 21.42 -32.62
CA ASP A 733 -51.85 21.27 -31.17
C ASP A 733 -50.64 21.88 -30.46
N ALA A 734 -49.46 21.79 -31.08
CA ALA A 734 -48.26 22.36 -30.48
C ALA A 734 -48.35 23.88 -30.41
N LEU A 735 -48.95 24.52 -31.42
CA LEU A 735 -49.15 25.96 -31.37
C LEU A 735 -50.14 26.35 -30.29
N ILE A 736 -51.17 25.52 -30.08
CA ILE A 736 -52.14 25.76 -29.02
C ILE A 736 -51.48 25.67 -27.66
N TYR A 737 -50.63 24.65 -27.47
CA TYR A 737 -49.90 24.52 -26.21
C TYR A 737 -48.89 25.65 -26.05
N ARG A 738 -48.33 26.14 -27.16
CA ARG A 738 -47.35 27.23 -27.10
C ARG A 738 -47.99 28.53 -26.65
N ASP A 739 -49.12 28.91 -27.25
CA ASP A 739 -49.73 30.17 -26.86
C ASP A 739 -50.70 30.04 -25.69
N GLU A 740 -50.91 28.83 -25.17
CA GLU A 740 -51.73 28.66 -23.98
C GLU A 740 -50.90 28.45 -22.72
N ALA A 741 -49.76 27.76 -22.83
CA ALA A 741 -49.01 27.40 -21.63
C ALA A 741 -48.23 28.57 -21.05
N ALA A 742 -47.81 29.53 -21.89
CA ALA A 742 -46.90 30.57 -21.43
C ALA A 742 -47.63 31.67 -20.65
N ARG A 743 -48.50 32.42 -21.33
CA ARG A 743 -49.38 33.44 -20.77
C ARG A 743 -48.70 34.61 -20.08
N ASP A 744 -47.36 34.63 -20.06
CA ASP A 744 -46.58 35.75 -19.55
C ASP A 744 -45.52 36.10 -20.58
N ARG A 745 -45.09 35.10 -21.33
CA ARG A 745 -44.25 35.33 -22.51
C ARG A 745 -45.13 35.96 -23.58
N LEU A 746 -44.79 37.19 -23.99
CA LEU A 746 -45.58 37.93 -24.96
C LEU A 746 -45.51 37.25 -26.32
N PRO A 747 -46.59 36.63 -26.79
CA PRO A 747 -46.51 35.81 -28.00
C PRO A 747 -46.70 36.60 -29.28
N ALA A 748 -46.05 36.16 -30.35
CA ALA A 748 -46.28 36.72 -31.67
C ALA A 748 -45.96 35.64 -32.70
N ILE A 749 -46.99 35.20 -33.42
CA ILE A 749 -46.88 34.17 -34.43
C ILE A 749 -47.06 34.80 -35.80
N ARG A 750 -46.21 34.43 -36.74
CA ARG A 750 -46.22 35.00 -38.09
C ARG A 750 -46.24 33.86 -39.09
N VAL A 751 -47.35 33.71 -39.81
CA VAL A 751 -47.44 32.71 -40.86
C VAL A 751 -47.55 33.40 -42.21
N SER A 752 -46.40 33.70 -42.81
CA SER A 752 -46.26 34.22 -44.18
C SER A 752 -47.12 35.47 -44.40
N GLY A 753 -46.74 36.54 -43.71
CA GLY A 753 -47.47 37.79 -43.86
C GLY A 753 -48.44 38.07 -42.72
N ARG A 754 -49.70 37.68 -42.93
CA ARG A 754 -50.74 37.79 -41.91
C ARG A 754 -50.32 37.09 -40.62
N ASN A 755 -50.76 37.64 -39.50
CA ASN A 755 -50.40 37.17 -38.17
C ASN A 755 -51.50 36.27 -37.63
N GLY A 756 -51.12 35.14 -37.08
CA GLY A 756 -52.09 34.24 -36.49
C GLY A 756 -52.54 33.16 -37.46
N TYR A 757 -53.23 32.15 -36.92
CA TYR A 757 -53.76 31.05 -37.69
C TYR A 757 -55.28 30.96 -37.49
N GLN A 758 -55.92 30.13 -38.31
CA GLN A 758 -57.33 29.83 -38.16
C GLN A 758 -57.59 28.36 -37.85
N ALA A 759 -56.69 27.48 -38.30
CA ALA A 759 -56.73 26.03 -38.04
C ALA A 759 -58.04 25.40 -38.52
N LEU A 760 -58.27 25.48 -39.83
CA LEU A 760 -59.44 24.88 -40.45
C LEU A 760 -59.04 23.53 -41.04
N HIS A 761 -59.68 22.46 -40.59
CA HIS A 761 -59.35 21.11 -40.97
C HIS A 761 -60.45 20.51 -41.84
N PHE A 762 -60.24 19.24 -42.21
CA PHE A 762 -61.15 18.42 -43.01
C PHE A 762 -61.45 19.11 -44.36
N VAL A 763 -60.41 19.19 -45.16
CA VAL A 763 -60.49 19.76 -46.50
C VAL A 763 -60.73 18.62 -47.50
N ASP A 764 -61.60 18.86 -48.47
CA ASP A 764 -62.12 17.83 -49.36
C ASP A 764 -61.79 18.14 -50.82
N MET A 765 -62.44 17.40 -51.72
CA MET A 765 -62.15 17.48 -53.16
C MET A 765 -62.47 18.87 -53.73
N ALA A 766 -63.62 19.42 -53.37
CA ALA A 766 -64.11 20.63 -54.05
C ALA A 766 -63.29 21.85 -53.68
N GLY A 767 -62.86 21.94 -52.42
CA GLY A 767 -62.15 23.12 -51.97
C GLY A 767 -60.75 22.84 -51.47
N HIS A 768 -59.98 22.02 -52.21
CA HIS A 768 -58.62 21.71 -51.79
C HIS A 768 -57.74 22.95 -51.79
N ASN A 769 -57.82 23.76 -52.85
CA ASN A 769 -57.28 25.12 -52.92
C ASN A 769 -55.77 25.14 -52.63
N PHE A 770 -55.03 24.55 -53.57
CA PHE A 770 -53.58 24.50 -53.45
C PHE A 770 -52.96 25.90 -53.43
N GLN A 771 -53.57 26.85 -54.13
CA GLN A 771 -53.11 28.24 -54.13
C GLN A 771 -53.90 29.08 -53.11
N ARG A 772 -53.83 28.67 -51.85
CA ARG A 772 -54.49 29.38 -50.76
C ARG A 772 -53.48 30.24 -50.03
N ARG A 773 -53.79 31.54 -49.90
CA ARG A 773 -52.86 32.49 -49.30
C ARG A 773 -53.32 33.04 -47.96
N ASP A 774 -54.48 32.62 -47.46
CA ASP A 774 -54.92 33.05 -46.14
C ASP A 774 -54.35 32.09 -45.10
N ASN A 775 -54.72 32.28 -43.82
CA ASN A 775 -54.10 31.56 -42.73
C ASN A 775 -54.91 30.34 -42.30
N VAL A 776 -55.54 29.67 -43.26
CA VAL A 776 -56.14 28.36 -43.00
C VAL A 776 -55.02 27.33 -42.95
N LEU A 777 -54.92 26.60 -41.84
CA LEU A 777 -53.93 25.56 -41.66
C LEU A 777 -54.65 24.26 -41.35
N ILE A 778 -54.18 23.18 -41.97
CA ILE A 778 -54.85 21.87 -41.87
C ILE A 778 -54.39 21.22 -40.58
N HIS A 779 -55.21 21.32 -39.54
CA HIS A 779 -54.90 20.69 -38.26
C HIS A 779 -54.99 19.17 -38.35
N GLY A 780 -55.95 18.65 -39.09
CA GLY A 780 -56.15 17.23 -39.23
C GLY A 780 -57.53 16.79 -38.77
N ARG A 781 -58.04 15.75 -39.41
CA ARG A 781 -59.35 15.20 -39.08
C ARG A 781 -59.28 14.45 -37.76
N PRO A 782 -60.12 14.79 -36.78
CA PRO A 782 -60.24 13.94 -35.60
C PRO A 782 -60.88 12.60 -35.96
N VAL A 783 -60.39 11.55 -35.30
CA VAL A 783 -60.87 10.20 -35.58
C VAL A 783 -62.06 9.90 -34.66
N ARG A 784 -61.84 10.05 -33.36
CA ARG A 784 -62.90 9.80 -32.37
C ARG A 784 -63.60 11.11 -32.02
N GLY A 785 -64.24 11.68 -33.04
CA GLY A 785 -64.97 12.92 -32.87
C GLY A 785 -65.56 13.36 -34.18
N ASP A 786 -66.30 14.47 -34.12
CA ASP A 786 -66.94 15.07 -35.29
C ASP A 786 -66.15 16.30 -35.71
N THR A 787 -65.92 16.42 -37.02
CA THR A 787 -65.19 17.57 -37.56
C THR A 787 -65.96 18.87 -37.34
N GLY A 788 -67.12 19.01 -37.99
CA GLY A 788 -67.96 20.17 -37.82
C GLY A 788 -67.37 21.44 -38.40
N GLN A 789 -68.07 22.54 -38.13
CA GLN A 789 -67.60 23.87 -38.50
C GLN A 789 -67.54 24.82 -37.31
N ALA A 790 -68.53 24.78 -36.42
CA ALA A 790 -68.55 25.61 -35.23
C ALA A 790 -67.81 24.98 -34.06
N ILE A 791 -67.32 23.77 -34.21
CA ILE A 791 -66.59 23.07 -33.15
C ILE A 791 -65.20 23.69 -33.02
N PRO A 792 -64.81 24.12 -31.82
CA PRO A 792 -63.45 24.63 -31.63
C PRO A 792 -62.42 23.52 -31.80
N ILE A 793 -61.21 23.94 -32.21
CA ILE A 793 -60.18 22.97 -32.56
C ILE A 793 -59.60 22.35 -31.30
N THR A 794 -59.58 21.02 -31.26
CA THR A 794 -59.05 20.28 -30.13
C THR A 794 -57.66 19.74 -30.48
N PRO A 795 -56.77 19.64 -29.48
CA PRO A 795 -55.49 18.97 -29.73
C PRO A 795 -55.68 17.49 -30.03
N HIS A 796 -54.86 16.98 -30.95
CA HIS A 796 -54.91 15.57 -31.29
C HIS A 796 -54.40 14.71 -30.14
N HIS A 797 -53.34 15.15 -29.47
CA HIS A 797 -52.66 14.35 -28.46
C HIS A 797 -52.41 15.20 -27.21
N ASP A 798 -51.66 14.62 -26.28
CA ASP A 798 -51.46 15.16 -24.95
C ASP A 798 -50.29 16.16 -24.97
N ARG A 799 -50.03 16.79 -23.81
CA ARG A 799 -48.89 17.69 -23.68
C ARG A 799 -47.56 16.97 -23.86
N GLU A 800 -47.51 15.68 -23.53
CA GLU A 800 -46.28 14.91 -23.70
C GLU A 800 -45.94 14.64 -25.15
N TRP A 801 -46.92 14.77 -26.06
CA TRP A 801 -46.64 14.66 -27.49
C TRP A 801 -45.63 15.68 -27.98
N GLY A 802 -45.82 16.95 -27.58
CA GLY A 802 -44.88 17.98 -27.99
C GLY A 802 -43.49 17.75 -27.41
N ILE A 803 -43.43 17.26 -26.17
CA ILE A 803 -42.16 16.99 -25.51
C ILE A 803 -41.42 15.88 -26.23
N LEU A 804 -42.12 14.77 -26.52
CA LEU A 804 -41.49 13.64 -27.20
C LEU A 804 -41.09 14.00 -28.62
N SER A 805 -41.90 14.79 -29.32
CA SER A 805 -41.58 15.17 -30.68
C SER A 805 -40.36 16.09 -30.73
N LYS A 806 -40.30 17.09 -29.86
CA LYS A 806 -39.15 17.99 -29.80
C LYS A 806 -37.88 17.23 -29.41
N ILE A 807 -38.00 16.32 -28.44
CA ILE A 807 -36.87 15.50 -28.02
C ILE A 807 -36.35 14.66 -29.18
N TYR A 808 -37.26 14.06 -29.95
CA TYR A 808 -36.87 13.27 -31.12
C TYR A 808 -36.18 14.13 -32.18
N TYR A 809 -36.82 15.23 -32.58
CA TYR A 809 -36.29 16.04 -33.68
C TYR A 809 -35.00 16.74 -33.30
N TYR A 810 -34.74 16.98 -32.02
CA TYR A 810 -33.53 17.67 -31.62
C TYR A 810 -32.48 16.75 -31.01
N ILE A 811 -32.76 15.45 -30.86
CA ILE A 811 -31.72 14.54 -30.39
C ILE A 811 -31.44 13.46 -31.43
N VAL A 812 -32.46 12.69 -31.81
CA VAL A 812 -32.23 11.47 -32.58
C VAL A 812 -31.81 11.81 -34.00
N ILE A 813 -32.56 12.70 -34.66
CA ILE A 813 -32.25 13.04 -36.06
C ILE A 813 -30.91 13.75 -36.23
N PRO A 814 -30.60 14.85 -35.52
CA PRO A 814 -29.35 15.55 -35.85
C PRO A 814 -28.08 14.82 -35.41
N ALA A 815 -28.14 14.04 -34.33
CA ALA A 815 -26.94 13.34 -33.88
C ALA A 815 -26.63 12.14 -34.76
N PHE A 816 -27.65 11.42 -35.22
CA PHE A 816 -27.42 10.31 -36.13
C PHE A 816 -27.12 10.77 -37.55
N SER A 817 -27.78 11.84 -38.01
CA SER A 817 -27.49 12.35 -39.35
C SER A 817 -26.18 13.11 -39.40
N ARG A 818 -25.72 13.61 -38.25
CA ARG A 818 -24.48 14.39 -38.11
C ARG A 818 -24.47 15.61 -39.03
N GLY A 819 -25.61 16.30 -39.06
CA GLY A 819 -25.73 17.51 -39.87
C GLY A 819 -25.68 17.30 -41.36
N SER A 820 -26.30 16.23 -41.85
CA SER A 820 -26.35 15.94 -43.28
C SER A 820 -27.76 15.98 -43.85
N CYS A 821 -28.76 15.64 -43.04
CA CYS A 821 -30.14 15.70 -43.49
C CYS A 821 -30.61 17.14 -43.62
N CYS A 822 -31.67 17.33 -44.40
CA CYS A 822 -32.21 18.65 -44.68
C CYS A 822 -33.72 18.65 -44.52
N THR A 823 -34.25 19.82 -44.20
CA THR A 823 -35.69 20.04 -44.13
C THR A 823 -36.15 20.83 -45.35
N MET A 824 -37.30 20.46 -45.90
CA MET A 824 -37.79 21.07 -47.11
C MET A 824 -39.31 20.96 -47.17
N GLY A 825 -39.90 21.79 -48.01
CA GLY A 825 -41.32 21.79 -48.23
C GLY A 825 -41.68 21.03 -49.50
N VAL A 826 -42.93 20.58 -49.56
CA VAL A 826 -43.41 19.77 -50.66
C VAL A 826 -44.19 20.65 -51.62
N ARG A 827 -44.47 20.11 -52.80
CA ARG A 827 -45.26 20.77 -53.83
C ARG A 827 -46.50 19.91 -54.04
N TYR A 828 -47.54 20.14 -53.22
CA TYR A 828 -48.75 19.34 -53.30
C TYR A 828 -49.49 19.57 -54.62
N ASP A 829 -49.36 20.76 -55.20
CA ASP A 829 -50.00 21.08 -56.48
C ASP A 829 -49.48 20.22 -57.63
N ARG A 830 -48.30 19.62 -57.49
CA ARG A 830 -47.82 18.63 -58.44
C ARG A 830 -47.78 17.22 -57.85
N LEU A 831 -47.67 17.10 -56.52
CA LEU A 831 -47.60 15.79 -55.88
C LEU A 831 -48.95 15.08 -55.93
N TYR A 832 -50.03 15.79 -55.64
CA TYR A 832 -51.36 15.18 -55.66
C TYR A 832 -51.89 14.81 -57.05
N PRO A 833 -51.70 15.60 -58.12
CA PRO A 833 -52.16 15.11 -59.44
C PRO A 833 -51.39 13.90 -59.96
N ALA A 834 -50.22 13.59 -59.39
CA ALA A 834 -49.52 12.37 -59.78
C ALA A 834 -49.98 11.14 -59.01
N LEU A 835 -50.93 11.29 -58.09
CA LEU A 835 -51.30 10.22 -57.16
C LEU A 835 -52.52 9.41 -57.61
N GLN A 836 -53.32 9.91 -58.53
CA GLN A 836 -54.57 9.25 -58.90
C GLN A 836 -54.37 8.09 -59.87
N ALA A 837 -53.15 7.88 -60.35
CA ALA A 837 -52.87 6.87 -61.37
C ALA A 837 -52.57 5.54 -60.71
N VAL A 838 -53.62 4.82 -60.31
CA VAL A 838 -53.51 3.45 -59.82
C VAL A 838 -53.98 2.52 -60.92
N ILE A 839 -53.19 1.46 -61.17
CA ILE A 839 -53.39 0.61 -62.34
C ILE A 839 -53.70 -0.78 -61.83
N VAL A 840 -54.46 -0.85 -60.73
CA VAL A 840 -54.94 -2.15 -60.26
C VAL A 840 -55.93 -2.72 -61.27
N PRO A 841 -55.97 -4.04 -61.48
CA PRO A 841 -56.84 -4.59 -62.52
C PRO A 841 -58.26 -4.82 -61.99
N GLU A 842 -59.15 -5.15 -62.91
CA GLU A 842 -60.51 -5.58 -62.58
C GLU A 842 -60.46 -7.10 -62.41
N ILE A 843 -60.35 -7.53 -61.16
CA ILE A 843 -60.25 -8.97 -60.86
C ILE A 843 -61.57 -9.64 -61.16
N PRO A 844 -61.59 -10.79 -61.83
CA PRO A 844 -62.84 -11.52 -62.05
C PRO A 844 -63.44 -12.01 -60.75
N ALA A 845 -64.76 -12.15 -60.74
CA ALA A 845 -65.49 -12.51 -59.53
C ALA A 845 -65.16 -13.92 -59.09
N ASP A 846 -65.11 -14.12 -57.76
CA ASP A 846 -64.83 -15.41 -57.12
C ASP A 846 -63.49 -15.98 -57.55
N GLU A 847 -62.45 -15.12 -57.54
CA GLU A 847 -61.10 -15.51 -57.92
C GLU A 847 -60.13 -15.16 -56.81
N GLU A 848 -58.99 -15.84 -56.80
CA GLU A 848 -57.98 -15.59 -55.79
C GLU A 848 -57.26 -14.26 -56.05
N ALA A 849 -56.83 -13.63 -54.97
CA ALA A 849 -56.06 -12.39 -55.08
C ALA A 849 -54.61 -12.72 -55.40
N PRO A 850 -54.06 -12.22 -56.53
CA PRO A 850 -52.67 -12.51 -56.85
C PRO A 850 -51.71 -11.77 -55.92
N THR A 851 -50.61 -12.44 -55.58
CA THR A 851 -49.58 -11.88 -54.70
C THR A 851 -48.21 -11.81 -55.36
N THR A 852 -47.82 -12.84 -56.11
CA THR A 852 -46.54 -12.81 -56.79
C THR A 852 -46.60 -11.90 -58.01
N PRO A 853 -45.52 -11.19 -58.31
CA PRO A 853 -45.50 -10.29 -59.47
C PRO A 853 -45.19 -10.96 -60.81
N GLU A 854 -45.19 -12.28 -60.88
CA GLU A 854 -44.90 -12.96 -62.14
C GLU A 854 -46.12 -13.07 -63.03
N ASP A 855 -47.31 -13.19 -62.45
CA ASP A 855 -48.50 -13.28 -63.28
C ASP A 855 -48.92 -11.89 -63.77
N PRO A 856 -49.56 -11.80 -64.94
CA PRO A 856 -50.05 -10.49 -65.41
C PRO A 856 -51.16 -9.90 -64.55
N ARG A 857 -51.84 -10.72 -63.75
CA ARG A 857 -52.91 -10.22 -62.89
C ARG A 857 -52.40 -9.35 -61.75
N HIS A 858 -51.11 -9.47 -61.40
CA HIS A 858 -50.55 -8.61 -60.38
C HIS A 858 -50.43 -7.18 -60.90
N PRO A 859 -50.69 -6.17 -60.05
CA PRO A 859 -50.56 -4.77 -60.52
C PRO A 859 -49.12 -4.36 -60.80
N LEU A 860 -48.12 -5.07 -60.28
CA LEU A 860 -46.73 -4.73 -60.48
C LEU A 860 -46.10 -5.49 -61.65
N HIS A 861 -46.91 -6.18 -62.44
CA HIS A 861 -46.40 -6.85 -63.63
C HIS A 861 -46.07 -5.82 -64.71
N ALA A 862 -45.16 -6.22 -65.62
CA ALA A 862 -44.71 -5.30 -66.66
C ALA A 862 -45.81 -5.06 -67.71
N HIS A 863 -46.77 -5.99 -67.83
CA HIS A 863 -47.86 -5.79 -68.78
C HIS A 863 -48.81 -4.69 -68.32
N GLN A 864 -49.06 -4.61 -67.01
CA GLN A 864 -49.96 -3.62 -66.43
C GLN A 864 -49.23 -2.39 -65.91
N LEU A 865 -48.09 -2.06 -66.53
CA LEU A 865 -47.26 -0.93 -66.10
C LEU A 865 -47.29 0.12 -67.20
N VAL A 866 -48.04 1.19 -66.95
CA VAL A 866 -48.04 2.36 -67.84
C VAL A 866 -47.13 3.39 -67.20
N PRO A 867 -46.36 4.16 -67.99
CA PRO A 867 -45.54 5.23 -67.40
C PRO A 867 -46.39 6.34 -66.79
N ASN A 868 -45.75 7.10 -65.90
CA ASN A 868 -46.38 8.17 -65.11
C ASN A 868 -47.56 7.64 -64.31
N SER A 869 -47.32 6.52 -63.62
CA SER A 869 -48.32 5.91 -62.76
C SER A 869 -47.61 5.40 -61.51
N LEU A 870 -48.41 5.07 -60.49
CA LEU A 870 -47.86 4.63 -59.21
C LEU A 870 -47.12 3.31 -59.32
N ASN A 871 -47.47 2.46 -60.30
CA ASN A 871 -46.87 1.14 -60.37
C ASN A 871 -45.41 1.20 -60.81
N VAL A 872 -45.08 2.08 -61.75
CA VAL A 872 -43.67 2.21 -62.16
C VAL A 872 -42.84 2.87 -61.05
N TYR A 873 -43.45 3.74 -60.25
CA TYR A 873 -42.72 4.35 -59.14
C TYR A 873 -42.51 3.34 -58.01
N PHE A 874 -43.45 2.39 -57.84
CA PHE A 874 -43.22 1.31 -56.89
C PHE A 874 -42.19 0.31 -57.41
N HIS A 875 -42.17 0.07 -58.72
CA HIS A 875 -41.24 -0.90 -59.29
C HIS A 875 -39.82 -0.35 -59.37
N ASN A 876 -39.67 0.98 -59.46
CA ASN A 876 -38.34 1.57 -59.41
C ASN A 876 -37.71 1.35 -58.03
N ALA A 877 -38.54 1.30 -56.99
CA ALA A 877 -38.10 0.89 -55.66
C ALA A 877 -38.04 -0.62 -55.50
N HIS A 878 -38.66 -1.36 -56.44
CA HIS A 878 -38.75 -2.83 -56.41
C HIS A 878 -39.35 -3.35 -55.10
N LEU A 879 -40.49 -2.78 -54.73
CA LEU A 879 -41.25 -3.23 -53.57
C LEU A 879 -42.50 -3.97 -54.03
N THR A 880 -43.03 -4.81 -53.15
CA THR A 880 -44.15 -5.68 -53.45
C THR A 880 -45.40 -5.19 -52.73
N VAL A 881 -46.41 -4.76 -53.49
CA VAL A 881 -47.70 -4.35 -52.96
C VAL A 881 -48.79 -5.01 -53.78
N ASP A 882 -49.96 -5.16 -53.16
CA ASP A 882 -51.08 -5.86 -53.76
C ASP A 882 -52.08 -4.89 -54.38
N GLY A 883 -53.17 -5.45 -54.89
CA GLY A 883 -54.21 -4.64 -55.52
C GLY A 883 -54.92 -3.74 -54.53
N ASP A 884 -55.28 -4.30 -53.37
CA ASP A 884 -55.94 -3.49 -52.35
C ASP A 884 -54.97 -2.48 -51.74
N ALA A 885 -53.66 -2.77 -51.80
CA ALA A 885 -52.66 -1.84 -51.30
C ALA A 885 -52.66 -0.54 -52.09
N LEU A 886 -52.81 -0.62 -53.41
CA LEU A 886 -52.96 0.60 -54.20
C LEU A 886 -54.40 1.07 -54.25
N LEU A 887 -55.36 0.21 -53.89
CA LEU A 887 -56.75 0.64 -53.80
C LEU A 887 -57.03 1.45 -52.55
N THR A 888 -56.16 1.38 -51.54
CA THR A 888 -56.31 2.23 -50.36
C THR A 888 -56.00 3.70 -50.66
N LEU A 889 -55.46 4.01 -51.84
CA LEU A 889 -55.21 5.40 -52.21
C LEU A 889 -56.51 6.19 -52.33
N GLN A 890 -57.58 5.56 -52.84
CA GLN A 890 -58.82 6.30 -53.10
C GLN A 890 -59.56 6.64 -51.80
N GLU A 891 -59.29 5.91 -50.71
CA GLU A 891 -59.82 6.30 -49.42
C GLU A 891 -58.82 7.03 -48.56
N LEU A 892 -57.52 6.98 -48.91
CA LEU A 892 -56.55 7.88 -48.31
C LEU A 892 -56.74 9.30 -48.82
N MET A 893 -57.28 9.43 -50.03
CA MET A 893 -57.55 10.74 -50.64
C MET A 893 -58.59 11.55 -49.88
N GLY A 894 -59.37 10.94 -48.99
CA GLY A 894 -60.45 11.65 -48.31
C GLY A 894 -59.97 12.80 -47.46
N ASP A 895 -58.80 12.67 -46.85
CA ASP A 895 -58.15 13.81 -46.21
C ASP A 895 -57.09 14.39 -47.13
N MET A 896 -57.13 15.71 -47.29
CA MET A 896 -56.19 16.41 -48.16
C MET A 896 -55.25 17.25 -47.32
N ALA A 897 -54.11 17.56 -47.91
CA ALA A 897 -53.14 18.49 -47.35
C ALA A 897 -52.89 19.57 -48.38
N GLU A 898 -53.06 20.84 -47.97
CA GLU A 898 -53.19 21.92 -48.94
C GLU A 898 -51.84 22.29 -49.54
N ARG A 899 -50.94 22.83 -48.70
CA ARG A 899 -49.60 23.26 -49.09
C ARG A 899 -48.83 23.57 -47.83
N THR A 900 -47.51 23.49 -47.93
CA THR A 900 -46.67 23.82 -46.79
C THR A 900 -46.55 25.34 -46.65
N THR A 901 -46.47 25.80 -45.41
CA THR A 901 -46.37 27.22 -45.12
C THR A 901 -45.33 27.43 -44.02
N ALA A 902 -44.81 28.65 -43.95
CA ALA A 902 -43.74 28.99 -43.04
C ALA A 902 -44.28 29.75 -41.84
N ILE A 903 -43.97 29.27 -40.63
CA ILE A 903 -44.41 29.88 -39.39
C ILE A 903 -43.18 30.38 -38.64
N LEU A 904 -43.14 31.68 -38.37
CA LEU A 904 -42.11 32.30 -37.54
C LEU A 904 -42.78 32.75 -36.24
N VAL A 905 -42.41 32.13 -35.14
CA VAL A 905 -42.97 32.43 -33.83
C VAL A 905 -41.94 33.22 -33.03
N SER A 906 -42.43 34.01 -32.08
CA SER A 906 -41.57 34.77 -31.19
C SER A 906 -42.23 34.93 -29.84
N SER A 907 -41.41 35.10 -28.81
CA SER A 907 -41.89 35.27 -27.45
C SER A 907 -40.86 36.05 -26.64
N ALA A 908 -41.31 36.54 -25.50
CA ALA A 908 -40.44 37.19 -24.53
C ALA A 908 -39.52 36.15 -23.89
N PRO A 909 -38.39 36.59 -23.31
CA PRO A 909 -37.58 35.65 -22.52
C PRO A 909 -38.31 35.18 -21.28
N ASP A 910 -37.84 34.06 -20.74
CA ASP A 910 -38.55 33.35 -19.69
C ASP A 910 -38.58 34.15 -18.39
N ALA A 911 -39.57 33.83 -17.55
CA ALA A 911 -39.81 34.57 -16.31
C ALA A 911 -38.68 34.42 -15.31
N GLY A 912 -37.84 33.38 -15.44
CA GLY A 912 -36.65 33.30 -14.63
C GLY A 912 -35.64 34.38 -14.96
N ALA A 913 -35.63 34.85 -16.21
CA ALA A 913 -34.70 35.89 -16.65
C ALA A 913 -35.44 37.04 -17.32
N ALA A 914 -36.69 37.27 -16.95
CA ALA A 914 -37.46 38.39 -17.46
C ALA A 914 -37.32 39.56 -16.49
N THR A 915 -36.61 40.60 -16.92
CA THR A 915 -36.48 41.82 -16.12
C THR A 915 -36.92 43.02 -16.95
N ALA A 916 -36.68 44.23 -16.43
CA ALA A 916 -37.16 45.43 -17.11
C ALA A 916 -36.41 45.69 -18.41
N THR A 917 -35.20 45.15 -18.56
CA THR A 917 -34.42 45.41 -19.76
C THR A 917 -34.29 44.22 -20.70
N THR A 918 -34.53 42.99 -20.22
CA THR A 918 -34.50 41.84 -21.12
C THR A 918 -35.79 41.70 -21.92
N ARG A 919 -36.87 42.37 -21.49
CA ARG A 919 -38.14 42.23 -22.18
C ARG A 919 -38.14 42.97 -23.51
N ASN A 920 -37.18 43.88 -23.71
CA ASN A 920 -37.05 44.57 -24.99
C ASN A 920 -36.61 43.61 -26.09
N MET A 921 -35.70 42.69 -25.78
CA MET A 921 -35.18 41.75 -26.77
C MET A 921 -35.94 40.44 -26.68
N ARG A 922 -36.48 39.98 -27.81
CA ARG A 922 -37.24 38.75 -27.90
C ARG A 922 -36.45 37.70 -28.66
N ILE A 923 -36.95 36.47 -28.61
CA ILE A 923 -36.34 35.34 -29.31
C ILE A 923 -37.18 35.01 -30.53
N TYR A 924 -36.52 34.80 -31.67
CA TYR A 924 -37.20 34.57 -32.93
C TYR A 924 -36.74 33.27 -33.56
N ASP A 925 -37.68 32.34 -33.71
CA ASP A 925 -37.40 31.04 -34.30
C ASP A 925 -38.54 30.68 -35.23
N GLY A 926 -38.25 29.85 -36.23
CA GLY A 926 -39.19 29.52 -37.27
C GLY A 926 -39.43 28.03 -37.41
N ALA A 927 -40.49 27.68 -38.14
CA ALA A 927 -40.89 26.31 -38.34
C ALA A 927 -41.62 26.17 -39.66
N LEU A 928 -41.77 24.92 -40.10
CA LEU A 928 -42.40 24.59 -41.36
C LEU A 928 -43.64 23.76 -41.09
N TYR A 929 -44.82 24.34 -41.31
CA TYR A 929 -46.05 23.56 -41.25
C TYR A 929 -46.19 22.78 -42.55
N HIS A 930 -46.55 21.49 -42.41
CA HIS A 930 -46.62 20.53 -43.53
C HIS A 930 -45.29 20.41 -44.27
N GLY A 931 -44.17 20.58 -43.55
CA GLY A 931 -42.86 20.38 -44.13
C GLY A 931 -42.41 18.93 -44.01
N LEU A 932 -41.29 18.63 -44.65
CA LEU A 932 -40.77 17.27 -44.67
C LEU A 932 -39.25 17.30 -44.55
N ILE A 933 -38.68 16.15 -44.21
CA ILE A 933 -37.24 15.99 -44.09
C ILE A 933 -36.83 14.75 -44.87
N MET A 934 -35.84 14.89 -45.75
CA MET A 934 -35.21 13.73 -46.38
C MET A 934 -33.78 13.61 -45.86
N MET A 935 -33.38 12.37 -45.57
CA MET A 935 -32.16 12.13 -44.80
C MET A 935 -30.91 12.29 -45.67
N ALA A 936 -30.96 11.86 -46.92
CA ALA A 936 -29.78 11.91 -47.78
C ALA A 936 -30.15 12.56 -49.11
N TYR A 937 -29.21 13.34 -49.65
CA TYR A 937 -29.43 14.01 -50.93
C TYR A 937 -28.91 13.14 -52.07
N GLN A 938 -29.72 12.99 -53.10
CA GLN A 938 -29.32 12.30 -54.33
C GLN A 938 -29.37 13.30 -55.48
N ALA A 939 -28.42 13.19 -56.40
CA ALA A 939 -28.34 14.08 -57.55
C ALA A 939 -28.27 13.35 -58.88
N TYR A 940 -27.85 12.10 -58.89
CA TYR A 940 -27.69 11.31 -60.10
C TYR A 940 -28.85 10.35 -60.32
N ASP A 941 -29.94 10.51 -59.57
CA ASP A 941 -31.16 9.73 -59.78
C ASP A 941 -31.96 10.42 -60.88
N GLU A 942 -31.81 9.93 -62.11
CA GLU A 942 -32.43 10.57 -63.27
C GLU A 942 -33.79 9.98 -63.61
N THR A 943 -34.30 9.03 -62.82
CA THR A 943 -35.66 8.55 -63.04
C THR A 943 -36.69 9.59 -62.63
N ILE A 944 -36.39 10.39 -61.62
CA ILE A 944 -37.26 11.45 -61.13
C ILE A 944 -36.54 12.77 -61.33
N ALA A 945 -37.26 13.77 -61.86
CA ALA A 945 -36.68 15.09 -62.07
C ALA A 945 -36.29 15.73 -60.75
N THR A 946 -35.22 16.52 -60.77
CA THR A 946 -34.70 17.10 -59.55
C THR A 946 -35.59 18.26 -59.10
N GLY A 947 -36.12 18.13 -57.88
CA GLY A 947 -36.97 19.17 -57.32
C GLY A 947 -38.31 19.32 -58.01
N THR A 948 -38.95 18.21 -58.40
CA THR A 948 -40.29 18.30 -58.97
C THR A 948 -41.36 18.04 -57.90
N PHE A 949 -40.94 17.53 -56.74
CA PHE A 949 -41.83 17.38 -55.59
C PHE A 949 -41.45 18.26 -54.40
N PHE A 950 -40.16 18.47 -54.17
CA PHE A 950 -39.67 19.23 -53.03
C PHE A 950 -38.87 20.44 -53.49
N TYR A 951 -38.90 21.50 -52.69
CA TYR A 951 -37.96 22.61 -52.83
C TYR A 951 -37.31 22.82 -51.47
N PRO A 952 -35.99 22.98 -51.42
CA PRO A 952 -35.29 23.08 -50.12
C PRO A 952 -35.56 24.41 -49.45
N VAL A 953 -36.14 24.34 -48.25
CA VAL A 953 -36.42 25.52 -47.42
C VAL A 953 -35.84 25.28 -46.02
N PRO A 954 -34.51 25.29 -45.89
CA PRO A 954 -33.90 24.89 -44.62
C PRO A 954 -33.83 26.04 -43.63
N VAL A 955 -34.52 25.91 -42.51
CA VAL A 955 -34.37 26.83 -41.39
C VAL A 955 -34.12 26.01 -40.11
N ASN A 956 -32.84 25.72 -39.86
CA ASN A 956 -32.25 25.20 -38.62
C ASN A 956 -30.75 25.23 -38.84
N PRO A 957 -29.95 25.68 -37.87
CA PRO A 957 -28.50 25.43 -37.95
C PRO A 957 -28.16 23.94 -37.96
N LEU A 958 -28.96 23.12 -37.28
CA LEU A 958 -28.72 21.68 -37.25
C LEU A 958 -28.97 21.04 -38.61
N PHE A 959 -30.03 21.46 -39.30
CA PHE A 959 -30.41 20.87 -40.57
C PHE A 959 -29.93 21.69 -41.75
N ALA A 960 -28.74 22.30 -41.66
CA ALA A 960 -28.16 23.00 -42.79
C ALA A 960 -27.78 22.01 -43.88
N CYS A 961 -28.22 22.29 -45.10
CA CYS A 961 -28.10 21.37 -46.23
C CYS A 961 -27.48 22.07 -47.44
N PRO A 962 -26.15 22.18 -47.46
CA PRO A 962 -25.50 22.83 -48.63
C PRO A 962 -25.62 22.02 -49.91
N GLU A 963 -25.74 20.70 -49.82
CA GLU A 963 -25.83 19.88 -51.02
C GLU A 963 -27.27 19.77 -51.53
N HIS A 964 -28.26 19.97 -50.65
CA HIS A 964 -29.65 19.86 -51.07
C HIS A 964 -30.13 21.09 -51.83
N LEU A 965 -29.32 22.15 -51.89
CA LEU A 965 -29.76 23.40 -52.50
C LEU A 965 -29.84 23.33 -54.02
N ALA A 966 -29.30 22.28 -54.64
CA ALA A 966 -29.45 22.10 -56.08
C ALA A 966 -30.87 21.71 -56.46
N SER A 967 -31.68 21.27 -55.49
CA SER A 967 -33.08 20.96 -55.75
C SER A 967 -33.89 22.21 -56.06
N LEU A 968 -33.48 23.36 -55.55
CA LEU A 968 -34.13 24.63 -55.86
C LEU A 968 -33.67 25.12 -57.22
N ARG A 969 -34.58 25.73 -57.97
CA ARG A 969 -34.28 26.25 -59.30
C ARG A 969 -33.35 27.46 -59.20
N GLY A 970 -32.68 27.74 -60.32
CA GLY A 970 -31.70 28.81 -60.35
C GLY A 970 -30.46 28.54 -59.52
N MET A 971 -29.97 27.31 -59.55
CA MET A 971 -28.81 26.91 -58.77
C MET A 971 -27.54 27.10 -59.60
N THR A 972 -26.55 27.75 -59.01
CA THR A 972 -25.29 28.05 -59.68
C THR A 972 -24.11 27.59 -58.84
N ASN A 973 -22.90 27.91 -59.30
CA ASN A 973 -21.69 27.60 -58.54
C ASN A 973 -21.48 28.59 -57.40
N ALA A 974 -21.95 29.84 -57.56
CA ALA A 974 -21.73 30.86 -56.56
C ALA A 974 -22.48 30.55 -55.27
N ARG A 975 -23.73 30.11 -55.38
CA ARG A 975 -24.51 29.76 -54.20
C ARG A 975 -23.91 28.56 -53.46
N ARG A 976 -23.36 27.60 -54.20
CA ARG A 976 -22.78 26.41 -53.58
C ARG A 976 -21.47 26.75 -52.89
N VAL A 977 -20.61 27.54 -53.54
CA VAL A 977 -19.33 27.90 -52.95
C VAL A 977 -19.52 28.90 -51.81
N LEU A 978 -20.65 29.59 -51.77
CA LEU A 978 -20.91 30.53 -50.67
C LEU A 978 -21.64 29.83 -49.53
N ALA A 979 -22.38 28.76 -49.82
CA ALA A 979 -23.10 28.02 -48.79
C ALA A 979 -22.33 26.85 -48.23
N LYS A 980 -21.19 26.49 -48.83
CA LYS A 980 -20.34 25.47 -48.23
C LYS A 980 -19.69 25.95 -46.94
N MET A 981 -19.61 27.27 -46.72
CA MET A 981 -19.06 27.80 -45.48
C MET A 981 -20.11 28.45 -44.58
N VAL A 982 -21.19 28.99 -45.14
CA VAL A 982 -22.21 29.70 -44.37
C VAL A 982 -23.53 28.98 -44.58
N PRO A 983 -24.23 28.58 -43.52
CA PRO A 983 -25.48 27.83 -43.68
C PRO A 983 -26.59 28.70 -44.24
N PRO A 984 -27.39 28.18 -45.18
CA PRO A 984 -28.51 28.94 -45.74
C PRO A 984 -29.72 28.93 -44.81
N ILE A 985 -30.05 30.10 -44.25
CA ILE A 985 -31.17 30.27 -43.36
C ILE A 985 -31.97 31.48 -43.83
N PRO A 986 -33.29 31.36 -44.04
CA PRO A 986 -34.05 32.52 -44.49
C PRO A 986 -34.16 33.55 -43.38
N PRO A 987 -34.18 34.85 -43.73
CA PRO A 987 -34.31 35.88 -42.69
C PRO A 987 -35.71 35.95 -42.11
N PHE A 988 -36.74 35.58 -42.88
CA PHE A 988 -38.12 35.67 -42.42
C PHE A 988 -38.53 34.51 -41.53
N LEU A 989 -37.64 33.54 -41.32
CA LEU A 989 -37.94 32.41 -40.45
C LEU A 989 -36.97 32.34 -39.27
N GLY A 990 -36.32 33.45 -38.94
CA GLY A 990 -35.46 33.50 -37.77
C GLY A 990 -33.99 33.66 -38.08
N ALA A 991 -33.37 34.71 -37.55
CA ALA A 991 -31.94 34.89 -37.69
C ALA A 991 -31.19 33.97 -36.72
N ASN A 992 -29.93 33.71 -37.04
CA ASN A 992 -29.13 32.78 -36.24
C ASN A 992 -28.86 33.33 -34.85
N HIS A 993 -28.59 34.64 -34.77
CA HIS A 993 -28.41 35.28 -33.46
C HIS A 993 -29.71 35.35 -32.68
N HIS A 994 -30.85 35.41 -33.35
CA HIS A 994 -32.14 35.51 -32.69
C HIS A 994 -32.80 34.15 -32.44
N ALA A 995 -32.23 33.07 -32.94
CA ALA A 995 -32.82 31.75 -32.76
C ALA A 995 -32.33 31.09 -31.47
N THR A 996 -33.09 30.11 -31.02
CA THR A 996 -32.65 29.29 -29.88
C THR A 996 -31.48 28.40 -30.28
N ILE A 997 -31.67 27.60 -31.32
CA ILE A 997 -30.59 26.78 -31.85
C ILE A 997 -29.66 27.66 -32.66
N ARG A 998 -28.37 27.64 -32.32
CA ARG A 998 -27.40 28.55 -32.91
C ARG A 998 -26.30 27.77 -33.63
N GLN A 999 -25.29 28.50 -34.09
CA GLN A 999 -24.15 27.90 -34.75
C GLN A 999 -23.32 26.95 -33.89
N PRO A 1000 -22.94 27.26 -32.62
CA PRO A 1000 -22.04 26.32 -31.89
C PRO A 1000 -22.60 24.92 -31.65
N VAL A 1001 -23.90 24.77 -31.41
CA VAL A 1001 -24.45 23.43 -31.21
C VAL A 1001 -24.43 22.64 -32.51
N ALA A 1002 -24.67 23.32 -33.64
CA ALA A 1002 -24.57 22.68 -34.95
C ALA A 1002 -23.13 22.27 -35.25
N TYR A 1003 -22.17 23.12 -34.90
CA TYR A 1003 -20.77 22.78 -35.12
C TYR A 1003 -20.34 21.64 -34.21
N HIS A 1004 -20.89 21.59 -32.99
CA HIS A 1004 -20.60 20.49 -32.07
C HIS A 1004 -21.14 19.17 -32.60
N VAL A 1005 -22.37 19.18 -33.13
CA VAL A 1005 -22.96 17.93 -33.58
C VAL A 1005 -22.36 17.50 -34.92
N THR A 1006 -21.83 18.44 -35.71
CA THR A 1006 -21.27 18.05 -37.00
C THR A 1006 -19.79 17.71 -36.94
N HIS A 1007 -19.11 17.96 -35.82
CA HIS A 1007 -17.67 17.74 -35.75
C HIS A 1007 -17.27 16.87 -34.56
N SER A 1008 -18.19 16.08 -34.02
CA SER A 1008 -17.91 15.19 -32.90
C SER A 1008 -17.85 13.76 -33.41
N LYS A 1009 -16.75 13.05 -33.13
CA LYS A 1009 -16.61 11.64 -33.46
C LYS A 1009 -16.14 10.90 -32.21
N SER A 1010 -17.10 10.56 -31.35
CA SER A 1010 -16.84 9.68 -30.21
C SER A 1010 -17.71 8.44 -30.25
N ASP A 1011 -19.02 8.62 -30.33
CA ASP A 1011 -20.02 7.55 -30.28
C ASP A 1011 -21.34 8.17 -30.72
N PHE A 1012 -22.43 7.41 -30.62
CA PHE A 1012 -23.77 7.92 -30.84
C PHE A 1012 -24.55 8.09 -29.55
N ASN A 1013 -24.39 7.17 -28.59
CA ASN A 1013 -25.02 7.32 -27.29
C ASN A 1013 -24.46 8.53 -26.55
N THR A 1014 -23.13 8.63 -26.52
CA THR A 1014 -22.47 9.76 -25.85
C THR A 1014 -22.78 11.08 -26.55
N LEU A 1015 -22.87 11.06 -27.88
CA LEU A 1015 -23.23 12.27 -28.61
C LEU A 1015 -24.66 12.71 -28.31
N THR A 1016 -25.60 11.76 -28.24
CA THR A 1016 -26.98 12.10 -27.92
C THR A 1016 -27.11 12.62 -26.49
N TYR A 1017 -26.39 12.01 -25.54
CA TYR A 1017 -26.45 12.48 -24.17
C TYR A 1017 -25.76 13.83 -24.02
N SER A 1018 -24.72 14.08 -24.82
CA SER A 1018 -24.08 15.40 -24.84
C SER A 1018 -25.03 16.46 -25.39
N LEU A 1019 -25.79 16.10 -26.43
CA LEU A 1019 -26.79 17.03 -26.96
C LEU A 1019 -27.89 17.29 -25.96
N LEU A 1020 -28.27 16.26 -25.20
CA LEU A 1020 -29.26 16.44 -24.13
C LEU A 1020 -28.73 17.36 -23.03
N GLY A 1021 -27.47 17.16 -22.63
CA GLY A 1021 -26.88 18.01 -21.61
C GLY A 1021 -26.65 19.43 -22.07
N GLY A 1022 -26.48 19.62 -23.38
CA GLY A 1022 -26.47 20.98 -23.92
C GLY A 1022 -27.84 21.64 -23.82
N TYR A 1023 -28.89 20.86 -24.01
CA TYR A 1023 -30.25 21.42 -24.07
C TYR A 1023 -30.78 21.65 -22.65
N PHE A 1024 -30.35 22.77 -22.09
CA PHE A 1024 -30.82 23.23 -20.78
C PHE A 1024 -30.87 24.74 -20.79
N LYS A 1025 -31.81 25.31 -20.05
CA LYS A 1025 -31.90 26.76 -19.93
C LYS A 1025 -30.76 27.28 -19.05
N PHE A 1026 -30.45 28.57 -19.20
CA PHE A 1026 -29.38 29.18 -18.46
C PHE A 1026 -29.93 30.29 -17.52
N THR A 1027 -31.22 30.26 -17.25
CA THR A 1027 -31.84 31.19 -16.32
C THR A 1027 -31.38 30.86 -14.89
N PRO A 1028 -31.47 31.84 -13.96
CA PRO A 1028 -31.07 31.54 -12.57
C PRO A 1028 -31.84 30.40 -11.93
N ILE A 1029 -33.12 30.27 -12.24
CA ILE A 1029 -33.92 29.12 -11.80
C ILE A 1029 -33.33 27.83 -12.37
N SER A 1030 -32.98 27.84 -13.65
CA SER A 1030 -32.43 26.65 -14.28
C SER A 1030 -31.07 26.28 -13.72
N LEU A 1031 -30.15 27.25 -13.61
CA LEU A 1031 -28.81 26.95 -13.10
C LEU A 1031 -28.87 26.49 -11.65
N THR A 1032 -29.79 27.05 -10.86
CA THR A 1032 -30.06 26.54 -9.52
C THR A 1032 -30.51 25.08 -9.58
N HIS A 1033 -31.36 24.74 -10.55
CA HIS A 1033 -31.80 23.36 -10.71
C HIS A 1033 -30.64 22.42 -11.02
N GLN A 1034 -29.76 22.80 -11.96
CA GLN A 1034 -28.69 21.88 -12.32
C GLN A 1034 -27.64 21.78 -11.21
N LEU A 1035 -27.41 22.86 -10.46
CA LEU A 1035 -26.42 22.75 -9.40
C LEU A 1035 -26.94 21.96 -8.22
N ARG A 1036 -28.20 22.16 -7.82
CA ARG A 1036 -28.70 21.40 -6.67
C ARG A 1036 -29.07 19.98 -7.07
N THR A 1037 -29.24 19.73 -8.36
CA THR A 1037 -29.31 18.36 -8.86
C THR A 1037 -27.95 17.68 -8.74
N GLY A 1038 -26.91 18.34 -9.23
CA GLY A 1038 -25.58 17.74 -9.30
C GLY A 1038 -25.00 17.84 -10.69
N PHE A 1039 -25.78 18.41 -11.62
CA PHE A 1039 -25.30 18.59 -12.99
C PHE A 1039 -24.26 19.70 -13.05
N HIS A 1040 -23.30 19.53 -13.96
CA HIS A 1040 -22.21 20.48 -14.13
C HIS A 1040 -22.44 21.31 -15.39
N PRO A 1041 -22.73 22.60 -15.27
CA PRO A 1041 -22.81 23.45 -16.47
C PRO A 1041 -21.42 23.74 -17.02
N GLY A 1042 -21.40 24.29 -18.22
CA GLY A 1042 -20.16 24.57 -18.90
C GLY A 1042 -19.51 25.89 -18.52
N ILE A 1043 -19.51 26.21 -17.23
CA ILE A 1043 -18.92 27.46 -16.75
C ILE A 1043 -17.93 27.11 -15.64
N ALA A 1044 -16.71 27.63 -15.77
CA ALA A 1044 -15.67 27.45 -14.77
C ALA A 1044 -15.69 28.64 -13.82
N PHE A 1045 -15.09 28.47 -12.65
CA PHE A 1045 -15.09 29.53 -11.65
C PHE A 1045 -13.75 29.60 -10.93
N THR A 1046 -13.59 30.72 -10.21
CA THR A 1046 -12.62 30.85 -9.13
C THR A 1046 -13.33 31.47 -7.94
N VAL A 1047 -12.77 31.28 -6.76
CA VAL A 1047 -13.24 31.97 -5.56
C VAL A 1047 -12.08 32.74 -4.97
N VAL A 1048 -12.37 33.94 -4.47
CA VAL A 1048 -11.37 34.82 -3.90
C VAL A 1048 -11.64 34.97 -2.41
N ARG A 1049 -10.57 34.98 -1.62
CA ARG A 1049 -10.71 34.84 -0.19
C ARG A 1049 -9.73 35.77 0.50
N GLN A 1050 -10.24 36.84 1.10
CA GLN A 1050 -9.43 37.82 1.79
C GLN A 1050 -9.15 37.31 3.21
N ASP A 1051 -7.88 37.26 3.58
CA ASP A 1051 -7.45 36.67 4.84
C ASP A 1051 -6.56 37.64 5.58
N ARG A 1052 -6.58 37.55 6.91
CA ARG A 1052 -5.75 38.37 7.79
C ARG A 1052 -4.93 37.46 8.68
N PHE A 1053 -3.72 37.89 9.03
CA PHE A 1053 -2.84 37.12 9.89
C PHE A 1053 -2.13 38.02 10.88
N ALA A 1054 -1.81 37.49 12.04
CA ALA A 1054 -0.97 38.19 13.00
C ALA A 1054 0.45 38.27 12.46
N THR A 1055 1.11 39.40 12.68
CA THR A 1055 2.46 39.62 12.18
C THR A 1055 3.40 40.00 13.30
N GLU A 1056 4.54 39.33 13.34
CA GLU A 1056 5.68 39.77 14.12
C GLU A 1056 6.65 40.48 13.19
N GLN A 1057 7.13 41.64 13.62
CA GLN A 1057 8.02 42.43 12.79
C GLN A 1057 9.42 42.44 13.37
N LEU A 1058 10.40 42.43 12.48
CA LEU A 1058 11.81 42.38 12.83
C LEU A 1058 12.45 43.69 12.41
N LEU A 1059 13.12 44.36 13.34
CA LEU A 1059 13.71 45.66 13.05
C LEU A 1059 15.13 45.76 13.60
N TYR A 1060 16.04 46.16 12.72
CA TYR A 1060 17.35 46.70 13.06
C TYR A 1060 17.42 48.14 12.57
N ALA A 1061 17.86 49.07 13.43
CA ALA A 1061 17.77 50.48 13.08
C ALA A 1061 19.10 51.05 12.60
N GLU A 1062 20.04 51.34 13.50
CA GLU A 1062 21.46 51.74 13.34
C GLU A 1062 22.03 52.12 14.70
N ARG A 1063 23.32 52.46 14.73
CA ARG A 1063 23.85 53.12 15.91
C ARG A 1063 23.56 54.61 15.93
N ALA A 1064 24.16 55.37 15.02
CA ALA A 1064 24.04 56.83 15.08
C ALA A 1064 22.95 57.30 14.13
N SER A 1065 21.71 56.94 14.49
CA SER A 1065 20.59 57.26 13.63
C SER A 1065 19.79 58.48 14.08
N GLU A 1066 19.75 58.75 15.39
CA GLU A 1066 18.93 59.84 15.90
C GLU A 1066 19.73 60.73 16.83
N SER A 1067 19.57 62.03 16.67
CA SER A 1067 20.00 63.01 17.66
C SER A 1067 18.76 63.50 18.37
N TYR A 1068 18.75 63.39 19.70
CA TYR A 1068 17.51 63.42 20.46
C TYR A 1068 17.67 64.46 21.56
N PHE A 1069 17.17 65.68 21.31
CA PHE A 1069 17.32 66.79 22.24
C PHE A 1069 16.25 66.69 23.32
N VAL A 1070 16.61 67.06 24.54
CA VAL A 1070 15.67 67.16 25.65
C VAL A 1070 15.59 68.61 26.08
N GLY A 1071 14.40 69.03 26.47
CA GLY A 1071 14.20 70.34 27.04
C GLY A 1071 14.27 70.32 28.55
N GLN A 1072 13.62 71.30 29.17
CA GLN A 1072 13.56 71.40 30.61
C GLN A 1072 12.13 71.14 31.07
N ILE A 1073 11.99 70.44 32.20
CA ILE A 1073 10.67 70.11 32.72
C ILE A 1073 10.00 71.36 33.27
N GLN A 1074 8.70 71.48 33.01
CA GLN A 1074 7.93 72.63 33.48
C GLN A 1074 6.61 72.13 34.04
N VAL A 1075 6.19 72.76 35.14
CA VAL A 1075 5.02 72.33 35.90
C VAL A 1075 3.83 73.19 35.52
N HIS A 1076 2.63 72.74 35.91
CA HIS A 1076 1.39 73.48 35.73
C HIS A 1076 0.41 73.01 36.78
N HIS A 1077 0.12 73.87 37.74
CA HIS A 1077 -0.89 73.56 38.76
C HIS A 1077 -2.24 74.07 38.30
N HIS A 1078 -3.23 73.17 38.31
CA HIS A 1078 -4.56 73.47 37.81
C HIS A 1078 -5.57 72.98 38.83
N ASP A 1079 -6.56 73.81 39.14
CA ASP A 1079 -7.55 73.46 40.14
C ASP A 1079 -8.49 72.38 39.61
N ALA A 1080 -8.99 71.56 40.53
CA ALA A 1080 -9.77 70.39 40.17
C ALA A 1080 -11.02 70.35 41.05
N ILE A 1081 -11.73 69.22 41.00
CA ILE A 1081 -12.99 69.08 41.72
C ILE A 1081 -12.76 69.04 43.23
N GLY A 1082 -11.84 68.19 43.68
CA GLY A 1082 -11.56 68.07 45.09
C GLY A 1082 -10.26 68.74 45.47
N GLY A 1083 -9.23 68.56 44.65
CA GLY A 1083 -7.93 69.15 44.93
C GLY A 1083 -7.38 69.92 43.77
N VAL A 1084 -6.10 69.73 43.47
CA VAL A 1084 -5.45 70.39 42.35
C VAL A 1084 -4.82 69.34 41.44
N ASN A 1085 -4.64 69.72 40.18
CA ASN A 1085 -4.03 68.85 39.19
C ASN A 1085 -2.69 69.45 38.75
N PHE A 1086 -1.63 68.66 38.87
CA PHE A 1086 -0.31 69.07 38.38
C PHE A 1086 -0.11 68.51 36.98
N THR A 1087 0.18 69.38 36.03
CA THR A 1087 0.51 68.97 34.67
C THR A 1087 2.00 69.18 34.44
N LEU A 1088 2.69 68.10 34.11
CA LEU A 1088 4.14 68.14 33.89
C LEU A 1088 4.39 68.12 32.39
N THR A 1089 5.20 69.05 31.91
CA THR A 1089 5.45 69.20 30.47
C THR A 1089 6.95 69.26 30.22
N GLN A 1090 7.41 68.49 29.24
CA GLN A 1090 8.82 68.48 28.85
C GLN A 1090 8.88 68.43 27.33
N PRO A 1091 9.45 69.44 26.67
CA PRO A 1091 9.56 69.42 25.21
C PRO A 1091 10.87 68.79 24.74
N ARG A 1092 10.85 68.35 23.48
CA ARG A 1092 11.93 67.54 22.93
C ARG A 1092 11.84 67.51 21.41
N ALA A 1093 12.96 67.20 20.77
CA ALA A 1093 13.05 67.17 19.33
C ALA A 1093 13.96 66.05 18.88
N HIS A 1094 13.66 65.50 17.70
CA HIS A 1094 14.42 64.40 17.11
C HIS A 1094 14.88 64.78 15.72
N VAL A 1095 16.10 64.38 15.38
CA VAL A 1095 16.66 64.58 14.04
C VAL A 1095 17.25 63.27 13.57
N ASP A 1096 16.88 62.82 12.37
CA ASP A 1096 17.44 61.64 11.74
C ASP A 1096 18.70 62.03 10.96
N LEU A 1097 19.86 61.81 11.56
CA LEU A 1097 21.13 62.20 10.94
C LEU A 1097 21.71 61.03 10.13
N GLY A 1098 20.87 60.48 9.27
CA GLY A 1098 21.27 59.40 8.39
C GLY A 1098 21.55 59.91 6.98
N VAL A 1099 22.52 59.29 6.33
CA VAL A 1099 22.86 59.69 4.96
C VAL A 1099 21.77 59.27 3.99
N GLY A 1100 21.26 58.05 4.14
CA GLY A 1100 20.15 57.56 3.35
C GLY A 1100 19.15 56.79 4.18
N TYR A 1101 18.79 55.58 3.76
CA TYR A 1101 17.89 54.72 4.54
C TYR A 1101 18.75 53.98 5.57
N THR A 1102 18.56 54.34 6.85
CA THR A 1102 19.31 53.69 7.91
C THR A 1102 18.55 52.51 8.50
N ALA A 1103 17.28 52.69 8.86
CA ALA A 1103 16.52 51.69 9.61
C ALA A 1103 15.64 50.89 8.67
N VAL A 1104 15.65 49.57 8.83
CA VAL A 1104 14.87 48.66 8.00
C VAL A 1104 14.06 47.74 8.91
N CYS A 1105 12.76 47.68 8.68
CA CYS A 1105 11.89 46.71 9.35
C CYS A 1105 11.42 45.68 8.33
N ALA A 1106 11.11 44.48 8.81
CA ALA A 1106 10.66 43.42 7.93
C ALA A 1106 9.63 42.56 8.64
N THR A 1107 8.57 42.20 7.92
CA THR A 1107 7.58 41.28 8.47
C THR A 1107 8.19 39.89 8.61
N ALA A 1108 8.11 39.32 9.81
CA ALA A 1108 8.89 38.13 10.12
C ALA A 1108 8.05 36.89 10.32
N ALA A 1109 7.12 36.89 11.28
CA ALA A 1109 6.50 35.66 11.72
C ALA A 1109 4.98 35.71 11.63
N LEU A 1110 4.37 34.54 11.77
CA LEU A 1110 2.93 34.31 11.61
C LEU A 1110 2.18 34.19 12.93
N ARG A 1111 2.75 33.44 13.88
CA ARG A 1111 2.11 32.93 15.10
C ARG A 1111 0.68 32.45 14.85
N CYS A 1112 -0.23 32.69 15.78
CA CYS A 1112 -1.60 32.22 15.63
C CYS A 1112 -2.32 33.00 14.53
N PRO A 1113 -2.91 32.32 13.55
CA PRO A 1113 -3.77 33.00 12.56
C PRO A 1113 -5.12 33.34 13.17
N LEU A 1114 -5.45 34.64 13.24
CA LEU A 1114 -6.70 35.04 13.86
C LEU A 1114 -7.90 34.79 12.96
N THR A 1115 -7.67 34.66 11.65
CA THR A 1115 -8.76 34.58 10.69
C THR A 1115 -8.83 33.16 10.11
N ASP A 1116 -10.05 32.70 9.83
CA ASP A 1116 -10.35 31.33 9.44
C ASP A 1116 -10.12 31.08 7.96
N MET A 1117 -9.46 29.94 7.66
CA MET A 1117 -9.38 29.39 6.30
C MET A 1117 -10.39 28.26 6.07
N GLY A 1118 -11.67 28.55 6.26
CA GLY A 1118 -12.73 27.62 5.93
C GLY A 1118 -13.46 27.98 4.64
N ASN A 1119 -14.78 27.82 4.68
CA ASN A 1119 -15.66 27.94 3.51
C ASN A 1119 -16.92 28.71 3.93
N THR A 1120 -17.00 29.98 3.56
CA THR A 1120 -18.22 30.77 3.62
C THR A 1120 -18.40 31.52 2.32
N ALA A 1121 -19.52 31.30 1.64
CA ALA A 1121 -19.77 31.91 0.34
C ALA A 1121 -20.22 33.36 0.50
N GLN A 1122 -19.79 34.22 -0.41
CA GLN A 1122 -20.13 35.64 -0.39
C GLN A 1122 -21.44 35.86 -1.11
N ASN A 1123 -22.45 36.36 -0.39
CA ASN A 1123 -23.74 36.62 -1.00
C ASN A 1123 -23.79 38.02 -1.63
N LEU A 1124 -24.44 38.10 -2.79
CA LEU A 1124 -24.72 39.37 -3.44
C LEU A 1124 -26.07 39.94 -3.05
N PHE A 1125 -26.93 39.13 -2.42
CA PHE A 1125 -28.28 39.57 -2.05
C PHE A 1125 -28.27 40.63 -0.96
N PHE A 1126 -27.13 40.85 -0.29
CA PHE A 1126 -26.94 42.03 0.55
C PHE A 1126 -27.00 43.33 -0.24
N SER A 1127 -26.40 43.35 -1.43
CA SER A 1127 -26.23 44.57 -2.21
C SER A 1127 -27.54 45.01 -2.85
N ARG A 1128 -27.77 46.32 -2.86
CA ARG A 1128 -28.92 46.92 -3.53
C ARG A 1128 -28.46 48.11 -4.34
N GLY A 1129 -29.08 48.29 -5.50
CA GLY A 1129 -28.68 49.33 -6.42
C GLY A 1129 -28.77 48.88 -7.87
N GLY A 1130 -28.70 47.57 -8.09
CA GLY A 1130 -28.93 47.02 -9.41
C GLY A 1130 -30.41 46.98 -9.73
N VAL A 1131 -30.70 46.67 -10.99
CA VAL A 1131 -32.08 46.62 -11.46
C VAL A 1131 -32.76 45.34 -10.96
N PRO A 1132 -33.92 45.43 -10.34
CA PRO A 1132 -34.67 44.23 -9.99
C PRO A 1132 -35.25 43.55 -11.22
N MET A 1133 -35.54 42.27 -11.08
CA MET A 1133 -36.26 41.56 -12.12
C MET A 1133 -37.77 41.59 -11.84
N LEU A 1134 -38.54 41.19 -12.85
CA LEU A 1134 -39.95 41.60 -12.95
C LEU A 1134 -40.81 41.00 -11.84
N HIS A 1135 -40.60 39.74 -11.50
CA HIS A 1135 -41.46 39.03 -10.57
C HIS A 1135 -40.81 39.01 -9.20
N ASP A 1136 -41.51 39.58 -8.21
CA ASP A 1136 -40.95 39.69 -6.86
C ASP A 1136 -40.97 38.36 -6.13
N ASN A 1137 -41.95 37.49 -6.43
CA ASN A 1137 -41.99 36.18 -5.78
C ASN A 1137 -40.82 35.31 -6.23
N VAL A 1138 -40.39 35.45 -7.48
CA VAL A 1138 -39.21 34.72 -7.96
C VAL A 1138 -37.96 35.22 -7.25
N THR A 1139 -37.87 36.53 -7.00
CA THR A 1139 -36.74 37.10 -6.26
C THR A 1139 -36.73 36.62 -4.81
N GLU A 1140 -37.90 36.57 -4.19
CA GLU A 1140 -37.99 36.08 -2.81
C GLU A 1140 -37.64 34.60 -2.73
N SER A 1141 -38.06 33.81 -3.72
CA SER A 1141 -37.70 32.40 -3.77
C SER A 1141 -36.20 32.21 -3.97
N LEU A 1142 -35.59 33.07 -4.80
CA LEU A 1142 -34.15 32.97 -5.01
C LEU A 1142 -33.38 33.34 -3.74
N ARG A 1143 -33.84 34.36 -3.02
CA ARG A 1143 -33.20 34.72 -1.75
C ARG A 1143 -33.40 33.61 -0.71
N ARG A 1144 -34.56 32.94 -0.74
CA ARG A 1144 -34.81 31.82 0.16
C ARG A 1144 -33.88 30.65 -0.15
N ILE A 1145 -33.66 30.37 -1.43
CA ILE A 1145 -32.74 29.30 -1.82
C ILE A 1145 -31.31 29.64 -1.45
N THR A 1146 -30.91 30.91 -1.69
CA THR A 1146 -29.57 31.36 -1.32
C THR A 1146 -29.36 31.34 0.20
N ALA A 1147 -30.45 31.51 0.97
CA ALA A 1147 -30.35 31.40 2.42
C ALA A 1147 -29.97 29.98 2.84
N SER A 1148 -30.53 28.98 2.18
CA SER A 1148 -30.13 27.60 2.44
C SER A 1148 -28.75 27.32 1.85
N GLY A 1149 -27.99 26.49 2.55
CA GLY A 1149 -26.67 26.12 2.07
C GLY A 1149 -25.58 27.14 2.29
N GLY A 1150 -25.72 27.99 3.31
CA GLY A 1150 -24.69 28.97 3.61
C GLY A 1150 -24.56 29.18 5.11
N ARG A 1151 -23.47 29.85 5.48
CA ARG A 1151 -23.24 30.18 6.89
C ARG A 1151 -23.68 31.59 7.24
N LEU A 1152 -23.49 32.55 6.35
CA LEU A 1152 -23.97 33.91 6.52
C LEU A 1152 -25.01 34.20 5.45
N ASN A 1153 -26.14 34.75 5.87
CA ASN A 1153 -27.29 34.95 4.99
C ASN A 1153 -27.99 36.23 5.43
N PRO A 1154 -28.75 36.88 4.54
CA PRO A 1154 -29.54 38.03 4.96
C PRO A 1154 -30.64 37.65 5.95
N THR A 1155 -30.98 38.61 6.81
CA THR A 1155 -31.96 38.38 7.85
C THR A 1155 -33.35 38.24 7.26
N GLU A 1156 -34.18 37.40 7.89
CA GLU A 1156 -35.53 37.17 7.38
C GLU A 1156 -36.52 38.34 7.50
N PRO A 1157 -36.47 39.26 8.50
CA PRO A 1157 -37.42 40.38 8.43
C PRO A 1157 -37.04 41.45 7.43
N LEU A 1158 -35.79 41.44 6.92
CA LEU A 1158 -35.23 42.40 5.98
C LEU A 1158 -35.40 43.84 6.46
N PRO A 1159 -34.62 44.28 7.45
CA PRO A 1159 -34.80 45.64 7.98
C PRO A 1159 -34.39 46.71 6.99
N ILE A 1160 -35.38 47.49 6.53
CA ILE A 1160 -35.09 48.60 5.63
C ILE A 1160 -34.46 49.75 6.41
N PHE A 1161 -33.81 50.65 5.66
CA PHE A 1161 -33.05 51.79 6.19
C PHE A 1161 -31.97 51.31 7.17
N GLY A 1162 -31.02 50.56 6.64
CA GLY A 1162 -29.95 50.03 7.46
C GLY A 1162 -28.92 49.34 6.60
N GLY A 1163 -27.89 48.83 7.25
CA GLY A 1163 -26.80 48.17 6.58
C GLY A 1163 -27.04 46.72 6.21
N LEU A 1164 -28.17 46.14 6.63
CA LEU A 1164 -28.52 44.73 6.41
C LEU A 1164 -27.42 43.80 6.96
N ARG A 1165 -27.28 43.83 8.28
CA ARG A 1165 -26.30 42.99 8.95
C ARG A 1165 -26.70 41.53 8.83
N PRO A 1166 -25.72 40.61 8.75
CA PRO A 1166 -26.05 39.19 8.62
C PRO A 1166 -26.67 38.62 9.89
N ALA A 1167 -27.39 37.52 9.71
CA ALA A 1167 -28.04 36.84 10.84
C ALA A 1167 -26.98 36.27 11.78
N THR A 1168 -27.25 36.38 13.08
CA THR A 1168 -26.25 36.01 14.07
C THR A 1168 -26.25 34.51 14.33
N SER A 1169 -25.24 34.06 15.06
CA SER A 1169 -25.17 32.71 15.61
C SER A 1169 -24.26 32.71 16.82
N ALA A 1170 -23.93 31.52 17.33
CA ALA A 1170 -22.93 31.41 18.37
C ALA A 1170 -21.54 31.36 17.76
N GLY A 1171 -20.55 30.93 18.55
CA GLY A 1171 -19.16 31.07 18.14
C GLY A 1171 -18.81 30.24 16.91
N ILE A 1172 -18.27 30.92 15.91
CA ILE A 1172 -17.66 30.23 14.78
C ILE A 1172 -16.45 29.46 15.29
N ALA A 1173 -16.35 28.19 14.88
CA ALA A 1173 -15.70 27.15 15.68
C ALA A 1173 -14.21 27.43 15.92
N ARG A 1174 -13.58 28.22 15.05
CA ARG A 1174 -12.15 28.47 15.24
C ARG A 1174 -11.72 29.89 14.86
N GLY A 1175 -12.65 30.81 14.65
CA GLY A 1175 -12.31 32.19 14.37
C GLY A 1175 -13.20 32.80 13.30
N GLN A 1176 -12.87 34.05 12.96
CA GLN A 1176 -13.70 34.81 12.04
C GLN A 1176 -13.57 34.29 10.61
N ALA A 1177 -14.71 33.94 10.02
CA ALA A 1177 -14.74 33.38 8.68
C ALA A 1177 -14.52 34.46 7.62
N SER A 1178 -14.06 34.03 6.45
CA SER A 1178 -13.81 34.91 5.33
C SER A 1178 -14.71 34.57 4.16
N VAL A 1179 -15.04 35.58 3.37
CA VAL A 1179 -15.98 35.42 2.26
C VAL A 1179 -15.33 34.64 1.12
N CYS A 1180 -16.17 34.18 0.19
CA CYS A 1180 -15.73 33.54 -1.05
C CYS A 1180 -16.58 34.10 -2.19
N GLU A 1181 -16.00 35.02 -2.95
CA GLU A 1181 -16.69 35.66 -4.07
C GLU A 1181 -16.29 34.97 -5.37
N PHE A 1182 -17.27 34.74 -6.24
CA PHE A 1182 -17.11 33.89 -7.41
C PHE A 1182 -16.88 34.74 -8.66
N VAL A 1183 -15.94 34.31 -9.49
CA VAL A 1183 -15.67 34.92 -10.80
C VAL A 1183 -15.71 33.82 -11.85
N ALA A 1184 -16.53 34.02 -12.88
CA ALA A 1184 -16.79 32.99 -13.87
C ALA A 1184 -15.79 33.05 -15.03
N MET A 1185 -15.34 31.87 -15.44
CA MET A 1185 -14.47 31.70 -16.59
C MET A 1185 -15.05 30.61 -17.48
N PRO A 1186 -14.64 30.54 -18.75
CA PRO A 1186 -14.93 29.33 -19.54
C PRO A 1186 -14.20 28.13 -18.99
N VAL A 1187 -14.79 26.95 -19.23
CA VAL A 1187 -14.18 25.70 -18.77
C VAL A 1187 -12.88 25.42 -19.51
N SER A 1188 -12.69 26.02 -20.68
CA SER A 1188 -11.43 25.95 -21.41
C SER A 1188 -10.56 27.10 -20.91
N THR A 1189 -9.65 26.79 -19.99
CA THR A 1189 -8.80 27.77 -19.34
C THR A 1189 -7.44 27.12 -19.09
N ASP A 1190 -6.37 27.89 -19.24
CA ASP A 1190 -5.03 27.38 -18.97
C ASP A 1190 -4.84 27.11 -17.47
N LEU A 1191 -4.72 25.83 -17.10
CA LEU A 1191 -4.58 25.50 -15.68
C LEU A 1191 -3.20 25.83 -15.13
N GLN A 1192 -2.16 25.77 -15.98
CA GLN A 1192 -0.81 26.08 -15.52
C GLN A 1192 -0.64 27.56 -15.18
N TYR A 1193 -1.54 28.41 -15.66
CA TYR A 1193 -1.53 29.81 -15.28
C TYR A 1193 -1.80 29.99 -13.78
N PHE A 1194 -2.75 29.23 -13.24
CA PHE A 1194 -3.09 29.34 -11.83
C PHE A 1194 -2.09 28.66 -10.91
N ARG A 1195 -1.19 27.83 -11.44
CA ARG A 1195 -0.26 27.10 -10.59
C ARG A 1195 0.84 27.99 -10.02
N THR A 1196 1.02 29.19 -10.56
CA THR A 1196 1.94 30.15 -9.98
C THR A 1196 1.13 31.29 -9.36
N ALA A 1197 1.82 32.29 -8.82
CA ALA A 1197 1.16 33.52 -8.39
C ALA A 1197 0.60 34.20 -9.62
N CYS A 1198 -0.72 34.30 -9.70
CA CYS A 1198 -1.40 34.80 -10.87
C CYS A 1198 -2.26 36.00 -10.50
N ASN A 1199 -3.00 36.51 -11.47
CA ASN A 1199 -3.84 37.67 -11.29
C ASN A 1199 -5.31 37.25 -11.18
N PRO A 1200 -6.05 37.82 -10.23
CA PRO A 1200 -7.49 37.48 -10.12
C PRO A 1200 -8.28 37.88 -11.36
N ARG A 1201 -7.90 38.97 -12.02
CA ARG A 1201 -8.58 39.37 -13.25
C ARG A 1201 -8.30 38.40 -14.37
N GLY A 1202 -7.07 37.87 -14.44
CA GLY A 1202 -6.64 37.04 -15.54
C GLY A 1202 -5.58 37.67 -16.41
N ARG A 1203 -5.12 38.88 -16.07
CA ARG A 1203 -4.07 39.54 -16.83
C ARG A 1203 -3.37 40.54 -15.91
N ALA A 1204 -2.04 40.43 -15.82
CA ALA A 1204 -1.27 41.40 -15.07
C ALA A 1204 -1.20 42.72 -15.83
N SER A 1205 -1.27 43.83 -15.09
CA SER A 1205 -1.26 45.16 -15.69
C SER A 1205 -0.90 46.17 -14.61
N GLU A 1325 -1.72 40.50 -7.35
CA GLU A 1325 -1.42 39.08 -7.38
C GLU A 1325 -1.98 38.42 -6.13
N ALA A 1326 -2.89 37.48 -6.31
CA ALA A 1326 -3.42 36.66 -5.23
C ALA A 1326 -2.69 35.33 -5.24
N TYR A 1327 -2.19 34.94 -4.08
CA TYR A 1327 -1.42 33.69 -4.01
C TYR A 1327 -2.36 32.51 -3.86
N PRO A 1328 -2.32 31.54 -4.78
CA PRO A 1328 -3.14 30.34 -4.64
C PRO A 1328 -2.52 29.38 -3.64
N PRO A 1329 -3.32 28.77 -2.77
CA PRO A 1329 -2.80 27.81 -1.81
C PRO A 1329 -2.70 26.41 -2.42
N LEU A 1330 -2.28 25.47 -1.59
CA LEU A 1330 -2.29 24.06 -1.99
C LEU A 1330 -3.73 23.59 -2.13
N CYS A 1331 -4.03 22.95 -3.27
CA CYS A 1331 -5.42 22.62 -3.56
C CYS A 1331 -5.47 21.44 -4.52
N SER A 1332 -6.61 20.77 -4.50
CA SER A 1332 -6.93 19.69 -5.43
C SER A 1332 -8.42 19.67 -5.67
N SER A 1333 -8.82 19.14 -6.84
CA SER A 1333 -10.22 19.02 -7.19
C SER A 1333 -10.77 17.62 -6.96
N ASP A 1334 -10.00 16.75 -6.31
CA ASP A 1334 -10.48 15.43 -5.92
C ASP A 1334 -10.07 15.19 -4.48
N ALA A 1335 -10.88 14.41 -3.76
CA ALA A 1335 -10.55 14.06 -2.39
C ALA A 1335 -9.34 13.13 -2.32
N ALA A 1336 -9.14 12.32 -3.37
CA ALA A 1336 -8.03 11.38 -3.37
C ALA A 1336 -6.69 12.09 -3.45
N MET A 1337 -6.58 13.07 -4.36
CA MET A 1337 -5.29 13.71 -4.58
C MET A 1337 -4.92 14.64 -3.44
N LEU A 1338 -5.92 15.19 -2.74
CA LEU A 1338 -5.61 16.08 -1.62
C LEU A 1338 -5.04 15.30 -0.44
N ARG A 1339 -5.62 14.14 -0.14
CA ARG A 1339 -5.07 13.29 0.91
C ARG A 1339 -3.78 12.62 0.45
N THR A 1340 -3.61 12.46 -0.87
CA THR A 1340 -2.33 12.02 -1.43
C THR A 1340 -1.27 13.11 -1.32
N ALA A 1341 -1.69 14.38 -1.28
CA ALA A 1341 -0.79 15.53 -1.38
C ALA A 1341 -0.02 15.81 -0.10
N HIS A 1342 0.01 14.88 0.85
CA HIS A 1342 0.89 15.00 2.00
C HIS A 1342 2.29 14.49 1.68
N ALA A 1343 2.60 14.31 0.39
CA ALA A 1343 3.84 13.70 -0.11
C ALA A 1343 4.01 12.29 0.46
N GLY A 1344 3.09 11.39 0.11
CA GLY A 1344 3.11 10.01 0.59
C GLY A 1344 4.36 9.25 0.20
N GLU A 1345 4.49 8.90 -1.08
CA GLU A 1345 5.76 8.39 -1.61
C GLU A 1345 6.57 9.55 -2.19
N THR A 1346 6.67 10.60 -1.37
CA THR A 1346 6.86 11.98 -1.84
C THR A 1346 5.92 12.26 -3.03
N GLY A 1347 4.65 11.87 -2.86
CA GLY A 1347 3.75 11.73 -3.98
C GLY A 1347 3.21 13.04 -4.50
N ALA A 1348 3.70 13.45 -5.67
CA ALA A 1348 3.22 14.65 -6.35
C ALA A 1348 2.30 14.23 -7.48
N ASP A 1349 1.07 13.86 -7.12
CA ASP A 1349 0.05 13.55 -8.12
C ASP A 1349 -0.42 14.86 -8.70
N GLU A 1350 -0.05 15.11 -9.95
CA GLU A 1350 -0.24 16.41 -10.59
C GLU A 1350 -1.59 16.53 -11.27
N VAL A 1351 -1.95 15.57 -12.12
CA VAL A 1351 -3.28 15.47 -12.70
C VAL A 1351 -3.51 14.01 -13.09
N HIS A 1352 -4.70 13.49 -12.80
CA HIS A 1352 -4.99 12.11 -13.18
C HIS A 1352 -5.75 11.99 -14.50
N LEU A 1353 -6.99 12.46 -14.56
CA LEU A 1353 -7.68 12.53 -15.85
C LEU A 1353 -8.20 13.93 -16.13
N ALA A 1354 -9.10 14.44 -15.30
CA ALA A 1354 -9.66 15.78 -15.46
C ALA A 1354 -9.65 16.59 -14.18
N GLN A 1355 -9.79 15.97 -13.01
CA GLN A 1355 -9.54 16.66 -11.76
C GLN A 1355 -8.05 16.95 -11.63
N TYR A 1356 -7.72 18.03 -10.92
CA TYR A 1356 -6.38 18.58 -10.96
C TYR A 1356 -5.91 18.89 -9.56
N LEU A 1357 -4.59 18.92 -9.39
CA LEU A 1357 -3.95 19.35 -8.15
C LEU A 1357 -3.02 20.49 -8.51
N ILE A 1358 -3.09 21.57 -7.72
CA ILE A 1358 -2.19 22.70 -7.88
C ILE A 1358 -1.30 22.78 -6.63
N ARG A 1359 0.01 22.76 -6.85
CA ARG A 1359 0.94 22.86 -5.75
C ARG A 1359 0.91 24.26 -5.15
N ASP A 1360 1.34 24.36 -3.89
CA ASP A 1360 1.13 25.58 -3.12
C ASP A 1360 2.02 26.70 -3.62
N ALA A 1361 1.41 27.82 -3.99
CA ALA A 1361 2.14 29.02 -4.38
C ALA A 1361 2.03 30.14 -3.36
N SER A 1362 1.35 29.89 -2.24
CA SER A 1362 1.21 30.89 -1.21
C SER A 1362 2.53 31.06 -0.46
N PRO A 1363 2.72 32.21 0.22
CA PRO A 1363 3.88 32.33 1.12
C PRO A 1363 3.87 31.36 2.28
N LEU A 1364 2.72 30.78 2.62
CA LEU A 1364 2.63 29.82 3.72
C LEU A 1364 2.95 28.42 3.18
N ARG A 1365 4.22 28.23 2.82
CA ARG A 1365 4.66 26.99 2.19
C ARG A 1365 5.03 25.93 3.22
N GLY A 1366 5.94 26.27 4.13
CA GLY A 1366 6.39 25.32 5.12
C GLY A 1366 5.68 25.43 6.45
N CYS A 1367 4.55 26.13 6.47
CA CYS A 1367 3.77 26.35 7.68
C CYS A 1367 2.49 25.52 7.64
N LEU A 1368 1.69 25.68 8.70
CA LEU A 1368 0.35 25.10 8.88
C LEU A 1368 0.37 23.59 8.71
N PRO A 1369 0.87 22.85 9.71
CA PRO A 1369 0.97 21.38 9.58
C PRO A 1369 -0.38 20.71 9.46
N LEU A 1370 -0.40 19.61 8.71
CA LEU A 1370 -1.63 18.87 8.46
C LEU A 1370 -1.91 17.86 9.57
N ILE B 1 50.99 79.26 0.93
CA ILE B 1 50.32 79.25 2.23
C ILE B 1 51.06 78.37 3.23
N PRO B 2 51.79 78.95 4.18
CA PRO B 2 52.38 78.15 5.27
C PRO B 2 51.29 77.67 6.21
N ALA B 3 51.16 76.34 6.33
CA ALA B 3 50.04 75.74 7.04
C ALA B 3 50.07 76.09 8.52
N GLY B 4 51.09 75.63 9.24
CA GLY B 4 51.17 75.89 10.66
C GLY B 4 50.16 75.13 11.49
N ILE B 5 49.57 74.08 10.92
CA ILE B 5 48.57 73.26 11.59
C ILE B 5 48.93 71.80 11.30
N ILE B 6 48.35 70.88 12.08
CA ILE B 6 48.59 69.45 11.87
C ILE B 6 48.02 69.05 10.51
N PRO B 7 48.66 68.13 9.78
CA PRO B 7 48.12 67.73 8.48
C PRO B 7 46.87 66.87 8.60
N THR B 8 45.77 67.47 9.07
CA THR B 8 44.47 66.86 9.27
C THR B 8 44.54 65.60 10.14
N GLY B 9 44.63 64.44 9.50
CA GLY B 9 44.50 63.20 10.24
C GLY B 9 43.07 62.94 10.66
N ASN B 10 42.22 62.59 9.69
CA ASN B 10 40.81 62.26 9.88
C ASN B 10 40.04 63.46 10.45
N VAL B 11 39.86 64.45 9.58
CA VAL B 11 39.06 65.65 9.86
C VAL B 11 37.68 65.29 10.39
N LEU B 12 37.38 65.72 11.61
CA LEU B 12 36.04 65.61 12.18
C LEU B 12 35.41 67.00 12.14
N SER B 13 34.58 67.23 11.13
CA SER B 13 33.91 68.51 10.98
C SER B 13 32.88 68.70 12.10
N THR B 14 32.55 69.96 12.35
CA THR B 14 31.68 70.32 13.47
C THR B 14 30.22 70.38 13.01
N ILE B 15 29.32 69.96 13.90
CA ILE B 15 27.89 70.14 13.66
C ILE B 15 27.48 71.50 14.20
N GLU B 16 26.96 72.36 13.32
CA GLU B 16 26.45 73.66 13.70
C GLU B 16 24.93 73.63 13.64
N VAL B 17 24.29 74.12 14.70
CA VAL B 17 22.84 74.24 14.72
C VAL B 17 22.47 75.71 14.56
N CYS B 18 21.47 75.98 13.73
CA CYS B 18 21.01 77.33 13.47
C CYS B 18 19.59 77.48 14.00
N ILE B 19 19.43 78.34 15.01
CA ILE B 19 18.12 78.66 15.57
C ILE B 19 17.70 80.02 15.03
N PHE B 20 16.40 80.17 14.77
CA PHE B 20 15.91 81.33 14.03
C PHE B 20 15.24 82.32 14.99
N PHE B 21 15.79 83.53 15.03
CA PHE B 21 15.16 84.63 15.77
C PHE B 21 15.41 85.96 15.05
N ARG B 57 44.20 54.03 4.99
CA ARG B 57 45.62 53.91 4.70
C ARG B 57 45.84 52.57 3.99
N PHE B 58 46.71 52.59 2.99
CA PHE B 58 46.95 51.41 2.19
C PHE B 58 47.61 50.30 2.99
N LEU B 59 48.45 50.67 3.95
CA LEU B 59 49.14 49.67 4.78
C LEU B 59 48.17 48.97 5.72
N GLU B 60 47.23 49.71 6.32
CA GLU B 60 46.34 49.08 7.29
C GLU B 60 45.28 48.23 6.62
N LEU B 61 45.07 48.41 5.32
CA LEU B 61 44.22 47.51 4.57
C LEU B 61 44.82 46.11 4.52
N GLY B 62 43.95 45.11 4.49
CA GLY B 62 44.40 43.73 4.46
C GLY B 62 45.08 43.33 3.16
N LEU B 63 44.84 44.10 2.09
CA LEU B 63 45.50 43.85 0.81
C LEU B 63 46.97 44.25 0.82
N SER B 64 47.44 44.97 1.85
CA SER B 64 48.82 45.45 1.88
C SER B 64 49.82 44.33 2.07
N VAL B 65 49.37 43.15 2.50
CA VAL B 65 50.30 42.06 2.75
C VAL B 65 50.80 41.44 1.46
N ALA B 66 50.19 41.78 0.33
CA ALA B 66 50.61 41.27 -0.96
C ALA B 66 51.67 42.14 -1.63
N CYS B 67 52.12 43.21 -0.97
CA CYS B 67 53.12 44.09 -1.54
C CYS B 67 54.23 44.31 -0.54
N ILE B 68 55.40 44.66 -1.07
CA ILE B 68 56.56 45.06 -0.27
C ILE B 68 56.85 46.51 -0.66
N CYS B 69 56.27 47.43 0.10
CA CYS B 69 56.44 48.86 -0.19
C CYS B 69 57.85 49.30 0.21
N THR B 70 58.49 50.05 -0.68
CA THR B 70 59.82 50.57 -0.41
C THR B 70 60.02 51.90 -1.14
N LYS B 71 60.77 52.79 -0.51
CA LYS B 71 60.97 54.13 -1.01
C LYS B 71 62.06 54.15 -2.08
N PHE B 72 61.91 55.07 -3.03
CA PHE B 72 62.88 55.25 -4.12
C PHE B 72 62.72 56.65 -4.66
N PRO B 73 63.42 57.63 -4.07
CA PRO B 73 63.26 59.02 -4.51
C PRO B 73 63.73 59.28 -5.93
N GLU B 74 64.77 58.58 -6.38
CA GLU B 74 65.32 58.80 -7.71
C GLU B 74 64.69 57.86 -8.74
N LEU B 75 63.36 57.87 -8.80
CA LEU B 75 62.65 57.00 -9.74
C LEU B 75 62.15 57.77 -10.96
N ALA B 76 61.89 59.07 -10.81
CA ALA B 76 61.43 59.87 -11.94
C ALA B 76 62.48 60.02 -13.02
N TYR B 77 63.75 59.84 -12.69
CA TYR B 77 64.83 59.90 -13.67
C TYR B 77 65.17 58.53 -14.25
N VAL B 78 64.41 57.49 -13.90
CA VAL B 78 64.68 56.15 -14.40
C VAL B 78 64.19 56.05 -15.85
N ARG B 79 65.08 55.63 -16.73
CA ARG B 79 64.86 55.58 -18.18
C ARG B 79 63.99 54.39 -18.58
N ASP B 80 66.26 52.69 -16.99
CA ASP B 80 65.51 51.44 -16.93
C ASP B 80 66.16 50.51 -15.91
N GLY B 81 65.39 49.60 -15.33
CA GLY B 81 65.87 48.76 -14.25
C GLY B 81 65.68 47.27 -14.52
N VAL B 82 66.63 46.46 -14.05
CA VAL B 82 66.49 45.02 -13.97
C VAL B 82 66.96 44.56 -12.61
N ILE B 83 66.43 43.41 -12.19
CA ILE B 83 66.89 42.71 -11.00
C ILE B 83 67.14 41.26 -11.38
N GLN B 84 67.94 40.58 -10.56
CA GLN B 84 68.35 39.21 -10.85
C GLN B 84 68.08 38.32 -9.63
N PHE B 85 67.95 37.03 -9.90
CA PHE B 85 67.78 36.03 -8.86
C PHE B 85 68.55 34.78 -9.26
N GLU B 86 69.14 34.11 -8.26
CA GLU B 86 70.00 32.96 -8.48
C GLU B 86 69.53 31.79 -7.63
N VAL B 87 68.23 31.47 -7.71
CA VAL B 87 67.74 30.26 -7.08
C VAL B 87 68.30 29.06 -7.82
N GLN B 88 68.80 28.09 -7.06
CA GLN B 88 69.53 26.96 -7.62
C GLN B 88 68.66 25.71 -7.57
N GLN B 89 69.12 24.66 -8.24
CA GLN B 89 68.39 23.40 -8.27
C GLN B 89 68.79 22.57 -7.05
N PRO B 90 67.87 22.27 -6.13
CA PRO B 90 68.22 21.40 -5.02
C PRO B 90 68.33 19.95 -5.47
N MET B 91 69.23 19.20 -4.84
CA MET B 91 69.49 17.84 -5.23
C MET B 91 69.45 16.92 -4.01
N ILE B 92 69.14 15.65 -4.27
CA ILE B 92 69.17 14.63 -3.23
C ILE B 92 70.56 14.00 -3.21
N ALA B 93 70.91 13.35 -2.11
CA ALA B 93 72.18 12.62 -2.02
C ALA B 93 71.87 11.13 -1.90
N ARG B 94 71.76 10.49 -3.06
CA ARG B 94 71.50 9.07 -3.13
C ARG B 94 72.75 8.30 -2.75
N ASP B 95 72.57 7.03 -2.33
CA ASP B 95 73.62 6.27 -1.65
C ASP B 95 74.83 6.01 -2.54
N GLY B 96 74.62 5.46 -3.74
CA GLY B 96 75.70 4.94 -4.53
C GLY B 96 76.58 5.98 -5.19
N PRO B 97 77.89 5.71 -5.25
CA PRO B 97 78.80 6.64 -5.92
C PRO B 97 78.64 6.64 -7.43
N HIS B 98 77.64 7.36 -7.92
CA HIS B 98 77.35 7.49 -9.34
C HIS B 98 77.86 8.85 -9.81
N PRO B 99 78.96 8.88 -10.57
CA PRO B 99 79.53 10.17 -10.97
C PRO B 99 78.83 10.80 -12.17
N VAL B 100 77.52 11.05 -12.03
CA VAL B 100 76.73 11.65 -13.10
C VAL B 100 75.97 12.85 -12.56
N ASP B 101 76.20 13.17 -11.28
CA ASP B 101 75.47 14.24 -10.64
C ASP B 101 76.24 15.55 -10.72
N GLN B 102 75.58 16.58 -11.26
CA GLN B 102 76.13 17.93 -11.28
C GLN B 102 75.05 18.93 -10.89
N PRO B 103 75.41 19.99 -10.18
CA PRO B 103 74.43 21.04 -9.88
C PRO B 103 74.24 21.97 -11.06
N VAL B 104 73.09 22.64 -11.06
CA VAL B 104 72.78 23.64 -12.08
C VAL B 104 72.10 24.83 -11.39
N HIS B 105 72.44 26.05 -11.80
CA HIS B 105 71.89 27.26 -11.23
C HIS B 105 71.00 27.95 -12.26
N ASN B 106 69.92 28.54 -11.79
CA ASN B 106 69.00 29.27 -12.64
C ASN B 106 69.20 30.78 -12.50
N TYR B 107 69.08 31.48 -13.62
CA TYR B 107 69.30 32.93 -13.66
C TYR B 107 68.12 33.55 -14.40
N MET B 108 67.06 33.89 -13.66
CA MET B 108 65.95 34.66 -14.21
C MET B 108 66.10 36.11 -13.81
N VAL B 109 65.64 37.00 -14.68
CA VAL B 109 65.69 38.44 -14.47
C VAL B 109 64.31 39.02 -14.71
N LYS B 110 63.99 40.09 -14.00
CA LYS B 110 62.66 40.66 -13.98
C LYS B 110 62.66 42.07 -14.58
N ARG B 111 61.58 42.39 -15.28
CA ARG B 111 61.38 43.73 -15.83
C ARG B 111 60.81 44.64 -14.75
N ILE B 112 61.21 45.91 -14.78
CA ILE B 112 60.91 46.82 -13.67
C ILE B 112 59.53 47.45 -13.87
N HIS B 113 59.09 47.59 -15.12
CA HIS B 113 57.85 48.23 -15.55
C HIS B 113 57.76 49.69 -15.09
N LYS B 114 56.65 50.37 -15.39
CA LYS B 114 56.56 51.80 -15.11
C LYS B 114 55.12 52.28 -15.03
N ARG B 115 54.73 52.80 -13.87
CA ARG B 115 53.39 53.35 -13.64
C ARG B 115 53.52 54.74 -13.04
N SER B 116 52.38 55.40 -12.88
CA SER B 116 52.34 56.71 -12.24
C SER B 116 50.92 56.97 -11.75
N LEU B 117 50.74 58.09 -11.04
CA LEU B 117 49.44 58.49 -10.51
C LEU B 117 49.30 59.99 -10.68
N SER B 118 48.14 60.43 -11.13
CA SER B 118 47.88 61.85 -11.37
C SER B 118 46.50 62.23 -10.86
N ALA B 119 46.37 63.48 -10.44
CA ALA B 119 45.09 63.99 -9.94
C ALA B 119 45.05 65.50 -10.16
N ALA B 120 43.83 66.03 -10.14
CA ALA B 120 43.59 67.45 -10.34
C ALA B 120 43.26 68.14 -9.04
N PHE B 121 43.51 69.45 -9.00
CA PHE B 121 43.30 70.24 -7.78
C PHE B 121 43.11 71.68 -8.19
N ALA B 122 41.92 72.23 -7.92
CA ALA B 122 41.56 73.57 -8.36
C ALA B 122 41.60 74.58 -7.23
N ILE B 123 42.10 75.77 -7.52
CA ILE B 123 42.21 76.87 -6.57
C ILE B 123 41.51 78.09 -7.17
N ALA B 124 40.65 78.73 -6.40
CA ALA B 124 39.84 79.84 -6.90
C ALA B 124 40.63 81.15 -6.92
N SER B 125 40.05 82.14 -7.61
CA SER B 125 40.68 83.45 -7.71
C SER B 125 40.63 84.19 -6.37
N GLU B 126 39.49 84.12 -5.69
CA GLU B 126 39.40 84.65 -4.33
C GLU B 126 40.34 83.89 -3.40
N ALA B 127 40.45 82.57 -3.62
CA ALA B 127 41.37 81.75 -2.83
C ALA B 127 42.81 82.19 -3.01
N LEU B 128 43.24 82.42 -4.26
CA LEU B 128 44.62 82.84 -4.48
C LEU B 128 44.84 84.28 -4.01
N SER B 129 43.79 85.12 -4.09
CA SER B 129 43.92 86.50 -3.65
C SER B 129 44.13 86.59 -2.14
N LEU B 130 43.27 85.91 -1.37
CA LEU B 130 43.47 85.91 0.08
C LEU B 130 44.64 85.03 0.48
N LEU B 131 45.02 84.10 -0.38
CA LEU B 131 46.23 83.30 -0.22
C LEU B 131 47.49 84.16 -0.23
N SER B 132 47.55 85.12 -1.15
CA SER B 132 48.79 85.87 -1.38
C SER B 132 49.18 86.72 -0.18
N ASN B 133 48.19 87.23 0.58
CA ASN B 133 48.52 88.07 1.73
C ASN B 133 48.97 87.22 2.92
N THR B 134 48.56 85.95 2.95
CA THR B 134 48.96 85.08 4.06
C THR B 134 50.41 84.64 3.94
N TYR B 135 51.00 84.74 2.75
CA TYR B 135 52.43 84.51 2.62
C TYR B 135 53.24 85.60 3.29
N VAL B 136 52.67 86.80 3.43
CA VAL B 136 53.29 87.92 4.12
C VAL B 136 52.43 88.28 5.32
N ALA B 137 51.90 87.25 5.99
CA ALA B 137 50.97 87.43 7.10
C ALA B 137 51.62 88.20 8.25
N ALA B 138 50.88 89.19 8.75
CA ALA B 138 51.38 90.18 9.69
C ALA B 138 50.22 90.61 10.56
N THR B 139 50.34 91.79 11.19
CA THR B 139 49.20 92.40 11.88
C THR B 139 48.05 92.69 10.91
N GLU B 140 48.36 92.97 9.65
CA GLU B 140 47.35 93.07 8.61
C GLU B 140 46.98 91.66 8.14
N ILE B 141 46.02 91.58 7.20
CA ILE B 141 45.42 90.33 6.69
C ILE B 141 44.77 89.56 7.83
N ASP B 142 43.43 89.65 7.92
CA ASP B 142 42.67 89.18 9.06
C ASP B 142 42.83 87.67 9.30
N SER B 143 43.09 87.33 10.56
CA SER B 143 43.47 85.95 10.90
C SER B 143 42.30 84.99 10.76
N SER B 144 41.08 85.47 11.01
CA SER B 144 39.91 84.59 10.92
C SER B 144 39.66 84.13 9.50
N LEU B 145 39.66 85.06 8.55
CA LEU B 145 39.50 84.69 7.14
C LEU B 145 40.72 83.93 6.63
N ARG B 146 41.91 84.27 7.16
CA ARG B 146 43.13 83.55 6.76
C ARG B 146 43.06 82.09 7.16
N ILE B 147 42.66 81.81 8.40
CA ILE B 147 42.59 80.41 8.84
C ILE B 147 41.39 79.71 8.22
N ARG B 148 40.32 80.43 7.90
CA ARG B 148 39.20 79.81 7.18
C ARG B 148 39.62 79.34 5.80
N ALA B 149 40.32 80.22 5.06
CA ALA B 149 40.79 79.87 3.73
C ALA B 149 41.81 78.73 3.78
N ILE B 150 42.76 78.80 4.71
CA ILE B 150 43.79 77.77 4.77
C ILE B 150 43.21 76.46 5.27
N GLN B 151 42.14 76.51 6.08
CA GLN B 151 41.51 75.29 6.55
C GLN B 151 40.77 74.60 5.43
N GLN B 152 40.01 75.37 4.64
CA GLN B 152 39.30 74.78 3.50
C GLN B 152 40.28 74.23 2.47
N MET B 153 41.37 74.96 2.19
CA MET B 153 42.31 74.50 1.17
C MET B 153 43.13 73.31 1.66
N ALA B 154 43.47 73.27 2.95
CA ALA B 154 44.17 72.12 3.50
C ALA B 154 43.27 70.89 3.51
N ARG B 155 41.97 71.09 3.79
CA ARG B 155 41.01 69.99 3.72
C ARG B 155 40.94 69.42 2.31
N ASN B 156 40.82 70.28 1.30
CA ASN B 156 40.75 69.82 -0.08
C ASN B 156 42.06 69.16 -0.53
N LEU B 157 43.19 69.71 -0.09
CA LEU B 157 44.48 69.13 -0.43
C LEU B 157 44.64 67.75 0.22
N ARG B 158 44.08 67.57 1.41
CA ARG B 158 44.19 66.25 2.02
C ARG B 158 43.23 65.26 1.40
N THR B 159 42.08 65.72 0.88
CA THR B 159 41.23 64.84 0.09
C THR B 159 41.96 64.33 -1.14
N VAL B 160 42.57 65.25 -1.90
CA VAL B 160 43.22 64.82 -3.14
C VAL B 160 44.50 64.02 -2.84
N SER B 161 45.16 64.29 -1.71
CA SER B 161 46.33 63.50 -1.34
C SER B 161 45.94 62.10 -0.88
N ASP B 162 44.81 61.98 -0.18
CA ASP B 162 44.32 60.67 0.22
C ASP B 162 43.81 59.87 -0.97
N SER B 163 43.38 60.56 -2.03
CA SER B 163 42.91 59.85 -3.22
C SER B 163 44.00 59.02 -3.88
N PHE B 164 45.26 59.46 -3.82
CA PHE B 164 46.36 58.69 -4.39
C PHE B 164 46.51 57.33 -3.72
N GLU B 165 46.56 57.34 -2.39
CA GLU B 165 46.62 56.10 -1.63
C GLU B 165 45.35 55.28 -1.84
N ARG B 166 44.22 55.96 -2.02
CA ARG B 166 42.98 55.26 -2.36
C ARG B 166 43.09 54.51 -3.69
N GLY B 167 43.76 55.11 -4.67
CA GLY B 167 43.90 54.50 -5.98
C GLY B 167 44.99 53.44 -6.05
N THR B 168 45.91 53.48 -5.09
CA THR B 168 46.99 52.49 -5.05
C THR B 168 46.45 51.07 -4.89
N ALA B 169 45.46 50.91 -4.01
CA ALA B 169 44.85 49.61 -3.81
C ALA B 169 44.10 49.15 -5.06
N ASP B 170 43.44 50.07 -5.76
CA ASP B 170 42.78 49.72 -7.02
C ASP B 170 43.79 49.23 -8.05
N GLN B 171 44.92 49.94 -8.17
CA GLN B 171 45.93 49.56 -9.15
C GLN B 171 46.52 48.19 -8.85
N LEU B 172 46.83 47.94 -7.57
CA LEU B 172 47.49 46.69 -7.22
C LEU B 172 46.52 45.53 -7.34
N LEU B 173 45.26 45.75 -6.95
CA LEU B 173 44.25 44.72 -7.13
C LEU B 173 44.02 44.43 -8.61
N GLY B 174 44.02 45.45 -9.46
CA GLY B 174 43.85 45.22 -10.88
C GLY B 174 44.94 44.35 -11.47
N VAL B 175 46.20 44.71 -11.18
CA VAL B 175 47.31 43.94 -11.76
C VAL B 175 47.36 42.54 -11.15
N LEU B 176 46.82 42.37 -9.94
CA LEU B 176 46.64 41.02 -9.41
C LEU B 176 45.62 40.25 -10.25
N LEU B 177 44.58 40.93 -10.75
CA LEU B 177 43.66 40.25 -11.65
C LEU B 177 44.29 39.87 -12.99
N GLU B 178 45.04 40.77 -13.65
CA GLU B 178 45.60 40.25 -14.91
C GLU B 178 46.86 39.41 -14.71
N LYS B 179 47.33 39.21 -13.49
CA LYS B 179 48.44 38.29 -13.28
C LYS B 179 47.94 37.00 -12.63
N ALA B 180 46.85 36.44 -13.16
CA ALA B 180 46.30 35.24 -12.53
C ALA B 180 45.66 34.28 -13.52
N PRO B 181 46.04 33.00 -13.51
CA PRO B 181 45.32 32.00 -14.29
C PRO B 181 44.20 31.39 -13.47
N PRO B 182 43.21 30.75 -14.11
CA PRO B 182 42.12 30.14 -13.35
C PRO B 182 42.56 28.88 -12.62
N LEU B 183 41.84 28.59 -11.52
CA LEU B 183 42.03 27.32 -10.81
C LEU B 183 41.64 26.15 -11.68
N SER B 184 40.49 26.26 -12.36
CA SER B 184 39.95 25.15 -13.15
C SER B 184 40.83 24.83 -14.36
N LEU B 185 41.75 25.72 -14.72
CA LEU B 185 42.79 25.41 -15.68
C LEU B 185 44.04 24.89 -15.00
N LEU B 186 44.58 25.61 -14.00
CA LEU B 186 45.92 25.31 -13.50
C LEU B 186 45.97 24.02 -12.70
N SER B 187 44.92 23.72 -11.94
CA SER B 187 44.96 22.59 -11.00
C SER B 187 45.12 21.21 -11.65
N PRO B 188 44.41 20.84 -12.74
CA PRO B 188 44.67 19.51 -13.32
C PRO B 188 46.05 19.33 -13.92
N ILE B 189 46.65 20.36 -14.51
CA ILE B 189 48.05 20.26 -14.95
C ILE B 189 48.98 20.18 -13.73
N ASN B 190 48.64 20.91 -12.66
CA ASN B 190 49.43 20.87 -11.44
C ASN B 190 49.46 19.48 -10.82
N LYS B 191 48.32 18.77 -10.84
CA LYS B 191 48.27 17.43 -10.26
C LYS B 191 48.60 16.34 -11.28
N PHE B 192 47.87 16.31 -12.40
CA PHE B 192 47.97 15.20 -13.35
C PHE B 192 49.11 15.50 -14.33
N GLN B 193 50.33 15.48 -13.79
CA GLN B 193 51.57 15.52 -14.56
C GLN B 193 52.71 14.99 -13.70
N PRO B 194 53.02 13.69 -13.79
CA PRO B 194 54.06 13.13 -12.90
C PRO B 194 55.47 13.64 -13.20
N GLU B 195 55.91 13.59 -14.45
CA GLU B 195 57.29 14.01 -14.72
C GLU B 195 57.40 15.00 -15.87
N GLY B 196 56.41 15.05 -16.77
CA GLY B 196 56.46 15.91 -17.92
C GLY B 196 56.84 15.13 -19.17
N HIS B 197 56.58 15.75 -20.32
CA HIS B 197 56.64 15.10 -21.64
C HIS B 197 55.85 13.79 -21.65
N LEU B 198 54.58 13.88 -21.30
CA LEU B 198 53.72 12.73 -21.11
C LEU B 198 53.15 12.19 -22.41
N ASN B 199 53.68 12.62 -23.55
CA ASN B 199 53.26 12.27 -24.92
C ASN B 199 51.77 12.49 -25.16
N ARG B 200 51.24 11.92 -26.24
CA ARG B 200 49.95 12.35 -26.76
C ARG B 200 48.78 11.78 -25.95
N VAL B 201 48.86 10.52 -25.53
CA VAL B 201 47.70 9.85 -24.92
C VAL B 201 47.41 10.42 -23.54
N ALA B 202 48.46 10.68 -22.75
CA ALA B 202 48.23 11.36 -21.48
C ALA B 202 47.89 12.82 -21.66
N ARG B 203 48.29 13.44 -22.78
CA ARG B 203 47.82 14.78 -23.09
C ARG B 203 46.33 14.79 -23.38
N ALA B 204 45.81 13.72 -23.99
CA ALA B 204 44.37 13.63 -24.21
C ALA B 204 43.63 13.27 -22.92
N ALA B 205 44.28 12.52 -22.04
CA ALA B 205 43.72 12.33 -20.69
C ALA B 205 43.63 13.66 -19.96
N LEU B 206 44.67 14.50 -20.10
CA LEU B 206 44.65 15.84 -19.54
C LEU B 206 43.57 16.70 -20.19
N LEU B 207 43.38 16.55 -21.50
CA LEU B 207 42.31 17.19 -22.25
C LEU B 207 40.93 16.92 -21.64
N SER B 208 40.63 15.63 -21.47
CA SER B 208 39.34 15.26 -20.88
C SER B 208 39.24 15.68 -19.42
N ASP B 209 40.38 15.73 -18.72
CA ASP B 209 40.38 16.22 -17.35
C ASP B 209 40.02 17.70 -17.29
N LEU B 210 40.56 18.50 -18.21
CA LEU B 210 40.17 19.90 -18.32
C LEU B 210 38.70 20.05 -18.70
N LYS B 211 38.20 19.18 -19.59
CA LYS B 211 36.79 19.18 -19.95
C LYS B 211 35.90 18.99 -18.74
N ARG B 212 36.16 17.93 -17.97
CA ARG B 212 35.30 17.62 -16.83
C ARG B 212 35.54 18.58 -15.67
N ARG B 213 36.71 19.21 -15.61
CA ARG B 213 36.97 20.16 -14.54
C ARG B 213 36.30 21.50 -14.81
N VAL B 214 36.31 21.95 -16.07
CA VAL B 214 35.61 23.20 -16.42
C VAL B 214 34.11 23.00 -16.31
N CYS B 215 33.62 21.83 -16.72
CA CYS B 215 32.21 21.50 -16.49
C CYS B 215 31.93 21.31 -14.99
N ALA B 216 32.93 20.96 -14.20
CA ALA B 216 32.74 20.60 -12.80
C ALA B 216 32.55 21.81 -11.89
N ASP B 217 33.45 22.79 -11.92
CA ASP B 217 33.28 23.96 -11.05
C ASP B 217 33.53 25.22 -11.87
N MET B 218 32.47 25.72 -12.49
CA MET B 218 32.43 27.07 -13.04
C MET B 218 31.66 28.03 -12.14
N PHE B 219 30.64 27.52 -11.45
CA PHE B 219 29.81 28.30 -10.56
C PHE B 219 29.57 27.53 -9.26
N PHE B 220 30.66 27.03 -8.67
CA PHE B 220 30.56 26.07 -7.58
C PHE B 220 30.00 26.68 -6.30
N MET B 221 30.19 27.99 -6.09
CA MET B 221 29.82 28.59 -4.81
C MET B 221 28.31 28.61 -4.64
N THR B 222 27.57 28.98 -5.68
CA THR B 222 26.12 28.89 -5.65
C THR B 222 25.60 27.50 -6.00
N ARG B 223 26.46 26.62 -6.49
CA ARG B 223 26.02 25.26 -6.79
C ARG B 223 25.88 24.45 -5.50
N HIS B 224 26.98 24.22 -4.82
CA HIS B 224 26.97 23.46 -3.57
C HIS B 224 26.88 24.41 -2.37
N ALA B 225 25.85 25.24 -2.39
CA ALA B 225 25.59 26.13 -1.27
C ALA B 225 25.02 25.39 -0.07
N ARG B 226 24.28 24.31 -0.32
CA ARG B 226 23.73 23.49 0.75
C ARG B 226 24.70 22.44 1.25
N GLU B 227 25.90 22.36 0.68
CA GLU B 227 26.92 21.39 1.09
C GLU B 227 28.14 22.20 1.51
N PRO B 228 28.24 22.54 2.80
CA PRO B 228 29.39 23.35 3.26
C PRO B 228 30.71 22.62 3.21
N ARG B 229 30.72 21.29 3.11
CA ARG B 229 31.98 20.56 3.07
C ARG B 229 32.69 20.75 1.73
N LEU B 230 31.94 20.78 0.64
CA LEU B 230 32.54 20.92 -0.69
C LEU B 230 33.16 22.29 -0.88
N ILE B 231 32.57 23.32 -0.26
CA ILE B 231 33.12 24.68 -0.38
C ILE B 231 34.47 24.77 0.29
N SER B 232 34.58 24.22 1.51
CA SER B 232 35.85 24.22 2.22
C SER B 232 36.89 23.39 1.49
N ALA B 233 36.49 22.25 0.93
CA ALA B 233 37.43 21.40 0.20
C ALA B 233 37.93 22.08 -1.06
N TYR B 234 37.02 22.68 -1.85
CA TYR B 234 37.42 23.41 -3.04
C TYR B 234 38.30 24.61 -2.72
N LEU B 235 38.00 25.36 -1.65
CA LEU B 235 38.80 26.53 -1.35
C LEU B 235 40.16 26.13 -0.79
N SER B 236 40.22 25.00 -0.06
CA SER B 236 41.50 24.51 0.43
C SER B 236 42.36 23.98 -0.71
N ASP B 237 41.74 23.34 -1.70
CA ASP B 237 42.47 22.92 -2.89
C ASP B 237 42.94 24.12 -3.69
N MET B 238 42.13 25.18 -3.71
CA MET B 238 42.49 26.41 -4.41
C MET B 238 43.70 27.09 -3.77
N VAL B 239 43.70 27.20 -2.44
CA VAL B 239 44.77 27.94 -1.78
C VAL B 239 46.06 27.13 -1.77
N SER B 240 45.96 25.81 -1.62
CA SER B 240 47.13 24.94 -1.67
C SER B 240 47.33 24.33 -3.06
N CYS B 241 47.31 25.17 -4.09
CA CYS B 241 47.68 24.74 -5.43
C CYS B 241 48.69 25.69 -6.06
N THR B 242 48.84 26.89 -5.50
CA THR B 242 49.86 27.82 -5.93
C THR B 242 51.13 27.61 -5.11
N GLN B 243 52.23 27.47 -5.80
CA GLN B 243 53.51 27.41 -5.09
C GLN B 243 53.84 28.78 -4.52
N PRO B 244 54.48 28.85 -3.36
CA PRO B 244 54.83 30.14 -2.79
C PRO B 244 56.01 30.77 -3.49
N SER B 245 56.38 31.96 -3.04
CA SER B 245 57.44 32.76 -3.63
C SER B 245 58.64 32.76 -2.69
N VAL B 246 59.61 33.62 -2.98
CA VAL B 246 60.73 33.80 -2.07
C VAL B 246 60.24 34.38 -0.75
N MET B 247 60.64 33.74 0.35
CA MET B 247 60.30 34.18 1.70
C MET B 247 61.24 35.27 2.20
N VAL B 248 61.27 36.41 1.52
CA VAL B 248 62.10 37.53 1.93
C VAL B 248 61.26 38.53 2.74
N SER B 249 61.72 38.86 3.94
CA SER B 249 61.05 39.82 4.80
C SER B 249 62.03 40.33 5.85
N ARG B 250 61.74 41.51 6.36
CA ARG B 250 62.35 42.02 7.58
C ARG B 250 61.33 42.16 8.71
N ILE B 251 60.24 42.87 8.44
CA ILE B 251 59.06 42.88 9.30
C ILE B 251 57.84 42.62 8.43
N THR B 252 56.96 41.73 8.88
CA THR B 252 55.85 41.27 8.07
C THR B 252 54.54 41.43 8.83
N HIS B 253 53.48 40.88 8.24
CA HIS B 253 52.16 40.92 8.87
C HIS B 253 51.94 39.65 9.68
N THR B 254 51.74 39.81 10.99
CA THR B 254 51.47 38.70 11.89
C THR B 254 50.13 38.94 12.57
N ASN B 255 49.64 37.90 13.24
CA ASN B 255 48.44 38.02 14.05
C ASN B 255 48.80 38.58 15.42
N THR B 256 47.83 38.52 16.34
CA THR B 256 48.08 39.02 17.69
C THR B 256 49.04 38.12 18.45
N ARG B 257 49.00 36.81 18.17
CA ARG B 257 49.89 35.89 18.86
C ARG B 257 51.33 36.03 18.36
N GLY B 258 51.51 36.14 17.05
CA GLY B 258 52.85 36.28 16.50
C GLY B 258 53.06 35.48 15.24
N ARG B 259 52.12 34.60 14.91
CA ARG B 259 52.23 33.80 13.70
C ARG B 259 52.01 34.67 12.47
N GLN B 260 52.93 34.59 11.52
CA GLN B 260 52.84 35.39 10.31
C GLN B 260 51.75 34.85 9.39
N VAL B 261 51.09 35.77 8.68
CA VAL B 261 50.06 35.38 7.73
C VAL B 261 50.73 35.04 6.41
N ASP B 262 49.98 34.43 5.49
CA ASP B 262 50.54 33.99 4.22
C ASP B 262 49.90 34.63 3.00
N GLY B 263 49.00 35.58 3.17
CA GLY B 263 48.47 36.29 2.02
C GLY B 263 47.13 36.91 2.32
N VAL B 264 46.43 37.29 1.24
CA VAL B 264 45.14 37.94 1.33
C VAL B 264 44.19 37.29 0.32
N LEU B 265 42.94 37.13 0.73
CA LEU B 265 41.89 36.60 -0.12
C LEU B 265 40.85 37.69 -0.34
N VAL B 266 40.76 38.21 -1.57
CA VAL B 266 39.92 39.36 -1.87
C VAL B 266 38.70 38.92 -2.67
N THR B 267 37.53 39.38 -2.25
CA THR B 267 36.25 38.98 -2.83
C THR B 267 35.32 40.19 -2.60
N THR B 268 34.00 40.00 -2.69
CA THR B 268 32.99 41.02 -2.41
C THR B 268 32.25 40.60 -1.13
N ALA B 269 31.60 41.58 -0.48
CA ALA B 269 31.07 41.41 0.87
C ALA B 269 30.02 40.32 0.98
N THR B 270 29.28 40.05 -0.09
CA THR B 270 28.29 38.98 -0.09
C THR B 270 28.94 37.63 0.19
N LEU B 271 29.99 37.32 -0.56
CA LEU B 271 30.69 36.07 -0.34
C LEU B 271 31.52 36.09 0.95
N LYS B 272 31.98 37.26 1.41
CA LYS B 272 32.59 37.32 2.74
C LYS B 272 31.62 36.85 3.81
N ARG B 273 30.39 37.38 3.80
CA ARG B 273 29.41 36.97 4.80
C ARG B 273 29.01 35.51 4.62
N GLN B 274 28.92 35.05 3.37
CA GLN B 274 28.52 33.67 3.12
C GLN B 274 29.59 32.69 3.60
N LEU B 275 30.87 33.02 3.44
CA LEU B 275 31.92 32.21 4.05
C LEU B 275 31.93 32.33 5.57
N LEU B 276 31.69 33.54 6.08
CA LEU B 276 31.91 33.78 7.50
C LEU B 276 30.81 33.18 8.37
N GLN B 277 29.60 32.99 7.81
CA GLN B 277 28.51 32.50 8.64
C GLN B 277 28.70 31.03 9.01
N GLY B 278 29.11 30.19 8.06
CA GLY B 278 29.18 28.77 8.34
C GLY B 278 30.28 27.96 7.69
N ILE B 279 31.14 28.59 6.89
CA ILE B 279 32.13 27.84 6.13
C ILE B 279 33.45 27.78 6.91
N LEU B 280 33.98 28.95 7.22
CA LEU B 280 35.26 29.07 7.91
C LEU B 280 35.07 29.66 9.30
N GLN B 281 36.14 29.65 10.08
CA GLN B 281 36.10 30.12 11.46
C GLN B 281 36.98 31.36 11.61
N ILE B 282 36.64 32.20 12.58
CA ILE B 282 37.40 33.41 12.85
C ILE B 282 38.65 33.05 13.65
N ASP B 283 39.81 33.44 13.14
CA ASP B 283 41.05 33.24 13.88
C ASP B 283 41.33 34.37 14.86
N ASP B 284 41.16 35.61 14.42
CA ASP B 284 41.29 36.79 15.27
C ASP B 284 40.59 37.95 14.58
N THR B 285 40.48 39.07 15.29
CA THR B 285 39.90 40.29 14.77
C THR B 285 40.92 41.38 14.46
N ALA B 286 41.99 41.47 15.26
CA ALA B 286 43.04 42.44 15.02
C ALA B 286 44.27 41.73 14.46
N ALA B 287 45.18 42.53 13.90
CA ALA B 287 46.38 42.00 13.27
C ALA B 287 47.52 43.00 13.40
N ASP B 288 48.75 42.51 13.23
CA ASP B 288 49.94 43.35 13.33
C ASP B 288 50.46 43.67 11.94
N VAL B 289 50.64 44.96 11.67
CA VAL B 289 50.98 45.45 10.34
C VAL B 289 52.18 46.39 10.44
N PRO B 290 53.18 46.27 9.56
CA PRO B 290 54.29 47.23 9.56
C PRO B 290 53.84 48.63 9.13
N VAL B 291 54.71 49.61 9.37
CA VAL B 291 54.35 51.01 9.22
C VAL B 291 55.23 51.74 8.21
N THR B 292 56.10 51.05 7.50
CA THR B 292 56.93 51.70 6.47
C THR B 292 56.72 51.07 5.10
N ALA B 354 51.93 47.40 14.31
CA ALA B 354 50.75 48.21 14.53
C ALA B 354 49.49 47.35 14.54
N ARG B 355 48.67 47.52 15.57
CA ARG B 355 47.46 46.72 15.76
C ARG B 355 46.32 47.33 14.94
N VAL B 356 45.89 46.62 13.91
CA VAL B 356 44.82 47.08 13.02
C VAL B 356 43.71 46.04 13.05
N PRO B 357 42.45 46.43 13.19
CA PRO B 357 41.36 45.44 13.11
C PRO B 357 41.18 44.92 11.69
N ALA B 358 41.39 43.61 11.52
CA ALA B 358 41.26 42.97 10.23
C ALA B 358 41.05 41.48 10.44
N ASP B 359 39.97 40.95 9.88
CA ASP B 359 39.65 39.55 10.05
C ASP B 359 40.61 38.67 9.25
N LEU B 360 40.81 37.45 9.72
CA LEU B 360 41.75 36.52 9.09
C LEU B 360 41.34 35.10 9.45
N VAL B 361 41.61 34.18 8.53
CA VAL B 361 41.17 32.79 8.64
C VAL B 361 42.34 31.88 8.28
N ILE B 362 42.55 30.84 9.08
CA ILE B 362 43.43 29.74 8.73
C ILE B 362 42.64 28.76 7.87
N VAL B 363 43.18 28.44 6.69
CA VAL B 363 42.58 27.48 5.78
C VAL B 363 43.57 26.36 5.55
N GLY B 364 43.17 25.13 5.88
CA GLY B 364 44.03 23.98 5.72
C GLY B 364 45.26 24.06 6.61
N ASP B 365 46.41 24.31 5.99
CA ASP B 365 47.68 24.36 6.70
C ASP B 365 48.27 25.76 6.75
N LYS B 366 47.52 26.77 6.29
CA LYS B 366 48.06 28.11 6.17
C LYS B 366 47.01 29.16 6.55
N LEU B 367 47.49 30.32 6.96
CA LEU B 367 46.66 31.39 7.50
C LEU B 367 46.61 32.54 6.50
N VAL B 368 45.42 33.09 6.27
CA VAL B 368 45.21 34.06 5.21
C VAL B 368 44.25 35.16 5.66
N PHE B 369 44.52 36.38 5.21
CA PHE B 369 43.56 37.48 5.28
C PHE B 369 42.39 37.19 4.35
N LEU B 370 41.18 37.53 4.80
CA LEU B 370 39.98 37.40 3.97
C LEU B 370 39.43 38.81 3.80
N GLU B 371 39.52 39.34 2.59
CA GLU B 371 39.17 40.72 2.31
C GLU B 371 37.97 40.79 1.38
N ALA B 372 37.11 41.77 1.61
CA ALA B 372 35.96 42.09 0.76
C ALA B 372 35.89 43.59 0.55
N LEU B 373 36.99 44.17 0.09
CA LEU B 373 37.23 45.60 0.13
C LEU B 373 36.28 46.32 -0.81
N GLU B 374 35.14 46.75 -0.27
CA GLU B 374 34.04 47.33 -1.04
C GLU B 374 33.51 48.62 -0.43
N ARG B 375 33.68 48.78 0.88
CA ARG B 375 33.14 49.94 1.54
C ARG B 375 34.17 51.04 1.66
N ARG B 376 35.41 50.68 1.94
CA ARG B 376 36.50 51.66 2.03
C ARG B 376 36.79 52.27 0.66
N VAL B 377 36.80 51.44 -0.38
CA VAL B 377 37.08 51.88 -1.75
C VAL B 377 36.08 51.19 -2.67
N TYR B 378 35.93 51.76 -3.87
CA TYR B 378 34.87 51.47 -4.85
C TYR B 378 33.48 51.77 -4.33
N GLN B 379 33.37 52.57 -3.28
CA GLN B 379 32.08 52.99 -2.73
C GLN B 379 31.95 54.49 -2.89
N ALA B 380 30.81 54.92 -3.45
CA ALA B 380 30.53 56.32 -3.75
C ALA B 380 31.61 56.94 -4.63
N THR B 381 31.94 56.26 -5.72
CA THR B 381 32.86 56.76 -6.72
C THR B 381 32.49 56.17 -8.07
N ARG B 382 33.08 56.72 -9.12
CA ARG B 382 32.66 56.40 -10.48
C ARG B 382 33.66 55.48 -11.20
N VAL B 383 34.30 54.58 -10.47
CA VAL B 383 35.10 53.52 -11.06
C VAL B 383 34.38 52.20 -10.83
N ALA B 384 34.22 51.43 -11.91
CA ALA B 384 33.52 50.15 -11.81
C ALA B 384 34.38 49.16 -11.04
N TYR B 385 33.75 48.44 -10.12
CA TYR B 385 34.46 47.44 -9.34
C TYR B 385 34.77 46.23 -10.20
N PRO B 386 36.01 45.74 -10.22
CA PRO B 386 36.32 44.51 -10.96
C PRO B 386 35.76 43.26 -10.28
N LEU B 387 36.14 42.10 -10.82
CA LEU B 387 35.68 40.76 -10.46
C LEU B 387 34.22 40.52 -10.82
N ILE B 388 33.64 41.37 -11.66
CA ILE B 388 32.27 41.22 -12.13
C ILE B 388 32.33 41.08 -13.64
N GLY B 389 33.26 40.24 -14.11
CA GLY B 389 33.57 40.12 -15.53
C GLY B 389 32.46 39.66 -16.45
N ASN B 390 31.73 38.61 -16.01
CA ASN B 390 30.49 37.99 -16.54
C ASN B 390 30.87 36.76 -17.34
N ILE B 391 29.91 36.21 -18.09
CA ILE B 391 30.15 35.00 -18.88
C ILE B 391 29.48 35.17 -20.24
N ASP B 392 29.94 34.41 -21.23
CA ASP B 392 29.22 34.24 -22.50
C ASP B 392 29.06 32.74 -22.78
N ILE B 393 28.00 32.17 -22.20
CA ILE B 393 27.74 30.74 -22.27
C ILE B 393 26.66 30.49 -23.31
N THR B 394 26.76 29.36 -23.99
CA THR B 394 25.76 28.93 -24.97
C THR B 394 25.32 27.52 -24.62
N PHE B 395 24.08 27.19 -24.96
CA PHE B 395 23.50 25.89 -24.66
C PHE B 395 23.05 25.20 -25.93
N ILE B 396 23.20 23.88 -25.96
CA ILE B 396 22.63 23.06 -27.02
C ILE B 396 21.32 22.49 -26.49
N MET B 397 20.34 22.35 -27.38
CA MET B 397 19.01 22.14 -26.83
C MET B 397 18.18 21.43 -27.89
N PRO B 398 18.11 20.09 -27.85
CA PRO B 398 17.48 19.34 -28.94
C PRO B 398 15.98 19.55 -29.00
N MET B 399 15.44 19.45 -30.23
CA MET B 399 14.06 19.83 -30.52
C MET B 399 13.20 18.66 -30.98
N GLY B 400 13.57 17.97 -32.06
CA GLY B 400 12.64 17.06 -32.68
C GLY B 400 13.19 15.72 -33.13
N VAL B 401 14.17 15.18 -32.41
CA VAL B 401 14.70 13.86 -32.74
C VAL B 401 13.68 12.79 -32.35
N PHE B 402 13.83 11.60 -32.93
CA PHE B 402 12.88 10.52 -32.75
C PHE B 402 13.60 9.26 -32.26
N GLN B 403 12.92 8.53 -31.38
CA GLN B 403 13.42 7.24 -30.89
C GLN B 403 13.24 6.21 -32.00
N ALA B 404 14.23 6.13 -32.88
CA ALA B 404 14.10 5.35 -34.11
C ALA B 404 14.04 3.85 -33.82
N ASN B 405 14.86 3.37 -32.90
CA ASN B 405 14.89 1.95 -32.59
C ASN B 405 13.61 1.57 -31.84
N SER B 406 13.06 0.40 -32.19
CA SER B 406 11.90 -0.11 -31.47
C SER B 406 12.26 -0.54 -30.07
N MET B 407 13.54 -0.84 -29.82
CA MET B 407 14.01 -1.09 -28.46
C MET B 407 14.02 0.16 -27.61
N ASP B 408 14.06 1.34 -28.23
CA ASP B 408 14.08 2.60 -27.48
C ASP B 408 12.70 3.09 -27.11
N ARG B 409 11.64 2.44 -27.60
CA ARG B 409 10.28 2.87 -27.29
C ARG B 409 9.76 2.11 -26.07
N TYR B 410 10.48 2.29 -24.96
CA TYR B 410 10.19 1.63 -23.69
C TYR B 410 9.79 2.68 -22.66
N THR B 411 8.97 2.26 -21.70
CA THR B 411 8.41 3.13 -20.68
C THR B 411 9.03 2.84 -19.31
N ARG B 412 8.54 3.54 -18.29
CA ARG B 412 8.87 3.19 -16.91
C ARG B 412 7.89 2.16 -16.37
N HIS B 413 6.59 2.42 -16.54
CA HIS B 413 5.54 1.43 -16.33
C HIS B 413 4.58 1.53 -17.51
N ALA B 414 3.81 0.45 -17.73
CA ALA B 414 3.08 0.25 -18.98
C ALA B 414 2.12 1.39 -19.29
N GLY B 415 1.13 1.59 -18.44
CA GLY B 415 0.38 2.83 -18.52
C GLY B 415 0.89 3.82 -17.51
N ASP B 416 1.81 4.71 -17.94
CA ASP B 416 2.17 5.85 -17.10
C ASP B 416 1.44 7.10 -17.57
N PHE B 417 1.36 7.31 -18.88
CA PHE B 417 0.57 8.40 -19.45
C PHE B 417 -0.50 7.74 -20.31
N SER B 418 -1.61 7.37 -19.68
CA SER B 418 -2.71 6.69 -20.35
C SER B 418 -3.93 7.59 -20.41
N THR B 419 -4.82 7.27 -21.36
CA THR B 419 -5.97 8.12 -21.64
C THR B 419 -7.26 7.30 -21.70
N VAL B 420 -8.34 7.94 -22.13
CA VAL B 420 -9.61 7.25 -22.34
C VAL B 420 -9.80 6.85 -23.81
N SER B 421 -8.97 7.33 -24.71
CA SER B 421 -9.06 6.95 -26.11
C SER B 421 -8.55 5.52 -26.31
N GLU B 422 -9.04 4.87 -27.36
CA GLU B 422 -8.57 3.53 -27.68
C GLU B 422 -7.11 3.56 -28.14
N GLN B 423 -6.74 4.57 -28.91
CA GLN B 423 -5.35 4.81 -29.28
C GLN B 423 -4.72 5.77 -28.29
N ASP B 424 -3.63 5.35 -27.67
CA ASP B 424 -2.92 6.22 -26.74
C ASP B 424 -2.20 7.32 -27.51
N PRO B 425 -2.43 8.60 -27.19
CA PRO B 425 -1.71 9.67 -27.88
C PRO B 425 -0.29 9.85 -27.39
N ARG B 426 0.48 8.79 -27.47
CA ARG B 426 1.88 8.77 -27.05
C ARG B 426 2.77 8.11 -28.10
N GLN B 427 2.17 7.45 -29.10
CA GLN B 427 2.92 6.80 -30.17
C GLN B 427 3.60 7.82 -31.07
N PHE B 428 3.13 9.06 -31.07
CA PHE B 428 3.53 10.03 -32.08
C PHE B 428 4.97 10.51 -31.83
N PRO B 429 5.68 10.91 -32.90
CA PRO B 429 6.97 11.55 -32.70
C PRO B 429 6.80 12.92 -32.06
N PRO B 430 7.79 13.39 -31.31
CA PRO B 430 7.66 14.70 -30.65
C PRO B 430 7.68 15.85 -31.65
N GLN B 431 6.97 16.92 -31.28
CA GLN B 431 6.97 18.15 -32.05
C GLN B 431 7.40 19.36 -31.22
N GLY B 432 7.40 19.26 -29.89
CA GLY B 432 7.78 20.37 -29.05
C GLY B 432 8.61 19.90 -27.89
N ILE B 433 9.38 20.83 -27.32
CA ILE B 433 10.33 20.54 -26.25
C ILE B 433 9.97 21.49 -25.10
N PHE B 434 10.29 21.08 -23.88
CA PHE B 434 9.95 21.85 -22.69
C PHE B 434 11.21 22.07 -21.88
N PHE B 435 11.30 23.21 -21.21
CA PHE B 435 12.35 23.48 -20.25
C PHE B 435 11.85 24.52 -19.26
N TYR B 436 12.73 24.99 -18.39
CA TYR B 436 12.35 25.90 -17.32
C TYR B 436 12.97 27.28 -17.54
N ASN B 437 12.22 28.31 -17.17
CA ASN B 437 12.73 29.67 -17.15
C ASN B 437 13.61 29.86 -15.91
N LYS B 438 14.19 31.06 -15.80
CA LYS B 438 15.06 31.34 -14.66
C LYS B 438 14.26 31.52 -13.37
N ASP B 439 12.97 31.83 -13.46
CA ASP B 439 12.12 31.77 -12.29
C ASP B 439 11.40 30.44 -12.13
N GLY B 440 11.66 29.49 -13.01
CA GLY B 440 11.15 28.14 -12.88
C GLY B 440 9.81 27.86 -13.53
N ILE B 441 9.24 28.82 -14.27
CA ILE B 441 7.97 28.57 -14.94
C ILE B 441 8.22 27.75 -16.20
N LEU B 442 7.18 27.07 -16.67
CA LEU B 442 7.31 26.18 -17.80
C LEU B 442 7.45 26.98 -19.10
N THR B 443 8.46 26.63 -19.90
CA THR B 443 8.70 27.30 -21.16
C THR B 443 8.55 26.32 -22.31
N GLN B 444 8.28 26.88 -23.49
CA GLN B 444 7.83 26.14 -24.66
C GLN B 444 8.63 26.53 -25.89
N LEU B 445 9.21 25.54 -26.55
CA LEU B 445 9.60 25.64 -27.94
C LEU B 445 8.71 24.73 -28.76
N THR B 446 8.06 25.28 -29.76
CA THR B 446 7.27 24.52 -30.71
C THR B 446 7.88 24.78 -32.08
N LEU B 447 7.65 23.86 -33.02
CA LEU B 447 8.23 23.99 -34.36
C LEU B 447 7.67 25.18 -35.14
N ARG B 448 6.66 25.87 -34.60
CA ARG B 448 6.23 27.15 -35.16
C ARG B 448 7.32 28.22 -35.02
N ASP B 449 8.28 28.02 -34.11
CA ASP B 449 9.40 28.95 -34.01
C ASP B 449 10.45 28.72 -35.08
N ALA B 450 10.34 27.67 -35.88
CA ALA B 450 11.41 27.32 -36.82
C ALA B 450 11.38 28.13 -38.11
N MET B 451 10.26 28.79 -38.42
CA MET B 451 10.20 29.58 -39.65
C MET B 451 11.06 30.83 -39.61
N GLY B 452 11.58 31.21 -38.44
CA GLY B 452 12.59 32.24 -38.41
C GLY B 452 13.91 31.83 -39.03
N THR B 453 14.18 30.54 -39.12
CA THR B 453 15.44 30.04 -39.67
C THR B 453 15.26 29.28 -40.97
N ILE B 454 14.37 28.28 -41.01
CA ILE B 454 14.34 27.41 -42.18
C ILE B 454 13.45 27.93 -43.30
N CYS B 455 12.55 28.87 -43.01
CA CYS B 455 11.61 29.36 -44.01
C CYS B 455 12.10 30.61 -44.72
N HIS B 456 13.41 30.75 -44.88
CA HIS B 456 14.03 31.85 -45.58
C HIS B 456 14.47 31.41 -46.97
N SER B 457 14.85 32.38 -47.79
CA SER B 457 15.31 32.10 -49.14
C SER B 457 16.69 31.47 -49.18
N SER B 458 17.42 31.46 -48.05
CA SER B 458 18.81 31.01 -48.05
C SER B 458 18.95 29.50 -48.10
N LEU B 459 17.84 28.75 -48.05
CA LEU B 459 17.89 27.30 -48.18
C LEU B 459 18.33 26.85 -49.57
N LEU B 460 18.27 27.72 -50.56
CA LEU B 460 18.59 27.39 -51.95
C LEU B 460 19.78 28.20 -52.45
N ASP B 461 20.86 28.22 -51.67
CA ASP B 461 22.07 28.96 -52.01
C ASP B 461 23.15 27.95 -52.38
N VAL B 462 22.75 26.95 -53.17
CA VAL B 462 23.53 25.74 -53.37
C VAL B 462 24.64 25.90 -54.42
N GLU B 463 24.68 27.04 -55.12
CA GLU B 463 25.54 27.19 -56.30
C GLU B 463 27.02 27.14 -55.92
N ALA B 464 27.41 27.91 -54.90
CA ALA B 464 28.81 27.98 -54.51
C ALA B 464 29.34 26.65 -54.00
N THR B 465 28.47 25.85 -53.37
CA THR B 465 28.90 24.53 -52.91
C THR B 465 29.10 23.57 -54.08
N LEU B 466 28.27 23.69 -55.14
CA LEU B 466 28.54 22.93 -56.36
C LEU B 466 29.85 23.35 -57.01
N VAL B 467 30.13 24.66 -57.03
CA VAL B 467 31.38 25.14 -57.61
C VAL B 467 32.58 24.63 -56.81
N ALA B 468 32.48 24.64 -55.48
CA ALA B 468 33.58 24.17 -54.64
C ALA B 468 33.74 22.66 -54.72
N LEU B 469 32.62 21.92 -54.79
CA LEU B 469 32.66 20.47 -54.84
C LEU B 469 33.12 19.97 -56.20
N ARG B 470 32.91 20.74 -57.27
CA ARG B 470 33.38 20.37 -58.60
C ARG B 470 34.90 20.39 -58.71
N GLN B 471 35.61 21.00 -57.75
CA GLN B 471 37.06 21.09 -57.79
C GLN B 471 37.76 19.86 -57.22
N GLN B 472 36.99 18.83 -56.87
CA GLN B 472 37.52 17.62 -56.26
C GLN B 472 37.77 16.57 -57.34
N HIS B 473 38.40 15.47 -56.93
CA HIS B 473 38.67 14.38 -57.85
C HIS B 473 37.41 13.54 -58.03
N LEU B 474 36.72 13.74 -59.15
CA LEU B 474 35.49 13.03 -59.46
C LEU B 474 35.81 11.91 -60.44
N ASP B 475 35.48 10.69 -60.05
CA ASP B 475 35.82 9.50 -60.83
C ASP B 475 34.66 9.10 -61.73
N ARG B 476 34.97 8.27 -62.73
CA ARG B 476 33.98 7.80 -63.70
C ARG B 476 33.11 6.72 -63.06
N GLN B 477 31.84 7.04 -62.84
CA GLN B 477 30.88 6.08 -62.31
C GLN B 477 29.85 5.74 -63.39
N CYS B 478 28.85 4.97 -62.98
CA CYS B 478 27.79 4.59 -63.90
C CYS B 478 26.88 5.78 -64.21
N TYR B 479 26.23 5.71 -65.38
CA TYR B 479 25.40 6.79 -65.88
C TYR B 479 23.94 6.37 -66.04
N PHE B 480 23.43 5.53 -65.13
CA PHE B 480 22.10 4.99 -65.32
C PHE B 480 21.02 5.90 -64.73
N GLY B 481 21.09 6.16 -63.43
CA GLY B 481 20.06 6.89 -62.72
C GLY B 481 20.20 8.39 -62.69
N VAL B 482 21.14 8.96 -63.44
CA VAL B 482 21.37 10.41 -63.45
C VAL B 482 21.25 10.95 -64.87
N TYR B 483 20.87 10.09 -65.81
CA TYR B 483 20.87 10.42 -67.22
C TYR B 483 19.48 10.24 -67.82
N VAL B 484 19.02 11.25 -68.54
CA VAL B 484 17.69 11.25 -69.17
C VAL B 484 17.88 11.29 -70.68
N ALA B 485 17.15 10.43 -71.38
CA ALA B 485 17.23 10.33 -72.83
C ALA B 485 15.94 10.84 -73.46
N GLU B 486 15.86 10.76 -74.79
CA GLU B 486 14.64 11.08 -75.52
C GLU B 486 14.07 9.81 -76.12
N GLY B 487 12.78 9.86 -76.45
CA GLY B 487 12.18 8.75 -77.17
C GLY B 487 12.74 8.66 -78.58
N THR B 488 12.74 7.43 -79.12
CA THR B 488 13.29 7.18 -80.44
C THR B 488 12.21 6.95 -81.48
N GLU B 489 10.96 7.34 -81.18
CA GLU B 489 9.82 7.30 -82.09
C GLU B 489 9.56 5.87 -82.60
N ASP B 490 9.19 5.00 -81.66
CA ASP B 490 8.96 3.60 -81.98
C ASP B 490 7.68 3.09 -81.35
N THR B 491 7.46 1.78 -81.40
CA THR B 491 6.30 1.15 -80.77
C THR B 491 6.61 0.62 -79.39
N LEU B 492 7.67 1.13 -78.74
CA LEU B 492 8.09 0.87 -77.37
C LEU B 492 8.54 -0.56 -77.12
N ASP B 493 8.62 -1.41 -78.14
CA ASP B 493 9.06 -2.80 -77.96
C ASP B 493 10.55 -2.93 -78.24
N VAL B 494 11.00 -2.46 -79.40
CA VAL B 494 12.43 -2.45 -79.71
C VAL B 494 13.16 -1.44 -78.83
N GLN B 495 12.44 -0.44 -78.31
CA GLN B 495 13.02 0.46 -77.33
C GLN B 495 13.39 -0.27 -76.05
N MET B 496 12.49 -1.12 -75.56
CA MET B 496 12.83 -2.02 -74.45
C MET B 496 13.88 -3.04 -74.85
N GLY B 497 13.91 -3.43 -76.12
CA GLY B 497 14.94 -4.32 -76.62
C GLY B 497 16.36 -3.78 -76.46
N ARG B 498 16.63 -2.62 -77.07
CA ARG B 498 17.98 -2.08 -76.92
C ARG B 498 18.20 -1.45 -75.54
N PHE B 499 17.14 -1.12 -74.82
CA PHE B 499 17.30 -0.73 -73.41
C PHE B 499 17.81 -1.89 -72.58
N MET B 500 17.24 -3.08 -72.77
CA MET B 500 17.73 -4.26 -72.07
C MET B 500 19.15 -4.62 -72.51
N GLU B 501 19.42 -4.51 -73.82
CA GLU B 501 20.74 -4.84 -74.34
C GLU B 501 21.81 -3.90 -73.81
N THR B 502 21.49 -2.62 -73.66
CA THR B 502 22.44 -1.68 -73.07
C THR B 502 22.52 -1.87 -71.56
N TRP B 503 21.37 -2.07 -70.90
CA TRP B 503 21.30 -2.17 -69.45
C TRP B 503 21.93 -3.44 -68.90
N ALA B 504 22.16 -4.44 -69.75
CA ALA B 504 22.78 -5.68 -69.29
C ALA B 504 24.21 -5.50 -68.81
N ASP B 505 24.92 -4.46 -69.30
CA ASP B 505 26.32 -4.32 -68.95
C ASP B 505 26.80 -2.90 -68.67
N MET B 506 25.92 -1.90 -68.67
CA MET B 506 26.41 -0.53 -68.53
C MET B 506 26.82 -0.19 -67.11
N MET B 507 26.32 -0.91 -66.11
CA MET B 507 26.76 -0.72 -64.74
C MET B 507 28.08 -1.46 -64.52
N PRO B 508 29.16 -0.78 -64.16
CA PRO B 508 30.40 -1.48 -63.80
C PRO B 508 30.44 -1.92 -62.34
N HIS B 509 29.47 -1.50 -61.53
CA HIS B 509 29.44 -1.82 -60.11
C HIS B 509 28.01 -1.60 -59.61
N HIS B 510 27.84 -1.65 -58.29
CA HIS B 510 26.51 -1.45 -57.69
C HIS B 510 26.21 0.05 -57.62
N PRO B 511 25.07 0.49 -58.14
CA PRO B 511 24.72 1.93 -58.06
C PRO B 511 24.53 2.38 -56.62
N HIS B 512 24.96 3.61 -56.34
CA HIS B 512 25.04 4.12 -54.98
C HIS B 512 23.69 4.48 -54.39
N TRP B 513 22.71 4.84 -55.23
CA TRP B 513 21.39 5.27 -54.75
C TRP B 513 20.45 4.09 -54.53
N VAL B 514 20.99 2.88 -54.40
CA VAL B 514 20.19 1.67 -54.26
C VAL B 514 20.16 1.17 -52.81
N ASN B 515 21.31 1.16 -52.15
CA ASN B 515 21.48 0.48 -50.86
C ASN B 515 20.78 1.26 -49.73
N GLU B 516 19.46 1.20 -49.76
CA GLU B 516 18.63 1.73 -48.67
C GLU B 516 18.56 0.76 -47.49
N HIS B 517 19.10 -0.45 -47.64
CA HIS B 517 19.05 -1.45 -46.59
C HIS B 517 20.06 -1.18 -45.47
N LEU B 518 20.96 -0.23 -45.64
CA LEU B 518 21.87 0.15 -44.57
C LEU B 518 21.11 0.80 -43.43
N THR B 519 21.57 0.55 -42.21
CA THR B 519 20.97 1.17 -41.03
C THR B 519 21.52 2.58 -40.86
N ILE B 520 21.26 3.17 -39.71
CA ILE B 520 21.82 4.50 -39.39
C ILE B 520 23.33 4.43 -39.34
N LEU B 521 23.86 3.48 -38.55
CA LEU B 521 25.28 3.46 -38.21
C LEU B 521 26.16 3.17 -39.41
N GLN B 522 25.75 2.23 -40.27
CA GLN B 522 26.53 1.92 -41.45
C GLN B 522 26.53 3.08 -42.44
N PHE B 523 25.43 3.83 -42.49
CA PHE B 523 25.37 4.99 -43.37
C PHE B 523 26.28 6.11 -42.88
N ILE B 524 26.26 6.38 -41.56
CA ILE B 524 27.12 7.46 -41.06
C ILE B 524 28.49 6.95 -40.68
N ALA B 525 28.82 5.71 -41.05
CA ALA B 525 30.16 5.19 -40.83
C ALA B 525 31.15 5.94 -41.71
N PRO B 526 32.41 6.09 -41.27
CA PRO B 526 33.39 6.83 -42.09
C PRO B 526 33.76 6.14 -43.40
N SER B 527 33.49 4.84 -43.54
CA SER B 527 33.82 4.13 -44.76
C SER B 527 32.86 4.43 -45.92
N ASN B 528 31.73 5.07 -45.64
CA ASN B 528 30.72 5.31 -46.67
C ASN B 528 31.17 6.38 -47.65
N PRO B 529 31.28 6.08 -48.95
CA PRO B 529 31.60 7.14 -49.92
C PRO B 529 30.45 8.07 -50.19
N ARG B 530 29.21 7.68 -49.89
CA ARG B 530 28.07 8.57 -50.04
C ARG B 530 27.86 9.47 -48.84
N LEU B 531 28.63 9.27 -47.77
CA LEU B 531 28.49 10.12 -46.58
C LEU B 531 28.94 11.55 -46.87
N ARG B 532 29.99 11.70 -47.67
CA ARG B 532 30.45 13.04 -48.06
C ARG B 532 29.60 13.65 -49.17
N PHE B 533 28.65 12.90 -49.73
CA PHE B 533 27.78 13.40 -50.79
C PHE B 533 26.44 13.88 -50.26
N GLU B 534 26.24 13.86 -48.94
CA GLU B 534 24.99 14.31 -48.33
C GLU B 534 25.24 15.66 -47.68
N LEU B 535 24.76 16.72 -48.33
CA LEU B 535 25.02 18.09 -47.89
C LEU B 535 23.75 18.78 -47.43
N ASN B 536 22.73 18.83 -48.29
CA ASN B 536 21.52 19.58 -48.01
C ASN B 536 20.32 18.65 -47.90
N PRO B 537 19.42 18.90 -46.94
CA PRO B 537 18.20 18.08 -46.85
C PRO B 537 17.25 18.21 -48.03
N ALA B 538 17.34 19.30 -48.80
CA ALA B 538 16.50 19.49 -49.97
C ALA B 538 17.19 19.04 -51.26
N PHE B 539 18.40 18.48 -51.17
CA PHE B 539 19.19 18.21 -52.35
C PHE B 539 19.78 16.81 -52.31
N ASP B 540 19.78 16.17 -53.48
CA ASP B 540 20.53 14.94 -53.72
C ASP B 540 21.71 15.26 -54.60
N PHE B 541 22.91 14.85 -54.16
CA PHE B 541 24.14 15.11 -54.89
C PHE B 541 24.61 13.82 -55.53
N PHE B 542 24.89 13.88 -56.83
CA PHE B 542 25.19 12.71 -57.63
C PHE B 542 26.23 13.08 -58.67
N VAL B 543 26.94 12.07 -59.17
CA VAL B 543 27.94 12.25 -60.21
C VAL B 543 27.23 12.30 -61.56
N ALA B 544 27.46 13.38 -62.29
CA ALA B 544 26.73 13.68 -63.52
C ALA B 544 27.70 13.89 -64.65
N PRO B 545 27.28 13.66 -65.90
CA PRO B 545 28.13 14.00 -67.04
C PRO B 545 28.37 15.50 -67.13
N GLY B 546 29.58 15.87 -67.57
CA GLY B 546 29.96 17.25 -67.66
C GLY B 546 29.56 17.85 -68.99
N ASP B 547 28.85 18.99 -68.92
CA ASP B 547 28.36 19.74 -70.10
C ASP B 547 27.49 18.87 -71.01
N VAL B 548 26.65 18.06 -70.41
CA VAL B 548 25.67 17.25 -71.14
C VAL B 548 24.29 17.73 -70.74
N ASP B 549 23.51 18.19 -71.71
CA ASP B 549 22.21 18.78 -71.44
C ASP B 549 21.22 17.71 -71.01
N LEU B 550 20.25 18.11 -70.19
CA LEU B 550 19.18 17.22 -69.75
C LEU B 550 17.88 17.57 -70.50
N PRO B 551 17.31 16.64 -71.27
CA PRO B 551 17.82 15.28 -71.54
C PRO B 551 18.89 15.23 -72.64
N GLY B 552 19.84 14.32 -72.49
CA GLY B 552 20.84 14.08 -73.51
C GLY B 552 20.39 12.97 -74.44
N PRO B 553 21.17 12.67 -75.47
CA PRO B 553 20.77 11.67 -76.46
C PRO B 553 20.77 10.27 -75.88
N GLN B 554 20.21 9.32 -76.65
CA GLN B 554 20.04 7.96 -76.16
C GLN B 554 21.38 7.27 -75.93
N ARG B 555 22.33 7.47 -76.83
CA ARG B 555 23.68 6.98 -76.62
C ARG B 555 24.42 7.97 -75.74
N PRO B 556 24.92 7.58 -74.57
CA PRO B 556 25.55 8.54 -73.65
C PRO B 556 26.90 9.00 -74.16
N PRO B 557 27.09 10.30 -74.36
CA PRO B 557 28.41 10.80 -74.74
C PRO B 557 29.38 10.74 -73.57
N GLU B 558 30.63 10.44 -73.88
CA GLU B 558 31.68 10.39 -72.87
C GLU B 558 32.14 11.80 -72.52
N ALA B 559 32.20 12.09 -71.22
CA ALA B 559 32.65 13.38 -70.75
C ALA B 559 33.26 13.19 -69.36
N MET B 560 34.03 14.17 -68.93
CA MET B 560 34.65 14.14 -67.61
C MET B 560 33.55 14.36 -66.59
N PRO B 561 33.35 13.46 -65.63
CA PRO B 561 32.13 13.50 -64.80
C PRO B 561 32.17 14.62 -63.77
N THR B 562 31.09 15.38 -63.71
CA THR B 562 30.91 16.45 -62.75
C THR B 562 29.87 16.03 -61.70
N VAL B 563 29.52 16.97 -60.82
CA VAL B 563 28.51 16.75 -59.79
C VAL B 563 27.35 17.69 -60.06
N ASN B 564 26.13 17.18 -59.88
CA ASN B 564 24.92 17.98 -60.06
C ASN B 564 23.94 17.66 -58.93
N ALA B 565 23.11 18.63 -58.60
CA ALA B 565 22.19 18.53 -57.49
C ALA B 565 20.77 18.89 -57.92
N THR B 566 19.80 18.13 -57.39
CA THR B 566 18.40 18.31 -57.73
C THR B 566 17.57 18.41 -56.46
N LEU B 567 16.36 18.95 -56.60
CA LEU B 567 15.52 19.25 -55.45
C LEU B 567 14.85 18.00 -54.90
N ARG B 568 14.75 17.93 -53.57
CA ARG B 568 14.04 16.86 -52.87
C ARG B 568 12.63 17.34 -52.59
N ILE B 569 11.73 17.12 -53.57
CA ILE B 569 10.34 17.59 -53.44
C ILE B 569 9.61 16.79 -52.37
N ILE B 570 9.68 15.46 -52.44
CA ILE B 570 9.15 14.60 -51.39
C ILE B 570 10.08 14.68 -50.19
N ASN B 571 9.53 14.90 -49.00
CA ASN B 571 10.36 14.89 -47.81
C ASN B 571 10.84 13.49 -47.46
N GLY B 572 10.17 12.45 -47.97
CA GLY B 572 10.64 11.09 -47.86
C GLY B 572 11.72 10.70 -48.85
N ASN B 573 12.12 11.61 -49.73
CA ASN B 573 13.24 11.34 -50.64
C ASN B 573 14.58 11.29 -49.90
N ILE B 574 14.63 11.76 -48.66
CA ILE B 574 15.81 11.57 -47.82
C ILE B 574 15.94 10.07 -47.54
N PRO B 575 17.15 9.55 -47.39
CA PRO B 575 17.31 8.09 -47.22
C PRO B 575 16.70 7.60 -45.91
N VAL B 576 16.20 6.37 -45.95
CA VAL B 576 15.62 5.72 -44.77
C VAL B 576 16.62 5.46 -43.63
N PRO B 577 17.96 5.44 -43.82
CA PRO B 577 18.81 5.63 -42.63
C PRO B 577 18.60 6.96 -41.92
N LEU B 578 18.14 7.98 -42.62
CA LEU B 578 17.86 9.26 -41.98
C LEU B 578 16.40 9.41 -41.59
N CYS B 579 15.50 8.68 -42.26
CA CYS B 579 14.06 8.72 -41.97
C CYS B 579 13.55 7.29 -41.88
N PRO B 580 13.55 6.70 -40.68
CA PRO B 580 13.27 5.27 -40.56
C PRO B 580 11.80 4.93 -40.82
N ILE B 581 11.59 3.64 -41.07
CA ILE B 581 10.25 3.14 -41.38
C ILE B 581 9.34 3.25 -40.17
N SER B 582 9.90 3.03 -38.97
CA SER B 582 9.11 3.12 -37.74
C SER B 582 8.62 4.54 -37.51
N PHE B 583 9.45 5.54 -37.80
CA PHE B 583 9.04 6.94 -37.67
C PHE B 583 7.92 7.27 -38.65
N ARG B 584 8.04 6.78 -39.89
CA ARG B 584 6.99 7.03 -40.88
C ARG B 584 5.69 6.35 -40.51
N ASP B 585 5.76 5.14 -39.95
CA ASP B 585 4.56 4.44 -39.52
C ASP B 585 3.92 5.12 -38.32
N CYS B 586 4.74 5.64 -37.40
CA CYS B 586 4.22 6.42 -36.29
C CYS B 586 3.54 7.70 -36.77
N ARG B 587 4.12 8.34 -37.79
CA ARG B 587 3.51 9.52 -38.40
C ARG B 587 2.19 9.19 -39.06
N GLY B 588 2.13 8.05 -39.76
CA GLY B 588 0.86 7.63 -40.36
C GLY B 588 -0.19 7.28 -39.32
N THR B 589 0.23 6.70 -38.20
CA THR B 589 -0.68 6.48 -37.08
C THR B 589 -1.19 7.80 -36.52
N GLN B 590 -0.30 8.80 -36.45
CA GLN B 590 -0.68 10.13 -35.99
C GLN B 590 -1.70 10.77 -36.93
N LEU B 591 -1.54 10.56 -38.24
CA LEU B 591 -2.51 11.09 -39.19
C LEU B 591 -3.86 10.38 -39.07
N GLY B 592 -3.84 9.06 -39.05
CA GLY B 592 -5.07 8.29 -39.06
C GLY B 592 -5.61 7.92 -37.69
N LEU B 593 -5.99 8.92 -36.90
CA LEU B 593 -6.63 8.64 -35.61
C LEU B 593 -8.14 8.46 -35.77
N GLY B 594 -8.80 9.49 -36.28
CA GLY B 594 -10.24 9.43 -36.54
C GLY B 594 -10.63 9.36 -38.00
N ARG B 595 -9.68 9.13 -38.91
CA ARG B 595 -10.00 9.08 -40.33
C ARG B 595 -10.65 7.75 -40.68
N HIS B 596 -11.11 7.65 -41.93
CA HIS B 596 -11.78 6.45 -42.41
C HIS B 596 -10.79 5.30 -42.55
N THR B 597 -11.24 4.11 -42.15
CA THR B 597 -10.44 2.90 -42.28
C THR B 597 -11.23 1.84 -43.03
N MET B 598 -10.57 0.72 -43.36
CA MET B 598 -11.24 -0.38 -44.05
C MET B 598 -11.72 -1.42 -43.05
N THR B 599 -12.97 -1.84 -43.21
CA THR B 599 -13.49 -2.97 -42.45
C THR B 599 -12.74 -4.24 -42.90
N PRO B 600 -12.65 -5.26 -42.02
CA PRO B 600 -11.87 -6.46 -42.38
C PRO B 600 -12.32 -7.18 -43.63
N ALA B 601 -13.61 -7.11 -43.98
CA ALA B 601 -14.12 -7.81 -45.16
C ALA B 601 -13.51 -7.24 -46.44
N THR B 602 -13.57 -5.92 -46.61
CA THR B 602 -13.07 -5.32 -47.85
C THR B 602 -11.55 -5.40 -47.91
N ILE B 603 -10.85 -5.33 -46.77
CA ILE B 603 -9.40 -5.38 -46.81
C ILE B 603 -8.92 -6.80 -47.11
N LYS B 604 -9.64 -7.83 -46.60
CA LYS B 604 -9.23 -9.18 -46.94
C LYS B 604 -9.59 -9.51 -48.39
N ALA B 605 -10.69 -8.93 -48.90
CA ALA B 605 -11.02 -9.10 -50.31
C ALA B 605 -9.98 -8.45 -51.22
N VAL B 606 -9.52 -7.25 -50.86
CA VAL B 606 -8.53 -6.55 -51.69
C VAL B 606 -7.18 -7.26 -51.66
N LYS B 607 -6.75 -7.70 -50.47
CA LYS B 607 -5.48 -8.42 -50.40
C LYS B 607 -5.58 -9.79 -51.08
N ASP B 608 -6.76 -10.41 -51.06
CA ASP B 608 -6.92 -11.70 -51.69
C ASP B 608 -6.96 -11.57 -53.22
N THR B 609 -7.51 -10.45 -53.71
CA THR B 609 -7.56 -10.28 -55.16
C THR B 609 -6.28 -9.66 -55.72
N PHE B 610 -5.41 -9.11 -54.86
CA PHE B 610 -4.09 -8.71 -55.35
C PHE B 610 -3.08 -9.85 -55.25
N GLU B 611 -3.17 -10.66 -54.20
CA GLU B 611 -2.31 -11.84 -54.12
C GLU B 611 -2.95 -13.08 -54.74
N ASP B 612 -3.83 -12.90 -55.71
CA ASP B 612 -4.30 -13.99 -56.56
C ASP B 612 -3.41 -14.08 -57.80
N ARG B 613 -2.86 -15.27 -58.04
CA ARG B 613 -2.01 -15.49 -59.19
C ARG B 613 -2.74 -16.11 -60.38
N ALA B 614 -3.95 -16.63 -60.18
CA ALA B 614 -4.76 -17.20 -61.24
C ALA B 614 -5.74 -16.19 -61.83
N TYR B 615 -5.39 -14.90 -61.82
CA TYR B 615 -6.28 -13.85 -62.29
C TYR B 615 -6.44 -13.94 -63.80
N PRO B 616 -7.67 -14.00 -64.32
CA PRO B 616 -7.86 -14.10 -65.78
C PRO B 616 -7.43 -12.83 -66.49
N THR B 617 -6.96 -13.01 -67.73
CA THR B 617 -6.59 -11.88 -68.57
C THR B 617 -7.77 -11.27 -69.31
N ILE B 618 -8.96 -11.85 -69.17
CA ILE B 618 -10.14 -11.31 -69.84
C ILE B 618 -10.45 -9.91 -69.31
N PHE B 619 -10.26 -9.72 -68.00
CA PHE B 619 -10.43 -8.40 -67.40
C PHE B 619 -9.42 -7.41 -67.98
N TYR B 620 -8.20 -7.89 -68.28
CA TYR B 620 -7.20 -7.02 -68.92
C TYR B 620 -7.60 -6.66 -70.35
N MET B 621 -8.17 -7.62 -71.11
CA MET B 621 -8.69 -7.30 -72.44
C MET B 621 -9.82 -6.28 -72.40
N LEU B 622 -10.79 -6.45 -71.50
CA LEU B 622 -11.86 -5.44 -71.40
C LEU B 622 -11.34 -4.09 -70.93
N GLU B 623 -10.38 -4.06 -70.00
CA GLU B 623 -9.80 -2.79 -69.56
C GLU B 623 -9.00 -2.13 -70.67
N ALA B 624 -8.37 -2.93 -71.53
CA ALA B 624 -7.59 -2.38 -72.63
C ALA B 624 -8.47 -1.84 -73.74
N VAL B 625 -9.54 -2.56 -74.07
CA VAL B 625 -10.38 -2.15 -75.20
C VAL B 625 -11.30 -1.00 -74.80
N ILE B 626 -11.88 -1.05 -73.59
CA ILE B 626 -12.68 0.07 -73.10
C ILE B 626 -11.81 1.30 -72.92
N HIS B 627 -10.59 1.11 -72.41
CA HIS B 627 -9.51 2.12 -72.32
C HIS B 627 -9.96 3.42 -71.64
N GLY B 628 -10.81 3.29 -70.62
CA GLY B 628 -11.24 4.45 -69.86
C GLY B 628 -12.12 5.42 -70.63
N ASN B 629 -13.02 4.90 -71.46
CA ASN B 629 -13.95 5.71 -72.22
C ASN B 629 -15.36 5.46 -71.69
N GLU B 630 -16.08 6.54 -71.39
CA GLU B 630 -17.43 6.41 -70.84
C GLU B 630 -18.39 5.86 -71.88
N ARG B 631 -18.16 6.17 -73.15
CA ARG B 631 -19.01 5.66 -74.22
C ARG B 631 -18.87 4.14 -74.36
N ASN B 632 -17.67 3.61 -74.08
CA ASN B 632 -17.48 2.17 -74.12
C ASN B 632 -18.19 1.48 -72.96
N PHE B 633 -18.12 2.06 -71.76
CA PHE B 633 -18.73 1.42 -70.60
C PHE B 633 -20.26 1.58 -70.62
N CYS B 634 -20.75 2.62 -71.30
CA CYS B 634 -22.19 2.85 -71.36
C CYS B 634 -22.93 1.84 -72.23
N ALA B 635 -22.22 1.03 -73.02
CA ALA B 635 -22.84 0.03 -73.88
C ALA B 635 -22.55 -1.40 -73.44
N LEU B 636 -21.88 -1.59 -72.31
CA LEU B 636 -21.47 -2.90 -71.82
C LEU B 636 -21.92 -3.13 -70.39
N LEU B 637 -23.20 -2.85 -70.10
CA LEU B 637 -23.69 -3.02 -68.74
C LEU B 637 -23.87 -4.49 -68.39
N ARG B 638 -24.53 -5.25 -69.27
CA ARG B 638 -24.89 -6.64 -68.98
C ARG B 638 -23.67 -7.55 -68.94
N LEU B 639 -22.76 -7.38 -69.90
CA LEU B 639 -21.55 -8.18 -69.96
C LEU B 639 -20.68 -7.96 -68.72
N LEU B 640 -20.54 -6.70 -68.30
CA LEU B 640 -19.77 -6.40 -67.11
C LEU B 640 -20.44 -6.93 -65.85
N THR B 641 -21.76 -6.83 -65.77
CA THR B 641 -22.49 -7.37 -64.62
C THR B 641 -22.29 -8.87 -64.51
N GLN B 642 -22.44 -9.59 -65.63
CA GLN B 642 -22.27 -11.04 -65.64
C GLN B 642 -20.84 -11.45 -65.30
N CYS B 643 -19.86 -10.75 -65.88
CA CYS B 643 -18.45 -11.09 -65.64
C CYS B 643 -18.06 -10.84 -64.19
N ILE B 644 -18.45 -9.68 -63.64
CA ILE B 644 -18.10 -9.35 -62.25
C ILE B 644 -18.79 -10.30 -61.28
N ARG B 645 -20.07 -10.61 -61.52
CA ARG B 645 -20.78 -11.55 -60.66
C ARG B 645 -20.16 -12.94 -60.72
N GLY B 646 -19.85 -13.42 -61.93
CA GLY B 646 -19.27 -14.74 -62.07
C GLY B 646 -17.89 -14.87 -61.45
N TYR B 647 -17.08 -13.81 -61.54
CA TYR B 647 -15.78 -13.86 -60.87
C TYR B 647 -15.92 -13.71 -59.37
N TRP B 648 -16.94 -12.98 -58.89
CA TRP B 648 -17.08 -12.78 -57.46
C TRP B 648 -17.58 -14.03 -56.76
N GLU B 649 -18.76 -14.54 -57.15
CA GLU B 649 -19.27 -15.70 -56.44
C GLU B 649 -18.77 -17.00 -57.05
N GLN B 650 -17.46 -17.08 -57.28
CA GLN B 650 -16.77 -18.33 -57.55
C GLN B 650 -15.49 -18.50 -56.75
N SER B 651 -14.86 -17.42 -56.29
CA SER B 651 -13.71 -17.51 -55.39
C SER B 651 -13.70 -16.42 -54.33
N HIS B 652 -14.74 -15.58 -54.27
CA HIS B 652 -14.84 -14.43 -53.36
C HIS B 652 -13.66 -13.47 -53.54
N ARG B 653 -13.42 -13.07 -54.78
CA ARG B 653 -12.40 -12.10 -55.13
C ARG B 653 -13.02 -11.05 -56.04
N VAL B 654 -12.77 -9.77 -55.73
CA VAL B 654 -13.33 -8.69 -56.53
C VAL B 654 -12.44 -8.44 -57.75
N ALA B 655 -13.03 -7.94 -58.82
CA ALA B 655 -12.34 -7.71 -60.08
C ALA B 655 -12.47 -6.26 -60.52
N PHE B 656 -11.65 -5.90 -61.52
CA PHE B 656 -11.58 -4.57 -62.12
C PHE B 656 -11.25 -3.47 -61.12
N VAL B 657 -10.60 -3.82 -60.01
CA VAL B 657 -10.20 -2.82 -59.03
C VAL B 657 -8.85 -2.21 -59.40
N ASN B 658 -8.14 -2.79 -60.37
CA ASN B 658 -6.90 -2.22 -60.86
C ASN B 658 -7.12 -0.86 -61.51
N ASN B 659 -8.09 -0.77 -62.42
CA ASN B 659 -8.28 0.43 -63.21
C ASN B 659 -9.09 1.46 -62.44
N PHE B 660 -8.61 2.72 -62.43
CA PHE B 660 -9.34 3.77 -61.74
C PHE B 660 -10.48 4.30 -62.59
N HIS B 661 -10.37 4.23 -63.92
CA HIS B 661 -11.51 4.58 -64.77
C HIS B 661 -12.48 3.41 -64.91
N MET B 662 -12.74 2.68 -63.84
CA MET B 662 -13.62 1.53 -63.99
C MET B 662 -14.59 1.38 -62.83
N LEU B 663 -14.15 1.64 -61.60
CA LEU B 663 -14.89 1.29 -60.40
C LEU B 663 -15.82 2.41 -59.93
N MET B 664 -15.46 3.67 -60.18
CA MET B 664 -16.42 4.73 -59.98
C MET B 664 -17.54 4.65 -60.99
N TYR B 665 -17.25 4.15 -62.20
CA TYR B 665 -18.30 3.79 -63.14
C TYR B 665 -19.21 2.72 -62.56
N ILE B 666 -18.62 1.73 -61.87
CA ILE B 666 -19.39 0.66 -61.25
C ILE B 666 -20.33 1.23 -60.18
N THR B 667 -19.80 2.12 -59.34
CA THR B 667 -20.63 2.71 -58.28
C THR B 667 -21.72 3.61 -58.85
N THR B 668 -21.41 4.38 -59.89
CA THR B 668 -22.39 5.33 -60.42
C THR B 668 -23.48 4.63 -61.22
N TYR B 669 -23.13 3.65 -62.06
CA TYR B 669 -24.12 3.00 -62.90
C TYR B 669 -24.64 1.71 -62.27
N LEU B 670 -23.74 0.77 -61.98
CA LEU B 670 -24.10 -0.55 -61.47
C LEU B 670 -24.04 -0.57 -59.94
N GLY B 671 -24.83 0.31 -59.33
CA GLY B 671 -24.81 0.44 -57.89
C GLY B 671 -26.18 0.48 -57.24
N ASN B 672 -27.24 0.40 -58.04
CA ASN B 672 -28.61 0.45 -57.53
C ASN B 672 -29.04 -0.86 -56.89
N GLY B 673 -28.27 -1.94 -57.05
CA GLY B 673 -28.65 -3.24 -56.51
C GLY B 673 -28.51 -4.35 -57.53
N GLU B 674 -27.92 -4.03 -58.69
CA GLU B 674 -27.72 -5.04 -59.73
C GLU B 674 -26.70 -6.08 -59.28
N LEU B 675 -25.56 -5.63 -58.80
CA LEU B 675 -24.50 -6.44 -58.23
C LEU B 675 -24.88 -6.88 -56.82
N PRO B 676 -24.20 -7.91 -56.28
CA PRO B 676 -24.38 -8.24 -54.86
C PRO B 676 -23.96 -7.08 -53.96
N GLU B 677 -24.62 -7.00 -52.80
CA GLU B 677 -24.45 -5.85 -51.90
C GLU B 677 -23.05 -5.79 -51.31
N VAL B 678 -22.36 -6.94 -51.23
CA VAL B 678 -21.03 -6.97 -50.62
C VAL B 678 -20.01 -6.24 -51.51
N CYS B 679 -20.11 -6.41 -52.83
CA CYS B 679 -19.15 -5.77 -53.73
C CYS B 679 -19.32 -4.26 -53.76
N ILE B 680 -20.56 -3.78 -53.75
CA ILE B 680 -20.82 -2.35 -53.81
C ILE B 680 -20.34 -1.67 -52.55
N ASN B 681 -20.46 -2.34 -51.40
CA ASN B 681 -19.92 -1.79 -50.16
C ASN B 681 -18.40 -1.74 -50.20
N ILE B 682 -17.77 -2.72 -50.86
CA ILE B 682 -16.31 -2.70 -51.02
C ILE B 682 -15.87 -1.50 -51.86
N TYR B 683 -16.54 -1.29 -52.99
CA TYR B 683 -16.22 -0.16 -53.86
C TYR B 683 -16.50 1.17 -53.18
N ARG B 684 -17.60 1.24 -52.42
CA ARG B 684 -17.94 2.46 -51.69
C ARG B 684 -16.93 2.76 -50.58
N ASP B 685 -16.45 1.71 -49.89
CA ASP B 685 -15.44 1.91 -48.87
C ASP B 685 -14.12 2.36 -49.48
N LEU B 686 -13.76 1.83 -50.65
CA LEU B 686 -12.54 2.25 -51.33
C LEU B 686 -12.62 3.71 -51.77
N LEU B 687 -13.77 4.10 -52.34
CA LEU B 687 -13.96 5.49 -52.75
C LEU B 687 -14.02 6.41 -51.54
N GLN B 688 -14.60 5.93 -50.44
CA GLN B 688 -14.62 6.70 -49.20
C GLN B 688 -13.22 6.90 -48.65
N HIS B 689 -12.37 5.87 -48.77
CA HIS B 689 -10.99 6.02 -48.33
C HIS B 689 -10.21 6.99 -49.20
N VAL B 690 -10.44 6.97 -50.51
CA VAL B 690 -9.78 7.92 -51.41
C VAL B 690 -10.22 9.35 -51.09
N ARG B 691 -11.53 9.54 -50.87
CA ARG B 691 -12.05 10.85 -50.50
C ARG B 691 -11.55 11.29 -49.12
N ALA B 692 -11.37 10.33 -48.21
CA ALA B 692 -10.84 10.65 -46.88
C ALA B 692 -9.37 11.04 -46.96
N LEU B 693 -8.60 10.42 -47.86
CA LEU B 693 -7.22 10.83 -48.08
C LEU B 693 -7.15 12.24 -48.65
N ARG B 694 -8.04 12.55 -49.61
CA ARG B 694 -8.09 13.91 -50.15
C ARG B 694 -8.52 14.91 -49.09
N GLN B 695 -9.46 14.52 -48.22
CA GLN B 695 -9.88 15.37 -47.12
C GLN B 695 -8.75 15.58 -46.11
N THR B 696 -7.94 14.55 -45.89
CA THR B 696 -6.79 14.66 -45.00
C THR B 696 -5.76 15.62 -45.59
N ILE B 697 -5.58 15.60 -46.91
CA ILE B 697 -4.74 16.61 -47.57
C ILE B 697 -5.33 18.00 -47.39
N THR B 698 -6.65 18.12 -47.55
CA THR B 698 -7.31 19.43 -47.49
C THR B 698 -7.25 20.04 -46.09
N ASP B 699 -7.46 19.23 -45.06
CA ASP B 699 -7.55 19.75 -43.69
C ASP B 699 -6.20 20.18 -43.16
N PHE B 700 -5.12 19.66 -43.75
CA PHE B 700 -3.77 20.02 -43.31
C PHE B 700 -3.17 21.19 -44.07
N THR B 701 -3.90 21.76 -45.01
CA THR B 701 -3.49 22.99 -45.69
C THR B 701 -4.46 24.11 -45.37
N ILE B 702 -3.98 25.34 -45.54
CA ILE B 702 -4.75 26.56 -45.26
C ILE B 702 -5.00 27.27 -46.58
N GLN B 703 -6.29 27.47 -46.88
CA GLN B 703 -6.72 27.97 -48.18
C GLN B 703 -6.71 29.50 -48.22
N GLY B 704 -7.06 30.03 -49.38
CA GLY B 704 -7.22 31.46 -49.57
C GLY B 704 -5.97 32.22 -49.97
N GLU B 705 -4.80 31.60 -49.95
CA GLU B 705 -3.54 32.25 -50.28
C GLU B 705 -2.92 31.57 -51.51
N GLY B 706 -3.02 32.27 -52.64
CA GLY B 706 -2.47 31.79 -53.90
C GLY B 706 -1.34 32.69 -54.36
N HIS B 707 -0.21 32.06 -54.68
CA HIS B 707 0.94 32.76 -55.25
C HIS B 707 1.18 32.24 -56.65
N ASN B 708 1.39 33.17 -57.59
CA ASN B 708 1.72 32.87 -58.99
C ASN B 708 0.65 32.03 -59.67
N GLY B 709 -0.60 32.17 -59.24
CA GLY B 709 -1.68 31.41 -59.83
C GLY B 709 -1.82 29.99 -59.33
N GLU B 710 -1.00 29.57 -58.38
CA GLU B 710 -1.03 28.21 -57.84
C GLU B 710 -1.84 28.20 -56.55
N THR B 711 -2.79 27.26 -56.46
CA THR B 711 -3.57 27.10 -55.24
C THR B 711 -2.70 26.55 -54.13
N SER B 712 -3.14 26.78 -52.88
CA SER B 712 -2.40 26.30 -51.72
C SER B 712 -2.41 24.78 -51.63
N GLU B 713 -3.43 24.14 -52.20
CA GLU B 713 -3.46 22.68 -52.27
C GLU B 713 -2.31 22.16 -53.12
N ALA B 714 -2.03 22.82 -54.24
CA ALA B 714 -0.90 22.43 -55.09
C ALA B 714 0.42 22.84 -54.48
N LEU B 715 0.47 23.99 -53.79
CA LEU B 715 1.71 24.46 -53.19
C LEU B 715 2.13 23.62 -51.99
N ASN B 716 1.17 23.08 -51.23
CA ASN B 716 1.51 22.30 -50.04
C ASN B 716 1.76 20.83 -50.37
N ASN B 717 0.85 20.20 -51.08
CA ASN B 717 0.92 18.76 -51.33
C ASN B 717 1.36 18.48 -52.77
N ILE B 718 1.63 17.21 -53.04
CA ILE B 718 2.10 16.74 -54.34
C ILE B 718 0.97 16.11 -55.15
N LEU B 719 0.13 15.31 -54.50
CA LEU B 719 -0.97 14.65 -55.19
C LEU B 719 -2.08 15.62 -55.56
N THR B 720 -2.07 16.84 -55.02
CA THR B 720 -3.01 17.87 -55.42
C THR B 720 -2.41 18.90 -56.37
N ASP B 721 -1.17 18.68 -56.82
CA ASP B 721 -0.54 19.56 -57.78
C ASP B 721 -0.68 18.98 -59.18
N ASP B 722 -1.04 19.84 -60.13
CA ASP B 722 -1.25 19.40 -61.51
C ASP B 722 0.06 19.27 -62.29
N THR B 723 1.17 19.75 -61.73
CA THR B 723 2.47 19.54 -62.37
C THR B 723 2.84 18.06 -62.38
N PHE B 724 2.59 17.37 -61.27
CA PHE B 724 2.82 15.94 -61.20
C PHE B 724 1.60 15.20 -61.75
N ILE B 725 1.85 14.16 -62.55
CA ILE B 725 0.79 13.48 -63.28
C ILE B 725 0.71 12.03 -62.85
N ALA B 726 -0.34 11.36 -63.31
CA ALA B 726 -0.54 9.95 -63.03
C ALA B 726 0.48 9.11 -63.82
N PRO B 727 0.83 7.92 -63.33
CA PRO B 727 1.74 7.04 -64.09
C PRO B 727 1.16 6.56 -65.42
N ILE B 728 -0.15 6.37 -65.51
CA ILE B 728 -0.80 5.91 -66.73
C ILE B 728 -1.95 6.86 -67.04
N LEU B 729 -1.95 7.40 -68.26
CA LEU B 729 -2.99 8.32 -68.71
C LEU B 729 -3.84 7.62 -69.76
N TRP B 730 -5.14 7.46 -69.48
CA TRP B 730 -6.08 7.04 -70.49
C TRP B 730 -6.63 8.21 -71.29
N ASP B 731 -6.78 9.37 -70.67
CA ASP B 731 -7.31 10.56 -71.31
C ASP B 731 -6.26 11.66 -71.29
N CYS B 732 -6.42 12.63 -72.20
CA CYS B 732 -5.49 13.74 -72.32
C CYS B 732 -5.86 14.93 -71.44
N ASP B 733 -6.92 14.79 -70.61
CA ASP B 733 -7.37 15.90 -69.78
C ASP B 733 -6.32 16.26 -68.72
N ALA B 734 -5.62 15.26 -68.20
CA ALA B 734 -4.58 15.52 -67.20
C ALA B 734 -3.43 16.32 -67.78
N LEU B 735 -3.07 16.05 -69.04
CA LEU B 735 -2.03 16.84 -69.70
C LEU B 735 -2.49 18.29 -69.92
N ILE B 736 -3.77 18.47 -70.24
CA ILE B 736 -4.32 19.82 -70.39
C ILE B 736 -4.27 20.58 -69.07
N TYR B 737 -4.65 19.92 -67.98
CA TYR B 737 -4.57 20.56 -66.68
C TYR B 737 -3.13 20.80 -66.27
N ARG B 738 -2.22 19.92 -66.69
CA ARG B 738 -0.80 20.07 -66.35
C ARG B 738 -0.19 21.29 -67.04
N ASP B 739 -0.40 21.43 -68.34
CA ASP B 739 0.20 22.57 -69.02
C ASP B 739 -0.65 23.83 -68.98
N GLU B 740 -1.85 23.77 -68.39
CA GLU B 740 -2.66 24.96 -68.21
C GLU B 740 -2.59 25.53 -66.80
N ALA B 741 -2.47 24.68 -65.78
CA ALA B 741 -2.56 25.16 -64.41
C ALA B 741 -1.27 25.83 -63.95
N ALA B 742 -0.13 25.45 -64.51
CA ALA B 742 1.15 25.93 -63.97
C ALA B 742 1.47 27.35 -64.44
N ARG B 743 1.72 27.51 -65.74
CA ARG B 743 1.92 28.80 -66.43
C ARG B 743 3.13 29.60 -65.96
N ASP B 744 3.88 29.08 -64.99
CA ASP B 744 5.13 29.69 -64.55
C ASP B 744 6.20 28.62 -64.49
N ARG B 745 5.79 27.39 -64.22
CA ARG B 745 6.65 26.22 -64.40
C ARG B 745 6.87 26.03 -65.89
N LEU B 746 8.11 26.14 -66.35
CA LEU B 746 8.44 26.02 -67.77
C LEU B 746 8.19 24.60 -68.24
N PRO B 747 7.17 24.37 -69.06
CA PRO B 747 6.79 22.98 -69.37
C PRO B 747 7.53 22.42 -70.58
N ALA B 748 7.73 21.10 -70.58
CA ALA B 748 8.28 20.42 -71.74
C ALA B 748 7.77 18.98 -71.72
N ILE B 749 6.96 18.64 -72.73
CA ILE B 749 6.37 17.33 -72.86
C ILE B 749 7.04 16.63 -74.04
N ARG B 750 7.40 15.37 -73.84
CA ARG B 750 8.10 14.58 -74.86
C ARG B 750 7.37 13.26 -75.04
N VAL B 751 6.76 13.07 -76.21
CA VAL B 751 6.08 11.81 -76.51
C VAL B 751 6.85 11.09 -77.60
N SER B 752 7.82 10.27 -77.19
CA SER B 752 8.61 9.37 -78.06
C SER B 752 9.21 10.11 -79.25
N GLY B 753 10.15 11.01 -78.93
CA GLY B 753 10.80 11.77 -79.99
C GLY B 753 10.27 13.18 -80.14
N ARG B 754 9.31 13.35 -81.06
CA ARG B 754 8.64 14.62 -81.28
C ARG B 754 8.03 15.17 -79.99
N ASN B 755 7.99 16.48 -79.88
CA ASN B 755 7.52 17.17 -78.69
C ASN B 755 6.07 17.57 -78.86
N GLY B 756 5.27 17.35 -77.83
CA GLY B 756 3.88 17.76 -77.87
C GLY B 756 2.96 16.64 -78.33
N TYR B 757 1.66 16.87 -78.17
CA TYR B 757 0.63 15.95 -78.58
C TYR B 757 -0.31 16.63 -79.58
N GLN B 758 -1.18 15.83 -80.19
CA GLN B 758 -2.22 16.33 -81.08
C GLN B 758 -3.62 16.15 -80.50
N ALA B 759 -3.84 15.07 -79.76
CA ALA B 759 -5.12 14.73 -79.13
C ALA B 759 -6.26 14.66 -80.15
N LEU B 760 -6.13 13.71 -81.07
CA LEU B 760 -7.17 13.44 -82.05
C LEU B 760 -7.87 12.14 -81.67
N HIS B 761 -9.17 12.21 -81.45
CA HIS B 761 -9.96 11.10 -80.94
C HIS B 761 -10.90 10.58 -82.00
N PHE B 762 -11.75 9.62 -81.58
CA PHE B 762 -12.80 9.00 -82.39
C PHE B 762 -12.22 8.33 -83.63
N VAL B 763 -11.43 7.29 -83.36
CA VAL B 763 -10.84 6.46 -84.40
C VAL B 763 -11.89 5.49 -84.92
N ASP B 764 -11.91 5.27 -86.23
CA ASP B 764 -12.89 4.44 -86.91
C ASP B 764 -12.22 3.26 -87.60
N MET B 765 -13.01 2.53 -88.40
CA MET B 765 -12.60 1.22 -88.93
C MET B 765 -11.39 1.33 -89.85
N ALA B 766 -11.44 2.22 -90.83
CA ALA B 766 -10.42 2.25 -91.86
C ALA B 766 -9.11 2.85 -91.34
N GLY B 767 -9.20 3.71 -90.32
CA GLY B 767 -8.03 4.45 -89.89
C GLY B 767 -7.52 4.11 -88.51
N HIS B 768 -7.46 2.81 -88.17
CA HIS B 768 -6.92 2.43 -86.86
C HIS B 768 -5.44 2.73 -86.78
N ASN B 769 -4.66 2.30 -87.78
CA ASN B 769 -3.25 2.65 -87.97
C ASN B 769 -2.40 2.30 -86.74
N PHE B 770 -2.28 1.00 -86.50
CA PHE B 770 -1.53 0.50 -85.35
C PHE B 770 -0.06 0.89 -85.42
N GLN B 771 0.50 1.03 -86.62
CA GLN B 771 1.89 1.43 -86.79
C GLN B 771 2.00 2.94 -87.05
N ARG B 772 1.50 3.71 -86.08
CA ARG B 772 1.53 5.17 -86.17
C ARG B 772 2.73 5.71 -85.40
N ARG B 773 3.43 6.68 -86.01
CA ARG B 773 4.63 7.26 -85.42
C ARG B 773 4.50 8.73 -85.06
N ASP B 774 3.40 9.39 -85.43
CA ASP B 774 3.25 10.80 -85.11
C ASP B 774 2.61 10.96 -83.73
N ASN B 775 2.38 12.20 -83.34
CA ASN B 775 1.93 12.52 -81.98
C ASN B 775 0.41 12.64 -81.88
N VAL B 776 -0.31 11.89 -82.69
CA VAL B 776 -1.77 11.81 -82.56
C VAL B 776 -2.09 10.80 -81.47
N LEU B 777 -2.83 11.23 -80.46
CA LEU B 777 -3.17 10.40 -79.32
C LEU B 777 -4.68 10.34 -79.18
N ILE B 778 -5.20 9.14 -78.91
CA ILE B 778 -6.65 8.91 -78.80
C ILE B 778 -7.09 9.45 -77.44
N HIS B 779 -7.69 10.64 -77.45
CA HIS B 779 -8.20 11.22 -76.20
C HIS B 779 -9.44 10.50 -75.71
N GLY B 780 -10.32 10.11 -76.62
CA GLY B 780 -11.56 9.43 -76.27
C GLY B 780 -12.78 10.17 -76.80
N ARG B 781 -13.82 9.39 -77.07
CA ARG B 781 -15.08 9.93 -77.59
C ARG B 781 -15.85 10.61 -76.48
N PRO B 782 -16.22 11.89 -76.61
CA PRO B 782 -17.20 12.49 -75.70
C PRO B 782 -18.56 11.86 -75.89
N VAL B 783 -19.26 11.67 -74.77
CA VAL B 783 -20.56 11.02 -74.81
C VAL B 783 -21.66 12.06 -74.99
N ARG B 784 -21.70 13.06 -74.10
CA ARG B 784 -22.69 14.12 -74.16
C ARG B 784 -22.13 15.31 -74.93
N GLY B 785 -21.81 15.04 -76.19
CA GLY B 785 -21.28 16.06 -77.07
C GLY B 785 -20.97 15.47 -78.43
N ASP B 786 -20.52 16.32 -79.33
CA ASP B 786 -20.15 15.93 -80.69
C ASP B 786 -18.63 15.90 -80.86
N THR B 787 -18.15 14.88 -81.58
CA THR B 787 -16.72 14.73 -81.79
C THR B 787 -16.16 15.83 -82.69
N GLY B 788 -16.56 15.82 -83.96
CA GLY B 788 -16.11 16.83 -84.92
C GLY B 788 -14.64 16.68 -85.28
N GLN B 789 -14.16 17.68 -86.02
CA GLN B 789 -12.75 17.79 -86.38
C GLN B 789 -12.14 19.13 -86.00
N ALA B 790 -12.88 20.23 -86.19
CA ALA B 790 -12.41 21.55 -85.82
C ALA B 790 -12.71 21.90 -84.37
N ILE B 791 -13.41 21.02 -83.65
CA ILE B 791 -13.80 21.25 -82.26
C ILE B 791 -12.57 21.06 -81.37
N PRO B 792 -12.26 22.03 -80.51
CA PRO B 792 -11.14 21.85 -79.57
C PRO B 792 -11.44 20.77 -78.55
N ILE B 793 -10.36 20.16 -78.05
CA ILE B 793 -10.49 19.02 -77.16
C ILE B 793 -10.91 19.50 -75.77
N THR B 794 -11.97 18.91 -75.24
CA THR B 794 -12.46 19.22 -73.92
C THR B 794 -12.05 18.13 -72.93
N PRO B 795 -11.81 18.46 -71.67
CA PRO B 795 -11.56 17.44 -70.66
C PRO B 795 -12.80 16.57 -70.45
N HIS B 796 -12.58 15.28 -70.21
CA HIS B 796 -13.69 14.37 -69.94
C HIS B 796 -14.30 14.64 -68.58
N HIS B 797 -13.48 14.94 -67.58
CA HIS B 797 -13.95 15.12 -66.22
C HIS B 797 -13.35 16.40 -65.63
N ASP B 798 -13.51 16.55 -64.31
CA ASP B 798 -13.18 17.77 -63.60
C ASP B 798 -11.72 17.74 -63.15
N ARG B 799 -11.26 18.84 -62.55
CA ARG B 799 -9.90 18.92 -62.01
C ARG B 799 -9.68 17.91 -60.88
N GLU B 800 -10.71 17.62 -60.09
CA GLU B 800 -10.59 16.68 -58.99
C GLU B 800 -10.41 15.25 -59.47
N TRP B 801 -10.76 14.95 -60.72
CA TRP B 801 -10.61 13.60 -61.26
C TRP B 801 -9.15 13.18 -61.33
N GLY B 802 -8.28 14.08 -61.82
CA GLY B 802 -6.86 13.78 -61.86
C GLY B 802 -6.27 13.64 -60.47
N ILE B 803 -6.76 14.44 -59.52
CA ILE B 803 -6.31 14.35 -58.13
C ILE B 803 -6.68 12.99 -57.54
N LEU B 804 -7.91 12.56 -57.76
CA LEU B 804 -8.35 11.26 -57.23
C LEU B 804 -7.61 10.11 -57.90
N SER B 805 -7.33 10.22 -59.21
CA SER B 805 -6.59 9.17 -59.91
C SER B 805 -5.16 9.07 -59.40
N LYS B 806 -4.50 10.21 -59.19
CA LYS B 806 -3.15 10.21 -58.65
C LYS B 806 -3.12 9.67 -57.23
N ILE B 807 -4.11 10.06 -56.41
CA ILE B 807 -4.19 9.58 -55.03
C ILE B 807 -4.37 8.07 -55.00
N TYR B 808 -5.25 7.55 -55.86
CA TYR B 808 -5.46 6.11 -55.94
C TYR B 808 -4.20 5.39 -56.39
N TYR B 809 -3.60 5.85 -57.49
CA TYR B 809 -2.43 5.20 -58.07
C TYR B 809 -1.23 5.22 -57.14
N TYR B 810 -1.08 6.27 -56.34
CA TYR B 810 0.09 6.41 -55.49
C TYR B 810 -0.17 6.05 -54.04
N ILE B 811 -1.39 5.68 -53.67
CA ILE B 811 -1.63 5.23 -52.30
C ILE B 811 -2.17 3.80 -52.28
N VAL B 812 -3.31 3.57 -52.96
CA VAL B 812 -4.01 2.30 -52.80
C VAL B 812 -3.24 1.18 -53.47
N ILE B 813 -2.76 1.41 -54.69
CA ILE B 813 -2.00 0.37 -55.41
C ILE B 813 -0.68 0.01 -54.73
N PRO B 814 0.20 0.96 -54.33
CA PRO B 814 1.47 0.51 -53.72
C PRO B 814 1.34 -0.13 -52.35
N ALA B 815 0.47 0.40 -51.49
CA ALA B 815 0.42 -0.09 -50.11
C ALA B 815 -0.22 -1.47 -50.02
N PHE B 816 -1.12 -1.79 -50.95
CA PHE B 816 -1.69 -3.13 -50.98
C PHE B 816 -0.87 -4.08 -51.84
N SER B 817 -0.23 -3.59 -52.92
CA SER B 817 0.58 -4.46 -53.75
C SER B 817 1.93 -4.75 -53.12
N ARG B 818 2.44 -3.82 -52.31
CA ARG B 818 3.74 -3.91 -51.63
C ARG B 818 4.89 -4.12 -52.62
N GLY B 819 4.86 -3.34 -53.69
CA GLY B 819 5.93 -3.34 -54.67
C GLY B 819 6.08 -4.61 -55.49
N SER B 820 4.96 -5.23 -55.88
CA SER B 820 5.00 -6.43 -56.70
C SER B 820 4.31 -6.25 -58.04
N CYS B 821 3.36 -5.33 -58.14
CA CYS B 821 2.67 -5.07 -59.41
C CYS B 821 3.58 -4.30 -60.36
N CYS B 822 3.29 -4.43 -61.65
CA CYS B 822 4.11 -3.84 -62.70
C CYS B 822 3.23 -3.11 -63.70
N THR B 823 3.78 -2.06 -64.30
CA THR B 823 3.11 -1.27 -65.32
C THR B 823 3.70 -1.58 -66.69
N MET B 824 2.84 -1.62 -67.71
CA MET B 824 3.26 -1.95 -69.06
C MET B 824 2.18 -1.52 -70.06
N GLY B 825 2.57 -1.51 -71.33
CA GLY B 825 1.65 -1.25 -72.41
C GLY B 825 1.17 -2.52 -73.06
N VAL B 826 0.16 -2.39 -73.90
CA VAL B 826 -0.47 -3.52 -74.55
C VAL B 826 -0.05 -3.54 -76.02
N ARG B 827 -0.40 -4.63 -76.70
CA ARG B 827 -0.08 -4.84 -78.11
C ARG B 827 -1.40 -4.92 -78.85
N TYR B 828 -1.94 -3.77 -79.26
CA TYR B 828 -3.24 -3.72 -79.92
C TYR B 828 -3.23 -4.39 -81.27
N ASP B 829 -2.07 -4.38 -81.96
CA ASP B 829 -1.96 -4.93 -83.31
C ASP B 829 -2.22 -6.43 -83.37
N ARG B 830 -2.07 -7.14 -82.24
CA ARG B 830 -2.47 -8.54 -82.16
C ARG B 830 -3.69 -8.74 -81.28
N LEU B 831 -3.93 -7.83 -80.32
CA LEU B 831 -5.07 -7.97 -79.41
C LEU B 831 -6.38 -7.74 -80.13
N TYR B 832 -6.47 -6.68 -80.94
CA TYR B 832 -7.71 -6.40 -81.66
C TYR B 832 -8.09 -7.46 -82.69
N PRO B 833 -7.20 -8.00 -83.54
CA PRO B 833 -7.63 -9.12 -84.38
C PRO B 833 -7.96 -10.39 -83.61
N ALA B 834 -7.41 -10.56 -82.41
CA ALA B 834 -7.79 -11.69 -81.58
C ALA B 834 -9.15 -11.51 -80.91
N LEU B 835 -9.71 -10.30 -80.95
CA LEU B 835 -10.99 -10.01 -80.34
C LEU B 835 -12.15 -10.16 -81.32
N GLN B 836 -11.87 -10.25 -82.62
CA GLN B 836 -12.88 -10.28 -83.66
C GLN B 836 -13.54 -11.64 -83.84
N ALA B 837 -13.29 -12.59 -82.94
CA ALA B 837 -13.82 -13.95 -83.05
C ALA B 837 -14.89 -14.16 -81.98
N VAL B 838 -16.14 -13.77 -82.30
CA VAL B 838 -17.29 -14.04 -81.46
C VAL B 838 -18.09 -15.17 -82.10
N ILE B 839 -18.45 -16.17 -81.29
CA ILE B 839 -19.04 -17.41 -81.80
C ILE B 839 -20.43 -17.52 -81.17
N VAL B 840 -21.11 -16.39 -81.05
CA VAL B 840 -22.51 -16.43 -80.60
C VAL B 840 -23.35 -17.14 -81.66
N PRO B 841 -24.36 -17.92 -81.28
CA PRO B 841 -25.14 -18.66 -82.27
C PRO B 841 -26.25 -17.80 -82.85
N GLU B 842 -26.90 -18.35 -83.88
CA GLU B 842 -28.08 -17.74 -84.49
C GLU B 842 -29.29 -18.31 -83.78
N ILE B 843 -29.85 -17.54 -82.85
CA ILE B 843 -31.01 -18.00 -82.08
C ILE B 843 -32.23 -18.06 -83.01
N PRO B 844 -33.02 -19.13 -82.94
CA PRO B 844 -34.26 -19.17 -83.74
C PRO B 844 -35.25 -18.13 -83.27
N ALA B 845 -36.10 -17.70 -84.21
CA ALA B 845 -37.06 -16.63 -83.94
C ALA B 845 -38.11 -17.07 -82.92
N ASP B 846 -38.48 -16.12 -82.06
CA ASP B 846 -39.48 -16.30 -81.00
C ASP B 846 -39.09 -17.45 -80.05
N GLU B 847 -37.84 -17.42 -79.59
CA GLU B 847 -37.33 -18.44 -78.68
C GLU B 847 -36.70 -17.77 -77.46
N GLU B 848 -36.62 -18.53 -76.37
CA GLU B 848 -36.06 -18.00 -75.13
C GLU B 848 -34.54 -17.87 -75.24
N ALA B 849 -33.99 -16.90 -74.50
CA ALA B 849 -32.54 -16.73 -74.46
C ALA B 849 -31.93 -17.72 -73.48
N PRO B 850 -31.01 -18.58 -73.93
CA PRO B 850 -30.40 -19.54 -73.00
C PRO B 850 -29.43 -18.87 -72.04
N THR B 851 -29.42 -19.36 -70.81
CA THR B 851 -28.56 -18.84 -69.75
C THR B 851 -27.60 -19.89 -69.19
N THR B 852 -28.08 -21.11 -68.97
CA THR B 852 -27.21 -22.16 -68.45
C THR B 852 -26.28 -22.68 -69.55
N PRO B 853 -25.05 -23.07 -69.19
CA PRO B 853 -24.10 -23.56 -70.20
C PRO B 853 -24.21 -25.04 -70.51
N GLU B 854 -25.27 -25.72 -70.09
CA GLU B 854 -25.39 -27.15 -70.36
C GLU B 854 -25.97 -27.43 -71.74
N ASP B 855 -26.85 -26.55 -72.25
CA ASP B 855 -27.42 -26.76 -73.57
C ASP B 855 -26.45 -26.32 -74.66
N PRO B 856 -26.53 -26.91 -75.85
CA PRO B 856 -25.68 -26.46 -76.96
C PRO B 856 -26.00 -25.05 -77.44
N ARG B 857 -27.20 -24.52 -77.14
CA ARG B 857 -27.56 -23.18 -77.57
C ARG B 857 -26.77 -22.10 -76.85
N HIS B 858 -26.21 -22.40 -75.69
CA HIS B 858 -25.37 -21.43 -74.99
C HIS B 858 -24.06 -21.26 -75.74
N PRO B 859 -23.54 -20.03 -75.86
CA PRO B 859 -22.26 -19.84 -76.58
C PRO B 859 -21.06 -20.44 -75.88
N LEU B 860 -21.14 -20.70 -74.57
CA LEU B 860 -20.03 -21.25 -73.81
C LEU B 860 -20.05 -22.77 -73.77
N HIS B 861 -20.93 -23.41 -74.53
CA HIS B 861 -20.98 -24.86 -74.60
C HIS B 861 -19.77 -25.38 -75.38
N ALA B 862 -19.41 -26.63 -75.10
CA ALA B 862 -18.24 -27.24 -75.74
C ALA B 862 -18.49 -27.52 -77.23
N HIS B 863 -19.75 -27.65 -77.63
CA HIS B 863 -20.06 -27.87 -79.04
C HIS B 863 -19.78 -26.62 -79.86
N GLN B 864 -20.06 -25.45 -79.31
CA GLN B 864 -19.85 -24.18 -80.00
C GLN B 864 -18.55 -23.50 -79.59
N LEU B 865 -17.53 -24.28 -79.25
CA LEU B 865 -16.25 -23.76 -78.79
C LEU B 865 -15.20 -24.10 -79.84
N VAL B 866 -14.85 -23.11 -80.66
CA VAL B 866 -13.76 -23.23 -81.62
C VAL B 866 -12.52 -22.62 -80.96
N PRO B 867 -11.33 -23.19 -81.15
CA PRO B 867 -10.12 -22.56 -80.61
C PRO B 867 -9.82 -21.23 -81.28
N ASN B 868 -9.00 -20.43 -80.59
CA ASN B 868 -8.62 -19.07 -80.99
C ASN B 868 -9.85 -18.18 -81.17
N SER B 869 -10.73 -18.24 -80.17
CA SER B 869 -11.94 -17.44 -80.16
C SER B 869 -12.21 -17.03 -78.71
N LEU B 870 -13.13 -16.08 -78.55
CA LEU B 870 -13.42 -15.53 -77.23
C LEU B 870 -14.07 -16.56 -76.29
N ASN B 871 -14.72 -17.58 -76.85
CA ASN B 871 -15.43 -18.53 -76.00
C ASN B 871 -14.48 -19.41 -75.20
N VAL B 872 -13.38 -19.86 -75.82
CA VAL B 872 -12.41 -20.66 -75.09
C VAL B 872 -11.64 -19.81 -74.08
N TYR B 873 -11.47 -18.51 -74.36
CA TYR B 873 -10.79 -17.65 -73.40
C TYR B 873 -11.69 -17.32 -72.22
N PHE B 874 -13.01 -17.25 -72.44
CA PHE B 874 -13.94 -17.08 -71.33
C PHE B 874 -14.07 -18.37 -70.53
N HIS B 875 -14.00 -19.53 -71.20
CA HIS B 875 -14.15 -20.81 -70.51
C HIS B 875 -12.89 -21.18 -69.74
N ASN B 876 -11.72 -20.70 -70.18
CA ASN B 876 -10.50 -20.92 -69.41
C ASN B 876 -10.56 -20.22 -68.06
N ALA B 877 -11.24 -19.08 -68.00
CA ALA B 877 -11.55 -18.41 -66.75
C ALA B 877 -12.78 -19.01 -66.06
N HIS B 878 -13.56 -19.83 -66.78
CA HIS B 878 -14.80 -20.45 -66.30
C HIS B 878 -15.79 -19.41 -65.77
N LEU B 879 -16.07 -18.41 -66.61
CA LEU B 879 -17.07 -17.39 -66.31
C LEU B 879 -18.29 -17.63 -67.16
N THR B 880 -19.42 -17.05 -66.73
CA THR B 880 -20.71 -17.24 -67.38
C THR B 880 -21.14 -15.93 -68.03
N VAL B 881 -21.20 -15.92 -69.36
CA VAL B 881 -21.69 -14.79 -70.13
C VAL B 881 -22.68 -15.30 -71.18
N ASP B 882 -23.56 -14.41 -71.60
CA ASP B 882 -24.64 -14.77 -72.50
C ASP B 882 -24.30 -14.39 -73.94
N GLY B 883 -25.28 -14.60 -74.83
CA GLY B 883 -25.09 -14.28 -76.24
C GLY B 883 -24.96 -12.79 -76.49
N ASP B 884 -25.82 -11.99 -75.85
CA ASP B 884 -25.73 -10.55 -76.01
C ASP B 884 -24.49 -9.99 -75.32
N ALA B 885 -23.97 -10.72 -74.31
CA ALA B 885 -22.75 -10.30 -73.62
C ALA B 885 -21.55 -10.30 -74.58
N LEU B 886 -21.47 -11.29 -75.47
CA LEU B 886 -20.43 -11.27 -76.49
C LEU B 886 -20.88 -10.49 -77.73
N LEU B 887 -22.18 -10.24 -77.87
CA LEU B 887 -22.65 -9.42 -78.99
C LEU B 887 -22.40 -7.93 -78.75
N THR B 888 -22.17 -7.51 -77.50
CA THR B 888 -21.80 -6.13 -77.26
C THR B 888 -20.40 -5.79 -77.75
N LEU B 889 -19.60 -6.79 -78.15
CA LEU B 889 -18.27 -6.54 -78.70
C LEU B 889 -18.34 -5.76 -80.00
N GLN B 890 -19.36 -6.03 -80.84
CA GLN B 890 -19.40 -5.42 -82.16
C GLN B 890 -19.76 -3.94 -82.09
N GLU B 891 -20.36 -3.50 -80.98
CA GLU B 891 -20.52 -2.07 -80.75
C GLU B 891 -19.49 -1.50 -79.79
N LEU B 892 -18.77 -2.35 -79.05
CA LEU B 892 -17.63 -1.88 -78.28
C LEU B 892 -16.47 -1.52 -79.20
N MET B 893 -16.34 -2.22 -80.33
CA MET B 893 -15.25 -1.96 -81.27
C MET B 893 -15.42 -0.67 -82.06
N GLY B 894 -16.51 0.09 -81.83
CA GLY B 894 -16.67 1.36 -82.53
C GLY B 894 -15.58 2.37 -82.20
N ASP B 895 -15.20 2.46 -80.93
CA ASP B 895 -14.06 3.25 -80.52
C ASP B 895 -12.89 2.34 -80.16
N MET B 896 -11.69 2.72 -80.60
CA MET B 896 -10.50 1.95 -80.29
C MET B 896 -9.49 2.85 -79.58
N ALA B 897 -8.45 2.19 -79.06
CA ALA B 897 -7.21 2.85 -78.68
C ALA B 897 -6.13 2.35 -79.62
N GLU B 898 -5.31 3.26 -80.14
CA GLU B 898 -4.43 2.91 -81.25
C GLU B 898 -3.28 2.04 -80.79
N ARG B 899 -2.41 2.57 -79.94
CA ARG B 899 -1.24 1.89 -79.43
C ARG B 899 -0.68 2.70 -78.28
N THR B 900 0.00 2.02 -77.36
CA THR B 900 0.58 2.70 -76.21
C THR B 900 1.83 3.47 -76.62
N THR B 901 2.06 4.59 -75.94
CA THR B 901 3.21 5.43 -76.22
C THR B 901 3.79 5.94 -74.90
N ALA B 902 5.03 6.39 -74.96
CA ALA B 902 5.76 6.86 -73.79
C ALA B 902 5.78 8.38 -73.77
N ILE B 903 5.32 8.96 -72.67
CA ILE B 903 5.29 10.40 -72.48
C ILE B 903 6.22 10.75 -71.33
N LEU B 904 7.25 11.56 -71.62
CA LEU B 904 8.16 12.08 -70.62
C LEU B 904 7.88 13.58 -70.49
N VAL B 905 7.40 14.00 -69.32
CA VAL B 905 7.07 15.39 -69.05
C VAL B 905 8.14 15.98 -68.14
N SER B 906 8.35 17.28 -68.23
CA SER B 906 9.30 17.97 -67.38
C SER B 906 8.84 19.39 -67.13
N SER B 907 9.22 19.94 -65.98
CA SER B 907 8.86 21.29 -65.60
C SER B 907 9.90 21.84 -64.63
N ALA B 908 9.87 23.16 -64.47
CA ALA B 908 10.68 23.85 -63.49
C ALA B 908 10.21 23.52 -62.08
N PRO B 909 11.06 23.71 -61.07
CA PRO B 909 10.60 23.56 -59.68
C PRO B 909 9.57 24.62 -59.31
N ASP B 910 8.85 24.34 -58.22
CA ASP B 910 7.65 25.08 -57.87
C ASP B 910 7.98 26.51 -57.46
N ALA B 911 6.96 27.38 -57.55
CA ALA B 911 7.14 28.79 -57.20
C ALA B 911 7.39 29.00 -55.72
N GLY B 912 7.08 28.02 -54.87
CA GLY B 912 7.43 28.13 -53.47
C GLY B 912 8.92 28.10 -53.22
N ALA B 913 9.66 27.33 -54.02
CA ALA B 913 11.11 27.26 -53.91
C ALA B 913 11.77 27.68 -55.22
N ALA B 914 11.28 28.75 -55.83
CA ALA B 914 11.79 29.23 -57.12
C ALA B 914 12.74 30.39 -56.88
N THR B 915 14.03 30.16 -57.15
CA THR B 915 15.02 31.23 -57.11
C THR B 915 15.67 31.36 -58.47
N ALA B 916 16.71 32.20 -58.58
CA ALA B 916 17.42 32.33 -59.85
C ALA B 916 18.25 31.09 -60.15
N THR B 917 18.78 30.43 -59.13
CA THR B 917 19.66 29.28 -59.32
C THR B 917 18.93 27.95 -59.41
N THR B 918 17.63 27.91 -59.15
CA THR B 918 16.87 26.67 -59.31
C THR B 918 16.31 26.50 -60.72
N ARG B 919 16.49 27.49 -61.59
CA ARG B 919 15.95 27.37 -62.95
C ARG B 919 16.76 26.41 -63.80
N ASN B 920 18.00 26.11 -63.40
CA ASN B 920 18.85 25.23 -64.20
C ASN B 920 18.37 23.78 -64.12
N MET B 921 17.98 23.31 -62.94
CA MET B 921 17.61 21.92 -62.76
C MET B 921 16.09 21.76 -62.79
N ARG B 922 15.62 20.86 -63.64
CA ARG B 922 14.21 20.55 -63.81
C ARG B 922 13.94 19.12 -63.35
N ILE B 923 12.67 18.82 -63.12
CA ILE B 923 12.23 17.50 -62.69
C ILE B 923 11.78 16.73 -63.92
N TYR B 924 12.21 15.48 -64.04
CA TYR B 924 11.93 14.66 -65.21
C TYR B 924 11.26 13.37 -64.79
N ASP B 925 9.99 13.22 -65.16
CA ASP B 925 9.21 12.03 -64.86
C ASP B 925 8.44 11.63 -66.09
N GLY B 926 8.13 10.34 -66.19
CA GLY B 926 7.52 9.78 -67.37
C GLY B 926 6.18 9.12 -67.08
N ALA B 927 5.48 8.78 -68.16
CA ALA B 927 4.16 8.17 -68.06
C ALA B 927 3.91 7.31 -69.29
N LEU B 928 2.90 6.45 -69.19
CA LEU B 928 2.51 5.54 -70.26
C LEU B 928 1.08 5.86 -70.66
N TYR B 929 0.91 6.44 -71.85
CA TYR B 929 -0.43 6.61 -72.40
C TYR B 929 -0.92 5.28 -72.95
N HIS B 930 -2.18 4.95 -72.64
CA HIS B 930 -2.80 3.66 -72.99
C HIS B 930 -2.01 2.46 -72.47
N GLY B 931 -1.43 2.61 -71.28
CA GLY B 931 -0.76 1.51 -70.62
C GLY B 931 -1.66 0.79 -69.63
N LEU B 932 -1.14 -0.28 -69.04
CA LEU B 932 -1.92 -1.11 -68.13
C LEU B 932 -1.04 -1.57 -66.97
N ILE B 933 -1.69 -2.00 -65.91
CA ILE B 933 -1.01 -2.56 -64.74
C ILE B 933 -1.61 -3.92 -64.45
N MET B 934 -0.76 -4.94 -64.36
CA MET B 934 -1.19 -6.29 -64.04
C MET B 934 -0.65 -6.67 -62.68
N MET B 935 -1.43 -7.46 -61.93
CA MET B 935 -1.27 -7.48 -60.48
C MET B 935 -0.11 -8.36 -60.01
N ALA B 936 -0.19 -9.67 -60.26
CA ALA B 936 0.82 -10.60 -59.77
C ALA B 936 1.28 -11.48 -60.91
N TYR B 937 2.60 -11.57 -61.10
CA TYR B 937 3.17 -12.19 -62.29
C TYR B 937 2.97 -13.69 -62.27
N GLN B 938 2.55 -14.23 -63.41
CA GLN B 938 2.47 -15.67 -63.63
C GLN B 938 3.44 -16.06 -64.73
N ALA B 939 4.00 -17.26 -64.64
CA ALA B 939 4.95 -17.75 -65.63
C ALA B 939 4.63 -19.15 -66.13
N TYR B 940 3.85 -19.93 -65.38
CA TYR B 940 3.53 -21.30 -65.73
C TYR B 940 2.13 -21.44 -66.32
N ASP B 941 1.49 -20.33 -66.67
CA ASP B 941 0.21 -20.35 -67.37
C ASP B 941 0.51 -20.54 -68.85
N GLU B 942 0.39 -21.79 -69.33
CA GLU B 942 0.76 -22.12 -70.69
C GLU B 942 -0.43 -22.10 -71.65
N THR B 943 -1.60 -21.67 -71.20
CA THR B 943 -2.72 -21.47 -72.13
C THR B 943 -2.47 -20.27 -73.04
N ILE B 944 -1.82 -19.23 -72.53
CA ILE B 944 -1.47 -18.04 -73.28
C ILE B 944 0.05 -17.91 -73.27
N ALA B 945 0.63 -17.71 -74.45
CA ALA B 945 2.08 -17.57 -74.56
C ALA B 945 2.55 -16.30 -73.85
N THR B 946 3.77 -16.36 -73.32
CA THR B 946 4.29 -15.27 -72.51
C THR B 946 4.65 -14.06 -73.39
N GLY B 947 4.16 -12.89 -72.99
CA GLY B 947 4.41 -11.68 -73.75
C GLY B 947 3.71 -11.62 -75.09
N THR B 948 2.47 -12.12 -75.16
CA THR B 948 1.72 -12.04 -76.40
C THR B 948 0.99 -10.70 -76.51
N PHE B 949 0.33 -10.28 -75.44
CA PHE B 949 -0.47 -9.06 -75.44
C PHE B 949 0.21 -7.89 -74.75
N PHE B 950 1.09 -8.13 -73.79
CA PHE B 950 1.80 -7.08 -73.08
C PHE B 950 3.30 -7.26 -73.26
N TYR B 951 4.03 -6.15 -73.20
CA TYR B 951 5.47 -6.17 -73.07
C TYR B 951 5.83 -5.25 -71.92
N PRO B 952 6.68 -5.68 -70.98
CA PRO B 952 6.90 -4.90 -69.76
C PRO B 952 7.73 -3.66 -70.03
N VAL B 953 7.11 -2.50 -69.75
CA VAL B 953 7.76 -1.20 -69.88
C VAL B 953 7.60 -0.42 -68.57
N PRO B 954 8.29 -0.84 -67.50
CA PRO B 954 8.06 -0.22 -66.19
C PRO B 954 8.92 1.03 -66.01
N VAL B 955 8.26 2.16 -65.78
CA VAL B 955 8.95 3.39 -65.35
C VAL B 955 8.26 3.94 -64.10
N ASN B 956 8.69 3.44 -62.94
CA ASN B 956 8.43 3.94 -61.59
C ASN B 956 9.29 3.10 -60.65
N PRO B 957 9.98 3.70 -59.67
CA PRO B 957 10.51 2.89 -58.57
C PRO B 957 9.42 2.18 -57.79
N LEU B 958 8.23 2.80 -57.71
CA LEU B 958 7.08 2.17 -57.08
C LEU B 958 6.62 0.94 -57.85
N PHE B 959 6.63 1.02 -59.19
CA PHE B 959 6.17 -0.07 -60.04
C PHE B 959 7.33 -0.93 -60.56
N ALA B 960 8.36 -1.13 -59.75
CA ALA B 960 9.47 -1.99 -60.16
C ALA B 960 9.03 -3.45 -60.18
N CYS B 961 9.30 -4.12 -61.29
CA CYS B 961 8.85 -5.50 -61.52
C CYS B 961 10.02 -6.36 -62.00
N PRO B 962 10.83 -6.87 -61.06
CA PRO B 962 11.95 -7.74 -61.48
C PRO B 962 11.50 -9.07 -62.07
N GLU B 963 10.36 -9.60 -61.62
CA GLU B 963 9.91 -10.90 -62.11
C GLU B 963 9.08 -10.78 -63.38
N HIS B 964 8.49 -9.61 -63.65
CA HIS B 964 7.67 -9.45 -64.85
C HIS B 964 8.51 -9.27 -66.11
N LEU B 965 9.84 -9.15 -65.97
CA LEU B 965 10.69 -8.86 -67.13
C LEU B 965 10.84 -10.06 -68.06
N ALA B 966 10.41 -11.25 -67.65
CA ALA B 966 10.44 -12.40 -68.54
C ALA B 966 9.40 -12.30 -69.65
N SER B 967 8.41 -11.41 -69.50
CA SER B 967 7.45 -11.16 -70.57
C SER B 967 8.07 -10.47 -71.77
N LEU B 968 9.20 -9.78 -71.57
CA LEU B 968 9.93 -9.16 -72.67
C LEU B 968 10.76 -10.21 -73.39
N ARG B 969 10.86 -10.07 -74.71
CA ARG B 969 11.66 -10.99 -75.51
C ARG B 969 13.14 -10.76 -75.24
N GLY B 970 13.94 -11.79 -75.54
CA GLY B 970 15.36 -11.74 -75.26
C GLY B 970 15.70 -11.71 -73.78
N MET B 971 15.03 -12.53 -72.98
CA MET B 971 15.23 -12.56 -71.54
C MET B 971 16.23 -13.64 -71.18
N THR B 972 17.22 -13.28 -70.37
CA THR B 972 18.30 -14.19 -69.97
C THR B 972 18.41 -14.21 -68.44
N ASN B 973 19.42 -14.92 -67.96
CA ASN B 973 19.69 -14.95 -66.53
C ASN B 973 20.40 -13.69 -66.05
N ALA B 974 21.20 -13.07 -66.92
CA ALA B 974 21.98 -11.90 -66.54
C ALA B 974 21.09 -10.71 -66.21
N ARG B 975 20.05 -10.47 -67.03
CA ARG B 975 19.12 -9.39 -66.75
C ARG B 975 18.37 -9.61 -65.44
N ARG B 976 18.05 -10.87 -65.14
CA ARG B 976 17.32 -11.17 -63.91
C ARG B 976 18.20 -10.96 -62.68
N VAL B 977 19.44 -11.45 -62.73
CA VAL B 977 20.31 -11.33 -61.56
C VAL B 977 20.79 -9.87 -61.40
N LEU B 978 20.77 -9.09 -62.48
CA LEU B 978 21.13 -7.69 -62.37
C LEU B 978 19.93 -6.83 -62.00
N ALA B 979 18.71 -7.35 -62.21
CA ALA B 979 17.51 -6.58 -61.93
C ALA B 979 16.88 -6.91 -60.59
N LYS B 980 17.28 -8.01 -59.94
CA LYS B 980 16.83 -8.25 -58.56
C LYS B 980 17.35 -7.20 -57.59
N MET B 981 18.48 -6.55 -57.90
CA MET B 981 19.02 -5.52 -57.03
C MET B 981 18.81 -4.10 -57.54
N VAL B 982 18.67 -3.91 -58.85
CA VAL B 982 18.50 -2.58 -59.45
C VAL B 982 17.19 -2.58 -60.22
N PRO B 983 16.27 -1.66 -59.95
CA PRO B 983 14.98 -1.64 -60.66
C PRO B 983 15.16 -1.23 -62.11
N PRO B 984 14.44 -1.87 -63.04
CA PRO B 984 14.53 -1.51 -64.46
C PRO B 984 13.71 -0.26 -64.76
N ILE B 985 14.40 0.83 -65.11
CA ILE B 985 13.77 2.09 -65.45
C ILE B 985 14.41 2.58 -66.75
N PRO B 986 13.63 2.91 -67.79
CA PRO B 986 14.22 3.42 -69.02
C PRO B 986 14.79 4.81 -68.81
N PRO B 987 15.88 5.14 -69.51
CA PRO B 987 16.45 6.49 -69.34
C PRO B 987 15.63 7.58 -70.01
N PHE B 988 14.88 7.25 -71.06
CA PHE B 988 14.12 8.25 -71.80
C PHE B 988 12.79 8.59 -71.16
N LEU B 989 12.44 7.94 -70.06
CA LEU B 989 11.18 8.20 -69.37
C LEU B 989 11.43 8.70 -67.94
N GLY B 990 12.61 9.23 -67.66
CA GLY B 990 12.89 9.82 -66.37
C GLY B 990 13.85 9.01 -65.52
N ALA B 991 15.00 9.61 -65.21
CA ALA B 991 15.96 8.98 -64.31
C ALA B 991 15.46 9.03 -62.88
N ASN B 992 15.99 8.13 -62.05
CA ASN B 992 15.53 8.02 -60.67
C ASN B 992 15.90 9.26 -59.87
N HIS B 993 17.08 9.82 -60.12
CA HIS B 993 17.47 11.06 -59.46
C HIS B 993 16.65 12.25 -59.96
N HIS B 994 16.18 12.21 -61.21
CA HIS B 994 15.43 13.30 -61.79
C HIS B 994 13.93 13.15 -61.65
N ALA B 995 13.45 12.03 -61.10
CA ALA B 995 12.01 11.81 -60.95
C ALA B 995 11.53 12.30 -59.59
N THR B 996 10.22 12.50 -59.50
CA THR B 996 9.60 12.84 -58.21
C THR B 996 9.63 11.66 -57.26
N ILE B 997 9.04 10.53 -57.68
CA ILE B 997 9.09 9.31 -56.89
C ILE B 997 10.48 8.70 -57.03
N ARG B 998 11.14 8.46 -55.90
CA ARG B 998 12.53 8.03 -55.90
C ARG B 998 12.66 6.66 -55.22
N GLN B 999 13.90 6.24 -55.04
CA GLN B 999 14.18 4.96 -54.39
C GLN B 999 13.73 4.85 -52.92
N PRO B 1000 13.97 5.84 -52.02
CA PRO B 1000 13.59 5.62 -50.60
C PRO B 1000 12.10 5.38 -50.35
N VAL B 1001 11.21 6.03 -51.09
CA VAL B 1001 9.78 5.80 -50.87
C VAL B 1001 9.39 4.40 -51.34
N ALA B 1002 10.00 3.94 -52.44
CA ALA B 1002 9.78 2.57 -52.91
C ALA B 1002 10.31 1.55 -51.91
N TYR B 1003 11.48 1.83 -51.31
CA TYR B 1003 12.02 0.93 -50.30
C TYR B 1003 11.17 0.93 -49.05
N HIS B 1004 10.59 2.09 -48.70
CA HIS B 1004 9.70 2.18 -47.55
C HIS B 1004 8.43 1.37 -47.78
N VAL B 1005 7.84 1.48 -48.98
CA VAL B 1005 6.58 0.78 -49.22
C VAL B 1005 6.82 -0.72 -49.43
N THR B 1006 8.03 -1.12 -49.85
CA THR B 1006 8.28 -2.54 -50.07
C THR B 1006 8.82 -3.25 -48.83
N HIS B 1007 9.19 -2.53 -47.77
CA HIS B 1007 9.81 -3.16 -46.61
C HIS B 1007 9.10 -2.78 -45.30
N SER B 1008 7.83 -2.39 -45.35
CA SER B 1008 7.08 -2.03 -44.17
C SER B 1008 6.04 -3.12 -43.89
N LYS B 1009 6.04 -3.65 -42.67
CA LYS B 1009 5.05 -4.62 -42.23
C LYS B 1009 4.50 -4.17 -40.88
N SER B 1010 3.54 -3.25 -40.92
CA SER B 1010 2.78 -2.88 -39.74
C SER B 1010 1.29 -3.11 -39.92
N ASP B 1011 0.70 -2.55 -40.96
CA ASP B 1011 -0.73 -2.60 -41.27
C ASP B 1011 -0.89 -2.10 -42.69
N PHE B 1012 -2.13 -1.93 -43.14
CA PHE B 1012 -2.42 -1.31 -44.42
C PHE B 1012 -2.97 0.10 -44.28
N ASN B 1013 -3.80 0.36 -43.26
CA ASN B 1013 -4.27 1.71 -42.99
C ASN B 1013 -3.10 2.61 -42.61
N THR B 1014 -2.26 2.14 -41.68
CA THR B 1014 -1.11 2.92 -41.26
C THR B 1014 -0.11 3.10 -42.39
N LEU B 1015 0.04 2.09 -43.25
CA LEU B 1015 0.93 2.22 -44.39
C LEU B 1015 0.41 3.25 -45.40
N THR B 1016 -0.90 3.26 -45.64
CA THR B 1016 -1.48 4.25 -46.54
C THR B 1016 -1.34 5.66 -45.99
N TYR B 1017 -1.58 5.84 -44.69
CA TYR B 1017 -1.46 7.17 -44.11
C TYR B 1017 0.01 7.60 -44.01
N SER B 1018 0.92 6.65 -43.84
CA SER B 1018 2.34 6.98 -43.89
C SER B 1018 2.77 7.40 -45.28
N LEU B 1019 2.24 6.73 -46.31
CA LEU B 1019 2.52 7.14 -47.69
C LEU B 1019 1.93 8.51 -47.99
N LEU B 1020 0.75 8.80 -47.43
CA LEU B 1020 0.16 10.13 -47.59
C LEU B 1020 1.01 11.20 -46.90
N GLY B 1021 1.49 10.91 -45.69
CA GLY B 1021 2.33 11.87 -44.98
C GLY B 1021 3.69 12.06 -45.62
N GLY B 1022 4.17 11.03 -46.33
CA GLY B 1022 5.35 11.21 -47.16
C GLY B 1022 5.09 12.13 -48.33
N TYR B 1023 3.89 12.09 -48.89
CA TYR B 1023 3.54 12.85 -50.08
C TYR B 1023 3.19 14.28 -49.69
N PHE B 1024 4.24 15.06 -49.42
CA PHE B 1024 4.12 16.48 -49.12
C PHE B 1024 5.32 17.20 -49.70
N LYS B 1025 5.10 18.42 -50.19
CA LYS B 1025 6.21 19.20 -50.75
C LYS B 1025 7.14 19.67 -49.64
N PHE B 1026 8.37 19.99 -50.03
CA PHE B 1026 9.37 20.43 -49.06
C PHE B 1026 9.82 21.87 -49.39
N THR B 1027 9.03 22.59 -50.18
CA THR B 1027 9.27 24.00 -50.42
C THR B 1027 9.02 24.80 -49.15
N PRO B 1028 9.63 25.99 -49.01
CA PRO B 1028 9.41 26.80 -47.79
C PRO B 1028 7.95 27.16 -47.55
N ILE B 1029 7.17 27.35 -48.62
CA ILE B 1029 5.73 27.55 -48.47
C ILE B 1029 5.07 26.32 -47.87
N SER B 1030 5.50 25.13 -48.33
CA SER B 1030 4.94 23.89 -47.80
C SER B 1030 5.27 23.72 -46.32
N LEU B 1031 6.55 23.90 -45.95
CA LEU B 1031 6.95 23.83 -44.55
C LEU B 1031 6.23 24.85 -43.68
N THR B 1032 5.99 26.05 -44.22
CA THR B 1032 5.14 27.01 -43.52
C THR B 1032 3.77 26.41 -43.24
N HIS B 1033 3.17 25.79 -44.26
CA HIS B 1033 1.84 25.22 -44.13
C HIS B 1033 1.78 24.11 -43.09
N GLN B 1034 2.75 23.17 -43.11
CA GLN B 1034 2.67 22.07 -42.15
C GLN B 1034 2.99 22.54 -40.74
N LEU B 1035 3.99 23.41 -40.58
CA LEU B 1035 4.43 23.77 -39.23
C LEU B 1035 3.45 24.71 -38.54
N ARG B 1036 2.66 25.49 -39.29
CA ARG B 1036 1.56 26.19 -38.62
C ARG B 1036 0.31 25.32 -38.55
N THR B 1037 0.21 24.33 -39.44
CA THR B 1037 -0.86 23.34 -39.37
C THR B 1037 -0.74 22.49 -38.11
N GLY B 1038 0.44 21.92 -37.88
CA GLY B 1038 0.65 21.03 -36.76
C GLY B 1038 1.27 19.72 -37.20
N PHE B 1039 1.49 19.59 -38.49
CA PHE B 1039 2.10 18.38 -39.03
C PHE B 1039 3.59 18.35 -38.72
N HIS B 1040 4.09 17.15 -38.45
CA HIS B 1040 5.48 16.95 -38.07
C HIS B 1040 6.27 16.42 -39.26
N PRO B 1041 7.20 17.19 -39.82
CA PRO B 1041 8.01 16.68 -40.93
C PRO B 1041 9.08 15.72 -40.44
N GLY B 1042 9.83 15.18 -41.39
CA GLY B 1042 10.89 14.25 -41.07
C GLY B 1042 12.23 14.91 -40.81
N ILE B 1043 12.22 16.07 -40.17
CA ILE B 1043 13.44 16.81 -39.89
C ILE B 1043 13.49 17.07 -38.39
N ALA B 1044 14.62 16.75 -37.78
CA ALA B 1044 14.87 17.04 -36.37
C ALA B 1044 15.62 18.36 -36.26
N PHE B 1045 15.60 18.95 -35.07
CA PHE B 1045 16.25 20.23 -34.85
C PHE B 1045 16.94 20.29 -33.49
N THR B 1046 17.77 21.33 -33.36
CA THR B 1046 18.24 21.84 -32.09
C THR B 1046 18.16 23.36 -32.14
N VAL B 1047 18.16 23.98 -30.98
CA VAL B 1047 18.30 25.44 -30.87
C VAL B 1047 19.49 25.73 -29.98
N VAL B 1048 20.17 26.84 -30.27
CA VAL B 1048 21.35 27.25 -29.51
C VAL B 1048 21.06 28.60 -28.89
N ARG B 1049 21.53 28.79 -27.65
CA ARG B 1049 21.08 29.90 -26.84
C ARG B 1049 22.24 30.52 -26.09
N GLN B 1050 22.66 31.71 -26.51
CA GLN B 1050 23.74 32.44 -25.85
C GLN B 1050 23.19 33.25 -24.70
N ASP B 1051 23.83 33.13 -23.53
CA ASP B 1051 23.37 33.81 -22.33
C ASP B 1051 24.56 34.37 -21.57
N ARG B 1052 24.31 35.44 -20.80
CA ARG B 1052 25.32 36.09 -19.99
C ARG B 1052 24.84 36.15 -18.53
N PHE B 1053 25.75 35.88 -17.60
CA PHE B 1053 25.42 35.79 -16.19
C PHE B 1053 26.37 36.66 -15.39
N ALA B 1054 25.90 37.18 -14.26
CA ALA B 1054 26.78 37.88 -13.33
C ALA B 1054 27.73 36.89 -12.69
N THR B 1055 28.96 37.33 -12.42
CA THR B 1055 29.99 36.47 -11.85
C THR B 1055 30.62 37.11 -10.63
N GLU B 1056 30.88 36.30 -9.62
CA GLU B 1056 31.68 36.68 -8.47
C GLU B 1056 32.99 35.90 -8.48
N GLN B 1057 34.11 36.61 -8.36
CA GLN B 1057 35.41 35.99 -8.49
C GLN B 1057 36.09 35.90 -7.13
N LEU B 1058 37.03 34.96 -7.04
CA LEU B 1058 37.68 34.59 -5.79
C LEU B 1058 39.18 34.55 -6.02
N LEU B 1059 39.93 35.43 -5.37
CA LEU B 1059 41.36 35.53 -5.62
C LEU B 1059 42.14 35.54 -4.32
N TYR B 1060 42.98 34.51 -4.15
CA TYR B 1060 44.12 34.51 -3.25
C TYR B 1060 45.37 34.82 -4.05
N ALA B 1061 46.20 35.75 -3.56
CA ALA B 1061 47.31 36.24 -4.37
C ALA B 1061 48.63 35.58 -4.01
N GLU B 1062 49.26 35.96 -2.89
CA GLU B 1062 50.36 35.35 -2.13
C GLU B 1062 50.78 36.31 -1.02
N ARG B 1063 51.75 35.91 -0.21
CA ARG B 1063 52.36 36.87 0.71
C ARG B 1063 53.36 37.76 -0.03
N ALA B 1064 54.43 37.18 -0.56
CA ALA B 1064 55.49 37.99 -1.16
C ALA B 1064 55.42 37.92 -2.68
N SER B 1065 54.38 38.54 -3.23
CA SER B 1065 54.17 38.48 -4.67
C SER B 1065 54.61 39.73 -5.41
N GLU B 1066 54.60 40.89 -4.75
CA GLU B 1066 54.92 42.14 -5.42
C GLU B 1066 55.91 42.96 -4.62
N SER B 1067 56.91 43.49 -5.31
CA SER B 1067 57.77 44.54 -4.78
C SER B 1067 57.38 45.83 -5.48
N TYR B 1068 57.07 46.86 -4.69
CA TYR B 1068 56.26 47.97 -5.16
C TYR B 1068 56.96 49.26 -4.79
N PHE B 1069 57.69 49.84 -5.74
CA PHE B 1069 58.48 51.04 -5.51
C PHE B 1069 57.58 52.26 -5.59
N VAL B 1070 57.85 53.26 -4.76
CA VAL B 1070 57.17 54.55 -4.79
C VAL B 1070 58.19 55.62 -5.11
N GLY B 1071 57.79 56.60 -5.90
CA GLY B 1071 58.61 57.74 -6.21
C GLY B 1071 58.36 58.88 -5.24
N GLN B 1072 58.69 60.09 -5.70
CA GLN B 1072 58.48 61.30 -4.93
C GLN B 1072 57.37 62.11 -5.59
N ILE B 1073 56.51 62.72 -4.77
CA ILE B 1073 55.39 63.47 -5.29
C ILE B 1073 55.87 64.78 -5.92
N GLN B 1074 55.33 65.10 -7.09
CA GLN B 1074 55.69 66.31 -7.80
C GLN B 1074 54.43 67.10 -8.14
N VAL B 1075 54.57 68.42 -8.12
CA VAL B 1075 53.46 69.34 -8.32
C VAL B 1075 53.56 69.93 -9.71
N HIS B 1076 52.47 70.57 -10.15
CA HIS B 1076 52.42 71.26 -11.43
C HIS B 1076 51.30 72.28 -11.37
N HIS B 1077 51.65 73.56 -11.27
CA HIS B 1077 50.65 74.61 -11.29
C HIS B 1077 50.37 75.02 -12.73
N HIS B 1078 49.09 74.99 -13.10
CA HIS B 1078 48.68 75.24 -14.47
C HIS B 1078 47.51 76.20 -14.45
N ASP B 1079 47.56 77.22 -15.30
CA ASP B 1079 46.52 78.23 -15.31
C ASP B 1079 45.22 77.68 -15.87
N ALA B 1080 44.11 78.23 -15.39
CA ALA B 1080 42.79 77.72 -15.72
C ALA B 1080 41.88 78.89 -16.08
N ILE B 1081 40.58 78.61 -16.15
CA ILE B 1081 39.61 79.61 -16.59
C ILE B 1081 39.46 80.71 -15.54
N GLY B 1082 39.21 80.32 -14.30
CA GLY B 1082 39.03 81.29 -13.23
C GLY B 1082 40.23 81.38 -12.32
N GLY B 1083 40.80 80.24 -11.98
CA GLY B 1083 41.96 80.19 -11.11
C GLY B 1083 43.10 79.40 -11.69
N VAL B 1084 43.75 78.58 -10.87
CA VAL B 1084 44.86 77.74 -11.33
C VAL B 1084 44.53 76.29 -10.99
N ASN B 1085 45.17 75.39 -11.74
CA ASN B 1085 44.99 73.95 -11.55
C ASN B 1085 46.31 73.36 -11.06
N PHE B 1086 46.26 72.67 -9.93
CA PHE B 1086 47.41 71.96 -9.41
C PHE B 1086 47.33 70.52 -9.89
N THR B 1087 48.35 70.07 -10.63
CA THR B 1087 48.45 68.69 -11.06
C THR B 1087 49.50 67.98 -10.21
N LEU B 1088 49.06 66.96 -9.48
CA LEU B 1088 49.94 66.22 -8.59
C LEU B 1088 50.33 64.92 -9.27
N THR B 1089 51.63 64.64 -9.33
CA THR B 1089 52.14 63.47 -10.03
C THR B 1089 53.09 62.69 -9.12
N GLN B 1090 52.89 61.38 -9.05
CA GLN B 1090 53.75 60.50 -8.27
C GLN B 1090 54.02 59.25 -9.10
N PRO B 1091 55.27 58.94 -9.42
CA PRO B 1091 55.56 57.72 -10.18
C PRO B 1091 55.84 56.53 -9.28
N ARG B 1092 55.75 55.35 -9.88
CA ARG B 1092 55.81 54.09 -9.14
C ARG B 1092 56.06 52.94 -10.11
N ALA B 1093 56.58 51.84 -9.56
CA ALA B 1093 56.90 50.67 -10.36
C ALA B 1093 56.59 49.40 -9.57
N HIS B 1094 56.25 48.34 -10.29
CA HIS B 1094 55.88 47.07 -9.70
C HIS B 1094 56.69 45.95 -10.33
N VAL B 1095 57.13 45.00 -9.51
CA VAL B 1095 57.84 43.80 -9.97
C VAL B 1095 57.21 42.59 -9.31
N ASP B 1096 56.85 41.60 -10.12
CA ASP B 1096 56.30 40.33 -9.63
C ASP B 1096 57.46 39.38 -9.34
N LEU B 1097 57.87 39.31 -8.08
CA LEU B 1097 59.01 38.49 -7.68
C LEU B 1097 58.56 37.09 -7.26
N GLY B 1098 57.75 36.49 -8.11
CA GLY B 1098 57.26 35.13 -7.90
C GLY B 1098 58.06 34.15 -8.73
N VAL B 1099 58.24 32.94 -8.19
CA VAL B 1099 58.99 31.92 -8.90
C VAL B 1099 58.21 31.42 -10.10
N GLY B 1100 56.90 31.20 -9.93
CA GLY B 1100 56.04 30.83 -11.03
C GLY B 1100 54.70 31.53 -10.96
N TYR B 1101 53.60 30.77 -11.10
CA TYR B 1101 52.26 31.32 -10.98
C TYR B 1101 51.93 31.45 -9.50
N THR B 1102 51.86 32.69 -9.02
CA THR B 1102 51.59 32.90 -7.61
C THR B 1102 50.10 33.12 -7.32
N ALA B 1103 49.42 33.94 -8.12
CA ALA B 1103 48.05 34.34 -7.83
C ALA B 1103 47.08 33.60 -8.74
N VAL B 1104 45.99 33.11 -8.15
CA VAL B 1104 44.97 32.37 -8.88
C VAL B 1104 43.60 32.97 -8.57
N CYS B 1105 42.88 33.36 -9.61
CA CYS B 1105 41.49 33.81 -9.49
C CYS B 1105 40.58 32.73 -10.06
N ALA B 1106 39.36 32.65 -9.54
CA ALA B 1106 38.42 31.64 -9.97
C ALA B 1106 37.01 32.18 -9.88
N THR B 1107 36.21 31.91 -10.91
CA THR B 1107 34.80 32.30 -10.90
C THR B 1107 34.05 31.42 -9.90
N ALA B 1108 33.36 32.06 -8.96
CA ALA B 1108 32.75 31.34 -7.86
C ALA B 1108 31.22 31.34 -7.91
N ALA B 1109 30.60 32.51 -7.94
CA ALA B 1109 29.17 32.61 -7.69
C ALA B 1109 28.44 33.18 -8.91
N LEU B 1110 27.11 33.11 -8.83
CA LEU B 1110 26.19 33.44 -9.91
C LEU B 1110 25.37 34.70 -9.67
N ARG B 1111 24.85 34.87 -8.46
CA ARG B 1111 23.85 35.86 -8.05
C ARG B 1111 22.74 36.05 -9.10
N CYS B 1112 22.27 37.29 -9.28
CA CYS B 1112 21.14 37.53 -10.17
C CYS B 1112 21.55 37.33 -11.64
N PRO B 1113 20.84 36.49 -12.39
CA PRO B 1113 21.08 36.37 -13.84
C PRO B 1113 20.49 37.55 -14.59
N LEU B 1114 21.36 38.27 -15.32
CA LEU B 1114 20.89 39.46 -16.03
C LEU B 1114 20.32 39.12 -17.40
N THR B 1115 20.42 37.88 -17.82
CA THR B 1115 19.90 37.48 -19.12
C THR B 1115 18.85 36.38 -18.90
N ASP B 1116 17.88 36.31 -19.82
CA ASP B 1116 16.60 35.64 -19.60
C ASP B 1116 16.52 34.28 -20.26
N MET B 1117 15.91 33.32 -19.54
CA MET B 1117 15.56 32.00 -20.05
C MET B 1117 14.14 31.96 -20.59
N GLY B 1118 13.77 32.94 -21.39
CA GLY B 1118 12.46 32.97 -22.02
C GLY B 1118 12.45 32.19 -23.32
N ASN B 1119 11.82 32.79 -24.34
CA ASN B 1119 11.56 32.12 -25.61
C ASN B 1119 11.55 33.15 -26.74
N THR B 1120 12.67 33.27 -27.46
CA THR B 1120 12.75 34.12 -28.64
C THR B 1120 13.47 33.37 -29.76
N ALA B 1121 12.78 33.18 -30.87
CA ALA B 1121 13.37 32.51 -32.03
C ALA B 1121 14.22 33.49 -32.82
N GLN B 1122 15.39 33.02 -33.27
CA GLN B 1122 16.31 33.85 -34.04
C GLN B 1122 15.86 33.89 -35.50
N ASN B 1123 15.36 35.04 -35.95
CA ASN B 1123 14.98 35.19 -37.34
C ASN B 1123 16.21 35.29 -38.23
N LEU B 1124 16.07 34.81 -39.47
CA LEU B 1124 17.11 34.92 -40.48
C LEU B 1124 16.83 36.05 -41.46
N PHE B 1125 15.63 36.60 -41.45
CA PHE B 1125 15.24 37.64 -42.40
C PHE B 1125 15.95 38.96 -42.18
N PHE B 1126 16.65 39.13 -41.06
CA PHE B 1126 17.53 40.28 -40.85
C PHE B 1126 18.69 40.31 -41.84
N SER B 1127 19.28 39.16 -42.14
CA SER B 1127 20.50 39.09 -42.94
C SER B 1127 20.18 39.32 -44.41
N ARG B 1128 21.09 40.02 -45.09
CA ARG B 1128 21.00 40.25 -46.52
C ARG B 1128 22.35 39.95 -47.17
N GLY B 1129 22.29 39.38 -48.37
CA GLY B 1129 23.51 38.99 -49.06
C GLY B 1129 23.36 37.68 -49.82
N GLY B 1130 22.43 36.84 -49.39
CA GLY B 1130 22.13 35.63 -50.11
C GLY B 1130 21.29 35.90 -51.36
N VAL B 1131 21.09 34.86 -52.15
CA VAL B 1131 20.31 34.98 -53.37
C VAL B 1131 18.82 35.01 -53.01
N PRO B 1132 18.07 35.98 -53.52
CA PRO B 1132 16.63 36.04 -53.23
C PRO B 1132 15.86 35.02 -54.04
N MET B 1133 14.58 34.89 -53.70
CA MET B 1133 13.67 34.09 -54.51
C MET B 1133 13.21 34.89 -55.74
N LEU B 1134 12.70 34.16 -56.72
CA LEU B 1134 12.33 34.76 -58.00
C LEU B 1134 11.16 35.71 -57.86
N HIS B 1135 10.20 35.38 -57.01
CA HIS B 1135 8.97 36.15 -56.85
C HIS B 1135 9.04 36.96 -55.57
N ASP B 1136 8.91 38.29 -55.71
CA ASP B 1136 9.07 39.17 -54.55
C ASP B 1136 7.88 39.08 -53.60
N ASN B 1137 6.69 38.79 -54.12
CA ASN B 1137 5.53 38.64 -53.25
C ASN B 1137 5.66 37.42 -52.35
N VAL B 1138 6.33 36.37 -52.84
CA VAL B 1138 6.61 35.19 -52.02
C VAL B 1138 7.53 35.57 -50.86
N THR B 1139 8.56 36.36 -51.13
CA THR B 1139 9.48 36.81 -50.08
C THR B 1139 8.77 37.70 -49.06
N GLU B 1140 7.94 38.63 -49.54
CA GLU B 1140 7.20 39.51 -48.63
C GLU B 1140 6.21 38.73 -47.79
N SER B 1141 5.53 37.75 -48.39
CA SER B 1141 4.60 36.92 -47.65
C SER B 1141 5.31 36.06 -46.61
N LEU B 1142 6.49 35.55 -46.95
CA LEU B 1142 7.25 34.75 -45.99
C LEU B 1142 7.75 35.60 -44.84
N ARG B 1143 8.18 36.83 -45.12
CA ARG B 1143 8.56 37.74 -44.05
C ARG B 1143 7.37 38.11 -43.18
N ARG B 1144 6.19 38.27 -43.79
CA ARG B 1144 4.97 38.55 -43.03
C ARG B 1144 4.60 37.39 -42.13
N ILE B 1145 4.72 36.16 -42.64
CA ILE B 1145 4.40 34.97 -41.85
C ILE B 1145 5.41 34.81 -40.72
N THR B 1146 6.69 35.07 -40.99
CA THR B 1146 7.71 35.02 -39.95
C THR B 1146 7.51 36.11 -38.90
N ALA B 1147 6.91 37.24 -39.30
CA ALA B 1147 6.63 38.31 -38.34
C ALA B 1147 5.62 37.86 -37.30
N SER B 1148 4.61 37.12 -37.70
CA SER B 1148 3.67 36.54 -36.75
C SER B 1148 4.32 35.38 -36.00
N GLY B 1149 3.97 35.26 -34.72
CA GLY B 1149 4.49 34.18 -33.90
C GLY B 1149 5.89 34.38 -33.38
N GLY B 1150 6.33 35.62 -33.19
CA GLY B 1150 7.64 35.88 -32.64
C GLY B 1150 7.63 37.10 -31.74
N ARG B 1151 8.71 37.25 -30.99
CA ARG B 1151 8.88 38.41 -30.11
C ARG B 1151 9.71 39.51 -30.76
N LEU B 1152 10.75 39.16 -31.51
CA LEU B 1152 11.54 40.11 -32.25
C LEU B 1152 11.36 39.83 -33.74
N ASN B 1153 11.09 40.87 -34.51
CA ASN B 1153 10.75 40.76 -35.92
C ASN B 1153 11.33 41.97 -36.64
N PRO B 1154 11.57 41.86 -37.95
CA PRO B 1154 12.00 43.05 -38.70
C PRO B 1154 10.90 44.11 -38.76
N THR B 1155 11.35 45.37 -38.83
CA THR B 1155 10.42 46.49 -38.84
C THR B 1155 9.64 46.54 -40.15
N GLU B 1156 8.37 46.95 -40.04
CA GLU B 1156 7.51 47.02 -41.22
C GLU B 1156 7.95 48.00 -42.32
N PRO B 1157 8.48 49.22 -42.06
CA PRO B 1157 8.85 50.07 -43.21
C PRO B 1157 10.12 49.62 -43.92
N LEU B 1158 10.91 48.73 -43.31
CA LEU B 1158 12.18 48.21 -43.81
C LEU B 1158 13.15 49.33 -44.19
N PRO B 1159 13.74 50.02 -43.21
CA PRO B 1159 14.63 51.15 -43.53
C PRO B 1159 15.91 50.70 -44.21
N ILE B 1160 16.08 51.11 -45.46
CA ILE B 1160 17.31 50.82 -46.19
C ILE B 1160 18.43 51.72 -45.70
N PHE B 1161 19.67 51.30 -45.98
CA PHE B 1161 20.91 51.95 -45.52
C PHE B 1161 20.91 52.08 -43.99
N GLY B 1162 20.94 50.93 -43.33
CA GLY B 1162 20.94 50.90 -41.88
C GLY B 1162 21.15 49.49 -41.38
N GLY B 1163 21.19 49.36 -40.06
CA GLY B 1163 21.41 48.08 -39.42
C GLY B 1163 20.19 47.21 -39.26
N LEU B 1164 19.00 47.72 -39.62
CA LEU B 1164 17.72 47.02 -39.47
C LEU B 1164 17.49 46.58 -38.03
N ARG B 1165 17.33 47.58 -37.16
CA ARG B 1165 17.08 47.34 -35.75
C ARG B 1165 15.71 46.69 -35.57
N PRO B 1166 15.57 45.81 -34.56
CA PRO B 1166 14.28 45.15 -34.35
C PRO B 1166 13.21 46.12 -33.86
N ALA B 1167 11.95 45.72 -34.04
CA ALA B 1167 10.82 46.53 -33.61
C ALA B 1167 10.79 46.62 -32.09
N THR B 1168 10.43 47.81 -31.59
CA THR B 1168 10.50 48.06 -30.16
C THR B 1168 9.28 47.50 -29.44
N SER B 1169 9.35 47.52 -28.12
CA SER B 1169 8.21 47.23 -27.26
C SER B 1169 8.44 47.89 -25.91
N ALA B 1170 7.61 47.53 -24.93
CA ALA B 1170 7.85 47.94 -23.55
C ALA B 1170 8.81 46.95 -22.89
N GLY B 1171 8.86 46.96 -21.56
CA GLY B 1171 9.82 46.13 -20.87
C GLY B 1171 9.56 44.64 -21.07
N ILE B 1172 10.59 43.94 -21.54
CA ILE B 1172 10.57 42.49 -21.49
C ILE B 1172 10.53 42.06 -20.03
N ALA B 1173 9.57 41.21 -19.69
CA ALA B 1173 8.97 41.18 -18.36
C ALA B 1173 9.97 40.77 -17.28
N ARG B 1174 11.09 40.14 -17.66
CA ARG B 1174 11.98 39.64 -16.62
C ARG B 1174 13.46 39.75 -16.99
N GLY B 1175 13.81 40.41 -18.09
CA GLY B 1175 15.19 40.61 -18.46
C GLY B 1175 15.41 40.51 -19.96
N GLN B 1176 16.67 40.63 -20.35
CA GLN B 1176 17.01 40.63 -21.78
C GLN B 1176 16.93 39.22 -22.35
N ALA B 1177 16.13 39.07 -23.41
CA ALA B 1177 15.88 37.77 -23.99
C ALA B 1177 17.09 37.29 -24.80
N SER B 1178 17.17 35.97 -24.97
CA SER B 1178 18.25 35.33 -25.71
C SER B 1178 17.71 34.70 -26.98
N VAL B 1179 18.51 34.72 -28.03
CA VAL B 1179 18.11 34.20 -29.34
C VAL B 1179 18.09 32.68 -29.31
N CYS B 1180 17.41 32.09 -30.29
CA CYS B 1180 17.37 30.65 -30.49
C CYS B 1180 17.53 30.36 -31.97
N GLU B 1181 18.75 29.98 -32.37
CA GLU B 1181 19.06 29.69 -33.77
C GLU B 1181 18.95 28.20 -34.03
N PHE B 1182 18.30 27.84 -35.14
CA PHE B 1182 17.90 26.47 -35.42
C PHE B 1182 18.92 25.77 -36.32
N VAL B 1183 19.26 24.54 -35.98
CA VAL B 1183 20.12 23.68 -36.77
C VAL B 1183 19.39 22.36 -37.01
N ALA B 1184 19.32 21.94 -38.26
CA ALA B 1184 18.51 20.79 -38.65
C ALA B 1184 19.33 19.49 -38.67
N MET B 1185 18.73 18.43 -38.15
CA MET B 1185 19.31 17.09 -38.15
C MET B 1185 18.27 16.12 -38.68
N PRO B 1186 18.68 14.92 -39.09
CA PRO B 1186 17.69 13.85 -39.31
C PRO B 1186 17.04 13.41 -38.00
N VAL B 1187 15.82 12.91 -38.12
CA VAL B 1187 15.10 12.44 -36.92
C VAL B 1187 15.74 11.19 -36.35
N SER B 1188 16.53 10.47 -37.15
CA SER B 1188 17.32 9.35 -36.65
C SER B 1188 18.64 9.93 -36.14
N THR B 1189 18.69 10.22 -34.84
CA THR B 1189 19.82 10.89 -34.23
C THR B 1189 20.04 10.28 -32.84
N ASP B 1190 21.30 10.06 -32.49
CA ASP B 1190 21.64 9.46 -31.20
C ASP B 1190 21.32 10.44 -30.07
N LEU B 1191 20.32 10.10 -29.26
CA LEU B 1191 19.81 10.97 -28.22
C LEU B 1191 20.75 11.05 -27.02
N GLN B 1192 21.42 9.95 -26.67
CA GLN B 1192 22.31 9.96 -25.51
C GLN B 1192 23.60 10.71 -25.78
N TYR B 1193 23.86 11.07 -27.04
CA TYR B 1193 24.92 12.00 -27.35
C TYR B 1193 24.64 13.38 -26.74
N PHE B 1194 23.40 13.85 -26.85
CA PHE B 1194 23.03 15.16 -26.32
C PHE B 1194 22.86 15.17 -24.81
N ARG B 1195 22.73 14.01 -24.17
CA ARG B 1195 22.48 13.97 -22.74
C ARG B 1195 23.71 14.32 -21.91
N THR B 1196 24.89 14.36 -22.52
CA THR B 1196 26.07 14.88 -21.86
C THR B 1196 26.44 16.22 -22.48
N ALA B 1197 27.52 16.83 -22.01
CA ALA B 1197 28.07 18.01 -22.66
C ALA B 1197 28.59 17.58 -24.01
N CYS B 1198 28.01 18.10 -25.08
CA CYS B 1198 28.33 17.69 -26.43
C CYS B 1198 28.62 18.91 -27.29
N ASN B 1199 28.78 18.67 -28.59
CA ASN B 1199 29.19 19.70 -29.52
C ASN B 1199 27.99 20.17 -30.35
N PRO B 1200 27.85 21.48 -30.55
CA PRO B 1200 26.73 21.98 -31.39
C PRO B 1200 26.81 21.52 -32.83
N ARG B 1201 28.02 21.36 -33.37
CA ARG B 1201 28.17 20.88 -34.74
C ARG B 1201 27.73 19.43 -34.87
N GLY B 1202 28.02 18.61 -33.86
CA GLY B 1202 27.79 17.18 -33.93
C GLY B 1202 29.07 16.35 -33.88
N ARG B 1203 30.23 17.00 -33.81
CA ARG B 1203 31.51 16.31 -33.69
C ARG B 1203 32.49 17.24 -33.03
N ALA B 1204 33.08 16.82 -31.91
CA ALA B 1204 34.15 17.59 -31.30
C ALA B 1204 35.42 17.47 -32.12
N SER B 1205 36.14 18.56 -32.27
CA SER B 1205 37.33 18.60 -33.13
C SER B 1205 38.17 19.81 -32.73
N GLU B 1325 31.92 23.26 -26.79
CA GLU B 1325 30.93 22.47 -26.10
C GLU B 1325 29.87 23.39 -25.50
N ALA B 1326 28.64 23.22 -25.95
CA ALA B 1326 27.48 23.91 -25.39
C ALA B 1326 26.83 23.00 -24.37
N TYR B 1327 26.68 23.48 -23.15
CA TYR B 1327 26.12 22.65 -22.09
C TYR B 1327 24.60 22.58 -22.21
N PRO B 1328 24.02 21.41 -22.37
CA PRO B 1328 22.56 21.30 -22.48
C PRO B 1328 21.91 21.37 -21.12
N PRO B 1329 20.78 22.07 -21.01
CA PRO B 1329 20.07 22.15 -19.73
C PRO B 1329 19.06 21.02 -19.57
N LEU B 1330 18.36 21.05 -18.44
CA LEU B 1330 17.28 20.10 -18.19
C LEU B 1330 16.14 20.38 -19.16
N CYS B 1331 15.70 19.34 -19.86
CA CYS B 1331 14.71 19.54 -20.90
C CYS B 1331 13.89 18.26 -21.11
N SER B 1332 12.64 18.46 -21.51
CA SER B 1332 11.69 17.38 -21.73
C SER B 1332 10.91 17.68 -23.00
N SER B 1333 10.54 16.63 -23.74
CA SER B 1333 9.73 16.81 -24.93
C SER B 1333 8.26 16.51 -24.69
N ASP B 1334 7.86 16.33 -23.43
CA ASP B 1334 6.47 16.24 -23.05
C ASP B 1334 6.26 17.11 -21.83
N ALA B 1335 5.04 17.64 -21.68
CA ALA B 1335 4.72 18.43 -20.49
C ALA B 1335 4.67 17.56 -19.24
N ALA B 1336 4.40 16.27 -19.42
CA ALA B 1336 4.33 15.36 -18.29
C ALA B 1336 5.69 15.17 -17.63
N MET B 1337 6.72 14.91 -18.44
CA MET B 1337 8.03 14.57 -17.89
C MET B 1337 8.72 15.77 -17.27
N LEU B 1338 8.47 16.96 -17.81
CA LEU B 1338 9.04 18.17 -17.20
C LEU B 1338 8.37 18.48 -15.87
N ARG B 1339 7.04 18.32 -15.81
CA ARG B 1339 6.31 18.66 -14.60
C ARG B 1339 6.44 17.57 -13.54
N THR B 1340 6.87 16.37 -13.95
CA THR B 1340 7.28 15.36 -12.98
C THR B 1340 8.79 15.29 -12.82
N ALA B 1341 9.53 16.16 -13.53
CA ALA B 1341 10.99 16.12 -13.50
C ALA B 1341 11.59 16.84 -12.29
N HIS B 1342 10.77 17.20 -11.32
CA HIS B 1342 11.29 17.74 -10.07
C HIS B 1342 11.67 16.62 -9.10
N ALA B 1343 11.88 15.40 -9.60
CA ALA B 1343 12.09 14.18 -8.81
C ALA B 1343 10.94 13.94 -7.86
N GLY B 1344 9.74 13.71 -8.41
CA GLY B 1344 8.54 13.53 -7.62
C GLY B 1344 8.60 12.36 -6.65
N GLU B 1345 8.55 11.13 -7.15
CA GLU B 1345 8.89 9.97 -6.34
C GLU B 1345 10.38 9.63 -6.52
N THR B 1346 11.19 10.68 -6.38
CA THR B 1346 12.53 10.76 -6.97
C THR B 1346 12.51 10.27 -8.42
N GLY B 1347 11.53 10.76 -9.17
CA GLY B 1347 11.17 10.16 -10.45
C GLY B 1347 12.06 10.58 -11.59
N ALA B 1348 12.96 9.70 -12.00
CA ALA B 1348 13.85 9.93 -13.12
C ALA B 1348 13.36 9.14 -14.33
N ASP B 1349 12.45 9.73 -15.09
CA ASP B 1349 11.97 9.14 -16.33
C ASP B 1349 12.90 9.55 -17.45
N GLU B 1350 13.22 8.61 -18.33
CA GLU B 1350 14.11 8.91 -19.45
C GLU B 1350 13.38 8.97 -20.77
N VAL B 1351 12.55 7.98 -21.05
CA VAL B 1351 11.67 7.95 -22.22
C VAL B 1351 10.43 7.17 -21.84
N HIS B 1352 9.26 7.63 -22.29
CA HIS B 1352 8.04 6.85 -22.12
C HIS B 1352 7.68 6.06 -23.36
N LEU B 1353 7.40 6.74 -24.47
CA LEU B 1353 7.31 6.03 -25.74
C LEU B 1353 8.28 6.61 -26.75
N ALA B 1354 8.14 7.89 -27.10
CA ALA B 1354 9.03 8.54 -28.04
C ALA B 1354 9.54 9.89 -27.57
N GLN B 1355 8.80 10.59 -26.72
CA GLN B 1355 9.29 11.83 -26.12
C GLN B 1355 10.31 11.51 -25.05
N TYR B 1356 11.18 12.48 -24.74
CA TYR B 1356 12.36 12.20 -23.94
C TYR B 1356 12.53 13.26 -22.86
N LEU B 1357 13.18 12.85 -21.76
CA LEU B 1357 13.68 13.75 -20.72
C LEU B 1357 15.20 13.65 -20.73
N ILE B 1358 15.86 14.80 -20.82
CA ILE B 1358 17.31 14.87 -20.73
C ILE B 1358 17.67 15.58 -19.44
N ARG B 1359 18.43 14.90 -18.58
CA ARG B 1359 18.84 15.49 -17.32
C ARG B 1359 19.84 16.62 -17.57
N ASP B 1360 19.94 17.53 -16.60
CA ASP B 1360 20.68 18.76 -16.79
C ASP B 1360 22.17 18.49 -16.81
N ALA B 1361 22.84 18.88 -17.90
CA ALA B 1361 24.28 18.76 -18.02
C ALA B 1361 24.99 20.09 -17.95
N SER B 1362 24.27 21.18 -17.69
CA SER B 1362 24.88 22.49 -17.54
C SER B 1362 25.62 22.56 -16.21
N PRO B 1363 26.56 23.50 -16.06
CA PRO B 1363 27.13 23.78 -14.74
C PRO B 1363 26.12 24.29 -13.73
N LEU B 1364 24.98 24.79 -14.18
CA LEU B 1364 23.95 25.35 -13.30
C LEU B 1364 23.04 24.21 -12.82
N ARG B 1365 23.64 23.30 -12.06
CA ARG B 1365 22.96 22.06 -11.68
C ARG B 1365 22.11 22.24 -10.42
N GLY B 1366 22.74 22.71 -9.34
CA GLY B 1366 22.03 22.81 -8.08
C GLY B 1366 21.44 24.19 -7.83
N CYS B 1367 21.39 25.01 -8.88
CA CYS B 1367 20.91 26.38 -8.80
C CYS B 1367 19.55 26.49 -9.48
N LEU B 1368 19.04 27.73 -9.53
CA LEU B 1368 17.83 28.16 -10.23
C LEU B 1368 16.62 27.35 -9.78
N PRO B 1369 16.07 27.61 -8.59
CA PRO B 1369 14.98 26.77 -8.07
C PRO B 1369 13.71 26.90 -8.89
N LEU B 1370 12.92 25.83 -8.89
CA LEU B 1370 11.70 25.76 -9.68
C LEU B 1370 10.50 26.32 -8.91
N ILE C 1 91.47 26.35 1.46
CA ILE C 1 90.83 27.64 1.75
C ILE C 1 90.28 27.64 3.18
N PRO C 2 90.93 28.38 4.08
CA PRO C 2 90.38 28.57 5.43
C PRO C 2 89.23 29.56 5.39
N ALA C 3 88.05 29.11 5.84
CA ALA C 3 86.83 29.89 5.69
C ALA C 3 86.89 31.20 6.47
N GLY C 4 87.00 31.11 7.79
CA GLY C 4 87.02 32.31 8.61
C GLY C 4 85.70 33.03 8.65
N ILE C 5 84.61 32.35 8.32
CA ILE C 5 83.26 32.91 8.31
C ILE C 5 82.35 31.87 8.92
N ILE C 6 81.14 32.28 9.30
CA ILE C 6 80.16 31.35 9.86
C ILE C 6 79.76 30.34 8.79
N PRO C 7 79.53 29.07 9.14
CA PRO C 7 79.14 28.08 8.11
C PRO C 7 77.71 28.29 7.63
N THR C 8 77.49 29.39 6.91
CA THR C 8 76.22 29.80 6.34
C THR C 8 75.09 29.85 7.37
N GLY C 9 74.33 28.77 7.48
CA GLY C 9 73.14 28.79 8.29
C GLY C 9 72.02 29.57 7.61
N ASN C 10 71.45 28.99 6.54
CA ASN C 10 70.36 29.58 5.76
C ASN C 10 70.78 30.91 5.15
N VAL C 11 71.65 30.80 4.13
CA VAL C 11 72.07 31.94 3.31
C VAL C 11 70.87 32.70 2.76
N LEU C 12 70.79 33.99 3.07
CA LEU C 12 69.88 34.91 2.39
C LEU C 12 70.71 35.75 1.42
N SER C 13 70.62 35.41 0.14
CA SER C 13 71.29 36.18 -0.90
C SER C 13 70.64 37.55 -1.03
N THR C 14 71.41 38.49 -1.56
CA THR C 14 71.00 39.88 -1.64
C THR C 14 70.34 40.17 -2.98
N ILE C 15 69.33 41.04 -2.97
CA ILE C 15 68.73 41.53 -4.21
C ILE C 15 69.51 42.78 -4.64
N GLU C 16 70.04 42.75 -5.86
CA GLU C 16 70.72 43.89 -6.44
C GLU C 16 69.85 44.42 -7.59
N VAL C 17 69.69 45.73 -7.65
CA VAL C 17 68.96 46.37 -8.75
C VAL C 17 69.97 47.05 -9.66
N CYS C 18 69.79 46.88 -10.96
CA CYS C 18 70.67 47.46 -11.97
C CYS C 18 69.90 48.50 -12.77
N ILE C 19 70.28 49.76 -12.61
CA ILE C 19 69.67 50.87 -13.33
C ILE C 19 70.61 51.27 -14.45
N PHE C 20 70.04 51.65 -15.60
CA PHE C 20 70.81 51.85 -16.82
C PHE C 20 70.98 53.34 -17.10
N PHE C 21 72.24 53.76 -17.19
CA PHE C 21 72.59 55.12 -17.63
C PHE C 21 73.90 55.11 -18.39
N ARG C 57 66.63 20.45 8.32
CA ARG C 57 67.35 19.61 9.26
C ARG C 57 66.48 18.40 9.58
N PHE C 58 67.13 17.26 9.77
CA PHE C 58 66.43 16.00 9.95
C PHE C 58 65.73 15.91 11.28
N LEU C 59 66.32 16.50 12.32
CA LEU C 59 65.72 16.45 13.65
C LEU C 59 64.46 17.29 13.72
N GLU C 60 64.49 18.50 13.14
CA GLU C 60 63.31 19.36 13.21
C GLU C 60 62.17 18.84 12.34
N LEU C 61 62.48 17.99 11.36
CA LEU C 61 61.42 17.31 10.63
C LEU C 61 60.69 16.34 11.55
N GLY C 62 59.39 16.20 11.29
CA GLY C 62 58.55 15.34 12.13
C GLY C 62 58.88 13.87 12.03
N LEU C 63 59.54 13.46 10.95
CA LEU C 63 59.92 12.07 10.76
C LEU C 63 61.06 11.64 11.68
N SER C 64 61.70 12.59 12.38
CA SER C 64 62.84 12.27 13.24
C SER C 64 62.45 11.40 14.42
N VAL C 65 61.16 11.42 14.81
CA VAL C 65 60.74 10.63 15.96
C VAL C 65 60.49 9.18 15.58
N ALA C 66 60.85 8.78 14.35
CA ALA C 66 60.89 7.37 13.99
C ALA C 66 62.27 6.76 14.17
N CYS C 67 63.26 7.54 14.59
CA CYS C 67 64.63 7.04 14.69
C CYS C 67 65.27 7.56 15.96
N ILE C 68 66.31 6.87 16.40
CA ILE C 68 67.15 7.29 17.51
C ILE C 68 68.54 7.51 16.93
N CYS C 69 68.85 8.76 16.60
CA CYS C 69 70.15 9.09 16.02
C CYS C 69 71.22 9.08 17.08
N THR C 70 72.36 8.47 16.76
CA THR C 70 73.49 8.43 17.69
C THR C 70 74.80 8.39 16.91
N LYS C 71 75.83 8.99 17.50
CA LYS C 71 77.12 9.12 16.85
C LYS C 71 77.93 7.85 16.99
N PHE C 72 78.79 7.60 16.00
CA PHE C 72 79.66 6.43 15.98
C PHE C 72 80.83 6.71 15.06
N PRO C 73 81.90 7.32 15.58
CA PRO C 73 83.04 7.69 14.71
C PRO C 73 83.77 6.50 14.10
N GLU C 74 83.87 5.40 14.84
CA GLU C 74 84.61 4.22 14.35
C GLU C 74 83.68 3.24 13.63
N LEU C 75 82.96 3.73 12.62
CA LEU C 75 82.04 2.91 11.87
C LEU C 75 82.61 2.46 10.53
N ALA C 76 83.49 3.26 9.93
CA ALA C 76 84.06 2.93 8.63
C ALA C 76 84.97 1.70 8.69
N TYR C 77 85.48 1.35 9.86
CA TYR C 77 86.31 0.16 10.03
C TYR C 77 85.50 -1.06 10.45
N VAL C 78 84.17 -0.95 10.52
CA VAL C 78 83.35 -2.08 10.93
C VAL C 78 83.18 -3.01 9.73
N ARG C 79 83.48 -4.29 9.95
CA ARG C 79 83.47 -5.33 8.94
C ARG C 79 82.05 -5.82 8.64
N ASP C 80 82.22 -6.63 12.10
CA ASP C 80 80.76 -6.67 12.01
C ASP C 80 80.15 -6.39 13.37
N GLY C 81 78.84 -6.20 13.43
CA GLY C 81 78.15 -5.85 14.66
C GLY C 81 76.88 -6.64 14.87
N VAL C 82 76.63 -7.04 16.12
CA VAL C 82 75.36 -7.59 16.54
C VAL C 82 74.98 -6.95 17.87
N ILE C 83 73.69 -6.97 18.17
CA ILE C 83 73.16 -6.54 19.46
C ILE C 83 72.20 -7.62 19.96
N GLN C 84 71.93 -7.57 21.26
CA GLN C 84 71.10 -8.58 21.91
C GLN C 84 70.03 -7.90 22.76
N PHE C 85 68.96 -8.66 23.01
CA PHE C 85 67.88 -8.22 23.88
C PHE C 85 67.35 -9.42 24.65
N GLU C 86 66.95 -9.18 25.90
CA GLU C 86 66.53 -10.24 26.81
C GLU C 86 65.16 -9.92 27.38
N VAL C 87 64.21 -9.58 26.50
CA VAL C 87 62.83 -9.46 26.93
C VAL C 87 62.30 -10.85 27.28
N GLN C 88 61.61 -10.93 28.41
CA GLN C 88 61.20 -12.22 28.97
C GLN C 88 59.68 -12.33 29.00
N GLN C 89 59.20 -13.53 29.31
CA GLN C 89 57.77 -13.81 29.28
C GLN C 89 57.14 -13.38 30.60
N PRO C 90 56.21 -12.44 30.61
CA PRO C 90 55.51 -12.09 31.86
C PRO C 90 54.53 -13.18 32.26
N MET C 91 54.42 -13.42 33.56
CA MET C 91 53.59 -14.49 34.08
C MET C 91 52.60 -13.95 35.09
N ILE C 92 51.45 -14.60 35.17
CA ILE C 92 50.45 -14.27 36.17
C ILE C 92 50.70 -15.10 37.42
N ALA C 93 50.20 -14.65 38.56
CA ALA C 93 50.33 -15.41 39.80
C ALA C 93 48.96 -15.89 40.23
N ARG C 94 48.59 -17.06 39.71
CA ARG C 94 47.32 -17.68 40.02
C ARG C 94 47.37 -18.25 41.45
N ASP C 95 46.18 -18.42 42.05
CA ASP C 95 46.08 -18.70 43.49
C ASP C 95 46.69 -20.03 43.89
N GLY C 96 46.33 -21.11 43.19
CA GLY C 96 46.65 -22.44 43.65
C GLY C 96 48.09 -22.85 43.51
N PRO C 97 48.62 -23.55 44.53
CA PRO C 97 50.01 -24.01 44.45
C PRO C 97 50.18 -25.14 43.45
N HIS C 98 50.30 -24.78 42.17
CA HIS C 98 50.48 -25.73 41.08
C HIS C 98 51.95 -25.68 40.65
N PRO C 99 52.74 -26.70 40.97
CA PRO C 99 54.17 -26.66 40.64
C PRO C 99 54.46 -27.01 39.20
N VAL C 100 53.89 -26.26 38.26
CA VAL C 100 54.11 -26.50 36.82
C VAL C 100 54.54 -25.20 36.18
N ASP C 101 54.73 -24.15 36.98
CA ASP C 101 55.05 -22.84 36.46
C ASP C 101 56.55 -22.60 36.47
N GLN C 102 57.10 -22.29 35.29
CA GLN C 102 58.50 -21.89 35.17
C GLN C 102 58.59 -20.68 34.24
N PRO C 103 59.51 -19.76 34.52
CA PRO C 103 59.73 -18.64 33.60
C PRO C 103 60.59 -19.05 32.42
N VAL C 104 60.50 -18.26 31.36
CA VAL C 104 61.31 -18.45 30.16
C VAL C 104 61.77 -17.08 29.67
N HIS C 105 63.02 -17.02 29.20
CA HIS C 105 63.60 -15.78 28.68
C HIS C 105 63.85 -15.93 27.20
N ASN C 106 63.65 -14.85 26.46
CA ASN C 106 63.86 -14.83 25.03
C ASN C 106 65.16 -14.12 24.68
N TYR C 107 65.86 -14.64 23.68
CA TYR C 107 67.16 -14.10 23.27
C TYR C 107 67.14 -13.94 21.76
N MET C 108 66.69 -12.78 21.30
CA MET C 108 66.76 -12.41 19.89
C MET C 108 67.95 -11.49 19.66
N VAL C 109 68.52 -11.55 18.46
CA VAL C 109 69.67 -10.75 18.08
C VAL C 109 69.39 -10.09 16.75
N LYS C 110 69.91 -8.88 16.56
CA LYS C 110 69.61 -8.05 15.40
C LYS C 110 70.87 -7.83 14.57
N ARG C 111 70.70 -7.82 13.26
CA ARG C 111 71.79 -7.55 12.34
C ARG C 111 72.00 -6.05 12.21
N ILE C 112 73.24 -5.63 11.97
CA ILE C 112 73.61 -4.23 12.04
C ILE C 112 73.33 -3.52 10.72
N HIS C 113 73.44 -4.26 9.61
CA HIS C 113 73.33 -3.78 8.22
C HIS C 113 74.36 -2.69 7.91
N LYS C 114 74.34 -2.16 6.68
CA LYS C 114 75.38 -1.23 6.25
C LYS C 114 74.93 -0.37 5.07
N ARG C 115 74.93 0.95 5.25
CA ARG C 115 74.63 1.91 4.20
C ARG C 115 75.71 2.97 4.16
N SER C 116 75.66 3.82 3.14
CA SER C 116 76.54 4.97 3.03
C SER C 116 75.89 6.00 2.11
N LEU C 117 76.40 7.23 2.17
CA LEU C 117 75.87 8.33 1.37
C LEU C 117 77.01 8.97 0.62
N SER C 118 76.81 9.25 -0.67
CA SER C 118 77.84 9.84 -1.51
C SER C 118 77.27 10.98 -2.34
N ALA C 119 78.11 11.97 -2.61
CA ALA C 119 77.72 13.11 -3.41
C ALA C 119 78.95 13.66 -4.13
N ALA C 120 78.69 14.39 -5.21
CA ALA C 120 79.73 14.97 -6.05
C ALA C 120 79.88 16.46 -5.78
N PHE C 121 81.07 16.98 -6.08
CA PHE C 121 81.38 18.39 -5.82
C PHE C 121 82.49 18.81 -6.77
N ALA C 122 82.21 19.78 -7.63
CA ALA C 122 83.14 20.18 -8.68
C ALA C 122 83.77 21.53 -8.37
N ILE C 123 85.08 21.62 -8.62
CA ILE C 123 85.86 22.84 -8.40
C ILE C 123 86.59 23.17 -9.71
N ALA C 124 86.50 24.43 -10.12
CA ALA C 124 87.03 24.85 -11.42
C ALA C 124 88.53 25.10 -11.37
N SER C 125 89.11 25.27 -12.57
CA SER C 125 90.54 25.53 -12.69
C SER C 125 90.89 26.92 -12.19
N GLU C 126 90.10 27.92 -12.58
CA GLU C 126 90.24 29.25 -12.00
C GLU C 126 89.97 29.23 -10.50
N ALA C 127 89.00 28.41 -10.09
CA ALA C 127 88.68 28.25 -8.68
C ALA C 127 89.86 27.66 -7.91
N LEU C 128 90.52 26.63 -8.46
CA LEU C 128 91.65 26.05 -7.74
C LEU C 128 92.87 26.96 -7.79
N SER C 129 93.02 27.73 -8.87
CA SER C 129 94.14 28.66 -8.97
C SER C 129 94.02 29.78 -7.94
N LEU C 130 92.83 30.38 -7.81
CA LEU C 130 92.64 31.43 -6.82
C LEU C 130 92.55 30.84 -5.42
N LEU C 131 92.12 29.59 -5.33
CA LEU C 131 92.16 28.79 -4.10
C LEU C 131 93.56 28.68 -3.54
N SER C 132 94.54 28.40 -4.40
CA SER C 132 95.90 28.16 -3.93
C SER C 132 96.53 29.40 -3.33
N ASN C 133 96.17 30.59 -3.81
CA ASN C 133 96.81 31.81 -3.32
C ASN C 133 96.18 32.28 -2.01
N THR C 134 94.93 31.88 -1.74
CA THR C 134 94.29 32.27 -0.49
C THR C 134 94.81 31.45 0.69
N TYR C 135 95.46 30.31 0.43
CA TYR C 135 96.11 29.57 1.49
C TYR C 135 97.32 30.31 2.04
N VAL C 136 97.90 31.21 1.25
CA VAL C 136 99.06 32.00 1.64
C VAL C 136 98.65 33.46 1.68
N ALA C 137 97.42 33.72 2.14
CA ALA C 137 96.84 35.06 2.16
C ALA C 137 97.69 36.03 2.98
N ALA C 138 97.97 37.18 2.40
CA ALA C 138 98.94 38.14 2.91
C ALA C 138 98.48 39.53 2.47
N THR C 139 99.42 40.48 2.44
CA THR C 139 99.16 41.78 1.82
C THR C 139 98.83 41.62 0.34
N GLU C 140 99.38 40.59 -0.32
CA GLU C 140 98.99 40.24 -1.67
C GLU C 140 97.70 39.42 -1.62
N ILE C 141 97.22 38.97 -2.79
CA ILE C 141 95.94 38.27 -2.98
C ILE C 141 94.79 39.14 -2.52
N ASP C 142 94.14 39.83 -3.46
CA ASP C 142 93.15 40.86 -3.19
C ASP C 142 91.95 40.32 -2.42
N SER C 143 91.57 41.06 -1.37
CA SER C 143 90.63 40.54 -0.39
C SER C 143 89.22 40.42 -0.94
N SER C 144 88.80 41.35 -1.80
CA SER C 144 87.43 41.34 -2.32
C SER C 144 87.18 40.14 -3.21
N LEU C 145 88.08 39.90 -4.17
CA LEU C 145 87.97 38.72 -5.02
C LEU C 145 88.19 37.44 -4.24
N ARG C 146 89.08 37.47 -3.24
CA ARG C 146 89.31 36.30 -2.41
C ARG C 146 88.05 35.90 -1.64
N ILE C 147 87.37 36.88 -1.04
CA ILE C 147 86.17 36.55 -0.28
C ILE C 147 85.00 36.24 -1.22
N ARG C 148 85.00 36.79 -2.44
CA ARG C 148 84.00 36.40 -3.42
C ARG C 148 84.12 34.92 -3.78
N ALA C 149 85.37 34.48 -4.04
CA ALA C 149 85.62 33.08 -4.34
C ALA C 149 85.27 32.19 -3.15
N ILE C 150 85.67 32.59 -1.94
CA ILE C 150 85.42 31.76 -0.76
C ILE C 150 83.92 31.73 -0.45
N GLN C 151 83.20 32.80 -0.80
CA GLN C 151 81.76 32.83 -0.53
C GLN C 151 81.01 31.92 -1.48
N GLN C 152 81.38 31.96 -2.77
CA GLN C 152 80.75 31.06 -3.73
C GLN C 152 81.05 29.60 -3.43
N MET C 153 82.31 29.30 -3.07
CA MET C 153 82.68 27.91 -2.80
C MET C 153 82.06 27.42 -1.50
N ALA C 154 81.96 28.27 -0.48
CA ALA C 154 81.30 27.87 0.75
C ALA C 154 79.80 27.65 0.54
N ARG C 155 79.18 28.47 -0.31
CA ARG C 155 77.77 28.27 -0.64
C ARG C 155 77.56 26.93 -1.34
N ASN C 156 78.40 26.60 -2.32
CA ASN C 156 78.27 25.33 -3.01
C ASN C 156 78.58 24.15 -2.09
N LEU C 157 79.55 24.31 -1.19
CA LEU C 157 79.87 23.27 -0.22
C LEU C 157 78.72 23.05 0.74
N ARG C 158 78.00 24.11 1.09
CA ARG C 158 76.85 23.90 1.97
C ARG C 158 75.68 23.26 1.24
N THR C 159 75.51 23.54 -0.05
CA THR C 159 74.51 22.82 -0.83
C THR C 159 74.80 21.33 -0.87
N VAL C 160 76.06 20.97 -1.12
CA VAL C 160 76.36 19.54 -1.17
C VAL C 160 76.36 18.93 0.23
N SER C 161 76.62 19.74 1.28
CA SER C 161 76.60 19.21 2.63
C SER C 161 75.18 18.87 3.08
N ASP C 162 74.24 19.79 2.87
CA ASP C 162 72.88 19.50 3.32
C ASP C 162 72.12 18.67 2.29
N SER C 163 72.71 18.38 1.13
CA SER C 163 72.13 17.36 0.27
C SER C 163 72.11 16.00 0.96
N PHE C 164 73.14 15.69 1.75
CA PHE C 164 73.16 14.47 2.58
C PHE C 164 72.00 14.47 3.55
N GLU C 165 71.80 15.62 4.20
CA GLU C 165 70.68 15.82 5.12
C GLU C 165 69.34 15.61 4.44
N ARG C 166 69.21 16.12 3.21
CA ARG C 166 68.00 15.95 2.45
C ARG C 166 67.76 14.48 2.10
N GLY C 167 68.81 13.75 1.76
CA GLY C 167 68.67 12.36 1.37
C GLY C 167 68.47 11.37 2.50
N THR C 168 68.87 11.76 3.72
CA THR C 168 68.73 10.88 4.87
C THR C 168 67.26 10.54 5.14
N ALA C 169 66.39 11.55 5.03
CA ALA C 169 64.96 11.33 5.23
C ALA C 169 64.38 10.41 4.16
N ASP C 170 64.84 10.57 2.92
CA ASP C 170 64.41 9.66 1.85
C ASP C 170 64.81 8.23 2.13
N GLN C 171 66.05 8.05 2.60
CA GLN C 171 66.53 6.71 2.93
C GLN C 171 65.71 6.07 4.05
N LEU C 172 65.43 6.84 5.10
CA LEU C 172 64.74 6.26 6.24
C LEU C 172 63.27 5.99 5.91
N LEU C 173 62.66 6.86 5.10
CA LEU C 173 61.29 6.60 4.67
C LEU C 173 61.23 5.40 3.73
N GLY C 174 62.27 5.20 2.91
CA GLY C 174 62.33 4.01 2.08
C GLY C 174 62.40 2.73 2.88
N VAL C 175 63.24 2.73 3.93
CA VAL C 175 63.34 1.51 4.72
C VAL C 175 62.07 1.30 5.53
N LEU C 176 61.38 2.38 5.92
CA LEU C 176 60.11 2.25 6.61
C LEU C 176 59.04 1.64 5.71
N LEU C 177 59.00 2.06 4.44
CA LEU C 177 58.07 1.43 3.50
C LEU C 177 58.42 -0.02 3.20
N GLU C 178 59.70 -0.37 3.07
CA GLU C 178 59.99 -1.76 2.80
C GLU C 178 59.91 -2.64 4.05
N LYS C 179 59.74 -2.05 5.22
CA LYS C 179 59.57 -2.81 6.45
C LYS C 179 58.13 -2.68 6.96
N ALA C 180 57.15 -2.94 6.09
CA ALA C 180 55.76 -2.78 6.52
C ALA C 180 54.82 -3.75 5.83
N PRO C 181 53.96 -4.43 6.59
CA PRO C 181 52.89 -5.24 5.98
C PRO C 181 51.61 -4.45 5.90
N PRO C 182 50.65 -4.86 5.07
CA PRO C 182 49.39 -4.12 4.94
C PRO C 182 48.50 -4.28 6.16
N LEU C 183 47.65 -3.26 6.37
CA LEU C 183 46.63 -3.32 7.40
C LEU C 183 45.60 -4.40 7.10
N SER C 184 45.15 -4.48 5.84
CA SER C 184 44.11 -5.42 5.47
C SER C 184 44.58 -6.87 5.53
N LEU C 185 45.88 -7.09 5.65
CA LEU C 185 46.45 -8.41 5.88
C LEU C 185 46.70 -8.69 7.35
N LEU C 186 47.19 -7.70 8.10
CA LEU C 186 47.65 -7.95 9.47
C LEU C 186 46.52 -7.82 10.49
N SER C 187 45.53 -6.97 10.21
CA SER C 187 44.46 -6.77 11.18
C SER C 187 43.58 -8.02 11.41
N PRO C 188 43.13 -8.77 10.39
CA PRO C 188 42.41 -10.02 10.71
C PRO C 188 43.26 -11.06 11.43
N ILE C 189 44.56 -11.16 11.12
CA ILE C 189 45.40 -12.13 11.82
C ILE C 189 45.73 -11.63 13.22
N ASN C 190 45.75 -10.31 13.42
CA ASN C 190 45.91 -9.77 14.76
C ASN C 190 44.69 -10.06 15.63
N LYS C 191 43.48 -9.89 15.09
CA LYS C 191 42.28 -10.05 15.90
C LYS C 191 41.80 -11.51 15.95
N PHE C 192 41.52 -12.10 14.79
CA PHE C 192 40.82 -13.39 14.75
C PHE C 192 41.85 -14.50 14.94
N GLN C 193 42.37 -14.59 16.17
CA GLN C 193 43.21 -15.69 16.62
C GLN C 193 43.22 -15.74 18.15
N PRO C 194 42.36 -16.55 18.76
CA PRO C 194 42.32 -16.58 20.24
C PRO C 194 43.57 -17.14 20.90
N GLU C 195 44.03 -18.33 20.51
CA GLU C 195 45.18 -18.90 21.21
C GLU C 195 46.29 -19.36 20.30
N GLY C 196 46.01 -19.66 19.04
CA GLY C 196 46.98 -20.18 18.11
C GLY C 196 46.79 -21.66 17.88
N HIS C 197 47.35 -22.13 16.75
CA HIS C 197 47.10 -23.47 16.21
C HIS C 197 45.61 -23.75 16.09
N LEU C 198 44.93 -22.93 15.29
CA LEU C 198 43.49 -22.94 15.19
C LEU C 198 42.96 -23.96 14.19
N ASN C 199 43.77 -24.97 13.84
CA ASN C 199 43.49 -26.03 12.88
C ASN C 199 42.92 -25.51 11.56
N ARG C 200 42.15 -26.34 10.86
CA ARG C 200 41.85 -26.05 9.46
C ARG C 200 40.59 -25.18 9.31
N VAL C 201 39.53 -25.46 10.06
CA VAL C 201 38.24 -24.80 9.82
C VAL C 201 38.30 -23.32 10.23
N ALA C 202 38.98 -23.02 11.34
CA ALA C 202 39.19 -21.62 11.70
C ALA C 202 40.19 -20.94 10.77
N ARG C 203 41.08 -21.70 10.14
CA ARG C 203 41.94 -21.11 9.11
C ARG C 203 41.15 -20.77 7.86
N ALA C 204 40.09 -21.54 7.56
CA ALA C 204 39.23 -21.19 6.44
C ALA C 204 38.31 -20.02 6.79
N ALA C 205 37.92 -19.91 8.05
CA ALA C 205 37.26 -18.68 8.52
C ALA C 205 38.19 -17.49 8.36
N LEU C 206 39.47 -17.67 8.68
CA LEU C 206 40.49 -16.65 8.46
C LEU C 206 40.64 -16.33 6.97
N LEU C 207 40.59 -17.34 6.12
CA LEU C 207 40.60 -17.20 4.67
C LEU C 207 39.49 -16.27 4.17
N SER C 208 38.26 -16.57 4.57
CA SER C 208 37.13 -15.74 4.16
C SER C 208 37.21 -14.35 4.78
N ASP C 209 37.79 -14.24 5.98
CA ASP C 209 37.97 -12.94 6.61
C ASP C 209 38.96 -12.08 5.82
N LEU C 210 40.06 -12.68 5.37
CA LEU C 210 40.99 -11.97 4.48
C LEU C 210 40.34 -11.59 3.16
N LYS C 211 39.49 -12.48 2.62
CA LYS C 211 38.73 -12.18 1.41
C LYS C 211 37.90 -10.90 1.58
N ARG C 212 37.07 -10.88 2.62
CA ARG C 212 36.15 -9.75 2.79
C ARG C 212 36.89 -8.51 3.27
N ARG C 213 38.05 -8.67 3.89
CA ARG C 213 38.78 -7.50 4.37
C ARG C 213 39.57 -6.85 3.24
N VAL C 214 40.11 -7.66 2.30
CA VAL C 214 40.74 -7.09 1.12
C VAL C 214 39.69 -6.43 0.23
N CYS C 215 38.53 -7.08 0.09
CA CYS C 215 37.43 -6.45 -0.65
C CYS C 215 36.89 -5.22 0.07
N ALA C 216 37.01 -5.16 1.39
CA ALA C 216 36.39 -4.13 2.19
C ALA C 216 37.01 -2.75 2.04
N ASP C 217 38.34 -2.63 2.10
CA ASP C 217 38.94 -1.29 2.07
C ASP C 217 40.31 -1.38 1.38
N MET C 218 40.31 -1.11 0.08
CA MET C 218 41.52 -0.79 -0.66
C MET C 218 41.65 0.70 -0.94
N PHE C 219 40.53 1.40 -1.07
CA PHE C 219 40.49 2.82 -1.36
C PHE C 219 39.47 3.53 -0.48
N PHE C 220 39.54 3.27 0.83
CA PHE C 220 38.52 3.75 1.76
C PHE C 220 38.49 5.27 1.88
N MET C 221 39.62 5.94 1.63
CA MET C 221 39.62 7.41 1.64
C MET C 221 38.73 7.98 0.55
N THR C 222 38.80 7.41 -0.66
CA THR C 222 37.95 7.86 -1.74
C THR C 222 36.59 7.15 -1.76
N ARG C 223 36.44 6.08 -0.99
CA ARG C 223 35.15 5.40 -0.92
C ARG C 223 34.22 6.11 0.05
N HIS C 224 34.55 6.07 1.33
CA HIS C 224 33.74 6.73 2.36
C HIS C 224 34.27 8.12 2.66
N ALA C 225 34.35 8.93 1.59
CA ALA C 225 34.77 10.31 1.74
C ALA C 225 33.70 11.19 2.37
N ARG C 226 32.43 10.88 2.12
CA ARG C 226 31.33 11.66 2.68
C ARG C 226 30.92 11.18 4.06
N GLU C 227 31.56 10.15 4.60
CA GLU C 227 31.24 9.62 5.92
C GLU C 227 32.50 9.76 6.78
N PRO C 228 32.60 10.85 7.54
CA PRO C 228 33.82 11.08 8.33
C PRO C 228 34.04 10.09 9.46
N ARG C 229 33.00 9.38 9.90
CA ARG C 229 33.17 8.45 11.01
C ARG C 229 33.95 7.21 10.59
N LEU C 230 33.71 6.72 9.37
CA LEU C 230 34.39 5.51 8.91
C LEU C 230 35.87 5.74 8.69
N ILE C 231 36.25 6.96 8.27
CA ILE C 231 37.67 7.28 8.11
C ILE C 231 38.36 7.28 9.46
N SER C 232 37.74 7.92 10.46
CA SER C 232 38.29 7.92 11.81
C SER C 232 38.31 6.52 12.40
N ALA C 233 37.28 5.71 12.12
CA ALA C 233 37.24 4.35 12.63
C ALA C 233 38.36 3.49 12.05
N TYR C 234 38.51 3.51 10.72
CA TYR C 234 39.60 2.76 10.09
C TYR C 234 40.97 3.24 10.52
N LEU C 235 41.17 4.56 10.66
CA LEU C 235 42.50 5.05 11.00
C LEU C 235 42.82 4.76 12.47
N SER C 236 41.83 4.85 13.35
CA SER C 236 42.03 4.52 14.75
C SER C 236 42.27 3.03 14.94
N ASP C 237 41.58 2.19 14.16
CA ASP C 237 41.86 0.76 14.19
C ASP C 237 43.24 0.46 13.63
N MET C 238 43.66 1.23 12.62
CA MET C 238 44.97 1.03 12.02
C MET C 238 46.09 1.39 12.98
N VAL C 239 45.96 2.50 13.68
CA VAL C 239 47.03 2.93 14.58
C VAL C 239 47.09 2.04 15.82
N SER C 240 45.94 1.58 16.30
CA SER C 240 45.90 0.62 17.41
C SER C 240 45.78 -0.82 16.91
N CYS C 241 46.67 -1.21 16.01
CA CYS C 241 46.76 -2.60 15.61
C CYS C 241 48.20 -3.08 15.64
N THR C 242 49.15 -2.16 15.78
CA THR C 242 50.56 -2.49 15.83
C THR C 242 51.04 -2.54 17.27
N GLN C 243 51.82 -3.54 17.57
CA GLN C 243 52.45 -3.68 18.87
C GLN C 243 53.50 -2.58 19.06
N PRO C 244 53.54 -1.95 20.23
CA PRO C 244 54.57 -0.94 20.48
C PRO C 244 55.91 -1.60 20.75
N SER C 245 56.98 -0.84 20.68
CA SER C 245 58.33 -1.39 20.76
C SER C 245 58.92 -1.09 22.13
N VAL C 246 60.21 -1.38 22.29
CA VAL C 246 60.89 -1.11 23.55
C VAL C 246 60.92 0.39 23.81
N MET C 247 60.48 0.78 25.01
CA MET C 247 60.32 2.17 25.37
C MET C 247 61.61 2.80 25.87
N VAL C 248 62.65 2.80 25.04
CA VAL C 248 63.94 3.34 25.43
C VAL C 248 64.05 4.80 24.98
N SER C 249 64.45 5.67 25.92
CA SER C 249 64.67 7.08 25.65
C SER C 249 65.49 7.67 26.79
N ARG C 250 66.16 8.77 26.47
CA ARG C 250 66.68 9.70 27.47
C ARG C 250 66.02 11.07 27.34
N ILE C 251 66.03 11.63 26.13
CA ILE C 251 65.24 12.80 25.78
C ILE C 251 64.49 12.48 24.48
N THR C 252 63.21 12.81 24.45
CA THR C 252 62.34 12.40 23.36
C THR C 252 61.59 13.60 22.81
N HIS C 253 60.67 13.32 21.90
CA HIS C 253 59.84 14.36 21.30
C HIS C 253 58.54 14.49 22.09
N THR C 254 58.31 15.66 22.67
CA THR C 254 57.10 15.94 23.42
C THR C 254 56.40 17.13 22.80
N ASN C 255 55.15 17.35 23.22
CA ASN C 255 54.41 18.54 22.83
C ASN C 255 54.84 19.74 23.68
N THR C 256 54.14 20.86 23.50
CA THR C 256 54.48 22.06 24.25
C THR C 256 54.14 21.90 25.72
N ARG C 257 53.08 21.16 26.04
CA ARG C 257 52.72 20.95 27.44
C ARG C 257 53.71 20.01 28.13
N GLY C 258 54.10 18.94 27.45
CA GLY C 258 55.02 17.99 28.04
C GLY C 258 54.69 16.55 27.73
N ARG C 259 53.51 16.31 27.17
CA ARG C 259 53.13 14.94 26.82
C ARG C 259 53.92 14.47 25.61
N GLN C 260 54.55 13.31 25.74
CA GLN C 260 55.38 12.77 24.67
C GLN C 260 54.52 12.20 23.55
N VAL C 261 55.02 12.30 22.33
CA VAL C 261 54.32 11.76 21.18
C VAL C 261 54.67 10.28 21.07
N ASP C 262 53.92 9.55 20.26
CA ASP C 262 54.11 8.12 20.14
C ASP C 262 54.43 7.64 18.73
N GLY C 263 54.70 8.55 17.80
CA GLY C 263 55.17 8.13 16.49
C GLY C 263 54.96 9.23 15.48
N VAL C 264 55.26 8.90 14.23
CA VAL C 264 55.08 9.80 13.10
C VAL C 264 54.27 9.09 12.03
N LEU C 265 53.33 9.82 11.43
CA LEU C 265 52.52 9.31 10.34
C LEU C 265 52.86 10.10 9.09
N VAL C 266 53.25 9.41 8.03
CA VAL C 266 53.75 10.04 6.81
C VAL C 266 52.78 9.76 5.67
N THR C 267 52.51 10.79 4.87
CA THR C 267 51.49 10.73 3.83
C THR C 267 51.79 11.82 2.80
N THR C 268 50.81 12.13 1.95
CA THR C 268 50.91 13.22 0.99
C THR C 268 49.92 14.31 1.36
N ALA C 269 50.23 15.55 0.99
CA ALA C 269 49.55 16.73 1.51
C ALA C 269 48.07 16.80 1.11
N THR C 270 47.68 16.12 0.02
CA THR C 270 46.30 16.15 -0.43
C THR C 270 45.36 15.55 0.61
N LEU C 271 45.54 14.27 0.90
CA LEU C 271 44.72 13.68 1.94
C LEU C 271 45.13 14.13 3.33
N LYS C 272 46.31 14.75 3.50
CA LYS C 272 46.58 15.45 4.75
C LYS C 272 45.56 16.56 4.98
N ARG C 273 45.34 17.40 3.97
CA ARG C 273 44.34 18.46 4.08
C ARG C 273 42.94 17.87 4.18
N GLN C 274 42.71 16.72 3.52
CA GLN C 274 41.41 16.06 3.63
C GLN C 274 41.12 15.61 5.06
N LEU C 275 42.11 15.04 5.74
CA LEU C 275 41.92 14.71 7.16
C LEU C 275 41.88 15.95 8.02
N LEU C 276 42.61 17.00 7.64
CA LEU C 276 42.73 18.16 8.52
C LEU C 276 41.48 19.01 8.52
N GLN C 277 40.71 19.00 7.42
CA GLN C 277 39.56 19.90 7.36
C GLN C 277 38.42 19.43 8.25
N GLY C 278 38.17 18.12 8.30
CA GLY C 278 37.01 17.65 9.05
C GLY C 278 37.10 16.33 9.78
N ILE C 279 38.25 15.65 9.72
CA ILE C 279 38.33 14.30 10.30
C ILE C 279 38.95 14.35 11.69
N LEU C 280 40.12 14.95 11.80
CA LEU C 280 40.86 14.98 13.04
C LEU C 280 41.07 16.43 13.50
N GLN C 281 41.40 16.57 14.78
CA GLN C 281 41.53 17.88 15.40
C GLN C 281 42.99 18.21 15.64
N ILE C 282 43.29 19.51 15.66
CA ILE C 282 44.67 19.97 15.88
C ILE C 282 44.96 19.96 17.37
N ASP C 283 46.06 19.31 17.74
CA ASP C 283 46.47 19.29 19.15
C ASP C 283 47.37 20.46 19.49
N ASP C 284 48.35 20.77 18.65
CA ASP C 284 49.23 21.93 18.82
C ASP C 284 49.88 22.21 17.48
N THR C 285 50.63 23.31 17.42
CA THR C 285 51.36 23.72 16.23
C THR C 285 52.87 23.54 16.36
N ALA C 286 53.42 23.76 17.56
CA ALA C 286 54.84 23.56 17.81
C ALA C 286 55.04 22.30 18.65
N ALA C 287 56.29 21.85 18.73
CA ALA C 287 56.61 20.64 19.47
C ALA C 287 58.05 20.72 19.97
N ASP C 288 58.36 19.90 20.97
CA ASP C 288 59.69 19.86 21.55
C ASP C 288 60.50 18.73 20.92
N VAL C 289 61.69 19.06 20.43
CA VAL C 289 62.54 18.11 19.71
C VAL C 289 63.94 18.17 20.31
N PRO C 290 64.60 17.03 20.52
CA PRO C 290 66.00 17.04 20.95
C PRO C 290 66.93 17.59 19.88
N VAL C 291 68.20 17.77 20.26
CA VAL C 291 69.17 18.45 19.41
C VAL C 291 70.41 17.61 19.12
N THR C 292 70.46 16.36 19.59
CA THR C 292 71.60 15.51 19.31
C THR C 292 71.18 14.22 18.61
N ALA C 354 64.07 21.79 21.98
CA ALA C 354 63.96 22.80 20.94
C ALA C 354 62.54 22.84 20.38
N ARG C 355 62.01 24.05 20.22
CA ARG C 355 60.65 24.25 19.77
C ARG C 355 60.65 24.40 18.25
N VAL C 356 59.96 23.49 17.56
CA VAL C 356 59.89 23.46 16.11
C VAL C 356 58.43 23.44 15.70
N PRO C 357 58.01 24.28 14.76
CA PRO C 357 56.61 24.22 14.30
C PRO C 357 56.32 22.94 13.53
N ALA C 358 55.48 22.09 14.12
CA ALA C 358 55.12 20.83 13.51
C ALA C 358 53.79 20.37 14.10
N ASP C 359 52.80 20.15 13.25
CA ASP C 359 51.47 19.77 13.72
C ASP C 359 51.47 18.33 14.21
N LEU C 360 50.45 18.01 15.01
CA LEU C 360 50.35 16.70 15.64
C LEU C 360 48.91 16.47 16.08
N VAL C 361 48.49 15.20 16.03
CA VAL C 361 47.09 14.83 16.25
C VAL C 361 47.06 13.61 17.16
N ILE C 362 46.18 13.65 18.17
CA ILE C 362 45.85 12.49 18.97
C ILE C 362 44.73 11.73 18.28
N VAL C 363 44.94 10.44 18.05
CA VAL C 363 43.93 9.55 17.50
C VAL C 363 43.69 8.43 18.49
N GLY C 364 42.43 8.25 18.89
CA GLY C 364 42.09 7.19 19.82
C GLY C 364 42.68 7.39 21.19
N ASP C 365 43.69 6.60 21.52
CA ASP C 365 44.32 6.64 22.84
C ASP C 365 45.76 7.14 22.80
N LYS C 366 46.26 7.54 21.63
CA LYS C 366 47.66 7.96 21.52
C LYS C 366 47.82 9.08 20.50
N LEU C 367 48.94 9.78 20.63
CA LEU C 367 49.20 11.03 19.92
C LEU C 367 50.29 10.82 18.88
N VAL C 368 50.09 11.36 17.68
CA VAL C 368 50.95 11.08 16.55
C VAL C 368 51.22 12.36 15.75
N PHE C 369 52.44 12.48 15.23
CA PHE C 369 52.76 13.47 14.22
C PHE C 369 52.00 13.17 12.94
N LEU C 370 51.56 14.22 12.25
CA LEU C 370 50.81 14.09 11.01
C LEU C 370 51.66 14.75 9.91
N GLU C 371 52.55 13.97 9.32
CA GLU C 371 53.54 14.49 8.39
C GLU C 371 53.13 14.15 6.96
N ALA C 372 53.34 15.09 6.05
CA ALA C 372 53.12 14.92 4.63
C ALA C 372 54.30 15.48 3.85
N LEU C 373 55.49 14.97 4.17
CA LEU C 373 56.75 15.61 3.82
C LEU C 373 56.94 15.56 2.32
N GLU C 374 56.50 16.63 1.65
CA GLU C 374 56.41 16.70 0.20
C GLU C 374 56.97 18.03 -0.31
N ARG C 375 56.98 19.04 0.55
CA ARG C 375 57.42 20.36 0.13
C ARG C 375 58.89 20.60 0.45
N ARG C 376 59.32 20.17 1.64
CA ARG C 376 60.72 20.33 2.03
C ARG C 376 61.63 19.45 1.18
N VAL C 377 61.17 18.23 0.87
CA VAL C 377 61.92 17.28 0.06
C VAL C 377 60.94 16.71 -0.97
N TYR C 378 61.49 16.23 -2.09
CA TYR C 378 60.82 15.78 -3.31
C TYR C 378 60.17 16.91 -4.09
N GLN C 379 60.48 18.16 -3.75
CA GLN C 379 60.20 19.29 -4.62
C GLN C 379 61.49 19.70 -5.32
N ALA C 380 61.40 19.85 -6.65
CA ALA C 380 62.53 20.24 -7.50
C ALA C 380 63.70 19.29 -7.34
N THR C 381 63.49 18.02 -7.67
CA THR C 381 64.55 17.03 -7.68
C THR C 381 64.15 15.92 -8.65
N ARG C 382 65.11 15.04 -8.94
CA ARG C 382 64.93 14.04 -9.97
C ARG C 382 64.69 12.65 -9.41
N VAL C 383 64.28 12.57 -8.14
CA VAL C 383 63.87 11.30 -7.53
C VAL C 383 62.36 11.34 -7.38
N ALA C 384 61.71 10.27 -7.83
CA ALA C 384 60.26 10.17 -7.71
C ALA C 384 59.87 9.99 -6.25
N TYR C 385 58.79 10.63 -5.86
CA TYR C 385 58.26 10.42 -4.53
C TYR C 385 57.70 9.01 -4.41
N PRO C 386 58.03 8.27 -3.36
CA PRO C 386 57.42 6.94 -3.17
C PRO C 386 55.97 7.02 -2.75
N LEU C 387 55.38 5.86 -2.40
CA LEU C 387 53.98 5.67 -2.04
C LEU C 387 53.05 5.91 -3.23
N ILE C 388 53.56 5.84 -4.46
CA ILE C 388 52.78 6.03 -5.67
C ILE C 388 52.89 4.74 -6.47
N GLY C 389 52.94 3.61 -5.76
CA GLY C 389 53.29 2.33 -6.33
C GLY C 389 52.43 1.79 -7.45
N ASN C 390 51.11 1.94 -7.32
CA ASN C 390 50.00 1.68 -8.25
C ASN C 390 49.43 0.31 -7.94
N ILE C 391 48.49 -0.18 -8.75
CA ILE C 391 47.96 -1.54 -8.62
C ILE C 391 47.72 -2.13 -9.99
N ASP C 392 47.46 -3.45 -10.02
CA ASP C 392 47.04 -4.16 -11.22
C ASP C 392 45.77 -4.94 -10.83
N ILE C 393 44.62 -4.33 -11.06
CA ILE C 393 43.34 -4.94 -10.76
C ILE C 393 42.68 -5.37 -12.07
N THR C 394 41.98 -6.51 -12.04
CA THR C 394 41.29 -7.03 -13.20
C THR C 394 39.82 -7.22 -12.86
N PHE C 395 38.96 -7.06 -13.86
CA PHE C 395 37.51 -7.10 -13.68
C PHE C 395 36.96 -8.33 -14.37
N ILE C 396 36.00 -8.99 -13.74
CA ILE C 396 35.22 -10.04 -14.39
C ILE C 396 33.89 -9.41 -14.79
N MET C 397 33.39 -9.80 -15.96
CA MET C 397 32.29 -9.02 -16.51
C MET C 397 31.48 -9.90 -17.45
N PRO C 398 30.37 -10.47 -16.98
CA PRO C 398 29.63 -11.44 -17.80
C PRO C 398 28.95 -10.77 -18.98
N MET C 399 28.81 -11.55 -20.06
CA MET C 399 28.42 -11.01 -21.36
C MET C 399 27.07 -11.55 -21.85
N GLY C 400 26.94 -12.86 -21.99
CA GLY C 400 25.79 -13.40 -22.71
C GLY C 400 25.10 -14.59 -22.07
N VAL C 401 25.10 -14.67 -20.75
CA VAL C 401 24.38 -15.74 -20.06
C VAL C 401 22.87 -15.50 -20.16
N PHE C 402 22.11 -16.57 -19.96
CA PHE C 402 20.66 -16.53 -20.10
C PHE C 402 20.00 -17.08 -18.85
N GLN C 403 18.90 -16.47 -18.44
CA GLN C 403 18.10 -16.98 -17.33
C GLN C 403 17.41 -18.25 -17.78
N ALA C 404 18.07 -19.39 -17.56
CA ALA C 404 17.59 -20.67 -18.07
C ALA C 404 16.28 -21.09 -17.43
N ASN C 405 16.16 -20.90 -16.12
CA ASN C 405 14.95 -21.31 -15.41
C ASN C 405 13.78 -20.40 -15.77
N SER C 406 12.61 -21.01 -15.96
CA SER C 406 11.42 -20.23 -16.25
C SER C 406 10.96 -19.46 -15.03
N MET C 407 11.32 -19.94 -13.84
CA MET C 407 11.07 -19.20 -12.60
C MET C 407 11.99 -17.98 -12.46
N ASP C 408 13.12 -17.94 -13.18
CA ASP C 408 13.99 -16.79 -13.14
C ASP C 408 13.56 -15.66 -14.07
N ARG C 409 12.57 -15.88 -14.92
CA ARG C 409 12.12 -14.86 -15.87
C ARG C 409 11.01 -14.02 -15.23
N TYR C 410 11.35 -13.37 -14.13
CA TYR C 410 10.42 -12.57 -13.35
C TYR C 410 10.84 -11.10 -13.37
N THR C 411 9.87 -10.22 -13.21
CA THR C 411 10.05 -8.78 -13.35
C THR C 411 9.87 -8.06 -12.02
N ARG C 412 10.01 -6.72 -12.05
CA ARG C 412 9.65 -5.91 -10.91
C ARG C 412 8.18 -5.52 -10.95
N HIS C 413 7.72 -5.02 -12.08
CA HIS C 413 6.30 -4.84 -12.38
C HIS C 413 6.07 -5.32 -13.81
N ALA C 414 4.80 -5.68 -14.10
CA ALA C 414 4.47 -6.45 -15.30
C ALA C 414 4.87 -5.72 -16.58
N GLY C 415 4.30 -4.55 -16.81
CA GLY C 415 4.72 -3.76 -17.93
C GLY C 415 5.74 -2.70 -17.57
N ASP C 416 6.90 -3.09 -17.04
CA ASP C 416 7.94 -2.11 -16.77
C ASP C 416 8.53 -1.57 -18.07
N PHE C 417 8.83 -2.45 -19.02
CA PHE C 417 9.33 -2.06 -20.34
C PHE C 417 8.34 -2.58 -21.37
N SER C 418 7.32 -1.77 -21.65
CA SER C 418 6.28 -2.12 -22.61
C SER C 418 6.41 -1.29 -23.88
N THR C 419 5.87 -1.83 -24.97
CA THR C 419 5.98 -1.18 -26.29
C THR C 419 4.62 -1.09 -26.96
N VAL C 420 4.61 -0.68 -28.23
CA VAL C 420 3.39 -0.68 -29.03
C VAL C 420 3.26 -1.93 -29.89
N SER C 421 4.30 -2.76 -29.97
CA SER C 421 4.25 -3.96 -30.78
C SER C 421 3.38 -5.02 -30.12
N GLU C 422 2.90 -5.96 -30.93
CA GLU C 422 2.08 -7.05 -30.39
C GLU C 422 2.93 -8.03 -29.59
N GLN C 423 4.24 -8.04 -29.82
CA GLN C 423 5.18 -8.83 -29.05
C GLN C 423 6.13 -7.90 -28.32
N ASP C 424 6.25 -8.09 -27.01
CA ASP C 424 7.18 -7.29 -26.23
C ASP C 424 8.61 -7.70 -26.59
N PRO C 425 9.46 -6.75 -27.00
CA PRO C 425 10.85 -7.12 -27.35
C PRO C 425 11.74 -7.26 -26.12
N ARG C 426 11.33 -8.16 -25.22
CA ARG C 426 12.03 -8.40 -23.97
C ARG C 426 12.16 -9.88 -23.68
N GLN C 427 11.45 -10.74 -24.44
CA GLN C 427 11.53 -12.19 -24.29
C GLN C 427 12.90 -12.71 -24.73
N PHE C 428 13.61 -11.94 -25.55
CA PHE C 428 14.80 -12.44 -26.23
C PHE C 428 15.95 -12.61 -25.24
N PRO C 429 16.88 -13.54 -25.52
CA PRO C 429 18.09 -13.62 -24.72
C PRO C 429 18.96 -12.40 -24.95
N PRO C 430 19.78 -12.02 -23.96
CA PRO C 430 20.64 -10.84 -24.15
C PRO C 430 21.77 -11.11 -25.14
N GLN C 431 22.18 -10.04 -25.81
CA GLN C 431 23.32 -10.08 -26.72
C GLN C 431 24.40 -9.06 -26.37
N GLY C 432 24.10 -8.08 -25.53
CA GLY C 432 25.08 -7.08 -25.16
C GLY C 432 24.97 -6.72 -23.69
N ILE C 433 26.07 -6.21 -23.16
CA ILE C 433 26.16 -5.84 -21.74
C ILE C 433 26.47 -4.36 -21.70
N PHE C 434 26.10 -3.70 -20.60
CA PHE C 434 26.25 -2.25 -20.46
C PHE C 434 26.97 -1.96 -19.14
N PHE C 435 27.81 -0.93 -19.14
CA PHE C 435 28.46 -0.46 -17.92
C PHE C 435 28.87 0.99 -18.12
N TYR C 436 29.51 1.58 -17.10
CA TYR C 436 29.88 2.98 -17.08
C TYR C 436 31.37 3.15 -17.33
N ASN C 437 31.72 4.23 -18.03
CA ASN C 437 33.10 4.65 -18.17
C ASN C 437 33.58 5.27 -16.86
N LYS C 438 34.86 5.67 -16.85
CA LYS C 438 35.36 6.41 -15.69
C LYS C 438 34.82 7.83 -15.64
N ASP C 439 34.36 8.34 -16.78
CA ASP C 439 33.70 9.64 -16.83
C ASP C 439 32.19 9.53 -16.60
N GLY C 440 31.67 8.33 -16.44
CA GLY C 440 30.27 8.13 -16.17
C GLY C 440 29.37 7.98 -17.38
N ILE C 441 29.92 8.04 -18.59
CA ILE C 441 29.10 7.88 -19.79
C ILE C 441 28.83 6.40 -20.01
N LEU C 442 27.78 6.11 -20.78
CA LEU C 442 27.42 4.73 -21.07
C LEU C 442 28.45 4.12 -22.02
N THR C 443 28.90 2.90 -21.70
CA THR C 443 29.82 2.17 -22.54
C THR C 443 29.16 0.90 -23.02
N GLN C 444 29.64 0.40 -24.16
CA GLN C 444 29.00 -0.69 -24.87
C GLN C 444 29.95 -1.84 -25.11
N LEU C 445 29.53 -3.04 -24.73
CA LEU C 445 30.12 -4.28 -25.20
C LEU C 445 29.03 -5.08 -25.91
N THR C 446 29.30 -5.45 -27.15
CA THR C 446 28.38 -6.22 -27.97
C THR C 446 29.16 -7.45 -28.45
N LEU C 447 28.43 -8.52 -28.79
CA LEU C 447 29.06 -9.76 -29.24
C LEU C 447 29.77 -9.61 -30.59
N ARG C 448 29.64 -8.47 -31.26
CA ARG C 448 30.43 -8.18 -32.44
C ARG C 448 31.90 -7.96 -32.10
N ASP C 449 32.22 -7.76 -30.81
CA ASP C 449 33.60 -7.55 -30.40
C ASP C 449 34.40 -8.85 -30.25
N ALA C 450 33.84 -9.99 -30.64
CA ALA C 450 34.38 -11.27 -30.21
C ALA C 450 35.35 -11.92 -31.19
N MET C 451 35.61 -11.32 -32.36
CA MET C 451 36.50 -11.96 -33.33
C MET C 451 37.93 -12.06 -32.82
N GLY C 452 38.34 -11.17 -31.93
CA GLY C 452 39.67 -11.22 -31.37
C GLY C 452 39.93 -12.40 -30.46
N THR C 453 38.90 -13.13 -30.08
CA THR C 453 39.07 -14.36 -29.31
C THR C 453 38.55 -15.60 -30.03
N ILE C 454 37.29 -15.57 -30.50
CA ILE C 454 36.68 -16.83 -30.92
C ILE C 454 36.81 -17.09 -32.41
N CYS C 455 37.05 -16.05 -33.22
CA CYS C 455 37.09 -16.22 -34.67
C CYS C 455 38.51 -16.37 -35.19
N HIS C 456 39.41 -16.93 -34.38
CA HIS C 456 40.77 -17.25 -34.77
C HIS C 456 40.88 -18.73 -35.10
N SER C 457 42.00 -19.09 -35.73
CA SER C 457 42.23 -20.49 -36.09
C SER C 457 42.60 -21.35 -34.89
N SER C 458 42.84 -20.75 -33.72
CA SER C 458 43.30 -21.50 -32.56
C SER C 458 42.17 -22.29 -31.88
N LEU C 459 40.93 -22.14 -32.36
CA LEU C 459 39.81 -22.91 -31.82
C LEU C 459 39.93 -24.40 -32.11
N LEU C 460 40.76 -24.79 -33.07
CA LEU C 460 40.89 -26.18 -33.50
C LEU C 460 42.30 -26.70 -33.27
N ASP C 461 42.84 -26.48 -32.07
CA ASP C 461 44.17 -26.91 -31.69
C ASP C 461 44.07 -28.13 -30.78
N VAL C 462 43.16 -29.03 -31.14
CA VAL C 462 42.65 -30.06 -30.24
C VAL C 462 43.59 -31.26 -30.14
N GLU C 463 44.63 -31.34 -30.98
CA GLU C 463 45.44 -32.55 -31.12
C GLU C 463 46.20 -32.89 -29.83
N ALA C 464 46.86 -31.89 -29.24
CA ALA C 464 47.66 -32.12 -28.04
C ALA C 464 46.79 -32.53 -26.85
N THR C 465 45.55 -32.05 -26.81
CA THR C 465 44.64 -32.46 -25.75
C THR C 465 44.21 -33.92 -25.93
N LEU C 466 44.02 -34.37 -27.17
CA LEU C 466 43.78 -35.79 -27.40
C LEU C 466 44.99 -36.64 -27.01
N VAL C 467 46.20 -36.16 -27.30
CA VAL C 467 47.40 -36.89 -26.92
C VAL C 467 47.53 -36.98 -25.41
N ALA C 468 47.24 -35.88 -24.70
CA ALA C 468 47.33 -35.89 -23.25
C ALA C 468 46.21 -36.71 -22.62
N LEU C 469 45.00 -36.66 -23.20
CA LEU C 469 43.87 -37.39 -22.66
C LEU C 469 43.97 -38.88 -22.93
N ARG C 470 44.67 -39.28 -24.00
CA ARG C 470 44.88 -40.69 -24.30
C ARG C 470 45.77 -41.40 -23.28
N GLN C 471 46.48 -40.66 -22.43
CA GLN C 471 47.40 -41.23 -21.44
C GLN C 471 46.68 -41.65 -20.16
N GLN C 472 45.36 -41.53 -20.10
CA GLN C 472 44.57 -41.83 -18.92
C GLN C 472 44.08 -43.28 -18.99
N HIS C 473 43.46 -43.72 -17.89
CA HIS C 473 42.89 -45.05 -17.84
C HIS C 473 41.55 -45.05 -18.54
N LEU C 474 41.51 -45.57 -19.76
CA LEU C 474 40.30 -45.64 -20.57
C LEU C 474 39.76 -47.06 -20.50
N ASP C 475 38.51 -47.19 -20.07
CA ASP C 475 37.89 -48.48 -19.83
C ASP C 475 37.05 -48.90 -21.04
N ARG C 476 36.73 -50.20 -21.08
CA ARG C 476 35.96 -50.78 -22.19
C ARG C 476 34.50 -50.41 -22.03
N GLN C 477 33.98 -49.60 -22.94
CA GLN C 477 32.58 -49.22 -22.96
C GLN C 477 31.91 -49.81 -24.19
N CYS C 478 30.64 -49.43 -24.39
CA CYS C 478 29.89 -49.90 -25.54
C CYS C 478 30.38 -49.23 -26.82
N TYR C 479 30.18 -49.92 -27.94
CA TYR C 479 30.67 -49.47 -29.24
C TYR C 479 29.52 -49.22 -30.22
N PHE C 480 28.40 -48.68 -29.74
CA PHE C 480 27.25 -48.51 -30.62
C PHE C 480 27.29 -47.18 -31.37
N GLY C 481 27.33 -46.07 -30.64
CA GLY C 481 27.21 -44.75 -31.24
C GLY C 481 28.49 -44.10 -31.69
N VAL C 482 29.61 -44.81 -31.68
CA VAL C 482 30.90 -44.24 -32.08
C VAL C 482 31.51 -45.05 -33.20
N TYR C 483 30.77 -46.06 -33.68
CA TYR C 483 31.30 -47.02 -34.63
C TYR C 483 30.48 -47.00 -35.92
N VAL C 484 31.17 -46.94 -37.05
CA VAL C 484 30.55 -46.89 -38.38
C VAL C 484 30.96 -48.14 -39.15
N ALA C 485 29.98 -48.81 -39.76
CA ALA C 485 30.21 -50.02 -40.52
C ALA C 485 30.01 -49.75 -42.01
N GLU C 486 30.13 -50.81 -42.83
CA GLU C 486 29.83 -50.74 -44.25
C GLU C 486 28.59 -51.56 -44.55
N GLY C 487 27.98 -51.27 -45.69
CA GLY C 487 26.87 -52.10 -46.15
C GLY C 487 27.35 -53.48 -46.54
N THR C 488 26.46 -54.46 -46.44
CA THR C 488 26.79 -55.85 -46.73
C THR C 488 26.14 -56.34 -48.02
N GLU C 489 25.68 -55.42 -48.87
CA GLU C 489 25.17 -55.70 -50.23
C GLU C 489 23.98 -56.66 -50.19
N ASP C 490 22.89 -56.19 -49.58
CA ASP C 490 21.72 -57.04 -49.38
C ASP C 490 20.44 -56.28 -49.72
N THR C 491 19.29 -56.84 -49.33
CA THR C 491 17.99 -56.24 -49.57
C THR C 491 17.53 -55.38 -48.39
N LEU C 492 18.44 -55.05 -47.48
CA LEU C 492 18.26 -54.23 -46.28
C LEU C 492 17.31 -54.85 -45.25
N ASP C 493 16.84 -56.08 -45.45
CA ASP C 493 15.97 -56.75 -44.50
C ASP C 493 16.77 -57.67 -43.58
N VAL C 494 17.61 -58.53 -44.16
CA VAL C 494 18.49 -59.37 -43.35
C VAL C 494 19.57 -58.53 -42.70
N GLN C 495 19.87 -57.35 -43.28
CA GLN C 495 20.76 -56.40 -42.63
C GLN C 495 20.17 -55.91 -41.32
N MET C 496 18.89 -55.55 -41.33
CA MET C 496 18.18 -55.25 -40.09
C MET C 496 18.05 -56.48 -39.20
N GLY C 497 18.00 -57.67 -39.80
CA GLY C 497 17.97 -58.91 -39.04
C GLY C 497 19.18 -59.09 -38.15
N ARG C 498 20.38 -59.14 -38.75
CA ARG C 498 21.55 -59.33 -37.90
C ARG C 498 21.92 -58.06 -37.14
N PHE C 499 21.50 -56.89 -37.62
CA PHE C 499 21.66 -55.67 -36.83
C PHE C 499 20.87 -55.72 -35.53
N MET C 500 19.62 -56.19 -35.60
CA MET C 500 18.81 -56.30 -34.38
C MET C 500 19.31 -57.44 -33.50
N GLU C 501 19.75 -58.54 -34.11
CA GLU C 501 20.28 -59.67 -33.34
C GLU C 501 21.55 -59.28 -32.60
N THR C 502 22.35 -58.37 -33.18
CA THR C 502 23.53 -57.89 -32.48
C THR C 502 23.18 -56.78 -31.49
N TRP C 503 22.23 -55.92 -31.84
CA TRP C 503 21.81 -54.81 -31.00
C TRP C 503 21.01 -55.24 -29.78
N ALA C 504 20.54 -56.49 -29.76
CA ALA C 504 19.82 -56.97 -28.58
C ALA C 504 20.71 -57.05 -27.35
N ASP C 505 22.03 -57.21 -27.52
CA ASP C 505 22.86 -57.43 -26.35
C ASP C 505 24.23 -56.75 -26.36
N MET C 506 24.58 -55.89 -27.34
CA MET C 506 25.94 -55.37 -27.30
C MET C 506 26.15 -54.30 -26.23
N MET C 507 25.08 -53.66 -25.74
CA MET C 507 25.22 -52.67 -24.68
C MET C 507 25.36 -53.37 -23.33
N PRO C 508 26.46 -53.15 -22.60
CA PRO C 508 26.53 -53.68 -21.23
C PRO C 508 25.92 -52.76 -20.19
N HIS C 509 25.56 -51.54 -20.57
CA HIS C 509 25.00 -50.55 -19.65
C HIS C 509 24.28 -49.49 -20.48
N HIS C 510 23.90 -48.40 -19.83
CA HIS C 510 23.21 -47.30 -20.51
C HIS C 510 24.23 -46.42 -21.24
N PRO C 511 24.05 -46.18 -22.54
CA PRO C 511 24.99 -45.31 -23.28
C PRO C 511 24.98 -43.88 -22.74
N HIS C 512 26.17 -43.27 -22.74
CA HIS C 512 26.37 -41.99 -22.06
C HIS C 512 25.79 -40.81 -22.81
N TRP C 513 25.69 -40.88 -24.14
CA TRP C 513 25.19 -39.76 -24.94
C TRP C 513 23.66 -39.76 -25.05
N VAL C 514 22.97 -40.48 -24.16
CA VAL C 514 21.53 -40.60 -24.20
C VAL C 514 20.84 -39.70 -23.20
N ASN C 515 21.36 -39.64 -21.97
CA ASN C 515 20.69 -38.99 -20.84
C ASN C 515 20.71 -37.47 -20.98
N GLU C 516 19.93 -36.96 -21.93
CA GLU C 516 19.70 -35.54 -22.08
C GLU C 516 18.67 -35.02 -21.09
N HIS C 517 18.03 -35.91 -20.33
CA HIS C 517 17.02 -35.50 -19.35
C HIS C 517 17.64 -34.92 -18.08
N LEU C 518 18.96 -35.00 -17.92
CA LEU C 518 19.61 -34.36 -16.79
C LEU C 518 19.50 -32.84 -16.90
N THR C 519 19.35 -32.19 -15.76
CA THR C 519 19.26 -30.73 -15.70
C THR C 519 20.68 -30.15 -15.72
N ILE C 520 20.77 -28.84 -15.45
CA ILE C 520 22.08 -28.18 -15.40
C ILE C 520 22.90 -28.73 -14.24
N LEU C 521 22.31 -28.74 -13.03
CA LEU C 521 23.04 -29.07 -11.82
C LEU C 521 23.45 -30.54 -11.79
N GLN C 522 22.58 -31.42 -12.26
CA GLN C 522 22.91 -32.85 -12.29
C GLN C 522 24.03 -33.13 -13.29
N PHE C 523 24.05 -32.39 -14.39
CA PHE C 523 25.13 -32.57 -15.37
C PHE C 523 26.45 -32.04 -14.82
N ILE C 524 26.43 -30.86 -14.16
CA ILE C 524 27.68 -30.31 -13.65
C ILE C 524 27.98 -30.85 -12.25
N ALA C 525 27.23 -31.84 -11.78
CA ALA C 525 27.52 -32.47 -10.51
C ALA C 525 28.86 -33.20 -10.58
N PRO C 526 29.60 -33.28 -9.47
CA PRO C 526 30.92 -33.95 -9.52
C PRO C 526 30.86 -35.45 -9.76
N SER C 527 29.70 -36.08 -9.57
CA SER C 527 29.57 -37.51 -9.80
C SER C 527 29.48 -37.88 -11.28
N ASN C 528 29.29 -36.91 -12.17
CA ASN C 528 29.08 -37.19 -13.58
C ASN C 528 30.38 -37.64 -14.24
N PRO C 529 30.43 -38.85 -14.82
CA PRO C 529 31.64 -39.26 -15.54
C PRO C 529 31.80 -38.57 -16.89
N ARG C 530 30.72 -38.01 -17.45
CA ARG C 530 30.82 -37.26 -18.69
C ARG C 530 31.19 -35.81 -18.48
N LEU C 531 31.27 -35.35 -17.23
CA LEU C 531 31.64 -33.97 -16.95
C LEU C 531 33.09 -33.70 -17.32
N ARG C 532 33.97 -34.69 -17.12
CA ARG C 532 35.36 -34.56 -17.50
C ARG C 532 35.60 -34.79 -18.98
N PHE C 533 34.57 -35.17 -19.74
CA PHE C 533 34.69 -35.45 -21.15
C PHE C 533 34.24 -34.29 -22.03
N GLU C 534 33.99 -33.12 -21.44
CA GLU C 534 33.49 -31.96 -22.17
C GLU C 534 34.54 -30.86 -22.11
N LEU C 535 35.33 -30.73 -23.17
CA LEU C 535 36.43 -29.76 -23.22
C LEU C 535 36.11 -28.58 -24.12
N ASN C 536 35.78 -28.83 -25.38
CA ASN C 536 35.65 -27.78 -26.37
C ASN C 536 34.21 -27.61 -26.81
N PRO C 537 33.74 -26.38 -27.00
CA PRO C 537 32.37 -26.18 -27.51
C PRO C 537 32.15 -26.70 -28.92
N ALA C 538 33.20 -26.90 -29.71
CA ALA C 538 33.07 -27.43 -31.05
C ALA C 538 33.32 -28.93 -31.12
N PHE C 539 33.55 -29.59 -29.99
CA PHE C 539 33.99 -30.98 -30.01
C PHE C 539 33.18 -31.82 -29.02
N ASP C 540 32.84 -33.04 -29.45
CA ASP C 540 32.34 -34.09 -28.58
C ASP C 540 33.44 -35.13 -28.40
N PHE C 541 33.71 -35.46 -27.14
CA PHE C 541 34.75 -36.43 -26.80
C PHE C 541 34.10 -37.72 -26.35
N PHE C 542 34.54 -38.83 -26.94
CA PHE C 542 33.90 -40.12 -26.74
C PHE C 542 34.97 -41.20 -26.75
N VAL C 543 34.65 -42.34 -26.15
CA VAL C 543 35.54 -43.49 -26.11
C VAL C 543 35.43 -44.23 -27.43
N ALA C 544 36.55 -44.41 -28.10
CA ALA C 544 36.60 -44.93 -29.46
C ALA C 544 37.53 -46.13 -29.52
N PRO C 545 37.31 -47.05 -30.47
CA PRO C 545 38.26 -48.14 -30.67
C PRO C 545 39.63 -47.62 -31.10
N GLY C 546 40.68 -48.28 -30.61
CA GLY C 546 42.04 -47.89 -30.91
C GLY C 546 42.53 -48.48 -32.21
N ASP C 547 43.03 -47.62 -33.09
CA ASP C 547 43.58 -47.99 -34.41
C ASP C 547 42.57 -48.77 -35.25
N VAL C 548 41.31 -48.34 -35.20
CA VAL C 548 40.24 -48.90 -36.02
C VAL C 548 39.76 -47.79 -36.95
N ASP C 549 39.86 -48.03 -38.25
CA ASP C 549 39.56 -47.01 -39.25
C ASP C 549 38.06 -46.76 -39.30
N LEU C 550 37.69 -45.53 -39.69
CA LEU C 550 36.29 -45.16 -39.87
C LEU C 550 35.98 -45.07 -41.36
N PRO C 551 35.05 -45.88 -41.89
CA PRO C 551 34.30 -46.92 -41.18
C PRO C 551 35.07 -48.24 -41.03
N GLY C 552 34.84 -48.93 -39.92
CA GLY C 552 35.39 -50.25 -39.72
C GLY C 552 34.41 -51.31 -40.18
N PRO C 553 34.79 -52.59 -40.09
CA PRO C 553 33.93 -53.66 -40.60
C PRO C 553 32.69 -53.84 -39.74
N GLN C 554 31.76 -54.66 -40.26
CA GLN C 554 30.46 -54.83 -39.60
C GLN C 554 30.61 -55.51 -38.25
N ARG C 555 31.48 -56.51 -38.14
CA ARG C 555 31.80 -57.11 -36.86
C ARG C 555 32.87 -56.26 -36.20
N PRO C 556 32.63 -55.71 -35.01
CA PRO C 556 33.60 -54.80 -34.39
C PRO C 556 34.81 -55.54 -33.87
N PRO C 557 36.01 -55.22 -34.34
CA PRO C 557 37.22 -55.84 -33.79
C PRO C 557 37.50 -55.33 -32.39
N GLU C 558 38.02 -56.22 -31.55
CA GLU C 558 38.39 -55.86 -30.18
C GLU C 558 39.72 -55.12 -30.19
N ALA C 559 39.75 -53.98 -29.49
CA ALA C 559 40.96 -53.19 -29.37
C ALA C 559 40.92 -52.43 -28.05
N MET C 560 42.08 -51.97 -27.62
CA MET C 560 42.17 -51.20 -26.39
C MET C 560 41.54 -49.84 -26.66
N PRO C 561 40.54 -49.42 -25.88
CA PRO C 561 39.73 -48.26 -26.27
C PRO C 561 40.47 -46.94 -26.07
N THR C 562 40.46 -46.10 -27.10
CA THR C 562 41.05 -44.77 -27.09
C THR C 562 39.94 -43.72 -27.05
N VAL C 563 40.34 -42.47 -27.19
CA VAL C 563 39.41 -41.34 -27.22
C VAL C 563 39.56 -40.63 -28.57
N ASN C 564 38.43 -40.25 -29.16
CA ASN C 564 38.40 -39.51 -30.41
C ASN C 564 37.40 -38.38 -30.30
N ALA C 565 37.64 -37.32 -31.08
CA ALA C 565 36.83 -36.12 -31.03
C ALA C 565 36.36 -35.73 -32.43
N THR C 566 35.11 -35.28 -32.52
CA THR C 566 34.50 -34.91 -33.78
C THR C 566 33.90 -33.50 -33.66
N LEU C 567 33.66 -32.88 -34.81
CA LEU C 567 33.22 -31.49 -34.84
C LEU C 567 31.75 -31.37 -34.50
N ARG C 568 31.41 -30.30 -33.78
CA ARG C 568 30.02 -29.96 -33.44
C ARG C 568 29.53 -28.95 -34.47
N ILE C 569 29.02 -29.46 -35.60
CA ILE C 569 28.60 -28.58 -36.70
C ILE C 569 27.35 -27.81 -36.32
N ILE C 570 26.34 -28.49 -35.81
CA ILE C 570 25.15 -27.84 -35.26
C ILE C 570 25.54 -27.24 -33.91
N ASN C 571 25.17 -25.97 -33.70
CA ASN C 571 25.42 -25.37 -32.39
C ASN C 571 24.51 -25.95 -31.31
N GLY C 572 23.40 -26.58 -31.71
CA GLY C 572 22.56 -27.32 -30.79
C GLY C 572 23.05 -28.73 -30.48
N ASN C 573 24.18 -29.14 -31.05
CA ASN C 573 24.78 -30.42 -30.68
C ASN C 573 25.34 -30.42 -29.27
N ILE C 574 25.51 -29.25 -28.67
CA ILE C 574 25.88 -29.15 -27.26
C ILE C 574 24.71 -29.67 -26.44
N PRO C 575 24.94 -30.28 -25.28
CA PRO C 575 23.85 -30.89 -24.52
C PRO C 575 22.86 -29.84 -24.01
N VAL C 576 21.59 -30.24 -23.95
CA VAL C 576 20.53 -29.38 -23.43
C VAL C 576 20.66 -29.01 -21.96
N PRO C 577 21.43 -29.69 -21.09
CA PRO C 577 21.84 -29.00 -19.85
C PRO C 577 22.65 -27.74 -20.08
N LEU C 578 23.38 -27.66 -21.19
CA LEU C 578 24.14 -26.46 -21.51
C LEU C 578 23.38 -25.50 -22.41
N CYS C 579 22.35 -25.97 -23.10
CA CYS C 579 21.53 -25.15 -23.99
C CYS C 579 20.07 -25.49 -23.77
N PRO C 580 19.37 -24.74 -22.91
CA PRO C 580 18.03 -25.15 -22.47
C PRO C 580 16.99 -25.00 -23.58
N ILE C 581 15.90 -25.74 -23.40
CA ILE C 581 14.80 -25.70 -24.35
C ILE C 581 14.11 -24.34 -24.33
N SER C 582 14.02 -23.73 -23.14
CA SER C 582 13.42 -22.41 -23.01
C SER C 582 14.25 -21.36 -23.76
N PHE C 583 15.58 -21.47 -23.69
CA PHE C 583 16.45 -20.56 -24.42
C PHE C 583 16.26 -20.71 -25.94
N ARG C 584 16.16 -21.96 -26.41
CA ARG C 584 15.96 -22.20 -27.83
C ARG C 584 14.60 -21.69 -28.30
N ASP C 585 13.57 -21.84 -27.46
CA ASP C 585 12.25 -21.33 -27.81
C ASP C 585 12.22 -19.80 -27.80
N CYS C 586 12.94 -19.17 -26.87
CA CYS C 586 13.06 -17.72 -26.87
C CYS C 586 13.79 -17.24 -28.12
N ARG C 587 14.83 -17.98 -28.54
CA ARG C 587 15.55 -17.67 -29.76
C ARG C 587 14.66 -17.80 -30.99
N GLY C 588 13.83 -18.84 -31.03
CA GLY C 588 12.90 -18.99 -32.13
C GLY C 588 11.83 -17.91 -32.15
N THR C 589 11.40 -17.47 -30.96
CA THR C 589 10.49 -16.33 -30.86
C THR C 589 11.16 -15.06 -31.38
N GLN C 590 12.45 -14.89 -31.07
CA GLN C 590 13.21 -13.77 -31.59
C GLN C 590 13.31 -13.81 -33.11
N LEU C 591 13.46 -15.00 -33.68
CA LEU C 591 13.50 -15.13 -35.13
C LEU C 591 12.13 -14.82 -35.75
N GLY C 592 11.07 -15.41 -35.21
CA GLY C 592 9.76 -15.28 -35.81
C GLY C 592 8.91 -14.15 -35.27
N LEU C 593 9.37 -12.91 -35.48
CA LEU C 593 8.57 -11.75 -35.10
C LEU C 593 7.61 -11.36 -36.22
N GLY C 594 8.17 -11.02 -37.39
CA GLY C 594 7.39 -10.67 -38.56
C GLY C 594 7.38 -11.69 -39.67
N ARG C 595 7.88 -12.89 -39.44
CA ARG C 595 7.91 -13.92 -40.48
C ARG C 595 6.53 -14.56 -40.63
N HIS C 596 6.42 -15.42 -41.65
CA HIS C 596 5.17 -16.07 -41.96
C HIS C 596 4.81 -17.10 -40.88
N THR C 597 3.52 -17.14 -40.53
CA THR C 597 3.01 -18.13 -39.58
C THR C 597 1.85 -18.88 -40.20
N MET C 598 1.40 -19.94 -39.52
CA MET C 598 0.27 -20.72 -39.99
C MET C 598 -1.03 -20.20 -39.37
N THR C 599 -2.05 -20.00 -40.21
CA THR C 599 -3.38 -19.71 -39.70
C THR C 599 -3.92 -20.94 -38.97
N PRO C 600 -4.83 -20.74 -38.00
CA PRO C 600 -5.30 -21.88 -37.20
C PRO C 600 -5.95 -23.02 -37.99
N ALA C 601 -6.56 -22.73 -39.14
CA ALA C 601 -7.21 -23.78 -39.93
C ALA C 601 -6.19 -24.77 -40.48
N THR C 602 -5.13 -24.27 -41.12
CA THR C 602 -4.15 -25.17 -41.70
C THR C 602 -3.34 -25.87 -40.63
N ILE C 603 -3.10 -25.23 -39.48
CA ILE C 603 -2.31 -25.87 -38.44
C ILE C 603 -3.12 -26.95 -37.74
N LYS C 604 -4.44 -26.75 -37.59
CA LYS C 604 -5.24 -27.81 -36.99
C LYS C 604 -5.45 -28.96 -37.97
N ALA C 605 -5.55 -28.65 -39.26
CA ALA C 605 -5.65 -29.72 -40.26
C ALA C 605 -4.37 -30.54 -40.33
N VAL C 606 -3.20 -29.87 -40.28
CA VAL C 606 -1.92 -30.57 -40.34
C VAL C 606 -1.71 -31.42 -39.09
N LYS C 607 -2.01 -30.88 -37.91
CA LYS C 607 -1.83 -31.67 -36.70
C LYS C 607 -2.84 -32.82 -36.63
N ASP C 608 -4.03 -32.62 -37.19
CA ASP C 608 -5.04 -33.68 -37.17
C ASP C 608 -4.65 -34.80 -38.13
N THR C 609 -4.06 -34.46 -39.29
CA THR C 609 -3.65 -35.50 -40.22
C THR C 609 -2.29 -36.10 -39.87
N PHE C 610 -1.53 -35.46 -38.97
CA PHE C 610 -0.30 -36.09 -38.49
C PHE C 610 -0.58 -37.02 -37.32
N GLU C 611 -1.48 -36.65 -36.42
CA GLU C 611 -1.87 -37.53 -35.34
C GLU C 611 -3.09 -38.39 -35.66
N ASP C 612 -3.29 -38.71 -36.94
CA ASP C 612 -4.32 -39.66 -37.34
C ASP C 612 -3.72 -41.07 -37.38
N ARG C 613 -4.40 -42.00 -36.71
CA ARG C 613 -3.95 -43.39 -36.66
C ARG C 613 -4.65 -44.29 -37.66
N ALA C 614 -5.79 -43.87 -38.21
CA ALA C 614 -6.52 -44.64 -39.21
C ALA C 614 -6.15 -44.24 -40.63
N TYR C 615 -4.92 -43.79 -40.86
CA TYR C 615 -4.49 -43.33 -42.16
C TYR C 615 -4.38 -44.50 -43.14
N PRO C 616 -5.03 -44.43 -44.30
CA PRO C 616 -4.96 -45.53 -45.26
C PRO C 616 -3.57 -45.71 -45.83
N THR C 617 -3.24 -46.95 -46.16
CA THR C 617 -1.97 -47.26 -46.81
C THR C 617 -2.02 -47.07 -48.32
N ILE C 618 -3.19 -46.72 -48.88
CA ILE C 618 -3.31 -46.50 -50.32
C ILE C 618 -2.43 -45.33 -50.74
N PHE C 619 -2.39 -44.28 -49.91
CA PHE C 619 -1.50 -43.15 -50.16
C PHE C 619 -0.04 -43.59 -50.14
N TYR C 620 0.30 -44.53 -49.26
CA TYR C 620 1.66 -45.05 -49.21
C TYR C 620 2.01 -45.84 -50.48
N MET C 621 1.08 -46.66 -50.98
CA MET C 621 1.28 -47.36 -52.26
C MET C 621 1.46 -46.39 -53.43
N LEU C 622 0.61 -45.37 -53.55
CA LEU C 622 0.80 -44.39 -54.62
C LEU C 622 2.09 -43.59 -54.48
N GLU C 623 2.47 -43.22 -53.25
CA GLU C 623 3.73 -42.52 -53.06
C GLU C 623 4.92 -43.42 -53.37
N ALA C 624 4.80 -44.72 -53.12
CA ALA C 624 5.88 -45.64 -53.41
C ALA C 624 6.02 -45.90 -54.91
N VAL C 625 4.90 -46.08 -55.60
CA VAL C 625 4.96 -46.43 -57.02
C VAL C 625 5.31 -45.20 -57.87
N ILE C 626 4.70 -44.05 -57.56
CA ILE C 626 5.05 -42.81 -58.26
C ILE C 626 6.50 -42.44 -58.00
N HIS C 627 6.95 -42.62 -56.75
CA HIS C 627 8.35 -42.50 -56.30
C HIS C 627 9.02 -41.20 -56.72
N GLY C 628 8.25 -40.11 -56.67
CA GLY C 628 8.79 -38.79 -56.96
C GLY C 628 9.22 -38.59 -58.40
N ASN C 629 8.44 -39.11 -59.34
CA ASN C 629 8.71 -38.96 -60.77
C ASN C 629 7.62 -38.09 -61.37
N GLU C 630 8.01 -37.05 -62.11
CA GLU C 630 7.04 -36.14 -62.70
C GLU C 630 6.25 -36.82 -63.81
N ARG C 631 6.88 -37.78 -64.51
CA ARG C 631 6.18 -38.51 -65.56
C ARG C 631 5.08 -39.38 -64.98
N ASN C 632 5.27 -39.89 -63.78
CA ASN C 632 4.22 -40.67 -63.12
C ASN C 632 3.05 -39.80 -62.72
N PHE C 633 3.32 -38.61 -62.16
CA PHE C 633 2.24 -37.75 -61.70
C PHE C 633 1.52 -37.07 -62.86
N CYS C 634 2.20 -36.92 -64.01
CA CYS C 634 1.60 -36.28 -65.16
C CYS C 634 0.52 -37.14 -65.84
N ALA C 635 0.42 -38.42 -65.50
CA ALA C 635 -0.58 -39.30 -66.06
C ALA C 635 -1.65 -39.74 -65.07
N LEU C 636 -1.61 -39.22 -63.84
CA LEU C 636 -2.53 -39.61 -62.77
C LEU C 636 -3.22 -38.40 -62.17
N LEU C 637 -3.75 -37.52 -63.01
CA LEU C 637 -4.43 -36.32 -62.50
C LEU C 637 -5.77 -36.66 -61.88
N ARG C 638 -6.58 -37.45 -62.59
CA ARG C 638 -7.96 -37.71 -62.17
C ARG C 638 -8.02 -38.61 -60.94
N LEU C 639 -7.20 -39.66 -60.92
CA LEU C 639 -7.16 -40.57 -59.78
C LEU C 639 -6.72 -39.85 -58.50
N LEU C 640 -5.69 -39.01 -58.62
CA LEU C 640 -5.22 -38.26 -57.45
C LEU C 640 -6.24 -37.24 -57.00
N THR C 641 -6.93 -36.58 -57.96
CA THR C 641 -7.98 -35.64 -57.61
C THR C 641 -9.10 -36.32 -56.83
N GLN C 642 -9.56 -37.47 -57.33
CA GLN C 642 -10.64 -38.21 -56.67
C GLN C 642 -10.22 -38.72 -55.30
N CYS C 643 -8.99 -39.25 -55.19
CA CYS C 643 -8.51 -39.78 -53.92
C CYS C 643 -8.35 -38.69 -52.87
N ILE C 644 -7.76 -37.55 -53.26
CA ILE C 644 -7.53 -36.46 -52.33
C ILE C 644 -8.85 -35.85 -51.89
N ARG C 645 -9.78 -35.65 -52.84
CA ARG C 645 -11.09 -35.10 -52.50
C ARG C 645 -11.86 -36.04 -51.58
N GLY C 646 -11.84 -37.34 -51.88
CA GLY C 646 -12.57 -38.30 -51.06
C GLY C 646 -12.01 -38.42 -49.66
N TYR C 647 -10.68 -38.34 -49.51
CA TYR C 647 -10.12 -38.37 -48.18
C TYR C 647 -10.33 -37.05 -47.44
N TRP C 648 -10.41 -35.93 -48.17
CA TRP C 648 -10.57 -34.65 -47.50
C TRP C 648 -12.00 -34.46 -46.98
N GLU C 649 -13.00 -34.54 -47.87
CA GLU C 649 -14.36 -34.30 -47.38
C GLU C 649 -15.00 -35.60 -46.90
N GLN C 650 -14.28 -36.35 -46.07
CA GLN C 650 -14.86 -37.42 -45.26
C GLN C 650 -14.41 -37.38 -43.81
N SER C 651 -13.26 -36.79 -43.48
CA SER C 651 -12.84 -36.59 -42.10
C SER C 651 -12.15 -35.25 -41.87
N HIS C 652 -12.09 -34.38 -42.89
CA HIS C 652 -11.38 -33.08 -42.84
C HIS C 652 -9.92 -33.25 -42.46
N ARG C 653 -9.23 -34.15 -43.15
CA ARG C 653 -7.80 -34.37 -43.00
C ARG C 653 -7.15 -34.33 -44.37
N VAL C 654 -6.08 -33.55 -44.50
CA VAL C 654 -5.39 -33.46 -45.78
C VAL C 654 -4.39 -34.60 -45.91
N ALA C 655 -4.20 -35.07 -47.13
CA ALA C 655 -3.37 -36.25 -47.39
C ALA C 655 -2.16 -35.86 -48.24
N PHE C 656 -1.24 -36.84 -48.35
CA PHE C 656 -0.01 -36.74 -49.14
C PHE C 656 0.90 -35.59 -48.71
N VAL C 657 0.81 -35.17 -47.45
CA VAL C 657 1.68 -34.11 -46.97
C VAL C 657 3.01 -34.68 -46.49
N ASN C 658 3.12 -36.00 -46.41
CA ASN C 658 4.38 -36.65 -46.06
C ASN C 658 5.43 -36.44 -47.14
N ASN C 659 5.06 -36.71 -48.39
CA ASN C 659 6.03 -36.69 -49.48
C ASN C 659 6.28 -35.27 -49.97
N PHE C 660 7.56 -34.89 -50.06
CA PHE C 660 7.90 -33.56 -50.56
C PHE C 660 7.74 -33.46 -52.07
N HIS C 661 7.99 -34.54 -52.81
CA HIS C 661 7.77 -34.50 -54.25
C HIS C 661 6.31 -34.77 -54.60
N MET C 662 5.38 -34.18 -53.88
CA MET C 662 3.99 -34.50 -54.13
C MET C 662 3.08 -33.26 -54.10
N LEU C 663 3.35 -32.32 -53.19
CA LEU C 663 2.42 -31.26 -52.87
C LEU C 663 2.66 -29.99 -53.68
N MET C 664 3.92 -29.71 -54.03
CA MET C 664 4.17 -28.64 -54.99
C MET C 664 3.67 -29.02 -56.37
N TYR C 665 3.69 -30.32 -56.69
CA TYR C 665 2.99 -30.82 -57.87
C TYR C 665 1.50 -30.53 -57.79
N ILE C 666 0.91 -30.70 -56.60
CA ILE C 666 -0.51 -30.41 -56.39
C ILE C 666 -0.78 -28.93 -56.65
N THR C 667 0.07 -28.05 -56.12
CA THR C 667 -0.13 -26.62 -56.30
C THR C 667 0.03 -26.20 -57.76
N THR C 668 1.04 -26.73 -58.46
CA THR C 668 1.28 -26.30 -59.82
C THR C 668 0.26 -26.87 -60.80
N TYR C 669 -0.08 -28.16 -60.67
CA TYR C 669 -1.00 -28.78 -61.63
C TYR C 669 -2.44 -28.69 -61.14
N LEU C 670 -2.72 -29.27 -59.98
CA LEU C 670 -4.09 -29.35 -59.44
C LEU C 670 -4.37 -28.17 -58.51
N GLY C 671 -4.15 -26.96 -59.03
CA GLY C 671 -4.29 -25.77 -58.21
C GLY C 671 -5.11 -24.66 -58.84
N ASN C 672 -5.64 -24.90 -60.03
CA ASN C 672 -6.45 -23.89 -60.72
C ASN C 672 -7.88 -23.82 -60.18
N GLY C 673 -8.29 -24.76 -59.34
CA GLY C 673 -9.64 -24.79 -58.81
C GLY C 673 -10.27 -26.16 -58.90
N GLU C 674 -9.46 -27.17 -59.26
CA GLU C 674 -9.96 -28.53 -59.34
C GLU C 674 -10.31 -29.07 -57.96
N LEU C 675 -9.39 -28.94 -57.03
CA LEU C 675 -9.56 -29.28 -55.62
C LEU C 675 -10.38 -28.21 -54.92
N PRO C 676 -10.93 -28.52 -53.75
CA PRO C 676 -11.55 -27.47 -52.93
C PRO C 676 -10.55 -26.40 -52.52
N GLU C 677 -11.06 -25.18 -52.33
CA GLU C 677 -10.21 -24.01 -52.10
C GLU C 677 -9.48 -24.10 -50.75
N VAL C 678 -10.02 -24.86 -49.80
CA VAL C 678 -9.41 -24.94 -48.48
C VAL C 678 -8.10 -25.71 -48.53
N CYS C 679 -8.05 -26.78 -49.32
CA CYS C 679 -6.84 -27.60 -49.40
C CYS C 679 -5.70 -26.86 -50.08
N ILE C 680 -6.01 -26.13 -51.16
CA ILE C 680 -4.99 -25.40 -51.92
C ILE C 680 -4.40 -24.28 -51.08
N ASN C 681 -5.21 -23.64 -50.25
CA ASN C 681 -4.69 -22.63 -49.35
C ASN C 681 -3.79 -23.24 -48.28
N ILE C 682 -4.10 -24.47 -47.84
CA ILE C 682 -3.25 -25.17 -46.89
C ILE C 682 -1.88 -25.46 -47.51
N TYR C 683 -1.89 -25.98 -48.75
CA TYR C 683 -0.64 -26.29 -49.43
C TYR C 683 0.16 -25.01 -49.73
N ARG C 684 -0.55 -23.93 -50.10
CA ARG C 684 0.11 -22.66 -50.38
C ARG C 684 0.72 -22.07 -49.11
N ASP C 685 0.03 -22.21 -47.98
CA ASP C 685 0.59 -21.74 -46.71
C ASP C 685 1.81 -22.56 -46.30
N LEU C 686 1.79 -23.88 -46.57
CA LEU C 686 2.94 -24.72 -46.24
C LEU C 686 4.16 -24.35 -47.09
N LEU C 687 3.96 -24.18 -48.41
CA LEU C 687 5.07 -23.76 -49.26
C LEU C 687 5.51 -22.33 -48.94
N GLN C 688 4.58 -21.48 -48.52
CA GLN C 688 4.95 -20.13 -48.08
C GLN C 688 5.80 -20.17 -46.83
N HIS C 689 5.49 -21.10 -45.91
CA HIS C 689 6.32 -21.24 -44.71
C HIS C 689 7.69 -21.78 -45.04
N VAL C 690 7.79 -22.73 -45.99
CA VAL C 690 9.08 -23.25 -46.40
C VAL C 690 9.92 -22.15 -47.06
N ARG C 691 9.29 -21.35 -47.93
CA ARG C 691 9.98 -20.24 -48.57
C ARG C 691 10.35 -19.16 -47.56
N ALA C 692 9.53 -18.97 -46.53
CA ALA C 692 9.85 -18.01 -45.49
C ALA C 692 11.02 -18.48 -44.64
N LEU C 693 11.12 -19.78 -44.39
CA LEU C 693 12.28 -20.33 -43.69
C LEU C 693 13.56 -20.15 -44.52
N ARG C 694 13.46 -20.39 -45.82
CA ARG C 694 14.62 -20.17 -46.70
C ARG C 694 14.99 -18.68 -46.76
N GLN C 695 13.98 -17.81 -46.76
CA GLN C 695 14.22 -16.36 -46.73
C GLN C 695 14.86 -15.94 -45.41
N THR C 696 14.46 -16.58 -44.31
CA THR C 696 15.07 -16.30 -43.01
C THR C 696 16.52 -16.73 -42.99
N ILE C 697 16.84 -17.86 -43.63
CA ILE C 697 18.24 -18.26 -43.79
C ILE C 697 18.99 -17.23 -44.63
N THR C 698 18.37 -16.78 -45.72
CA THR C 698 19.04 -15.88 -46.66
C THR C 698 19.31 -14.50 -46.04
N ASP C 699 18.35 -13.97 -45.29
CA ASP C 699 18.50 -12.63 -44.75
C ASP C 699 19.50 -12.59 -43.60
N PHE C 700 19.73 -13.73 -42.95
CA PHE C 700 20.66 -13.80 -41.83
C PHE C 700 22.09 -14.12 -42.25
N THR C 701 22.33 -14.30 -43.54
CA THR C 701 23.69 -14.43 -44.06
C THR C 701 24.02 -13.25 -44.97
N ILE C 702 25.31 -13.05 -45.18
CA ILE C 702 25.81 -11.94 -46.00
C ILE C 702 26.49 -12.53 -47.23
N GLN C 703 26.01 -12.13 -48.40
CA GLN C 703 26.50 -12.68 -49.66
C GLN C 703 27.73 -11.91 -50.14
N GLY C 704 28.21 -12.30 -51.32
CA GLY C 704 29.32 -11.62 -51.96
C GLY C 704 30.69 -12.13 -51.59
N GLU C 705 30.79 -13.04 -50.61
CA GLU C 705 32.07 -13.61 -50.21
C GLU C 705 31.99 -15.14 -50.34
N GLY C 706 32.72 -15.66 -51.31
CA GLY C 706 32.82 -17.09 -51.54
C GLY C 706 34.26 -17.56 -51.38
N HIS C 707 34.47 -18.50 -50.47
CA HIS C 707 35.78 -19.05 -50.20
C HIS C 707 35.81 -20.52 -50.59
N ASN C 708 36.84 -20.90 -51.35
CA ASN C 708 37.07 -22.27 -51.82
C ASN C 708 35.91 -22.78 -52.67
N GLY C 709 35.24 -21.88 -53.37
CA GLY C 709 34.13 -22.27 -54.22
C GLY C 709 32.82 -22.48 -53.51
N GLU C 710 32.77 -22.25 -52.20
CA GLU C 710 31.55 -22.44 -51.42
C GLU C 710 30.83 -21.11 -51.26
N THR C 711 29.53 -21.11 -51.52
CA THR C 711 28.73 -19.93 -51.30
C THR C 711 28.58 -19.65 -49.81
N SER C 712 28.25 -18.40 -49.48
CA SER C 712 28.09 -18.01 -48.09
C SER C 712 26.85 -18.66 -47.48
N GLU C 713 25.87 -19.04 -48.30
CA GLU C 713 24.71 -19.77 -47.81
C GLU C 713 25.11 -21.13 -47.26
N ALA C 714 26.00 -21.83 -47.97
CA ALA C 714 26.51 -23.11 -47.50
C ALA C 714 27.45 -22.95 -46.33
N LEU C 715 28.24 -21.87 -46.31
CA LEU C 715 29.20 -21.68 -45.22
C LEU C 715 28.54 -21.27 -43.91
N ASN C 716 27.41 -20.56 -43.99
CA ASN C 716 26.72 -20.13 -42.77
C ASN C 716 25.76 -21.19 -42.24
N ASN C 717 24.84 -21.65 -43.08
CA ASN C 717 23.78 -22.56 -42.65
C ASN C 717 24.10 -23.99 -43.05
N ILE C 718 23.29 -24.91 -42.55
CA ILE C 718 23.43 -26.34 -42.81
C ILE C 718 22.45 -26.82 -43.86
N LEU C 719 21.21 -26.34 -43.80
CA LEU C 719 20.19 -26.73 -44.76
C LEU C 719 20.41 -26.11 -46.14
N THR C 720 21.33 -25.16 -46.27
CA THR C 720 21.71 -24.61 -47.56
C THR C 720 23.06 -25.12 -48.05
N ASP C 721 23.64 -26.10 -47.36
CA ASP C 721 24.90 -26.70 -47.79
C ASP C 721 24.60 -28.01 -48.54
N ASP C 722 25.28 -28.19 -49.67
CA ASP C 722 25.08 -29.39 -50.48
C ASP C 722 25.83 -30.59 -49.92
N THR C 723 26.72 -30.39 -48.95
CA THR C 723 27.38 -31.53 -48.31
C THR C 723 26.38 -32.36 -47.50
N PHE C 724 25.48 -31.70 -46.78
CA PHE C 724 24.44 -32.39 -46.04
C PHE C 724 23.26 -32.67 -46.98
N ILE C 725 22.69 -33.86 -46.86
CA ILE C 725 21.68 -34.33 -47.82
C ILE C 725 20.37 -34.62 -47.10
N ALA C 726 19.34 -34.87 -47.90
CA ALA C 726 18.03 -35.22 -47.38
C ALA C 726 18.05 -36.61 -46.78
N PRO C 727 17.19 -36.89 -45.80
CA PRO C 727 17.11 -38.25 -45.25
C PRO C 727 16.66 -39.32 -46.25
N ILE C 728 15.79 -38.97 -47.20
CA ILE C 728 15.29 -39.89 -48.20
C ILE C 728 15.46 -39.25 -49.57
N LEU C 729 16.12 -39.95 -50.48
CA LEU C 729 16.37 -39.46 -51.83
C LEU C 729 15.53 -40.26 -52.81
N TRP C 730 14.64 -39.57 -53.52
CA TRP C 730 13.94 -40.17 -54.65
C TRP C 730 14.72 -40.05 -55.95
N ASP C 731 15.47 -38.97 -56.13
CA ASP C 731 16.24 -38.69 -57.32
C ASP C 731 17.72 -38.59 -56.97
N CYS C 732 18.57 -38.79 -57.97
CA CYS C 732 20.02 -38.75 -57.78
C CYS C 732 20.59 -37.36 -57.98
N ASP C 733 19.74 -36.35 -58.21
CA ASP C 733 20.22 -34.99 -58.45
C ASP C 733 20.90 -34.41 -57.22
N ALA C 734 20.39 -34.75 -56.02
CA ALA C 734 21.00 -34.27 -54.79
C ALA C 734 22.40 -34.81 -54.61
N LEU C 735 22.62 -36.08 -54.99
CA LEU C 735 23.97 -36.65 -54.92
C LEU C 735 24.91 -35.98 -55.91
N ILE C 736 24.40 -35.61 -57.09
CA ILE C 736 25.19 -34.89 -58.08
C ILE C 736 25.60 -33.52 -57.55
N TYR C 737 24.65 -32.82 -56.93
CA TYR C 737 24.97 -31.52 -56.35
C TYR C 737 25.92 -31.68 -55.16
N ARG C 738 25.81 -32.80 -54.44
CA ARG C 738 26.67 -33.04 -53.27
C ARG C 738 28.12 -33.26 -53.69
N ASP C 739 28.35 -34.13 -54.68
CA ASP C 739 29.73 -34.38 -55.07
C ASP C 739 30.24 -33.41 -56.13
N GLU C 740 29.41 -32.49 -56.61
CA GLU C 740 29.86 -31.47 -57.54
C GLU C 740 30.11 -30.12 -56.86
N ALA C 741 29.30 -29.75 -55.88
CA ALA C 741 29.40 -28.41 -55.32
C ALA C 741 30.59 -28.26 -54.36
N ALA C 742 31.03 -29.34 -53.73
CA ALA C 742 32.03 -29.22 -52.68
C ALA C 742 33.44 -29.05 -53.24
N ARG C 743 33.96 -30.09 -53.90
CA ARG C 743 35.22 -30.12 -54.63
C ARG C 743 36.47 -29.88 -53.77
N ASP C 744 36.30 -29.67 -52.47
CA ASP C 744 37.42 -29.55 -51.54
C ASP C 744 37.15 -30.46 -50.34
N ARG C 745 35.87 -30.66 -50.03
CA ARG C 745 35.46 -31.68 -49.09
C ARG C 745 35.69 -33.04 -49.73
N LEU C 746 36.58 -33.85 -49.14
CA LEU C 746 36.93 -35.15 -49.70
C LEU C 746 35.73 -36.10 -49.61
N PRO C 747 35.11 -36.42 -50.75
CA PRO C 747 33.84 -37.17 -50.69
C PRO C 747 34.03 -38.68 -50.65
N ALA C 748 33.09 -39.37 -50.02
CA ALA C 748 33.05 -40.82 -50.04
C ALA C 748 31.61 -41.27 -49.86
N ILE C 749 31.06 -41.88 -50.91
CA ILE C 749 29.68 -42.36 -50.92
C ILE C 749 29.71 -43.89 -50.88
N ARG C 750 28.86 -44.47 -50.04
CA ARG C 750 28.81 -45.91 -49.85
C ARG C 750 27.37 -46.37 -50.00
N VAL C 751 27.09 -47.13 -51.05
CA VAL C 751 25.76 -47.68 -51.26
C VAL C 751 25.80 -49.18 -51.09
N SER C 752 25.61 -49.65 -49.84
CA SER C 752 25.48 -51.05 -49.46
C SER C 752 26.64 -51.90 -49.99
N GLY C 753 27.83 -51.62 -49.46
CA GLY C 753 29.00 -52.36 -49.88
C GLY C 753 29.86 -51.61 -50.88
N ARG C 754 29.63 -51.87 -52.17
CA ARG C 754 30.32 -51.17 -53.25
C ARG C 754 30.17 -49.66 -53.13
N ASN C 755 31.19 -48.95 -53.57
CA ASN C 755 31.25 -47.50 -53.44
C ASN C 755 30.78 -46.86 -54.74
N GLY C 756 29.98 -45.81 -54.63
CA GLY C 756 29.54 -45.08 -55.80
C GLY C 756 28.22 -45.61 -56.33
N TYR C 757 27.64 -44.85 -57.25
CA TYR C 757 26.39 -45.20 -57.91
C TYR C 757 26.61 -45.29 -59.42
N GLN C 758 25.58 -45.75 -60.12
CA GLN C 758 25.56 -45.80 -61.58
C GLN C 758 24.54 -44.86 -62.19
N ALA C 759 23.41 -44.65 -61.51
CA ALA C 759 22.31 -43.78 -61.95
C ALA C 759 21.79 -44.19 -63.34
N LEU C 760 21.24 -45.40 -63.41
CA LEU C 760 20.61 -45.90 -64.62
C LEU C 760 19.10 -45.89 -64.41
N HIS C 761 18.38 -45.16 -65.24
CA HIS C 761 16.95 -44.95 -65.10
C HIS C 761 16.20 -45.65 -66.21
N PHE C 762 14.87 -45.41 -66.22
CA PHE C 762 13.93 -45.93 -67.21
C PHE C 762 13.95 -47.46 -67.26
N VAL C 763 13.55 -48.04 -66.13
CA VAL C 763 13.41 -49.48 -66.01
C VAL C 763 12.06 -49.89 -66.60
N ASP C 764 12.05 -51.01 -67.32
CA ASP C 764 10.90 -51.45 -68.09
C ASP C 764 10.37 -52.78 -67.55
N MET C 765 9.48 -53.42 -68.32
CA MET C 765 8.75 -54.59 -67.87
C MET C 765 9.68 -55.78 -67.58
N ALA C 766 10.52 -56.13 -68.56
CA ALA C 766 11.27 -57.37 -68.47
C ALA C 766 12.45 -57.24 -67.51
N GLY C 767 13.00 -56.04 -67.36
CA GLY C 767 14.21 -55.88 -66.58
C GLY C 767 14.02 -55.16 -65.27
N HIS C 768 12.96 -55.50 -64.53
CA HIS C 768 12.73 -54.86 -63.24
C HIS C 768 13.82 -55.25 -62.23
N ASN C 769 14.09 -56.55 -62.10
CA ASN C 769 15.21 -57.11 -61.33
C ASN C 769 15.19 -56.63 -59.87
N PHE C 770 14.17 -57.09 -59.15
CA PHE C 770 13.99 -56.71 -57.76
C PHE C 770 15.17 -57.16 -56.89
N GLN C 771 15.82 -58.25 -57.25
CA GLN C 771 17.00 -58.74 -56.53
C GLN C 771 18.28 -58.28 -57.21
N ARG C 772 18.44 -56.96 -57.33
CA ARG C 772 19.63 -56.36 -57.93
C ARG C 772 20.58 -55.92 -56.84
N ARG C 773 21.84 -56.36 -56.92
CA ARG C 773 22.82 -56.09 -55.89
C ARG C 773 23.95 -55.17 -56.35
N ASP C 774 23.95 -54.73 -57.60
CA ASP C 774 24.96 -53.79 -58.06
C ASP C 774 24.49 -52.37 -57.74
N ASN C 775 25.28 -51.36 -58.11
CA ASN C 775 25.02 -49.97 -57.74
C ASN C 775 24.24 -49.22 -58.81
N VAL C 776 23.38 -49.91 -59.54
CA VAL C 776 22.45 -49.25 -60.46
C VAL C 776 21.27 -48.74 -59.65
N LEU C 777 21.02 -47.44 -59.74
CA LEU C 777 19.93 -46.80 -59.01
C LEU C 777 19.02 -46.09 -59.99
N ILE C 778 17.71 -46.20 -59.77
CA ILE C 778 16.70 -45.64 -60.66
C ILE C 778 16.61 -44.14 -60.37
N HIS C 779 17.22 -43.33 -61.26
CA HIS C 779 17.16 -41.89 -61.09
C HIS C 779 15.78 -41.34 -61.43
N GLY C 780 15.14 -41.87 -62.46
CA GLY C 780 13.82 -41.41 -62.87
C GLY C 780 13.81 -41.00 -64.33
N ARG C 781 12.64 -41.15 -64.95
CA ARG C 781 12.46 -40.81 -66.35
C ARG C 781 12.35 -39.30 -66.51
N PRO C 782 13.19 -38.67 -67.33
CA PRO C 782 12.94 -37.28 -67.70
C PRO C 782 11.69 -37.15 -68.55
N VAL C 783 10.96 -36.06 -68.33
CA VAL C 783 9.70 -35.84 -69.03
C VAL C 783 9.96 -35.07 -70.32
N ARG C 784 10.60 -33.91 -70.20
CA ARG C 784 10.89 -33.07 -71.36
C ARG C 784 12.30 -33.37 -71.87
N GLY C 785 12.49 -34.64 -72.24
CA GLY C 785 13.76 -35.08 -72.78
C GLY C 785 13.70 -36.56 -73.11
N ASP C 786 14.80 -37.06 -73.65
CA ASP C 786 14.93 -38.46 -74.03
C ASP C 786 15.79 -39.21 -73.01
N THR C 787 15.40 -40.45 -72.71
CA THR C 787 16.15 -41.25 -71.74
C THR C 787 17.50 -41.67 -72.29
N GLY C 788 17.51 -42.46 -73.35
CA GLY C 788 18.73 -42.92 -73.96
C GLY C 788 19.51 -43.90 -73.09
N GLN C 789 20.71 -44.21 -73.55
CA GLN C 789 21.65 -45.02 -72.79
C GLN C 789 23.01 -44.34 -72.62
N ALA C 790 23.50 -43.68 -73.66
CA ALA C 790 24.77 -42.96 -73.59
C ALA C 790 24.59 -41.52 -73.11
N ILE C 791 23.36 -41.09 -72.87
CA ILE C 791 23.08 -39.73 -72.40
C ILE C 791 23.47 -39.61 -70.93
N PRO C 792 24.30 -38.64 -70.56
CA PRO C 792 24.63 -38.46 -69.15
C PRO C 792 23.43 -38.00 -68.34
N ILE C 793 23.46 -38.34 -67.05
CA ILE C 793 22.31 -38.10 -66.18
C ILE C 793 22.21 -36.62 -65.85
N THR C 794 21.04 -36.04 -66.08
CA THR C 794 20.77 -34.65 -65.78
C THR C 794 19.95 -34.55 -64.50
N PRO C 795 20.15 -33.50 -63.71
CA PRO C 795 19.27 -33.27 -62.55
C PRO C 795 17.84 -32.99 -62.99
N HIS C 796 16.89 -33.48 -62.20
CA HIS C 796 15.48 -33.25 -62.50
C HIS C 796 15.10 -31.79 -62.26
N HIS C 797 15.60 -31.20 -61.17
CA HIS C 797 15.21 -29.87 -60.76
C HIS C 797 16.44 -29.02 -60.46
N ASP C 798 16.20 -27.86 -59.87
CA ASP C 798 17.20 -26.82 -59.71
C ASP C 798 17.98 -27.03 -58.42
N ARG C 799 18.94 -26.14 -58.15
CA ARG C 799 19.70 -26.17 -56.90
C ARG C 799 18.80 -25.93 -55.69
N GLU C 800 17.73 -25.15 -55.87
CA GLU C 800 16.83 -24.84 -54.76
C GLU C 800 15.95 -26.02 -54.39
N TRP C 801 15.87 -27.05 -55.24
CA TRP C 801 15.13 -28.26 -54.91
C TRP C 801 15.69 -28.95 -53.67
N GLY C 802 17.01 -29.13 -53.63
CA GLY C 802 17.63 -29.75 -52.47
C GLY C 802 17.47 -28.90 -51.21
N ILE C 803 17.54 -27.58 -51.37
CA ILE C 803 17.39 -26.67 -50.24
C ILE C 803 15.99 -26.77 -49.65
N LEU C 804 14.98 -26.69 -50.51
CA LEU C 804 13.59 -26.75 -50.05
C LEU C 804 13.25 -28.12 -49.48
N SER C 805 13.79 -29.20 -50.08
CA SER C 805 13.52 -30.54 -49.57
C SER C 805 14.15 -30.77 -48.21
N LYS C 806 15.41 -30.34 -48.03
CA LYS C 806 16.06 -30.47 -46.74
C LYS C 806 15.37 -29.63 -45.68
N ILE C 807 14.96 -28.40 -46.05
CA ILE C 807 14.24 -27.53 -45.12
C ILE C 807 12.93 -28.16 -44.68
N TYR C 808 12.19 -28.73 -45.64
CA TYR C 808 10.92 -29.38 -45.32
C TYR C 808 11.12 -30.60 -44.42
N TYR C 809 12.00 -31.52 -44.83
CA TYR C 809 12.21 -32.75 -44.07
C TYR C 809 12.79 -32.50 -42.70
N TYR C 810 13.57 -31.44 -42.52
CA TYR C 810 14.19 -31.19 -41.22
C TYR C 810 13.50 -30.12 -40.39
N ILE C 811 12.43 -29.51 -40.90
CA ILE C 811 11.68 -28.56 -40.10
C ILE C 811 10.23 -28.98 -39.94
N VAL C 812 9.52 -29.15 -41.05
CA VAL C 812 8.07 -29.33 -41.00
C VAL C 812 7.71 -30.70 -40.43
N ILE C 813 8.40 -31.75 -40.90
CA ILE C 813 8.11 -33.10 -40.41
C ILE C 813 8.44 -33.29 -38.93
N PRO C 814 9.62 -32.91 -38.41
CA PRO C 814 9.85 -33.14 -36.97
C PRO C 814 8.98 -32.29 -36.06
N ALA C 815 8.61 -31.08 -36.46
CA ALA C 815 7.86 -30.21 -35.57
C ALA C 815 6.41 -30.65 -35.42
N PHE C 816 5.85 -31.29 -36.46
CA PHE C 816 4.48 -31.77 -36.38
C PHE C 816 4.41 -33.23 -35.94
N SER C 817 5.44 -34.02 -36.24
CA SER C 817 5.47 -35.40 -35.75
C SER C 817 5.89 -35.46 -34.28
N ARG C 818 6.75 -34.52 -33.85
CA ARG C 818 7.32 -34.48 -32.50
C ARG C 818 8.06 -35.78 -32.16
N GLY C 819 8.85 -36.26 -33.11
CA GLY C 819 9.65 -37.46 -32.92
C GLY C 819 8.85 -38.74 -32.80
N SER C 820 7.78 -38.87 -33.56
CA SER C 820 6.95 -40.07 -33.56
C SER C 820 6.94 -40.78 -34.90
N CYS C 821 7.15 -40.04 -36.00
CA CYS C 821 7.17 -40.66 -37.32
C CYS C 821 8.47 -41.44 -37.52
N CYS C 822 8.42 -42.39 -38.44
CA CYS C 822 9.54 -43.28 -38.69
C CYS C 822 9.82 -43.35 -40.19
N THR C 823 11.09 -43.57 -40.53
CA THR C 823 11.52 -43.75 -41.90
C THR C 823 11.83 -45.21 -42.16
N MET C 824 11.43 -45.69 -43.34
CA MET C 824 11.60 -47.10 -43.69
C MET C 824 11.54 -47.28 -45.20
N GLY C 825 12.02 -48.43 -45.65
CA GLY C 825 11.97 -48.78 -47.05
C GLY C 825 10.79 -49.67 -47.36
N VAL C 826 10.52 -49.82 -48.65
CA VAL C 826 9.38 -50.59 -49.12
C VAL C 826 9.86 -51.93 -49.65
N ARG C 827 8.92 -52.83 -49.89
CA ARG C 827 9.20 -54.16 -50.42
C ARG C 827 8.50 -54.26 -51.77
N TYR C 828 9.21 -53.82 -52.83
CA TYR C 828 8.62 -53.79 -54.16
C TYR C 828 8.33 -55.19 -54.71
N ASP C 829 9.10 -56.19 -54.26
CA ASP C 829 8.96 -57.55 -54.77
C ASP C 829 7.60 -58.16 -54.44
N ARG C 830 6.92 -57.67 -53.40
CA ARG C 830 5.55 -58.06 -53.13
C ARG C 830 4.55 -56.95 -53.42
N LEU C 831 4.99 -55.68 -53.37
CA LEU C 831 4.10 -54.56 -53.60
C LEU C 831 3.67 -54.47 -55.06
N TYR C 832 4.61 -54.63 -55.99
CA TYR C 832 4.27 -54.57 -57.41
C TYR C 832 3.37 -55.69 -57.89
N PRO C 833 3.58 -56.99 -57.54
CA PRO C 833 2.56 -57.99 -57.93
C PRO C 833 1.21 -57.80 -57.24
N ALA C 834 1.17 -57.17 -56.07
CA ALA C 834 -0.10 -56.88 -55.42
C ALA C 834 -0.84 -55.74 -56.09
N LEU C 835 -0.18 -54.97 -56.96
CA LEU C 835 -0.80 -53.84 -57.64
C LEU C 835 -1.38 -54.22 -59.00
N GLN C 836 -1.08 -55.42 -59.50
CA GLN C 836 -1.48 -55.85 -60.83
C GLN C 836 -2.93 -56.29 -60.93
N ALA C 837 -3.69 -56.20 -59.84
CA ALA C 837 -5.06 -56.69 -59.80
C ALA C 837 -6.03 -55.51 -59.85
N VAL C 838 -6.36 -55.06 -61.06
CA VAL C 838 -7.39 -54.05 -61.28
C VAL C 838 -8.63 -54.76 -61.81
N ILE C 839 -9.78 -54.43 -61.23
CA ILE C 839 -11.02 -55.16 -61.50
C ILE C 839 -12.01 -54.14 -62.09
N VAL C 840 -11.50 -53.24 -62.92
CA VAL C 840 -12.40 -52.35 -63.66
C VAL C 840 -13.25 -53.17 -64.62
N PRO C 841 -14.52 -52.82 -64.83
CA PRO C 841 -15.38 -53.64 -65.69
C PRO C 841 -15.21 -53.27 -67.16
N GLU C 842 -15.84 -54.07 -68.02
CA GLU C 842 -15.90 -53.81 -69.45
C GLU C 842 -17.18 -53.04 -69.71
N ILE C 843 -17.06 -51.72 -69.82
CA ILE C 843 -18.24 -50.86 -70.02
C ILE C 843 -18.79 -51.10 -71.42
N PRO C 844 -20.11 -51.23 -71.58
CA PRO C 844 -20.68 -51.36 -72.92
C PRO C 844 -20.48 -50.09 -73.73
N ALA C 845 -20.44 -50.26 -75.06
CA ALA C 845 -20.18 -49.16 -75.96
C ALA C 845 -21.32 -48.14 -75.94
N ASP C 846 -20.94 -46.86 -76.05
CA ASP C 846 -21.87 -45.72 -76.07
C ASP C 846 -22.74 -45.68 -74.81
N GLU C 847 -22.10 -45.82 -73.65
CA GLU C 847 -22.78 -45.79 -72.36
C GLU C 847 -22.13 -44.76 -71.45
N GLU C 848 -22.90 -44.30 -70.47
CA GLU C 848 -22.40 -43.31 -69.53
C GLU C 848 -21.40 -43.93 -68.56
N ALA C 849 -20.46 -43.11 -68.09
CA ALA C 849 -19.49 -43.57 -67.10
C ALA C 849 -20.11 -43.53 -65.71
N PRO C 850 -20.18 -44.66 -64.99
CA PRO C 850 -20.76 -44.65 -63.65
C PRO C 850 -19.84 -43.97 -62.65
N THR C 851 -20.44 -43.22 -61.73
CA THR C 851 -19.71 -42.51 -60.68
C THR C 851 -20.12 -42.93 -59.28
N THR C 852 -21.41 -43.12 -59.03
CA THR C 852 -21.87 -43.55 -57.73
C THR C 852 -21.55 -45.04 -57.51
N PRO C 853 -21.22 -45.43 -56.27
CA PRO C 853 -20.90 -46.84 -56.01
C PRO C 853 -22.09 -47.74 -55.72
N GLU C 854 -23.33 -47.29 -55.98
CA GLU C 854 -24.50 -48.11 -55.70
C GLU C 854 -24.80 -49.08 -56.84
N ASP C 855 -24.49 -48.71 -58.09
CA ASP C 855 -24.73 -49.61 -59.20
C ASP C 855 -23.64 -50.67 -59.29
N PRO C 856 -23.96 -51.85 -59.82
CA PRO C 856 -22.91 -52.86 -60.03
C PRO C 856 -21.87 -52.47 -61.08
N ARG C 857 -22.18 -51.51 -61.95
CA ARG C 857 -21.23 -51.08 -62.98
C ARG C 857 -20.04 -50.33 -62.39
N HIS C 858 -20.18 -49.77 -61.20
CA HIS C 858 -19.05 -49.12 -60.55
C HIS C 858 -18.03 -50.17 -60.12
N PRO C 859 -16.73 -49.88 -60.28
CA PRO C 859 -15.71 -50.86 -59.87
C PRO C 859 -15.63 -51.09 -58.36
N LEU C 860 -16.13 -50.16 -57.56
CA LEU C 860 -16.08 -50.28 -56.11
C LEU C 860 -17.32 -50.94 -55.53
N HIS C 861 -18.19 -51.49 -56.37
CA HIS C 861 -19.36 -52.20 -55.90
C HIS C 861 -18.96 -53.55 -55.29
N ALA C 862 -19.81 -54.06 -54.40
CA ALA C 862 -19.51 -55.32 -53.72
C ALA C 862 -19.63 -56.51 -54.66
N HIS C 863 -20.39 -56.37 -55.75
CA HIS C 863 -20.48 -57.46 -56.72
C HIS C 863 -19.18 -57.64 -57.48
N GLN C 864 -18.49 -56.55 -57.79
CA GLN C 864 -17.22 -56.57 -58.51
C GLN C 864 -16.02 -56.45 -57.59
N LEU C 865 -16.15 -56.94 -56.35
CA LEU C 865 -15.09 -56.85 -55.35
C LEU C 865 -14.58 -58.26 -55.10
N VAL C 866 -13.42 -58.58 -55.68
CA VAL C 866 -12.74 -59.85 -55.42
C VAL C 866 -11.65 -59.56 -54.38
N PRO C 867 -11.41 -60.46 -53.42
CA PRO C 867 -10.31 -60.24 -52.47
C PRO C 867 -8.95 -60.29 -53.16
N ASN C 868 -7.96 -59.71 -52.46
CA ASN C 868 -6.58 -59.55 -52.94
C ASN C 868 -6.55 -58.78 -54.26
N SER C 869 -7.27 -57.66 -54.28
CA SER C 869 -7.31 -56.77 -55.43
C SER C 869 -7.40 -55.34 -54.92
N LEU C 870 -7.19 -54.40 -55.84
CA LEU C 870 -7.16 -52.99 -55.46
C LEU C 870 -8.50 -52.47 -54.99
N ASN C 871 -9.60 -53.11 -55.39
CA ASN C 871 -10.93 -52.60 -55.05
C ASN C 871 -11.22 -52.76 -53.56
N VAL C 872 -10.86 -53.91 -52.98
CA VAL C 872 -11.08 -54.11 -51.55
C VAL C 872 -10.16 -53.22 -50.72
N TYR C 873 -8.97 -52.91 -51.23
CA TYR C 873 -8.07 -52.02 -50.51
C TYR C 873 -8.53 -50.57 -50.58
N PHE C 874 -9.16 -50.20 -51.69
CA PHE C 874 -9.77 -48.86 -51.77
C PHE C 874 -11.03 -48.77 -50.91
N HIS C 875 -11.79 -49.86 -50.83
CA HIS C 875 -13.03 -49.84 -50.06
C HIS C 875 -12.77 -49.92 -48.56
N ASN C 876 -11.65 -50.51 -48.15
CA ASN C 876 -11.27 -50.49 -46.74
C ASN C 876 -10.99 -49.07 -46.27
N ALA C 877 -10.44 -48.23 -47.14
CA ALA C 877 -10.32 -46.81 -46.89
C ALA C 877 -11.61 -46.04 -47.15
N HIS C 878 -12.57 -46.68 -47.83
CA HIS C 878 -13.87 -46.08 -48.19
C HIS C 878 -13.70 -44.79 -49.00
N LEU C 879 -12.87 -44.87 -50.04
CA LEU C 879 -12.67 -43.76 -50.97
C LEU C 879 -13.39 -44.06 -52.28
N THR C 880 -13.66 -43.00 -53.03
CA THR C 880 -14.42 -43.09 -54.28
C THR C 880 -13.51 -42.81 -55.46
N VAL C 881 -13.30 -43.82 -56.30
CA VAL C 881 -12.52 -43.70 -57.52
C VAL C 881 -13.30 -44.34 -58.66
N ASP C 882 -13.01 -43.89 -59.88
CA ASP C 882 -13.74 -44.32 -61.06
C ASP C 882 -12.99 -45.42 -61.80
N GLY C 883 -13.54 -45.80 -62.95
CA GLY C 883 -12.92 -46.85 -63.75
C GLY C 883 -11.59 -46.42 -64.36
N ASP C 884 -11.55 -45.20 -64.90
CA ASP C 884 -10.30 -44.69 -65.45
C ASP C 884 -9.27 -44.40 -64.36
N ALA C 885 -9.75 -44.16 -63.13
CA ALA C 885 -8.86 -43.93 -62.01
C ALA C 885 -8.02 -45.16 -61.69
N LEU C 886 -8.62 -46.35 -61.79
CA LEU C 886 -7.83 -47.58 -61.65
C LEU C 886 -7.24 -48.01 -62.98
N LEU C 887 -7.73 -47.47 -64.10
CA LEU C 887 -7.14 -47.79 -65.39
C LEU C 887 -5.83 -47.04 -65.63
N THR C 888 -5.58 -45.95 -64.89
CA THR C 888 -4.29 -45.27 -65.01
C THR C 888 -3.14 -46.06 -64.41
N LEU C 889 -3.43 -47.16 -63.70
CA LEU C 889 -2.38 -48.01 -63.16
C LEU C 889 -1.55 -48.66 -64.26
N GLN C 890 -2.18 -49.03 -65.38
CA GLN C 890 -1.48 -49.77 -66.42
C GLN C 890 -0.50 -48.89 -67.19
N GLU C 891 -0.68 -47.57 -67.13
CA GLU C 891 0.33 -46.66 -67.64
C GLU C 891 1.21 -46.06 -66.56
N LEU C 892 0.80 -46.15 -65.29
CA LEU C 892 1.68 -45.79 -64.19
C LEU C 892 2.80 -46.81 -64.03
N MET C 893 2.51 -48.08 -64.31
CA MET C 893 3.50 -49.14 -64.13
C MET C 893 4.63 -49.09 -65.15
N GLY C 894 4.53 -48.24 -66.18
CA GLY C 894 5.57 -48.18 -67.20
C GLY C 894 6.92 -47.76 -66.66
N ASP C 895 6.92 -46.79 -65.75
CA ASP C 895 8.12 -46.50 -64.97
C ASP C 895 8.01 -47.17 -63.61
N MET C 896 9.06 -47.89 -63.24
CA MET C 896 9.10 -48.62 -61.98
C MET C 896 10.20 -48.05 -61.08
N ALA C 897 10.18 -48.51 -59.83
CA ALA C 897 11.27 -48.32 -58.90
C ALA C 897 11.69 -49.70 -58.42
N GLU C 898 13.00 -49.97 -58.42
CA GLU C 898 13.48 -51.33 -58.28
C GLU C 898 13.34 -51.82 -56.84
N ARG C 899 14.08 -51.21 -55.92
CA ARG C 899 14.13 -51.59 -54.52
C ARG C 899 14.88 -50.50 -53.76
N THR C 900 14.58 -50.38 -52.48
CA THR C 900 15.26 -49.40 -51.64
C THR C 900 16.67 -49.87 -51.29
N THR C 901 17.57 -48.91 -51.14
CA THR C 901 18.96 -49.21 -50.80
C THR C 901 19.45 -48.18 -49.80
N ALA C 902 20.52 -48.53 -49.10
CA ALA C 902 21.10 -47.69 -48.06
C ALA C 902 22.32 -46.97 -48.59
N ILE C 903 22.33 -45.65 -48.48
CA ILE C 903 23.43 -44.81 -48.93
C ILE C 903 24.03 -44.12 -47.72
N LEU C 904 25.31 -44.40 -47.44
CA LEU C 904 26.07 -43.73 -46.40
C LEU C 904 27.10 -42.83 -47.07
N VAL C 905 26.98 -41.52 -46.84
CA VAL C 905 27.87 -40.54 -47.45
C VAL C 905 28.77 -39.98 -46.36
N SER C 906 29.97 -39.56 -46.75
CA SER C 906 30.91 -38.94 -45.83
C SER C 906 31.75 -37.91 -46.57
N SER C 907 32.19 -36.90 -45.81
CA SER C 907 32.99 -35.83 -46.38
C SER C 907 33.85 -35.21 -45.28
N ALA C 908 34.84 -34.44 -45.72
CA ALA C 908 35.71 -33.67 -44.83
C ALA C 908 34.91 -32.53 -44.18
N PRO C 909 35.38 -32.01 -43.05
CA PRO C 909 34.76 -30.82 -42.48
C PRO C 909 34.93 -29.60 -43.39
N ASP C 910 34.08 -28.61 -43.16
CA ASP C 910 33.93 -27.48 -44.08
C ASP C 910 35.18 -26.59 -44.05
N ALA C 911 35.35 -25.83 -45.13
CA ALA C 911 36.54 -25.01 -45.31
C ALA C 911 36.63 -23.85 -44.33
N GLY C 912 35.51 -23.49 -43.68
CA GLY C 912 35.57 -22.52 -42.61
C GLY C 912 36.34 -23.02 -41.40
N ALA C 913 36.19 -24.29 -41.07
CA ALA C 913 36.88 -24.90 -39.93
C ALA C 913 37.75 -26.07 -40.37
N ALA C 914 38.37 -25.96 -41.55
CA ALA C 914 39.26 -26.98 -42.05
C ALA C 914 40.69 -26.65 -41.63
N THR C 915 41.31 -27.55 -40.87
CA THR C 915 42.71 -27.38 -40.50
C THR C 915 43.50 -28.60 -40.96
N ALA C 916 44.78 -28.66 -40.63
CA ALA C 916 45.56 -29.87 -40.90
C ALA C 916 45.18 -30.98 -39.94
N THR C 917 44.69 -30.66 -38.75
CA THR C 917 44.41 -31.64 -37.72
C THR C 917 42.95 -32.11 -37.69
N THR C 918 42.03 -31.37 -38.33
CA THR C 918 40.66 -31.85 -38.46
C THR C 918 40.41 -32.63 -39.75
N ARG C 919 41.43 -32.77 -40.60
CA ARG C 919 41.28 -33.58 -41.80
C ARG C 919 41.17 -35.07 -41.47
N ASN C 920 41.61 -35.48 -40.27
CA ASN C 920 41.52 -36.87 -39.88
C ASN C 920 40.09 -37.31 -39.61
N MET C 921 39.31 -36.44 -38.97
CA MET C 921 37.94 -36.79 -38.59
C MET C 921 36.97 -36.32 -39.66
N ARG C 922 36.14 -37.22 -40.14
CA ARG C 922 35.11 -36.93 -41.13
C ARG C 922 33.73 -37.12 -40.52
N ILE C 923 32.72 -36.61 -41.22
CA ILE C 923 31.33 -36.69 -40.79
C ILE C 923 30.66 -37.82 -41.55
N TYR C 924 29.93 -38.67 -40.84
CA TYR C 924 29.32 -39.85 -41.44
C TYR C 924 27.81 -39.83 -41.20
N ASP C 925 27.05 -39.67 -42.27
CA ASP C 925 25.59 -39.66 -42.20
C ASP C 925 25.06 -40.49 -43.35
N GLY C 926 23.85 -41.03 -43.16
CA GLY C 926 23.26 -41.97 -44.10
C GLY C 926 21.90 -41.51 -44.59
N ALA C 927 21.43 -42.20 -45.62
CA ALA C 927 20.15 -41.88 -46.26
C ALA C 927 19.56 -43.14 -46.86
N LEU C 928 18.27 -43.06 -47.20
CA LEU C 928 17.52 -44.18 -47.77
C LEU C 928 17.04 -43.78 -49.16
N TYR C 929 17.64 -44.34 -50.20
CA TYR C 929 17.12 -44.17 -51.54
C TYR C 929 15.88 -45.03 -51.71
N HIS C 930 14.84 -44.45 -52.32
CA HIS C 930 13.53 -45.08 -52.48
C HIS C 930 12.93 -45.53 -51.15
N GLY C 931 13.14 -44.73 -50.10
CA GLY C 931 12.52 -44.99 -48.81
C GLY C 931 11.24 -44.20 -48.62
N LEU C 932 10.55 -44.47 -47.52
CA LEU C 932 9.27 -43.85 -47.26
C LEU C 932 9.16 -43.53 -45.77
N ILE C 933 8.18 -42.70 -45.43
CA ILE C 933 7.89 -42.34 -44.04
C ILE C 933 6.39 -42.47 -43.81
N MET C 934 6.01 -43.23 -42.79
CA MET C 934 4.62 -43.27 -42.34
C MET C 934 4.53 -42.65 -40.96
N MET C 935 3.42 -41.95 -40.72
CA MET C 935 3.36 -40.98 -39.62
C MET C 935 3.16 -41.64 -38.27
N ALA C 936 2.06 -42.36 -38.09
CA ALA C 936 1.75 -42.97 -36.80
C ALA C 936 1.67 -44.47 -36.97
N TYR C 937 2.31 -45.20 -36.07
CA TYR C 937 2.36 -46.65 -36.15
C TYR C 937 1.03 -47.24 -35.71
N GLN C 938 0.53 -48.22 -36.48
CA GLN C 938 -0.65 -48.98 -36.11
C GLN C 938 -0.26 -50.44 -35.94
N ALA C 939 -0.89 -51.11 -34.97
CA ALA C 939 -0.62 -52.51 -34.70
C ALA C 939 -1.88 -53.36 -34.69
N TYR C 940 -3.05 -52.76 -34.50
CA TYR C 940 -4.31 -53.48 -34.40
C TYR C 940 -5.11 -53.43 -35.71
N ASP C 941 -4.48 -52.96 -36.79
CA ASP C 941 -5.09 -52.99 -38.12
C ASP C 941 -4.82 -54.37 -38.71
N GLU C 942 -5.80 -55.27 -38.61
CA GLU C 942 -5.63 -56.65 -39.04
C GLU C 942 -6.11 -56.90 -40.47
N THR C 943 -6.50 -55.85 -41.20
CA THR C 943 -6.80 -56.03 -42.62
C THR C 943 -5.53 -56.28 -43.42
N ILE C 944 -4.41 -55.69 -43.02
CA ILE C 944 -3.12 -55.88 -43.65
C ILE C 944 -2.16 -56.43 -42.60
N ALA C 945 -1.44 -57.50 -42.95
CA ALA C 945 -0.50 -58.11 -42.02
C ALA C 945 0.66 -57.15 -41.75
N THR C 946 1.20 -57.27 -40.54
CA THR C 946 2.23 -56.34 -40.08
C THR C 946 3.56 -56.61 -40.78
N GLY C 947 4.16 -55.57 -41.33
CA GLY C 947 5.41 -55.70 -42.07
C GLY C 947 5.28 -56.44 -43.38
N THR C 948 4.19 -56.21 -44.12
CA THR C 948 4.04 -56.84 -45.43
C THR C 948 4.75 -56.03 -46.51
N PHE C 949 4.53 -54.72 -46.53
CA PHE C 949 5.09 -53.85 -47.55
C PHE C 949 6.30 -53.05 -47.09
N PHE C 950 6.41 -52.75 -45.80
CA PHE C 950 7.51 -51.98 -45.25
C PHE C 950 8.26 -52.80 -44.21
N TYR C 951 9.55 -52.54 -44.08
CA TYR C 951 10.33 -53.00 -42.95
C TYR C 951 11.07 -51.81 -42.35
N PRO C 952 11.01 -51.62 -41.04
CA PRO C 952 11.54 -50.39 -40.43
C PRO C 952 13.06 -50.36 -40.46
N VAL C 953 13.60 -49.37 -41.15
CA VAL C 953 15.04 -49.15 -41.28
C VAL C 953 15.37 -47.70 -40.89
N PRO C 954 15.23 -47.34 -39.62
CA PRO C 954 15.37 -45.93 -39.23
C PRO C 954 16.82 -45.56 -38.99
N VAL C 955 17.33 -44.59 -39.74
CA VAL C 955 18.61 -43.95 -39.45
C VAL C 955 18.43 -42.43 -39.41
N ASN C 956 18.06 -41.93 -38.23
CA ASN C 956 18.05 -40.53 -37.81
C ASN C 956 17.69 -40.53 -36.33
N PRO C 957 18.38 -39.76 -35.49
CA PRO C 957 17.82 -39.49 -34.16
C PRO C 957 16.49 -38.75 -34.22
N LEU C 958 16.31 -37.92 -35.25
CA LEU C 958 15.04 -37.23 -35.48
C LEU C 958 13.93 -38.21 -35.83
N PHE C 959 14.25 -39.24 -36.61
CA PHE C 959 13.27 -40.24 -37.03
C PHE C 959 13.32 -41.51 -36.19
N ALA C 960 13.58 -41.38 -34.88
CA ALA C 960 13.58 -42.55 -34.00
C ALA C 960 12.16 -43.07 -33.82
N CYS C 961 11.98 -44.36 -34.04
CA CYS C 961 10.66 -45.00 -34.02
C CYS C 961 10.70 -46.26 -33.15
N PRO C 962 10.56 -46.09 -31.83
CA PRO C 962 10.58 -47.28 -30.95
C PRO C 962 9.37 -48.19 -31.11
N GLU C 963 8.21 -47.63 -31.45
CA GLU C 963 7.01 -48.44 -31.58
C GLU C 963 6.87 -49.05 -32.97
N HIS C 964 7.54 -48.47 -33.97
CA HIS C 964 7.45 -48.99 -35.33
C HIS C 964 8.29 -50.25 -35.53
N LEU C 965 9.10 -50.63 -34.53
CA LEU C 965 10.01 -51.76 -34.68
C LEU C 965 9.30 -53.10 -34.70
N ALA C 966 8.02 -53.15 -34.32
CA ALA C 966 7.26 -54.39 -34.41
C ALA C 966 6.95 -54.78 -35.86
N SER C 967 7.09 -53.84 -36.80
CA SER C 967 6.95 -54.17 -38.21
C SER C 967 8.07 -55.06 -38.71
N LEU C 968 9.24 -55.01 -38.08
CA LEU C 968 10.34 -55.90 -38.40
C LEU C 968 10.10 -57.27 -37.76
N ARG C 969 10.55 -58.32 -38.45
CA ARG C 969 10.37 -59.67 -37.94
C ARG C 969 11.27 -59.92 -36.73
N GLY C 970 10.93 -60.96 -35.97
CA GLY C 970 11.68 -61.28 -34.76
C GLY C 970 11.56 -60.26 -33.66
N MET C 971 10.35 -59.76 -33.40
CA MET C 971 10.12 -58.76 -32.37
C MET C 971 9.80 -59.45 -31.05
N THR C 972 10.42 -58.97 -29.97
CA THR C 972 10.23 -59.52 -28.64
C THR C 972 10.05 -58.39 -27.63
N ASN C 973 10.03 -58.76 -26.34
CA ASN C 973 9.97 -57.77 -25.28
C ASN C 973 11.32 -57.11 -25.05
N ALA C 974 12.41 -57.86 -25.25
CA ALA C 974 13.75 -57.34 -24.96
C ALA C 974 14.12 -56.19 -25.88
N ARG C 975 13.81 -56.32 -27.18
CA ARG C 975 14.10 -55.25 -28.12
C ARG C 975 13.32 -53.99 -27.79
N ARG C 976 12.06 -54.14 -27.34
CA ARG C 976 11.25 -52.98 -27.01
C ARG C 976 11.75 -52.29 -25.74
N VAL C 977 12.05 -53.06 -24.70
CA VAL C 977 12.47 -52.45 -23.44
C VAL C 977 13.89 -51.89 -23.58
N LEU C 978 14.67 -52.37 -24.55
CA LEU C 978 15.99 -51.82 -24.77
C LEU C 978 15.95 -50.64 -25.73
N ALA C 979 14.93 -50.56 -26.58
CA ALA C 979 14.86 -49.52 -27.59
C ALA C 979 13.99 -48.33 -27.19
N LYS C 980 13.18 -48.44 -26.12
CA LYS C 980 12.49 -47.25 -25.63
C LYS C 980 13.45 -46.20 -25.07
N MET C 981 14.63 -46.62 -24.60
CA MET C 981 15.61 -45.67 -24.07
C MET C 981 16.72 -45.32 -25.04
N VAL C 982 17.07 -46.20 -25.97
CA VAL C 982 18.12 -45.96 -26.95
C VAL C 982 17.51 -46.07 -28.34
N PRO C 983 17.66 -45.06 -29.19
CA PRO C 983 17.07 -45.13 -30.54
C PRO C 983 17.78 -46.15 -31.41
N PRO C 984 17.05 -46.90 -32.24
CA PRO C 984 17.68 -47.87 -33.14
C PRO C 984 18.27 -47.19 -34.36
N ILE C 985 19.59 -47.24 -34.48
CA ILE C 985 20.31 -46.65 -35.61
C ILE C 985 21.32 -47.68 -36.11
N PRO C 986 21.32 -48.02 -37.41
CA PRO C 986 22.32 -48.97 -37.91
C PRO C 986 23.70 -48.35 -37.90
N PRO C 987 24.74 -49.15 -37.65
CA PRO C 987 26.10 -48.60 -37.65
C PRO C 987 26.61 -48.29 -39.05
N PHE C 988 26.14 -49.00 -40.06
CA PHE C 988 26.63 -48.82 -41.43
C PHE C 988 25.98 -47.64 -42.13
N LEU C 989 25.06 -46.94 -41.48
CA LEU C 989 24.42 -45.77 -42.07
C LEU C 989 24.71 -44.52 -41.23
N GLY C 990 25.74 -44.55 -40.39
CA GLY C 990 26.14 -43.37 -39.65
C GLY C 990 25.90 -43.48 -38.15
N ALA C 991 26.98 -43.41 -37.37
CA ALA C 991 26.87 -43.39 -35.93
C ALA C 991 26.37 -42.03 -35.46
N ASN C 992 25.79 -42.01 -34.25
CA ASN C 992 25.19 -40.79 -33.72
C ASN C 992 26.25 -39.73 -33.46
N HIS C 993 27.41 -40.13 -32.96
CA HIS C 993 28.50 -39.18 -32.77
C HIS C 993 29.07 -38.69 -34.09
N HIS C 994 29.04 -39.53 -35.14
CA HIS C 994 29.59 -39.16 -36.44
C HIS C 994 28.58 -38.50 -37.36
N ALA C 995 27.31 -38.42 -36.97
CA ALA C 995 26.30 -37.81 -37.82
C ALA C 995 26.16 -36.33 -37.54
N THR C 996 25.56 -35.62 -38.49
CA THR C 996 25.27 -34.20 -38.29
C THR C 996 24.16 -34.02 -37.27
N ILE C 997 22.99 -34.62 -37.53
CA ILE C 997 21.89 -34.59 -36.57
C ILE C 997 22.20 -35.56 -35.43
N ARG C 998 22.17 -35.05 -34.20
CA ARG C 998 22.59 -35.82 -33.05
C ARG C 998 21.44 -35.98 -32.06
N GLN C 999 21.78 -36.54 -30.90
CA GLN C 999 20.79 -36.73 -29.83
C GLN C 999 20.20 -35.44 -29.25
N PRO C 1000 20.97 -34.37 -28.92
CA PRO C 1000 20.33 -33.20 -28.28
C PRO C 1000 19.24 -32.51 -29.11
N VAL C 1001 19.40 -32.42 -30.43
CA VAL C 1001 18.37 -31.77 -31.24
C VAL C 1001 17.10 -32.63 -31.29
N ALA C 1002 17.27 -33.95 -31.32
CA ALA C 1002 16.13 -34.85 -31.25
C ALA C 1002 15.43 -34.76 -29.89
N TYR C 1003 16.20 -34.65 -28.82
CA TYR C 1003 15.61 -34.48 -27.50
C TYR C 1003 14.90 -33.14 -27.37
N HIS C 1004 15.44 -32.10 -28.01
CA HIS C 1004 14.80 -30.80 -28.01
C HIS C 1004 13.47 -30.83 -28.75
N VAL C 1005 13.44 -31.49 -29.92
CA VAL C 1005 12.21 -31.48 -30.70
C VAL C 1005 11.19 -32.44 -30.09
N THR C 1006 11.62 -33.44 -29.32
CA THR C 1006 10.66 -34.37 -28.74
C THR C 1006 10.17 -33.96 -27.36
N HIS C 1007 10.77 -32.93 -26.74
CA HIS C 1007 10.40 -32.55 -25.38
C HIS C 1007 10.07 -31.07 -25.25
N SER C 1008 9.71 -30.41 -26.35
CA SER C 1008 9.35 -29.00 -26.33
C SER C 1008 7.84 -28.87 -26.52
N LYS C 1009 7.18 -28.16 -25.60
CA LYS C 1009 5.75 -27.88 -25.71
C LYS C 1009 5.54 -26.38 -25.50
N SER C 1010 5.75 -25.59 -26.55
CA SER C 1010 5.40 -24.18 -26.56
C SER C 1010 4.39 -23.85 -27.65
N ASP C 1011 4.69 -24.19 -28.90
CA ASP C 1011 3.90 -23.86 -30.07
C ASP C 1011 4.45 -24.69 -31.23
N PHE C 1012 3.96 -24.44 -32.43
CA PHE C 1012 4.52 -25.03 -33.64
C PHE C 1012 5.34 -24.03 -34.45
N ASN C 1013 4.89 -22.77 -34.52
CA ASN C 1013 5.67 -21.73 -35.18
C ASN C 1013 6.99 -21.49 -34.45
N THR C 1014 6.91 -21.33 -33.13
CA THR C 1014 8.11 -21.11 -32.32
C THR C 1014 9.03 -22.32 -32.35
N LEU C 1015 8.46 -23.53 -32.38
CA LEU C 1015 9.27 -24.73 -32.46
C LEU C 1015 9.99 -24.82 -33.81
N THR C 1016 9.30 -24.46 -34.90
CA THR C 1016 9.95 -24.48 -36.22
C THR C 1016 11.06 -23.44 -36.30
N TYR C 1017 10.84 -22.25 -35.75
CA TYR C 1017 11.87 -21.22 -35.82
C TYR C 1017 13.02 -21.55 -34.88
N SER C 1018 12.75 -22.23 -33.77
CA SER C 1018 13.81 -22.71 -32.89
C SER C 1018 14.65 -23.78 -33.57
N LEU C 1019 14.00 -24.67 -34.31
CA LEU C 1019 14.72 -25.68 -35.07
C LEU C 1019 15.56 -25.05 -36.18
N LEU C 1020 15.03 -24.00 -36.81
CA LEU C 1020 15.78 -23.27 -37.82
C LEU C 1020 17.00 -22.58 -37.20
N GLY C 1021 16.83 -21.94 -36.05
CA GLY C 1021 17.94 -21.29 -35.39
C GLY C 1021 18.97 -22.26 -34.85
N GLY C 1022 18.54 -23.49 -34.53
CA GLY C 1022 19.51 -24.53 -34.24
C GLY C 1022 20.31 -24.93 -35.46
N TYR C 1023 19.69 -24.91 -36.64
CA TYR C 1023 20.35 -25.36 -37.86
C TYR C 1023 21.23 -24.25 -38.41
N PHE C 1024 22.39 -24.08 -37.78
CA PHE C 1024 23.40 -23.13 -38.21
C PHE C 1024 24.77 -23.72 -37.93
N LYS C 1025 25.73 -23.43 -38.79
CA LYS C 1025 27.09 -23.93 -38.61
C LYS C 1025 27.80 -23.17 -37.50
N PHE C 1026 28.86 -23.77 -36.96
CA PHE C 1026 29.61 -23.19 -35.85
C PHE C 1026 31.04 -22.84 -36.27
N THR C 1027 31.34 -22.93 -37.58
CA THR C 1027 32.64 -22.57 -38.11
C THR C 1027 32.89 -21.07 -37.93
N PRO C 1028 34.17 -20.64 -37.89
CA PRO C 1028 34.44 -19.20 -37.66
C PRO C 1028 33.81 -18.27 -38.69
N ILE C 1029 33.76 -18.69 -39.96
CA ILE C 1029 33.04 -17.95 -40.98
C ILE C 1029 31.56 -17.85 -40.62
N SER C 1030 30.97 -18.97 -40.19
CA SER C 1030 29.54 -18.99 -39.86
C SER C 1030 29.24 -18.15 -38.62
N LEU C 1031 30.02 -18.32 -37.55
CA LEU C 1031 29.76 -17.57 -36.33
C LEU C 1031 29.97 -16.08 -36.54
N THR C 1032 30.95 -15.73 -37.38
CA THR C 1032 31.10 -14.34 -37.81
C THR C 1032 29.84 -13.86 -38.52
N HIS C 1033 29.25 -14.71 -39.37
CA HIS C 1033 28.01 -14.35 -40.05
C HIS C 1033 26.87 -14.09 -39.07
N GLN C 1034 26.69 -14.98 -38.08
CA GLN C 1034 25.54 -14.78 -37.18
C GLN C 1034 25.78 -13.59 -36.24
N LEU C 1035 27.04 -13.32 -35.86
CA LEU C 1035 27.25 -12.19 -34.96
C LEU C 1035 27.13 -10.86 -35.70
N ARG C 1036 27.67 -10.76 -36.91
CA ARG C 1036 27.56 -9.47 -37.61
C ARG C 1036 26.19 -9.30 -38.23
N THR C 1037 25.43 -10.40 -38.38
CA THR C 1037 24.02 -10.28 -38.71
C THR C 1037 23.23 -9.68 -37.55
N GLY C 1038 23.43 -10.23 -36.35
CA GLY C 1038 22.66 -9.84 -35.19
C GLY C 1038 22.07 -11.05 -34.50
N PHE C 1039 22.31 -12.23 -35.06
CA PHE C 1039 21.82 -13.46 -34.45
C PHE C 1039 22.62 -13.80 -33.20
N HIS C 1040 21.94 -14.37 -32.22
CA HIS C 1040 22.55 -14.74 -30.95
C HIS C 1040 22.81 -16.23 -30.91
N PRO C 1041 24.07 -16.67 -30.92
CA PRO C 1041 24.35 -18.10 -30.77
C PRO C 1041 24.13 -18.56 -29.34
N GLY C 1042 24.19 -19.88 -29.16
CA GLY C 1042 23.98 -20.46 -27.85
C GLY C 1042 25.23 -20.54 -26.99
N ILE C 1043 26.06 -19.50 -27.04
CA ILE C 1043 27.30 -19.47 -26.26
C ILE C 1043 27.30 -18.20 -25.43
N ALA C 1044 27.56 -18.35 -24.14
CA ALA C 1044 27.66 -17.22 -23.22
C ALA C 1044 29.13 -16.84 -23.09
N PHE C 1045 29.38 -15.63 -22.60
CA PHE C 1045 30.75 -15.13 -22.48
C PHE C 1045 30.93 -14.30 -21.21
N THR C 1046 32.21 -14.05 -20.93
CA THR C 1046 32.64 -12.98 -20.04
C THR C 1046 33.79 -12.25 -20.72
N VAL C 1047 34.06 -11.03 -20.26
CA VAL C 1047 35.24 -10.30 -20.68
C VAL C 1047 36.02 -9.92 -19.44
N VAL C 1048 37.35 -10.01 -19.54
CA VAL C 1048 38.24 -9.69 -18.43
C VAL C 1048 39.05 -8.47 -18.81
N ARG C 1049 39.30 -7.61 -17.83
CA ARG C 1049 39.81 -6.28 -18.12
C ARG C 1049 40.80 -5.85 -17.05
N GLN C 1050 42.08 -5.85 -17.41
CA GLN C 1050 43.16 -5.47 -16.50
C GLN C 1050 43.21 -3.95 -16.40
N ASP C 1051 43.37 -3.44 -15.19
CA ASP C 1051 43.31 -2.01 -14.92
C ASP C 1051 44.47 -1.62 -14.01
N ARG C 1052 44.90 -0.36 -14.15
CA ARG C 1052 45.87 0.24 -13.24
C ARG C 1052 45.29 1.52 -12.67
N PHE C 1053 45.61 1.79 -11.40
CA PHE C 1053 45.19 3.02 -10.74
C PHE C 1053 46.38 3.68 -10.08
N ALA C 1054 46.40 5.00 -10.09
CA ALA C 1054 47.25 5.73 -9.16
C ALA C 1054 46.77 5.43 -7.75
N THR C 1055 47.70 5.08 -6.87
CA THR C 1055 47.34 4.67 -5.51
C THR C 1055 48.11 5.51 -4.52
N GLU C 1056 47.48 5.76 -3.38
CA GLU C 1056 48.12 6.51 -2.32
C GLU C 1056 48.26 5.62 -1.09
N GLN C 1057 49.49 5.50 -0.60
CA GLN C 1057 49.73 4.70 0.58
C GLN C 1057 49.75 5.59 1.81
N LEU C 1058 49.49 4.98 2.96
CA LEU C 1058 49.32 5.69 4.22
C LEU C 1058 50.10 4.95 5.29
N LEU C 1059 51.09 5.61 5.88
CA LEU C 1059 52.02 4.95 6.78
C LEU C 1059 52.09 5.63 8.14
N TYR C 1060 51.89 4.83 9.19
CA TYR C 1060 52.32 5.12 10.55
C TYR C 1060 53.39 4.12 10.94
N ALA C 1061 54.53 4.60 11.43
CA ALA C 1061 55.66 3.70 11.66
C ALA C 1061 55.72 3.22 13.11
N GLU C 1062 56.23 4.04 14.04
CA GLU C 1062 56.30 3.90 15.51
C GLU C 1062 57.09 5.05 16.10
N ARG C 1063 57.21 5.09 17.42
CA ARG C 1063 58.16 5.98 18.08
C ARG C 1063 59.57 5.39 18.07
N ALA C 1064 59.77 4.27 18.76
CA ALA C 1064 61.11 3.70 18.89
C ALA C 1064 61.23 2.48 17.96
N SER C 1065 61.28 2.78 16.66
CA SER C 1065 61.34 1.71 15.68
C SER C 1065 62.72 1.56 15.04
N GLU C 1066 63.54 2.60 15.05
CA GLU C 1066 64.84 2.54 14.39
C GLU C 1066 65.93 3.12 15.29
N SER C 1067 67.06 2.44 15.34
CA SER C 1067 68.29 3.00 15.87
C SER C 1067 69.23 3.23 14.70
N TYR C 1068 69.73 4.45 14.58
CA TYR C 1068 70.29 4.93 13.31
C TYR C 1068 71.68 5.50 13.61
N PHE C 1069 72.71 4.71 13.36
CA PHE C 1069 74.08 5.11 13.63
C PHE C 1069 74.59 5.93 12.46
N VAL C 1070 75.40 6.95 12.75
CA VAL C 1070 76.05 7.76 11.72
C VAL C 1070 77.55 7.62 11.88
N GLY C 1071 78.26 7.59 10.76
CA GLY C 1071 79.70 7.57 10.76
C GLY C 1071 80.29 8.96 10.73
N GLN C 1072 81.53 9.04 10.26
CA GLN C 1072 82.23 10.31 10.11
C GLN C 1072 82.39 10.61 8.63
N ILE C 1073 82.25 11.89 8.27
CA ILE C 1073 82.35 12.30 6.88
C ILE C 1073 83.82 12.23 6.44
N GLN C 1074 84.03 11.75 5.22
CA GLN C 1074 85.37 11.68 4.65
C GLN C 1074 85.31 12.17 3.21
N VAL C 1075 86.42 12.77 2.78
CA VAL C 1075 86.50 13.44 1.49
C VAL C 1075 87.26 12.57 0.51
N HIS C 1076 87.21 12.94 -0.76
CA HIS C 1076 87.98 12.29 -1.82
C HIS C 1076 88.15 13.30 -2.95
N HIS C 1077 89.36 13.82 -3.11
CA HIS C 1077 89.66 14.71 -4.23
C HIS C 1077 90.08 13.87 -5.43
N HIS C 1078 89.38 14.07 -6.55
CA HIS C 1078 89.60 13.28 -7.74
C HIS C 1078 89.70 14.23 -8.93
N ASP C 1079 90.70 14.01 -9.78
CA ASP C 1079 90.93 14.89 -10.90
C ASP C 1079 89.85 14.73 -11.96
N ALA C 1080 89.58 15.82 -12.68
CA ALA C 1080 88.47 15.86 -13.62
C ALA C 1080 88.97 16.46 -14.93
N ILE C 1081 88.02 16.79 -15.81
CA ILE C 1081 88.36 17.30 -17.14
C ILE C 1081 88.99 18.69 -17.04
N GLY C 1082 88.32 19.60 -16.32
CA GLY C 1082 88.83 20.94 -16.17
C GLY C 1082 89.45 21.18 -14.81
N GLY C 1083 88.80 20.69 -13.76
CA GLY C 1083 89.30 20.89 -12.42
C GLY C 1083 89.38 19.59 -11.63
N VAL C 1084 88.89 19.61 -10.39
CA VAL C 1084 88.90 18.43 -9.54
C VAL C 1084 87.48 18.15 -9.07
N ASN C 1085 87.24 16.90 -8.71
CA ASN C 1085 85.96 16.45 -8.19
C ASN C 1085 86.14 16.03 -6.75
N PHE C 1086 85.38 16.64 -5.84
CA PHE C 1086 85.36 16.24 -4.44
C PHE C 1086 84.24 15.23 -4.25
N THR C 1087 84.59 14.05 -3.76
CA THR C 1087 83.61 13.02 -3.42
C THR C 1087 83.48 12.95 -1.91
N LEU C 1088 82.29 13.20 -1.41
CA LEU C 1088 82.03 13.18 0.03
C LEU C 1088 81.32 11.88 0.39
N THR C 1089 81.83 11.18 1.39
CA THR C 1089 81.31 9.87 1.77
C THR C 1089 81.08 9.83 3.27
N GLN C 1090 79.89 9.38 3.67
CA GLN C 1090 79.54 9.23 5.07
C GLN C 1090 78.77 7.92 5.25
N PRO C 1091 79.26 6.99 6.04
CA PRO C 1091 78.55 5.72 6.23
C PRO C 1091 77.58 5.76 7.40
N ARG C 1092 76.62 4.85 7.36
CA ARG C 1092 75.57 4.80 8.37
C ARG C 1092 74.99 3.40 8.41
N ALA C 1093 74.33 3.08 9.54
CA ALA C 1093 73.74 1.77 9.74
C ALA C 1093 72.42 1.92 10.46
N HIS C 1094 71.51 0.99 10.19
CA HIS C 1094 70.15 1.03 10.75
C HIS C 1094 69.83 -0.32 11.36
N VAL C 1095 69.16 -0.30 12.52
CA VAL C 1095 68.69 -1.50 13.20
C VAL C 1095 67.22 -1.28 13.57
N ASP C 1096 66.37 -2.23 13.18
CA ASP C 1096 64.96 -2.23 13.55
C ASP C 1096 64.80 -2.92 14.91
N LEU C 1097 64.75 -2.13 15.98
CA LEU C 1097 64.68 -2.67 17.33
C LEU C 1097 63.21 -2.83 17.78
N GLY C 1098 62.43 -3.45 16.91
CA GLY C 1098 61.03 -3.73 17.18
C GLY C 1098 60.86 -5.15 17.67
N VAL C 1099 59.88 -5.36 18.55
CA VAL C 1099 59.60 -6.69 19.06
C VAL C 1099 58.97 -7.55 17.98
N GLY C 1100 58.02 -6.97 17.24
CA GLY C 1100 57.38 -7.65 16.12
C GLY C 1100 57.19 -6.71 14.94
N TYR C 1101 56.00 -6.68 14.37
CA TYR C 1101 55.67 -5.76 13.28
C TYR C 1101 55.36 -4.40 13.88
N THR C 1102 56.24 -3.43 13.64
CA THR C 1102 56.02 -2.09 14.17
C THR C 1102 55.27 -1.19 13.20
N ALA C 1103 55.64 -1.17 11.93
CA ALA C 1103 55.13 -0.21 10.96
C ALA C 1103 54.16 -0.87 10.01
N VAL C 1104 53.00 -0.24 9.81
CA VAL C 1104 51.96 -0.76 8.94
C VAL C 1104 51.56 0.31 7.94
N CYS C 1105 51.64 -0.03 6.65
CA CYS C 1105 51.20 0.85 5.57
C CYS C 1105 49.90 0.30 4.98
N ALA C 1106 49.12 1.18 4.38
CA ALA C 1106 47.85 0.78 3.78
C ALA C 1106 47.54 1.66 2.58
N THR C 1107 47.01 1.05 1.53
CA THR C 1107 46.56 1.81 0.37
C THR C 1107 45.34 2.64 0.74
N ALA C 1108 45.37 3.92 0.41
CA ALA C 1108 44.38 4.87 0.90
C ALA C 1108 43.52 5.48 -0.19
N ALA C 1109 44.11 6.14 -1.17
CA ALA C 1109 43.35 6.96 -2.10
C ALA C 1109 43.65 6.57 -3.54
N LEU C 1110 42.69 6.90 -4.41
CA LEU C 1110 42.75 6.55 -5.82
C LEU C 1110 43.09 7.71 -6.74
N ARG C 1111 42.69 8.94 -6.35
CA ARG C 1111 42.82 10.19 -7.11
C ARG C 1111 42.48 10.02 -8.59
N CYS C 1112 43.22 10.64 -9.50
CA CYS C 1112 42.97 10.46 -10.92
C CYS C 1112 43.32 9.04 -11.36
N PRO C 1113 42.39 8.31 -12.00
CA PRO C 1113 42.71 7.00 -12.60
C PRO C 1113 43.40 7.19 -13.95
N LEU C 1114 44.58 6.59 -14.09
CA LEU C 1114 45.36 6.80 -15.31
C LEU C 1114 44.88 5.91 -16.46
N THR C 1115 44.07 4.90 -16.15
CA THR C 1115 43.70 3.88 -17.12
C THR C 1115 42.18 3.93 -17.33
N ASP C 1116 41.72 3.49 -18.52
CA ASP C 1116 40.42 3.87 -19.04
C ASP C 1116 39.44 2.70 -19.12
N MET C 1117 38.18 2.99 -18.78
CA MET C 1117 37.03 2.10 -18.94
C MET C 1117 36.26 2.35 -20.25
N GLY C 1118 36.95 2.27 -21.37
CA GLY C 1118 36.31 2.30 -22.67
C GLY C 1118 35.92 0.92 -23.14
N ASN C 1119 36.33 0.61 -24.37
CA ASN C 1119 36.05 -0.68 -25.01
C ASN C 1119 37.15 -0.96 -26.03
N THR C 1120 38.04 -1.90 -25.71
CA THR C 1120 39.04 -2.40 -26.65
C THR C 1120 39.09 -3.92 -26.52
N ALA C 1121 38.75 -4.62 -27.61
CA ALA C 1121 38.74 -6.07 -27.59
C ALA C 1121 40.15 -6.62 -27.77
N GLN C 1122 40.49 -7.66 -27.03
CA GLN C 1122 41.81 -8.28 -27.09
C GLN C 1122 41.88 -9.23 -28.28
N ASN C 1123 42.72 -8.91 -29.26
CA ASN C 1123 42.86 -9.75 -30.43
C ASN C 1123 43.83 -10.90 -30.15
N LEU C 1124 43.54 -12.05 -30.75
CA LEU C 1124 44.44 -13.20 -30.74
C LEU C 1124 45.29 -13.28 -31.99
N PHE C 1125 44.96 -12.50 -33.02
CA PHE C 1125 45.69 -12.52 -34.28
C PHE C 1125 47.11 -11.97 -34.15
N PHE C 1126 47.42 -11.29 -33.05
CA PHE C 1126 48.79 -10.96 -32.70
C PHE C 1126 49.64 -12.21 -32.44
N SER C 1127 49.07 -13.22 -31.77
CA SER C 1127 49.80 -14.38 -31.31
C SER C 1127 50.11 -15.32 -32.47
N ARG C 1128 51.30 -15.91 -32.44
CA ARG C 1128 51.71 -16.91 -33.41
C ARG C 1128 52.37 -18.07 -32.66
N GLY C 1129 52.11 -19.28 -33.13
CA GLY C 1129 52.58 -20.47 -32.45
C GLY C 1129 51.59 -21.61 -32.49
N GLY C 1130 50.32 -21.29 -32.67
CA GLY C 1130 49.32 -22.32 -32.87
C GLY C 1130 49.34 -22.86 -34.27
N VAL C 1131 48.55 -23.92 -34.49
CA VAL C 1131 48.49 -24.55 -35.80
C VAL C 1131 47.69 -23.66 -36.76
N PRO C 1132 48.22 -23.39 -37.96
CA PRO C 1132 47.44 -22.63 -38.94
C PRO C 1132 46.36 -23.49 -39.58
N MET C 1133 45.33 -22.81 -40.06
CA MET C 1133 44.31 -23.48 -40.86
C MET C 1133 44.71 -23.46 -42.33
N LEU C 1134 44.09 -24.36 -43.11
CA LEU C 1134 44.64 -24.77 -44.40
C LEU C 1134 44.64 -23.65 -45.42
N HIS C 1135 43.56 -22.89 -45.53
CA HIS C 1135 43.37 -21.95 -46.62
C HIS C 1135 43.79 -20.55 -46.20
N ASP C 1136 44.88 -20.05 -46.79
CA ASP C 1136 45.47 -18.78 -46.35
C ASP C 1136 44.58 -17.59 -46.66
N ASN C 1137 43.78 -17.67 -47.73
CA ASN C 1137 42.86 -16.59 -48.05
C ASN C 1137 41.77 -16.45 -47.00
N VAL C 1138 41.34 -17.58 -46.42
CA VAL C 1138 40.34 -17.54 -45.36
C VAL C 1138 40.93 -16.86 -44.11
N THR C 1139 42.19 -17.16 -43.80
CA THR C 1139 42.87 -16.52 -42.68
C THR C 1139 43.04 -15.02 -42.90
N GLU C 1140 43.41 -14.63 -44.13
CA GLU C 1140 43.55 -13.21 -44.45
C GLU C 1140 42.20 -12.50 -44.36
N SER C 1141 41.13 -13.13 -44.84
CA SER C 1141 39.79 -12.56 -44.73
C SER C 1141 39.36 -12.43 -43.27
N LEU C 1142 39.69 -13.43 -42.45
CA LEU C 1142 39.32 -13.38 -41.04
C LEU C 1142 40.08 -12.28 -40.31
N ARG C 1143 41.36 -12.10 -40.63
CA ARG C 1143 42.12 -11.00 -40.05
C ARG C 1143 41.60 -9.65 -40.53
N ARG C 1144 41.14 -9.59 -41.78
CA ARG C 1144 40.54 -8.35 -42.30
C ARG C 1144 39.24 -8.03 -41.57
N ILE C 1145 38.42 -9.05 -41.31
CA ILE C 1145 37.16 -8.83 -40.58
C ILE C 1145 37.45 -8.43 -39.13
N THR C 1146 38.42 -9.09 -38.50
CA THR C 1146 38.80 -8.74 -37.13
C THR C 1146 39.41 -7.35 -37.05
N ALA C 1147 40.04 -6.88 -38.15
CA ALA C 1147 40.54 -5.51 -38.19
C ALA C 1147 39.41 -4.50 -38.12
N SER C 1148 38.31 -4.77 -38.81
CA SER C 1148 37.13 -3.92 -38.71
C SER C 1148 36.44 -4.13 -37.37
N GLY C 1149 35.88 -3.04 -36.83
CA GLY C 1149 35.16 -3.12 -35.58
C GLY C 1149 36.02 -3.19 -34.34
N GLY C 1150 37.24 -2.63 -34.37
CA GLY C 1150 38.09 -2.61 -33.21
C GLY C 1150 38.89 -1.33 -33.15
N ARG C 1151 39.50 -1.11 -31.99
CA ARG C 1151 40.35 0.06 -31.78
C ARG C 1151 41.82 -0.25 -31.98
N LEU C 1152 42.28 -1.42 -31.54
CA LEU C 1152 43.64 -1.88 -31.78
C LEU C 1152 43.58 -3.11 -32.69
N ASN C 1153 44.40 -3.12 -33.73
CA ASN C 1153 44.37 -4.15 -34.75
C ASN C 1153 45.80 -4.39 -35.22
N PRO C 1154 46.09 -5.57 -35.77
CA PRO C 1154 47.41 -5.80 -36.36
C PRO C 1154 47.65 -4.92 -37.58
N THR C 1155 48.91 -4.57 -37.79
CA THR C 1155 49.28 -3.69 -38.88
C THR C 1155 49.10 -4.37 -40.22
N GLU C 1156 48.69 -3.59 -41.23
CA GLU C 1156 48.48 -4.14 -42.57
C GLU C 1156 49.72 -4.73 -43.25
N PRO C 1157 50.95 -4.19 -43.17
CA PRO C 1157 52.05 -4.85 -43.89
C PRO C 1157 52.54 -6.13 -43.22
N LEU C 1158 52.16 -6.38 -41.96
CA LEU C 1158 52.56 -7.53 -41.15
C LEU C 1158 54.07 -7.69 -41.10
N PRO C 1159 54.78 -6.84 -40.35
CA PRO C 1159 56.25 -6.92 -40.33
C PRO C 1159 56.74 -8.18 -39.63
N ILE C 1160 57.40 -9.04 -40.40
CA ILE C 1160 58.00 -10.25 -39.85
C ILE C 1160 59.27 -9.88 -39.07
N PHE C 1161 59.69 -10.81 -38.20
CA PHE C 1161 60.83 -10.66 -37.29
C PHE C 1161 60.65 -9.41 -36.41
N GLY C 1162 59.63 -9.47 -35.57
CA GLY C 1162 59.34 -8.36 -34.68
C GLY C 1162 58.23 -8.72 -33.73
N GLY C 1163 57.91 -7.76 -32.86
CA GLY C 1163 56.87 -7.96 -31.86
C GLY C 1163 55.46 -7.73 -32.33
N LEU C 1164 55.27 -7.29 -33.57
CA LEU C 1164 53.96 -6.96 -34.16
C LEU C 1164 53.21 -5.94 -33.32
N ARG C 1165 53.77 -4.73 -33.28
CA ARG C 1165 53.17 -3.64 -32.53
C ARG C 1165 51.84 -3.24 -33.18
N PRO C 1166 50.87 -2.80 -32.37
CA PRO C 1166 49.58 -2.40 -32.94
C PRO C 1166 49.68 -1.13 -33.77
N ALA C 1167 48.70 -0.96 -34.66
CA ALA C 1167 48.66 0.21 -35.52
C ALA C 1167 48.43 1.47 -34.70
N THR C 1168 49.12 2.55 -35.07
CA THR C 1168 49.07 3.76 -34.27
C THR C 1168 47.80 4.55 -34.53
N SER C 1169 47.57 5.54 -33.68
CA SER C 1169 46.51 6.52 -33.89
C SER C 1169 46.90 7.81 -33.16
N ALA C 1170 45.98 8.75 -33.09
CA ALA C 1170 46.19 9.94 -32.27
C ALA C 1170 45.77 9.65 -30.83
N GLY C 1171 45.59 10.71 -30.04
CA GLY C 1171 45.35 10.53 -28.62
C GLY C 1171 44.05 9.81 -28.32
N ILE C 1172 44.16 8.71 -27.56
CA ILE C 1172 42.99 8.07 -26.98
C ILE C 1172 42.37 9.03 -25.98
N ALA C 1173 41.04 9.23 -26.10
CA ALA C 1173 40.39 10.48 -25.70
C ALA C 1173 40.52 10.76 -24.21
N ARG C 1174 40.74 9.73 -23.39
CA ARG C 1174 40.80 9.97 -21.95
C ARG C 1174 41.83 9.12 -21.21
N GLY C 1175 42.76 8.49 -21.90
CA GLY C 1175 43.83 7.74 -21.27
C GLY C 1175 44.09 6.43 -21.96
N GLN C 1176 45.02 5.66 -21.37
CA GLN C 1176 45.41 4.38 -21.95
C GLN C 1176 44.29 3.35 -21.80
N ALA C 1177 43.96 2.72 -22.91
CA ALA C 1177 42.85 1.77 -22.96
C ALA C 1177 43.24 0.43 -22.34
N SER C 1178 42.23 -0.32 -21.91
CA SER C 1178 42.40 -1.63 -21.32
C SER C 1178 41.82 -2.70 -22.23
N VAL C 1179 42.50 -3.83 -22.31
CA VAL C 1179 42.09 -4.92 -23.21
C VAL C 1179 40.85 -5.61 -22.65
N CYS C 1180 40.18 -6.37 -23.51
CA CYS C 1180 39.02 -7.17 -23.14
C CYS C 1180 39.15 -8.54 -23.78
N GLU C 1181 39.52 -9.54 -22.98
CA GLU C 1181 39.69 -10.91 -23.45
C GLU C 1181 38.47 -11.74 -23.09
N PHE C 1182 38.05 -12.60 -24.01
CA PHE C 1182 36.77 -13.30 -23.92
C PHE C 1182 36.98 -14.73 -23.44
N VAL C 1183 36.10 -15.19 -22.55
CA VAL C 1183 36.05 -16.58 -22.10
C VAL C 1183 34.63 -17.09 -22.28
N ALA C 1184 34.48 -18.22 -22.96
CA ALA C 1184 33.18 -18.73 -23.34
C ALA C 1184 32.60 -19.68 -22.28
N MET C 1185 31.30 -19.51 -22.02
CA MET C 1185 30.56 -20.38 -21.11
C MET C 1185 29.29 -20.83 -21.80
N PRO C 1186 28.64 -21.89 -21.31
CA PRO C 1186 27.28 -22.19 -21.75
C PRO C 1186 26.31 -21.10 -21.30
N VAL C 1187 25.22 -20.95 -22.06
CA VAL C 1187 24.21 -19.94 -21.73
C VAL C 1187 23.48 -20.29 -20.45
N SER C 1188 23.51 -21.57 -20.05
CA SER C 1188 22.96 -21.99 -18.77
C SER C 1188 24.08 -21.89 -17.74
N THR C 1189 24.15 -20.73 -17.08
CA THR C 1189 25.19 -20.43 -16.11
C THR C 1189 24.54 -19.70 -14.95
N ASP C 1190 24.97 -20.01 -13.72
CA ASP C 1190 24.41 -19.37 -12.54
C ASP C 1190 24.78 -17.89 -12.48
N LEU C 1191 23.77 -17.02 -12.58
CA LEU C 1191 24.03 -15.59 -12.65
C LEU C 1191 24.42 -15.01 -11.30
N GLN C 1192 23.88 -15.54 -10.20
CA GLN C 1192 24.20 -15.00 -8.88
C GLN C 1192 25.63 -15.32 -8.45
N TYR C 1193 26.29 -16.25 -9.14
CA TYR C 1193 27.71 -16.50 -8.91
C TYR C 1193 28.55 -15.28 -9.26
N PHE C 1194 28.26 -14.65 -10.40
CA PHE C 1194 28.99 -13.46 -10.82
C PHE C 1194 28.63 -12.21 -10.03
N ARG C 1195 27.51 -12.23 -9.29
CA ARG C 1195 27.10 -11.07 -8.52
C ARG C 1195 27.96 -10.86 -7.28
N THR C 1196 28.77 -11.84 -6.89
CA THR C 1196 29.66 -11.69 -5.75
C THR C 1196 31.11 -11.71 -6.20
N ALA C 1197 32.04 -11.67 -5.25
CA ALA C 1197 33.47 -11.75 -5.55
C ALA C 1197 33.77 -13.15 -6.05
N CYS C 1198 33.83 -13.32 -7.36
CA CYS C 1198 33.90 -14.62 -7.99
C CYS C 1198 35.23 -14.78 -8.72
N ASN C 1199 35.54 -16.04 -9.05
CA ASN C 1199 36.74 -16.44 -9.74
C ASN C 1199 36.53 -16.38 -11.25
N PRO C 1200 37.50 -15.84 -12.01
CA PRO C 1200 37.34 -15.78 -13.47
C PRO C 1200 37.26 -17.14 -14.14
N ARG C 1201 37.96 -18.14 -13.60
CA ARG C 1201 37.89 -19.49 -14.15
C ARG C 1201 36.50 -20.10 -13.97
N GLY C 1202 35.88 -19.85 -12.83
CA GLY C 1202 34.63 -20.49 -12.47
C GLY C 1202 34.72 -21.37 -11.24
N ARG C 1203 35.90 -21.52 -10.66
CA ARG C 1203 36.08 -22.27 -9.42
C ARG C 1203 37.31 -21.76 -8.71
N ALA C 1204 37.15 -21.33 -7.46
CA ALA C 1204 38.29 -20.90 -6.67
C ALA C 1204 39.07 -22.12 -6.18
N SER C 1205 40.39 -21.96 -6.06
CA SER C 1205 41.27 -23.06 -5.67
C SER C 1205 42.59 -22.48 -5.20
N GLU C 1325 40.70 -13.88 -7.77
CA GLU C 1325 39.37 -13.29 -7.80
C GLU C 1325 39.44 -11.97 -8.54
N ALA C 1326 38.57 -11.80 -9.52
CA ALA C 1326 38.40 -10.54 -10.23
C ALA C 1326 37.11 -9.90 -9.72
N TYR C 1327 37.18 -8.63 -9.39
CA TYR C 1327 36.02 -7.93 -8.88
C TYR C 1327 35.10 -7.54 -10.03
N PRO C 1328 33.83 -7.94 -10.00
CA PRO C 1328 32.89 -7.50 -11.03
C PRO C 1328 32.36 -6.11 -10.73
N PRO C 1329 32.29 -5.25 -11.73
CA PRO C 1329 31.77 -3.90 -11.52
C PRO C 1329 30.24 -3.86 -11.70
N LEU C 1330 29.70 -2.66 -11.54
CA LEU C 1330 28.27 -2.44 -11.78
C LEU C 1330 27.99 -2.62 -13.26
N CYS C 1331 26.97 -3.41 -13.57
CA CYS C 1331 26.69 -3.72 -14.96
C CYS C 1331 25.22 -4.10 -15.13
N SER C 1332 24.75 -3.93 -16.36
CA SER C 1332 23.41 -4.34 -16.77
C SER C 1332 23.48 -4.81 -18.21
N SER C 1333 22.55 -5.69 -18.59
CA SER C 1333 22.49 -6.17 -19.96
C SER C 1333 21.37 -5.50 -20.76
N ASP C 1334 20.75 -4.47 -20.20
CA ASP C 1334 19.79 -3.65 -20.93
C ASP C 1334 20.15 -2.19 -20.69
N ALA C 1335 19.88 -1.36 -21.69
CA ALA C 1335 20.16 0.07 -21.55
C ALA C 1335 19.21 0.72 -20.55
N ALA C 1336 17.99 0.19 -20.44
CA ALA C 1336 17.02 0.73 -19.50
C ALA C 1336 17.45 0.48 -18.05
N MET C 1337 17.86 -0.75 -17.76
CA MET C 1337 18.21 -1.12 -16.39
C MET C 1337 19.48 -0.43 -15.94
N LEU C 1338 20.41 -0.19 -16.86
CA LEU C 1338 21.63 0.54 -16.53
C LEU C 1338 21.33 1.99 -16.19
N ARG C 1339 20.42 2.62 -16.92
CA ARG C 1339 20.11 4.01 -16.65
C ARG C 1339 19.25 4.16 -15.40
N THR C 1340 18.43 3.15 -15.10
CA THR C 1340 17.71 3.15 -13.83
C THR C 1340 18.56 2.62 -12.69
N ALA C 1341 19.79 2.17 -12.96
CA ALA C 1341 20.67 1.68 -11.91
C ALA C 1341 21.36 2.79 -11.14
N HIS C 1342 20.97 4.06 -11.36
CA HIS C 1342 21.45 5.15 -10.52
C HIS C 1342 20.57 5.33 -9.28
N ALA C 1343 19.80 4.29 -8.92
CA ALA C 1343 18.82 4.32 -7.84
C ALA C 1343 17.78 5.43 -8.06
N GLY C 1344 16.99 5.30 -9.13
CA GLY C 1344 15.98 6.29 -9.48
C GLY C 1344 14.92 6.46 -8.42
N GLU C 1345 14.02 5.49 -8.28
CA GLU C 1345 13.13 5.43 -7.13
C GLU C 1345 13.76 4.58 -6.03
N THR C 1346 15.03 4.90 -5.74
CA THR C 1346 16.00 3.97 -5.18
C THR C 1346 15.90 2.61 -5.88
N GLY C 1347 15.86 2.66 -7.21
CA GLY C 1347 15.43 1.52 -8.00
C GLY C 1347 16.52 0.50 -8.26
N ALA C 1348 16.48 -0.61 -7.53
CA ALA C 1348 17.39 -1.71 -7.73
C ALA C 1348 16.67 -2.80 -8.51
N ASP C 1349 16.68 -2.68 -9.84
CA ASP C 1349 16.10 -3.70 -10.71
C ASP C 1349 17.15 -4.78 -10.92
N GLU C 1350 16.75 -6.02 -10.71
CA GLU C 1350 17.66 -7.16 -10.77
C GLU C 1350 17.56 -7.92 -12.09
N VAL C 1351 16.35 -8.37 -12.44
CA VAL C 1351 16.08 -8.97 -13.73
C VAL C 1351 14.67 -8.56 -14.14
N HIS C 1352 14.50 -8.20 -15.42
CA HIS C 1352 13.16 -7.92 -15.91
C HIS C 1352 12.53 -9.15 -16.58
N LEU C 1353 13.07 -9.59 -17.70
CA LEU C 1353 12.65 -10.88 -18.24
C LEU C 1353 13.83 -11.83 -18.41
N ALA C 1354 14.83 -11.45 -19.21
CA ALA C 1354 16.01 -12.28 -19.40
C ALA C 1354 17.30 -11.50 -19.30
N GLN C 1355 17.32 -10.21 -19.63
CA GLN C 1355 18.47 -9.37 -19.39
C GLN C 1355 18.60 -9.12 -17.88
N TYR C 1356 19.82 -8.85 -17.44
CA TYR C 1356 20.13 -8.90 -16.02
C TYR C 1356 20.90 -7.66 -15.62
N LEU C 1357 20.89 -7.38 -14.32
CA LEU C 1357 21.72 -6.32 -13.74
C LEU C 1357 22.50 -6.95 -12.59
N ILE C 1358 23.77 -6.60 -12.48
CA ILE C 1358 24.61 -7.03 -11.37
C ILE C 1358 25.08 -5.80 -10.60
N ARG C 1359 24.81 -5.77 -9.31
CA ARG C 1359 25.23 -4.65 -8.48
C ARG C 1359 26.75 -4.66 -8.31
N ASP C 1360 27.29 -3.50 -7.96
CA ASP C 1360 28.74 -3.29 -7.99
C ASP C 1360 29.40 -4.06 -6.85
N ALA C 1361 30.16 -5.09 -7.18
CA ALA C 1361 30.93 -5.85 -6.22
C ALA C 1361 32.41 -5.46 -6.22
N SER C 1362 32.79 -4.49 -7.03
CA SER C 1362 34.16 -3.99 -7.03
C SER C 1362 34.40 -3.16 -5.77
N PRO C 1363 35.67 -2.92 -5.42
CA PRO C 1363 35.96 -1.98 -4.31
C PRO C 1363 35.58 -0.53 -4.62
N LEU C 1364 35.15 -0.22 -5.84
CA LEU C 1364 34.87 1.15 -6.23
C LEU C 1364 33.37 1.42 -6.12
N ARG C 1365 32.86 1.18 -4.91
CA ARG C 1365 31.42 1.19 -4.68
C ARG C 1365 30.89 2.62 -4.56
N GLY C 1366 31.58 3.46 -3.78
CA GLY C 1366 31.15 4.84 -3.61
C GLY C 1366 31.97 5.83 -4.41
N CYS C 1367 32.80 5.34 -5.31
CA CYS C 1367 33.69 6.17 -6.12
C CYS C 1367 33.13 6.30 -7.53
N LEU C 1368 33.90 7.01 -8.37
CA LEU C 1368 33.65 7.20 -9.80
C LEU C 1368 32.26 7.75 -10.07
N PRO C 1369 32.03 9.05 -9.84
CA PRO C 1369 30.67 9.61 -9.94
C PRO C 1369 30.07 9.46 -11.33
N LEU C 1370 28.76 9.21 -11.35
CA LEU C 1370 28.05 8.82 -12.56
C LEU C 1370 27.83 10.01 -13.49
N ILE D 1 71.67 -14.15 50.54
CA ILE D 1 72.32 -13.06 49.82
C ILE D 1 71.81 -11.71 50.30
N PRO D 2 72.63 -10.95 51.02
CA PRO D 2 72.27 -9.56 51.35
C PRO D 2 72.37 -8.69 50.12
N ALA D 3 71.25 -8.06 49.74
CA ALA D 3 71.15 -7.34 48.48
C ALA D 3 72.09 -6.15 48.44
N GLY D 4 71.87 -5.17 49.31
CA GLY D 4 72.73 -3.99 49.32
C GLY D 4 72.52 -3.07 48.13
N ILE D 5 71.43 -3.25 47.40
CA ILE D 5 71.09 -2.45 46.22
C ILE D 5 69.62 -2.10 46.34
N ILE D 6 69.19 -1.10 45.55
CA ILE D 6 67.79 -0.70 45.53
C ILE D 6 66.93 -1.85 45.01
N PRO D 7 65.72 -2.06 45.50
CA PRO D 7 64.88 -3.15 44.98
C PRO D 7 64.35 -2.85 43.59
N THR D 8 65.26 -2.84 42.60
CA THR D 8 64.98 -2.60 41.19
C THR D 8 64.22 -1.28 40.96
N GLY D 9 62.90 -1.35 40.90
CA GLY D 9 62.13 -0.20 40.48
C GLY D 9 62.26 0.06 39.00
N ASN D 10 61.63 -0.80 38.18
CA ASN D 10 61.60 -0.70 36.72
C ASN D 10 63.01 -0.80 36.13
N VAL D 11 63.55 -2.02 36.19
CA VAL D 11 64.84 -2.39 35.61
C VAL D 11 64.91 -1.97 34.15
N LEU D 12 65.86 -1.10 33.83
CA LEU D 12 66.19 -0.74 32.45
C LEU D 12 67.50 -1.42 32.10
N SER D 13 67.40 -2.53 31.38
CA SER D 13 68.59 -3.29 30.98
C SER D 13 69.40 -2.51 29.95
N THR D 14 70.68 -2.86 29.85
CA THR D 14 71.61 -2.14 29.00
C THR D 14 71.67 -2.76 27.62
N ILE D 15 71.80 -1.92 26.60
CA ILE D 15 72.04 -2.40 25.24
C ILE D 15 73.55 -2.47 25.04
N GLU D 16 74.04 -3.67 24.71
CA GLU D 16 75.45 -3.88 24.42
C GLU D 16 75.59 -4.21 22.94
N VAL D 17 76.56 -3.60 22.29
CA VAL D 17 76.88 -3.91 20.90
C VAL D 17 78.18 -4.70 20.86
N CYS D 18 78.19 -5.75 20.04
CA CYS D 18 79.35 -6.63 19.91
C CYS D 18 80.04 -6.34 18.59
N ILE D 19 81.30 -5.90 18.68
CA ILE D 19 82.09 -5.53 17.52
C ILE D 19 83.05 -6.68 17.22
N PHE D 20 83.00 -7.17 15.98
CA PHE D 20 83.76 -8.36 15.60
C PHE D 20 85.12 -7.96 15.01
N PHE D 21 86.18 -8.35 15.70
CA PHE D 21 87.55 -8.23 15.19
C PHE D 21 88.40 -9.39 15.64
N ARG D 57 51.68 -1.32 38.87
CA ARG D 57 51.24 -1.33 40.25
C ARG D 57 49.72 -1.39 40.26
N PHE D 58 49.17 -2.20 41.15
CA PHE D 58 47.73 -2.38 41.23
C PHE D 58 47.02 -1.10 41.64
N LEU D 59 47.67 -0.28 42.47
CA LEU D 59 47.07 0.97 42.92
C LEU D 59 46.96 1.98 41.78
N GLU D 60 47.99 2.11 40.95
CA GLU D 60 47.95 3.12 39.91
C GLU D 60 47.03 2.70 38.76
N LEU D 61 46.67 1.43 38.69
CA LEU D 61 45.65 1.00 37.75
C LEU D 61 44.30 1.61 38.11
N GLY D 62 43.50 1.89 37.08
CA GLY D 62 42.20 2.49 37.29
C GLY D 62 41.20 1.61 37.99
N LEU D 63 41.43 0.29 37.96
CA LEU D 63 40.57 -0.65 38.67
C LEU D 63 40.74 -0.60 40.18
N SER D 64 41.78 0.08 40.68
CA SER D 64 42.06 0.09 42.11
C SER D 64 41.02 0.86 42.90
N VAL D 65 40.22 1.70 42.24
CA VAL D 65 39.24 2.51 42.96
C VAL D 65 38.09 1.66 43.46
N ALA D 66 37.89 0.47 42.91
CA ALA D 66 36.80 -0.41 43.33
C ALA D 66 37.15 -1.24 44.56
N CYS D 67 38.36 -1.11 45.09
CA CYS D 67 38.73 -1.85 46.29
C CYS D 67 39.27 -0.88 47.33
N ILE D 68 39.13 -1.26 48.59
CA ILE D 68 39.70 -0.51 49.70
C ILE D 68 40.77 -1.41 50.31
N CYS D 69 42.01 -1.24 49.85
CA CYS D 69 43.11 -2.08 50.31
C CYS D 69 43.50 -1.69 51.73
N THR D 70 43.73 -2.68 52.58
CA THR D 70 44.17 -2.44 53.94
C THR D 70 45.03 -3.60 54.42
N LYS D 71 45.99 -3.29 55.28
CA LYS D 71 46.95 -4.26 55.76
C LYS D 71 46.37 -5.08 56.91
N PHE D 72 46.81 -6.32 57.01
CA PHE D 72 46.37 -7.23 58.06
C PHE D 72 47.43 -8.32 58.23
N PRO D 73 48.43 -8.07 59.08
CA PRO D 73 49.52 -9.05 59.24
C PRO D 73 49.08 -10.38 59.84
N GLU D 74 48.11 -10.35 60.74
CA GLU D 74 47.67 -11.57 61.42
C GLU D 74 46.48 -12.22 60.70
N LEU D 75 46.64 -12.48 59.41
CA LEU D 75 45.56 -13.09 58.63
C LEU D 75 45.81 -14.58 58.40
N ALA D 76 47.07 -15.02 58.40
CA ALA D 76 47.39 -16.43 58.20
C ALA D 76 46.89 -17.31 59.34
N TYR D 77 46.69 -16.75 60.52
CA TYR D 77 46.15 -17.49 61.66
C TYR D 77 44.64 -17.39 61.77
N VAL D 78 43.98 -16.76 60.81
CA VAL D 78 42.52 -16.62 60.85
C VAL D 78 41.90 -17.95 60.45
N ARG D 79 41.03 -18.46 61.30
CA ARG D 79 40.39 -19.78 61.18
C ARG D 79 39.31 -19.81 60.11
N ASP D 80 38.09 -17.34 61.85
CA ASP D 80 37.07 -16.84 60.93
C ASP D 80 36.63 -15.45 61.38
N GLY D 81 36.14 -14.64 60.45
CA GLY D 81 35.79 -13.25 60.73
C GLY D 81 34.38 -12.91 60.30
N VAL D 82 33.76 -11.99 61.04
CA VAL D 82 32.49 -11.39 60.65
C VAL D 82 32.63 -9.88 60.81
N ILE D 83 31.83 -9.16 60.03
CA ILE D 83 31.64 -7.73 60.22
C ILE D 83 30.15 -7.46 60.21
N GLN D 84 29.77 -6.33 60.79
CA GLN D 84 28.37 -5.98 60.95
C GLN D 84 28.11 -4.58 60.42
N PHE D 85 26.86 -4.32 60.06
CA PHE D 85 26.42 -3.01 59.62
C PHE D 85 25.03 -2.75 60.16
N GLU D 86 24.78 -1.51 60.57
CA GLU D 86 23.54 -1.13 61.24
C GLU D 86 22.91 0.07 60.53
N VAL D 87 22.76 -0.04 59.21
CA VAL D 87 22.02 0.99 58.49
C VAL D 87 20.55 0.88 58.84
N GLN D 88 19.92 2.02 59.11
CA GLN D 88 18.56 2.08 59.62
C GLN D 88 17.61 2.51 58.51
N GLN D 89 16.31 2.39 58.78
CA GLN D 89 15.30 2.81 57.83
C GLN D 89 15.09 4.31 57.94
N PRO D 90 15.31 5.09 56.88
CA PRO D 90 14.98 6.51 56.94
C PRO D 90 13.48 6.73 56.84
N MET D 91 12.99 7.67 57.62
CA MET D 91 11.55 7.94 57.68
C MET D 91 11.27 9.38 57.31
N ILE D 92 10.07 9.61 56.77
CA ILE D 92 9.58 10.95 56.56
C ILE D 92 8.84 11.40 57.81
N ALA D 93 8.66 12.70 57.99
CA ALA D 93 7.89 13.22 59.10
C ALA D 93 6.64 13.92 58.57
N ARG D 94 5.59 13.14 58.40
CA ARG D 94 4.32 13.65 57.93
C ARG D 94 3.66 14.46 59.05
N ASP D 95 2.79 15.40 58.67
CA ASP D 95 2.36 16.45 59.59
C ASP D 95 1.44 15.94 60.70
N GLY D 96 0.51 15.03 60.37
CA GLY D 96 -0.51 14.64 61.30
C GLY D 96 -0.02 13.76 62.44
N PRO D 97 -0.49 14.04 63.65
CA PRO D 97 -0.10 13.20 64.79
C PRO D 97 -0.72 11.82 64.75
N HIS D 98 -0.11 10.93 63.97
CA HIS D 98 -0.56 9.55 63.80
C HIS D 98 0.38 8.65 64.58
N PRO D 99 -0.05 8.11 65.72
CA PRO D 99 0.86 7.30 66.55
C PRO D 99 1.00 5.87 66.06
N VAL D 100 1.44 5.69 64.83
CA VAL D 100 1.65 4.35 64.26
C VAL D 100 3.06 4.27 63.68
N ASP D 101 3.85 5.31 63.90
CA ASP D 101 5.20 5.36 63.34
C ASP D 101 6.22 4.87 64.36
N GLN D 102 7.00 3.86 63.96
CA GLN D 102 8.10 3.36 64.77
C GLN D 102 9.32 3.16 63.88
N PRO D 103 10.52 3.36 64.42
CA PRO D 103 11.73 3.07 63.64
C PRO D 103 12.03 1.59 63.61
N VAL D 104 12.87 1.20 62.65
CA VAL D 104 13.37 -0.16 62.53
C VAL D 104 14.81 -0.10 62.05
N HIS D 105 15.66 -0.98 62.56
CA HIS D 105 17.06 -1.04 62.20
C HIS D 105 17.37 -2.37 61.53
N ASN D 106 18.27 -2.34 60.56
CA ASN D 106 18.69 -3.55 59.87
C ASN D 106 20.05 -4.00 60.38
N TYR D 107 20.20 -5.31 60.52
CA TYR D 107 21.43 -5.91 61.04
C TYR D 107 21.88 -7.00 60.07
N MET D 108 22.64 -6.61 59.05
CA MET D 108 23.24 -7.56 58.12
C MET D 108 24.71 -7.77 58.47
N VAL D 109 25.20 -8.97 58.19
CA VAL D 109 26.58 -9.36 58.48
C VAL D 109 27.16 -10.03 57.25
N LYS D 110 28.48 -9.88 57.07
CA LYS D 110 29.15 -10.28 55.84
C LYS D 110 30.18 -11.37 56.11
N ARG D 111 30.33 -12.29 55.15
CA ARG D 111 31.35 -13.32 55.21
C ARG D 111 32.70 -12.76 54.77
N ILE D 112 33.75 -13.22 55.44
CA ILE D 112 35.10 -12.69 55.25
C ILE D 112 35.77 -13.37 54.06
N HIS D 113 35.38 -14.62 53.79
CA HIS D 113 35.93 -15.49 52.75
C HIS D 113 37.44 -15.71 52.91
N LYS D 114 38.06 -16.43 51.99
CA LYS D 114 39.48 -16.78 52.14
C LYS D 114 40.14 -17.11 50.81
N ARG D 115 41.13 -16.32 50.42
CA ARG D 115 41.91 -16.51 49.20
C ARG D 115 43.39 -16.48 49.53
N SER D 116 44.21 -16.76 48.52
CA SER D 116 45.66 -16.69 48.67
C SER D 116 46.29 -16.54 47.28
N LEU D 117 47.61 -16.39 47.27
CA LEU D 117 48.36 -16.27 46.02
C LEU D 117 49.65 -17.06 46.17
N SER D 118 50.01 -17.83 45.14
CA SER D 118 51.20 -18.66 45.17
C SER D 118 51.96 -18.53 43.86
N ALA D 119 53.28 -18.70 43.95
CA ALA D 119 54.13 -18.62 42.77
C ALA D 119 55.38 -19.44 43.00
N ALA D 120 56.07 -19.78 41.90
CA ALA D 120 57.26 -20.61 41.94
C ALA D 120 58.50 -19.76 41.66
N PHE D 121 59.66 -20.30 42.07
CA PHE D 121 60.92 -19.58 41.95
C PHE D 121 62.05 -20.61 42.01
N ALA D 122 62.84 -20.71 40.94
CA ALA D 122 63.88 -21.71 40.84
C ALA D 122 65.27 -21.09 40.97
N ILE D 123 66.13 -21.76 41.74
CA ILE D 123 67.50 -21.31 41.99
C ILE D 123 68.43 -22.46 41.61
N ALA D 124 69.47 -22.15 40.83
CA ALA D 124 70.35 -23.18 40.29
C ALA D 124 71.40 -23.61 41.31
N SER D 125 72.08 -24.72 40.98
CA SER D 125 73.13 -25.24 41.86
C SER D 125 74.36 -24.34 41.85
N GLU D 126 74.75 -23.85 40.67
CA GLU D 126 75.79 -22.85 40.58
C GLU D 126 75.37 -21.57 41.29
N ALA D 127 74.09 -21.22 41.17
CA ALA D 127 73.55 -20.05 41.84
C ALA D 127 73.65 -20.18 43.35
N LEU D 128 73.28 -21.34 43.90
CA LEU D 128 73.35 -21.51 45.35
C LEU D 128 74.80 -21.63 45.81
N SER D 129 75.68 -22.17 44.96
CA SER D 129 77.09 -22.31 45.32
C SER D 129 77.76 -20.94 45.43
N LEU D 130 77.60 -20.09 44.41
CA LEU D 130 78.17 -18.75 44.49
C LEU D 130 77.39 -17.86 45.44
N LEU D 131 76.12 -18.22 45.69
CA LEU D 131 75.29 -17.59 46.71
C LEU D 131 75.88 -17.76 48.10
N SER D 132 76.34 -18.96 48.42
CA SER D 132 76.75 -19.27 49.80
C SER D 132 77.99 -18.49 50.22
N ASN D 133 78.88 -18.15 49.28
CA ASN D 133 80.09 -17.42 49.64
C ASN D 133 79.81 -15.94 49.83
N THR D 134 78.76 -15.42 49.20
CA THR D 134 78.43 -14.01 49.34
C THR D 134 77.80 -13.70 50.70
N TYR D 135 77.31 -14.72 51.40
CA TYR D 135 76.87 -14.52 52.79
C TYR D 135 78.04 -14.25 53.71
N VAL D 136 79.24 -14.70 53.33
CA VAL D 136 80.48 -14.46 54.08
C VAL D 136 81.40 -13.63 53.21
N ALA D 137 80.83 -12.68 52.47
CA ALA D 137 81.58 -11.86 51.52
C ALA D 137 82.68 -11.06 52.22
N ALA D 138 83.88 -11.12 51.65
CA ALA D 138 85.10 -10.62 52.26
C ALA D 138 86.03 -10.18 51.14
N THR D 139 87.33 -10.11 51.43
CA THR D 139 88.32 -9.91 50.38
C THR D 139 88.30 -11.06 49.37
N GLU D 140 87.96 -12.26 49.82
CA GLU D 140 87.72 -13.38 48.92
C GLU D 140 86.30 -13.26 48.35
N ILE D 141 85.92 -14.21 47.49
CA ILE D 141 84.66 -14.25 46.72
C ILE D 141 84.56 -13.01 45.84
N ASP D 142 84.86 -13.18 44.55
CA ASP D 142 85.04 -12.09 43.60
C ASP D 142 83.78 -11.23 43.45
N SER D 143 83.98 -9.91 43.53
CA SER D 143 82.85 -8.99 43.61
C SER D 143 82.09 -8.90 42.30
N SER D 144 82.79 -9.05 41.17
CA SER D 144 82.13 -8.96 39.87
C SER D 144 81.14 -10.09 39.66
N LEU D 145 81.57 -11.33 39.90
CA LEU D 145 80.66 -12.46 39.79
C LEU D 145 79.59 -12.42 40.89
N ARG D 146 79.95 -11.91 42.07
CA ARG D 146 78.98 -11.79 43.16
C ARG D 146 77.85 -10.84 42.78
N ILE D 147 78.19 -9.66 42.23
CA ILE D 147 77.14 -8.71 41.87
C ILE D 147 76.40 -9.17 40.62
N ARG D 148 77.05 -9.92 39.73
CA ARG D 148 76.36 -10.48 38.58
C ARG D 148 75.28 -11.47 39.01
N ALA D 149 75.65 -12.39 39.92
CA ALA D 149 74.71 -13.37 40.43
C ALA D 149 73.58 -12.70 41.20
N ILE D 150 73.92 -11.73 42.07
CA ILE D 150 72.89 -11.09 42.87
C ILE D 150 72.00 -10.21 42.01
N GLN D 151 72.53 -9.69 40.90
CA GLN D 151 71.73 -8.86 40.01
C GLN D 151 70.72 -9.71 39.26
N GLN D 152 71.18 -10.86 38.73
CA GLN D 152 70.27 -11.76 38.04
C GLN D 152 69.20 -12.31 38.97
N MET D 153 69.59 -12.69 40.20
CA MET D 153 68.62 -13.27 41.12
C MET D 153 67.65 -12.22 41.66
N ALA D 154 68.12 -10.99 41.88
CA ALA D 154 67.23 -9.91 42.28
C ALA D 154 66.26 -9.55 41.17
N ARG D 155 66.72 -9.59 39.92
CA ARG D 155 65.84 -9.36 38.78
C ARG D 155 64.73 -10.41 38.73
N ASN D 156 65.10 -11.69 38.85
CA ASN D 156 64.10 -12.75 38.81
C ASN D 156 63.15 -12.69 40.00
N LEU D 157 63.67 -12.35 41.18
CA LEU D 157 62.84 -12.21 42.36
C LEU D 157 61.85 -11.06 42.21
N ARG D 158 62.27 -9.98 41.55
CA ARG D 158 61.33 -8.88 41.36
C ARG D 158 60.31 -9.20 40.29
N THR D 159 60.65 -10.01 39.29
CA THR D 159 59.64 -10.50 38.35
C THR D 159 58.57 -11.31 39.08
N VAL D 160 58.99 -12.27 39.90
CA VAL D 160 58.01 -13.12 40.55
C VAL D 160 57.25 -12.35 41.65
N SER D 161 57.87 -11.32 42.23
CA SER D 161 57.15 -10.51 43.20
C SER D 161 56.13 -9.60 42.54
N ASP D 162 56.46 -9.06 41.35
CA ASP D 162 55.52 -8.25 40.61
C ASP D 162 54.38 -9.08 40.04
N SER D 163 54.60 -10.39 39.84
CA SER D 163 53.56 -11.25 39.30
C SER D 163 52.37 -11.37 40.25
N PHE D 164 52.62 -11.28 41.57
CA PHE D 164 51.53 -11.33 42.55
C PHE D 164 50.57 -10.16 42.38
N GLU D 165 51.13 -8.94 42.33
CA GLU D 165 50.32 -7.77 42.12
C GLU D 165 49.69 -7.77 40.73
N ARG D 166 50.37 -8.38 39.76
CA ARG D 166 49.78 -8.56 38.44
C ARG D 166 48.53 -9.43 38.49
N GLY D 167 48.56 -10.50 39.27
CA GLY D 167 47.43 -11.42 39.35
C GLY D 167 46.31 -10.95 40.26
N THR D 168 46.62 -9.99 41.14
CA THR D 168 45.62 -9.44 42.04
C THR D 168 44.47 -8.79 41.27
N ALA D 169 44.81 -8.04 40.22
CA ALA D 169 43.80 -7.40 39.41
C ALA D 169 42.93 -8.42 38.68
N ASP D 170 43.56 -9.50 38.20
CA ASP D 170 42.80 -10.58 37.57
C ASP D 170 41.81 -11.21 38.55
N GLN D 171 42.25 -11.48 39.77
CA GLN D 171 41.38 -12.04 40.79
C GLN D 171 40.20 -11.13 41.10
N LEU D 172 40.47 -9.84 41.28
CA LEU D 172 39.42 -8.92 41.70
C LEU D 172 38.43 -8.69 40.56
N LEU D 173 38.94 -8.59 39.33
CA LEU D 173 38.04 -8.46 38.19
C LEU D 173 37.19 -9.71 38.01
N GLY D 174 37.78 -10.89 38.26
CA GLY D 174 37.00 -12.11 38.18
C GLY D 174 35.85 -12.14 39.18
N VAL D 175 36.14 -11.80 40.44
CA VAL D 175 35.08 -11.83 41.45
C VAL D 175 34.05 -10.74 41.18
N LEU D 176 34.47 -9.65 40.50
CA LEU D 176 33.49 -8.67 40.03
C LEU D 176 32.58 -9.25 38.96
N LEU D 177 33.12 -10.13 38.10
CA LEU D 177 32.24 -10.83 37.16
C LEU D 177 31.25 -11.77 37.85
N GLU D 178 31.69 -12.59 38.80
CA GLU D 178 30.64 -13.39 39.43
C GLU D 178 29.88 -12.65 40.52
N LYS D 179 30.08 -11.35 40.69
CA LYS D 179 29.24 -10.55 41.58
C LYS D 179 28.39 -9.57 40.78
N ALA D 180 27.84 -10.03 39.65
CA ALA D 180 27.11 -9.08 38.81
C ALA D 180 25.96 -9.72 38.05
N PRO D 181 24.74 -9.20 38.20
CA PRO D 181 23.62 -9.62 37.35
C PRO D 181 23.55 -8.78 36.09
N PRO D 182 22.87 -9.27 35.04
CA PRO D 182 22.80 -8.50 33.80
C PRO D 182 21.92 -7.26 33.91
N LEU D 183 22.21 -6.29 33.05
CA LEU D 183 21.38 -5.09 32.95
C LEU D 183 20.00 -5.42 32.42
N SER D 184 19.93 -6.26 31.39
CA SER D 184 18.65 -6.58 30.75
C SER D 184 17.73 -7.38 31.66
N LEU D 185 18.24 -7.92 32.76
CA LEU D 185 17.44 -8.54 33.80
C LEU D 185 17.10 -7.57 34.92
N LEU D 186 18.05 -6.75 35.36
CA LEU D 186 17.87 -5.96 36.57
C LEU D 186 17.13 -4.65 36.29
N SER D 187 17.29 -4.08 35.10
CA SER D 187 16.65 -2.79 34.83
C SER D 187 15.12 -2.84 34.82
N PRO D 188 14.44 -3.80 34.18
CA PRO D 188 12.97 -3.85 34.33
C PRO D 188 12.52 -4.12 35.76
N ILE D 189 13.24 -4.93 36.53
CA ILE D 189 12.80 -5.19 37.91
C ILE D 189 13.14 -3.99 38.80
N ASN D 190 14.18 -3.22 38.43
CA ASN D 190 14.44 -1.97 39.14
C ASN D 190 13.35 -0.94 38.89
N LYS D 191 12.94 -0.78 37.63
CA LYS D 191 11.99 0.28 37.32
C LYS D 191 10.53 -0.15 37.54
N PHE D 192 10.11 -1.23 36.88
CA PHE D 192 8.69 -1.58 36.84
C PHE D 192 8.34 -2.37 38.10
N GLN D 193 8.33 -1.66 39.23
CA GLN D 193 7.84 -2.16 40.51
C GLN D 193 7.52 -0.98 41.43
N PRO D 194 6.26 -0.53 41.47
CA PRO D 194 5.95 0.65 42.30
C PRO D 194 6.07 0.42 43.79
N GLU D 195 5.47 -0.63 44.34
CA GLU D 195 5.55 -0.80 45.78
C GLU D 195 5.97 -2.19 46.23
N GLY D 196 5.80 -3.20 45.38
CA GLY D 196 6.09 -4.57 45.74
C GLY D 196 4.83 -5.36 46.02
N HIS D 197 4.98 -6.69 45.95
CA HIS D 197 3.85 -7.64 45.96
C HIS D 197 2.80 -7.26 44.92
N LEU D 198 3.23 -7.23 43.66
CA LEU D 198 2.41 -6.76 42.56
C LEU D 198 1.49 -7.81 41.99
N ASN D 199 1.21 -8.89 42.74
CA ASN D 199 0.38 -10.04 42.38
C ASN D 199 0.72 -10.61 41.00
N ARG D 200 -0.25 -11.23 40.33
CA ARG D 200 0.08 -12.07 39.18
C ARG D 200 0.06 -11.28 37.88
N VAL D 201 -0.93 -10.40 37.68
CA VAL D 201 -1.10 -9.75 36.37
C VAL D 201 0.03 -8.75 36.10
N ALA D 202 0.46 -8.01 37.12
CA ALA D 202 1.62 -7.15 36.95
C ALA D 202 2.91 -7.97 36.87
N ARG D 203 2.94 -9.18 37.42
CA ARG D 203 4.08 -10.05 37.21
C ARG D 203 4.13 -10.54 35.76
N ALA D 204 2.98 -10.70 35.12
CA ALA D 204 2.99 -11.07 33.70
C ALA D 204 3.31 -9.88 32.81
N ALA D 205 2.92 -8.67 33.23
CA ALA D 205 3.43 -7.47 32.56
C ALA D 205 4.94 -7.38 32.68
N LEU D 206 5.46 -7.70 33.86
CA LEU D 206 6.90 -7.79 34.09
C LEU D 206 7.54 -8.85 33.21
N LEU D 207 6.88 -10.01 33.08
CA LEU D 207 7.29 -11.08 32.18
C LEU D 207 7.49 -10.61 30.76
N SER D 208 6.47 -9.95 30.21
CA SER D 208 6.56 -9.44 28.85
C SER D 208 7.61 -8.33 28.74
N ASP D 209 7.80 -7.55 29.80
CA ASP D 209 8.84 -6.53 29.82
C ASP D 209 10.22 -7.17 29.75
N LEU D 210 10.43 -8.26 30.49
CA LEU D 210 11.69 -9.01 30.38
C LEU D 210 11.87 -9.61 28.99
N LYS D 211 10.80 -10.11 28.39
CA LYS D 211 10.84 -10.62 27.02
C LYS D 211 11.34 -9.55 26.05
N ARG D 212 10.71 -8.38 26.06
CA ARG D 212 11.06 -7.35 25.10
C ARG D 212 12.38 -6.69 25.44
N ARG D 213 12.81 -6.76 26.70
CA ARG D 213 14.09 -6.16 27.07
C ARG D 213 15.26 -7.07 26.72
N VAL D 214 15.07 -8.38 26.84
CA VAL D 214 16.09 -9.32 26.39
C VAL D 214 16.19 -9.29 24.86
N CYS D 215 15.04 -9.26 24.18
CA CYS D 215 15.05 -9.14 22.73
C CYS D 215 15.54 -7.77 22.27
N ALA D 216 15.41 -6.75 23.10
CA ALA D 216 15.66 -5.37 22.70
C ALA D 216 17.13 -5.01 22.60
N ASP D 217 17.89 -5.15 23.69
CA ASP D 217 19.30 -4.75 23.65
C ASP D 217 20.13 -5.88 24.27
N MET D 218 20.51 -6.84 23.44
CA MET D 218 21.42 -7.90 23.81
C MET D 218 22.78 -7.72 23.16
N PHE D 219 22.79 -7.22 21.93
CA PHE D 219 24.00 -6.88 21.18
C PHE D 219 23.94 -5.44 20.72
N PHE D 220 23.71 -4.51 21.65
CA PHE D 220 23.32 -3.15 21.27
C PHE D 220 24.46 -2.33 20.68
N MET D 221 25.71 -2.59 21.08
CA MET D 221 26.81 -1.76 20.60
C MET D 221 27.07 -1.96 19.12
N THR D 222 27.02 -3.21 18.64
CA THR D 222 27.14 -3.49 17.22
C THR D 222 25.83 -3.30 16.48
N ARG D 223 24.72 -3.16 17.20
CA ARG D 223 23.44 -2.94 16.54
C ARG D 223 23.28 -1.46 16.18
N HIS D 224 23.22 -0.60 17.19
CA HIS D 224 23.07 0.84 16.97
C HIS D 224 24.43 1.53 17.00
N ALA D 225 25.32 1.05 16.12
CA ALA D 225 26.64 1.65 16.01
C ALA D 225 26.61 2.99 15.28
N ARG D 226 25.69 3.15 14.33
CA ARG D 226 25.58 4.40 13.59
C ARG D 226 24.71 5.43 14.30
N GLU D 227 24.15 5.09 15.46
CA GLU D 227 23.31 6.00 16.23
C GLU D 227 23.99 6.22 17.58
N PRO D 228 24.80 7.28 17.72
CA PRO D 228 25.52 7.51 18.97
C PRO D 228 24.63 7.88 20.15
N ARG D 229 23.39 8.31 19.90
CA ARG D 229 22.53 8.72 21.01
C ARG D 229 22.04 7.53 21.81
N LEU D 230 21.73 6.42 21.14
CA LEU D 230 21.24 5.24 21.83
C LEU D 230 22.33 4.60 22.69
N ILE D 231 23.59 4.72 22.26
CA ILE D 231 24.69 4.20 23.06
C ILE D 231 24.83 4.97 24.36
N SER D 232 24.79 6.29 24.28
CA SER D 232 24.86 7.11 25.50
C SER D 232 23.62 6.91 26.36
N ALA D 233 22.45 6.71 25.73
CA ALA D 233 21.23 6.48 26.49
C ALA D 233 21.30 5.18 27.28
N TYR D 234 21.68 4.07 26.62
CA TYR D 234 21.84 2.82 27.33
C TYR D 234 22.95 2.86 28.37
N LEU D 235 24.05 3.57 28.08
CA LEU D 235 25.14 3.63 29.05
C LEU D 235 24.74 4.42 30.29
N SER D 236 24.04 5.54 30.12
CA SER D 236 23.61 6.33 31.25
C SER D 236 22.49 5.65 32.02
N ASP D 237 21.63 4.91 31.33
CA ASP D 237 20.62 4.11 32.02
C ASP D 237 21.27 2.97 32.80
N MET D 238 22.33 2.38 32.25
CA MET D 238 23.02 1.28 32.92
C MET D 238 23.77 1.75 34.15
N VAL D 239 24.45 2.90 34.06
CA VAL D 239 25.25 3.35 35.18
C VAL D 239 24.35 3.87 36.31
N SER D 240 23.22 4.47 35.97
CA SER D 240 22.25 4.92 36.96
C SER D 240 21.12 3.91 37.16
N CYS D 241 21.48 2.66 37.43
CA CYS D 241 20.47 1.64 37.70
C CYS D 241 20.84 0.82 38.92
N THR D 242 22.06 0.94 39.42
CA THR D 242 22.54 0.17 40.55
C THR D 242 22.55 1.03 41.80
N GLN D 243 22.26 0.40 42.93
CA GLN D 243 22.33 1.12 44.19
C GLN D 243 23.79 1.32 44.58
N PRO D 244 24.14 2.48 45.13
CA PRO D 244 25.49 2.66 45.65
C PRO D 244 25.69 1.94 46.97
N SER D 245 26.87 2.07 47.54
CA SER D 245 27.21 1.43 48.80
C SER D 245 27.36 2.51 49.87
N VAL D 246 27.83 2.11 51.04
CA VAL D 246 28.19 3.10 52.05
C VAL D 246 29.38 3.91 51.55
N MET D 247 29.26 5.24 51.63
CA MET D 247 30.31 6.17 51.20
C MET D 247 31.39 6.32 52.26
N VAL D 248 32.08 5.24 52.58
CA VAL D 248 33.16 5.27 53.55
C VAL D 248 34.48 5.51 52.83
N SER D 249 35.24 6.51 53.30
CA SER D 249 36.55 6.82 52.76
C SER D 249 37.31 7.67 53.76
N ARG D 250 38.64 7.62 53.65
CA ARG D 250 39.52 8.59 54.28
C ARG D 250 40.28 9.39 53.22
N ILE D 251 40.94 8.70 52.29
CA ILE D 251 41.49 9.29 51.08
C ILE D 251 41.05 8.42 49.91
N THR D 252 40.60 9.06 48.83
CA THR D 252 39.99 8.36 47.72
C THR D 252 40.63 8.78 46.41
N HIS D 253 40.05 8.30 45.31
CA HIS D 253 40.52 8.66 43.99
C HIS D 253 39.75 9.88 43.49
N THR D 254 40.48 10.96 43.20
CA THR D 254 39.90 12.19 42.69
C THR D 254 40.55 12.53 41.36
N ASN D 255 39.93 13.46 40.65
CA ASN D 255 40.49 14.00 39.42
C ASN D 255 41.56 15.04 39.75
N THR D 256 42.06 15.72 38.71
CA THR D 256 43.09 16.73 38.90
C THR D 256 42.52 17.96 39.61
N ARG D 257 41.26 18.29 39.35
CA ARG D 257 40.66 19.45 39.99
C ARG D 257 40.37 19.19 41.46
N GLY D 258 39.81 18.01 41.77
CA GLY D 258 39.48 17.69 43.14
C GLY D 258 38.20 16.91 43.28
N ARG D 259 37.43 16.80 42.19
CA ARG D 259 36.19 16.04 42.24
C ARG D 259 36.50 14.55 42.29
N GLN D 260 35.91 13.86 43.27
CA GLN D 260 36.14 12.44 43.43
C GLN D 260 35.42 11.65 42.35
N VAL D 261 36.01 10.53 41.95
CA VAL D 261 35.40 9.66 40.96
C VAL D 261 34.41 8.74 41.66
N ASP D 262 33.58 8.07 40.88
CA ASP D 262 32.54 7.23 41.45
C ASP D 262 32.60 5.77 41.01
N GLY D 263 33.65 5.36 40.31
CA GLY D 263 33.81 3.95 40.01
C GLY D 263 34.75 3.74 38.84
N VAL D 264 34.77 2.49 38.37
CA VAL D 264 35.60 2.10 37.23
C VAL D 264 34.75 1.25 36.28
N LEU D 265 34.91 1.49 34.99
CA LEU D 265 34.24 0.72 33.96
C LEU D 265 35.30 -0.02 33.14
N VAL D 266 35.17 -1.34 33.06
CA VAL D 266 36.19 -2.18 32.45
C VAL D 266 35.65 -2.84 31.20
N THR D 267 36.42 -2.78 30.11
CA THR D 267 36.01 -3.33 28.83
C THR D 267 37.31 -3.79 28.13
N THR D 268 37.25 -4.00 26.82
CA THR D 268 38.41 -4.29 25.97
C THR D 268 38.69 -3.05 25.12
N ALA D 269 39.93 -2.93 24.65
CA ALA D 269 40.41 -1.71 24.00
C ALA D 269 39.65 -1.39 22.71
N THR D 270 39.07 -2.40 22.05
CA THR D 270 38.24 -2.16 20.88
C THR D 270 37.03 -1.30 21.22
N LEU D 271 36.28 -1.71 22.24
CA LEU D 271 35.16 -0.92 22.68
C LEU D 271 35.58 0.36 23.39
N LYS D 272 36.77 0.38 23.99
CA LYS D 272 37.34 1.63 24.49
C LYS D 272 37.45 2.66 23.39
N ARG D 273 38.06 2.28 22.27
CA ARG D 273 38.24 3.22 21.16
C ARG D 273 36.90 3.56 20.52
N GLN D 274 35.99 2.59 20.45
CA GLN D 274 34.67 2.84 19.87
C GLN D 274 33.88 3.86 20.70
N LEU D 275 33.97 3.76 22.03
CA LEU D 275 33.30 4.75 22.87
C LEU D 275 34.06 6.07 22.89
N LEU D 276 35.37 6.03 22.74
CA LEU D 276 36.16 7.24 22.93
C LEU D 276 36.18 8.11 21.68
N GLN D 277 35.92 7.55 20.50
CA GLN D 277 36.02 8.34 19.29
C GLN D 277 34.89 9.36 19.17
N GLY D 278 33.65 8.95 19.43
CA GLY D 278 32.53 9.87 19.23
C GLY D 278 31.37 9.79 20.19
N ILE D 279 31.43 8.90 21.19
CA ILE D 279 30.29 8.69 22.07
C ILE D 279 30.41 9.58 23.30
N LEU D 280 31.57 9.54 23.95
CA LEU D 280 31.80 10.24 25.19
C LEU D 280 32.89 11.28 25.01
N GLN D 281 33.06 12.12 26.04
CA GLN D 281 34.06 13.17 26.02
C GLN D 281 35.13 12.89 27.07
N ILE D 282 36.33 13.38 26.83
CA ILE D 282 37.43 13.21 27.78
C ILE D 282 37.31 14.25 28.89
N ASP D 283 37.29 13.78 30.13
CA ASP D 283 37.25 14.70 31.26
C ASP D 283 38.64 15.16 31.68
N ASP D 284 39.60 14.24 31.74
CA ASP D 284 41.00 14.57 32.01
C ASP D 284 41.84 13.37 31.57
N THR D 285 43.16 13.52 31.66
CA THR D 285 44.11 12.48 31.33
C THR D 285 44.80 11.89 32.56
N ALA D 286 45.08 12.70 33.57
CA ALA D 286 45.71 12.23 34.80
C ALA D 286 44.68 12.22 35.93
N ALA D 287 45.04 11.55 37.02
CA ALA D 287 44.15 11.40 38.16
C ALA D 287 44.95 11.26 39.45
N ASP D 288 44.28 11.45 40.58
CA ASP D 288 44.91 11.37 41.88
C ASP D 288 44.54 10.06 42.57
N VAL D 289 45.56 9.31 42.98
CA VAL D 289 45.37 7.97 43.53
C VAL D 289 46.10 7.87 44.87
N PRO D 290 45.48 7.31 45.91
CA PRO D 290 46.20 7.09 47.18
C PRO D 290 47.29 6.04 47.04
N VAL D 291 48.18 6.00 48.03
CA VAL D 291 49.40 5.20 47.96
C VAL D 291 49.48 4.14 49.05
N THR D 292 48.43 3.94 49.85
CA THR D 292 48.44 2.88 50.85
C THR D 292 47.30 1.90 50.65
N ALA D 354 48.90 11.20 44.57
CA ALA D 354 49.80 10.76 43.51
C ALA D 354 49.15 10.93 42.14
N ARG D 355 49.83 11.65 41.26
CA ARG D 355 49.31 11.97 39.93
C ARG D 355 49.64 10.79 39.01
N VAL D 356 48.61 10.11 38.53
CA VAL D 356 48.75 8.92 37.70
C VAL D 356 47.99 9.15 36.40
N PRO D 357 48.59 8.91 35.24
CA PRO D 357 47.86 9.07 33.97
C PRO D 357 46.81 7.99 33.79
N ALA D 358 45.55 8.40 33.79
CA ALA D 358 44.43 7.47 33.62
C ALA D 358 43.22 8.24 33.15
N ASP D 359 42.65 7.83 32.02
CA ASP D 359 41.51 8.52 31.45
C ASP D 359 40.26 8.29 32.28
N LEU D 360 39.32 9.22 32.19
CA LEU D 360 38.09 9.18 32.96
C LEU D 360 37.03 10.01 32.27
N VAL D 361 35.78 9.58 32.40
CA VAL D 361 34.65 10.14 31.67
C VAL D 361 33.49 10.30 32.63
N ILE D 362 32.80 11.45 32.55
CA ILE D 362 31.53 11.63 33.22
C ILE D 362 30.43 11.09 32.32
N VAL D 363 29.62 10.19 32.86
CA VAL D 363 28.49 9.61 32.14
C VAL D 363 27.22 9.95 32.90
N GLY D 364 26.27 10.60 32.22
CA GLY D 364 25.05 10.99 32.87
C GLY D 364 25.26 12.04 33.92
N ASP D 365 25.15 11.64 35.20
CA ASP D 365 25.27 12.56 36.31
C ASP D 365 26.49 12.28 37.19
N LYS D 366 27.31 11.29 36.85
CA LYS D 366 28.44 10.92 37.68
C LYS D 366 29.65 10.57 36.83
N LEU D 367 30.82 10.61 37.47
CA LEU D 367 32.11 10.51 36.81
C LEU D 367 32.74 9.15 37.08
N VAL D 368 33.29 8.52 36.04
CA VAL D 368 33.75 7.14 36.13
C VAL D 368 35.06 6.97 35.36
N PHE D 369 35.93 6.12 35.89
CA PHE D 369 37.07 5.60 35.15
C PHE D 369 36.57 4.72 34.01
N LEU D 370 37.22 4.82 32.86
CA LEU D 370 36.89 3.98 31.70
C LEU D 370 38.15 3.18 31.41
N GLU D 371 38.17 1.93 31.88
CA GLU D 371 39.34 1.09 31.79
C GLU D 371 39.15 0.04 30.69
N ALA D 372 40.22 -0.29 30.00
CA ALA D 372 40.27 -1.35 29.00
C ALA D 372 41.51 -2.21 29.22
N LEU D 373 41.65 -2.69 30.45
CA LEU D 373 42.92 -3.24 30.93
C LEU D 373 43.24 -4.53 30.20
N GLU D 374 44.00 -4.38 29.10
CA GLU D 374 44.30 -5.45 28.16
C GLU D 374 45.77 -5.44 27.80
N ARG D 375 46.42 -4.30 27.94
CA ARG D 375 47.82 -4.18 27.54
C ARG D 375 48.78 -4.36 28.70
N ARG D 376 48.45 -3.78 29.87
CA ARG D 376 49.29 -3.93 31.04
C ARG D 376 49.30 -5.37 31.53
N VAL D 377 48.14 -6.03 31.48
CA VAL D 377 47.99 -7.41 31.90
C VAL D 377 47.16 -8.11 30.82
N TYR D 378 47.28 -9.45 30.77
CA TYR D 378 46.78 -10.36 29.75
C TYR D 378 47.49 -10.20 28.41
N GLN D 379 48.67 -9.57 28.40
CA GLN D 379 49.56 -9.60 27.25
C GLN D 379 50.72 -10.54 27.55
N ALA D 380 50.98 -11.45 26.61
CA ALA D 380 52.08 -12.41 26.68
C ALA D 380 52.00 -13.27 27.94
N THR D 381 50.82 -13.83 28.20
CA THR D 381 50.63 -14.77 29.30
C THR D 381 49.62 -15.82 28.87
N ARG D 382 49.54 -16.89 29.65
CA ARG D 382 48.78 -18.07 29.26
C ARG D 382 47.45 -18.16 29.98
N VAL D 383 46.93 -17.04 30.49
CA VAL D 383 45.60 -16.97 31.06
C VAL D 383 44.69 -16.25 30.06
N ALA D 384 43.54 -16.86 29.78
CA ALA D 384 42.60 -16.27 28.85
C ALA D 384 41.96 -15.02 29.45
N TYR D 385 41.76 -14.02 28.62
CA TYR D 385 41.09 -12.81 29.08
C TYR D 385 39.61 -13.10 29.29
N PRO D 386 39.04 -12.72 30.43
CA PRO D 386 37.59 -12.88 30.63
C PRO D 386 36.75 -11.94 29.79
N LEU D 387 35.43 -11.94 30.02
CA LEU D 387 34.42 -11.16 29.33
C LEU D 387 34.24 -11.57 27.87
N ILE D 388 34.77 -12.72 27.48
CA ILE D 388 34.66 -13.23 26.11
C ILE D 388 33.93 -14.57 26.21
N GLY D 389 32.93 -14.64 27.08
CA GLY D 389 32.27 -15.88 27.44
C GLY D 389 31.59 -16.66 26.33
N ASN D 390 30.92 -15.93 25.43
CA ASN D 390 30.24 -16.33 24.17
C ASN D 390 28.77 -16.52 24.51
N ILE D 391 28.01 -17.11 23.58
CA ILE D 391 26.58 -17.40 23.80
C ILE D 391 26.20 -18.75 23.22
N ASP D 392 24.92 -19.12 23.39
CA ASP D 392 24.29 -20.22 22.67
C ASP D 392 22.89 -19.83 22.19
N ILE D 393 22.83 -19.28 20.98
CA ILE D 393 21.58 -18.77 20.43
C ILE D 393 21.02 -19.80 19.45
N THR D 394 19.69 -19.91 19.41
CA THR D 394 19.01 -20.82 18.51
C THR D 394 18.01 -20.04 17.66
N PHE D 395 17.86 -20.45 16.41
CA PHE D 395 17.00 -19.76 15.46
C PHE D 395 15.81 -20.64 15.10
N ILE D 396 14.66 -20.01 14.92
CA ILE D 396 13.49 -20.68 14.36
C ILE D 396 13.32 -20.18 12.93
N MET D 397 12.91 -21.07 12.05
CA MET D 397 13.12 -20.82 10.63
C MET D 397 12.09 -21.59 9.82
N PRO D 398 10.92 -21.00 9.56
CA PRO D 398 9.83 -21.76 8.91
C PRO D 398 10.14 -22.09 7.47
N MET D 399 9.63 -23.24 7.03
CA MET D 399 10.04 -23.85 5.78
C MET D 399 8.93 -23.94 4.74
N GLY D 400 7.82 -24.60 5.04
CA GLY D 400 6.87 -24.94 4.00
C GLY D 400 5.41 -24.70 4.31
N VAL D 401 5.10 -23.68 5.11
CA VAL D 401 3.71 -23.35 5.39
C VAL D 401 3.06 -22.74 4.15
N PHE D 402 1.73 -22.77 4.13
CA PHE D 402 0.97 -22.28 2.98
C PHE D 402 -0.07 -21.27 3.44
N GLN D 403 -0.25 -20.22 2.65
CA GLN D 403 -1.27 -19.21 2.92
C GLN D 403 -2.63 -19.83 2.62
N ALA D 404 -3.25 -20.41 3.66
CA ALA D 404 -4.46 -21.22 3.48
C ALA D 404 -5.64 -20.39 3.01
N ASN D 405 -5.81 -19.20 3.57
CA ASN D 405 -6.98 -18.39 3.26
C ASN D 405 -6.80 -17.69 1.91
N SER D 406 -7.91 -17.56 1.18
CA SER D 406 -7.89 -16.79 -0.06
C SER D 406 -7.73 -15.30 0.22
N MET D 407 -8.07 -14.86 1.43
CA MET D 407 -7.70 -13.53 1.90
C MET D 407 -6.19 -13.35 1.97
N ASP D 408 -5.45 -14.42 2.27
CA ASP D 408 -4.01 -14.33 2.47
C ASP D 408 -3.23 -14.36 1.16
N ARG D 409 -3.89 -14.62 0.03
CA ARG D 409 -3.21 -14.69 -1.26
C ARG D 409 -3.32 -13.34 -1.97
N TYR D 410 -2.76 -12.32 -1.31
CA TYR D 410 -2.81 -10.94 -1.80
C TYR D 410 -1.39 -10.48 -2.11
N THR D 411 -1.29 -9.52 -3.02
CA THR D 411 -0.02 -9.04 -3.53
C THR D 411 0.23 -7.59 -3.12
N ARG D 412 1.39 -7.06 -3.55
CA ARG D 412 1.64 -5.63 -3.44
C ARG D 412 1.09 -4.88 -4.64
N HIS D 413 1.43 -5.35 -5.85
CA HIS D 413 0.82 -4.90 -7.09
C HIS D 413 0.57 -6.15 -7.93
N ALA D 414 -0.37 -6.02 -8.88
CA ALA D 414 -0.95 -7.19 -9.57
C ALA D 414 0.09 -8.00 -10.32
N GLY D 415 0.76 -7.39 -11.29
CA GLY D 415 1.83 -8.07 -11.98
C GLY D 415 3.20 -7.72 -11.43
N ASP D 416 3.44 -7.98 -10.14
CA ASP D 416 4.77 -7.74 -9.60
C ASP D 416 5.77 -8.76 -10.14
N PHE D 417 5.43 -10.03 -10.10
CA PHE D 417 6.26 -11.11 -10.68
C PHE D 417 5.45 -11.75 -11.80
N SER D 418 5.56 -11.18 -13.00
CA SER D 418 4.87 -11.69 -14.18
C SER D 418 5.86 -12.36 -15.14
N THR D 419 5.32 -13.17 -16.04
CA THR D 419 6.14 -13.95 -16.96
C THR D 419 5.59 -13.88 -18.38
N VAL D 420 6.12 -14.72 -19.27
CA VAL D 420 5.56 -14.87 -20.61
C VAL D 420 4.62 -16.05 -20.72
N SER D 421 4.58 -16.92 -19.71
CA SER D 421 3.66 -18.05 -19.72
C SER D 421 2.24 -17.57 -19.45
N GLU D 422 1.27 -18.33 -19.98
CA GLU D 422 -0.13 -18.00 -19.73
C GLU D 422 -0.49 -18.21 -18.26
N GLN D 423 0.03 -19.27 -17.65
CA GLN D 423 -0.09 -19.50 -16.22
C GLN D 423 1.11 -18.88 -15.51
N ASP D 424 0.84 -17.99 -14.57
CA ASP D 424 1.91 -17.38 -13.80
C ASP D 424 2.51 -18.41 -12.86
N PRO D 425 3.83 -18.64 -12.90
CA PRO D 425 4.44 -19.61 -11.97
C PRO D 425 4.60 -19.05 -10.57
N ARG D 426 3.49 -18.65 -9.95
CA ARG D 426 3.50 -18.04 -8.64
C ARG D 426 2.44 -18.63 -7.71
N GLN D 427 1.42 -19.31 -8.26
CA GLN D 427 0.32 -19.80 -7.44
C GLN D 427 0.67 -21.11 -6.73
N PHE D 428 1.89 -21.61 -6.93
CA PHE D 428 2.30 -22.85 -6.29
C PHE D 428 2.52 -22.62 -4.80
N PRO D 429 2.29 -23.65 -3.98
CA PRO D 429 2.75 -23.58 -2.58
C PRO D 429 4.26 -23.56 -2.53
N PRO D 430 4.85 -22.89 -1.54
CA PRO D 430 6.31 -22.82 -1.47
C PRO D 430 6.94 -24.16 -1.11
N GLN D 431 8.16 -24.35 -1.63
CA GLN D 431 8.95 -25.55 -1.33
C GLN D 431 10.32 -25.23 -0.74
N GLY D 432 10.79 -23.99 -0.82
CA GLY D 432 12.09 -23.63 -0.30
C GLY D 432 12.05 -22.29 0.39
N ILE D 433 13.02 -22.07 1.27
CA ILE D 433 13.13 -20.84 2.04
C ILE D 433 14.50 -20.25 1.72
N PHE D 434 14.59 -18.93 1.74
CA PHE D 434 15.83 -18.22 1.44
C PHE D 434 16.19 -17.36 2.64
N PHE D 435 17.49 -17.23 2.91
CA PHE D 435 17.97 -16.31 3.93
C PHE D 435 19.41 -15.94 3.57
N TYR D 436 20.06 -15.19 4.45
CA TYR D 436 21.38 -14.64 4.19
C TYR D 436 22.42 -15.32 5.05
N ASN D 437 23.60 -15.54 4.47
CA ASN D 437 24.75 -16.02 5.22
C ASN D 437 25.33 -14.88 6.06
N LYS D 438 26.34 -15.20 6.87
CA LYS D 438 27.02 -14.16 7.63
C LYS D 438 27.86 -13.27 6.73
N ASP D 439 28.22 -13.74 5.54
CA ASP D 439 28.90 -12.92 4.56
C ASP D 439 27.93 -12.17 3.65
N GLY D 440 26.63 -12.38 3.82
CA GLY D 440 25.63 -11.69 3.04
C GLY D 440 25.23 -12.34 1.74
N ILE D 441 25.82 -13.50 1.41
CA ILE D 441 25.45 -14.19 0.18
C ILE D 441 24.13 -14.93 0.41
N LEU D 442 23.49 -15.29 -0.70
CA LEU D 442 22.20 -15.99 -0.62
C LEU D 442 22.42 -17.42 -0.16
N THR D 443 21.63 -17.84 0.82
CA THR D 443 21.64 -19.23 1.29
C THR D 443 20.26 -19.83 1.10
N GLN D 444 20.24 -21.13 0.79
CA GLN D 444 19.01 -21.80 0.39
C GLN D 444 18.82 -23.08 1.18
N LEU D 445 17.63 -23.23 1.75
CA LEU D 445 17.15 -24.49 2.29
C LEU D 445 16.04 -25.00 1.39
N THR D 446 16.12 -26.27 1.01
CA THR D 446 15.15 -26.90 0.14
C THR D 446 14.63 -28.13 0.86
N LEU D 447 13.43 -28.59 0.50
CA LEU D 447 12.85 -29.78 1.11
C LEU D 447 13.63 -31.06 0.79
N ARG D 448 14.58 -30.99 -0.14
CA ARG D 448 15.49 -32.10 -0.38
C ARG D 448 16.45 -32.30 0.80
N ASP D 449 16.52 -31.36 1.74
CA ASP D 449 17.41 -31.49 2.88
C ASP D 449 16.81 -32.27 4.03
N ALA D 450 15.63 -32.88 3.84
CA ALA D 450 14.84 -33.35 4.98
C ALA D 450 15.07 -34.82 5.35
N MET D 451 15.93 -35.56 4.62
CA MET D 451 16.10 -36.98 4.92
C MET D 451 16.72 -37.21 6.28
N GLY D 452 17.51 -36.27 6.77
CA GLY D 452 18.14 -36.41 8.06
C GLY D 452 17.19 -36.36 9.24
N THR D 453 15.94 -35.97 9.01
CA THR D 453 14.92 -36.02 10.06
C THR D 453 13.76 -36.94 9.71
N ILE D 454 13.12 -36.75 8.55
CA ILE D 454 11.83 -37.42 8.35
C ILE D 454 11.95 -38.74 7.60
N CYS D 455 13.06 -38.98 6.90
CA CYS D 455 13.22 -40.20 6.12
C CYS D 455 13.99 -41.28 6.87
N HIS D 456 13.84 -41.32 8.19
CA HIS D 456 14.42 -42.36 9.04
C HIS D 456 13.33 -43.33 9.49
N SER D 457 13.77 -44.45 10.06
CA SER D 457 12.84 -45.45 10.55
C SER D 457 12.16 -45.03 11.85
N SER D 458 12.61 -43.93 12.47
CA SER D 458 12.06 -43.52 13.76
C SER D 458 10.68 -42.89 13.64
N LEU D 459 10.17 -42.69 12.42
CA LEU D 459 8.83 -42.17 12.21
C LEU D 459 7.75 -43.14 12.68
N LEU D 460 8.08 -44.41 12.85
CA LEU D 460 7.12 -45.45 13.23
C LEU D 460 7.47 -46.10 14.56
N ASP D 461 7.72 -45.28 15.58
CA ASP D 461 8.06 -45.76 16.91
C ASP D 461 6.85 -45.56 17.81
N VAL D 462 5.67 -45.89 17.27
CA VAL D 462 4.39 -45.47 17.81
C VAL D 462 3.94 -46.31 19.00
N GLU D 463 4.63 -47.42 19.30
CA GLU D 463 4.14 -48.41 20.26
C GLU D 463 4.07 -47.84 21.69
N ALA D 464 5.14 -47.17 22.12
CA ALA D 464 5.20 -46.65 23.49
C ALA D 464 4.15 -45.57 23.72
N THR D 465 3.80 -44.80 22.70
CA THR D 465 2.75 -43.80 22.85
C THR D 465 1.38 -44.44 22.96
N LEU D 466 1.14 -45.55 22.26
CA LEU D 466 -0.09 -46.31 22.47
C LEU D 466 -0.15 -46.89 23.88
N VAL D 467 0.98 -47.39 24.39
CA VAL D 467 1.01 -47.93 25.75
C VAL D 467 0.72 -46.83 26.77
N ALA D 468 1.32 -45.65 26.57
CA ALA D 468 1.10 -44.54 27.50
C ALA D 468 -0.32 -43.99 27.39
N LEU D 469 -0.86 -43.91 26.17
CA LEU D 469 -2.19 -43.36 25.95
C LEU D 469 -3.29 -44.32 26.40
N ARG D 470 -3.01 -45.63 26.43
CA ARG D 470 -3.97 -46.61 26.92
C ARG D 470 -4.21 -46.50 28.42
N GLN D 471 -3.36 -45.76 29.16
CA GLN D 471 -3.48 -45.63 30.60
C GLN D 471 -4.43 -44.51 31.01
N GLN D 472 -5.10 -43.89 30.05
CA GLN D 472 -6.00 -42.77 30.30
C GLN D 472 -7.43 -43.27 30.44
N HIS D 473 -8.32 -42.37 30.84
CA HIS D 473 -9.73 -42.70 30.96
C HIS D 473 -10.36 -42.69 29.58
N LEU D 474 -10.62 -43.88 29.03
CA LEU D 474 -11.23 -44.03 27.71
C LEU D 474 -12.68 -44.43 27.89
N ASP D 475 -13.58 -43.66 27.27
CA ASP D 475 -15.01 -43.85 27.45
C ASP D 475 -15.59 -44.67 26.30
N ARG D 476 -16.81 -45.16 26.51
CA ARG D 476 -17.50 -45.99 25.53
C ARG D 476 -18.06 -45.11 24.42
N GLN D 477 -17.56 -45.29 23.21
CA GLN D 477 -18.04 -44.55 22.04
C GLN D 477 -18.65 -45.52 21.04
N CYS D 478 -19.04 -44.98 19.89
CA CYS D 478 -19.63 -45.79 18.85
C CYS D 478 -18.58 -46.70 18.20
N TYR D 479 -19.05 -47.84 17.69
CA TYR D 479 -18.19 -48.86 17.11
C TYR D 479 -18.46 -49.07 15.62
N PHE D 480 -18.73 -47.99 14.88
CA PHE D 480 -19.09 -48.13 13.48
C PHE D 480 -17.86 -48.10 12.58
N GLY D 481 -17.11 -47.02 12.59
CA GLY D 481 -16.02 -46.80 11.66
C GLY D 481 -14.67 -47.34 12.07
N VAL D 482 -14.60 -48.11 13.15
CA VAL D 482 -13.33 -48.67 13.62
C VAL D 482 -13.43 -50.18 13.71
N TYR D 483 -14.55 -50.74 13.25
CA TYR D 483 -14.85 -52.15 13.42
C TYR D 483 -15.07 -52.82 12.07
N VAL D 484 -14.43 -53.97 11.87
CA VAL D 484 -14.50 -54.72 10.62
C VAL D 484 -15.14 -56.07 10.92
N ALA D 485 -16.11 -56.46 10.10
CA ALA D 485 -16.83 -57.71 10.26
C ALA D 485 -16.45 -58.69 9.14
N GLU D 486 -17.06 -59.87 9.15
CA GLU D 486 -16.91 -60.84 8.08
C GLU D 486 -18.21 -60.95 7.30
N GLY D 487 -18.11 -61.47 6.09
CA GLY D 487 -19.32 -61.78 5.34
C GLY D 487 -20.07 -62.94 5.97
N THR D 488 -21.39 -62.95 5.77
CA THR D 488 -22.26 -63.96 6.37
C THR D 488 -22.80 -64.95 5.34
N GLU D 489 -22.17 -65.00 4.15
CA GLU D 489 -22.46 -65.99 3.10
C GLU D 489 -23.92 -65.92 2.65
N ASP D 490 -24.28 -64.77 2.06
CA ASP D 490 -25.65 -64.53 1.65
C ASP D 490 -25.71 -63.93 0.24
N THR D 491 -26.88 -63.44 -0.14
CA THR D 491 -27.09 -62.81 -1.44
C THR D 491 -26.87 -61.31 -1.41
N LEU D 492 -26.20 -60.81 -0.36
CA LEU D 492 -25.87 -59.40 -0.10
C LEU D 492 -27.09 -58.51 0.10
N ASP D 493 -28.31 -59.06 0.16
CA ASP D 493 -29.51 -58.28 0.38
C ASP D 493 -29.94 -58.34 1.84
N VAL D 494 -29.97 -59.55 2.42
CA VAL D 494 -30.24 -59.67 3.86
C VAL D 494 -29.04 -59.21 4.67
N GLN D 495 -27.85 -59.19 4.06
CA GLN D 495 -26.70 -58.57 4.70
C GLN D 495 -26.91 -57.07 4.85
N MET D 496 -27.40 -56.42 3.79
CA MET D 496 -27.85 -55.04 3.90
C MET D 496 -29.06 -54.91 4.82
N GLY D 497 -29.85 -55.97 4.97
CA GLY D 497 -30.94 -55.96 5.93
C GLY D 497 -30.49 -55.82 7.37
N ARG D 498 -29.69 -56.76 7.85
CA ARG D 498 -29.27 -56.66 9.25
C ARG D 498 -28.27 -55.53 9.44
N PHE D 499 -27.57 -55.12 8.37
CA PHE D 499 -26.78 -53.89 8.47
C PHE D 499 -27.68 -52.66 8.58
N MET D 500 -28.86 -52.70 7.97
CA MET D 500 -29.79 -51.58 8.07
C MET D 500 -30.33 -51.46 9.50
N GLU D 501 -30.90 -52.54 10.04
CA GLU D 501 -31.41 -52.43 11.41
C GLU D 501 -30.29 -52.43 12.45
N THR D 502 -29.04 -52.67 12.05
CA THR D 502 -27.92 -52.41 12.95
C THR D 502 -27.52 -50.94 12.94
N TRP D 503 -27.33 -50.37 11.75
CA TRP D 503 -26.86 -48.99 11.60
C TRP D 503 -27.95 -47.97 11.90
N ALA D 504 -29.21 -48.40 12.02
CA ALA D 504 -30.29 -47.47 12.30
C ALA D 504 -30.17 -46.82 13.68
N ASP D 505 -29.59 -47.52 14.66
CA ASP D 505 -29.54 -46.98 16.01
C ASP D 505 -28.22 -47.23 16.74
N MET D 506 -27.19 -47.77 16.07
CA MET D 506 -25.97 -48.13 16.78
C MET D 506 -25.11 -46.92 17.14
N MET D 507 -25.30 -45.78 16.49
CA MET D 507 -24.63 -44.56 16.90
C MET D 507 -25.37 -43.92 18.07
N PRO D 508 -24.72 -43.72 19.22
CA PRO D 508 -25.36 -42.93 20.28
C PRO D 508 -25.15 -41.43 20.14
N HIS D 509 -24.29 -41.00 19.22
CA HIS D 509 -23.97 -39.59 19.02
C HIS D 509 -23.37 -39.44 17.63
N HIS D 510 -22.84 -38.25 17.36
CA HIS D 510 -22.22 -37.96 16.07
C HIS D 510 -20.80 -38.54 16.03
N PRO D 511 -20.47 -39.36 15.03
CA PRO D 511 -19.10 -39.91 14.94
C PRO D 511 -18.06 -38.81 14.74
N HIS D 512 -16.89 -39.03 15.36
CA HIS D 512 -15.87 -37.98 15.43
C HIS D 512 -15.11 -37.79 14.13
N TRP D 513 -14.99 -38.83 13.30
CA TRP D 513 -14.24 -38.75 12.06
C TRP D 513 -15.07 -38.21 10.91
N VAL D 514 -16.18 -37.55 11.20
CA VAL D 514 -17.09 -37.04 10.18
C VAL D 514 -16.91 -35.54 9.95
N ASN D 515 -16.80 -34.76 11.03
CA ASN D 515 -16.87 -33.30 10.96
C ASN D 515 -15.60 -32.71 10.35
N GLU D 516 -15.47 -32.92 9.04
CA GLU D 516 -14.43 -32.25 8.26
C GLU D 516 -14.78 -30.81 7.92
N HIS D 517 -16.00 -30.39 8.22
CA HIS D 517 -16.44 -29.03 7.93
C HIS D 517 -15.87 -28.00 8.90
N LEU D 518 -15.22 -28.43 9.98
CA LEU D 518 -14.54 -27.51 10.88
C LEU D 518 -13.36 -26.85 10.17
N THR D 519 -13.14 -25.58 10.49
CA THR D 519 -12.02 -24.85 9.91
C THR D 519 -10.76 -25.15 10.70
N ILE D 520 -9.70 -24.36 10.45
CA ILE D 520 -8.45 -24.53 11.18
C ILE D 520 -8.63 -24.21 12.65
N LEU D 521 -9.20 -23.04 12.94
CA LEU D 521 -9.27 -22.52 14.31
C LEU D 521 -10.20 -23.36 15.18
N GLN D 522 -11.34 -23.79 14.62
CA GLN D 522 -12.27 -24.61 15.38
C GLN D 522 -11.69 -25.98 15.69
N PHE D 523 -10.89 -26.52 14.77
CA PHE D 523 -10.22 -27.79 15.04
C PHE D 523 -9.15 -27.64 16.10
N ILE D 524 -8.35 -26.57 16.04
CA ILE D 524 -7.29 -26.41 17.02
C ILE D 524 -7.78 -25.69 18.27
N ALA D 525 -9.09 -25.46 18.38
CA ALA D 525 -9.66 -24.87 19.58
C ALA D 525 -9.50 -25.84 20.76
N PRO D 526 -9.35 -25.33 21.98
CA PRO D 526 -9.17 -26.24 23.13
C PRO D 526 -10.40 -27.07 23.46
N SER D 527 -11.58 -26.71 22.96
CA SER D 527 -12.79 -27.47 23.22
C SER D 527 -12.87 -28.77 22.44
N ASN D 528 -12.01 -28.96 21.44
CA ASN D 528 -12.08 -30.13 20.58
C ASN D 528 -11.58 -31.37 21.30
N PRO D 529 -12.40 -32.41 21.46
CA PRO D 529 -11.90 -33.66 22.06
C PRO D 529 -11.02 -34.46 21.12
N ARG D 530 -11.08 -34.22 19.81
CA ARG D 530 -10.20 -34.89 18.86
C ARG D 530 -8.85 -34.20 18.72
N LEU D 531 -8.68 -33.03 19.35
CA LEU D 531 -7.40 -32.32 19.27
C LEU D 531 -6.29 -33.08 19.98
N ARG D 532 -6.62 -33.73 21.10
CA ARG D 532 -5.64 -34.53 21.83
C ARG D 532 -5.41 -35.90 21.21
N PHE D 533 -6.17 -36.27 20.19
CA PHE D 533 -6.06 -37.56 19.53
C PHE D 533 -5.19 -37.50 18.28
N GLU D 534 -4.52 -36.37 18.03
CA GLU D 534 -3.67 -36.22 16.86
C GLU D 534 -2.22 -36.12 17.31
N LEU D 535 -1.45 -37.18 17.05
CA LEU D 535 -0.05 -37.24 17.45
C LEU D 535 0.87 -37.27 16.24
N ASN D 536 0.67 -38.22 15.33
CA ASN D 536 1.60 -38.47 14.24
C ASN D 536 0.92 -38.21 12.90
N PRO D 537 1.62 -37.58 11.95
CA PRO D 537 1.02 -37.37 10.61
C PRO D 537 0.75 -38.66 9.85
N ALA D 538 1.41 -39.77 10.19
CA ALA D 538 1.17 -41.03 9.54
C ALA D 538 0.12 -41.88 10.24
N PHE D 539 -0.46 -41.37 11.34
CA PHE D 539 -1.33 -42.19 12.16
C PHE D 539 -2.63 -41.48 12.48
N ASP D 540 -3.72 -42.25 12.42
CA ASP D 540 -5.01 -41.84 12.95
C ASP D 540 -5.27 -42.61 14.24
N PHE D 541 -5.59 -41.89 15.31
CA PHE D 541 -5.82 -42.48 16.62
C PHE D 541 -7.32 -42.47 16.90
N PHE D 542 -7.86 -43.63 17.24
CA PHE D 542 -9.29 -43.83 17.38
C PHE D 542 -9.54 -44.76 18.55
N VAL D 543 -10.77 -44.72 19.06
CA VAL D 543 -11.18 -45.58 20.16
C VAL D 543 -11.61 -46.92 19.57
N ALA D 544 -11.01 -48.00 20.06
CA ALA D 544 -11.16 -49.33 19.50
C ALA D 544 -11.60 -50.29 20.59
N PRO D 545 -12.27 -51.39 20.22
CA PRO D 545 -12.55 -52.44 21.21
C PRO D 545 -11.27 -53.07 21.72
N GLY D 546 -11.29 -53.43 23.02
CA GLY D 546 -10.14 -54.02 23.65
C GLY D 546 -10.11 -55.52 23.47
N ASP D 547 -8.97 -56.03 23.00
CA ASP D 547 -8.73 -57.46 22.75
C ASP D 547 -9.77 -58.07 21.81
N VAL D 548 -10.13 -57.33 20.77
CA VAL D 548 -11.02 -57.80 19.73
C VAL D 548 -10.23 -57.82 18.42
N ASP D 549 -10.12 -59.00 17.82
CA ASP D 549 -9.30 -59.18 16.63
C ASP D 549 -9.95 -58.50 15.43
N LEU D 550 -9.12 -58.05 14.49
CA LEU D 550 -9.58 -57.46 13.24
C LEU D 550 -9.43 -58.46 12.11
N PRO D 551 -10.51 -58.87 11.43
CA PRO D 551 -11.90 -58.47 11.69
C PRO D 551 -12.57 -59.27 12.81
N GLY D 552 -13.47 -58.62 13.55
CA GLY D 552 -14.25 -59.29 14.56
C GLY D 552 -15.57 -59.74 13.98
N PRO D 553 -16.38 -60.44 14.79
CA PRO D 553 -17.65 -60.98 14.27
C PRO D 553 -18.66 -59.88 13.97
N GLN D 554 -19.75 -60.29 13.31
CA GLN D 554 -20.75 -59.33 12.85
C GLN D 554 -21.45 -58.63 14.01
N ARG D 555 -21.78 -59.38 15.06
CA ARG D 555 -22.32 -58.79 16.27
C ARG D 555 -21.15 -58.30 17.12
N PRO D 556 -21.08 -57.00 17.45
CA PRO D 556 -19.91 -56.48 18.17
C PRO D 556 -19.92 -56.92 19.63
N PRO D 557 -18.88 -57.62 20.06
CA PRO D 557 -18.78 -57.96 21.48
C PRO D 557 -18.45 -56.75 22.33
N GLU D 558 -19.04 -56.71 23.53
CA GLU D 558 -18.78 -55.63 24.47
C GLU D 558 -17.44 -55.86 25.16
N ALA D 559 -16.62 -54.81 25.22
CA ALA D 559 -15.31 -54.89 25.86
C ALA D 559 -14.92 -53.49 26.30
N MET D 560 -13.83 -53.41 27.05
CA MET D 560 -13.31 -52.13 27.50
C MET D 560 -12.74 -51.37 26.30
N PRO D 561 -13.21 -50.15 26.03
CA PRO D 561 -12.71 -49.43 24.84
C PRO D 561 -11.29 -48.93 25.06
N THR D 562 -10.40 -49.32 24.15
CA THR D 562 -9.01 -48.89 24.15
C THR D 562 -8.74 -48.07 22.89
N VAL D 563 -7.47 -47.71 22.70
CA VAL D 563 -7.05 -46.88 21.57
C VAL D 563 -6.19 -47.72 20.64
N ASN D 564 -6.40 -47.55 19.33
CA ASN D 564 -5.60 -48.20 18.32
C ASN D 564 -5.28 -47.20 17.22
N ALA D 565 -4.17 -47.43 16.53
CA ALA D 565 -3.68 -46.52 15.51
C ALA D 565 -3.39 -47.28 14.21
N THR D 566 -3.69 -46.63 13.09
CA THR D 566 -3.49 -47.21 11.77
C THR D 566 -2.71 -46.23 10.89
N LEU D 567 -2.14 -46.75 9.81
CA LEU D 567 -1.26 -45.96 8.96
C LEU D 567 -2.05 -45.04 8.05
N ARG D 568 -1.53 -43.83 7.86
CA ARG D 568 -2.09 -42.86 6.90
C ARG D 568 -1.34 -43.01 5.58
N ILE D 569 -1.83 -43.91 4.74
CA ILE D 569 -1.17 -44.20 3.46
C ILE D 569 -1.31 -43.02 2.50
N ILE D 570 -2.53 -42.52 2.33
CA ILE D 570 -2.77 -41.31 1.56
C ILE D 570 -2.33 -40.13 2.40
N ASN D 571 -1.55 -39.21 1.80
CA ASN D 571 -1.17 -38.01 2.51
C ASN D 571 -2.34 -37.04 2.67
N GLY D 572 -3.39 -37.21 1.87
CA GLY D 572 -4.64 -36.49 2.05
C GLY D 572 -5.56 -37.06 3.11
N ASN D 573 -5.17 -38.16 3.76
CA ASN D 573 -5.95 -38.69 4.87
C ASN D 573 -5.88 -37.81 6.11
N ILE D 574 -4.94 -36.87 6.15
CA ILE D 574 -4.91 -35.86 7.21
C ILE D 574 -6.16 -34.99 7.06
N PRO D 575 -6.71 -34.47 8.15
CA PRO D 575 -7.95 -33.69 8.04
C PRO D 575 -7.76 -32.40 7.26
N VAL D 576 -8.80 -32.02 6.52
CA VAL D 576 -8.80 -30.77 5.76
C VAL D 576 -8.69 -29.50 6.59
N PRO D 577 -8.96 -29.45 7.92
CA PRO D 577 -8.42 -28.32 8.68
C PRO D 577 -6.90 -28.24 8.68
N LEU D 578 -6.22 -29.37 8.50
CA LEU D 578 -4.76 -29.37 8.42
C LEU D 578 -4.26 -29.29 6.99
N CYS D 579 -5.11 -29.60 6.00
CA CYS D 579 -4.72 -29.56 4.58
C CYS D 579 -5.87 -28.95 3.79
N PRO D 580 -5.78 -27.65 3.49
CA PRO D 580 -6.94 -26.94 2.92
C PRO D 580 -7.21 -27.35 1.47
N ILE D 581 -8.46 -27.09 1.07
CA ILE D 581 -8.89 -27.42 -0.28
C ILE D 581 -8.20 -26.52 -1.30
N SER D 582 -7.99 -25.25 -0.95
CA SER D 582 -7.30 -24.33 -1.84
C SER D 582 -5.85 -24.76 -2.06
N PHE D 583 -5.20 -25.26 -1.01
CA PHE D 583 -3.84 -25.77 -1.14
C PHE D 583 -3.79 -26.96 -2.09
N ARG D 584 -4.75 -27.89 -1.95
CA ARG D 584 -4.79 -29.06 -2.82
C ARG D 584 -5.09 -28.67 -4.26
N ASP D 585 -5.98 -27.70 -4.46
CA ASP D 585 -6.28 -27.23 -5.82
C ASP D 585 -5.09 -26.53 -6.46
N CYS D 586 -4.36 -25.72 -5.67
CA CYS D 586 -3.16 -25.08 -6.20
C CYS D 586 -2.08 -26.10 -6.50
N ARG D 587 -1.98 -27.16 -5.69
CA ARG D 587 -1.07 -28.26 -5.96
C ARG D 587 -1.44 -28.98 -7.26
N GLY D 588 -2.73 -29.22 -7.49
CA GLY D 588 -3.15 -29.83 -8.72
C GLY D 588 -2.91 -28.96 -9.94
N THR D 589 -3.07 -27.64 -9.77
CA THR D 589 -2.78 -26.71 -10.87
C THR D 589 -1.28 -26.67 -11.14
N GLN D 590 -0.46 -26.80 -10.09
CA GLN D 590 0.98 -27.00 -10.26
C GLN D 590 1.28 -28.27 -11.03
N LEU D 591 0.52 -29.34 -10.79
CA LEU D 591 0.70 -30.56 -11.55
C LEU D 591 0.27 -30.38 -13.00
N GLY D 592 -0.87 -29.74 -13.22
CA GLY D 592 -1.41 -29.59 -14.56
C GLY D 592 -1.02 -28.30 -15.26
N LEU D 593 0.27 -28.11 -15.49
CA LEU D 593 0.72 -26.95 -16.26
C LEU D 593 0.74 -27.26 -17.75
N GLY D 594 1.52 -28.27 -18.15
CA GLY D 594 1.59 -28.70 -19.53
C GLY D 594 0.95 -30.04 -19.83
N ARG D 595 0.20 -30.62 -18.89
CA ARG D 595 -0.41 -31.92 -19.12
C ARG D 595 -1.67 -31.79 -19.98
N HIS D 596 -2.21 -32.94 -20.36
CA HIS D 596 -3.40 -32.98 -21.19
C HIS D 596 -4.63 -32.50 -20.43
N THR D 597 -5.47 -31.72 -21.12
CA THR D 597 -6.72 -31.25 -20.54
C THR D 597 -7.89 -31.61 -21.44
N MET D 598 -9.11 -31.39 -20.97
CA MET D 598 -10.30 -31.65 -21.77
C MET D 598 -10.72 -30.39 -22.51
N THR D 599 -11.00 -30.53 -23.80
CA THR D 599 -11.60 -29.45 -24.58
C THR D 599 -13.02 -29.20 -24.07
N PRO D 600 -13.54 -27.98 -24.22
CA PRO D 600 -14.88 -27.66 -23.67
C PRO D 600 -16.01 -28.54 -24.19
N ALA D 601 -15.91 -29.07 -25.41
CA ALA D 601 -16.98 -29.90 -25.95
C ALA D 601 -17.12 -31.21 -25.18
N THR D 602 -16.01 -31.92 -24.98
CA THR D 602 -16.08 -33.20 -24.29
C THR D 602 -16.39 -33.01 -22.80
N ILE D 603 -15.95 -31.89 -22.21
CA ILE D 603 -16.20 -31.70 -20.79
C ILE D 603 -17.66 -31.29 -20.55
N LYS D 604 -18.26 -30.54 -21.49
CA LYS D 604 -19.67 -30.23 -21.33
C LYS D 604 -20.54 -31.44 -21.62
N ALA D 605 -20.10 -32.30 -22.55
CA ALA D 605 -20.81 -33.56 -22.80
C ALA D 605 -20.73 -34.48 -21.59
N VAL D 606 -19.56 -34.56 -20.95
CA VAL D 606 -19.40 -35.42 -19.78
C VAL D 606 -20.23 -34.90 -18.60
N LYS D 607 -20.20 -33.59 -18.35
CA LYS D 607 -20.98 -33.06 -17.24
C LYS D 607 -22.48 -33.16 -17.53
N ASP D 608 -22.88 -33.06 -18.81
CA ASP D 608 -24.29 -33.19 -19.14
C ASP D 608 -24.76 -34.62 -19.03
N THR D 609 -23.89 -35.59 -19.32
CA THR D 609 -24.31 -36.98 -19.24
C THR D 609 -24.14 -37.57 -17.85
N PHE D 610 -23.39 -36.92 -16.96
CA PHE D 610 -23.35 -37.37 -15.57
C PHE D 610 -24.41 -36.67 -14.72
N GLU D 611 -24.73 -35.42 -15.05
CA GLU D 611 -25.84 -34.74 -14.39
C GLU D 611 -27.17 -34.92 -15.12
N ASP D 612 -27.31 -36.02 -15.87
CA ASP D 612 -28.60 -36.38 -16.46
C ASP D 612 -29.36 -37.28 -15.51
N ARG D 613 -30.63 -36.96 -15.27
CA ARG D 613 -31.48 -37.75 -14.40
C ARG D 613 -32.44 -38.67 -15.15
N ALA D 614 -32.62 -38.45 -16.45
CA ALA D 614 -33.50 -39.29 -17.28
C ALA D 614 -32.73 -40.40 -17.99
N TYR D 615 -31.64 -40.88 -17.40
CA TYR D 615 -30.80 -41.88 -18.03
C TYR D 615 -31.51 -43.22 -18.08
N PRO D 616 -31.62 -43.84 -19.26
CA PRO D 616 -32.30 -45.14 -19.36
C PRO D 616 -31.52 -46.25 -18.66
N THR D 617 -32.26 -47.24 -18.17
CA THR D 617 -31.65 -48.39 -17.52
C THR D 617 -31.25 -49.49 -18.50
N ILE D 618 -31.52 -49.29 -19.80
CA ILE D 618 -31.13 -50.28 -20.80
C ILE D 618 -29.61 -50.40 -20.87
N PHE D 619 -28.92 -49.27 -20.73
CA PHE D 619 -27.46 -49.29 -20.66
C PHE D 619 -26.98 -50.06 -19.44
N TYR D 620 -27.70 -49.95 -18.33
CA TYR D 620 -27.36 -50.71 -17.12
C TYR D 620 -27.56 -52.20 -17.33
N MET D 621 -28.65 -52.59 -18.02
CA MET D 621 -28.89 -53.99 -18.36
C MET D 621 -27.79 -54.56 -19.26
N LEU D 622 -27.42 -53.83 -20.33
CA LEU D 622 -26.36 -54.32 -21.21
C LEU D 622 -25.00 -54.36 -20.49
N GLU D 623 -24.71 -53.40 -19.63
CA GLU D 623 -23.47 -53.43 -18.87
C GLU D 623 -23.45 -54.58 -17.87
N ALA D 624 -24.62 -54.91 -17.31
CA ALA D 624 -24.69 -56.02 -16.36
C ALA D 624 -24.58 -57.37 -17.05
N VAL D 625 -25.20 -57.53 -18.22
CA VAL D 625 -25.21 -58.82 -18.88
C VAL D 625 -23.89 -59.08 -19.60
N ILE D 626 -23.35 -58.06 -20.27
CA ILE D 626 -22.03 -58.18 -20.89
C ILE D 626 -20.96 -58.40 -19.82
N HIS D 627 -21.09 -57.67 -18.69
CA HIS D 627 -20.30 -57.82 -17.46
C HIS D 627 -18.79 -57.83 -17.70
N GLY D 628 -18.35 -57.00 -18.64
CA GLY D 628 -16.92 -56.86 -18.92
C GLY D 628 -16.27 -58.09 -19.49
N ASN D 629 -16.94 -58.78 -20.40
CA ASN D 629 -16.38 -59.94 -21.09
C ASN D 629 -16.24 -59.56 -22.56
N GLU D 630 -15.04 -59.79 -23.12
CA GLU D 630 -14.78 -59.41 -24.50
C GLU D 630 -15.56 -60.29 -25.48
N ARG D 631 -15.84 -61.54 -25.08
CA ARG D 631 -16.64 -62.42 -25.94
C ARG D 631 -18.06 -61.91 -26.06
N ASN D 632 -18.58 -61.28 -25.02
CA ASN D 632 -19.92 -60.70 -25.09
C ASN D 632 -19.95 -59.49 -26.02
N PHE D 633 -18.94 -58.63 -25.95
CA PHE D 633 -18.95 -57.42 -26.77
C PHE D 633 -18.60 -57.73 -28.23
N CYS D 634 -17.87 -58.82 -28.46
CA CYS D 634 -17.48 -59.20 -29.82
C CYS D 634 -18.65 -59.67 -30.68
N ALA D 635 -19.80 -59.99 -30.07
CA ALA D 635 -20.98 -60.43 -30.81
C ALA D 635 -22.08 -59.38 -30.85
N LEU D 636 -21.86 -58.21 -30.27
CA LEU D 636 -22.87 -57.17 -30.13
C LEU D 636 -22.38 -55.85 -30.70
N LEU D 637 -21.81 -55.88 -31.91
CA LEU D 637 -21.34 -54.63 -32.52
C LEU D 637 -22.51 -53.75 -32.95
N ARG D 638 -23.50 -54.36 -33.63
CA ARG D 638 -24.57 -53.58 -34.25
C ARG D 638 -25.53 -53.01 -33.20
N LEU D 639 -25.86 -53.80 -32.17
CA LEU D 639 -26.79 -53.34 -31.14
C LEU D 639 -26.20 -52.18 -30.35
N LEU D 640 -24.93 -52.30 -29.95
CA LEU D 640 -24.25 -51.21 -29.26
C LEU D 640 -24.11 -49.98 -30.16
N THR D 641 -23.83 -50.18 -31.46
CA THR D 641 -23.74 -49.07 -32.40
C THR D 641 -25.06 -48.30 -32.48
N GLN D 642 -26.15 -49.03 -32.68
CA GLN D 642 -27.47 -48.41 -32.81
C GLN D 642 -27.90 -47.73 -31.51
N CYS D 643 -27.66 -48.38 -30.37
CA CYS D 643 -28.07 -47.80 -29.09
C CYS D 643 -27.28 -46.54 -28.77
N ILE D 644 -25.97 -46.57 -28.98
CA ILE D 644 -25.12 -45.39 -28.70
C ILE D 644 -25.47 -44.25 -29.64
N ARG D 645 -25.66 -44.55 -30.93
CA ARG D 645 -26.02 -43.51 -31.89
C ARG D 645 -27.38 -42.90 -31.56
N GLY D 646 -28.37 -43.74 -31.24
CA GLY D 646 -29.70 -43.24 -30.93
C GLY D 646 -29.73 -42.41 -29.65
N TYR D 647 -28.95 -42.80 -28.65
CA TYR D 647 -28.90 -41.98 -27.44
C TYR D 647 -28.10 -40.71 -27.66
N TRP D 648 -27.11 -40.74 -28.56
CA TRP D 648 -26.29 -39.54 -28.76
C TRP D 648 -27.04 -38.48 -29.55
N GLU D 649 -27.52 -38.82 -30.77
CA GLU D 649 -28.19 -37.78 -31.54
C GLU D 649 -29.68 -37.73 -31.25
N GLN D 650 -30.02 -37.71 -29.95
CA GLN D 650 -31.35 -37.33 -29.49
C GLN D 650 -31.34 -36.36 -28.31
N SER D 651 -30.26 -36.29 -27.53
CA SER D 651 -30.11 -35.28 -26.49
C SER D 651 -28.69 -34.76 -26.36
N HIS D 652 -27.76 -35.20 -27.23
CA HIS D 652 -26.33 -34.85 -27.18
C HIS D 652 -25.71 -35.22 -25.84
N ARG D 653 -25.92 -36.47 -25.43
CA ARG D 653 -25.33 -37.02 -24.22
C ARG D 653 -24.68 -38.35 -24.58
N VAL D 654 -23.42 -38.53 -24.16
CA VAL D 654 -22.70 -39.76 -24.45
C VAL D 654 -23.04 -40.81 -23.39
N ALA D 655 -23.12 -42.07 -23.83
CA ALA D 655 -23.54 -43.16 -22.96
C ALA D 655 -22.42 -44.17 -22.79
N PHE D 656 -22.64 -45.10 -21.85
CA PHE D 656 -21.73 -46.19 -21.51
C PHE D 656 -20.36 -45.70 -21.05
N VAL D 657 -20.28 -44.48 -20.52
CA VAL D 657 -19.02 -43.96 -20.00
C VAL D 657 -18.84 -44.38 -18.55
N ASN D 658 -19.89 -44.93 -17.93
CA ASN D 658 -19.78 -45.43 -16.57
C ASN D 658 -18.84 -46.64 -16.50
N ASN D 659 -19.05 -47.61 -17.38
CA ASN D 659 -18.29 -48.85 -17.31
C ASN D 659 -16.92 -48.69 -17.96
N PHE D 660 -15.88 -49.09 -17.23
CA PHE D 660 -14.53 -49.01 -17.78
C PHE D 660 -14.29 -50.08 -18.84
N HIS D 661 -14.94 -51.24 -18.71
CA HIS D 661 -14.80 -52.27 -19.73
C HIS D 661 -15.81 -52.10 -20.86
N MET D 662 -16.00 -50.87 -21.34
CA MET D 662 -16.86 -50.63 -22.49
C MET D 662 -16.26 -49.66 -23.48
N LEU D 663 -15.57 -48.61 -23.02
CA LEU D 663 -15.25 -47.46 -23.87
C LEU D 663 -13.96 -47.66 -24.64
N MET D 664 -12.97 -48.34 -24.08
CA MET D 664 -11.79 -48.67 -24.88
C MET D 664 -12.13 -49.74 -25.91
N TYR D 665 -13.10 -50.60 -25.60
CA TYR D 665 -13.68 -51.48 -26.62
C TYR D 665 -14.31 -50.67 -27.74
N ILE D 666 -14.99 -49.58 -27.39
CA ILE D 666 -15.60 -48.70 -28.39
C ILE D 666 -14.53 -48.10 -29.28
N THR D 667 -13.43 -47.62 -28.68
CA THR D 667 -12.36 -47.00 -29.46
C THR D 667 -11.67 -48.01 -30.37
N THR D 668 -11.38 -49.21 -29.87
CA THR D 668 -10.64 -50.18 -30.67
C THR D 668 -11.50 -50.81 -31.76
N TYR D 669 -12.74 -51.20 -31.44
CA TYR D 669 -13.57 -51.87 -32.43
C TYR D 669 -14.41 -50.86 -33.22
N LEU D 670 -15.24 -50.09 -32.52
CA LEU D 670 -16.16 -49.15 -33.15
C LEU D 670 -15.53 -47.76 -33.25
N GLY D 671 -14.34 -47.71 -33.85
CA GLY D 671 -13.60 -46.47 -33.91
C GLY D 671 -13.08 -46.09 -35.29
N ASN D 672 -13.35 -46.94 -36.29
CA ASN D 672 -12.90 -46.67 -37.64
C ASN D 672 -13.75 -45.62 -38.35
N GLY D 673 -14.89 -45.23 -37.78
CA GLY D 673 -15.77 -44.27 -38.40
C GLY D 673 -17.21 -44.73 -38.41
N GLU D 674 -17.49 -45.80 -37.67
CA GLU D 674 -18.86 -46.31 -37.57
C GLU D 674 -19.75 -45.33 -36.81
N LEU D 675 -19.29 -44.90 -35.66
CA LEU D 675 -19.93 -43.89 -34.82
C LEU D 675 -19.67 -42.51 -35.39
N PRO D 676 -20.45 -41.50 -34.98
CA PRO D 676 -20.11 -40.12 -35.33
C PRO D 676 -18.76 -39.70 -34.76
N GLU D 677 -18.10 -38.78 -35.48
CA GLU D 677 -16.73 -38.40 -35.17
C GLU D 677 -16.62 -37.69 -33.83
N VAL D 678 -17.70 -37.06 -33.37
CA VAL D 678 -17.65 -36.31 -32.12
C VAL D 678 -17.52 -37.25 -30.92
N CYS D 679 -18.21 -38.39 -30.95
CA CYS D 679 -18.18 -39.31 -29.82
C CYS D 679 -16.82 -39.98 -29.69
N ILE D 680 -16.22 -40.37 -30.83
CA ILE D 680 -14.92 -41.05 -30.81
C ILE D 680 -13.83 -40.11 -30.31
N ASN D 681 -13.93 -38.82 -30.66
CA ASN D 681 -12.98 -37.84 -30.13
C ASN D 681 -13.15 -37.66 -28.62
N ILE D 682 -14.39 -37.75 -28.14
CA ILE D 682 -14.65 -37.68 -26.69
C ILE D 682 -13.99 -38.86 -25.97
N TYR D 683 -14.19 -40.07 -26.50
CA TYR D 683 -13.59 -41.26 -25.90
C TYR D 683 -12.06 -41.21 -25.99
N ARG D 684 -11.52 -40.74 -27.11
CA ARG D 684 -10.09 -40.63 -27.28
C ARG D 684 -9.50 -39.60 -26.32
N ASP D 685 -10.20 -38.48 -26.10
CA ASP D 685 -9.73 -37.50 -25.14
C ASP D 685 -9.78 -38.05 -23.71
N LEU D 686 -10.79 -38.85 -23.39
CA LEU D 686 -10.88 -39.43 -22.06
C LEU D 686 -9.75 -40.44 -21.81
N LEU D 687 -9.49 -41.31 -22.78
CA LEU D 687 -8.36 -42.25 -22.64
C LEU D 687 -7.02 -41.52 -22.67
N GLN D 688 -6.94 -40.41 -23.42
CA GLN D 688 -5.73 -39.60 -23.42
C GLN D 688 -5.50 -38.97 -22.05
N HIS D 689 -6.57 -38.55 -21.38
CA HIS D 689 -6.44 -37.99 -20.05
C HIS D 689 -6.04 -39.06 -19.03
N VAL D 690 -6.59 -40.27 -19.18
CA VAL D 690 -6.21 -41.37 -18.28
C VAL D 690 -4.74 -41.72 -18.48
N ARG D 691 -4.29 -41.80 -19.73
CA ARG D 691 -2.88 -42.08 -20.02
C ARG D 691 -1.99 -40.93 -19.57
N ALA D 692 -2.48 -39.69 -19.63
CA ALA D 692 -1.72 -38.55 -19.15
C ALA D 692 -1.59 -38.56 -17.64
N LEU D 693 -2.63 -39.01 -16.93
CA LEU D 693 -2.53 -39.17 -15.48
C LEU D 693 -1.52 -40.26 -15.12
N ARG D 694 -1.54 -41.37 -15.86
CA ARG D 694 -0.56 -42.43 -15.63
C ARG D 694 0.86 -41.94 -15.95
N GLN D 695 1.01 -41.14 -17.00
CA GLN D 695 2.29 -40.56 -17.34
C GLN D 695 2.76 -39.56 -16.28
N THR D 696 1.80 -38.84 -15.68
CA THR D 696 2.13 -37.92 -14.59
C THR D 696 2.63 -38.69 -13.36
N ILE D 697 2.02 -39.84 -13.09
CA ILE D 697 2.54 -40.71 -12.03
C ILE D 697 3.93 -41.21 -12.38
N THR D 698 4.13 -41.60 -13.64
CA THR D 698 5.42 -42.18 -14.06
C THR D 698 6.55 -41.16 -14.01
N ASP D 699 6.28 -39.92 -14.44
CA ASP D 699 7.34 -38.92 -14.53
C ASP D 699 7.74 -38.41 -13.15
N PHE D 700 6.86 -38.56 -12.16
CA PHE D 700 7.15 -38.09 -10.81
C PHE D 700 7.78 -39.17 -9.94
N THR D 701 8.04 -40.36 -10.47
CA THR D 701 8.78 -41.38 -9.77
C THR D 701 10.08 -41.69 -10.52
N ILE D 702 11.03 -42.25 -9.78
CA ILE D 702 12.35 -42.60 -10.32
C ILE D 702 12.48 -44.11 -10.31
N GLN D 703 12.74 -44.68 -11.48
CA GLN D 703 12.79 -46.13 -11.64
C GLN D 703 14.18 -46.66 -11.31
N GLY D 704 14.34 -47.97 -11.52
CA GLY D 704 15.61 -48.63 -11.33
C GLY D 704 15.89 -49.11 -9.93
N GLU D 705 15.04 -48.78 -8.97
CA GLU D 705 15.20 -49.23 -7.58
C GLU D 705 13.97 -50.06 -7.19
N GLY D 706 14.19 -51.35 -7.03
CA GLY D 706 13.15 -52.28 -6.59
C GLY D 706 13.56 -52.96 -5.29
N HIS D 707 12.74 -52.78 -4.27
CA HIS D 707 13.00 -53.34 -2.95
C HIS D 707 11.89 -54.32 -2.59
N ASN D 708 12.32 -55.51 -2.12
CA ASN D 708 11.44 -56.59 -1.70
C ASN D 708 10.50 -57.06 -2.81
N GLY D 709 10.96 -56.97 -4.06
CA GLY D 709 10.16 -57.38 -5.18
C GLY D 709 9.11 -56.39 -5.62
N GLU D 710 9.07 -55.21 -5.01
CA GLU D 710 8.11 -54.18 -5.37
C GLU D 710 8.77 -53.17 -6.31
N THR D 711 8.12 -52.89 -7.42
CA THR D 711 8.60 -51.86 -8.33
C THR D 711 8.41 -50.48 -7.70
N SER D 712 9.15 -49.51 -8.24
CA SER D 712 9.09 -48.15 -7.71
C SER D 712 7.73 -47.51 -7.98
N GLU D 713 7.05 -47.93 -9.05
CA GLU D 713 5.71 -47.41 -9.34
C GLU D 713 4.72 -47.83 -8.26
N ALA D 714 4.77 -49.10 -7.85
CA ALA D 714 3.91 -49.58 -6.78
C ALA D 714 4.35 -49.07 -5.42
N LEU D 715 5.66 -49.00 -5.17
CA LEU D 715 6.15 -48.60 -3.87
C LEU D 715 6.00 -47.10 -3.65
N ASN D 716 5.83 -46.32 -4.72
CA ASN D 716 5.67 -44.87 -4.58
C ASN D 716 4.20 -44.46 -4.55
N ASN D 717 3.43 -44.82 -5.57
CA ASN D 717 2.07 -44.36 -5.72
C ASN D 717 1.08 -45.44 -5.31
N ILE D 718 -0.19 -45.05 -5.21
CA ILE D 718 -1.27 -45.92 -4.77
C ILE D 718 -2.05 -46.48 -5.94
N LEU D 719 -2.36 -45.64 -6.93
CA LEU D 719 -3.07 -46.09 -8.11
C LEU D 719 -2.21 -46.97 -9.01
N THR D 720 -0.89 -46.94 -8.83
CA THR D 720 -0.01 -47.91 -9.47
C THR D 720 0.45 -49.00 -8.51
N ASP D 721 -0.07 -49.01 -7.28
CA ASP D 721 0.25 -50.06 -6.33
C ASP D 721 -0.63 -51.27 -6.59
N ASP D 722 -0.04 -52.45 -6.41
CA ASP D 722 -0.68 -53.70 -6.75
C ASP D 722 -1.50 -54.25 -5.60
N THR D 723 -1.27 -53.76 -4.38
CA THR D 723 -2.09 -54.20 -3.24
C THR D 723 -3.49 -53.62 -3.31
N PHE D 724 -3.62 -52.33 -3.62
CA PHE D 724 -4.91 -51.68 -3.66
C PHE D 724 -5.63 -52.06 -4.95
N ILE D 725 -6.94 -52.27 -4.85
CA ILE D 725 -7.72 -52.82 -5.95
C ILE D 725 -8.82 -51.86 -6.34
N ALA D 726 -9.47 -52.17 -7.47
CA ALA D 726 -10.58 -51.38 -7.96
C ALA D 726 -11.81 -51.57 -7.07
N PRO D 727 -12.70 -50.56 -7.01
CA PRO D 727 -13.94 -50.74 -6.23
C PRO D 727 -14.86 -51.82 -6.76
N ILE D 728 -14.89 -52.04 -8.07
CA ILE D 728 -15.74 -53.06 -8.68
C ILE D 728 -14.87 -53.89 -9.61
N LEU D 729 -14.89 -55.21 -9.42
CA LEU D 729 -14.13 -56.14 -10.23
C LEU D 729 -15.07 -56.94 -11.12
N TRP D 730 -14.88 -56.83 -12.43
CA TRP D 730 -15.59 -57.70 -13.37
C TRP D 730 -14.84 -58.99 -13.63
N ASP D 731 -13.51 -58.96 -13.60
CA ASP D 731 -12.67 -60.12 -13.85
C ASP D 731 -11.84 -60.42 -12.62
N CYS D 732 -11.41 -61.67 -12.51
CA CYS D 732 -10.61 -62.12 -11.37
C CYS D 732 -9.11 -61.95 -11.61
N ASP D 733 -8.72 -61.30 -12.71
CA ASP D 733 -7.31 -61.08 -12.99
C ASP D 733 -6.66 -60.16 -11.96
N ALA D 734 -7.41 -59.17 -11.47
CA ALA D 734 -6.89 -58.22 -10.50
C ALA D 734 -6.56 -58.91 -9.18
N LEU D 735 -7.40 -59.87 -8.76
CA LEU D 735 -7.14 -60.59 -7.51
C LEU D 735 -5.92 -61.50 -7.63
N ILE D 736 -5.76 -62.17 -8.78
CA ILE D 736 -4.61 -63.03 -9.01
C ILE D 736 -3.33 -62.20 -9.04
N TYR D 737 -3.38 -61.05 -9.70
CA TYR D 737 -2.23 -60.16 -9.71
C TYR D 737 -1.97 -59.56 -8.33
N ARG D 738 -3.02 -59.34 -7.55
CA ARG D 738 -2.87 -58.76 -6.21
C ARG D 738 -2.18 -59.72 -5.27
N ASP D 739 -2.61 -60.98 -5.23
CA ASP D 739 -1.92 -61.92 -4.35
C ASP D 739 -0.69 -62.56 -4.99
N GLU D 740 -0.37 -62.22 -6.25
CA GLU D 740 0.89 -62.65 -6.85
C GLU D 740 1.98 -61.60 -6.73
N ALA D 741 1.64 -60.31 -6.87
CA ALA D 741 2.67 -59.28 -7.00
C ALA D 741 3.29 -58.90 -5.66
N ALA D 742 2.57 -59.08 -4.56
CA ALA D 742 3.04 -58.55 -3.28
C ALA D 742 4.12 -59.44 -2.65
N ARG D 743 3.73 -60.65 -2.25
CA ARG D 743 4.60 -61.72 -1.77
C ARG D 743 5.35 -61.41 -0.47
N ASP D 744 5.17 -60.22 0.09
CA ASP D 744 5.72 -59.86 1.39
C ASP D 744 4.61 -59.24 2.23
N ARG D 745 3.66 -58.59 1.56
CA ARG D 745 2.43 -58.16 2.19
C ARG D 745 1.60 -59.40 2.49
N LEU D 746 1.34 -59.67 3.77
CA LEU D 746 0.60 -60.85 4.18
C LEU D 746 -0.85 -60.74 3.73
N PRO D 747 -1.27 -61.52 2.73
CA PRO D 747 -2.60 -61.31 2.15
C PRO D 747 -3.72 -62.05 2.87
N ALA D 748 -4.91 -61.48 2.84
CA ALA D 748 -6.10 -62.16 3.34
C ALA D 748 -7.30 -61.64 2.57
N ILE D 749 -7.91 -62.52 1.79
CA ILE D 749 -9.07 -62.20 0.97
C ILE D 749 -10.29 -62.88 1.56
N ARG D 750 -11.39 -62.14 1.68
CA ARG D 750 -12.62 -62.64 2.27
C ARG D 750 -13.77 -62.37 1.32
N VAL D 751 -14.35 -63.44 0.76
CA VAL D 751 -15.50 -63.29 -0.10
C VAL D 751 -16.73 -63.89 0.58
N SER D 752 -17.42 -63.06 1.37
CA SER D 752 -18.71 -63.38 2.00
C SER D 752 -18.65 -64.68 2.82
N GLY D 753 -17.85 -64.63 3.89
CA GLY D 753 -17.72 -65.80 4.73
C GLY D 753 -16.45 -66.58 4.49
N ARG D 754 -16.55 -67.62 3.65
CA ARG D 754 -15.39 -68.42 3.24
C ARG D 754 -14.28 -67.53 2.67
N ASN D 755 -13.04 -67.96 2.90
CA ASN D 755 -11.86 -67.20 2.51
C ASN D 755 -11.35 -67.71 1.17
N GLY D 756 -11.06 -66.79 0.28
CA GLY D 756 -10.49 -67.16 -1.00
C GLY D 756 -11.54 -67.35 -2.07
N TYR D 757 -11.08 -67.43 -3.32
CA TYR D 757 -11.93 -67.67 -4.48
C TYR D 757 -11.54 -68.98 -5.15
N GLN D 758 -12.34 -69.38 -6.13
CA GLN D 758 -12.05 -70.55 -6.96
C GLN D 758 -11.90 -70.20 -8.43
N ALA D 759 -12.53 -69.12 -8.87
CA ALA D 759 -12.43 -68.59 -10.24
C ALA D 759 -12.84 -69.63 -11.29
N LEU D 760 -14.11 -70.01 -11.24
CA LEU D 760 -14.68 -70.93 -12.22
C LEU D 760 -15.55 -70.13 -13.19
N HIS D 761 -15.20 -70.18 -14.47
CA HIS D 761 -15.85 -69.39 -15.50
C HIS D 761 -16.62 -70.28 -16.46
N PHE D 762 -17.15 -69.64 -17.51
CA PHE D 762 -17.92 -70.27 -18.58
C PHE D 762 -19.12 -71.05 -18.03
N VAL D 763 -20.02 -70.28 -17.44
CA VAL D 763 -21.26 -70.82 -16.89
C VAL D 763 -22.28 -70.97 -18.04
N ASP D 764 -23.01 -72.09 -18.03
CA ASP D 764 -23.90 -72.46 -19.12
C ASP D 764 -25.34 -72.52 -18.62
N MET D 765 -26.22 -73.07 -19.48
CA MET D 765 -27.66 -72.98 -19.27
C MET D 765 -28.12 -73.69 -18.00
N ALA D 766 -27.72 -74.96 -17.84
CA ALA D 766 -28.30 -75.78 -16.77
C ALA D 766 -27.73 -75.42 -15.41
N GLY D 767 -26.53 -74.83 -15.38
CA GLY D 767 -25.88 -74.56 -14.12
C GLY D 767 -25.64 -73.10 -13.83
N HIS D 768 -26.64 -72.25 -14.11
CA HIS D 768 -26.49 -70.82 -13.80
C HIS D 768 -26.39 -70.60 -12.30
N ASN D 769 -27.31 -71.18 -11.53
CA ASN D 769 -27.25 -71.27 -10.06
C ASN D 769 -27.15 -69.89 -9.42
N PHE D 770 -28.23 -69.13 -9.55
CA PHE D 770 -28.29 -67.78 -8.99
C PHE D 770 -28.15 -67.80 -7.47
N GLN D 771 -28.61 -68.87 -6.81
CA GLN D 771 -28.47 -69.03 -5.36
C GLN D 771 -27.24 -69.89 -5.03
N ARG D 772 -26.08 -69.42 -5.47
CA ARG D 772 -24.82 -70.11 -5.20
C ARG D 772 -24.10 -69.42 -4.04
N ARG D 773 -23.74 -70.20 -3.02
CA ARG D 773 -23.14 -69.65 -1.82
C ARG D 773 -21.67 -70.03 -1.62
N ASP D 774 -21.10 -70.83 -2.51
CA ASP D 774 -19.68 -71.12 -2.43
C ASP D 774 -18.88 -70.02 -3.14
N ASN D 775 -17.57 -70.20 -3.23
CA ASN D 775 -16.66 -69.17 -3.73
C ASN D 775 -16.32 -69.37 -5.20
N VAL D 776 -17.28 -69.84 -5.99
CA VAL D 776 -17.14 -69.83 -7.45
C VAL D 776 -17.44 -68.42 -7.94
N LEU D 777 -16.48 -67.83 -8.65
CA LEU D 777 -16.64 -66.50 -9.22
C LEU D 777 -16.43 -66.57 -10.73
N ILE D 778 -17.32 -65.93 -11.48
CA ILE D 778 -17.30 -65.96 -12.93
C ILE D 778 -16.19 -65.03 -13.40
N HIS D 779 -15.05 -65.60 -13.76
CA HIS D 779 -13.93 -64.80 -14.27
C HIS D 779 -14.22 -64.25 -15.66
N GLY D 780 -14.86 -65.03 -16.51
CA GLY D 780 -15.18 -64.64 -17.87
C GLY D 780 -14.58 -65.59 -18.88
N ARG D 781 -15.25 -65.70 -20.02
CA ARG D 781 -14.82 -66.58 -21.10
C ARG D 781 -13.64 -65.98 -21.82
N PRO D 782 -12.51 -66.68 -21.92
CA PRO D 782 -11.44 -66.23 -22.82
C PRO D 782 -11.89 -66.34 -24.27
N VAL D 783 -11.47 -65.36 -25.08
CA VAL D 783 -11.88 -65.31 -26.47
C VAL D 783 -10.87 -66.06 -27.33
N ARG D 784 -9.60 -65.68 -27.24
CA ARG D 784 -8.54 -66.32 -28.02
C ARG D 784 -7.88 -67.42 -27.19
N GLY D 785 -8.70 -68.40 -26.83
CA GLY D 785 -8.21 -69.53 -26.06
C GLY D 785 -9.36 -70.47 -25.76
N ASP D 786 -9.03 -71.57 -25.09
CA ASP D 786 -9.99 -72.57 -24.69
C ASP D 786 -10.29 -72.51 -23.20
N THR D 787 -11.57 -72.65 -22.85
CA THR D 787 -11.99 -72.58 -21.46
C THR D 787 -11.48 -73.76 -20.66
N GLY D 788 -11.98 -74.96 -20.95
CA GLY D 788 -11.57 -76.16 -20.26
C GLY D 788 -12.06 -76.22 -18.81
N GLN D 789 -11.56 -77.22 -18.10
CA GLN D 789 -11.80 -77.38 -16.67
C GLN D 789 -10.51 -77.50 -15.87
N ALA D 790 -9.52 -78.22 -16.36
CA ALA D 790 -8.24 -78.35 -15.69
C ALA D 790 -7.27 -77.24 -16.04
N ILE D 791 -7.66 -76.34 -16.95
CA ILE D 791 -6.82 -75.23 -17.40
C ILE D 791 -6.77 -74.18 -16.29
N PRO D 792 -5.59 -73.75 -15.86
CA PRO D 792 -5.51 -72.68 -14.86
C PRO D 792 -6.02 -71.36 -15.41
N ILE D 793 -6.51 -70.53 -14.49
CA ILE D 793 -7.15 -69.28 -14.90
C ILE D 793 -6.09 -68.27 -15.31
N THR D 794 -6.23 -67.74 -16.53
CA THR D 794 -5.30 -66.75 -17.04
C THR D 794 -5.92 -65.36 -16.93
N PRO D 795 -5.10 -64.33 -16.70
CA PRO D 795 -5.61 -62.95 -16.73
C PRO D 795 -6.07 -62.57 -18.13
N HIS D 796 -7.13 -61.77 -18.19
CA HIS D 796 -7.65 -61.32 -19.48
C HIS D 796 -6.71 -60.31 -20.13
N HIS D 797 -6.15 -59.40 -19.34
CA HIS D 797 -5.34 -58.31 -19.89
C HIS D 797 -4.05 -58.16 -19.08
N ASP D 798 -3.33 -57.09 -19.38
CA ASP D 798 -1.99 -56.85 -18.88
C ASP D 798 -2.06 -56.14 -17.52
N ARG D 799 -0.89 -55.86 -16.97
CA ARG D 799 -0.78 -55.19 -15.68
C ARG D 799 -1.28 -53.75 -15.77
N GLU D 800 -1.17 -53.13 -16.95
CA GLU D 800 -1.67 -51.79 -17.14
C GLU D 800 -3.19 -51.70 -17.14
N TRP D 801 -3.89 -52.83 -17.34
CA TRP D 801 -5.35 -52.87 -17.19
C TRP D 801 -5.80 -52.47 -15.79
N GLY D 802 -5.20 -53.09 -14.77
CA GLY D 802 -5.58 -52.75 -13.40
C GLY D 802 -5.22 -51.32 -13.04
N ILE D 803 -4.08 -50.84 -13.54
CA ILE D 803 -3.65 -49.47 -13.27
C ILE D 803 -4.61 -48.48 -13.89
N LEU D 804 -4.96 -48.68 -15.17
CA LEU D 804 -5.86 -47.74 -15.84
C LEU D 804 -7.26 -47.81 -15.26
N SER D 805 -7.71 -49.02 -14.87
CA SER D 805 -9.03 -49.14 -14.26
C SER D 805 -9.10 -48.44 -12.91
N LYS D 806 -8.07 -48.61 -12.07
CA LYS D 806 -8.04 -47.93 -10.78
C LYS D 806 -7.93 -46.42 -10.96
N ILE D 807 -7.11 -45.97 -11.91
CA ILE D 807 -6.95 -44.54 -12.19
C ILE D 807 -8.28 -43.94 -12.64
N TYR D 808 -8.99 -44.63 -13.53
CA TYR D 808 -10.28 -44.14 -14.00
C TYR D 808 -11.30 -44.10 -12.86
N TYR D 809 -11.43 -45.22 -12.13
CA TYR D 809 -12.43 -45.32 -11.07
C TYR D 809 -12.18 -44.37 -9.92
N TYR D 810 -10.93 -43.99 -9.67
CA TYR D 810 -10.61 -43.13 -8.55
C TYR D 810 -10.31 -41.69 -8.96
N ILE D 811 -10.30 -41.37 -10.25
CA ILE D 811 -10.12 -39.99 -10.66
C ILE D 811 -11.34 -39.48 -11.43
N VAL D 812 -11.68 -40.15 -12.54
CA VAL D 812 -12.64 -39.58 -13.48
C VAL D 812 -14.04 -39.62 -12.90
N ILE D 813 -14.45 -40.78 -12.37
CA ILE D 813 -15.81 -40.92 -11.85
C ILE D 813 -16.10 -40.06 -10.62
N PRO D 814 -15.28 -40.06 -9.55
CA PRO D 814 -15.67 -39.27 -8.38
C PRO D 814 -15.56 -37.76 -8.58
N ALA D 815 -14.63 -37.30 -9.44
CA ALA D 815 -14.49 -35.86 -9.65
C ALA D 815 -15.61 -35.30 -10.51
N PHE D 816 -16.07 -36.06 -11.51
CA PHE D 816 -17.18 -35.60 -12.33
C PHE D 816 -18.52 -35.81 -11.64
N SER D 817 -18.67 -36.87 -10.85
CA SER D 817 -19.92 -37.07 -10.11
C SER D 817 -19.99 -36.15 -8.89
N ARG D 818 -18.83 -35.73 -8.37
CA ARG D 818 -18.72 -34.89 -7.17
C ARG D 818 -19.42 -35.52 -5.97
N GLY D 819 -19.17 -36.82 -5.78
CA GLY D 819 -19.73 -37.54 -4.65
C GLY D 819 -21.24 -37.72 -4.70
N SER D 820 -21.80 -37.97 -5.88
CA SER D 820 -23.23 -38.19 -6.04
C SER D 820 -23.55 -39.58 -6.57
N CYS D 821 -22.65 -40.19 -7.33
CA CYS D 821 -22.87 -41.53 -7.85
C CYS D 821 -22.74 -42.57 -6.75
N CYS D 822 -23.37 -43.73 -6.97
CA CYS D 822 -23.42 -44.78 -5.98
C CYS D 822 -23.05 -46.11 -6.63
N THR D 823 -22.44 -46.99 -5.84
CA THR D 823 -22.10 -48.34 -6.26
C THR D 823 -23.07 -49.34 -5.64
N MET D 824 -23.45 -50.36 -6.43
CA MET D 824 -24.41 -51.34 -5.99
C MET D 824 -24.30 -52.60 -6.84
N GLY D 825 -24.89 -53.68 -6.34
CA GLY D 825 -24.97 -54.92 -7.07
C GLY D 825 -26.29 -55.05 -7.80
N VAL D 826 -26.36 -56.04 -8.68
CA VAL D 826 -27.54 -56.30 -9.48
C VAL D 826 -28.25 -57.53 -8.95
N ARG D 827 -29.46 -57.77 -9.44
CA ARG D 827 -30.27 -58.92 -9.06
C ARG D 827 -30.48 -59.74 -10.32
N TYR D 828 -29.54 -60.65 -10.60
CA TYR D 828 -29.59 -61.45 -11.81
C TYR D 828 -30.77 -62.42 -11.83
N ASP D 829 -31.22 -62.87 -10.64
CA ASP D 829 -32.29 -63.84 -10.54
C ASP D 829 -33.63 -63.31 -11.07
N ARG D 830 -33.80 -61.99 -11.14
CA ARG D 830 -34.95 -61.39 -11.80
C ARG D 830 -34.59 -60.70 -13.10
N LEU D 831 -33.33 -60.25 -13.23
CA LEU D 831 -32.90 -59.54 -14.44
C LEU D 831 -32.82 -60.48 -15.63
N TYR D 832 -32.22 -61.66 -15.46
CA TYR D 832 -32.10 -62.61 -16.56
C TYR D 832 -33.44 -63.16 -17.06
N PRO D 833 -34.40 -63.57 -16.22
CA PRO D 833 -35.71 -63.94 -16.79
C PRO D 833 -36.46 -62.77 -17.43
N ALA D 834 -36.19 -61.54 -17.00
CA ALA D 834 -36.80 -60.39 -17.65
C ALA D 834 -36.18 -60.09 -19.02
N LEU D 835 -35.03 -60.67 -19.33
CA LEU D 835 -34.34 -60.43 -20.59
C LEU D 835 -34.72 -61.46 -21.66
N GLN D 836 -35.43 -62.52 -21.28
CA GLN D 836 -35.74 -63.62 -22.19
C GLN D 836 -36.90 -63.32 -23.14
N ALA D 837 -37.43 -62.10 -23.11
CA ALA D 837 -38.62 -61.75 -23.90
C ALA D 837 -38.20 -60.83 -25.06
N VAL D 838 -37.83 -61.45 -26.17
CA VAL D 838 -37.56 -60.72 -27.41
C VAL D 838 -38.74 -60.95 -28.36
N ILE D 839 -39.24 -59.87 -28.95
CA ILE D 839 -40.48 -59.90 -29.71
C ILE D 839 -40.14 -59.49 -31.15
N VAL D 840 -38.96 -59.93 -31.61
CA VAL D 840 -38.65 -59.71 -33.03
C VAL D 840 -39.61 -60.52 -33.89
N PRO D 841 -40.03 -60.01 -35.06
CA PRO D 841 -41.01 -60.73 -35.86
C PRO D 841 -40.34 -61.77 -36.75
N GLU D 842 -41.17 -62.57 -37.40
CA GLU D 842 -40.73 -63.55 -38.39
C GLU D 842 -40.79 -62.86 -39.76
N ILE D 843 -39.63 -62.40 -40.23
CA ILE D 843 -39.57 -61.70 -41.52
C ILE D 843 -39.82 -62.70 -42.64
N PRO D 844 -40.65 -62.36 -43.64
CA PRO D 844 -40.83 -63.24 -44.79
C PRO D 844 -39.54 -63.37 -45.59
N ALA D 845 -39.41 -64.50 -46.27
CA ALA D 845 -38.20 -64.80 -47.02
C ALA D 845 -38.04 -63.86 -48.21
N ASP D 846 -36.78 -63.49 -48.48
CA ASP D 846 -36.39 -62.60 -49.58
C ASP D 846 -37.08 -61.24 -49.47
N GLU D 847 -37.02 -60.64 -48.28
CA GLU D 847 -37.62 -59.34 -48.03
C GLU D 847 -36.59 -58.41 -47.41
N GLU D 848 -36.82 -57.11 -47.56
CA GLU D 848 -35.91 -56.11 -47.02
C GLU D 848 -36.03 -56.03 -45.51
N ALA D 849 -34.92 -55.67 -44.85
CA ALA D 849 -34.92 -55.50 -43.41
C ALA D 849 -35.50 -54.12 -43.05
N PRO D 850 -36.58 -54.06 -42.26
CA PRO D 850 -37.14 -52.75 -41.91
C PRO D 850 -36.26 -52.02 -40.91
N THR D 851 -36.19 -50.69 -41.06
CA THR D 851 -35.40 -49.83 -40.20
C THR D 851 -36.23 -48.77 -39.50
N THR D 852 -37.17 -48.14 -40.19
CA THR D 852 -38.01 -47.14 -39.56
C THR D 852 -39.07 -47.80 -38.67
N PRO D 853 -39.44 -47.17 -37.56
CA PRO D 853 -40.44 -47.76 -36.66
C PRO D 853 -41.88 -47.46 -37.02
N GLU D 854 -42.15 -46.88 -38.20
CA GLU D 854 -43.52 -46.57 -38.58
C GLU D 854 -44.29 -47.80 -39.07
N ASP D 855 -43.60 -48.75 -39.71
CA ASP D 855 -44.26 -49.94 -40.22
C ASP D 855 -44.44 -50.97 -39.10
N PRO D 856 -45.48 -51.81 -39.19
CA PRO D 856 -45.64 -52.88 -38.18
C PRO D 856 -44.53 -53.93 -38.22
N ARG D 857 -43.79 -54.04 -39.33
CA ARG D 857 -42.72 -55.02 -39.43
C ARG D 857 -41.55 -54.70 -38.52
N HIS D 858 -41.39 -53.44 -38.11
CA HIS D 858 -40.34 -53.09 -37.16
C HIS D 858 -40.68 -53.65 -35.79
N PRO D 859 -39.68 -54.17 -35.05
CA PRO D 859 -39.97 -54.72 -33.71
C PRO D 859 -40.38 -53.67 -32.69
N LEU D 860 -40.08 -52.39 -32.92
CA LEU D 860 -40.41 -51.33 -31.99
C LEU D 860 -41.75 -50.68 -32.29
N HIS D 861 -42.54 -51.26 -33.19
CA HIS D 861 -43.86 -50.74 -33.49
C HIS D 861 -44.82 -51.04 -32.33
N ALA D 862 -45.87 -50.22 -32.24
CA ALA D 862 -46.85 -50.38 -31.17
C ALA D 862 -47.70 -51.63 -31.35
N HIS D 863 -47.81 -52.13 -32.59
CA HIS D 863 -48.57 -53.36 -32.83
C HIS D 863 -47.85 -54.58 -32.24
N GLN D 864 -46.52 -54.60 -32.32
CA GLN D 864 -45.73 -55.71 -31.80
C GLN D 864 -45.11 -55.40 -30.44
N LEU D 865 -45.78 -54.58 -29.63
CA LEU D 865 -45.30 -54.18 -28.32
C LEU D 865 -46.18 -54.85 -27.27
N VAL D 866 -45.68 -55.94 -26.71
CA VAL D 866 -46.34 -56.61 -25.59
C VAL D 866 -45.69 -56.10 -24.31
N PRO D 867 -46.45 -55.88 -23.23
CA PRO D 867 -45.84 -55.48 -21.97
C PRO D 867 -44.98 -56.59 -21.37
N ASN D 868 -44.06 -56.17 -20.48
CA ASN D 868 -43.07 -57.03 -19.84
C ASN D 868 -42.19 -57.73 -20.87
N SER D 869 -41.68 -56.93 -21.81
CA SER D 869 -40.78 -57.41 -22.85
C SER D 869 -39.77 -56.31 -23.14
N LEU D 870 -38.73 -56.66 -23.89
CA LEU D 870 -37.64 -55.73 -24.17
C LEU D 870 -38.09 -54.55 -25.03
N ASN D 871 -39.14 -54.73 -25.83
CA ASN D 871 -39.55 -53.69 -26.78
C ASN D 871 -40.13 -52.47 -26.05
N VAL D 872 -40.93 -52.69 -25.01
CA VAL D 872 -41.48 -51.56 -24.26
C VAL D 872 -40.39 -50.87 -23.44
N TYR D 873 -39.36 -51.62 -23.01
CA TYR D 873 -38.27 -51.00 -22.26
C TYR D 873 -37.36 -50.21 -23.19
N PHE D 874 -37.22 -50.64 -24.45
CA PHE D 874 -36.49 -49.84 -25.42
C PHE D 874 -37.28 -48.61 -25.86
N HIS D 875 -38.61 -48.75 -25.95
CA HIS D 875 -39.44 -47.62 -26.39
C HIS D 875 -39.62 -46.58 -25.29
N ASN D 876 -39.53 -47.00 -24.02
CA ASN D 876 -39.56 -46.03 -22.92
C ASN D 876 -38.34 -45.13 -22.96
N ALA D 877 -37.21 -45.65 -23.43
CA ALA D 877 -36.03 -44.84 -23.72
C ALA D 877 -36.10 -44.15 -25.07
N HIS D 878 -37.05 -44.57 -25.93
CA HIS D 878 -37.24 -44.04 -27.29
C HIS D 878 -35.96 -44.15 -28.12
N LEU D 879 -35.35 -45.33 -28.12
CA LEU D 879 -34.18 -45.62 -28.93
C LEU D 879 -34.59 -46.50 -30.10
N THR D 880 -33.74 -46.50 -31.13
CA THR D 880 -34.01 -47.22 -32.38
C THR D 880 -33.05 -48.40 -32.50
N VAL D 881 -33.61 -49.61 -32.46
CA VAL D 881 -32.85 -50.84 -32.67
C VAL D 881 -33.62 -51.70 -33.66
N ASP D 882 -32.88 -52.56 -34.35
CA ASP D 882 -33.44 -53.38 -35.42
C ASP D 882 -33.76 -54.78 -34.92
N GLY D 883 -34.19 -55.63 -35.86
CA GLY D 883 -34.52 -57.00 -35.51
C GLY D 883 -33.31 -57.81 -35.09
N ASP D 884 -32.21 -57.68 -35.84
CA ASP D 884 -31.00 -58.40 -35.46
C ASP D 884 -30.37 -57.81 -34.20
N ALA D 885 -30.66 -56.55 -33.89
CA ALA D 885 -30.16 -55.94 -32.67
C ALA D 885 -30.73 -56.62 -31.44
N LEU D 886 -31.99 -57.02 -31.48
CA LEU D 886 -32.55 -57.82 -30.38
C LEU D 886 -32.33 -59.31 -30.59
N LEU D 887 -31.99 -59.72 -31.82
CA LEU D 887 -31.65 -61.12 -32.06
C LEU D 887 -30.27 -61.48 -31.55
N THR D 888 -29.39 -60.50 -31.34
CA THR D 888 -28.09 -60.78 -30.73
C THR D 888 -28.21 -61.13 -29.25
N LEU D 889 -29.38 -60.96 -28.64
CA LEU D 889 -29.58 -61.37 -27.26
C LEU D 889 -29.43 -62.87 -27.08
N GLN D 890 -29.87 -63.66 -28.05
CA GLN D 890 -29.87 -65.11 -27.88
C GLN D 890 -28.46 -65.69 -27.94
N GLU D 891 -27.50 -64.94 -28.50
CA GLU D 891 -26.10 -65.33 -28.39
C GLU D 891 -25.34 -64.52 -27.35
N LEU D 892 -25.91 -63.41 -26.87
CA LEU D 892 -25.34 -62.72 -25.72
C LEU D 892 -25.54 -63.53 -24.45
N MET D 893 -26.69 -64.21 -24.34
CA MET D 893 -26.97 -65.01 -23.16
C MET D 893 -26.21 -66.33 -23.12
N GLY D 894 -25.26 -66.55 -24.04
CA GLY D 894 -24.42 -67.75 -23.95
C GLY D 894 -23.56 -67.77 -22.71
N ASP D 895 -23.00 -66.62 -22.33
CA ASP D 895 -22.31 -66.48 -21.07
C ASP D 895 -23.15 -65.69 -20.08
N MET D 896 -23.14 -66.13 -18.83
CA MET D 896 -23.86 -65.44 -17.77
C MET D 896 -22.87 -64.89 -16.75
N ALA D 897 -23.37 -63.98 -15.92
CA ALA D 897 -22.75 -63.64 -14.65
C ALA D 897 -23.72 -64.08 -13.56
N GLU D 898 -23.21 -64.79 -12.56
CA GLU D 898 -24.08 -65.52 -11.65
C GLU D 898 -24.83 -64.58 -10.71
N ARG D 899 -24.10 -63.90 -9.84
CA ARG D 899 -24.63 -62.98 -8.84
C ARG D 899 -23.48 -62.19 -8.25
N THR D 900 -23.80 -60.99 -7.77
CA THR D 900 -22.78 -60.15 -7.17
C THR D 900 -22.42 -60.65 -5.78
N THR D 901 -21.15 -60.46 -5.41
CA THR D 901 -20.66 -60.88 -4.11
C THR D 901 -19.73 -59.80 -3.57
N ALA D 902 -19.53 -59.84 -2.25
CA ALA D 902 -18.71 -58.85 -1.55
C ALA D 902 -17.35 -59.46 -1.25
N ILE D 903 -16.29 -58.79 -1.70
CA ILE D 903 -14.91 -59.21 -1.45
C ILE D 903 -14.25 -58.19 -0.56
N LEU D 904 -13.79 -58.64 0.61
CA LEU D 904 -13.03 -57.81 1.55
C LEU D 904 -11.60 -58.34 1.55
N VAL D 905 -10.67 -57.53 1.07
CA VAL D 905 -9.26 -57.88 0.99
C VAL D 905 -8.51 -57.15 2.08
N SER D 906 -7.42 -57.74 2.54
CA SER D 906 -6.56 -57.11 3.53
C SER D 906 -5.12 -57.55 3.33
N SER D 907 -4.19 -56.68 3.72
CA SER D 907 -2.77 -56.96 3.60
C SER D 907 -1.99 -56.16 4.63
N ALA D 908 -0.74 -56.55 4.80
CA ALA D 908 0.21 -55.85 5.65
C ALA D 908 0.56 -54.49 5.05
N PRO D 909 1.05 -53.55 5.86
CA PRO D 909 1.58 -52.30 5.29
C PRO D 909 2.81 -52.53 4.43
N ASP D 910 3.09 -51.56 3.57
CA ASP D 910 4.06 -51.71 2.50
C ASP D 910 5.48 -51.79 3.05
N ALA D 911 6.39 -52.31 2.21
CA ALA D 911 7.77 -52.54 2.62
C ALA D 911 8.53 -51.25 2.89
N GLY D 912 8.05 -50.11 2.36
CA GLY D 912 8.67 -48.84 2.70
C GLY D 912 8.47 -48.46 4.16
N ALA D 913 7.29 -48.77 4.72
CA ALA D 913 6.99 -48.46 6.10
C ALA D 913 6.72 -49.74 6.89
N ALA D 914 7.48 -50.80 6.61
CA ALA D 914 7.31 -52.08 7.28
C ALA D 914 8.29 -52.18 8.45
N THR D 915 7.76 -52.16 9.67
CA THR D 915 8.59 -52.36 10.86
C THR D 915 8.09 -53.59 11.60
N ALA D 916 8.71 -53.88 12.75
CA ALA D 916 8.22 -54.97 13.59
C ALA D 916 6.90 -54.60 14.26
N THR D 917 6.72 -53.33 14.60
CA THR D 917 5.53 -52.88 15.31
C THR D 917 4.40 -52.44 14.39
N THR D 918 4.65 -52.28 13.10
CA THR D 918 3.57 -51.98 12.16
C THR D 918 2.94 -53.23 11.58
N ARG D 919 3.51 -54.41 11.86
CA ARG D 919 2.96 -55.65 11.32
C ARG D 919 1.65 -56.03 12.01
N ASN D 920 1.37 -55.45 13.17
CA ASN D 920 0.14 -55.79 13.89
C ASN D 920 -1.10 -55.24 13.19
N MET D 921 -1.02 -54.00 12.69
CA MET D 921 -2.18 -53.37 12.07
C MET D 921 -2.13 -53.53 10.56
N ARG D 922 -3.24 -53.98 9.99
CA ARG D 922 -3.39 -54.21 8.56
C ARG D 922 -4.42 -53.24 7.99
N ILE D 923 -4.46 -53.14 6.67
CA ILE D 923 -5.39 -52.27 5.97
C ILE D 923 -6.55 -53.12 5.46
N TYR D 924 -7.78 -52.65 5.69
CA TYR D 924 -8.97 -53.41 5.36
C TYR D 924 -9.86 -52.60 4.43
N ASP D 925 -9.98 -53.07 3.19
CA ASP D 925 -10.81 -52.42 2.19
C ASP D 925 -11.58 -53.49 1.43
N GLY D 926 -12.72 -53.08 0.86
CA GLY D 926 -13.64 -54.00 0.23
C GLY D 926 -13.95 -53.64 -1.20
N ALA D 927 -14.59 -54.58 -1.90
CA ALA D 927 -14.93 -54.41 -3.30
C ALA D 927 -16.16 -55.24 -3.62
N LEU D 928 -16.76 -54.95 -4.77
CA LEU D 928 -17.98 -55.62 -5.24
C LEU D 928 -17.66 -56.32 -6.55
N TYR D 929 -17.62 -57.66 -6.52
CA TYR D 929 -17.51 -58.43 -7.75
C TYR D 929 -18.88 -58.47 -8.41
N HIS D 930 -18.90 -58.25 -9.74
CA HIS D 930 -20.13 -58.15 -10.53
C HIS D 930 -21.07 -57.06 -10.01
N GLY D 931 -20.51 -55.96 -9.51
CA GLY D 931 -21.30 -54.81 -9.10
C GLY D 931 -21.40 -53.77 -10.21
N LEU D 932 -22.20 -52.74 -9.93
CA LEU D 932 -22.46 -51.72 -10.92
C LEU D 932 -22.52 -50.35 -10.25
N ILE D 933 -22.44 -49.31 -11.07
CA ILE D 933 -22.56 -47.93 -10.61
C ILE D 933 -23.57 -47.22 -11.50
N MET D 934 -24.59 -46.61 -10.90
CA MET D 934 -25.51 -45.76 -11.63
C MET D 934 -25.31 -44.31 -11.20
N MET D 935 -25.49 -43.40 -12.15
CA MET D 935 -24.94 -42.05 -12.01
C MET D 935 -25.75 -41.18 -11.06
N ALA D 936 -27.01 -40.91 -11.38
CA ALA D 936 -27.85 -40.06 -10.55
C ALA D 936 -29.09 -40.82 -10.15
N TYR D 937 -29.48 -40.69 -8.88
CA TYR D 937 -30.63 -41.42 -8.35
C TYR D 937 -31.92 -40.78 -8.85
N GLN D 938 -32.85 -41.62 -9.26
CA GLN D 938 -34.21 -41.18 -9.61
C GLN D 938 -35.19 -41.88 -8.68
N ALA D 939 -36.27 -41.18 -8.33
CA ALA D 939 -37.29 -41.74 -7.46
C ALA D 939 -38.70 -41.62 -8.04
N TYR D 940 -38.91 -40.73 -9.01
CA TYR D 940 -40.22 -40.50 -9.59
C TYR D 940 -40.40 -41.18 -10.94
N ASP D 941 -39.48 -42.07 -11.30
CA ASP D 941 -39.61 -42.89 -12.51
C ASP D 941 -40.46 -44.11 -12.13
N GLU D 942 -41.75 -44.04 -12.46
CA GLU D 942 -42.68 -45.08 -12.06
C GLU D 942 -42.91 -46.14 -13.13
N THR D 943 -42.15 -46.08 -14.23
CA THR D 943 -42.21 -47.17 -15.20
C THR D 943 -41.58 -48.44 -14.66
N ILE D 944 -40.51 -48.30 -13.88
CA ILE D 944 -39.82 -49.42 -13.24
C ILE D 944 -39.91 -49.22 -11.74
N ALA D 945 -40.30 -50.27 -11.02
CA ALA D 945 -40.43 -50.20 -9.57
C ALA D 945 -39.05 -50.01 -8.93
N THR D 946 -39.06 -49.33 -7.78
CA THR D 946 -37.81 -48.96 -7.13
C THR D 946 -37.15 -50.18 -6.49
N GLY D 947 -35.87 -50.38 -6.78
CA GLY D 947 -35.14 -51.52 -6.26
C GLY D 947 -35.56 -52.85 -6.83
N THR D 948 -35.88 -52.90 -8.13
CA THR D 948 -36.24 -54.16 -8.76
C THR D 948 -34.99 -54.91 -9.21
N PHE D 949 -34.07 -54.22 -9.88
CA PHE D 949 -32.87 -54.83 -10.42
C PHE D 949 -31.63 -54.59 -9.58
N PHE D 950 -31.55 -53.48 -8.86
CA PHE D 950 -30.40 -53.15 -8.04
C PHE D 950 -30.81 -53.02 -6.58
N TYR D 951 -29.87 -53.32 -5.68
CA TYR D 951 -30.02 -52.96 -4.29
C TYR D 951 -28.74 -52.25 -3.85
N PRO D 952 -28.87 -51.10 -3.18
CA PRO D 952 -27.69 -50.27 -2.89
C PRO D 952 -26.79 -50.89 -1.84
N VAL D 953 -25.56 -51.20 -2.24
CA VAL D 953 -24.55 -51.78 -1.35
C VAL D 953 -23.26 -50.93 -1.45
N PRO D 954 -23.29 -49.70 -0.93
CA PRO D 954 -22.16 -48.79 -1.18
C PRO D 954 -21.03 -49.00 -0.18
N VAL D 955 -19.85 -49.34 -0.68
CA VAL D 955 -18.63 -49.33 0.12
C VAL D 955 -17.55 -48.52 -0.61
N ASN D 956 -17.54 -47.21 -0.35
CA ASN D 956 -16.50 -46.24 -0.65
C ASN D 956 -16.92 -44.93 0.03
N PRO D 957 -16.01 -44.23 0.70
CA PRO D 957 -16.32 -42.83 1.07
C PRO D 957 -16.57 -41.95 -0.14
N LEU D 958 -15.90 -42.22 -1.27
CA LEU D 958 -16.11 -41.42 -2.47
C LEU D 958 -17.48 -41.66 -3.08
N PHE D 959 -17.96 -42.91 -3.04
CA PHE D 959 -19.24 -43.26 -3.62
C PHE D 959 -20.36 -43.34 -2.59
N ALA D 960 -20.34 -42.46 -1.59
CA ALA D 960 -21.42 -42.41 -0.62
C ALA D 960 -22.70 -41.90 -1.27
N CYS D 961 -23.79 -42.63 -1.07
CA CYS D 961 -25.05 -42.38 -1.77
C CYS D 961 -26.20 -42.31 -0.76
N PRO D 962 -26.38 -41.16 -0.11
CA PRO D 962 -27.49 -41.03 0.85
C PRO D 962 -28.87 -41.06 0.20
N GLU D 963 -28.99 -40.57 -1.04
CA GLU D 963 -30.28 -40.55 -1.70
C GLU D 963 -30.61 -41.88 -2.37
N HIS D 964 -29.60 -42.68 -2.69
CA HIS D 964 -29.82 -43.96 -3.34
C HIS D 964 -30.32 -45.03 -2.37
N LEU D 965 -30.34 -44.73 -1.07
CA LEU D 965 -30.69 -45.73 -0.06
C LEU D 965 -32.18 -46.08 -0.08
N ALA D 966 -33.01 -45.30 -0.76
CA ALA D 966 -34.41 -45.64 -0.89
C ALA D 966 -34.63 -46.83 -1.82
N SER D 967 -33.62 -47.18 -2.62
CA SER D 967 -33.71 -48.37 -3.46
C SER D 967 -33.69 -49.65 -2.64
N LEU D 968 -33.13 -49.62 -1.42
CA LEU D 968 -33.16 -50.76 -0.52
C LEU D 968 -34.51 -50.79 0.19
N ARG D 969 -34.99 -52.00 0.46
CA ARG D 969 -36.27 -52.17 1.15
C ARG D 969 -36.15 -51.74 2.61
N GLY D 970 -37.30 -51.43 3.20
CA GLY D 970 -37.33 -50.96 4.57
C GLY D 970 -36.69 -49.60 4.78
N MET D 971 -36.98 -48.64 3.90
CA MET D 971 -36.41 -47.31 3.99
C MET D 971 -37.37 -46.39 4.74
N THR D 972 -36.85 -45.63 5.70
CA THR D 972 -37.64 -44.74 6.53
C THR D 972 -37.04 -43.33 6.49
N ASN D 973 -37.58 -42.45 7.34
CA ASN D 973 -37.01 -41.11 7.48
C ASN D 973 -35.83 -41.09 8.44
N ALA D 974 -35.78 -42.03 9.39
CA ALA D 974 -34.69 -42.09 10.34
C ALA D 974 -33.37 -42.40 9.66
N ARG D 975 -33.38 -43.36 8.72
CA ARG D 975 -32.17 -43.70 7.98
C ARG D 975 -31.71 -42.53 7.11
N ARG D 976 -32.64 -41.76 6.56
CA ARG D 976 -32.28 -40.64 5.70
C ARG D 976 -31.68 -39.50 6.52
N VAL D 977 -32.30 -39.18 7.66
CA VAL D 977 -31.80 -38.10 8.49
C VAL D 977 -30.53 -38.52 9.23
N LEU D 978 -30.27 -39.82 9.33
CA LEU D 978 -29.03 -40.28 9.95
C LEU D 978 -27.91 -40.43 8.92
N ALA D 979 -28.27 -40.70 7.66
CA ALA D 979 -27.28 -40.91 6.61
C ALA D 979 -26.98 -39.65 5.80
N LYS D 980 -27.74 -38.57 5.99
CA LYS D 980 -27.37 -37.31 5.37
C LYS D 980 -26.13 -36.71 6.00
N MET D 981 -25.75 -37.16 7.20
CA MET D 981 -24.54 -36.69 7.85
C MET D 981 -23.43 -37.74 7.94
N VAL D 982 -23.77 -39.03 7.94
CA VAL D 982 -22.80 -40.12 8.07
C VAL D 982 -22.97 -41.04 6.87
N PRO D 983 -21.90 -41.32 6.12
CA PRO D 983 -22.03 -42.19 4.94
C PRO D 983 -22.30 -43.64 5.33
N PRO D 984 -23.19 -44.33 4.61
CA PRO D 984 -23.45 -45.74 4.89
C PRO D 984 -22.38 -46.66 4.30
N ILE D 985 -21.65 -47.33 5.19
CA ILE D 985 -20.60 -48.26 4.79
C ILE D 985 -20.77 -49.54 5.59
N PRO D 986 -20.83 -50.71 4.96
CA PRO D 986 -20.96 -51.95 5.74
C PRO D 986 -19.68 -52.23 6.52
N PRO D 987 -19.80 -52.84 7.70
CA PRO D 987 -18.59 -53.14 8.48
C PRO D 987 -17.78 -54.30 7.92
N PHE D 988 -18.42 -55.23 7.21
CA PHE D 988 -17.73 -56.40 6.70
C PHE D 988 -17.00 -56.14 5.39
N LEU D 989 -17.09 -54.92 4.86
CA LEU D 989 -16.39 -54.56 3.63
C LEU D 989 -15.37 -53.46 3.88
N GLY D 990 -14.95 -53.27 5.12
CA GLY D 990 -13.91 -52.30 5.43
C GLY D 990 -14.41 -51.09 6.18
N ALA D 991 -13.90 -50.88 7.39
CA ALA D 991 -14.22 -49.68 8.15
C ALA D 991 -13.49 -48.47 7.55
N ASN D 992 -14.04 -47.29 7.84
CA ASN D 992 -13.49 -46.06 7.26
C ASN D 992 -12.08 -45.79 7.79
N HIS D 993 -11.85 -46.06 9.07
CA HIS D 993 -10.51 -45.91 9.62
C HIS D 993 -9.55 -46.96 9.08
N HIS D 994 -10.04 -48.15 8.75
CA HIS D 994 -9.20 -49.23 8.26
C HIS D 994 -9.06 -49.26 6.73
N ALA D 995 -9.79 -48.41 6.02
CA ALA D 995 -9.72 -48.38 4.58
C ALA D 995 -8.63 -47.42 4.09
N THR D 996 -8.21 -47.61 2.84
CA THR D 996 -7.28 -46.67 2.23
C THR D 996 -7.95 -45.33 1.96
N ILE D 997 -9.06 -45.36 1.22
CA ILE D 997 -9.84 -44.14 1.00
C ILE D 997 -10.62 -43.82 2.26
N ARG D 998 -10.46 -42.59 2.75
CA ARG D 998 -11.04 -42.18 4.02
C ARG D 998 -12.00 -41.01 3.81
N GLN D 999 -12.48 -40.49 4.94
CA GLN D 999 -13.38 -39.33 4.92
C GLN D 999 -12.78 -38.04 4.33
N PRO D 1000 -11.54 -37.60 4.67
CA PRO D 1000 -11.10 -36.28 4.15
C PRO D 1000 -11.00 -36.18 2.62
N VAL D 1001 -10.60 -37.24 1.92
CA VAL D 1001 -10.53 -37.16 0.45
C VAL D 1001 -11.93 -37.07 -0.14
N ALA D 1002 -12.90 -37.77 0.46
CA ALA D 1002 -14.29 -37.66 0.02
C ALA D 1002 -14.84 -36.26 0.30
N TYR D 1003 -14.49 -35.67 1.44
CA TYR D 1003 -14.94 -34.32 1.74
C TYR D 1003 -14.28 -33.31 0.81
N HIS D 1004 -13.02 -33.55 0.43
CA HIS D 1004 -12.34 -32.69 -0.52
C HIS D 1004 -12.99 -32.74 -1.89
N VAL D 1005 -13.34 -33.95 -2.35
CA VAL D 1005 -13.89 -34.05 -3.70
C VAL D 1005 -15.35 -33.59 -3.72
N THR D 1006 -16.05 -33.64 -2.58
CA THR D 1006 -17.44 -33.22 -2.59
C THR D 1006 -17.64 -31.74 -2.27
N HIS D 1007 -16.60 -31.02 -1.86
CA HIS D 1007 -16.75 -29.63 -1.46
C HIS D 1007 -15.76 -28.71 -2.18
N SER D 1008 -15.24 -29.11 -3.33
CA SER D 1008 -14.31 -28.30 -4.10
C SER D 1008 -15.02 -27.78 -5.35
N LYS D 1009 -14.98 -26.46 -5.55
CA LYS D 1009 -15.54 -25.84 -6.75
C LYS D 1009 -14.49 -24.90 -7.34
N SER D 1010 -13.56 -25.47 -8.11
CA SER D 1010 -12.62 -24.67 -8.89
C SER D 1010 -12.72 -24.97 -10.38
N ASP D 1011 -12.61 -26.23 -10.76
CA ASP D 1011 -12.59 -26.69 -12.14
C ASP D 1011 -12.74 -28.21 -12.11
N PHE D 1012 -12.60 -28.86 -13.26
CA PHE D 1012 -12.55 -30.31 -13.35
C PHE D 1012 -11.15 -30.82 -13.61
N ASN D 1013 -10.37 -30.13 -14.44
CA ASN D 1013 -8.97 -30.50 -14.66
C ASN D 1013 -8.17 -30.33 -13.37
N THR D 1014 -8.32 -29.18 -12.71
CA THR D 1014 -7.60 -28.91 -11.48
C THR D 1014 -8.03 -29.85 -10.37
N LEU D 1015 -9.32 -30.18 -10.32
CA LEU D 1015 -9.81 -31.11 -9.30
C LEU D 1015 -9.26 -32.51 -9.53
N THR D 1016 -9.21 -32.96 -10.79
CA THR D 1016 -8.66 -34.28 -11.08
C THR D 1016 -7.17 -34.35 -10.78
N TYR D 1017 -6.42 -33.28 -11.11
CA TYR D 1017 -4.99 -33.29 -10.81
C TYR D 1017 -4.74 -33.16 -9.32
N SER D 1018 -5.63 -32.47 -8.59
CA SER D 1018 -5.54 -32.43 -7.14
C SER D 1018 -5.81 -33.79 -6.53
N LEU D 1019 -6.77 -34.54 -7.08
CA LEU D 1019 -7.02 -35.89 -6.63
C LEU D 1019 -5.84 -36.81 -6.92
N LEU D 1020 -5.20 -36.60 -8.07
CA LEU D 1020 -4.00 -37.37 -8.40
C LEU D 1020 -2.86 -37.06 -7.43
N GLY D 1021 -2.66 -35.78 -7.12
CA GLY D 1021 -1.61 -35.41 -6.19
C GLY D 1021 -1.91 -35.84 -4.77
N GLY D 1022 -3.19 -36.00 -4.43
CA GLY D 1022 -3.54 -36.62 -3.17
C GLY D 1022 -3.18 -38.10 -3.14
N TYR D 1023 -3.28 -38.77 -4.28
CA TYR D 1023 -3.05 -40.21 -4.34
C TYR D 1023 -1.54 -40.48 -4.44
N PHE D 1024 -0.88 -40.33 -3.29
CA PHE D 1024 0.54 -40.62 -3.15
C PHE D 1024 0.78 -41.19 -1.77
N LYS D 1025 1.73 -42.11 -1.65
CA LYS D 1025 2.03 -42.71 -0.36
C LYS D 1025 2.87 -41.79 0.51
N PHE D 1026 2.87 -42.08 1.80
CA PHE D 1026 3.59 -41.28 2.79
C PHE D 1026 4.74 -42.09 3.41
N THR D 1027 5.02 -43.26 2.85
CA THR D 1027 6.16 -44.08 3.30
C THR D 1027 7.47 -43.34 3.02
N PRO D 1028 8.54 -43.63 3.78
CA PRO D 1028 9.80 -42.89 3.59
C PRO D 1028 10.38 -42.98 2.19
N ILE D 1029 10.22 -44.12 1.53
CA ILE D 1029 10.63 -44.24 0.13
C ILE D 1029 9.80 -43.31 -0.75
N SER D 1030 8.49 -43.24 -0.48
CA SER D 1030 7.61 -42.41 -1.30
C SER D 1030 7.85 -40.92 -1.06
N LEU D 1031 8.02 -40.52 0.20
CA LEU D 1031 8.28 -39.10 0.46
C LEU D 1031 9.64 -38.70 -0.07
N THR D 1032 10.61 -39.63 -0.05
CA THR D 1032 11.88 -39.41 -0.73
C THR D 1032 11.68 -39.19 -2.22
N HIS D 1033 10.79 -39.99 -2.84
CA HIS D 1033 10.48 -39.82 -4.25
C HIS D 1033 9.90 -38.45 -4.55
N GLN D 1034 8.92 -38.02 -3.75
CA GLN D 1034 8.30 -36.71 -4.00
C GLN D 1034 9.24 -35.55 -3.70
N LEU D 1035 10.14 -35.69 -2.74
CA LEU D 1035 11.06 -34.58 -2.50
C LEU D 1035 12.13 -34.49 -3.57
N ARG D 1036 12.70 -35.64 -4.00
CA ARG D 1036 13.78 -35.58 -4.97
C ARG D 1036 13.24 -35.38 -6.38
N THR D 1037 11.96 -35.67 -6.60
CA THR D 1037 11.32 -35.31 -7.85
C THR D 1037 11.11 -33.80 -7.94
N GLY D 1038 10.55 -33.21 -6.88
CA GLY D 1038 10.19 -31.81 -6.89
C GLY D 1038 8.77 -31.60 -6.44
N PHE D 1039 8.08 -32.69 -6.10
CA PHE D 1039 6.70 -32.59 -5.62
C PHE D 1039 6.67 -32.02 -4.21
N HIS D 1040 5.61 -31.27 -3.92
CA HIS D 1040 5.42 -30.66 -2.61
C HIS D 1040 4.34 -31.40 -1.86
N PRO D 1041 4.68 -32.15 -0.81
CA PRO D 1041 3.65 -32.81 0.00
C PRO D 1041 2.93 -31.80 0.88
N GLY D 1042 1.85 -32.27 1.51
CA GLY D 1042 1.04 -31.42 2.36
C GLY D 1042 1.54 -31.32 3.79
N ILE D 1043 2.86 -31.16 3.96
CA ILE D 1043 3.46 -31.08 5.29
C ILE D 1043 4.35 -29.86 5.30
N ALA D 1044 4.15 -29.00 6.30
CA ALA D 1044 4.97 -27.82 6.51
C ALA D 1044 6.08 -28.17 7.48
N PHE D 1045 7.15 -27.37 7.47
CA PHE D 1045 8.30 -27.63 8.32
C PHE D 1045 8.84 -26.34 8.91
N THR D 1046 9.70 -26.52 9.91
CA THR D 1046 10.64 -25.51 10.35
C THR D 1046 11.99 -26.21 10.53
N VAL D 1047 13.06 -25.42 10.54
CA VAL D 1047 14.38 -25.91 10.91
C VAL D 1047 14.88 -25.05 12.05
N VAL D 1048 15.57 -25.68 12.99
CA VAL D 1048 16.12 -24.99 14.15
C VAL D 1048 17.63 -25.01 14.04
N ARG D 1049 18.26 -23.90 14.43
CA ARG D 1049 19.67 -23.71 14.15
C ARG D 1049 20.35 -23.08 15.34
N GLN D 1050 21.24 -23.84 15.98
CA GLN D 1050 21.98 -23.39 17.15
C GLN D 1050 23.27 -22.72 16.69
N ASP D 1051 23.53 -21.52 17.18
CA ASP D 1051 24.68 -20.75 16.74
C ASP D 1051 25.37 -20.17 17.97
N ARG D 1052 26.68 -19.94 17.87
CA ARG D 1052 27.47 -19.29 18.91
C ARG D 1052 28.13 -18.05 18.34
N PHE D 1053 28.10 -16.95 19.10
CA PHE D 1053 28.76 -15.72 18.70
C PHE D 1053 29.79 -15.33 19.75
N ALA D 1054 30.85 -14.64 19.30
CA ALA D 1054 31.77 -13.99 20.22
C ALA D 1054 31.07 -12.83 20.93
N THR D 1055 31.41 -12.61 22.20
CA THR D 1055 30.77 -11.58 22.99
C THR D 1055 31.81 -10.66 23.62
N GLU D 1056 31.52 -9.38 23.60
CA GLU D 1056 32.20 -8.41 24.45
C GLU D 1056 31.27 -7.88 25.52
N GLN D 1057 31.74 -7.92 26.76
CA GLN D 1057 30.91 -7.58 27.91
C GLN D 1057 31.30 -6.20 28.43
N LEU D 1058 30.31 -5.52 29.00
CA LEU D 1058 30.46 -4.15 29.50
C LEU D 1058 30.14 -4.15 30.99
N LEU D 1059 31.12 -3.75 31.80
CA LEU D 1059 30.96 -3.84 33.24
C LEU D 1059 31.33 -2.53 33.93
N TYR D 1060 30.41 -2.04 34.75
CA TYR D 1060 30.65 -1.03 35.78
C TYR D 1060 30.43 -1.67 37.14
N ALA D 1061 31.36 -1.46 38.07
CA ALA D 1061 31.31 -2.18 39.34
C ALA D 1061 30.71 -1.34 40.46
N GLU D 1062 31.46 -0.36 40.99
CA GLU D 1062 31.10 0.78 41.86
C GLU D 1062 32.36 1.48 42.32
N ARG D 1063 32.21 2.55 43.10
CA ARG D 1063 33.35 3.10 43.81
C ARG D 1063 33.74 2.22 44.99
N ALA D 1064 32.86 2.12 46.00
CA ALA D 1064 33.23 1.41 47.23
C ALA D 1064 32.48 0.07 47.30
N SER D 1065 32.81 -0.81 46.37
CA SER D 1065 32.12 -2.08 46.29
C SER D 1065 32.89 -3.24 46.90
N GLU D 1066 34.06 -3.00 47.49
CA GLU D 1066 34.87 -4.10 47.98
C GLU D 1066 35.84 -3.62 49.06
N SER D 1067 35.98 -4.41 50.12
CA SER D 1067 37.09 -4.30 51.05
C SER D 1067 37.99 -5.50 50.82
N TYR D 1068 39.30 -5.26 50.80
CA TYR D 1068 40.24 -6.25 50.28
C TYR D 1068 41.46 -6.29 51.20
N PHE D 1069 41.46 -7.26 52.12
CA PHE D 1069 42.53 -7.40 53.10
C PHE D 1069 43.70 -8.12 52.45
N VAL D 1070 44.92 -7.75 52.84
CA VAL D 1070 46.13 -8.43 52.41
C VAL D 1070 46.85 -8.98 53.63
N GLY D 1071 47.46 -10.14 53.49
CA GLY D 1071 48.25 -10.74 54.53
C GLY D 1071 49.72 -10.38 54.43
N GLN D 1072 50.55 -11.24 55.01
CA GLN D 1072 51.99 -11.08 54.95
C GLN D 1072 52.59 -12.17 54.07
N ILE D 1073 53.63 -11.79 53.32
CA ILE D 1073 54.27 -12.74 52.43
C ILE D 1073 55.06 -13.76 53.24
N GLN D 1074 55.05 -15.01 52.79
CA GLN D 1074 55.78 -16.08 53.46
C GLN D 1074 56.47 -16.94 52.41
N VAL D 1075 57.70 -17.35 52.73
CA VAL D 1075 58.56 -18.07 51.80
C VAL D 1075 58.48 -19.55 52.14
N HIS D 1076 58.97 -20.38 51.21
CA HIS D 1076 59.03 -21.83 51.39
C HIS D 1076 60.12 -22.36 50.47
N HIS D 1077 61.25 -22.76 51.06
CA HIS D 1077 62.32 -23.36 50.27
C HIS D 1077 62.10 -24.86 50.18
N HIS D 1078 62.11 -25.38 48.96
CA HIS D 1078 61.80 -26.78 48.70
C HIS D 1078 62.83 -27.32 47.73
N ASP D 1079 63.36 -28.50 48.02
CA ASP D 1079 64.41 -29.07 47.19
C ASP D 1079 63.85 -29.55 45.85
N ALA D 1080 64.71 -29.49 44.83
CA ALA D 1080 64.29 -29.77 43.46
C ALA D 1080 65.31 -30.72 42.83
N ILE D 1081 65.20 -30.87 41.51
CA ILE D 1081 66.05 -31.82 40.79
C ILE D 1081 67.49 -31.34 40.76
N GLY D 1082 67.71 -30.10 40.36
CA GLY D 1082 69.05 -29.56 40.28
C GLY D 1082 69.36 -28.59 41.41
N GLY D 1083 68.39 -27.74 41.74
CA GLY D 1083 68.58 -26.78 42.81
C GLY D 1083 67.45 -26.81 43.82
N VAL D 1084 66.97 -25.64 44.22
CA VAL D 1084 65.88 -25.53 45.17
C VAL D 1084 64.75 -24.72 44.55
N ASN D 1085 63.54 -24.93 45.07
CA ASN D 1085 62.35 -24.21 44.62
C ASN D 1085 61.86 -23.34 45.76
N PHE D 1086 61.73 -22.04 45.49
CA PHE D 1086 61.16 -21.12 46.45
C PHE D 1086 59.68 -20.95 46.14
N THR D 1087 58.83 -21.24 47.12
CA THR D 1087 57.39 -21.04 46.99
C THR D 1087 57.01 -19.81 47.81
N LEU D 1088 56.41 -18.82 47.15
CA LEU D 1088 56.00 -17.58 47.81
C LEU D 1088 54.49 -17.62 48.00
N THR D 1089 54.04 -17.38 49.23
CA THR D 1089 52.63 -17.47 49.57
C THR D 1089 52.21 -16.19 50.27
N GLN D 1090 51.08 -15.61 49.84
CA GLN D 1090 50.51 -14.43 50.47
C GLN D 1090 49.01 -14.59 50.50
N PRO D 1091 48.38 -14.61 51.68
CA PRO D 1091 46.93 -14.77 51.75
C PRO D 1091 46.21 -13.43 51.74
N ARG D 1092 44.93 -13.50 51.40
CA ARG D 1092 44.12 -12.30 51.26
C ARG D 1092 42.65 -12.67 51.40
N ALA D 1093 41.84 -11.68 51.76
CA ALA D 1093 40.41 -11.89 51.95
C ALA D 1093 39.65 -10.71 51.36
N HIS D 1094 38.46 -10.99 50.84
CA HIS D 1094 37.64 -10.00 50.17
C HIS D 1094 36.25 -9.98 50.79
N VAL D 1095 35.70 -8.79 50.98
CA VAL D 1095 34.34 -8.61 51.50
C VAL D 1095 33.62 -7.61 50.61
N ASP D 1096 32.44 -8.00 50.13
CA ASP D 1096 31.59 -7.12 49.35
C ASP D 1096 30.69 -6.31 50.29
N LEU D 1097 31.09 -5.07 50.55
CA LEU D 1097 30.34 -4.19 51.46
C LEU D 1097 29.31 -3.36 50.70
N GLY D 1098 28.56 -4.05 49.85
CA GLY D 1098 27.50 -3.44 49.07
C GLY D 1098 26.16 -3.61 49.76
N VAL D 1099 25.24 -2.67 49.51
CA VAL D 1099 23.91 -2.76 50.10
C VAL D 1099 22.98 -3.52 49.17
N GLY D 1100 23.02 -3.20 47.88
CA GLY D 1100 22.25 -3.94 46.89
C GLY D 1100 23.14 -4.58 45.86
N TYR D 1101 22.65 -4.73 44.63
CA TYR D 1101 23.48 -5.22 43.53
C TYR D 1101 24.34 -4.06 43.05
N THR D 1102 25.58 -4.01 43.54
CA THR D 1102 26.47 -2.91 43.16
C THR D 1102 26.93 -3.00 41.72
N ALA D 1103 27.40 -4.17 41.27
CA ALA D 1103 28.04 -4.32 39.98
C ALA D 1103 27.07 -4.93 38.98
N VAL D 1104 27.04 -4.36 37.78
CA VAL D 1104 26.21 -4.85 36.70
C VAL D 1104 27.06 -4.99 35.44
N CYS D 1105 27.09 -6.20 34.87
CA CYS D 1105 27.75 -6.45 33.61
C CYS D 1105 26.70 -6.74 32.55
N ALA D 1106 27.03 -6.46 31.29
CA ALA D 1106 26.07 -6.59 30.20
C ALA D 1106 26.79 -6.91 28.91
N THR D 1107 26.20 -7.81 28.12
CA THR D 1107 26.77 -8.14 26.82
C THR D 1107 26.57 -6.97 25.86
N ALA D 1108 27.65 -6.57 25.18
CA ALA D 1108 27.63 -5.38 24.35
C ALA D 1108 27.81 -5.68 22.87
N ALA D 1109 28.88 -6.37 22.50
CA ALA D 1109 29.29 -6.45 21.10
C ALA D 1109 29.34 -7.90 20.62
N LEU D 1110 29.43 -8.04 19.30
CA LEU D 1110 29.45 -9.33 18.62
C LEU D 1110 30.80 -9.67 18.04
N ARG D 1111 31.54 -8.66 17.55
CA ARG D 1111 32.77 -8.76 16.75
C ARG D 1111 32.70 -9.87 15.70
N CYS D 1112 33.76 -10.66 15.55
CA CYS D 1112 33.76 -11.71 14.53
C CYS D 1112 32.85 -12.86 14.94
N PRO D 1113 31.89 -13.26 14.10
CA PRO D 1113 31.08 -14.45 14.38
C PRO D 1113 31.86 -15.73 14.04
N LEU D 1114 32.01 -16.59 15.04
CA LEU D 1114 32.86 -17.77 14.86
C LEU D 1114 32.08 -18.97 14.31
N THR D 1115 30.75 -18.87 14.23
CA THR D 1115 29.94 -19.99 13.81
C THR D 1115 29.11 -19.54 12.59
N ASP D 1116 28.71 -20.49 11.75
CA ASP D 1116 28.39 -20.21 10.36
C ASP D 1116 26.89 -20.25 10.06
N MET D 1117 26.46 -19.29 9.24
CA MET D 1117 25.09 -19.19 8.72
C MET D 1117 24.95 -19.80 7.33
N GLY D 1118 25.40 -21.03 7.13
CA GLY D 1118 25.26 -21.73 5.88
C GLY D 1118 24.04 -22.65 5.84
N ASN D 1119 24.30 -23.91 5.47
CA ASN D 1119 23.27 -24.94 5.32
C ASN D 1119 23.89 -26.30 5.58
N THR D 1120 23.63 -26.88 6.75
CA THR D 1120 23.97 -28.26 7.07
C THR D 1120 22.77 -28.91 7.75
N ALA D 1121 22.25 -29.97 7.14
CA ALA D 1121 21.08 -30.65 7.68
C ALA D 1121 21.47 -31.62 8.78
N GLN D 1122 20.66 -31.66 9.85
CA GLN D 1122 20.92 -32.53 10.99
C GLN D 1122 20.41 -33.94 10.67
N ASN D 1123 21.32 -34.91 10.67
CA ASN D 1123 20.93 -36.30 10.41
C ASN D 1123 20.49 -37.00 11.69
N LEU D 1124 19.51 -37.88 11.55
CA LEU D 1124 19.08 -38.78 12.62
C LEU D 1124 19.73 -40.15 12.51
N PHE D 1125 20.36 -40.45 11.37
CA PHE D 1125 20.98 -41.76 11.16
C PHE D 1125 22.21 -41.97 12.05
N PHE D 1126 22.73 -40.91 12.67
CA PHE D 1126 23.71 -41.06 13.75
C PHE D 1126 23.12 -41.78 14.96
N SER D 1127 21.87 -41.50 15.30
CA SER D 1127 21.26 -41.97 16.54
C SER D 1127 20.87 -43.43 16.42
N ARG D 1128 21.07 -44.17 17.50
CA ARG D 1128 20.68 -45.57 17.60
C ARG D 1128 19.99 -45.80 18.93
N GLY D 1129 18.95 -46.64 18.91
CA GLY D 1129 18.16 -46.86 20.10
C GLY D 1129 16.68 -47.01 19.81
N GLY D 1130 16.24 -46.45 18.69
CA GLY D 1130 14.86 -46.65 18.25
C GLY D 1130 14.68 -48.03 17.65
N VAL D 1131 13.41 -48.35 17.36
CA VAL D 1131 13.08 -49.64 16.77
C VAL D 1131 13.52 -49.68 15.31
N PRO D 1132 14.25 -50.71 14.90
CA PRO D 1132 14.62 -50.84 13.49
C PRO D 1132 13.42 -51.28 12.65
N MET D 1133 13.50 -50.96 11.36
CA MET D 1133 12.52 -51.49 10.43
C MET D 1133 13.02 -52.80 9.84
N LEU D 1134 12.10 -53.54 9.21
CA LEU D 1134 12.29 -54.97 8.99
C LEU D 1134 13.41 -55.27 7.98
N HIS D 1135 13.45 -54.54 6.87
CA HIS D 1135 14.34 -54.89 5.76
C HIS D 1135 15.61 -54.08 5.84
N ASP D 1136 16.75 -54.77 6.02
CA ASP D 1136 18.02 -54.08 6.22
C ASP D 1136 18.54 -53.44 4.95
N ASN D 1137 18.21 -54.01 3.77
CA ASN D 1137 18.63 -53.41 2.51
C ASN D 1137 17.94 -52.08 2.27
N VAL D 1138 16.68 -51.96 2.70
CA VAL D 1138 15.96 -50.69 2.56
C VAL D 1138 16.57 -49.64 3.48
N THR D 1139 17.00 -50.07 4.68
CA THR D 1139 17.66 -49.15 5.61
C THR D 1139 19.02 -48.70 5.06
N GLU D 1140 19.78 -49.62 4.45
CA GLU D 1140 21.05 -49.25 3.83
C GLU D 1140 20.84 -48.30 2.66
N SER D 1141 19.80 -48.54 1.85
CA SER D 1141 19.48 -47.62 0.75
C SER D 1141 19.07 -46.26 1.27
N LEU D 1142 18.32 -46.22 2.38
CA LEU D 1142 17.90 -44.95 2.97
C LEU D 1142 19.10 -44.17 3.50
N ARG D 1143 20.04 -44.87 4.14
CA ARG D 1143 21.26 -44.21 4.62
C ARG D 1143 22.11 -43.74 3.45
N ARG D 1144 22.12 -44.50 2.36
CA ARG D 1144 22.85 -44.08 1.15
C ARG D 1144 22.23 -42.82 0.54
N ILE D 1145 20.90 -42.75 0.52
CA ILE D 1145 20.22 -41.57 -0.01
C ILE D 1145 20.45 -40.37 0.89
N THR D 1146 20.38 -40.56 2.21
CA THR D 1146 20.64 -39.48 3.15
C THR D 1146 22.09 -39.03 3.09
N ALA D 1147 23.01 -39.93 2.72
CA ALA D 1147 24.41 -39.54 2.54
C ALA D 1147 24.56 -38.56 1.38
N SER D 1148 23.84 -38.78 0.30
CA SER D 1148 23.85 -37.83 -0.81
C SER D 1148 23.07 -36.58 -0.45
N GLY D 1149 23.54 -35.44 -0.96
CA GLY D 1149 22.86 -34.19 -0.72
C GLY D 1149 23.07 -33.57 0.65
N GLY D 1150 24.19 -33.87 1.31
CA GLY D 1150 24.47 -33.30 2.61
C GLY D 1150 25.94 -32.98 2.75
N ARG D 1151 26.24 -32.16 3.76
CA ARG D 1151 27.62 -31.80 4.07
C ARG D 1151 28.24 -32.70 5.13
N LEU D 1152 27.47 -33.09 6.15
CA LEU D 1152 27.91 -34.04 7.16
C LEU D 1152 27.06 -35.29 7.05
N ASN D 1153 27.71 -36.45 7.03
CA ASN D 1153 27.05 -37.73 6.80
C ASN D 1153 27.77 -38.78 7.65
N PRO D 1154 27.09 -39.88 7.97
CA PRO D 1154 27.79 -40.98 8.67
C PRO D 1154 28.83 -41.64 7.78
N THR D 1155 29.87 -42.15 8.42
CA THR D 1155 30.98 -42.76 7.71
C THR D 1155 30.55 -44.06 7.05
N GLU D 1156 31.11 -44.32 5.87
CA GLU D 1156 30.79 -45.55 5.14
C GLU D 1156 31.15 -46.86 5.83
N PRO D 1157 32.30 -47.03 6.54
CA PRO D 1157 32.53 -48.36 7.14
C PRO D 1157 31.68 -48.63 8.37
N LEU D 1158 31.01 -47.61 8.94
CA LEU D 1158 30.15 -47.67 10.13
C LEU D 1158 30.86 -48.32 11.31
N PRO D 1159 31.80 -47.62 11.95
CA PRO D 1159 32.56 -48.23 13.06
C PRO D 1159 31.67 -48.48 14.28
N ILE D 1160 31.49 -49.75 14.61
CA ILE D 1160 30.75 -50.12 15.82
C ILE D 1160 31.60 -49.87 17.05
N PHE D 1161 30.92 -49.79 18.21
CA PHE D 1161 31.51 -49.45 19.51
C PHE D 1161 32.26 -48.12 19.44
N GLY D 1162 31.49 -47.06 19.19
CA GLY D 1162 32.05 -45.73 19.09
C GLY D 1162 30.96 -44.69 18.98
N GLY D 1163 31.39 -43.44 18.90
CA GLY D 1163 30.48 -42.32 18.82
C GLY D 1163 29.94 -42.00 17.44
N LEU D 1164 30.43 -42.69 16.40
CA LEU D 1164 30.05 -42.46 15.00
C LEU D 1164 30.30 -41.01 14.59
N ARG D 1165 31.58 -40.64 14.57
CA ARG D 1165 31.98 -39.31 14.18
C ARG D 1165 31.69 -39.09 12.68
N PRO D 1166 31.34 -37.86 12.29
CA PRO D 1166 31.05 -37.59 10.88
C PRO D 1166 32.30 -37.69 10.02
N ALA D 1167 32.06 -37.93 8.72
CA ALA D 1167 33.15 -38.04 7.76
C ALA D 1167 33.84 -36.70 7.59
N THR D 1168 35.17 -36.73 7.48
CA THR D 1168 35.95 -35.52 7.43
C THR D 1168 35.95 -34.90 6.04
N SER D 1169 36.48 -33.68 5.97
CA SER D 1169 36.73 -32.99 4.71
C SER D 1169 37.83 -31.97 4.92
N ALA D 1170 38.02 -31.09 3.93
CA ALA D 1170 38.94 -29.96 4.09
C ALA D 1170 38.22 -28.81 4.77
N GLY D 1171 38.79 -27.62 4.69
CA GLY D 1171 38.28 -26.49 5.46
C GLY D 1171 36.87 -26.08 5.05
N ILE D 1172 35.98 -26.05 6.03
CA ILE D 1172 34.66 -25.46 5.84
C ILE D 1172 34.84 -23.97 5.62
N ALA D 1173 34.30 -23.48 4.49
CA ALA D 1173 34.87 -22.34 3.78
C ALA D 1173 34.91 -21.05 4.60
N ARG D 1174 34.07 -20.95 5.64
CA ARG D 1174 34.06 -19.72 6.41
C ARG D 1174 33.81 -19.93 7.90
N GLY D 1175 33.90 -21.14 8.42
CA GLY D 1175 33.81 -21.38 9.85
C GLY D 1175 32.99 -22.61 10.17
N GLN D 1176 32.79 -22.81 11.48
CA GLN D 1176 32.09 -23.99 11.99
C GLN D 1176 30.61 -23.91 11.65
N ALA D 1177 30.13 -24.92 10.90
CA ALA D 1177 28.76 -24.92 10.43
C ALA D 1177 27.79 -25.28 11.57
N SER D 1178 26.54 -24.90 11.38
CA SER D 1178 25.47 -25.12 12.35
C SER D 1178 24.45 -26.09 11.81
N VAL D 1179 23.90 -26.92 12.69
CA VAL D 1179 22.97 -27.98 12.30
C VAL D 1179 21.61 -27.38 11.96
N CYS D 1180 20.78 -28.18 11.28
CA CYS D 1180 19.41 -27.81 10.95
C CYS D 1180 18.52 -29.02 11.17
N GLU D 1181 17.80 -29.04 12.29
CA GLU D 1181 16.90 -30.13 12.65
C GLU D 1181 15.47 -29.74 12.30
N PHE D 1182 14.72 -30.68 11.72
CA PHE D 1182 13.42 -30.40 11.12
C PHE D 1182 12.30 -30.76 12.09
N VAL D 1183 11.27 -29.90 12.15
CA VAL D 1183 10.05 -30.16 12.90
C VAL D 1183 8.87 -29.95 11.95
N ALA D 1184 7.99 -30.94 11.87
CA ALA D 1184 6.91 -30.94 10.90
C ALA D 1184 5.64 -30.31 11.46
N MET D 1185 4.98 -29.51 10.62
CA MET D 1185 3.70 -28.89 10.94
C MET D 1185 2.74 -29.14 9.79
N PRO D 1186 1.44 -28.98 10.02
CA PRO D 1186 0.51 -28.90 8.88
C PRO D 1186 0.76 -27.63 8.07
N VAL D 1187 0.43 -27.71 6.78
CA VAL D 1187 0.61 -26.57 5.88
C VAL D 1187 -0.33 -25.42 6.24
N SER D 1188 -1.41 -25.72 6.95
CA SER D 1188 -2.31 -24.69 7.47
C SER D 1188 -1.77 -24.27 8.83
N THR D 1189 -0.96 -23.21 8.83
CA THR D 1189 -0.29 -22.72 10.03
C THR D 1189 -0.27 -21.20 9.97
N ASP D 1190 -0.51 -20.56 11.12
CA ASP D 1190 -0.53 -19.11 11.19
C ASP D 1190 0.85 -18.53 10.96
N LEU D 1191 1.03 -17.79 9.86
CA LEU D 1191 2.35 -17.27 9.52
C LEU D 1191 2.77 -16.10 10.39
N GLN D 1192 1.83 -15.27 10.85
CA GLN D 1192 2.18 -14.12 11.66
C GLN D 1192 2.64 -14.51 13.05
N TYR D 1193 2.40 -15.77 13.46
CA TYR D 1193 2.98 -16.28 14.70
C TYR D 1193 4.50 -16.33 14.62
N PHE D 1194 5.04 -16.77 13.49
CA PHE D 1194 6.48 -16.87 13.33
C PHE D 1194 7.14 -15.53 13.05
N ARG D 1195 6.37 -14.49 12.70
CA ARG D 1195 6.97 -13.20 12.39
C ARG D 1195 7.49 -12.47 13.62
N THR D 1196 7.11 -12.92 14.81
CA THR D 1196 7.68 -12.38 16.05
C THR D 1196 8.58 -13.42 16.68
N ALA D 1197 9.21 -13.09 17.80
CA ALA D 1197 9.96 -14.07 18.58
C ALA D 1197 8.96 -15.08 19.14
N CYS D 1198 8.99 -16.29 18.62
CA CYS D 1198 8.00 -17.31 18.93
C CYS D 1198 8.68 -18.51 19.58
N ASN D 1199 7.89 -19.56 19.79
CA ASN D 1199 8.36 -20.75 20.47
C ASN D 1199 8.59 -21.87 19.46
N PRO D 1200 9.72 -22.59 19.56
CA PRO D 1200 9.95 -23.72 18.65
C PRO D 1200 8.94 -24.83 18.77
N ARG D 1201 8.41 -25.08 19.97
CA ARG D 1201 7.37 -26.08 20.14
C ARG D 1201 6.08 -25.67 19.45
N GLY D 1202 5.73 -24.39 19.52
CA GLY D 1202 4.46 -23.89 19.03
C GLY D 1202 3.55 -23.33 20.10
N ARG D 1203 3.98 -23.33 21.36
CA ARG D 1203 3.20 -22.77 22.45
C ARG D 1203 4.15 -22.40 23.58
N ALA D 1204 4.02 -21.17 24.09
CA ALA D 1204 4.81 -20.75 25.23
C ALA D 1204 4.36 -21.49 26.48
N SER D 1205 5.31 -21.81 27.36
CA SER D 1205 5.01 -22.66 28.51
C SER D 1205 6.09 -22.42 29.57
N GLU D 1325 12.30 -19.30 23.64
CA GLU D 1325 11.99 -18.48 22.48
C GLU D 1325 13.19 -18.43 21.56
N ALA D 1326 13.01 -18.98 20.35
CA ALA D 1326 14.03 -18.92 19.30
C ALA D 1326 13.72 -17.71 18.43
N TYR D 1327 14.73 -16.90 18.16
CA TYR D 1327 14.52 -15.70 17.37
C TYR D 1327 14.60 -16.03 15.89
N PRO D 1328 13.59 -15.71 15.10
CA PRO D 1328 13.66 -15.93 13.65
C PRO D 1328 14.39 -14.80 12.96
N PRO D 1329 15.24 -15.11 11.98
CA PRO D 1329 15.93 -14.08 11.23
C PRO D 1329 15.10 -13.58 10.05
N LEU D 1330 15.69 -12.65 9.30
CA LEU D 1330 15.10 -12.20 8.05
C LEU D 1330 15.12 -13.35 7.05
N CYS D 1331 13.97 -13.65 6.46
CA CYS D 1331 13.88 -14.83 5.62
C CYS D 1331 12.74 -14.67 4.61
N SER D 1332 12.92 -15.31 3.47
CA SER D 1332 11.97 -15.27 2.36
C SER D 1332 11.83 -16.66 1.78
N SER D 1333 10.62 -17.00 1.36
CA SER D 1333 10.40 -18.27 0.71
C SER D 1333 10.37 -18.16 -0.80
N ASP D 1334 10.77 -17.01 -1.35
CA ASP D 1334 11.01 -16.84 -2.77
C ASP D 1334 12.33 -16.11 -2.94
N ALA D 1335 13.00 -16.36 -4.07
CA ALA D 1335 14.26 -15.68 -4.33
C ALA D 1335 14.05 -14.20 -4.59
N ALA D 1336 12.92 -13.83 -5.17
CA ALA D 1336 12.67 -12.44 -5.56
C ALA D 1336 12.53 -11.54 -4.35
N MET D 1337 11.76 -11.98 -3.35
CA MET D 1337 11.50 -11.13 -2.19
C MET D 1337 12.75 -10.98 -1.31
N LEU D 1338 13.66 -11.94 -1.37
CA LEU D 1338 14.91 -11.81 -0.62
C LEU D 1338 15.82 -10.76 -1.26
N ARG D 1339 15.89 -10.72 -2.58
CA ARG D 1339 16.75 -9.73 -3.23
C ARG D 1339 16.08 -8.37 -3.28
N THR D 1340 14.76 -8.31 -3.12
CA THR D 1340 14.12 -7.03 -2.90
C THR D 1340 14.02 -6.68 -1.41
N ALA D 1341 14.43 -7.59 -0.53
CA ALA D 1341 14.33 -7.39 0.91
C ALA D 1341 15.46 -6.54 1.47
N HIS D 1342 16.27 -5.92 0.61
CA HIS D 1342 17.27 -4.97 1.09
C HIS D 1342 16.70 -3.57 1.22
N ALA D 1343 15.37 -3.46 1.33
CA ALA D 1343 14.62 -2.20 1.26
C ALA D 1343 14.93 -1.47 -0.04
N GLY D 1344 14.56 -2.08 -1.17
CA GLY D 1344 14.82 -1.52 -2.49
C GLY D 1344 14.16 -0.18 -2.73
N GLU D 1345 12.85 -0.17 -2.91
CA GLU D 1345 12.07 1.07 -2.84
C GLU D 1345 11.58 1.29 -1.42
N THR D 1346 12.52 1.17 -0.48
CA THR D 1346 12.25 0.78 0.90
C THR D 1346 11.26 -0.37 0.95
N GLY D 1347 11.52 -1.38 0.11
CA GLY D 1347 10.49 -2.33 -0.25
C GLY D 1347 10.18 -3.37 0.80
N ALA D 1348 9.01 -3.23 1.42
CA ALA D 1348 8.52 -4.17 2.42
C ALA D 1348 7.42 -5.02 1.81
N ASP D 1349 7.80 -6.05 1.06
CA ASP D 1349 6.84 -6.98 0.49
C ASP D 1349 6.63 -8.10 1.50
N GLU D 1350 5.37 -8.34 1.85
CA GLU D 1350 5.04 -9.32 2.88
C GLU D 1350 4.67 -10.67 2.29
N VAL D 1351 3.72 -10.69 1.38
CA VAL D 1351 3.36 -11.88 0.61
C VAL D 1351 3.00 -11.43 -0.80
N HIS D 1352 3.45 -12.18 -1.80
CA HIS D 1352 3.01 -11.89 -3.17
C HIS D 1352 1.79 -12.71 -3.56
N LEU D 1353 1.90 -14.03 -3.58
CA LEU D 1353 0.68 -14.83 -3.61
C LEU D 1353 0.67 -15.85 -2.48
N ALA D 1354 1.66 -16.74 -2.44
CA ALA D 1354 1.74 -17.76 -1.41
C ALA D 1354 3.11 -17.84 -0.76
N GLN D 1355 4.17 -17.45 -1.45
CA GLN D 1355 5.48 -17.33 -0.83
C GLN D 1355 5.52 -16.07 0.03
N TYR D 1356 6.40 -16.07 1.02
CA TYR D 1356 6.33 -15.08 2.08
C TYR D 1356 7.71 -14.52 2.41
N LEU D 1357 7.72 -13.28 2.92
CA LEU D 1357 8.90 -12.65 3.52
C LEU D 1357 8.56 -12.40 4.99
N ILE D 1358 9.47 -12.79 5.87
CA ILE D 1358 9.34 -12.54 7.30
C ILE D 1358 10.45 -11.59 7.72
N ARG D 1359 10.06 -10.45 8.30
CA ARG D 1359 11.04 -9.46 8.72
C ARG D 1359 11.86 -9.98 9.90
N ASP D 1360 13.03 -9.36 10.10
CA ASP D 1360 14.02 -9.89 11.03
C ASP D 1360 13.57 -9.65 12.47
N ALA D 1361 13.24 -10.73 13.18
CA ALA D 1361 12.91 -10.66 14.59
C ALA D 1361 14.05 -11.09 15.50
N SER D 1362 15.22 -11.38 14.92
CA SER D 1362 16.39 -11.71 15.71
C SER D 1362 16.93 -10.46 16.39
N PRO D 1363 17.78 -10.63 17.41
CA PRO D 1363 18.50 -9.46 17.96
C PRO D 1363 19.47 -8.82 16.98
N LEU D 1364 19.79 -9.47 15.86
CA LEU D 1364 20.76 -8.93 14.91
C LEU D 1364 20.04 -8.15 13.82
N ARG D 1365 19.38 -7.07 14.24
CA ARG D 1365 18.57 -6.27 13.33
C ARG D 1365 19.42 -5.36 12.46
N GLY D 1366 20.35 -4.62 13.08
CA GLY D 1366 21.17 -3.68 12.34
C GLY D 1366 22.57 -4.18 12.04
N CYS D 1367 22.81 -5.47 12.22
CA CYS D 1367 24.13 -6.06 12.01
C CYS D 1367 24.13 -6.93 10.76
N LEU D 1368 25.28 -7.57 10.51
CA LEU D 1368 25.55 -8.51 9.44
C LEU D 1368 25.20 -7.92 8.07
N PRO D 1369 26.03 -7.01 7.54
CA PRO D 1369 25.69 -6.32 6.29
C PRO D 1369 25.66 -7.27 5.10
N LEU D 1370 24.81 -6.92 4.13
CA LEU D 1370 24.60 -7.74 2.94
C LEU D 1370 25.61 -7.39 1.85
N ILE E 1 19.00 13.68 80.77
CA ILE E 1 20.42 13.41 80.54
C ILE E 1 21.04 14.64 79.86
N PRO E 2 22.27 14.99 80.21
CA PRO E 2 22.99 16.00 79.40
C PRO E 2 23.58 15.36 78.17
N ALA E 3 23.67 16.14 77.09
CA ALA E 3 24.31 15.65 75.87
C ALA E 3 25.81 15.48 76.07
N GLY E 4 26.51 16.57 76.36
CA GLY E 4 27.94 16.49 76.64
C GLY E 4 28.79 16.16 75.44
N ILE E 5 28.24 16.27 74.23
CA ILE E 5 28.92 15.90 73.00
C ILE E 5 28.35 16.79 71.90
N ILE E 6 29.02 16.81 70.74
CA ILE E 6 28.55 17.59 69.60
C ILE E 6 27.23 16.99 69.10
N PRO E 7 26.29 17.80 68.60
CA PRO E 7 25.04 17.24 68.09
C PRO E 7 25.22 16.50 66.78
N THR E 8 25.89 15.35 66.84
CA THR E 8 26.17 14.45 65.71
C THR E 8 26.86 15.16 64.55
N GLY E 9 26.09 15.63 63.58
CA GLY E 9 26.66 16.14 62.36
C GLY E 9 27.20 15.04 61.47
N ASN E 10 26.29 14.27 60.87
CA ASN E 10 26.60 13.18 59.95
C ASN E 10 27.44 12.09 60.62
N VAL E 11 26.76 11.36 61.53
CA VAL E 11 27.33 10.22 62.24
C VAL E 11 27.93 9.21 61.28
N LEU E 12 29.24 8.98 61.42
CA LEU E 12 29.94 7.93 60.70
C LEU E 12 30.19 6.81 61.70
N SER E 13 29.38 5.76 61.64
CA SER E 13 29.50 4.63 62.55
C SER E 13 30.78 3.85 62.24
N THR E 14 31.22 3.07 63.22
CA THR E 14 32.49 2.36 63.14
C THR E 14 32.27 0.95 62.62
N ILE E 15 33.17 0.51 61.74
CA ILE E 15 33.18 -0.88 61.29
C ILE E 15 34.04 -1.69 62.26
N GLU E 16 33.44 -2.70 62.87
CA GLU E 16 34.14 -3.58 63.79
C GLU E 16 34.24 -4.97 63.17
N VAL E 17 35.42 -5.56 63.23
CA VAL E 17 35.62 -6.93 62.78
C VAL E 17 35.73 -7.83 63.99
N CYS E 18 35.03 -8.97 63.94
CA CYS E 18 35.03 -9.93 65.02
C CYS E 18 35.67 -11.22 64.54
N ILE E 19 36.83 -11.55 65.08
CA ILE E 19 37.57 -12.75 64.71
C ILE E 19 37.33 -13.80 65.78
N PHE E 20 37.22 -15.07 65.35
CA PHE E 20 36.78 -16.15 66.23
C PHE E 20 37.98 -16.99 66.68
N PHE E 21 38.18 -17.03 68.00
CA PHE E 21 39.16 -17.93 68.60
C PHE E 21 38.66 -18.43 69.95
N ARG E 57 19.77 18.52 54.69
CA ARG E 57 19.26 19.79 55.18
C ARG E 57 18.57 20.49 54.01
N PHE E 58 17.50 21.21 54.31
CA PHE E 58 16.63 21.78 53.29
C PHE E 58 17.30 22.84 52.44
N LEU E 59 18.21 23.63 53.03
CA LEU E 59 18.72 24.82 52.36
C LEU E 59 19.62 24.47 51.19
N GLU E 60 20.50 23.47 51.33
CA GLU E 60 21.42 23.16 50.24
C GLU E 60 20.74 22.36 49.14
N LEU E 61 19.54 21.84 49.41
CA LEU E 61 18.74 21.26 48.34
C LEU E 61 18.35 22.36 47.35
N GLY E 62 18.27 21.97 46.08
CA GLY E 62 17.98 22.94 45.04
C GLY E 62 16.58 23.50 45.12
N LEU E 63 15.65 22.78 45.75
CA LEU E 63 14.29 23.24 45.91
C LEU E 63 14.16 24.38 46.90
N SER E 64 15.21 24.69 47.68
CA SER E 64 15.13 25.73 48.70
C SER E 64 15.00 27.12 48.10
N VAL E 65 15.32 27.28 46.81
CA VAL E 65 15.18 28.59 46.17
C VAL E 65 13.75 28.81 45.71
N ALA E 66 12.82 27.95 46.10
CA ALA E 66 11.40 28.22 45.93
C ALA E 66 10.77 28.87 47.15
N CYS E 67 11.52 29.05 48.24
CA CYS E 67 10.95 29.54 49.48
C CYS E 67 11.87 30.59 50.09
N ILE E 68 11.29 31.42 50.94
CA ILE E 68 12.03 32.37 51.75
C ILE E 68 11.80 31.97 53.20
N CYS E 69 12.74 31.21 53.77
CA CYS E 69 12.60 30.74 55.14
C CYS E 69 12.89 31.87 56.11
N THR E 70 12.04 31.99 57.14
CA THR E 70 12.23 33.00 58.17
C THR E 70 11.68 32.48 59.48
N LYS E 71 12.29 32.95 60.58
CA LYS E 71 11.96 32.48 61.92
C LYS E 71 10.78 33.24 62.49
N PHE E 72 10.02 32.56 63.35
CA PHE E 72 8.85 33.15 64.00
C PHE E 72 8.55 32.36 65.26
N PRO E 73 9.16 32.74 66.39
CA PRO E 73 8.96 31.97 67.63
C PRO E 73 7.53 32.00 68.15
N GLU E 74 6.83 33.13 67.99
CA GLU E 74 5.48 33.26 68.52
C GLU E 74 4.42 32.87 67.50
N LEU E 75 4.54 31.67 66.94
CA LEU E 75 3.59 31.18 65.96
C LEU E 75 2.57 30.22 66.56
N ALA E 76 2.92 29.50 67.62
CA ALA E 76 2.01 28.56 68.24
C ALA E 76 0.81 29.24 68.89
N TYR E 77 0.92 30.52 69.22
CA TYR E 77 -0.18 31.29 69.78
C TYR E 77 -1.00 32.00 68.72
N VAL E 78 -0.66 31.84 67.44
CA VAL E 78 -1.39 32.53 66.38
C VAL E 78 -2.69 31.79 66.11
N ARG E 79 -3.80 32.53 66.17
CA ARG E 79 -5.15 32.00 66.00
C ARG E 79 -5.49 31.78 64.53
N ASP E 80 -4.60 34.98 64.34
CA ASP E 80 -4.61 34.83 62.89
C ASP E 80 -3.82 35.97 62.27
N GLY E 81 -3.30 35.77 61.06
CA GLY E 81 -2.42 36.73 60.41
C GLY E 81 -2.84 37.05 58.99
N VAL E 82 -2.62 38.29 58.58
CA VAL E 82 -2.74 38.72 57.19
C VAL E 82 -1.54 39.59 56.85
N ILE E 83 -1.22 39.64 55.55
CA ILE E 83 -0.24 40.57 55.01
C ILE E 83 -0.89 41.27 53.83
N GLN E 84 -0.27 42.38 53.41
CA GLN E 84 -0.82 43.22 52.35
C GLN E 84 0.28 43.61 51.38
N PHE E 85 -0.12 43.99 50.17
CA PHE E 85 0.79 44.48 49.16
C PHE E 85 0.10 45.60 48.38
N GLU E 86 0.88 46.59 47.96
CA GLU E 86 0.36 47.78 47.29
C GLU E 86 1.11 47.99 45.97
N VAL E 87 1.21 46.93 45.17
CA VAL E 87 1.75 47.11 43.82
C VAL E 87 0.74 47.89 42.98
N GLN E 88 1.24 48.85 42.21
CA GLN E 88 0.40 49.79 41.50
C GLN E 88 0.47 49.54 40.01
N GLN E 89 -0.50 50.08 39.28
CA GLN E 89 -0.55 49.94 37.84
C GLN E 89 0.33 51.02 37.20
N PRO E 90 1.35 50.64 36.44
CA PRO E 90 2.21 51.66 35.82
C PRO E 90 1.55 52.26 34.59
N MET E 91 1.94 53.50 34.28
CA MET E 91 1.34 54.24 33.17
C MET E 91 2.42 54.71 32.21
N ILE E 92 2.03 54.86 30.94
CA ILE E 92 2.89 55.45 29.93
C ILE E 92 2.65 56.94 29.91
N ALA E 93 3.60 57.70 29.35
CA ALA E 93 3.43 59.15 29.22
C ALA E 93 3.35 59.51 27.75
N ARG E 94 2.14 59.48 27.23
CA ARG E 94 1.88 59.85 25.84
C ARG E 94 1.99 61.37 25.70
N ASP E 95 2.19 61.84 24.46
CA ASP E 95 2.58 63.22 24.21
C ASP E 95 1.51 64.22 24.60
N GLY E 96 0.27 64.02 24.15
CA GLY E 96 -0.73 65.05 24.20
C GLY E 96 -1.34 65.28 25.56
N PRO E 97 -1.63 66.55 25.88
CA PRO E 97 -2.26 66.87 27.16
C PRO E 97 -3.71 66.44 27.21
N HIS E 98 -3.94 65.15 27.47
CA HIS E 98 -5.28 64.57 27.57
C HIS E 98 -5.60 64.36 29.04
N PRO E 99 -6.52 65.17 29.59
CA PRO E 99 -6.83 65.05 31.02
C PRO E 99 -7.79 63.91 31.33
N VAL E 100 -7.42 62.68 30.97
CA VAL E 100 -8.26 61.51 31.21
C VAL E 100 -7.43 60.46 31.94
N ASP E 101 -6.18 60.81 32.26
CA ASP E 101 -5.27 59.86 32.89
C ASP E 101 -5.30 60.01 34.41
N GLN E 102 -5.61 58.92 35.10
CA GLN E 102 -5.54 58.88 36.55
C GLN E 102 -4.82 57.59 36.97
N PRO E 103 -4.03 57.64 38.03
CA PRO E 103 -3.41 56.41 38.54
C PRO E 103 -4.40 55.58 39.33
N VAL E 104 -4.06 54.30 39.49
CA VAL E 104 -4.85 53.38 40.29
C VAL E 104 -3.89 52.47 41.05
N HIS E 105 -4.24 52.15 42.29
CA HIS E 105 -3.42 51.30 43.15
C HIS E 105 -4.20 50.04 43.49
N ASN E 106 -3.49 48.93 43.58
CA ASN E 106 -4.09 47.64 43.88
C ASN E 106 -3.79 47.23 45.32
N TYR E 107 -4.80 46.62 45.96
CA TYR E 107 -4.68 46.21 47.36
C TYR E 107 -5.16 44.76 47.47
N MET E 108 -4.26 43.82 47.27
CA MET E 108 -4.53 42.42 47.53
C MET E 108 -3.90 42.02 48.87
N VAL E 109 -4.53 41.07 49.54
CA VAL E 109 -4.08 40.59 50.83
C VAL E 109 -4.03 39.06 50.80
N LYS E 110 -3.15 38.50 51.61
CA LYS E 110 -2.85 37.07 51.56
C LYS E 110 -3.27 36.40 52.86
N ARG E 111 -3.77 35.17 52.75
CA ARG E 111 -4.14 34.37 53.91
C ARG E 111 -2.90 33.63 54.42
N ILE E 112 -2.74 33.60 55.74
CA ILE E 112 -1.50 33.13 56.35
C ILE E 112 -1.39 31.61 56.30
N HIS E 113 -2.54 30.92 56.29
CA HIS E 113 -2.67 29.45 56.37
C HIS E 113 -2.01 28.89 57.64
N LYS E 114 -2.05 27.57 57.82
CA LYS E 114 -1.50 26.97 59.03
C LYS E 114 -1.17 25.49 58.85
N ARG E 115 0.08 25.12 59.10
CA ARG E 115 0.53 23.74 59.06
C ARG E 115 1.26 23.42 60.35
N SER E 116 1.74 22.18 60.46
CA SER E 116 2.61 21.75 61.54
C SER E 116 3.37 20.53 61.06
N LEU E 117 4.16 19.95 61.96
CA LEU E 117 4.85 18.68 61.70
C LEU E 117 4.94 17.92 63.01
N SER E 118 4.75 16.60 62.95
CA SER E 118 4.78 15.77 64.14
C SER E 118 5.51 14.46 63.86
N ALA E 119 6.13 13.91 64.89
CA ALA E 119 6.86 12.66 64.78
C ALA E 119 6.87 11.95 66.13
N ALA E 120 7.13 10.65 66.10
CA ALA E 120 7.17 9.81 67.28
C ALA E 120 8.60 9.45 67.63
N PHE E 121 8.83 9.19 68.91
CA PHE E 121 10.18 8.90 69.40
C PHE E 121 10.02 8.13 70.71
N ALA E 122 10.52 6.89 70.74
CA ALA E 122 10.26 5.98 71.84
C ALA E 122 11.51 5.77 72.70
N ILE E 123 11.29 5.62 74.01
CA ILE E 123 12.36 5.39 74.99
C ILE E 123 11.98 4.15 75.79
N ALA E 124 12.93 3.23 75.94
CA ALA E 124 12.69 2.00 76.68
C ALA E 124 12.77 2.25 78.19
N SER E 125 12.26 1.28 78.94
CA SER E 125 12.26 1.38 80.41
C SER E 125 13.68 1.34 80.97
N GLU E 126 14.50 0.43 80.46
CA GLU E 126 15.91 0.40 80.83
C GLU E 126 16.61 1.68 80.42
N ALA E 127 16.27 2.19 79.23
CA ALA E 127 16.88 3.42 78.74
C ALA E 127 16.58 4.59 79.67
N LEU E 128 15.30 4.83 79.98
CA LEU E 128 14.92 5.97 80.82
C LEU E 128 15.40 5.77 82.26
N SER E 129 15.42 4.53 82.74
CA SER E 129 15.93 4.25 84.08
C SER E 129 17.42 4.57 84.17
N LEU E 130 18.16 4.30 83.10
CA LEU E 130 19.56 4.69 83.10
C LEU E 130 19.72 6.20 82.90
N LEU E 131 18.78 6.82 82.18
CA LEU E 131 18.80 8.28 82.00
C LEU E 131 18.61 8.99 83.33
N SER E 132 17.83 8.38 84.23
CA SER E 132 17.61 8.98 85.54
C SER E 132 18.88 9.05 86.37
N ASN E 133 19.74 8.03 86.29
CA ASN E 133 20.96 8.03 87.08
C ASN E 133 22.00 8.97 86.48
N THR E 134 21.94 9.20 85.16
CA THR E 134 22.89 10.09 84.51
C THR E 134 22.60 11.56 84.83
N TYR E 135 21.41 11.86 85.35
CA TYR E 135 21.15 13.21 85.87
C TYR E 135 21.98 13.53 87.10
N VAL E 136 22.38 12.50 87.84
CA VAL E 136 23.19 12.66 89.05
C VAL E 136 24.54 12.00 88.80
N ALA E 137 25.06 12.15 87.57
CA ALA E 137 26.32 11.54 87.18
C ALA E 137 27.47 12.00 88.06
N ALA E 138 28.21 11.04 88.58
CA ALA E 138 29.19 11.25 89.64
C ALA E 138 30.28 10.20 89.47
N THR E 139 31.00 9.92 90.55
CA THR E 139 31.91 8.77 90.56
C THR E 139 31.16 7.46 90.36
N GLU E 140 29.90 7.39 90.80
CA GLU E 140 29.03 6.27 90.48
C GLU E 140 28.46 6.47 89.08
N ILE E 141 27.65 5.49 88.61
CA ILE E 141 27.09 5.41 87.27
C ILE E 141 28.21 5.36 86.23
N ASP E 142 28.52 4.16 85.74
CA ASP E 142 29.71 3.89 84.95
C ASP E 142 29.74 4.64 83.63
N SER E 143 30.92 5.16 83.30
CA SER E 143 31.06 6.11 82.20
C SER E 143 30.87 5.44 80.84
N SER E 144 31.33 4.19 80.70
CA SER E 144 31.23 3.52 79.40
C SER E 144 29.77 3.23 79.03
N LEU E 145 29.00 2.70 79.98
CA LEU E 145 27.58 2.49 79.73
C LEU E 145 26.82 3.82 79.61
N ARG E 146 27.25 4.84 80.35
CA ARG E 146 26.62 6.15 80.23
C ARG E 146 26.82 6.75 78.84
N ILE E 147 28.04 6.65 78.31
CA ILE E 147 28.29 7.22 76.99
C ILE E 147 27.68 6.35 75.90
N ARG E 148 27.55 5.04 76.13
CA ARG E 148 26.80 4.19 75.20
C ARG E 148 25.34 4.62 75.14
N ALA E 149 24.74 4.90 76.31
CA ALA E 149 23.35 5.32 76.36
C ALA E 149 23.16 6.67 75.66
N ILE E 150 24.01 7.65 75.96
CA ILE E 150 23.83 8.97 75.35
C ILE E 150 24.14 8.91 73.86
N GLN E 151 25.05 8.02 73.44
CA GLN E 151 25.38 7.90 72.03
C GLN E 151 24.19 7.33 71.25
N GLN E 152 23.61 6.24 71.74
CA GLN E 152 22.46 5.64 71.06
C GLN E 152 21.25 6.57 71.07
N MET E 153 20.99 7.23 72.20
CA MET E 153 19.81 8.08 72.27
C MET E 153 19.99 9.36 71.47
N ALA E 154 21.20 9.91 71.41
CA ALA E 154 21.45 11.07 70.57
C ALA E 154 21.37 10.71 69.09
N ARG E 155 21.81 9.49 68.73
CA ARG E 155 21.65 9.03 67.36
C ARG E 155 20.17 8.96 66.97
N ASN E 156 19.36 8.33 67.82
CA ASN E 156 17.93 8.22 67.53
C ASN E 156 17.25 9.59 67.53
N LEU E 157 17.66 10.47 68.45
CA LEU E 157 17.09 11.81 68.50
C LEU E 157 17.43 12.61 67.26
N ARG E 158 18.64 12.40 66.71
CA ARG E 158 18.97 13.12 65.50
C ARG E 158 18.27 12.56 64.28
N THR E 159 18.00 11.24 64.26
CA THR E 159 17.17 10.67 63.20
C THR E 159 15.77 11.28 63.21
N VAL E 160 15.16 11.34 64.39
CA VAL E 160 13.80 11.89 64.44
C VAL E 160 13.83 13.40 64.24
N SER E 161 14.96 14.05 64.55
CA SER E 161 15.06 15.50 64.34
C SER E 161 15.16 15.83 62.86
N ASP E 162 16.03 15.13 62.12
CA ASP E 162 16.13 15.49 60.70
C ASP E 162 15.09 14.77 59.85
N SER E 163 14.24 13.94 60.46
CA SER E 163 13.05 13.48 59.75
C SER E 163 12.13 14.66 59.40
N PHE E 164 11.98 15.62 60.32
CA PHE E 164 11.26 16.86 60.02
C PHE E 164 11.92 17.59 58.87
N GLU E 165 13.25 17.67 58.90
CA GLU E 165 14.03 18.38 57.91
C GLU E 165 13.87 17.74 56.54
N ARG E 166 13.78 16.42 56.52
CA ARG E 166 13.45 15.66 55.31
C ARG E 166 12.04 15.96 54.83
N GLY E 167 11.06 15.98 55.74
CA GLY E 167 9.66 16.06 55.35
C GLY E 167 9.21 17.44 54.90
N THR E 168 9.98 18.46 55.28
CA THR E 168 9.67 19.83 54.86
C THR E 168 9.69 19.95 53.34
N ALA E 169 10.66 19.31 52.70
CA ALA E 169 10.75 19.33 51.24
C ALA E 169 9.55 18.64 50.60
N ASP E 170 9.12 17.52 51.18
CA ASP E 170 7.92 16.83 50.69
C ASP E 170 6.70 17.73 50.78
N GLN E 171 6.52 18.41 51.91
CA GLN E 171 5.36 19.28 52.08
C GLN E 171 5.38 20.44 51.09
N LEU E 172 6.56 21.05 50.89
CA LEU E 172 6.62 22.23 50.03
C LEU E 172 6.44 21.83 48.58
N LEU E 173 7.01 20.68 48.18
CA LEU E 173 6.80 20.21 46.81
C LEU E 173 5.34 19.81 46.59
N GLY E 174 4.68 19.26 47.62
CA GLY E 174 3.28 18.92 47.50
C GLY E 174 2.40 20.14 47.31
N VAL E 175 2.66 21.20 48.08
CA VAL E 175 1.84 22.40 47.89
C VAL E 175 2.19 23.10 46.57
N LEU E 176 3.42 22.91 46.07
CA LEU E 176 3.75 23.45 44.75
C LEU E 176 2.98 22.73 43.65
N LEU E 177 2.82 21.41 43.76
CA LEU E 177 1.91 20.71 42.86
C LEU E 177 0.45 21.13 43.06
N GLU E 178 0.07 21.48 44.28
CA GLU E 178 -1.30 21.94 44.52
C GLU E 178 -1.55 23.34 43.99
N LYS E 179 -0.49 24.09 43.67
CA LYS E 179 -0.62 25.48 43.22
C LYS E 179 -0.11 25.63 41.79
N ALA E 180 -0.58 24.77 40.88
CA ALA E 180 -0.07 24.86 39.51
C ALA E 180 -1.11 24.47 38.46
N PRO E 181 -1.33 25.31 37.46
CA PRO E 181 -2.14 24.91 36.30
C PRO E 181 -1.26 24.32 35.22
N PRO E 182 -1.84 23.58 34.26
CA PRO E 182 -1.00 23.02 33.19
C PRO E 182 -0.51 24.07 32.22
N LEU E 183 0.63 23.75 31.58
CA LEU E 183 1.15 24.58 30.50
C LEU E 183 0.20 24.58 29.31
N SER E 184 -0.31 23.39 28.94
CA SER E 184 -1.17 23.26 27.78
C SER E 184 -2.52 23.95 27.98
N LEU E 185 -2.87 24.32 29.20
CA LEU E 185 -4.01 25.17 29.48
C LEU E 185 -3.66 26.65 29.48
N LEU E 186 -2.60 27.04 30.19
CA LEU E 186 -2.35 28.46 30.43
C LEU E 186 -1.73 29.14 29.21
N SER E 187 -0.87 28.43 28.46
CA SER E 187 -0.10 29.09 27.40
C SER E 187 -0.95 29.62 26.25
N PRO E 188 -1.94 28.90 25.70
CA PRO E 188 -2.84 29.57 24.73
C PRO E 188 -3.67 30.69 25.35
N ILE E 189 -3.99 30.61 26.64
CA ILE E 189 -4.70 31.70 27.31
C ILE E 189 -3.82 32.94 27.39
N ASN E 190 -2.56 32.74 27.78
CA ASN E 190 -1.62 33.85 27.86
C ASN E 190 -1.28 34.41 26.48
N LYS E 191 -1.33 33.57 25.45
CA LYS E 191 -0.90 33.99 24.13
C LYS E 191 -2.02 34.63 23.32
N PHE E 192 -3.10 33.88 23.07
CA PHE E 192 -4.15 34.33 22.15
C PHE E 192 -5.19 35.09 22.96
N GLN E 193 -4.80 36.29 23.41
CA GLN E 193 -5.69 37.23 24.05
C GLN E 193 -5.08 38.62 24.00
N PRO E 194 -5.41 39.43 23.00
CA PRO E 194 -4.77 40.76 22.89
C PRO E 194 -5.15 41.75 23.97
N GLU E 195 -6.45 41.96 24.22
CA GLU E 195 -6.81 42.93 25.25
C GLU E 195 -7.77 42.38 26.28
N GLY E 196 -8.56 41.36 25.95
CA GLY E 196 -9.56 40.82 26.84
C GLY E 196 -10.94 41.22 26.42
N HIS E 197 -11.92 40.48 26.95
CA HIS E 197 -13.34 40.54 26.52
C HIS E 197 -13.44 40.38 25.01
N LEU E 198 -12.92 39.27 24.50
CA LEU E 198 -12.79 39.02 23.07
C LEU E 198 -14.08 38.49 22.45
N ASN E 199 -15.21 38.60 23.16
CA ASN E 199 -16.55 38.13 22.76
C ASN E 199 -16.56 36.65 22.36
N ARG E 200 -17.63 36.21 21.70
CA ARG E 200 -17.89 34.78 21.56
C ARG E 200 -17.02 34.12 20.49
N VAL E 201 -16.81 34.78 19.34
CA VAL E 201 -16.17 34.12 18.21
C VAL E 201 -14.68 33.89 18.49
N ALA E 202 -14.01 34.86 19.10
CA ALA E 202 -12.63 34.64 19.51
C ALA E 202 -12.55 33.71 20.72
N ARG E 203 -13.61 33.60 21.52
CA ARG E 203 -13.64 32.59 22.57
C ARG E 203 -13.71 31.19 21.97
N ALA E 204 -14.41 31.04 20.83
CA ALA E 204 -14.42 29.74 20.16
C ALA E 204 -13.12 29.47 19.42
N ALA E 205 -12.45 30.52 18.94
CA ALA E 205 -11.09 30.34 18.43
C ALA E 205 -10.16 29.88 19.54
N LEU E 206 -10.31 30.45 20.74
CA LEU E 206 -9.55 30.02 21.90
C LEU E 206 -9.89 28.58 22.31
N LEU E 207 -11.18 28.22 22.19
CA LEU E 207 -11.66 26.85 22.36
C LEU E 207 -10.91 25.86 21.48
N SER E 208 -10.89 26.13 20.18
CA SER E 208 -10.20 25.24 19.25
C SER E 208 -8.69 25.25 19.48
N ASP E 209 -8.15 26.39 19.93
CA ASP E 209 -6.73 26.47 20.25
C ASP E 209 -6.39 25.57 21.44
N LEU E 210 -7.24 25.57 22.47
CA LEU E 210 -7.06 24.65 23.58
C LEU E 210 -7.22 23.19 23.15
N LYS E 211 -8.16 22.92 22.24
CA LYS E 211 -8.32 21.58 21.68
C LYS E 211 -7.03 21.09 21.04
N ARG E 212 -6.48 21.88 20.12
CA ARG E 212 -5.30 21.45 19.38
C ARG E 212 -4.05 21.49 20.25
N ARG E 213 -4.06 22.31 21.31
CA ARG E 213 -2.89 22.37 22.18
C ARG E 213 -2.87 21.18 23.15
N VAL E 214 -4.04 20.76 23.63
CA VAL E 214 -4.09 19.54 24.46
C VAL E 214 -3.77 18.32 23.62
N CYS E 215 -4.30 18.26 22.39
CA CYS E 215 -3.94 17.17 21.49
C CYS E 215 -2.48 17.26 21.05
N ALA E 216 -1.89 18.45 21.09
CA ALA E 216 -0.56 18.67 20.53
C ALA E 216 0.57 18.13 21.41
N ASP E 217 0.62 18.52 22.68
CA ASP E 217 1.71 18.04 23.53
C ASP E 217 1.13 17.64 24.89
N MET E 218 0.75 16.38 25.00
CA MET E 218 0.45 15.74 26.27
C MET E 218 1.56 14.84 26.76
N PHE E 219 2.29 14.22 25.83
CA PHE E 219 3.38 13.31 26.14
C PHE E 219 4.60 13.63 25.28
N PHE E 220 4.97 14.92 25.23
CA PHE E 220 5.97 15.39 24.28
C PHE E 220 7.37 14.90 24.59
N MET E 221 7.66 14.52 25.84
CA MET E 221 8.99 13.99 26.15
C MET E 221 9.27 12.69 25.42
N THR E 222 8.29 11.79 25.38
CA THR E 222 8.46 10.53 24.68
C THR E 222 7.97 10.59 23.24
N ARG E 223 7.27 11.66 22.85
CA ARG E 223 6.85 11.80 21.47
C ARG E 223 8.00 12.26 20.58
N HIS E 224 8.49 13.48 20.82
CA HIS E 224 9.61 14.02 20.07
C HIS E 224 10.92 13.80 20.81
N ALA E 225 11.18 12.52 21.11
CA ALA E 225 12.41 12.16 21.79
C ALA E 225 13.62 12.20 20.87
N ARG E 226 13.44 11.89 19.59
CA ARG E 226 14.53 11.92 18.62
C ARG E 226 14.76 13.30 18.03
N GLU E 227 13.96 14.30 18.41
CA GLU E 227 14.10 15.67 17.91
C GLU E 227 14.38 16.56 19.09
N PRO E 228 15.66 16.84 19.37
CA PRO E 228 16.00 17.66 20.54
C PRO E 228 15.56 19.11 20.46
N ARG E 229 15.26 19.62 19.27
CA ARG E 229 14.88 21.02 19.15
C ARG E 229 13.50 21.28 19.70
N LEU E 230 12.56 20.37 19.48
CA LEU E 230 11.20 20.55 19.97
C LEU E 230 11.13 20.48 21.48
N ILE E 231 11.99 19.65 22.09
CA ILE E 231 12.06 19.58 23.55
C ILE E 231 12.52 20.92 24.13
N SER E 232 13.59 21.47 23.56
CA SER E 232 14.08 22.77 24.00
C SER E 232 13.07 23.88 23.70
N ALA E 233 12.36 23.77 22.57
CA ALA E 233 11.35 24.76 22.23
C ALA E 233 10.20 24.76 23.25
N TYR E 234 9.66 23.59 23.56
CA TYR E 234 8.60 23.49 24.56
C TYR E 234 9.08 23.91 25.95
N LEU E 235 10.30 23.54 26.33
CA LEU E 235 10.79 23.89 27.65
C LEU E 235 11.02 25.40 27.77
N SER E 236 11.58 26.01 26.72
CA SER E 236 11.81 27.46 26.73
C SER E 236 10.49 28.23 26.68
N ASP E 237 9.50 27.71 25.96
CA ASP E 237 8.18 28.33 25.96
C ASP E 237 7.52 28.21 27.33
N MET E 238 7.70 27.07 27.99
CA MET E 238 7.08 26.84 29.29
C MET E 238 7.71 27.69 30.38
N VAL E 239 9.03 27.85 30.34
CA VAL E 239 9.72 28.53 31.42
C VAL E 239 9.49 30.05 31.32
N SER E 240 9.20 30.54 30.12
CA SER E 240 8.97 31.96 29.91
C SER E 240 7.51 32.26 29.58
N CYS E 241 6.60 31.55 30.22
CA CYS E 241 5.18 31.80 30.05
C CYS E 241 4.51 32.21 31.36
N THR E 242 5.14 31.98 32.50
CA THR E 242 4.60 32.39 33.78
C THR E 242 5.22 33.72 34.20
N GLN E 243 4.42 34.56 34.81
CA GLN E 243 4.98 35.79 35.34
C GLN E 243 5.70 35.51 36.65
N PRO E 244 6.79 36.20 36.93
CA PRO E 244 7.41 36.11 38.26
C PRO E 244 6.66 36.93 39.29
N SER E 245 7.21 37.00 40.48
CA SER E 245 6.56 37.64 41.61
C SER E 245 7.40 38.85 42.04
N VAL E 246 7.06 39.41 43.20
CA VAL E 246 7.84 40.51 43.76
C VAL E 246 9.29 40.07 43.97
N MET E 247 10.21 40.86 43.44
CA MET E 247 11.63 40.54 43.48
C MET E 247 12.27 40.94 44.81
N VAL E 248 11.75 40.41 45.92
CA VAL E 248 12.23 40.78 47.24
C VAL E 248 13.27 39.77 47.71
N SER E 249 14.43 40.28 48.13
CA SER E 249 15.52 39.45 48.63
C SER E 249 16.48 40.33 49.41
N ARG E 250 17.23 39.69 50.30
CA ARG E 250 18.42 40.27 50.91
C ARG E 250 19.68 39.54 50.48
N ILE E 251 19.71 38.21 50.67
CA ILE E 251 20.71 37.33 50.10
C ILE E 251 19.98 36.16 49.46
N THR E 252 20.40 35.77 48.26
CA THR E 252 19.67 34.78 47.48
C THR E 252 20.64 33.70 47.01
N HIS E 253 20.11 32.81 46.17
CA HIS E 253 20.91 31.73 45.61
C HIS E 253 21.54 32.18 44.29
N THR E 254 22.86 32.22 44.26
CA THR E 254 23.61 32.63 43.08
C THR E 254 24.51 31.49 42.63
N ASN E 255 25.05 31.63 41.43
CA ASN E 255 26.04 30.69 40.92
C ASN E 255 27.42 31.00 41.48
N THR E 256 28.44 30.31 40.97
CA THR E 256 29.79 30.54 41.44
C THR E 256 30.32 31.89 40.99
N ARG E 257 29.89 32.33 39.81
CA ARG E 257 30.32 33.64 39.31
C ARG E 257 29.66 34.78 40.09
N GLY E 258 28.36 34.66 40.35
CA GLY E 258 27.65 35.69 41.06
C GLY E 258 26.28 35.98 40.49
N ARG E 259 25.98 35.41 39.34
CA ARG E 259 24.66 35.62 38.73
C ARG E 259 23.60 34.86 39.53
N GLN E 260 22.54 35.56 39.90
CA GLN E 260 21.48 34.96 40.68
C GLN E 260 20.63 34.02 39.82
N VAL E 261 20.19 32.93 40.42
CA VAL E 261 19.34 31.97 39.73
C VAL E 261 17.91 32.47 39.79
N ASP E 262 17.03 31.89 38.99
CA ASP E 262 15.65 32.36 38.92
C ASP E 262 14.62 31.31 39.33
N GLY E 263 15.03 30.15 39.80
CA GLY E 263 14.06 29.20 40.33
C GLY E 263 14.63 27.80 40.35
N VAL E 264 13.74 26.84 40.56
CA VAL E 264 14.08 25.42 40.59
C VAL E 264 13.08 24.66 39.74
N LEU E 265 13.58 23.68 38.98
CA LEU E 265 12.74 22.80 38.18
C LEU E 265 12.89 21.39 38.73
N VAL E 266 11.77 20.74 39.03
CA VAL E 266 11.75 19.45 39.72
C VAL E 266 11.15 18.39 38.81
N THR E 267 11.83 17.26 38.70
CA THR E 267 11.38 16.15 37.86
C THR E 267 11.87 14.86 38.55
N THR E 268 11.92 13.76 37.82
CA THR E 268 12.49 12.49 38.27
C THR E 268 13.80 12.26 37.52
N ALA E 269 14.68 11.43 38.10
CA ALA E 269 16.04 11.27 37.62
C ALA E 269 16.12 10.73 36.20
N THR E 270 15.10 9.98 35.77
CA THR E 270 15.06 9.49 34.39
C THR E 270 15.01 10.66 33.41
N LEU E 271 14.06 11.58 33.61
CA LEU E 271 14.02 12.76 32.77
C LEU E 271 15.17 13.71 33.05
N LYS E 272 15.74 13.69 34.25
CA LYS E 272 16.95 14.47 34.51
C LYS E 272 18.07 14.05 33.58
N ARG E 273 18.31 12.73 33.49
CA ARG E 273 19.35 12.24 32.60
C ARG E 273 18.99 12.46 31.14
N GLN E 274 17.71 12.32 30.80
CA GLN E 274 17.28 12.52 29.42
C GLN E 274 17.49 13.96 28.96
N LEU E 275 17.20 14.94 29.82
CA LEU E 275 17.50 16.33 29.49
C LEU E 275 18.99 16.61 29.55
N LEU E 276 19.72 15.95 30.46
CA LEU E 276 21.11 16.31 30.66
C LEU E 276 22.03 15.76 29.58
N GLN E 277 21.64 14.66 28.92
CA GLN E 277 22.56 14.02 27.99
C GLN E 277 22.76 14.85 26.71
N GLY E 278 21.67 15.37 26.14
CA GLY E 278 21.82 16.07 24.88
C GLY E 278 20.92 17.27 24.63
N ILE E 279 20.07 17.63 25.59
CA ILE E 279 19.12 18.71 25.35
C ILE E 279 19.69 20.03 25.84
N LEU E 280 20.16 20.04 27.08
CA LEU E 280 20.63 21.25 27.73
C LEU E 280 22.12 21.15 28.04
N GLN E 281 22.70 22.28 28.40
CA GLN E 281 24.12 22.35 28.72
C GLN E 281 24.31 22.63 30.20
N ILE E 282 25.42 22.14 30.74
CA ILE E 282 25.74 22.37 32.15
C ILE E 282 26.32 23.77 32.30
N ASP E 283 25.73 24.55 33.20
CA ASP E 283 26.26 25.88 33.48
C ASP E 283 27.33 25.84 34.56
N ASP E 284 27.08 25.11 35.64
CA ASP E 284 28.06 24.91 36.71
C ASP E 284 27.64 23.69 37.51
N THR E 285 28.54 23.24 38.39
CA THR E 285 28.26 22.16 39.32
C THR E 285 28.01 22.65 40.74
N ALA E 286 28.69 23.71 41.16
CA ALA E 286 28.53 24.26 42.50
C ALA E 286 27.65 25.51 42.45
N ALA E 287 27.13 25.89 43.61
CA ALA E 287 26.23 27.03 43.72
C ALA E 287 26.38 27.67 45.09
N ASP E 288 25.97 28.93 45.18
CA ASP E 288 26.06 29.69 46.43
C ASP E 288 24.68 29.80 47.07
N VAL E 289 24.58 29.36 48.31
CA VAL E 289 23.30 29.25 49.02
C VAL E 289 23.42 29.95 50.37
N PRO E 290 22.41 30.72 50.79
CA PRO E 290 22.44 31.30 52.16
C PRO E 290 22.29 30.24 53.23
N VAL E 291 22.45 30.67 54.48
CA VAL E 291 22.53 29.76 55.62
C VAL E 291 21.48 30.02 56.68
N THR E 292 20.60 30.99 56.50
CA THR E 292 19.54 31.24 57.48
C THR E 292 18.16 31.13 56.85
N ALA E 354 27.15 29.98 50.84
CA ALA E 354 27.79 28.68 51.05
C ALA E 354 27.87 27.90 49.74
N ARG E 355 29.05 27.32 49.45
CA ARG E 355 29.29 26.61 48.21
C ARG E 355 28.75 25.19 48.32
N VAL E 356 27.75 24.88 47.51
CA VAL E 356 27.07 23.58 47.55
C VAL E 356 27.09 23.00 46.14
N PRO E 357 27.48 21.74 45.97
CA PRO E 357 27.37 21.11 44.64
C PRO E 357 25.92 20.88 44.27
N ALA E 358 25.46 21.63 43.26
CA ALA E 358 24.10 21.51 42.77
C ALA E 358 24.05 22.03 41.36
N ASP E 359 23.62 21.19 40.42
CA ASP E 359 23.65 21.54 39.01
C ASP E 359 22.57 22.57 38.68
N LEU E 360 22.80 23.32 37.61
CA LEU E 360 21.90 24.38 37.20
C LEU E 360 22.11 24.65 35.71
N VAL E 361 21.03 25.03 35.04
CA VAL E 361 21.00 25.17 33.59
C VAL E 361 20.28 26.47 33.26
N ILE E 362 20.85 27.24 32.34
CA ILE E 362 20.17 28.38 31.74
C ILE E 362 19.31 27.87 30.60
N VAL E 363 18.02 28.20 30.63
CA VAL E 363 17.09 27.83 29.57
C VAL E 363 16.52 29.11 28.99
N GLY E 364 16.68 29.28 27.68
CA GLY E 364 16.22 30.49 27.02
C GLY E 364 16.99 31.71 27.49
N ASP E 365 16.34 32.55 28.29
CA ASP E 365 16.95 33.80 28.76
C ASP E 365 17.14 33.81 30.27
N LYS E 366 16.84 32.72 30.96
CA LYS E 366 16.86 32.70 32.41
C LYS E 366 17.53 31.43 32.92
N LEU E 367 18.08 31.53 34.12
CA LEU E 367 18.89 30.47 34.71
C LEU E 367 18.12 29.80 35.83
N VAL E 368 18.10 28.46 35.83
CA VAL E 368 17.24 27.70 36.73
C VAL E 368 17.99 26.47 37.23
N PHE E 369 17.73 26.11 38.49
CA PHE E 369 18.15 24.82 39.02
C PHE E 369 17.43 23.70 38.29
N LEU E 370 18.13 22.58 38.14
CA LEU E 370 17.58 21.37 37.53
C LEU E 370 17.63 20.29 38.59
N GLU E 371 16.49 20.04 39.23
CA GLU E 371 16.40 19.12 40.36
C GLU E 371 15.59 17.90 39.99
N ALA E 372 16.02 16.74 40.48
CA ALA E 372 15.31 15.47 40.36
C ALA E 372 15.32 14.75 41.69
N LEU E 373 14.83 15.44 42.72
CA LEU E 373 15.06 15.06 44.10
C LEU E 373 14.32 13.76 44.41
N GLU E 374 15.05 12.65 44.23
CA GLU E 374 14.50 11.30 44.28
C GLU E 374 15.40 10.39 45.12
N ARG E 375 16.68 10.74 45.22
CA ARG E 375 17.61 9.90 45.94
C ARG E 375 17.77 10.30 47.39
N ARG E 376 17.84 11.62 47.65
CA ARG E 376 17.96 12.09 49.02
C ARG E 376 16.70 11.82 49.82
N VAL E 377 15.54 11.97 49.20
CA VAL E 377 14.24 11.75 49.82
C VAL E 377 13.42 10.90 48.86
N TYR E 378 12.44 10.18 49.42
CA TYR E 378 11.61 9.15 48.79
C TYR E 378 12.40 7.90 48.42
N GLN E 379 13.58 7.71 49.00
CA GLN E 379 14.30 6.45 48.93
C GLN E 379 14.19 5.74 50.28
N ALA E 380 13.77 4.48 50.24
CA ALA E 380 13.61 3.63 51.43
C ALA E 380 12.68 4.26 52.46
N THR E 381 11.46 4.58 52.03
CA THR E 381 10.45 5.15 52.92
C THR E 381 9.08 4.73 52.42
N ARG E 382 8.06 5.03 53.24
CA ARG E 382 6.73 4.48 53.02
C ARG E 382 5.80 5.48 52.33
N VAL E 383 6.30 6.63 51.92
CA VAL E 383 5.50 7.63 51.21
C VAL E 383 5.81 7.54 49.73
N ALA E 384 4.76 7.49 48.92
CA ALA E 384 4.92 7.41 47.47
C ALA E 384 5.41 8.74 46.93
N TYR E 385 6.24 8.68 45.90
CA TYR E 385 6.70 9.88 45.24
C TYR E 385 5.57 10.50 44.42
N PRO E 386 5.33 11.80 44.53
CA PRO E 386 4.30 12.44 43.69
C PRO E 386 4.74 12.57 42.23
N LEU E 387 3.93 13.29 41.44
CA LEU E 387 4.10 13.53 40.01
C LEU E 387 3.94 12.28 39.17
N ILE E 388 3.39 11.20 39.75
CA ILE E 388 3.17 9.96 39.03
C ILE E 388 1.67 9.68 39.10
N GLY E 389 0.87 10.74 38.97
CA GLY E 389 -0.57 10.68 39.20
C GLY E 389 -1.38 9.74 38.31
N ASN E 390 -1.00 9.69 37.02
CA ASN E 390 -1.45 8.82 35.91
C ASN E 390 -2.49 9.59 35.11
N ILE E 391 -3.14 8.93 34.14
CA ILE E 391 -4.23 9.53 33.37
C ILE E 391 -5.33 8.50 33.15
N ASP E 392 -6.47 8.98 32.66
CA ASP E 392 -7.57 8.13 32.18
C ASP E 392 -7.91 8.62 30.77
N ILE E 393 -7.43 7.91 29.77
CA ILE E 393 -7.69 8.24 28.37
C ILE E 393 -8.59 7.16 27.79
N THR E 394 -9.48 7.57 26.88
CA THR E 394 -10.37 6.64 26.19
C THR E 394 -10.19 6.78 24.69
N PHE E 395 -10.22 5.66 23.98
CA PHE E 395 -9.94 5.60 22.55
C PHE E 395 -11.23 5.31 21.79
N ILE E 396 -11.36 5.89 20.61
CA ILE E 396 -12.50 5.63 19.73
C ILE E 396 -12.00 4.83 18.53
N MET E 397 -12.83 3.90 18.08
CA MET E 397 -12.45 3.00 17.00
C MET E 397 -13.66 2.49 16.22
N PRO E 398 -13.95 3.04 15.04
CA PRO E 398 -15.02 2.48 14.21
C PRO E 398 -14.63 1.13 13.64
N MET E 399 -15.64 0.28 13.43
CA MET E 399 -15.41 -1.12 13.10
C MET E 399 -15.85 -1.47 11.70
N GLY E 400 -17.12 -1.27 11.35
CA GLY E 400 -17.64 -1.81 10.11
C GLY E 400 -18.42 -0.86 9.24
N VAL E 401 -18.05 0.43 9.25
CA VAL E 401 -18.68 1.39 8.35
C VAL E 401 -18.24 1.11 6.92
N PHE E 402 -19.10 1.48 5.98
CA PHE E 402 -18.91 1.14 4.57
C PHE E 402 -18.77 2.40 3.74
N GLN E 403 -17.86 2.36 2.76
CA GLN E 403 -17.69 3.45 1.82
C GLN E 403 -18.87 3.43 0.86
N ALA E 404 -19.94 4.15 1.23
CA ALA E 404 -21.21 4.04 0.52
C ALA E 404 -21.13 4.59 -0.89
N ASN E 405 -20.49 5.74 -1.06
CA ASN E 405 -20.44 6.38 -2.37
C ASN E 405 -19.45 5.66 -3.28
N SER E 406 -19.81 5.57 -4.57
CA SER E 406 -18.90 4.97 -5.55
C SER E 406 -17.69 5.87 -5.80
N MET E 407 -17.78 7.15 -5.44
CA MET E 407 -16.60 8.00 -5.44
C MET E 407 -15.60 7.60 -4.37
N ASP E 408 -16.07 6.93 -3.31
CA ASP E 408 -15.22 6.56 -2.19
C ASP E 408 -14.57 5.20 -2.35
N ARG E 409 -14.93 4.44 -3.39
CA ARG E 409 -14.37 3.12 -3.61
C ARG E 409 -13.23 3.19 -4.62
N TYR E 410 -12.16 3.88 -4.20
CA TYR E 410 -11.00 4.12 -5.05
C TYR E 410 -9.76 3.51 -4.42
N THR E 411 -8.79 3.18 -5.26
CA THR E 411 -7.57 2.48 -4.87
C THR E 411 -6.35 3.39 -5.02
N ARG E 412 -5.22 2.93 -4.49
CA ARG E 412 -3.95 3.58 -4.78
C ARG E 412 -3.42 3.18 -6.14
N HIS E 413 -3.44 1.87 -6.44
CA HIS E 413 -3.19 1.35 -7.77
C HIS E 413 -4.17 0.22 -8.03
N ALA E 414 -4.40 -0.07 -9.32
CA ALA E 414 -5.54 -0.88 -9.76
C ALA E 414 -5.52 -2.28 -9.14
N GLY E 415 -4.50 -3.07 -9.45
CA GLY E 415 -4.36 -4.35 -8.80
C GLY E 415 -3.44 -4.32 -7.60
N ASP E 416 -3.75 -3.51 -6.59
CA ASP E 416 -2.94 -3.51 -5.38
C ASP E 416 -3.07 -4.83 -4.63
N PHE E 417 -4.30 -5.27 -4.36
CA PHE E 417 -4.56 -6.56 -3.71
C PHE E 417 -5.35 -7.41 -4.68
N SER E 418 -4.64 -8.15 -5.54
CA SER E 418 -5.25 -9.02 -6.53
C SER E 418 -5.03 -10.49 -6.18
N THR E 419 -5.88 -11.35 -6.74
CA THR E 419 -5.88 -12.76 -6.43
C THR E 419 -5.91 -13.61 -7.69
N VAL E 420 -6.08 -14.93 -7.54
CA VAL E 420 -6.27 -15.82 -8.68
C VAL E 420 -7.75 -16.06 -8.98
N SER E 421 -8.65 -15.64 -8.10
CA SER E 421 -10.07 -15.89 -8.30
C SER E 421 -10.62 -14.98 -9.39
N GLU E 422 -11.72 -15.42 -10.00
CA GLU E 422 -12.36 -14.62 -11.03
C GLU E 422 -13.03 -13.39 -10.43
N GLN E 423 -13.33 -13.43 -9.13
CA GLN E 423 -13.79 -12.27 -8.40
C GLN E 423 -12.74 -11.90 -7.36
N ASP E 424 -12.29 -10.65 -7.40
CA ASP E 424 -11.39 -10.16 -6.37
C ASP E 424 -12.13 -10.07 -5.04
N PRO E 425 -11.67 -10.76 -3.99
CA PRO E 425 -12.40 -10.73 -2.71
C PRO E 425 -12.16 -9.44 -1.94
N ARG E 426 -12.51 -8.33 -2.57
CA ARG E 426 -12.26 -7.00 -2.03
C ARG E 426 -13.48 -6.10 -2.17
N GLN E 427 -14.49 -6.53 -2.93
CA GLN E 427 -15.75 -5.80 -3.09
C GLN E 427 -16.48 -5.65 -1.76
N PHE E 428 -16.22 -6.56 -0.81
CA PHE E 428 -17.11 -6.78 0.31
C PHE E 428 -17.00 -5.63 1.32
N PRO E 429 -18.08 -5.36 2.06
CA PRO E 429 -17.97 -4.42 3.17
C PRO E 429 -17.10 -4.99 4.28
N PRO E 430 -16.44 -4.15 5.05
CA PRO E 430 -15.56 -4.66 6.12
C PRO E 430 -16.33 -5.31 7.25
N GLN E 431 -15.69 -6.30 7.87
CA GLN E 431 -16.24 -6.96 9.04
C GLN E 431 -15.31 -6.92 10.24
N GLY E 432 -14.05 -6.52 10.07
CA GLY E 432 -13.10 -6.51 11.17
C GLY E 432 -12.20 -5.29 11.09
N ILE E 433 -11.60 -4.98 12.24
CA ILE E 433 -10.68 -3.86 12.37
C ILE E 433 -9.35 -4.41 12.88
N PHE E 434 -8.26 -3.84 12.40
CA PHE E 434 -6.93 -4.22 12.81
C PHE E 434 -6.26 -3.02 13.46
N PHE E 435 -5.54 -3.26 14.56
CA PHE E 435 -4.74 -2.23 15.19
C PHE E 435 -3.59 -2.91 15.93
N TYR E 436 -2.82 -2.12 16.67
CA TYR E 436 -1.58 -2.59 17.25
C TYR E 436 -1.69 -2.67 18.77
N ASN E 437 -1.09 -3.71 19.34
CA ASN E 437 -0.92 -3.81 20.78
C ASN E 437 0.20 -2.87 21.22
N LYS E 438 0.43 -2.81 22.53
CA LYS E 438 1.51 -1.99 23.05
C LYS E 438 2.87 -2.61 22.74
N ASP E 439 2.91 -3.91 22.47
CA ASP E 439 4.14 -4.57 22.04
C ASP E 439 4.31 -4.55 20.52
N GLY E 440 3.35 -3.98 19.80
CA GLY E 440 3.44 -3.85 18.36
C GLY E 440 2.91 -5.02 17.56
N ILE E 441 2.33 -6.03 18.21
CA ILE E 441 1.78 -7.15 17.47
C ILE E 441 0.41 -6.77 16.94
N LEU E 442 -0.08 -7.54 15.96
CA LEU E 442 -1.36 -7.26 15.36
C LEU E 442 -2.49 -7.67 16.30
N THR E 443 -3.52 -6.83 16.40
CA THR E 443 -4.71 -7.15 17.18
C THR E 443 -5.93 -7.01 16.28
N GLN E 444 -6.94 -7.83 16.55
CA GLN E 444 -8.11 -7.93 15.69
C GLN E 444 -9.40 -7.91 16.49
N LEU E 445 -10.35 -7.08 16.05
CA LEU E 445 -11.70 -7.04 16.59
C LEU E 445 -12.67 -7.21 15.42
N THR E 446 -13.61 -8.13 15.58
CA THR E 446 -14.54 -8.52 14.53
C THR E 446 -15.94 -8.52 15.16
N LEU E 447 -16.96 -8.95 14.40
CA LEU E 447 -18.31 -9.07 14.93
C LEU E 447 -18.43 -10.12 16.03
N ARG E 448 -17.43 -10.98 16.18
CA ARG E 448 -17.48 -12.04 17.19
C ARG E 448 -17.32 -11.48 18.61
N ASP E 449 -16.98 -10.20 18.74
CA ASP E 449 -16.88 -9.58 20.06
C ASP E 449 -18.14 -8.82 20.44
N ALA E 450 -19.19 -8.84 19.62
CA ALA E 450 -20.28 -7.88 19.77
C ALA E 450 -21.41 -8.36 20.68
N MET E 451 -21.41 -9.63 21.11
CA MET E 451 -22.51 -10.13 21.94
C MET E 451 -22.55 -9.47 23.30
N GLY E 452 -21.43 -8.94 23.78
CA GLY E 452 -21.42 -8.25 25.04
C GLY E 452 -22.18 -6.94 25.06
N THR E 453 -22.55 -6.41 23.89
CA THR E 453 -23.39 -5.22 23.83
C THR E 453 -24.69 -5.45 23.07
N ILE E 454 -24.63 -5.93 21.83
CA ILE E 454 -25.84 -5.93 21.01
C ILE E 454 -26.75 -7.12 21.32
N CYS E 455 -26.19 -8.27 21.70
CA CYS E 455 -26.97 -9.49 21.78
C CYS E 455 -27.52 -9.73 23.19
N HIS E 456 -27.81 -8.65 23.91
CA HIS E 456 -28.46 -8.71 25.22
C HIS E 456 -29.94 -8.38 25.07
N SER E 457 -30.70 -8.67 26.13
CA SER E 457 -32.14 -8.42 26.11
C SER E 457 -32.48 -6.94 26.25
N SER E 458 -31.50 -6.09 26.55
CA SER E 458 -31.77 -4.67 26.80
C SER E 458 -32.03 -3.88 25.51
N LEU E 459 -31.95 -4.53 24.35
CA LEU E 459 -32.24 -3.88 23.08
C LEU E 459 -33.71 -3.52 22.92
N LEU E 460 -34.59 -4.08 23.74
CA LEU E 460 -36.03 -3.86 23.63
C LEU E 460 -36.60 -3.23 24.90
N ASP E 461 -35.96 -2.15 25.37
CA ASP E 461 -36.33 -1.49 26.61
C ASP E 461 -36.91 -0.11 26.29
N VAL E 462 -37.78 -0.05 25.28
CA VAL E 462 -38.24 1.21 24.71
C VAL E 462 -39.44 1.80 25.43
N GLU E 463 -39.95 1.15 26.49
CA GLU E 463 -41.21 1.54 27.10
C GLU E 463 -41.15 2.96 27.69
N ALA E 464 -40.13 3.23 28.50
CA ALA E 464 -39.98 4.56 29.09
C ALA E 464 -39.71 5.61 28.03
N THR E 465 -39.05 5.24 26.93
CA THR E 465 -38.79 6.19 25.87
C THR E 465 -40.05 6.50 25.06
N LEU E 466 -40.92 5.51 24.84
CA LEU E 466 -42.22 5.81 24.25
C LEU E 466 -43.08 6.68 25.17
N VAL E 467 -43.03 6.44 26.48
CA VAL E 467 -43.78 7.27 27.41
C VAL E 467 -43.24 8.70 27.40
N ALA E 468 -41.92 8.86 27.38
CA ALA E 468 -41.32 10.20 27.38
C ALA E 468 -41.56 10.92 26.07
N LEU E 469 -41.55 10.19 24.95
CA LEU E 469 -41.82 10.78 23.65
C LEU E 469 -43.30 11.13 23.49
N ARG E 470 -44.19 10.43 24.19
CA ARG E 470 -45.61 10.75 24.18
C ARG E 470 -45.93 12.08 24.84
N GLN E 471 -45.00 12.66 25.61
CA GLN E 471 -45.23 13.90 26.33
C GLN E 471 -44.96 15.14 25.47
N GLN E 472 -44.65 14.95 24.19
CA GLN E 472 -44.31 16.04 23.29
C GLN E 472 -45.56 16.50 22.54
N HIS E 473 -45.40 17.60 21.80
CA HIS E 473 -46.51 18.12 21.00
C HIS E 473 -46.62 17.29 19.73
N LEU E 474 -47.62 16.41 19.69
CA LEU E 474 -47.85 15.54 18.54
C LEU E 474 -49.02 16.08 17.74
N ASP E 475 -48.78 16.35 16.46
CA ASP E 475 -49.74 16.99 15.59
C ASP E 475 -50.54 15.96 14.80
N ARG E 476 -51.65 16.40 14.23
CA ARG E 476 -52.55 15.54 13.46
C ARG E 476 -52.00 15.35 12.05
N GLN E 477 -51.53 14.14 11.75
CA GLN E 477 -51.09 13.78 10.42
C GLN E 477 -51.99 12.71 9.83
N CYS E 478 -51.60 12.22 8.66
CA CYS E 478 -52.42 11.25 7.95
C CYS E 478 -52.41 9.89 8.64
N TYR E 479 -53.47 9.11 8.41
CA TYR E 479 -53.67 7.83 9.06
C TYR E 479 -53.70 6.68 8.07
N PHE E 480 -52.89 6.74 7.01
CA PHE E 480 -52.96 5.72 5.96
C PHE E 480 -52.09 4.51 6.30
N GLY E 481 -50.79 4.73 6.51
CA GLY E 481 -49.85 3.64 6.66
C GLY E 481 -49.61 3.15 8.07
N VAL E 482 -50.40 3.60 9.05
CA VAL E 482 -50.20 3.19 10.43
C VAL E 482 -51.49 2.60 10.98
N TYR E 483 -52.49 2.43 10.12
CA TYR E 483 -53.83 2.04 10.53
C TYR E 483 -54.24 0.76 9.82
N VAL E 484 -54.76 -0.20 10.60
CA VAL E 484 -55.19 -1.50 10.09
C VAL E 484 -56.69 -1.63 10.32
N ALA E 485 -57.41 -2.07 9.30
CA ALA E 485 -58.85 -2.23 9.35
C ALA E 485 -59.23 -3.70 9.32
N GLU E 486 -60.53 -3.99 9.32
CA GLU E 486 -61.03 -5.35 9.15
C GLU E 486 -61.71 -5.46 7.79
N GLY E 487 -61.85 -6.70 7.33
CA GLY E 487 -62.63 -6.93 6.12
C GLY E 487 -64.11 -6.66 6.36
N THR E 488 -64.81 -6.28 5.29
CA THR E 488 -66.21 -5.93 5.38
C THR E 488 -67.12 -6.98 4.76
N GLU E 489 -66.61 -8.19 4.54
CA GLU E 489 -67.36 -9.37 4.09
C GLU E 489 -68.05 -9.12 2.74
N ASP E 490 -67.23 -8.91 1.72
CA ASP E 490 -67.73 -8.55 0.40
C ASP E 490 -67.04 -9.36 -0.70
N THR E 491 -67.24 -8.94 -1.95
CA THR E 491 -66.62 -9.58 -3.11
C THR E 491 -65.29 -8.95 -3.49
N LEU E 492 -64.72 -8.13 -2.60
CA LEU E 492 -63.44 -7.41 -2.72
C LEU E 492 -63.43 -6.38 -3.84
N ASP E 493 -64.56 -6.11 -4.50
CA ASP E 493 -64.62 -5.13 -5.58
C ASP E 493 -65.15 -3.79 -5.07
N VAL E 494 -66.28 -3.80 -4.36
CA VAL E 494 -66.78 -2.59 -3.73
C VAL E 494 -65.88 -2.18 -2.57
N GLN E 495 -65.13 -3.14 -2.01
CA GLN E 495 -64.13 -2.81 -1.00
C GLN E 495 -63.02 -1.95 -1.60
N MET E 496 -62.53 -2.32 -2.78
CA MET E 496 -61.62 -1.45 -3.53
C MET E 496 -62.31 -0.17 -3.97
N GLY E 497 -63.61 -0.22 -4.22
CA GLY E 497 -64.37 0.98 -4.55
C GLY E 497 -64.33 2.05 -3.47
N ARG E 498 -64.80 1.72 -2.26
CA ARG E 498 -64.76 2.75 -1.23
C ARG E 498 -63.36 2.96 -0.67
N PHE E 499 -62.44 1.99 -0.87
CA PHE E 499 -61.04 2.22 -0.54
C PHE E 499 -60.45 3.30 -1.44
N MET E 500 -60.73 3.24 -2.75
CA MET E 500 -60.24 4.27 -3.66
C MET E 500 -60.91 5.60 -3.37
N GLU E 501 -62.22 5.56 -3.08
CA GLU E 501 -62.97 6.80 -2.80
C GLU E 501 -62.45 7.50 -1.55
N THR E 502 -62.11 6.74 -0.51
CA THR E 502 -61.56 7.34 0.69
C THR E 502 -60.09 7.70 0.51
N TRP E 503 -59.34 6.88 -0.24
CA TRP E 503 -57.92 7.11 -0.47
C TRP E 503 -57.64 8.28 -1.39
N ALA E 504 -58.65 8.75 -2.13
CA ALA E 504 -58.44 9.91 -2.98
C ALA E 504 -58.15 11.18 -2.18
N ASP E 505 -58.59 11.25 -0.92
CA ASP E 505 -58.45 12.50 -0.19
C ASP E 505 -58.06 12.39 1.28
N MET E 506 -57.74 11.19 1.82
CA MET E 506 -57.42 11.18 3.25
C MET E 506 -56.05 11.77 3.55
N MET E 507 -55.13 11.78 2.60
CA MET E 507 -53.81 12.40 2.81
C MET E 507 -53.93 13.91 2.70
N PRO E 508 -53.58 14.68 3.74
CA PRO E 508 -53.49 16.14 3.58
C PRO E 508 -52.13 16.60 3.07
N HIS E 509 -51.15 15.71 2.99
CA HIS E 509 -49.80 16.05 2.57
C HIS E 509 -49.10 14.76 2.12
N HIS E 510 -47.80 14.86 1.90
CA HIS E 510 -47.01 13.70 1.49
C HIS E 510 -46.67 12.84 2.69
N PRO E 511 -46.97 11.54 2.67
CA PRO E 511 -46.64 10.67 3.81
C PRO E 511 -45.13 10.57 4.03
N HIS E 512 -44.73 10.49 5.30
CA HIS E 512 -43.34 10.62 5.68
C HIS E 512 -42.52 9.36 5.39
N TRP E 513 -43.14 8.19 5.38
CA TRP E 513 -42.43 6.93 5.16
C TRP E 513 -42.26 6.61 3.68
N VAL E 514 -42.41 7.60 2.81
CA VAL E 514 -42.34 7.40 1.37
C VAL E 514 -41.00 7.84 0.80
N ASN E 515 -40.50 8.99 1.23
CA ASN E 515 -39.36 9.66 0.58
C ASN E 515 -38.05 8.93 0.89
N GLU E 516 -37.91 7.75 0.30
CA GLU E 516 -36.65 7.00 0.33
C GLU E 516 -35.63 7.53 -0.65
N HIS E 517 -36.02 8.46 -1.52
CA HIS E 517 -35.11 9.04 -2.51
C HIS E 517 -34.12 10.02 -1.90
N LEU E 518 -34.30 10.41 -0.64
CA LEU E 518 -33.33 11.25 0.04
C LEU E 518 -32.02 10.48 0.27
N THR E 519 -30.90 11.17 0.07
CA THR E 519 -29.60 10.57 0.28
C THR E 519 -29.25 10.63 1.77
N ILE E 520 -27.97 10.41 2.07
CA ILE E 520 -27.49 10.44 3.46
C ILE E 520 -27.66 11.82 4.05
N LEU E 521 -27.16 12.84 3.35
CA LEU E 521 -26.99 14.18 3.92
C LEU E 521 -28.33 14.86 4.15
N GLN E 522 -29.25 14.77 3.19
CA GLN E 522 -30.55 15.42 3.35
C GLN E 522 -31.38 14.73 4.42
N PHE E 523 -31.21 13.42 4.59
CA PHE E 523 -31.89 12.73 5.68
C PHE E 523 -31.32 13.16 7.04
N ILE E 524 -29.99 13.27 7.14
CA ILE E 524 -29.42 13.68 8.43
C ILE E 524 -29.35 15.20 8.53
N ALA E 525 -29.92 15.92 7.57
CA ALA E 525 -29.98 17.38 7.65
C ALA E 525 -30.88 17.79 8.80
N PRO E 526 -30.60 18.92 9.45
CA PRO E 526 -31.41 19.34 10.61
C PRO E 526 -32.85 19.72 10.27
N SER E 527 -33.17 19.96 9.00
CA SER E 527 -34.52 20.32 8.62
C SER E 527 -35.48 19.14 8.59
N ASN E 528 -34.97 17.91 8.67
CA ASN E 528 -35.80 16.71 8.53
C ASN E 528 -36.65 16.51 9.78
N PRO E 529 -37.98 16.49 9.66
CA PRO E 529 -38.82 16.18 10.83
C PRO E 529 -38.79 14.72 11.22
N ARG E 530 -38.40 13.83 10.32
CA ARG E 530 -38.26 12.41 10.65
C ARG E 530 -36.91 12.09 11.28
N LEU E 531 -36.00 13.06 11.35
CA LEU E 531 -34.69 12.82 11.94
C LEU E 531 -34.80 12.59 13.44
N ARG E 532 -35.72 13.29 14.11
CA ARG E 532 -35.95 13.10 15.54
C ARG E 532 -36.81 11.88 15.83
N PHE E 533 -37.34 11.21 14.81
CA PHE E 533 -38.19 10.05 14.99
C PHE E 533 -37.44 8.74 14.84
N GLU E 534 -36.11 8.78 14.78
CA GLU E 534 -35.29 7.58 14.63
C GLU E 534 -34.47 7.39 15.91
N LEU E 535 -34.87 6.40 16.71
CA LEU E 535 -34.20 6.10 17.97
C LEU E 535 -33.50 4.75 17.93
N ASN E 536 -34.23 3.69 17.64
CA ASN E 536 -33.71 2.34 17.76
C ASN E 536 -33.64 1.67 16.39
N PRO E 537 -32.58 0.91 16.12
CA PRO E 537 -32.50 0.21 14.82
C PRO E 537 -33.55 -0.88 14.65
N ALA E 538 -34.12 -1.40 15.73
CA ALA E 538 -35.16 -2.41 15.64
C ALA E 538 -36.56 -1.80 15.58
N PHE E 539 -36.68 -0.48 15.67
CA PHE E 539 -37.97 0.16 15.86
C PHE E 539 -38.19 1.26 14.83
N ASP E 540 -39.38 1.28 14.27
CA ASP E 540 -39.89 2.41 13.49
C ASP E 540 -40.87 3.18 14.35
N PHE E 541 -40.65 4.50 14.47
CA PHE E 541 -41.48 5.35 15.30
C PHE E 541 -42.40 6.17 14.40
N PHE E 542 -43.70 6.05 14.62
CA PHE E 542 -44.71 6.63 13.76
C PHE E 542 -45.81 7.22 14.62
N VAL E 543 -46.55 8.16 14.05
CA VAL E 543 -47.66 8.81 14.73
C VAL E 543 -48.88 7.93 14.56
N ALA E 544 -49.49 7.55 15.67
CA ALA E 544 -50.57 6.58 15.72
C ALA E 544 -51.77 7.18 16.42
N PRO E 545 -52.98 6.68 16.12
CA PRO E 545 -54.15 7.11 16.90
C PRO E 545 -54.04 6.70 18.36
N GLY E 546 -54.55 7.57 19.24
CA GLY E 546 -54.49 7.32 20.65
C GLY E 546 -55.65 6.46 21.11
N ASP E 547 -55.33 5.38 21.84
CA ASP E 547 -56.29 4.43 22.39
C ASP E 547 -57.21 3.84 21.31
N VAL E 548 -56.62 3.52 20.16
CA VAL E 548 -57.33 2.84 19.08
C VAL E 548 -56.67 1.49 18.88
N ASP E 549 -57.44 0.42 19.03
CA ASP E 549 -56.91 -0.93 18.99
C ASP E 549 -56.50 -1.30 17.57
N LEU E 550 -55.51 -2.19 17.45
CA LEU E 550 -55.07 -2.72 16.16
C LEU E 550 -55.59 -4.14 15.99
N PRO E 551 -56.40 -4.41 14.96
CA PRO E 551 -56.93 -3.45 13.98
C PRO E 551 -58.16 -2.68 14.47
N GLY E 552 -58.28 -1.42 14.04
CA GLY E 552 -59.45 -0.63 14.32
C GLY E 552 -60.46 -0.76 13.20
N PRO E 553 -61.62 -0.11 13.34
CA PRO E 553 -62.68 -0.26 12.33
C PRO E 553 -62.31 0.42 11.02
N GLN E 554 -63.14 0.14 10.00
CA GLN E 554 -62.83 0.62 8.65
C GLN E 554 -62.88 2.15 8.57
N ARG E 555 -63.86 2.77 9.22
CA ARG E 555 -63.91 4.21 9.32
C ARG E 555 -63.01 4.64 10.47
N PRO E 556 -61.98 5.46 10.23
CA PRO E 556 -61.02 5.79 11.29
C PRO E 556 -61.64 6.74 12.31
N PRO E 557 -61.69 6.34 13.58
CA PRO E 557 -62.17 7.27 14.62
C PRO E 557 -61.15 8.38 14.87
N GLU E 558 -61.66 9.56 15.21
CA GLU E 558 -60.80 10.69 15.52
C GLU E 558 -60.34 10.60 16.97
N ALA E 559 -59.03 10.76 17.17
CA ALA E 559 -58.45 10.73 18.50
C ALA E 559 -57.19 11.59 18.48
N MET E 560 -56.73 11.94 19.68
CA MET E 560 -55.52 12.73 19.83
C MET E 560 -54.33 11.84 19.45
N PRO E 561 -53.53 12.21 18.46
CA PRO E 561 -52.54 11.27 17.92
C PRO E 561 -51.35 11.08 18.86
N THR E 562 -51.03 9.82 19.12
CA THR E 562 -49.88 9.43 19.94
C THR E 562 -48.81 8.81 19.04
N VAL E 563 -47.77 8.28 19.67
CA VAL E 563 -46.68 7.62 18.98
C VAL E 563 -46.69 6.14 19.34
N ASN E 564 -46.45 5.28 18.35
CA ASN E 564 -46.34 3.85 18.55
C ASN E 564 -45.15 3.32 17.75
N ALA E 565 -44.55 2.25 18.25
CA ALA E 565 -43.35 1.69 17.66
C ALA E 565 -43.52 0.19 17.44
N THR E 566 -43.03 -0.28 16.29
CA THR E 566 -43.13 -1.67 15.89
C THR E 566 -41.74 -2.21 15.57
N LEU E 567 -41.65 -3.53 15.49
CA LEU E 567 -40.36 -4.18 15.32
C LEU E 567 -39.90 -4.15 13.87
N ARG E 568 -38.59 -3.95 13.69
CA ARG E 568 -37.96 -4.01 12.37
C ARG E 568 -37.42 -5.42 12.18
N ILE E 569 -38.27 -6.30 11.65
CA ILE E 569 -37.87 -7.71 11.48
C ILE E 569 -36.83 -7.84 10.38
N ILE E 570 -37.08 -7.24 9.22
CA ILE E 570 -36.10 -7.19 8.14
C ILE E 570 -35.05 -6.16 8.53
N ASN E 571 -33.77 -6.54 8.40
CA ASN E 571 -32.71 -5.57 8.64
C ASN E 571 -32.64 -4.52 7.56
N GLY E 572 -33.21 -4.79 6.38
CA GLY E 572 -33.36 -3.80 5.34
C GLY E 572 -34.55 -2.87 5.51
N ASN E 573 -35.33 -3.03 6.58
CA ASN E 573 -36.40 -2.09 6.88
C ASN E 573 -35.88 -0.74 7.34
N ILE E 574 -34.60 -0.64 7.69
CA ILE E 574 -33.96 0.64 7.97
C ILE E 574 -33.93 1.42 6.65
N PRO E 575 -34.02 2.74 6.68
CA PRO E 575 -34.10 3.51 5.43
C PRO E 575 -32.81 3.41 4.63
N VAL E 576 -32.96 3.43 3.30
CA VAL E 576 -31.82 3.42 2.38
C VAL E 576 -30.90 4.63 2.46
N PRO E 577 -31.27 5.80 3.03
CA PRO E 577 -30.19 6.72 3.45
C PRO E 577 -29.27 6.14 4.49
N LEU E 578 -29.73 5.19 5.30
CA LEU E 578 -28.86 4.55 6.28
C LEU E 578 -28.27 3.24 5.77
N CYS E 579 -28.93 2.58 4.81
CA CYS E 579 -28.45 1.33 4.23
C CYS E 579 -28.51 1.46 2.71
N PRO E 580 -27.44 1.93 2.07
CA PRO E 580 -27.50 2.28 0.66
C PRO E 580 -27.59 1.06 -0.25
N ILE E 581 -27.98 1.33 -1.50
CA ILE E 581 -28.17 0.28 -2.49
C ILE E 581 -26.84 -0.36 -2.87
N SER E 582 -25.76 0.44 -2.93
CA SER E 582 -24.45 -0.08 -3.28
C SER E 582 -23.94 -1.05 -2.24
N PHE E 583 -24.17 -0.75 -0.96
CA PHE E 583 -23.79 -1.66 0.11
C PHE E 583 -24.54 -2.98 0.03
N ARG E 584 -25.84 -2.91 -0.26
CA ARG E 584 -26.64 -4.13 -0.38
C ARG E 584 -26.21 -4.96 -1.59
N ASP E 585 -25.89 -4.29 -2.69
CA ASP E 585 -25.41 -5.01 -3.87
C ASP E 585 -24.04 -5.63 -3.64
N CYS E 586 -23.16 -4.94 -2.92
CA CYS E 586 -21.87 -5.52 -2.55
C CYS E 586 -22.05 -6.72 -1.62
N ARG E 587 -23.03 -6.64 -0.72
CA ARG E 587 -23.35 -7.76 0.16
C ARG E 587 -23.87 -8.96 -0.64
N GLY E 588 -24.72 -8.70 -1.64
CA GLY E 588 -25.20 -9.77 -2.49
C GLY E 588 -24.09 -10.38 -3.34
N THR E 589 -23.14 -9.54 -3.77
CA THR E 589 -21.95 -10.05 -4.44
C THR E 589 -21.12 -10.93 -3.51
N GLN E 590 -21.04 -10.53 -2.24
CA GLN E 590 -20.36 -11.35 -1.23
C GLN E 590 -21.04 -12.69 -1.04
N LEU E 591 -22.37 -12.71 -1.06
CA LEU E 591 -23.08 -13.98 -0.95
C LEU E 591 -22.90 -14.84 -2.19
N GLY E 592 -23.04 -14.25 -3.37
CA GLY E 592 -22.99 -15.00 -4.60
C GLY E 592 -21.63 -15.11 -5.25
N LEU E 593 -20.68 -15.75 -4.57
CA LEU E 593 -19.36 -15.99 -5.16
C LEU E 593 -19.35 -17.30 -5.94
N GLY E 594 -19.62 -18.41 -5.26
CA GLY E 594 -19.69 -19.72 -5.88
C GLY E 594 -21.07 -20.31 -6.01
N ARG E 595 -22.14 -19.56 -5.73
CA ARG E 595 -23.48 -20.08 -5.82
C ARG E 595 -23.95 -20.16 -7.28
N HIS E 596 -25.12 -20.76 -7.47
CA HIS E 596 -25.67 -20.95 -8.80
C HIS E 596 -26.10 -19.62 -9.40
N THR E 597 -25.82 -19.46 -10.70
CA THR E 597 -26.24 -18.28 -11.44
C THR E 597 -27.02 -18.70 -12.69
N MET E 598 -27.63 -17.74 -13.36
CA MET E 598 -28.38 -18.01 -14.58
C MET E 598 -27.47 -17.84 -15.80
N THR E 599 -27.52 -18.81 -16.71
CA THR E 599 -26.85 -18.68 -17.99
C THR E 599 -27.55 -17.58 -18.80
N PRO E 600 -26.83 -16.92 -19.72
CA PRO E 600 -27.45 -15.80 -20.47
C PRO E 600 -28.71 -16.16 -21.24
N ALA E 601 -28.85 -17.39 -21.71
CA ALA E 601 -30.03 -17.78 -22.47
C ALA E 601 -31.29 -17.73 -21.62
N THR E 602 -31.27 -18.35 -20.45
CA THR E 602 -32.46 -18.36 -19.61
C THR E 602 -32.75 -16.98 -19.02
N ILE E 603 -31.70 -16.18 -18.76
CA ILE E 603 -31.95 -14.87 -18.18
C ILE E 603 -32.52 -13.92 -19.23
N LYS E 604 -32.09 -14.05 -20.50
CA LYS E 604 -32.67 -13.19 -21.53
C LYS E 604 -34.09 -13.64 -21.87
N ALA E 605 -34.36 -14.96 -21.81
CA ALA E 605 -35.72 -15.44 -22.02
C ALA E 605 -36.65 -14.97 -20.91
N VAL E 606 -36.19 -15.03 -19.65
CA VAL E 606 -37.02 -14.61 -18.53
C VAL E 606 -37.29 -13.11 -18.57
N LYS E 607 -36.25 -12.31 -18.85
CA LYS E 607 -36.48 -10.87 -18.91
C LYS E 607 -37.33 -10.49 -20.12
N ASP E 608 -37.23 -11.25 -21.22
CA ASP E 608 -38.02 -10.95 -22.40
C ASP E 608 -39.50 -11.32 -22.17
N THR E 609 -39.76 -12.40 -21.43
CA THR E 609 -41.14 -12.75 -21.16
C THR E 609 -41.71 -12.00 -19.96
N PHE E 610 -40.86 -11.35 -19.16
CA PHE E 610 -41.39 -10.49 -18.11
C PHE E 610 -41.70 -9.09 -18.63
N GLU E 611 -40.86 -8.57 -19.52
CA GLU E 611 -41.15 -7.29 -20.15
C GLU E 611 -41.88 -7.43 -21.48
N ASP E 612 -42.68 -8.49 -21.63
CA ASP E 612 -43.57 -8.62 -22.78
C ASP E 612 -44.91 -7.99 -22.45
N ARG E 613 -45.38 -7.10 -23.33
CA ARG E 613 -46.65 -6.42 -23.14
C ARG E 613 -47.80 -7.05 -23.91
N ALA E 614 -47.51 -7.89 -24.90
CA ALA E 614 -48.53 -8.58 -25.67
C ALA E 614 -48.81 -9.97 -25.14
N TYR E 615 -48.68 -10.19 -23.83
CA TYR E 615 -48.87 -11.50 -23.23
C TYR E 615 -50.34 -11.89 -23.29
N PRO E 616 -50.68 -13.06 -23.82
CA PRO E 616 -52.08 -13.46 -23.90
C PRO E 616 -52.67 -13.73 -22.52
N THR E 617 -53.97 -13.47 -22.39
CA THR E 617 -54.69 -13.75 -21.15
C THR E 617 -55.16 -15.20 -21.06
N ILE E 618 -54.91 -16.02 -22.09
CA ILE E 618 -55.31 -17.42 -22.04
C ILE E 618 -54.54 -18.16 -20.96
N PHE E 619 -53.26 -17.81 -20.79
CA PHE E 619 -52.48 -18.37 -19.69
C PHE E 619 -53.05 -17.96 -18.34
N TYR E 620 -53.56 -16.73 -18.24
CA TYR E 620 -54.20 -16.28 -17.01
C TYR E 620 -55.49 -17.06 -16.73
N MET E 621 -56.29 -17.32 -17.77
CA MET E 621 -57.51 -18.14 -17.62
C MET E 621 -57.19 -19.55 -17.16
N LEU E 622 -56.22 -20.21 -17.79
CA LEU E 622 -55.85 -21.57 -17.33
C LEU E 622 -55.23 -21.57 -15.95
N GLU E 623 -54.43 -20.55 -15.60
CA GLU E 623 -53.89 -20.47 -14.25
C GLU E 623 -54.99 -20.22 -13.22
N ALA E 624 -56.02 -19.47 -13.61
CA ALA E 624 -57.12 -19.19 -12.69
C ALA E 624 -57.99 -20.42 -12.49
N VAL E 625 -58.28 -21.16 -13.56
CA VAL E 625 -59.20 -22.28 -13.45
C VAL E 625 -58.51 -23.49 -12.82
N ILE E 626 -57.27 -23.77 -13.23
CA ILE E 626 -56.50 -24.86 -12.60
C ILE E 626 -56.25 -24.54 -11.13
N HIS E 627 -55.94 -23.28 -10.82
CA HIS E 627 -55.85 -22.70 -9.47
C HIS E 627 -54.94 -23.50 -8.54
N GLY E 628 -53.85 -24.02 -9.08
CA GLY E 628 -52.87 -24.74 -8.28
C GLY E 628 -53.37 -26.05 -7.71
N ASN E 629 -54.13 -26.81 -8.50
CA ASN E 629 -54.64 -28.11 -8.09
C ASN E 629 -53.98 -29.17 -8.96
N GLU E 630 -53.42 -30.20 -8.32
CA GLU E 630 -52.72 -31.25 -9.05
C GLU E 630 -53.68 -32.10 -9.87
N ARG E 631 -54.92 -32.25 -9.39
CA ARG E 631 -55.92 -33.01 -10.13
C ARG E 631 -56.30 -32.30 -11.42
N ASN E 632 -56.26 -30.96 -11.42
CA ASN E 632 -56.54 -30.21 -12.64
C ASN E 632 -55.41 -30.38 -13.67
N PHE E 633 -54.15 -30.36 -13.21
CA PHE E 633 -53.03 -30.47 -14.13
C PHE E 633 -52.86 -31.91 -14.62
N CYS E 634 -53.32 -32.88 -13.83
CA CYS E 634 -53.15 -34.29 -14.20
C CYS E 634 -54.01 -34.70 -15.38
N ALA E 635 -55.00 -33.90 -15.77
CA ALA E 635 -55.89 -34.23 -16.87
C ALA E 635 -55.71 -33.32 -18.08
N LEU E 636 -54.74 -32.40 -18.04
CA LEU E 636 -54.53 -31.40 -19.08
C LEU E 636 -53.09 -31.42 -19.58
N LEU E 637 -52.56 -32.61 -19.88
CA LEU E 637 -51.18 -32.70 -20.35
C LEU E 637 -51.05 -32.17 -21.78
N ARG E 638 -51.95 -32.60 -22.67
CA ARG E 638 -51.81 -32.32 -24.10
C ARG E 638 -52.09 -30.85 -24.42
N LEU E 639 -53.15 -30.29 -23.80
CA LEU E 639 -53.49 -28.89 -24.03
C LEU E 639 -52.38 -27.96 -23.56
N LEU E 640 -51.81 -28.24 -22.38
CA LEU E 640 -50.74 -27.41 -21.88
C LEU E 640 -49.47 -27.58 -22.71
N THR E 641 -49.20 -28.80 -23.17
CA THR E 641 -48.06 -29.04 -24.06
C THR E 641 -48.17 -28.23 -25.34
N GLN E 642 -49.34 -28.28 -25.98
CA GLN E 642 -49.57 -27.55 -27.23
C GLN E 642 -49.50 -26.05 -27.01
N CYS E 643 -50.09 -25.55 -25.91
CA CYS E 643 -50.10 -24.11 -25.65
C CYS E 643 -48.70 -23.59 -25.37
N ILE E 644 -47.92 -24.32 -24.55
CA ILE E 644 -46.57 -23.89 -24.21
C ILE E 644 -45.66 -23.95 -25.42
N ARG E 645 -45.77 -25.02 -26.22
CA ARG E 645 -44.95 -25.14 -27.44
C ARG E 645 -45.30 -24.02 -28.44
N GLY E 646 -46.59 -23.76 -28.63
CA GLY E 646 -47.00 -22.74 -29.58
C GLY E 646 -46.60 -21.34 -29.16
N TYR E 647 -46.64 -21.06 -27.86
CA TYR E 647 -46.18 -19.76 -27.41
C TYR E 647 -44.65 -19.66 -27.43
N TRP E 648 -43.95 -20.78 -27.25
CA TRP E 648 -42.49 -20.72 -27.23
C TRP E 648 -41.92 -20.54 -28.63
N GLU E 649 -42.23 -21.46 -29.55
CA GLU E 649 -41.62 -21.31 -30.87
C GLU E 649 -42.49 -20.43 -31.79
N GLN E 650 -42.91 -19.28 -31.28
CA GLN E 650 -43.45 -18.21 -32.10
C GLN E 650 -42.87 -16.84 -31.77
N SER E 651 -42.35 -16.62 -30.57
CA SER E 651 -41.65 -15.40 -30.23
C SER E 651 -40.45 -15.62 -29.32
N HIS E 652 -40.11 -16.88 -29.01
CA HIS E 652 -39.02 -17.26 -28.09
C HIS E 652 -39.20 -16.63 -26.71
N ARG E 653 -40.40 -16.80 -26.15
CA ARG E 653 -40.71 -16.35 -24.81
C ARG E 653 -41.34 -17.51 -24.05
N VAL E 654 -40.82 -17.80 -22.85
CA VAL E 654 -41.37 -18.89 -22.06
C VAL E 654 -42.59 -18.39 -21.29
N ALA E 655 -43.56 -19.28 -21.08
CA ALA E 655 -44.82 -18.90 -20.47
C ALA E 655 -45.01 -19.63 -19.15
N PHE E 656 -46.05 -19.21 -18.42
CA PHE E 656 -46.48 -19.78 -17.15
C PHE E 656 -45.39 -19.72 -16.07
N VAL E 657 -44.50 -18.73 -16.14
CA VAL E 657 -43.48 -18.58 -15.11
C VAL E 657 -44.03 -17.78 -13.94
N ASN E 658 -45.22 -17.19 -14.08
CA ASN E 658 -45.83 -16.41 -13.00
C ASN E 658 -46.26 -17.31 -11.85
N ASN E 659 -46.95 -18.40 -12.16
CA ASN E 659 -47.51 -19.24 -11.11
C ASN E 659 -46.46 -20.21 -10.57
N PHE E 660 -46.37 -20.29 -9.24
CA PHE E 660 -45.42 -21.21 -8.63
C PHE E 660 -45.93 -22.64 -8.68
N HIS E 661 -47.25 -22.85 -8.58
CA HIS E 661 -47.80 -24.20 -8.72
C HIS E 661 -48.00 -24.58 -10.17
N MET E 662 -47.02 -24.29 -11.03
CA MET E 662 -47.15 -24.56 -12.45
C MET E 662 -45.91 -25.18 -13.07
N LEU E 663 -44.72 -24.71 -12.68
CA LEU E 663 -43.51 -25.00 -13.43
C LEU E 663 -42.77 -26.23 -12.91
N MET E 664 -42.84 -26.49 -11.60
CA MET E 664 -42.31 -27.75 -11.11
C MET E 664 -43.18 -28.92 -11.56
N TYR E 665 -44.48 -28.67 -11.75
CA TYR E 665 -45.33 -29.64 -12.44
C TYR E 665 -44.84 -29.90 -13.86
N ILE E 666 -44.41 -28.85 -14.55
CA ILE E 666 -43.87 -28.98 -15.91
C ILE E 666 -42.63 -29.84 -15.89
N THR E 667 -41.73 -29.60 -14.93
CA THR E 667 -40.48 -30.37 -14.84
C THR E 667 -40.74 -31.83 -14.52
N THR E 668 -41.64 -32.10 -13.56
CA THR E 668 -41.85 -33.48 -13.13
C THR E 668 -42.66 -34.28 -14.16
N TYR E 669 -43.72 -33.71 -14.73
CA TYR E 669 -44.55 -34.46 -15.66
C TYR E 669 -44.09 -34.27 -17.10
N LEU E 670 -44.06 -33.02 -17.57
CA LEU E 670 -43.71 -32.71 -18.95
C LEU E 670 -42.23 -32.38 -19.06
N GLY E 671 -41.40 -33.32 -18.59
CA GLY E 671 -39.97 -33.09 -18.54
C GLY E 671 -39.13 -34.21 -19.14
N ASN E 672 -39.78 -35.27 -19.61
CA ASN E 672 -39.06 -36.40 -20.18
C ASN E 672 -38.57 -36.14 -21.60
N GLY E 673 -38.99 -35.04 -22.22
CA GLY E 673 -38.60 -34.73 -23.59
C GLY E 673 -39.79 -34.37 -24.46
N GLU E 674 -40.94 -34.18 -23.83
CA GLU E 674 -42.14 -33.79 -24.57
C GLU E 674 -42.01 -32.38 -25.12
N LEU E 675 -41.62 -31.44 -24.27
CA LEU E 675 -41.31 -30.06 -24.60
C LEU E 675 -39.94 -29.98 -25.25
N PRO E 676 -39.64 -28.87 -25.94
CA PRO E 676 -38.27 -28.64 -26.42
C PRO E 676 -37.28 -28.56 -25.27
N GLU E 677 -36.05 -28.99 -25.55
CA GLU E 677 -35.02 -29.13 -24.53
C GLU E 677 -34.60 -27.78 -23.93
N VAL E 678 -34.80 -26.70 -24.68
CA VAL E 678 -34.38 -25.38 -24.20
C VAL E 678 -35.28 -24.92 -23.05
N CYS E 679 -36.59 -25.18 -23.14
CA CYS E 679 -37.52 -24.75 -22.10
C CYS E 679 -37.29 -25.51 -20.80
N ILE E 680 -37.06 -26.82 -20.90
CA ILE E 680 -36.87 -27.64 -19.70
C ILE E 680 -35.59 -27.25 -18.99
N ASN E 681 -34.54 -26.88 -19.74
CA ASN E 681 -33.32 -26.39 -19.13
C ASN E 681 -33.55 -25.06 -18.42
N ILE E 682 -34.42 -24.22 -18.98
CA ILE E 682 -34.78 -22.94 -18.34
C ILE E 682 -35.47 -23.19 -17.00
N TYR E 683 -36.46 -24.10 -17.01
CA TYR E 683 -37.18 -24.41 -15.78
C TYR E 683 -36.27 -25.09 -14.75
N ARG E 684 -35.38 -25.97 -15.21
CA ARG E 684 -34.45 -26.63 -14.31
C ARG E 684 -33.47 -25.63 -13.70
N ASP E 685 -33.02 -24.65 -14.50
CA ASP E 685 -32.14 -23.61 -13.96
C ASP E 685 -32.86 -22.74 -12.94
N LEU E 686 -34.15 -22.44 -13.19
CA LEU E 686 -34.91 -21.64 -12.24
C LEU E 686 -35.11 -22.37 -10.91
N LEU E 687 -35.49 -23.65 -10.97
CA LEU E 687 -35.63 -24.44 -9.75
C LEU E 687 -34.28 -24.67 -9.07
N GLN E 688 -33.21 -24.78 -9.86
CA GLN E 688 -31.87 -24.88 -9.29
C GLN E 688 -31.49 -23.60 -8.55
N HIS E 689 -31.87 -22.45 -9.09
CA HIS E 689 -31.60 -21.19 -8.42
C HIS E 689 -32.42 -21.05 -7.13
N VAL E 690 -33.68 -21.51 -7.15
CA VAL E 690 -34.51 -21.46 -5.94
C VAL E 690 -33.92 -22.38 -4.86
N ARG E 691 -33.50 -23.58 -5.26
CA ARG E 691 -32.88 -24.51 -4.32
C ARG E 691 -31.53 -23.99 -3.84
N ALA E 692 -30.80 -23.27 -4.69
CA ALA E 692 -29.53 -22.68 -4.28
C ALA E 692 -29.74 -21.54 -3.30
N LEU E 693 -30.82 -20.77 -3.46
CA LEU E 693 -31.16 -19.73 -2.47
C LEU E 693 -31.53 -20.36 -1.14
N ARG E 694 -32.30 -21.45 -1.17
CA ARG E 694 -32.64 -22.15 0.06
C ARG E 694 -31.39 -22.76 0.72
N GLN E 695 -30.48 -23.28 -0.09
CA GLN E 695 -29.20 -23.80 0.43
C GLN E 695 -28.35 -22.68 1.01
N THR E 696 -28.40 -21.49 0.39
CA THR E 696 -27.68 -20.33 0.92
C THR E 696 -28.24 -19.92 2.28
N ILE E 697 -29.56 -19.98 2.43
CA ILE E 697 -30.17 -19.76 3.74
C ILE E 697 -29.71 -20.82 4.73
N THR E 698 -29.68 -22.08 4.30
CA THR E 698 -29.35 -23.20 5.19
C THR E 698 -27.90 -23.14 5.67
N ASP E 699 -26.98 -22.79 4.77
CA ASP E 699 -25.56 -22.82 5.12
C ASP E 699 -25.18 -21.65 6.03
N PHE E 700 -25.98 -20.60 6.04
CA PHE E 700 -25.71 -19.44 6.89
C PHE E 700 -26.39 -19.52 8.25
N THR E 701 -27.11 -20.59 8.54
CA THR E 701 -27.65 -20.83 9.87
C THR E 701 -27.03 -22.11 10.45
N ILE E 702 -27.04 -22.20 11.76
CA ILE E 702 -26.46 -23.33 12.48
C ILE E 702 -27.58 -24.07 13.19
N GLN E 703 -27.70 -25.36 12.90
CA GLN E 703 -28.80 -26.17 13.38
C GLN E 703 -28.50 -26.72 14.76
N GLY E 704 -29.43 -27.56 15.25
CA GLY E 704 -29.27 -28.23 16.52
C GLY E 704 -29.74 -27.46 17.74
N GLU E 705 -30.13 -26.20 17.57
CA GLU E 705 -30.63 -25.40 18.68
C GLU E 705 -32.05 -24.93 18.33
N GLY E 706 -33.03 -25.50 19.02
CA GLY E 706 -34.43 -25.13 18.87
C GLY E 706 -34.98 -24.60 20.17
N HIS E 707 -35.47 -23.35 20.13
CA HIS E 707 -36.02 -22.70 21.31
C HIS E 707 -37.50 -22.44 21.09
N ASN E 708 -38.30 -22.80 22.09
CA ASN E 708 -39.76 -22.62 22.10
C ASN E 708 -40.43 -23.35 20.94
N GLY E 709 -39.85 -24.45 20.50
CA GLY E 709 -40.42 -25.22 19.40
C GLY E 709 -40.12 -24.67 18.02
N GLU E 710 -39.35 -23.61 17.92
CA GLU E 710 -39.00 -22.99 16.65
C GLU E 710 -37.65 -23.52 16.18
N THR E 711 -37.59 -23.97 14.94
CA THR E 711 -36.33 -24.40 14.37
C THR E 711 -35.43 -23.19 14.12
N SER E 712 -34.13 -23.46 14.00
CA SER E 712 -33.16 -22.39 13.77
C SER E 712 -33.34 -21.78 12.38
N GLU E 713 -33.87 -22.54 11.42
CA GLU E 713 -34.14 -22.01 10.10
C GLU E 713 -35.20 -20.91 10.16
N ALA E 714 -36.28 -21.16 10.90
CA ALA E 714 -37.31 -20.13 11.08
C ALA E 714 -36.84 -19.01 11.99
N LEU E 715 -36.02 -19.33 12.99
CA LEU E 715 -35.62 -18.32 13.97
C LEU E 715 -34.53 -17.41 13.44
N ASN E 716 -33.82 -17.83 12.38
CA ASN E 716 -32.79 -16.99 11.76
C ASN E 716 -33.33 -16.21 10.57
N ASN E 717 -33.94 -16.88 9.60
CA ASN E 717 -34.38 -16.25 8.38
C ASN E 717 -35.88 -15.98 8.40
N ILE E 718 -36.35 -15.27 7.38
CA ILE E 718 -37.74 -14.88 7.25
C ILE E 718 -38.46 -15.77 6.24
N LEU E 719 -37.82 -16.08 5.12
CA LEU E 719 -38.41 -16.93 4.11
C LEU E 719 -38.49 -18.39 4.53
N THR E 720 -37.83 -18.76 5.62
CA THR E 720 -37.94 -20.11 6.16
C THR E 720 -38.81 -20.17 7.41
N ASP E 721 -39.51 -19.09 7.75
CA ASP E 721 -40.40 -19.08 8.89
C ASP E 721 -41.84 -19.27 8.42
N ASP E 722 -42.58 -20.14 9.12
CA ASP E 722 -43.96 -20.40 8.77
C ASP E 722 -44.91 -19.31 9.28
N THR E 723 -44.43 -18.41 10.15
CA THR E 723 -45.25 -17.29 10.58
C THR E 723 -45.52 -16.33 9.42
N PHE E 724 -44.51 -16.06 8.60
CA PHE E 724 -44.68 -15.25 7.41
C PHE E 724 -45.16 -16.13 6.27
N ILE E 725 -46.11 -15.62 5.48
CA ILE E 725 -46.79 -16.43 4.49
C ILE E 725 -46.56 -15.86 3.10
N ALA E 726 -46.97 -16.63 2.09
CA ALA E 726 -46.87 -16.21 0.71
C ALA E 726 -47.87 -15.08 0.42
N PRO E 727 -47.58 -14.22 -0.56
CA PRO E 727 -48.55 -13.17 -0.93
C PRO E 727 -49.86 -13.71 -1.49
N ILE E 728 -49.82 -14.83 -2.22
CA ILE E 728 -51.01 -15.44 -2.79
C ILE E 728 -51.03 -16.91 -2.41
N LEU E 729 -52.13 -17.36 -1.82
CA LEU E 729 -52.30 -18.74 -1.39
C LEU E 729 -53.33 -19.42 -2.28
N TRP E 730 -52.90 -20.47 -2.98
CA TRP E 730 -53.84 -21.34 -3.69
C TRP E 730 -54.38 -22.45 -2.82
N ASP E 731 -53.58 -22.93 -1.87
CA ASP E 731 -53.96 -24.02 -0.97
C ASP E 731 -53.93 -23.52 0.47
N CYS E 732 -54.67 -24.22 1.33
CA CYS E 732 -54.75 -23.84 2.74
C CYS E 732 -53.67 -24.50 3.59
N ASP E 733 -52.74 -25.24 2.96
CA ASP E 733 -51.70 -25.93 3.71
C ASP E 733 -50.75 -24.95 4.40
N ALA E 734 -50.48 -23.81 3.76
CA ALA E 734 -49.60 -22.81 4.35
C ALA E 734 -50.22 -22.21 5.60
N LEU E 735 -51.55 -22.00 5.61
CA LEU E 735 -52.21 -21.51 6.81
C LEU E 735 -52.16 -22.53 7.94
N ILE E 736 -52.29 -23.81 7.60
CA ILE E 736 -52.18 -24.89 8.59
C ILE E 736 -50.79 -24.91 9.20
N TYR E 737 -49.76 -24.79 8.36
CA TYR E 737 -48.40 -24.75 8.87
C TYR E 737 -48.15 -23.47 9.68
N ARG E 738 -48.81 -22.38 9.30
CA ARG E 738 -48.64 -21.11 10.00
C ARG E 738 -49.21 -21.17 11.41
N ASP E 739 -50.45 -21.66 11.56
CA ASP E 739 -51.03 -21.70 12.89
C ASP E 739 -50.69 -22.98 13.66
N GLU E 740 -49.96 -23.91 13.05
CA GLU E 740 -49.49 -25.09 13.75
C GLU E 740 -48.05 -24.98 14.21
N ALA E 741 -47.18 -24.36 13.41
CA ALA E 741 -45.75 -24.39 13.70
C ALA E 741 -45.36 -23.43 14.82
N ALA E 742 -46.12 -22.34 15.01
CA ALA E 742 -45.69 -21.30 15.94
C ALA E 742 -45.96 -21.68 17.39
N ARG E 743 -47.25 -21.77 17.77
CA ARG E 743 -47.73 -22.24 19.07
C ARG E 743 -47.31 -21.39 20.26
N ASP E 744 -46.54 -20.32 20.03
CA ASP E 744 -46.18 -19.36 21.07
C ASP E 744 -46.46 -17.96 20.55
N ARG E 745 -46.32 -17.79 19.24
CA ARG E 745 -46.79 -16.59 18.57
C ARG E 745 -48.31 -16.59 18.59
N LEU E 746 -48.91 -15.60 19.25
CA LEU E 746 -50.36 -15.53 19.39
C LEU E 746 -51.00 -15.24 18.03
N PRO E 747 -51.69 -16.22 17.44
CA PRO E 747 -52.16 -16.05 16.06
C PRO E 747 -53.53 -15.39 15.96
N ALA E 748 -53.77 -14.69 14.86
CA ALA E 748 -55.08 -14.13 14.57
C ALA E 748 -55.21 -13.99 13.06
N ILE E 749 -56.12 -14.78 12.48
CA ILE E 749 -56.36 -14.78 11.05
C ILE E 749 -57.71 -14.12 10.78
N ARG E 750 -57.75 -13.25 9.78
CA ARG E 750 -58.96 -12.49 9.45
C ARG E 750 -59.24 -12.66 7.96
N VAL E 751 -60.34 -13.34 7.63
CA VAL E 751 -60.71 -13.49 6.23
C VAL E 751 -62.01 -12.72 5.99
N SER E 752 -61.86 -11.44 5.64
CA SER E 752 -62.96 -10.54 5.22
C SER E 752 -64.10 -10.52 6.24
N GLY E 753 -63.78 -9.97 7.41
CA GLY E 753 -64.79 -9.89 8.46
C GLY E 753 -64.65 -10.96 9.51
N ARG E 754 -65.40 -12.05 9.34
CA ARG E 754 -65.33 -13.22 10.22
C ARG E 754 -63.90 -13.73 10.34
N ASN E 755 -63.58 -14.27 11.51
CA ASN E 755 -62.24 -14.75 11.82
C ASN E 755 -62.16 -16.25 11.58
N GLY E 756 -61.07 -16.69 10.99
CA GLY E 756 -60.85 -18.10 10.78
C GLY E 756 -61.36 -18.57 9.43
N TYR E 757 -60.99 -19.78 9.06
CA TYR E 757 -61.41 -20.41 7.82
C TYR E 757 -62.14 -21.71 8.12
N GLN E 758 -62.72 -22.31 7.08
CA GLN E 758 -63.36 -23.61 7.17
C GLN E 758 -62.61 -24.68 6.40
N ALA E 759 -61.96 -24.31 5.29
CA ALA E 759 -61.23 -25.21 4.39
C ALA E 759 -62.12 -26.35 3.91
N LEU E 760 -63.16 -25.98 3.17
CA LEU E 760 -64.06 -26.94 2.56
C LEU E 760 -63.77 -27.01 1.08
N HIS E 761 -63.32 -28.18 0.62
CA HIS E 761 -62.87 -28.37 -0.75
C HIS E 761 -63.88 -29.18 -1.53
N PHE E 762 -63.52 -29.46 -2.79
CA PHE E 762 -64.29 -30.27 -3.75
C PHE E 762 -65.69 -29.70 -3.94
N VAL E 763 -65.72 -28.50 -4.50
CA VAL E 763 -66.96 -27.83 -4.88
C VAL E 763 -67.42 -28.40 -6.22
N ASP E 764 -68.72 -28.62 -6.37
CA ASP E 764 -69.29 -29.30 -7.52
C ASP E 764 -70.21 -28.36 -8.31
N MET E 765 -70.96 -28.95 -9.24
CA MET E 765 -71.68 -28.17 -10.24
C MET E 765 -72.77 -27.30 -9.62
N ALA E 766 -73.65 -27.91 -8.81
CA ALA E 766 -74.85 -27.22 -8.36
C ALA E 766 -74.53 -26.21 -7.26
N GLY E 767 -73.47 -26.44 -6.49
CA GLY E 767 -73.18 -25.60 -5.36
C GLY E 767 -71.92 -24.78 -5.50
N HIS E 768 -71.72 -24.18 -6.67
CA HIS E 768 -70.54 -23.34 -6.87
C HIS E 768 -70.59 -22.10 -5.98
N ASN E 769 -71.71 -21.39 -6.00
CA ASN E 769 -72.02 -20.28 -5.08
C ASN E 769 -70.95 -19.19 -5.13
N PHE E 770 -70.93 -18.50 -6.28
CA PHE E 770 -69.95 -17.42 -6.49
C PHE E 770 -70.14 -16.29 -5.49
N GLN E 771 -71.38 -16.06 -5.04
CA GLN E 771 -71.66 -15.05 -4.01
C GLN E 771 -71.71 -15.68 -2.62
N ARG E 772 -70.59 -16.28 -2.21
CA ARG E 772 -70.49 -16.89 -0.89
C ARG E 772 -69.77 -15.94 0.05
N ARG E 773 -70.39 -15.66 1.20
CA ARG E 773 -69.86 -14.69 2.16
C ARG E 773 -69.38 -15.31 3.45
N ASP E 774 -69.51 -16.61 3.64
CA ASP E 774 -68.99 -17.27 4.84
C ASP E 774 -67.53 -17.61 4.61
N ASN E 775 -66.90 -18.26 5.59
CA ASN E 775 -65.46 -18.51 5.57
C ASN E 775 -65.12 -19.89 5.01
N VAL E 776 -65.92 -20.38 4.06
CA VAL E 776 -65.58 -21.59 3.34
C VAL E 776 -64.58 -21.23 2.25
N LEU E 777 -63.44 -21.91 2.25
CA LEU E 777 -62.38 -21.68 1.28
C LEU E 777 -62.04 -22.99 0.58
N ILE E 778 -61.84 -22.92 -0.73
CA ILE E 778 -61.58 -24.10 -1.55
C ILE E 778 -60.11 -24.47 -1.37
N HIS E 779 -59.86 -25.50 -0.55
CA HIS E 779 -58.50 -25.97 -0.34
C HIS E 779 -57.96 -26.69 -1.58
N GLY E 780 -58.79 -27.50 -2.23
CA GLY E 780 -58.39 -28.25 -3.40
C GLY E 780 -58.64 -29.74 -3.22
N ARG E 781 -58.89 -30.41 -4.34
CA ARG E 781 -59.16 -31.85 -4.35
C ARG E 781 -57.87 -32.62 -4.17
N PRO E 782 -57.76 -33.49 -3.16
CA PRO E 782 -56.65 -34.43 -3.11
C PRO E 782 -56.73 -35.44 -4.25
N VAL E 783 -55.57 -35.78 -4.79
CA VAL E 783 -55.51 -36.69 -5.93
C VAL E 783 -55.39 -38.13 -5.44
N ARG E 784 -54.36 -38.39 -4.62
CA ARG E 784 -54.14 -39.72 -4.09
C ARG E 784 -54.80 -39.86 -2.72
N GLY E 785 -56.11 -39.71 -2.73
CA GLY E 785 -56.90 -39.82 -1.51
C GLY E 785 -58.36 -39.57 -1.82
N ASP E 786 -59.17 -39.66 -0.77
CA ASP E 786 -60.60 -39.42 -0.87
C ASP E 786 -60.99 -38.08 -0.25
N THR E 787 -61.91 -37.37 -0.92
CA THR E 787 -62.34 -36.06 -0.43
C THR E 787 -63.13 -36.18 0.87
N GLY E 788 -64.32 -36.78 0.80
CA GLY E 788 -65.17 -36.94 1.97
C GLY E 788 -65.75 -35.64 2.48
N GLN E 789 -66.39 -35.74 3.64
CA GLN E 789 -66.90 -34.57 4.35
C GLN E 789 -66.45 -34.53 5.81
N ALA E 790 -66.39 -35.67 6.48
CA ALA E 790 -65.90 -35.74 7.86
C ALA E 790 -64.39 -35.87 7.95
N ILE E 791 -63.71 -35.99 6.81
CA ILE E 791 -62.26 -36.17 6.76
C ILE E 791 -61.58 -34.84 7.08
N PRO E 792 -60.65 -34.81 8.02
CA PRO E 792 -59.91 -33.57 8.28
C PRO E 792 -59.02 -33.20 7.11
N ILE E 793 -58.77 -31.89 6.98
CA ILE E 793 -58.05 -31.37 5.82
C ILE E 793 -56.57 -31.66 5.96
N THR E 794 -55.99 -32.27 4.93
CA THR E 794 -54.57 -32.58 4.92
C THR E 794 -53.83 -31.60 4.03
N PRO E 795 -52.58 -31.28 4.35
CA PRO E 795 -51.76 -30.47 3.44
C PRO E 795 -51.48 -31.20 2.14
N HIS E 796 -51.45 -30.45 1.05
CA HIS E 796 -51.15 -31.03 -0.25
C HIS E 796 -49.69 -31.46 -0.36
N HIS E 797 -48.77 -30.65 0.17
CA HIS E 797 -47.35 -30.88 0.03
C HIS E 797 -46.66 -30.73 1.38
N ASP E 798 -45.33 -30.71 1.34
CA ASP E 798 -44.48 -30.77 2.52
C ASP E 798 -44.26 -29.36 3.08
N ARG E 799 -43.50 -29.28 4.17
CA ARG E 799 -43.10 -27.99 4.74
C ARG E 799 -42.26 -27.17 3.76
N GLU E 800 -41.46 -27.84 2.93
CA GLU E 800 -40.59 -27.15 1.99
C GLU E 800 -41.36 -26.49 0.85
N TRP E 801 -42.63 -26.89 0.64
CA TRP E 801 -43.48 -26.21 -0.34
C TRP E 801 -43.66 -24.74 -0.01
N GLY E 802 -44.01 -24.43 1.25
CA GLY E 802 -44.18 -23.05 1.64
C GLY E 802 -42.89 -22.26 1.57
N ILE E 803 -41.78 -22.91 1.93
CA ILE E 803 -40.47 -22.25 1.90
C ILE E 803 -40.08 -21.90 0.47
N LEU E 804 -40.22 -22.86 -0.46
CA LEU E 804 -39.87 -22.62 -1.84
C LEU E 804 -40.81 -21.61 -2.49
N SER E 805 -42.10 -21.64 -2.14
CA SER E 805 -43.05 -20.69 -2.69
C SER E 805 -42.76 -19.27 -2.22
N LYS E 806 -42.47 -19.10 -0.93
CA LYS E 806 -42.13 -17.77 -0.41
C LYS E 806 -40.82 -17.28 -1.00
N ILE E 807 -39.83 -18.17 -1.14
CA ILE E 807 -38.54 -17.79 -1.73
C ILE E 807 -38.72 -17.34 -3.17
N TYR E 808 -39.51 -18.09 -3.95
CA TYR E 808 -39.76 -17.72 -5.34
C TYR E 808 -40.50 -16.39 -5.43
N TYR E 809 -41.61 -16.26 -4.68
CA TYR E 809 -42.45 -15.07 -4.76
C TYR E 809 -41.73 -13.81 -4.29
N TYR E 810 -40.80 -13.94 -3.33
CA TYR E 810 -40.13 -12.77 -2.79
C TYR E 810 -38.72 -12.57 -3.34
N ILE E 811 -38.24 -13.44 -4.22
CA ILE E 811 -36.95 -13.22 -4.84
C ILE E 811 -37.07 -13.12 -6.36
N VAL E 812 -37.60 -14.15 -7.00
CA VAL E 812 -37.54 -14.23 -8.46
C VAL E 812 -38.47 -13.21 -9.10
N ILE E 813 -39.69 -13.11 -8.59
CA ILE E 813 -40.67 -12.17 -9.16
C ILE E 813 -40.25 -10.71 -8.99
N PRO E 814 -39.86 -10.21 -7.81
CA PRO E 814 -39.47 -8.79 -7.73
C PRO E 814 -38.21 -8.44 -8.51
N ALA E 815 -37.24 -9.36 -8.59
CA ALA E 815 -35.98 -9.01 -9.25
C ALA E 815 -36.13 -8.92 -10.76
N PHE E 816 -37.06 -9.68 -11.34
CA PHE E 816 -37.27 -9.62 -12.78
C PHE E 816 -38.37 -8.65 -13.16
N SER E 817 -39.34 -8.43 -12.27
CA SER E 817 -40.36 -7.42 -12.54
C SER E 817 -39.84 -6.00 -12.27
N ARG E 818 -38.93 -5.88 -11.30
CA ARG E 818 -38.36 -4.59 -10.85
C ARG E 818 -39.48 -3.63 -10.41
N GLY E 819 -40.41 -4.15 -9.62
CA GLY E 819 -41.50 -3.35 -9.08
C GLY E 819 -42.50 -2.86 -10.10
N SER E 820 -42.82 -3.68 -11.09
CA SER E 820 -43.80 -3.33 -12.11
C SER E 820 -45.00 -4.24 -12.13
N CYS E 821 -44.84 -5.50 -11.70
CA CYS E 821 -45.95 -6.44 -11.68
C CYS E 821 -46.89 -6.12 -10.52
N CYS E 822 -48.13 -6.58 -10.65
CA CYS E 822 -49.18 -6.29 -9.69
C CYS E 822 -49.91 -7.57 -9.32
N THR E 823 -50.49 -7.60 -8.13
CA THR E 823 -51.28 -8.72 -7.66
C THR E 823 -52.76 -8.33 -7.61
N MET E 824 -53.62 -9.26 -7.99
CA MET E 824 -55.05 -9.00 -8.02
C MET E 824 -55.83 -10.31 -7.94
N GLY E 825 -57.12 -10.19 -7.68
CA GLY E 825 -58.03 -11.31 -7.71
C GLY E 825 -58.77 -11.37 -9.04
N VAL E 826 -59.46 -12.49 -9.25
CA VAL E 826 -60.18 -12.73 -10.48
C VAL E 826 -61.68 -12.60 -10.21
N ARG E 827 -62.46 -12.64 -11.29
CA ARG E 827 -63.91 -12.55 -11.24
C ARG E 827 -64.46 -13.84 -11.83
N TYR E 828 -64.61 -14.87 -10.97
CA TYR E 828 -65.06 -16.18 -11.45
C TYR E 828 -66.50 -16.15 -11.94
N ASP E 829 -67.33 -15.25 -11.40
CA ASP E 829 -68.74 -15.20 -11.75
C ASP E 829 -68.97 -14.82 -13.21
N ARG E 830 -68.00 -14.18 -13.86
CA ARG E 830 -68.05 -13.96 -15.29
C ARG E 830 -67.05 -14.81 -16.06
N LEU E 831 -65.95 -15.22 -15.42
CA LEU E 831 -64.93 -16.01 -16.07
C LEU E 831 -65.42 -17.42 -16.38
N TYR E 832 -66.07 -18.07 -15.41
CA TYR E 832 -66.57 -19.42 -15.62
C TYR E 832 -67.67 -19.52 -16.67
N PRO E 833 -68.70 -18.65 -16.72
CA PRO E 833 -69.64 -18.74 -17.86
C PRO E 833 -69.01 -18.41 -19.20
N ALA E 834 -67.97 -17.59 -19.23
CA ALA E 834 -67.27 -17.30 -20.47
C ALA E 834 -66.42 -18.47 -20.96
N LEU E 835 -66.16 -19.46 -20.10
CA LEU E 835 -65.35 -20.61 -20.45
C LEU E 835 -66.21 -21.78 -20.96
N GLN E 836 -67.53 -21.69 -20.85
CA GLN E 836 -68.43 -22.79 -21.19
C GLN E 836 -68.66 -22.93 -22.70
N ALA E 837 -68.00 -22.12 -23.52
CA ALA E 837 -68.23 -22.10 -24.97
C ALA E 837 -67.05 -22.78 -25.68
N VAL E 838 -67.14 -24.09 -25.84
CA VAL E 838 -66.18 -24.85 -26.63
C VAL E 838 -66.86 -25.23 -27.95
N ILE E 839 -66.17 -24.99 -29.06
CA ILE E 839 -66.75 -25.11 -30.39
C ILE E 839 -65.96 -26.19 -31.13
N VAL E 840 -65.59 -27.23 -30.40
CA VAL E 840 -64.96 -28.38 -31.07
C VAL E 840 -65.98 -29.05 -31.99
N PRO E 841 -65.58 -29.56 -33.15
CA PRO E 841 -66.54 -30.13 -34.09
C PRO E 841 -66.87 -31.58 -33.73
N GLU E 842 -67.88 -32.11 -34.42
CA GLU E 842 -68.26 -33.52 -34.32
C GLU E 842 -67.50 -34.26 -35.41
N ILE E 843 -66.39 -34.89 -35.03
CA ILE E 843 -65.55 -35.61 -35.98
C ILE E 843 -66.28 -36.85 -36.47
N PRO E 844 -66.28 -37.13 -37.77
CA PRO E 844 -66.89 -38.37 -38.27
C PRO E 844 -66.13 -39.59 -37.77
N ALA E 845 -66.86 -40.70 -37.67
CA ALA E 845 -66.29 -41.94 -37.14
C ALA E 845 -65.22 -42.50 -38.06
N ASP E 846 -64.17 -43.05 -37.43
CA ASP E 846 -63.03 -43.68 -38.12
C ASP E 846 -62.33 -42.69 -39.05
N GLU E 847 -62.03 -41.50 -38.54
CA GLU E 847 -61.37 -40.45 -39.31
C GLU E 847 -60.15 -39.94 -38.54
N GLU E 848 -59.21 -39.37 -39.27
CA GLU E 848 -57.99 -38.84 -38.66
C GLU E 848 -58.28 -37.56 -37.89
N ALA E 849 -57.48 -37.31 -36.86
CA ALA E 849 -57.60 -36.09 -36.08
C ALA E 849 -56.89 -34.94 -36.81
N PRO E 850 -57.59 -33.86 -37.16
CA PRO E 850 -56.91 -32.75 -37.83
C PRO E 850 -56.00 -31.98 -36.87
N THR E 851 -54.87 -31.53 -37.41
CA THR E 851 -53.87 -30.77 -36.64
C THR E 851 -53.62 -29.39 -37.22
N THR E 852 -53.50 -29.27 -38.54
CA THR E 852 -53.28 -27.98 -39.15
C THR E 852 -54.58 -27.15 -39.14
N PRO E 853 -54.47 -25.83 -38.98
CA PRO E 853 -55.68 -24.99 -38.96
C PRO E 853 -56.19 -24.56 -40.32
N GLU E 854 -55.64 -25.08 -41.42
CA GLU E 854 -56.11 -24.68 -42.74
C GLU E 854 -57.42 -25.34 -43.12
N ASP E 855 -57.66 -26.58 -42.67
CA ASP E 855 -58.91 -27.25 -43.00
C ASP E 855 -60.05 -26.76 -42.11
N PRO E 856 -61.29 -26.80 -42.60
CA PRO E 856 -62.42 -26.42 -41.73
C PRO E 856 -62.67 -27.39 -40.58
N ARG E 857 -62.13 -28.61 -40.64
CA ARG E 857 -62.32 -29.57 -39.57
C ARG E 857 -61.56 -29.19 -38.31
N HIS E 858 -60.54 -28.34 -38.42
CA HIS E 858 -59.84 -27.87 -37.23
C HIS E 858 -60.73 -26.91 -36.44
N PRO E 859 -60.72 -26.99 -35.11
CA PRO E 859 -61.56 -26.08 -34.31
C PRO E 859 -61.15 -24.62 -34.39
N LEU E 860 -59.91 -24.32 -34.76
CA LEU E 860 -59.42 -22.96 -34.84
C LEU E 860 -59.62 -22.33 -36.21
N HIS E 861 -60.32 -23.01 -37.11
CA HIS E 861 -60.60 -22.46 -38.43
C HIS E 861 -61.60 -21.32 -38.33
N ALA E 862 -61.56 -20.44 -39.33
CA ALA E 862 -62.44 -19.27 -39.33
C ALA E 862 -63.89 -19.65 -39.59
N HIS E 863 -64.13 -20.80 -40.23
CA HIS E 863 -65.50 -21.26 -40.45
C HIS E 863 -66.16 -21.67 -39.14
N GLN E 864 -65.40 -22.29 -38.24
CA GLN E 864 -65.91 -22.75 -36.94
C GLN E 864 -65.57 -21.78 -35.82
N LEU E 865 -65.47 -20.49 -36.13
CA LEU E 865 -65.11 -19.46 -35.15
C LEU E 865 -66.34 -18.57 -34.93
N VAL E 866 -67.04 -18.83 -33.83
CA VAL E 866 -68.15 -17.97 -33.40
C VAL E 866 -67.58 -17.00 -32.37
N PRO E 867 -68.02 -15.73 -32.36
CA PRO E 867 -67.56 -14.80 -31.33
C PRO E 867 -68.07 -15.20 -29.95
N ASN E 868 -67.39 -14.66 -28.93
CA ASN E 868 -67.64 -14.96 -27.51
C ASN E 868 -67.52 -16.45 -27.22
N SER E 869 -66.43 -17.03 -27.72
CA SER E 869 -66.12 -18.44 -27.51
C SER E 869 -64.62 -18.57 -27.36
N LEU E 870 -64.19 -19.76 -26.92
CA LEU E 870 -62.77 -19.99 -26.65
C LEU E 870 -61.93 -19.96 -27.92
N ASN E 871 -62.52 -20.23 -29.08
CA ASN E 871 -61.73 -20.33 -30.31
C ASN E 871 -61.20 -18.96 -30.75
N VAL E 872 -62.03 -17.92 -30.64
CA VAL E 872 -61.56 -16.58 -31.02
C VAL E 872 -60.55 -16.07 -30.00
N TYR E 873 -60.65 -16.48 -28.74
CA TYR E 873 -59.67 -16.03 -27.74
C TYR E 873 -58.35 -16.77 -27.91
N PHE E 874 -58.39 -18.02 -28.39
CA PHE E 874 -57.15 -18.72 -28.71
C PHE E 874 -56.53 -18.17 -30.00
N HIS E 875 -57.36 -17.78 -30.97
CA HIS E 875 -56.84 -17.28 -32.23
C HIS E 875 -56.31 -15.85 -32.11
N ASN E 876 -56.82 -15.08 -31.15
CA ASN E 876 -56.27 -13.75 -30.89
C ASN E 876 -54.83 -13.85 -30.38
N ALA E 877 -54.53 -14.92 -29.65
CA ALA E 877 -53.16 -15.24 -29.27
C ALA E 877 -52.41 -15.98 -30.37
N HIS E 878 -53.12 -16.47 -31.38
CA HIS E 878 -52.57 -17.23 -32.51
C HIS E 878 -51.77 -18.45 -32.04
N LEU E 879 -52.39 -19.24 -31.17
CA LEU E 879 -51.84 -20.49 -30.70
C LEU E 879 -52.55 -21.66 -31.35
N THR E 880 -51.89 -22.80 -31.39
CA THR E 880 -52.40 -23.99 -32.04
C THR E 880 -52.78 -25.04 -31.00
N VAL E 881 -54.07 -25.34 -30.93
CA VAL E 881 -54.60 -26.37 -30.05
C VAL E 881 -55.55 -27.26 -30.84
N ASP E 882 -55.71 -28.49 -30.39
CA ASP E 882 -56.49 -29.50 -31.09
C ASP E 882 -57.89 -29.61 -30.50
N GLY E 883 -58.65 -30.57 -31.04
CA GLY E 883 -60.01 -30.77 -30.57
C GLY E 883 -60.06 -31.30 -29.15
N ASP E 884 -59.22 -32.27 -28.83
CA ASP E 884 -59.17 -32.80 -27.47
C ASP E 884 -58.58 -31.79 -26.51
N ALA E 885 -57.77 -30.86 -27.02
CA ALA E 885 -57.21 -29.79 -26.18
C ALA E 885 -58.30 -28.89 -25.61
N LEU E 886 -59.30 -28.57 -26.41
CA LEU E 886 -60.44 -27.83 -25.88
C LEU E 886 -61.50 -28.75 -25.27
N LEU E 887 -61.43 -30.06 -25.58
CA LEU E 887 -62.34 -31.01 -24.95
C LEU E 887 -61.94 -31.34 -23.51
N THR E 888 -60.69 -31.08 -23.13
CA THR E 888 -60.29 -31.26 -21.74
C THR E 888 -60.90 -30.23 -20.80
N LEU E 889 -61.55 -29.19 -21.33
CA LEU E 889 -62.22 -28.20 -20.49
C LEU E 889 -63.38 -28.81 -19.72
N GLN E 890 -64.08 -29.77 -20.31
CA GLN E 890 -65.28 -30.32 -19.67
C GLN E 890 -64.92 -31.22 -18.49
N GLU E 891 -63.69 -31.74 -18.45
CA GLU E 891 -63.23 -32.44 -17.26
C GLU E 891 -62.34 -31.60 -16.37
N LEU E 892 -61.83 -30.47 -16.87
CA LEU E 892 -61.19 -29.49 -16.02
C LEU E 892 -62.21 -28.77 -15.15
N MET E 893 -63.41 -28.57 -15.68
CA MET E 893 -64.44 -27.79 -15.00
C MET E 893 -65.02 -28.50 -13.77
N GLY E 894 -64.73 -29.79 -13.58
CA GLY E 894 -65.30 -30.52 -12.46
C GLY E 894 -64.87 -29.98 -11.11
N ASP E 895 -63.60 -29.61 -10.98
CA ASP E 895 -63.16 -28.85 -9.82
C ASP E 895 -63.21 -27.36 -10.13
N MET E 896 -63.88 -26.61 -9.26
CA MET E 896 -64.02 -25.17 -9.41
C MET E 896 -63.25 -24.46 -8.32
N ALA E 897 -63.05 -23.16 -8.53
CA ALA E 897 -62.61 -22.23 -7.51
C ALA E 897 -63.69 -21.17 -7.39
N GLU E 898 -64.12 -20.89 -6.15
CA GLU E 898 -65.34 -20.12 -5.94
C GLU E 898 -65.14 -18.64 -6.27
N ARG E 899 -64.30 -17.97 -5.50
CA ARG E 899 -64.04 -16.54 -5.62
C ARG E 899 -62.85 -16.21 -4.74
N THR E 900 -62.14 -15.15 -5.12
CA THR E 900 -60.99 -14.71 -4.35
C THR E 900 -61.44 -13.99 -3.09
N THR E 901 -60.64 -14.12 -2.03
CA THR E 901 -60.94 -13.48 -0.76
C THR E 901 -59.65 -12.94 -0.16
N ALA E 902 -59.81 -12.01 0.78
CA ALA E 902 -58.69 -11.33 1.42
C ALA E 902 -58.45 -11.91 2.80
N ILE E 903 -57.21 -12.34 3.05
CA ILE E 903 -56.82 -12.93 4.33
C ILE E 903 -55.78 -12.01 4.96
N LEU E 904 -56.10 -11.47 6.13
CA LEU E 904 -55.18 -10.67 6.93
C LEU E 904 -54.79 -11.50 8.15
N VAL E 905 -53.51 -11.84 8.26
CA VAL E 905 -53.00 -12.65 9.36
C VAL E 905 -52.16 -11.76 10.27
N SER E 906 -52.10 -12.12 11.54
CA SER E 906 -51.28 -11.39 12.50
C SER E 906 -50.76 -12.35 13.56
N SER E 907 -49.60 -12.00 14.12
CA SER E 907 -48.97 -12.81 15.16
C SER E 907 -48.09 -11.94 16.02
N ALA E 908 -47.69 -12.48 17.16
CA ALA E 908 -46.74 -11.85 18.05
C ALA E 908 -45.34 -11.85 17.44
N PRO E 909 -44.45 -10.98 17.90
CA PRO E 909 -43.04 -11.08 17.46
C PRO E 909 -42.38 -12.37 17.94
N ASP E 910 -41.28 -12.71 17.28
CA ASP E 910 -40.68 -14.03 17.39
C ASP E 910 -40.05 -14.23 18.77
N ALA E 911 -39.86 -15.50 19.13
CA ALA E 911 -39.34 -15.87 20.45
C ALA E 911 -37.89 -15.45 20.63
N GLY E 912 -37.16 -15.15 19.55
CA GLY E 912 -35.82 -14.61 19.70
C GLY E 912 -35.81 -13.23 20.33
N ALA E 913 -36.81 -12.41 20.03
CA ALA E 913 -36.93 -11.08 20.61
C ALA E 913 -38.28 -10.89 21.31
N ALA E 914 -38.72 -11.91 22.04
CA ALA E 914 -40.01 -11.88 22.74
C ALA E 914 -39.78 -11.46 24.19
N THR E 915 -40.23 -10.26 24.53
CA THR E 915 -40.19 -9.82 25.92
C THR E 915 -41.58 -9.37 26.36
N ALA E 916 -41.69 -8.80 27.56
CA ALA E 916 -43.00 -8.43 28.09
C ALA E 916 -43.61 -7.25 27.35
N THR E 917 -42.79 -6.30 26.90
CA THR E 917 -43.31 -5.09 26.28
C THR E 917 -43.49 -5.20 24.78
N THR E 918 -43.04 -6.30 24.16
CA THR E 918 -43.32 -6.52 22.75
C THR E 918 -44.59 -7.33 22.51
N ARG E 919 -45.25 -7.77 23.58
CA ARG E 919 -46.53 -8.46 23.42
C ARG E 919 -47.63 -7.50 22.97
N ASN E 920 -47.47 -6.21 23.24
CA ASN E 920 -48.48 -5.23 22.87
C ASN E 920 -48.53 -5.01 21.37
N MET E 921 -47.37 -4.89 20.73
CA MET E 921 -47.31 -4.62 19.30
C MET E 921 -47.18 -5.93 18.53
N ARG E 922 -48.05 -6.12 17.54
CA ARG E 922 -48.06 -7.29 16.69
C ARG E 922 -47.79 -6.87 15.24
N ILE E 923 -47.48 -7.86 14.41
CA ILE E 923 -47.20 -7.65 13.00
C ILE E 923 -48.46 -7.99 12.21
N TYR E 924 -48.81 -7.14 11.24
CA TYR E 924 -50.02 -7.30 10.46
C TYR E 924 -49.71 -7.31 8.98
N ASP E 925 -49.94 -8.45 8.34
CA ASP E 925 -49.69 -8.61 6.91
C ASP E 925 -50.86 -9.37 6.30
N GLY E 926 -51.06 -9.17 5.00
CA GLY E 926 -52.22 -9.70 4.31
C GLY E 926 -51.84 -10.53 3.10
N ALA E 927 -52.84 -11.24 2.58
CA ALA E 927 -52.64 -12.14 1.44
C ALA E 927 -53.95 -12.26 0.68
N LEU E 928 -53.84 -12.79 -0.54
CA LEU E 928 -54.97 -12.98 -1.44
C LEU E 928 -55.13 -14.47 -1.72
N TYR E 929 -56.18 -15.08 -1.19
CA TYR E 929 -56.51 -16.44 -1.54
C TYR E 929 -57.18 -16.45 -2.91
N HIS E 930 -56.76 -17.38 -3.77
CA HIS E 930 -57.21 -17.48 -5.16
C HIS E 930 -56.98 -16.18 -5.94
N GLY E 931 -55.87 -15.48 -5.64
CA GLY E 931 -55.48 -14.31 -6.39
C GLY E 931 -54.51 -14.65 -7.52
N LEU E 932 -54.19 -13.64 -8.32
CA LEU E 932 -53.33 -13.84 -9.48
C LEU E 932 -52.42 -12.62 -9.64
N ILE E 933 -51.37 -12.80 -10.44
CA ILE E 933 -50.42 -11.75 -10.75
C ILE E 933 -50.27 -11.66 -12.26
N MET E 934 -50.43 -10.46 -12.81
CA MET E 934 -50.14 -10.20 -14.21
C MET E 934 -48.88 -9.34 -14.30
N MET E 935 -48.09 -9.58 -15.35
CA MET E 935 -46.73 -9.04 -15.40
C MET E 935 -46.71 -7.57 -15.77
N ALA E 936 -47.18 -7.23 -16.98
CA ALA E 936 -47.10 -5.86 -17.46
C ALA E 936 -48.50 -5.41 -17.86
N TYR E 937 -48.90 -4.23 -17.38
CA TYR E 937 -50.23 -3.72 -17.61
C TYR E 937 -50.37 -3.25 -19.05
N GLN E 938 -51.46 -3.64 -19.70
CA GLN E 938 -51.83 -3.15 -21.02
C GLN E 938 -53.12 -2.35 -20.91
N ALA E 939 -53.26 -1.32 -21.73
CA ALA E 939 -54.45 -0.48 -21.74
C ALA E 939 -55.03 -0.29 -23.14
N TYR E 940 -54.25 -0.54 -24.18
CA TYR E 940 -54.69 -0.36 -25.56
C TYR E 940 -55.08 -1.66 -26.23
N ASP E 941 -55.22 -2.74 -25.46
CA ASP E 941 -55.72 -4.02 -25.96
C ASP E 941 -57.24 -3.96 -25.90
N GLU E 942 -57.87 -3.62 -27.02
CA GLU E 942 -59.30 -3.41 -27.07
C GLU E 942 -60.07 -4.66 -27.48
N THR E 943 -59.39 -5.81 -27.63
CA THR E 943 -60.11 -7.06 -27.84
C THR E 943 -60.87 -7.48 -26.60
N ILE E 944 -60.29 -7.24 -25.42
CA ILE E 944 -60.92 -7.55 -24.14
C ILE E 944 -61.09 -6.23 -23.38
N ALA E 945 -62.29 -6.00 -22.86
CA ALA E 945 -62.56 -4.78 -22.11
C ALA E 945 -61.75 -4.75 -20.82
N THR E 946 -61.41 -3.54 -20.39
CA THR E 946 -60.52 -3.36 -19.25
C THR E 946 -61.24 -3.71 -17.95
N GLY E 947 -60.61 -4.55 -17.14
CA GLY E 947 -61.20 -4.98 -15.88
C GLY E 947 -62.41 -5.87 -16.03
N THR E 948 -62.41 -6.77 -17.02
CA THR E 948 -63.52 -7.71 -17.16
C THR E 948 -63.34 -8.92 -16.25
N PHE E 949 -62.14 -9.50 -16.22
CA PHE E 949 -61.87 -10.68 -15.44
C PHE E 949 -61.13 -10.41 -14.14
N PHE E 950 -60.33 -9.36 -14.08
CA PHE E 950 -59.57 -9.01 -12.88
C PHE E 950 -59.99 -7.64 -12.37
N TYR E 951 -59.86 -7.44 -11.06
CA TYR E 951 -59.93 -6.11 -10.47
C TYR E 951 -58.70 -5.95 -9.58
N PRO E 952 -57.97 -4.85 -9.69
CA PRO E 952 -56.68 -4.73 -8.99
C PRO E 952 -56.86 -4.56 -7.50
N VAL E 953 -56.33 -5.52 -6.74
CA VAL E 953 -56.36 -5.49 -5.28
C VAL E 953 -54.93 -5.70 -4.73
N PRO E 954 -54.05 -4.72 -4.91
CA PRO E 954 -52.64 -4.92 -4.53
C PRO E 954 -52.39 -4.62 -3.06
N VAL E 955 -51.92 -5.62 -2.32
CA VAL E 955 -51.40 -5.41 -0.97
C VAL E 955 -49.99 -6.02 -0.86
N ASN E 956 -48.99 -5.21 -1.22
CA ASN E 956 -47.56 -5.40 -0.99
C ASN E 956 -46.88 -4.11 -1.46
N PRO E 957 -45.93 -3.57 -0.70
CA PRO E 957 -45.03 -2.56 -1.30
C PRO E 957 -44.23 -3.12 -2.47
N LEU E 958 -43.90 -4.41 -2.42
CA LEU E 958 -43.21 -5.07 -3.52
C LEU E 958 -44.10 -5.14 -4.76
N PHE E 959 -45.40 -5.39 -4.58
CA PHE E 959 -46.34 -5.50 -5.69
C PHE E 959 -47.11 -4.22 -5.94
N ALA E 960 -46.48 -3.06 -5.74
CA ALA E 960 -47.15 -1.79 -6.02
C ALA E 960 -47.33 -1.60 -7.51
N CYS E 961 -48.56 -1.28 -7.92
CA CYS E 961 -48.93 -1.18 -9.33
C CYS E 961 -49.68 0.13 -9.57
N PRO E 962 -48.95 1.23 -9.79
CA PRO E 962 -49.63 2.51 -10.06
C PRO E 962 -50.35 2.53 -11.41
N GLU E 963 -49.86 1.78 -12.40
CA GLU E 963 -50.49 1.80 -13.71
C GLU E 963 -51.61 0.77 -13.84
N HIS E 964 -51.60 -0.29 -13.02
CA HIS E 964 -52.63 -1.31 -13.13
C HIS E 964 -53.96 -0.87 -12.50
N LEU E 965 -53.99 0.30 -11.84
CA LEU E 965 -55.19 0.73 -11.13
C LEU E 965 -56.30 1.18 -12.08
N ALA E 966 -56.00 1.36 -13.37
CA ALA E 966 -57.05 1.69 -14.33
C ALA E 966 -57.96 0.51 -14.62
N SER E 967 -57.56 -0.70 -14.23
CA SER E 967 -58.43 -1.87 -14.35
C SER E 967 -59.60 -1.80 -13.39
N LEU E 968 -59.48 -1.05 -12.30
CA LEU E 968 -60.58 -0.85 -11.36
C LEU E 968 -61.56 0.19 -11.91
N ARG E 969 -62.84 -0.05 -11.66
CA ARG E 969 -63.86 0.90 -12.09
C ARG E 969 -63.79 2.17 -11.25
N GLY E 970 -64.33 3.25 -11.81
CA GLY E 970 -64.25 4.55 -11.15
C GLY E 970 -62.84 5.10 -11.08
N MET E 971 -62.08 4.99 -12.16
CA MET E 971 -60.70 5.45 -12.19
C MET E 971 -60.63 6.85 -12.79
N THR E 972 -59.93 7.75 -12.10
CA THR E 972 -59.81 9.13 -12.51
C THR E 972 -58.33 9.52 -12.59
N ASN E 973 -58.09 10.82 -12.87
CA ASN E 973 -56.73 11.32 -12.89
C ASN E 973 -56.18 11.55 -11.48
N ALA E 974 -57.05 11.86 -10.53
CA ALA E 974 -56.62 12.18 -9.17
C ALA E 974 -56.00 10.97 -8.48
N ARG E 975 -56.63 9.80 -8.62
CA ARG E 975 -56.08 8.58 -8.04
C ARG E 975 -54.73 8.24 -8.66
N ARG E 976 -54.57 8.50 -9.96
CA ARG E 976 -53.32 8.18 -10.63
C ARG E 976 -52.20 9.11 -10.19
N VAL E 977 -52.47 10.42 -10.12
CA VAL E 977 -51.43 11.36 -9.75
C VAL E 977 -51.12 11.24 -8.24
N LEU E 978 -52.06 10.74 -7.46
CA LEU E 978 -51.79 10.52 -6.04
C LEU E 978 -51.12 9.17 -5.81
N ALA E 979 -51.25 8.24 -6.77
CA ALA E 979 -50.69 6.91 -6.60
C ALA E 979 -49.33 6.74 -7.28
N LYS E 980 -48.92 7.66 -8.15
CA LYS E 980 -47.55 7.60 -8.67
C LYS E 980 -46.50 7.78 -7.58
N MET E 981 -46.83 8.49 -6.49
CA MET E 981 -45.88 8.68 -5.40
C MET E 981 -46.17 7.81 -4.18
N VAL E 982 -47.42 7.44 -3.94
CA VAL E 982 -47.80 6.66 -2.77
C VAL E 982 -48.38 5.34 -3.26
N PRO E 983 -47.86 4.19 -2.83
CA PRO E 983 -48.37 2.90 -3.31
C PRO E 983 -49.76 2.62 -2.75
N PRO E 984 -50.66 2.06 -3.56
CA PRO E 984 -52.01 1.72 -3.07
C PRO E 984 -52.01 0.43 -2.27
N ILE E 985 -52.31 0.55 -0.97
CA ILE E 985 -52.37 -0.59 -0.07
C ILE E 985 -53.66 -0.47 0.74
N PRO E 986 -54.52 -1.49 0.76
CA PRO E 986 -55.74 -1.41 1.56
C PRO E 986 -55.41 -1.42 3.04
N PRO E 987 -56.20 -0.72 3.87
CA PRO E 987 -55.92 -0.73 5.30
C PRO E 987 -56.28 -2.03 5.98
N PHE E 988 -57.25 -2.77 5.46
CA PHE E 988 -57.71 -3.99 6.10
C PHE E 988 -56.85 -5.21 5.78
N LEU E 989 -55.81 -5.04 4.96
CA LEU E 989 -54.93 -6.14 4.61
C LEU E 989 -53.49 -5.86 5.06
N GLY E 990 -53.31 -4.96 6.02
CA GLY E 990 -51.99 -4.70 6.58
C GLY E 990 -51.42 -3.35 6.20
N ALA E 991 -51.18 -2.51 7.19
CA ALA E 991 -50.53 -1.23 6.95
C ALA E 991 -49.05 -1.42 6.67
N ASN E 992 -48.45 -0.43 6.01
CA ASN E 992 -47.05 -0.52 5.61
C ASN E 992 -46.12 -0.56 6.82
N HIS E 993 -46.43 0.23 7.85
CA HIS E 993 -45.66 0.19 9.08
C HIS E 993 -45.84 -1.12 9.83
N HIS E 994 -47.02 -1.74 9.72
CA HIS E 994 -47.33 -2.98 10.43
C HIS E 994 -46.99 -4.23 9.64
N ALA E 995 -46.59 -4.10 8.37
CA ALA E 995 -46.27 -5.25 7.56
C ALA E 995 -44.80 -5.64 7.69
N THR E 996 -44.49 -6.87 7.31
CA THR E 996 -43.10 -7.32 7.27
C THR E 996 -42.35 -6.63 6.13
N ILE E 997 -42.83 -6.80 4.90
CA ILE E 997 -42.25 -6.12 3.75
C ILE E 997 -42.68 -4.66 3.79
N ARG E 998 -41.70 -3.76 3.75
CA ARG E 998 -41.96 -2.33 3.93
C ARG E 998 -41.52 -1.55 2.71
N GLN E 999 -41.58 -0.23 2.84
CA GLN E 999 -41.17 0.67 1.77
C GLN E 999 -39.69 0.59 1.37
N PRO E 1000 -38.70 0.57 2.30
CA PRO E 1000 -37.29 0.58 1.83
C PRO E 1000 -36.86 -0.60 0.98
N VAL E 1001 -37.36 -1.81 1.25
CA VAL E 1001 -36.98 -2.96 0.42
C VAL E 1001 -37.61 -2.84 -0.98
N ALA E 1002 -38.83 -2.30 -1.05
CA ALA E 1002 -39.45 -2.03 -2.34
C ALA E 1002 -38.69 -0.96 -3.11
N TYR E 1003 -38.23 0.07 -2.42
CA TYR E 1003 -37.44 1.11 -3.08
C TYR E 1003 -36.09 0.56 -3.53
N HIS E 1004 -35.51 -0.36 -2.75
CA HIS E 1004 -34.25 -0.98 -3.14
C HIS E 1004 -34.41 -1.83 -4.39
N VAL E 1005 -35.50 -2.62 -4.45
CA VAL E 1005 -35.65 -3.50 -5.60
C VAL E 1005 -36.10 -2.72 -6.83
N THR E 1006 -36.76 -1.57 -6.65
CA THR E 1006 -37.20 -0.81 -7.81
C THR E 1006 -36.18 0.20 -8.32
N HIS E 1007 -35.09 0.45 -7.58
CA HIS E 1007 -34.12 1.46 -7.97
C HIS E 1007 -32.69 0.92 -8.01
N SER E 1008 -32.51 -0.38 -8.19
CA SER E 1008 -31.19 -0.99 -8.28
C SER E 1008 -30.94 -1.42 -9.72
N LYS E 1009 -29.81 -0.97 -10.29
CA LYS E 1009 -29.40 -1.38 -11.63
C LYS E 1009 -27.94 -1.83 -11.56
N SER E 1010 -27.73 -3.08 -11.14
CA SER E 1010 -26.43 -3.71 -11.22
C SER E 1010 -26.45 -4.98 -12.06
N ASP E 1011 -27.33 -5.91 -11.74
CA ASP E 1011 -27.44 -7.22 -12.37
C ASP E 1011 -28.75 -7.84 -11.90
N PHE E 1012 -28.99 -9.10 -12.24
CA PHE E 1012 -30.10 -9.87 -11.71
C PHE E 1012 -29.65 -10.87 -10.66
N ASN E 1013 -28.50 -11.53 -10.86
CA ASN E 1013 -27.97 -12.44 -9.86
C ASN E 1013 -27.61 -11.69 -8.58
N THR E 1014 -26.88 -10.58 -8.72
CA THR E 1014 -26.49 -9.78 -7.57
C THR E 1014 -27.71 -9.17 -6.88
N LEU E 1015 -28.72 -8.80 -7.66
CA LEU E 1015 -29.95 -8.26 -7.08
C LEU E 1015 -30.70 -9.32 -6.29
N THR E 1016 -30.76 -10.55 -6.81
CA THR E 1016 -31.42 -11.64 -6.09
C THR E 1016 -30.68 -11.97 -4.80
N TYR E 1017 -29.35 -12.01 -4.85
CA TYR E 1017 -28.59 -12.33 -3.64
C TYR E 1017 -28.64 -11.18 -2.64
N SER E 1018 -28.73 -9.95 -3.12
CA SER E 1018 -28.92 -8.81 -2.23
C SER E 1018 -30.28 -8.85 -1.55
N LEU E 1019 -31.32 -9.25 -2.30
CA LEU E 1019 -32.65 -9.42 -1.71
C LEU E 1019 -32.66 -10.56 -0.70
N LEU E 1020 -31.90 -11.63 -0.97
CA LEU E 1020 -31.79 -12.72 -0.02
C LEU E 1020 -31.07 -12.28 1.24
N GLY E 1021 -29.99 -11.52 1.10
CA GLY E 1021 -29.27 -11.03 2.26
C GLY E 1021 -30.06 -9.99 3.05
N GLY E 1022 -30.96 -9.28 2.38
CA GLY E 1022 -31.90 -8.44 3.10
C GLY E 1022 -32.89 -9.25 3.91
N TYR E 1023 -33.29 -10.41 3.40
CA TYR E 1023 -34.32 -11.22 4.04
C TYR E 1023 -33.70 -12.06 5.17
N PHE E 1024 -33.47 -11.39 6.29
CA PHE E 1024 -32.97 -12.04 7.50
C PHE E 1024 -33.60 -11.36 8.71
N LYS E 1025 -33.82 -12.14 9.77
CA LYS E 1025 -34.37 -11.58 11.00
C LYS E 1025 -33.31 -10.77 11.72
N PHE E 1026 -33.76 -9.82 12.54
CA PHE E 1026 -32.87 -8.95 13.28
C PHE E 1026 -32.99 -9.22 14.79
N THR E 1027 -33.60 -10.35 15.17
CA THR E 1027 -33.67 -10.78 16.55
C THR E 1027 -32.24 -11.11 17.05
N PRO E 1028 -32.00 -11.02 18.37
CA PRO E 1028 -30.65 -11.29 18.88
C PRO E 1028 -30.12 -12.68 18.55
N ILE E 1029 -30.98 -13.69 18.54
CA ILE E 1029 -30.58 -15.03 18.13
C ILE E 1029 -30.17 -15.03 16.67
N SER E 1030 -30.93 -14.30 15.83
CA SER E 1030 -30.62 -14.23 14.41
C SER E 1030 -29.29 -13.50 14.16
N LEU E 1031 -29.08 -12.34 14.81
CA LEU E 1031 -27.83 -11.61 14.59
C LEU E 1031 -26.63 -12.40 15.10
N THR E 1032 -26.83 -13.16 16.19
CA THR E 1032 -25.81 -14.12 16.63
C THR E 1032 -25.52 -15.14 15.53
N HIS E 1033 -26.57 -15.63 14.86
CA HIS E 1033 -26.38 -16.58 13.77
C HIS E 1033 -25.57 -15.97 12.63
N GLN E 1034 -25.91 -14.74 12.20
CA GLN E 1034 -25.19 -14.18 11.05
C GLN E 1034 -23.76 -13.81 11.41
N LEU E 1035 -23.51 -13.41 12.67
CA LEU E 1035 -22.14 -13.08 13.02
C LEU E 1035 -21.28 -14.33 13.16
N ARG E 1036 -21.79 -15.40 13.80
CA ARG E 1036 -20.97 -16.58 13.98
C ARG E 1036 -20.88 -17.39 12.70
N THR E 1037 -21.81 -17.17 11.77
CA THR E 1037 -21.64 -17.67 10.41
C THR E 1037 -20.51 -16.93 9.70
N GLY E 1038 -20.53 -15.60 9.75
CA GLY E 1038 -19.59 -14.79 9.01
C GLY E 1038 -20.29 -13.76 8.15
N PHE E 1039 -21.62 -13.77 8.18
CA PHE E 1039 -22.40 -12.80 7.44
C PHE E 1039 -22.28 -11.41 8.06
N HIS E 1040 -22.26 -10.39 7.21
CA HIS E 1040 -22.14 -9.01 7.63
C HIS E 1040 -23.50 -8.33 7.55
N PRO E 1041 -24.11 -7.97 8.67
CA PRO E 1041 -25.38 -7.25 8.63
C PRO E 1041 -25.21 -5.81 8.21
N GLY E 1042 -26.33 -5.10 8.11
CA GLY E 1042 -26.31 -3.70 7.75
C GLY E 1042 -26.13 -2.77 8.93
N ILE E 1043 -25.41 -3.22 9.96
CA ILE E 1043 -25.17 -2.42 11.15
C ILE E 1043 -23.67 -2.31 11.34
N ALA E 1044 -23.20 -1.07 11.49
CA ALA E 1044 -21.80 -0.79 11.76
C ALA E 1044 -21.62 -0.53 13.24
N PHE E 1045 -20.38 -0.58 13.70
CA PHE E 1045 -20.07 -0.34 15.10
C PHE E 1045 -18.85 0.55 15.27
N THR E 1046 -18.78 1.16 16.44
CA THR E 1046 -17.56 1.72 16.98
C THR E 1046 -17.34 1.12 18.36
N VAL E 1047 -16.09 1.08 18.81
CA VAL E 1047 -15.75 0.57 20.13
C VAL E 1047 -14.96 1.63 20.88
N VAL E 1048 -15.30 1.79 22.15
CA VAL E 1048 -14.63 2.74 23.04
C VAL E 1048 -13.80 1.94 24.03
N ARG E 1049 -12.65 2.50 24.39
CA ARG E 1049 -11.67 1.74 25.16
C ARG E 1049 -10.90 2.65 26.09
N GLN E 1050 -11.16 2.52 27.39
CA GLN E 1050 -10.53 3.33 28.41
C GLN E 1050 -9.13 2.79 28.71
N ASP E 1051 -8.16 3.68 28.82
CA ASP E 1051 -6.77 3.31 29.04
C ASP E 1051 -6.17 4.20 30.12
N ARG E 1052 -5.16 3.66 30.81
CA ARG E 1052 -4.39 4.40 31.80
C ARG E 1052 -2.91 4.28 31.48
N PHE E 1053 -2.15 5.34 31.77
CA PHE E 1053 -0.72 5.36 31.53
C PHE E 1053 0.01 5.92 32.74
N ALA E 1054 1.25 5.47 32.94
CA ALA E 1054 2.13 6.13 33.89
C ALA E 1054 2.51 7.50 33.34
N THR E 1055 2.61 8.48 34.23
CA THR E 1055 2.89 9.86 33.82
C THR E 1055 4.08 10.41 34.60
N GLU E 1056 4.97 11.07 33.88
CA GLU E 1056 5.98 11.91 34.49
C GLU E 1056 5.64 13.37 34.28
N GLN E 1057 5.59 14.11 35.38
CA GLN E 1057 5.19 15.51 35.36
C GLN E 1057 6.43 16.40 35.44
N LEU E 1058 6.32 17.57 34.85
CA LEU E 1058 7.45 18.49 34.69
C LEU E 1058 7.05 19.83 35.28
N LEU E 1059 7.75 20.29 36.32
CA LEU E 1059 7.36 21.49 37.02
C LEU E 1059 8.54 22.44 37.20
N TYR E 1060 8.30 23.71 36.85
CA TYR E 1060 9.09 24.86 37.27
C TYR E 1060 8.21 25.75 38.14
N ALA E 1061 8.68 26.13 39.33
CA ALA E 1061 7.83 26.83 40.27
C ALA E 1061 7.99 28.35 40.17
N GLU E 1062 9.05 28.92 40.76
CA GLU E 1062 9.57 30.30 40.66
C GLU E 1062 10.71 30.48 41.65
N ARG E 1063 11.33 31.66 41.64
CA ARG E 1063 12.28 32.01 42.70
C ARG E 1063 11.54 32.45 43.96
N ALA E 1064 10.77 33.54 43.89
CA ALA E 1064 10.12 34.05 45.09
C ALA E 1064 8.64 33.72 45.06
N SER E 1065 8.33 32.45 45.31
CA SER E 1065 6.96 31.99 45.23
C SER E 1065 6.34 31.68 46.58
N GLU E 1066 7.15 31.42 47.61
CA GLU E 1066 6.61 31.08 48.92
C GLU E 1066 7.38 31.79 50.02
N SER E 1067 6.66 32.30 51.00
CA SER E 1067 7.24 32.75 52.26
C SER E 1067 6.85 31.75 53.33
N TYR E 1068 7.84 31.22 54.03
CA TYR E 1068 7.68 29.96 54.75
C TYR E 1068 8.15 30.19 56.18
N PHE E 1069 7.21 30.40 57.09
CA PHE E 1069 7.52 30.68 58.49
C PHE E 1069 7.76 29.37 59.22
N VAL E 1070 8.68 29.38 60.17
CA VAL E 1070 8.92 28.24 61.05
C VAL E 1070 8.60 28.67 62.47
N GLY E 1071 7.96 27.79 63.23
CA GLY E 1071 7.72 28.00 64.63
C GLY E 1071 8.87 27.48 65.46
N GLN E 1072 8.57 27.22 66.73
CA GLN E 1072 9.54 26.68 67.66
C GLN E 1072 9.17 25.24 68.01
N ILE E 1073 10.18 24.39 68.11
CA ILE E 1073 9.95 22.98 68.38
C ILE E 1073 9.47 22.80 69.83
N GLN E 1074 8.50 21.90 70.01
CA GLN E 1074 7.96 21.64 71.32
C GLN E 1074 7.83 20.13 71.51
N VAL E 1075 8.14 19.68 72.72
CA VAL E 1075 8.18 18.26 73.06
C VAL E 1075 6.90 17.88 73.76
N HIS E 1076 6.65 16.58 73.87
CA HIS E 1076 5.50 16.03 74.58
C HIS E 1076 5.84 14.61 74.99
N HIS E 1077 5.98 14.38 76.30
CA HIS E 1077 6.27 13.05 76.81
C HIS E 1077 4.96 12.36 77.18
N HIS E 1078 4.78 11.16 76.66
CA HIS E 1078 3.54 10.40 76.84
C HIS E 1078 3.89 8.97 77.20
N ASP E 1079 3.22 8.44 78.22
CA ASP E 1079 3.53 7.09 78.69
C ASP E 1079 3.06 6.05 77.68
N ALA E 1080 3.73 4.90 77.70
CA ALA E 1080 3.49 3.86 76.72
C ALA E 1080 3.42 2.51 77.44
N ILE E 1081 3.44 1.43 76.66
CA ILE E 1081 3.29 0.08 77.20
C ILE E 1081 4.51 -0.29 78.02
N GLY E 1082 5.71 -0.13 77.47
CA GLY E 1082 6.92 -0.45 78.20
C GLY E 1082 7.62 0.77 78.72
N GLY E 1083 7.73 1.81 77.89
CA GLY E 1083 8.42 3.02 78.28
C GLY E 1083 7.59 4.27 78.07
N VAL E 1084 8.20 5.31 77.51
CA VAL E 1084 7.53 6.57 77.24
C VAL E 1084 7.67 6.90 75.76
N ASN E 1085 6.75 7.73 75.27
CA ASN E 1085 6.76 8.19 73.90
C ASN E 1085 6.99 9.69 73.89
N PHE E 1086 7.98 10.14 73.14
CA PHE E 1086 8.24 11.56 72.94
C PHE E 1086 7.59 11.98 71.62
N THR E 1087 6.70 12.96 71.69
CA THR E 1087 6.07 13.52 70.51
C THR E 1087 6.68 14.90 70.25
N LEU E 1088 7.30 15.06 69.10
CA LEU E 1088 7.92 16.33 68.71
C LEU E 1088 6.98 17.07 67.77
N THR E 1089 6.71 18.34 68.08
CA THR E 1089 5.77 19.13 67.31
C THR E 1089 6.40 20.46 66.96
N GLN E 1090 6.27 20.86 65.68
CA GLN E 1090 6.79 22.14 65.21
C GLN E 1090 5.77 22.73 64.25
N PRO E 1091 5.23 23.91 64.52
CA PRO E 1091 4.27 24.53 63.62
C PRO E 1091 4.94 25.43 62.58
N ARG E 1092 4.22 25.65 61.49
CA ARG E 1092 4.75 26.37 60.34
C ARG E 1092 3.61 26.85 59.47
N ALA E 1093 3.88 27.87 58.65
CA ALA E 1093 2.88 28.47 57.79
C ALA E 1093 3.51 28.88 56.47
N HIS E 1094 2.69 28.89 55.43
CA HIS E 1094 3.14 29.21 54.07
C HIS E 1094 2.24 30.27 53.46
N VAL E 1095 2.85 31.20 52.72
CA VAL E 1095 2.13 32.23 51.98
C VAL E 1095 2.68 32.27 50.56
N ASP E 1096 1.79 32.18 49.58
CA ASP E 1096 2.15 32.33 48.17
C ASP E 1096 2.15 33.81 47.81
N LEU E 1097 3.34 34.43 47.83
CA LEU E 1097 3.47 35.86 47.56
C LEU E 1097 3.73 36.11 46.07
N GLY E 1098 2.92 35.47 45.25
CA GLY E 1098 3.01 35.62 43.80
C GLY E 1098 1.96 36.58 43.30
N VAL E 1099 2.31 37.31 42.24
CA VAL E 1099 1.36 38.25 41.65
C VAL E 1099 0.24 37.49 40.94
N GLY E 1100 0.59 36.46 40.17
CA GLY E 1100 -0.39 35.63 39.52
C GLY E 1100 -0.05 34.16 39.58
N TYR E 1101 -0.26 33.45 38.46
CA TYR E 1101 0.09 32.03 38.37
C TYR E 1101 1.60 31.93 38.24
N THR E 1102 2.27 31.65 39.36
CA THR E 1102 3.72 31.55 39.34
C THR E 1102 4.21 30.17 38.89
N ALA E 1103 3.63 29.10 39.42
CA ALA E 1103 4.14 27.74 39.19
C ALA E 1103 3.29 27.02 38.17
N VAL E 1104 3.95 26.37 37.21
CA VAL E 1104 3.26 25.61 36.18
C VAL E 1104 3.87 24.21 36.10
N CYS E 1105 3.03 23.20 36.25
CA CYS E 1105 3.42 21.81 36.04
C CYS E 1105 2.83 21.34 34.72
N ALA E 1106 3.43 20.31 34.15
CA ALA E 1106 2.97 19.78 32.87
C ALA E 1106 3.32 18.31 32.76
N THR E 1107 2.39 17.51 32.27
CA THR E 1107 2.66 16.10 32.02
C THR E 1107 3.63 15.97 30.87
N ALA E 1108 4.72 15.23 31.08
CA ALA E 1108 5.81 15.19 30.13
C ALA E 1108 5.96 13.84 29.45
N ALA E 1109 6.15 12.76 30.22
CA ALA E 1109 6.59 11.50 29.65
C ALA E 1109 5.56 10.40 29.85
N LEU E 1110 5.82 9.27 29.20
CA LEU E 1110 4.94 8.12 29.14
C LEU E 1110 5.44 6.91 29.92
N ARG E 1111 6.72 6.58 29.76
CA ARG E 1111 7.40 5.37 30.23
C ARG E 1111 6.55 4.11 30.03
N CYS E 1112 6.61 3.16 30.97
CA CYS E 1112 5.91 1.89 30.79
C CYS E 1112 4.40 2.09 30.89
N PRO E 1113 3.62 1.64 29.90
CA PRO E 1113 2.16 1.65 30.02
C PRO E 1113 1.69 0.49 30.88
N LEU E 1114 1.03 0.82 31.99
CA LEU E 1114 0.60 -0.23 32.92
C LEU E 1114 -0.63 -0.97 32.39
N THR E 1115 -1.36 -0.37 31.46
CA THR E 1115 -2.60 -0.93 30.97
C THR E 1115 -2.40 -1.34 29.50
N ASP E 1116 -3.17 -2.35 29.06
CA ASP E 1116 -2.84 -3.13 27.86
C ASP E 1116 -3.78 -2.86 26.70
N MET E 1117 -3.20 -2.85 25.49
CA MET E 1117 -3.91 -2.74 24.21
C MET E 1117 -4.21 -4.10 23.59
N GLY E 1118 -4.87 -4.98 24.33
CA GLY E 1118 -5.26 -6.27 23.81
C GLY E 1118 -6.58 -6.19 23.05
N ASN E 1119 -7.47 -7.12 23.40
CA ASN E 1119 -8.84 -7.12 22.88
C ASN E 1119 -9.67 -7.86 23.93
N THR E 1120 -10.42 -7.09 24.73
CA THR E 1120 -11.41 -7.64 25.66
C THR E 1120 -12.72 -6.92 25.45
N ALA E 1121 -13.77 -7.68 25.13
CA ALA E 1121 -15.06 -7.09 24.86
C ALA E 1121 -15.83 -6.85 26.15
N GLN E 1122 -16.52 -5.71 26.21
CA GLN E 1122 -17.29 -5.33 27.39
C GLN E 1122 -18.65 -6.02 27.35
N ASN E 1123 -18.92 -6.86 28.35
CA ASN E 1123 -20.21 -7.54 28.42
C ASN E 1123 -21.24 -6.68 29.13
N LEU E 1124 -22.49 -6.81 28.70
CA LEU E 1124 -23.63 -6.19 29.37
C LEU E 1124 -24.37 -7.16 30.28
N PHE E 1125 -24.07 -8.46 30.18
CA PHE E 1125 -24.74 -9.47 30.99
C PHE E 1125 -24.40 -9.38 32.46
N PHE E 1126 -23.36 -8.62 32.83
CA PHE E 1126 -23.13 -8.23 34.21
C PHE E 1126 -24.25 -7.37 34.78
N SER E 1127 -24.78 -6.45 33.98
CA SER E 1127 -25.73 -5.45 34.45
C SER E 1127 -27.11 -6.07 34.65
N ARG E 1128 -27.78 -5.65 35.72
CA ARG E 1128 -29.14 -6.06 36.00
C ARG E 1128 -29.95 -4.83 36.39
N GLY E 1129 -31.21 -4.81 35.95
CA GLY E 1129 -32.06 -3.66 36.16
C GLY E 1129 -32.96 -3.37 34.98
N GLY E 1130 -32.56 -3.81 33.79
CA GLY E 1130 -33.41 -3.71 32.63
C GLY E 1130 -34.50 -4.77 32.65
N VAL E 1131 -35.42 -4.65 31.70
CA VAL E 1131 -36.54 -5.59 31.62
C VAL E 1131 -36.04 -6.94 31.09
N PRO E 1132 -36.33 -8.03 31.78
CA PRO E 1132 -36.00 -9.36 31.24
C PRO E 1132 -36.91 -9.72 30.08
N MET E 1133 -36.40 -10.58 29.20
CA MET E 1133 -37.25 -11.09 28.15
C MET E 1133 -37.94 -12.38 28.62
N LEU E 1134 -38.89 -12.84 27.80
CA LEU E 1134 -39.92 -13.76 28.28
C LEU E 1134 -39.37 -15.13 28.65
N HIS E 1135 -38.52 -15.71 27.81
CA HIS E 1135 -38.10 -17.10 27.96
C HIS E 1135 -36.74 -17.17 28.65
N ASP E 1136 -36.69 -17.85 29.79
CA ASP E 1136 -35.47 -17.91 30.58
C ASP E 1136 -34.40 -18.80 29.93
N ASN E 1137 -34.81 -19.86 29.23
CA ASN E 1137 -33.84 -20.73 28.58
C ASN E 1137 -33.14 -20.01 27.44
N VAL E 1138 -33.84 -19.11 26.75
CA VAL E 1138 -33.22 -18.32 25.70
C VAL E 1138 -32.17 -17.37 26.29
N THR E 1139 -32.49 -16.78 27.45
CA THR E 1139 -31.53 -15.90 28.13
C THR E 1139 -30.31 -16.68 28.62
N GLU E 1140 -30.53 -17.89 29.15
CA GLU E 1140 -29.40 -18.74 29.56
C GLU E 1140 -28.55 -19.14 28.36
N SER E 1141 -29.18 -19.45 27.23
CA SER E 1141 -28.43 -19.77 26.02
C SER E 1141 -27.64 -18.57 25.52
N LEU E 1142 -28.22 -17.37 25.62
CA LEU E 1142 -27.52 -16.17 25.19
C LEU E 1142 -26.32 -15.87 26.08
N ARG E 1143 -26.48 -16.06 27.40
CA ARG E 1143 -25.35 -15.89 28.31
C ARG E 1143 -24.28 -16.94 28.06
N ARG E 1144 -24.69 -18.17 27.72
CA ARG E 1144 -23.74 -19.22 27.38
C ARG E 1144 -22.96 -18.88 26.12
N ILE E 1145 -23.64 -18.33 25.10
CA ILE E 1145 -22.98 -17.97 23.86
C ILE E 1145 -22.04 -16.78 24.08
N THR E 1146 -22.48 -15.78 24.85
CA THR E 1146 -21.64 -14.63 25.16
C THR E 1146 -20.45 -15.03 26.03
N ALA E 1147 -20.58 -16.11 26.81
CA ALA E 1147 -19.45 -16.63 27.57
C ALA E 1147 -18.35 -17.14 26.65
N SER E 1148 -18.73 -17.81 25.56
CA SER E 1148 -17.78 -18.22 24.55
C SER E 1148 -17.32 -17.01 23.74
N GLY E 1149 -16.04 -17.04 23.34
CA GLY E 1149 -15.50 -15.98 22.52
C GLY E 1149 -15.14 -14.70 23.26
N GLY E 1150 -14.82 -14.78 24.55
CA GLY E 1150 -14.42 -13.61 25.29
C GLY E 1150 -13.35 -13.97 26.31
N ARG E 1151 -12.73 -12.93 26.87
CA ARG E 1151 -11.72 -13.11 27.89
C ARG E 1151 -12.28 -12.96 29.30
N LEU E 1152 -13.20 -12.02 29.51
CA LEU E 1152 -13.90 -11.85 30.78
C LEU E 1152 -15.37 -12.16 30.56
N ASN E 1153 -15.93 -12.99 31.43
CA ASN E 1153 -17.29 -13.50 31.29
C ASN E 1153 -17.90 -13.62 32.67
N PRO E 1154 -19.22 -13.62 32.79
CA PRO E 1154 -19.85 -13.88 34.09
C PRO E 1154 -19.60 -15.30 34.56
N THR E 1155 -19.55 -15.45 35.89
CA THR E 1155 -19.26 -16.75 36.49
C THR E 1155 -20.43 -17.71 36.29
N GLU E 1156 -20.09 -18.98 36.11
CA GLU E 1156 -21.12 -20.01 35.92
C GLU E 1156 -22.10 -20.21 37.08
N PRO E 1157 -21.74 -20.17 38.38
CA PRO E 1157 -22.78 -20.40 39.39
C PRO E 1157 -23.72 -19.23 39.58
N LEU E 1158 -23.37 -18.04 39.06
CA LEU E 1158 -24.13 -16.79 39.15
C LEU E 1158 -24.47 -16.44 40.60
N PRO E 1159 -23.51 -15.98 41.39
CA PRO E 1159 -23.77 -15.69 42.81
C PRO E 1159 -24.70 -14.49 42.97
N ILE E 1160 -25.91 -14.77 43.49
CA ILE E 1160 -26.87 -13.70 43.74
C ILE E 1160 -26.46 -12.93 45.00
N PHE E 1161 -26.96 -11.69 45.09
CA PHE E 1161 -26.65 -10.73 46.15
C PHE E 1161 -25.14 -10.49 46.24
N GLY E 1162 -24.60 -9.90 45.17
CA GLY E 1162 -23.19 -9.61 45.10
C GLY E 1162 -22.88 -8.74 43.91
N GLY E 1163 -21.60 -8.43 43.77
CA GLY E 1163 -21.14 -7.59 42.68
C GLY E 1163 -20.95 -8.29 41.35
N LEU E 1164 -21.07 -9.62 41.32
CA LEU E 1164 -20.85 -10.45 40.12
C LEU E 1164 -19.46 -10.22 39.53
N ARG E 1165 -18.45 -10.59 40.30
CA ARG E 1165 -17.08 -10.46 39.86
C ARG E 1165 -16.80 -11.40 38.69
N PRO E 1166 -15.93 -11.00 37.76
CA PRO E 1166 -15.63 -11.85 36.60
C PRO E 1166 -14.85 -13.10 37.01
N ALA E 1167 -14.93 -14.11 36.14
CA ALA E 1167 -14.23 -15.36 36.38
C ALA E 1167 -12.73 -15.15 36.31
N THR E 1168 -11.99 -15.84 37.17
CA THR E 1168 -10.55 -15.62 37.28
C THR E 1168 -9.80 -16.38 36.20
N SER E 1169 -8.51 -16.06 36.10
CA SER E 1169 -7.57 -16.81 35.26
C SER E 1169 -6.17 -16.61 35.82
N ALA E 1170 -5.17 -17.02 35.04
CA ALA E 1170 -3.78 -16.74 35.40
C ALA E 1170 -3.39 -15.37 34.88
N GLY E 1171 -2.09 -15.10 34.82
CA GLY E 1171 -1.63 -13.77 34.44
C GLY E 1171 -1.99 -13.41 33.02
N ILE E 1172 -2.71 -12.29 32.87
CA ILE E 1172 -2.89 -11.69 31.56
C ILE E 1172 -1.53 -11.24 31.05
N ALA E 1173 -1.18 -11.69 29.84
CA ALA E 1173 0.21 -11.93 29.45
C ALA E 1173 1.06 -10.66 29.45
N ARG E 1174 0.42 -9.48 29.45
CA ARG E 1174 1.20 -8.25 29.41
C ARG E 1174 0.63 -7.12 30.25
N GLY E 1175 -0.38 -7.36 31.08
CA GLY E 1175 -0.89 -6.35 31.98
C GLY E 1175 -2.41 -6.31 32.02
N GLN E 1176 -2.92 -5.26 32.67
CA GLN E 1176 -4.35 -5.13 32.88
C GLN E 1176 -5.06 -4.82 31.57
N ALA E 1177 -6.09 -5.61 31.28
CA ALA E 1177 -6.82 -5.47 30.02
C ALA E 1177 -7.77 -4.28 30.06
N SER E 1178 -8.09 -3.78 28.88
CA SER E 1178 -9.01 -2.66 28.72
C SER E 1178 -10.27 -3.15 28.03
N VAL E 1179 -11.42 -2.70 28.52
CA VAL E 1179 -12.71 -3.12 28.00
C VAL E 1179 -12.96 -2.49 26.64
N CYS E 1180 -13.91 -3.06 25.89
CA CYS E 1180 -14.32 -2.53 24.60
C CYS E 1180 -15.84 -2.55 24.54
N GLU E 1181 -16.45 -1.39 24.74
CA GLU E 1181 -17.89 -1.23 24.71
C GLU E 1181 -18.33 -0.77 23.32
N PHE E 1182 -19.41 -1.36 22.81
CA PHE E 1182 -19.83 -1.18 21.43
C PHE E 1182 -20.94 -0.13 21.35
N VAL E 1183 -20.84 0.74 20.35
CA VAL E 1183 -21.89 1.70 20.00
C VAL E 1183 -22.18 1.53 18.52
N ALA E 1184 -23.47 1.48 18.17
CA ALA E 1184 -23.86 1.19 16.80
C ALA E 1184 -24.21 2.48 16.04
N MET E 1185 -23.95 2.44 14.73
CA MET E 1185 -24.36 3.49 13.81
C MET E 1185 -24.61 2.84 12.45
N PRO E 1186 -25.35 3.51 11.55
CA PRO E 1186 -25.52 2.95 10.21
C PRO E 1186 -24.21 2.83 9.45
N VAL E 1187 -24.16 1.86 8.54
CA VAL E 1187 -22.96 1.61 7.75
C VAL E 1187 -22.65 2.77 6.83
N SER E 1188 -23.65 3.60 6.53
CA SER E 1188 -23.44 4.84 5.79
C SER E 1188 -23.12 5.93 6.80
N THR E 1189 -21.83 6.16 7.00
CA THR E 1189 -21.33 7.10 7.99
C THR E 1189 -20.11 7.80 7.39
N ASP E 1190 -19.96 9.09 7.68
CA ASP E 1190 -18.80 9.85 7.19
C ASP E 1190 -17.53 9.32 7.85
N LEU E 1191 -16.65 8.69 7.06
CA LEU E 1191 -15.45 8.11 7.63
C LEU E 1191 -14.40 9.15 7.99
N GLN E 1192 -14.32 10.24 7.23
CA GLN E 1192 -13.32 11.27 7.50
C GLN E 1192 -13.60 12.02 8.79
N TYR E 1193 -14.81 11.90 9.34
CA TYR E 1193 -15.10 12.41 10.67
C TYR E 1193 -14.25 11.70 11.72
N PHE E 1194 -14.16 10.37 11.65
CA PHE E 1194 -13.39 9.61 12.62
C PHE E 1194 -11.89 9.74 12.41
N ARG E 1195 -11.44 10.12 11.22
CA ARG E 1195 -10.00 10.28 10.96
C ARG E 1195 -9.41 11.47 11.69
N THR E 1196 -10.24 12.41 12.13
CA THR E 1196 -9.76 13.56 12.90
C THR E 1196 -10.19 13.42 14.35
N ALA E 1197 -9.96 14.45 15.15
CA ALA E 1197 -10.39 14.46 16.55
C ALA E 1197 -11.91 14.48 16.57
N CYS E 1198 -12.51 13.36 16.94
CA CYS E 1198 -13.95 13.16 16.84
C CYS E 1198 -14.54 12.79 18.19
N ASN E 1199 -15.82 13.12 18.36
CA ASN E 1199 -16.60 12.88 19.55
C ASN E 1199 -17.17 11.46 19.53
N PRO E 1200 -17.12 10.74 20.66
CA PRO E 1200 -17.70 9.38 20.69
C PRO E 1200 -19.20 9.34 20.44
N ARG E 1201 -19.93 10.37 20.88
CA ARG E 1201 -21.37 10.42 20.63
C ARG E 1201 -21.67 10.58 19.15
N GLY E 1202 -20.87 11.37 18.44
CA GLY E 1202 -21.15 11.75 17.08
C GLY E 1202 -21.43 13.23 16.89
N ARG E 1203 -21.43 14.00 17.97
CA ARG E 1203 -21.60 15.45 17.90
C ARG E 1203 -20.97 16.06 19.14
N ALA E 1204 -19.99 16.94 18.95
CA ALA E 1204 -19.41 17.68 20.06
C ALA E 1204 -20.37 18.76 20.51
N SER E 1205 -20.45 18.98 21.82
CA SER E 1205 -21.43 19.90 22.39
C SER E 1205 -20.97 20.29 23.79
N GLU E 1325 -13.88 14.25 23.99
CA GLU E 1325 -13.10 13.89 22.83
C GLU E 1325 -12.29 12.64 23.11
N ALA E 1326 -12.50 11.62 22.29
CA ALA E 1326 -11.72 10.39 22.35
C ALA E 1326 -10.77 10.36 21.16
N TYR E 1327 -9.50 10.18 21.42
CA TYR E 1327 -8.51 10.17 20.35
C TYR E 1327 -8.47 8.80 19.68
N PRO E 1328 -8.70 8.72 18.38
CA PRO E 1328 -8.55 7.43 17.69
C PRO E 1328 -7.09 7.14 17.40
N PRO E 1329 -6.63 5.94 17.70
CA PRO E 1329 -5.28 5.53 17.32
C PRO E 1329 -5.22 5.01 15.89
N LEU E 1330 -4.01 4.66 15.46
CA LEU E 1330 -3.79 4.17 14.11
C LEU E 1330 -4.46 2.82 13.94
N CYS E 1331 -5.10 2.63 12.78
CA CYS E 1331 -5.84 1.41 12.54
C CYS E 1331 -6.02 1.21 11.04
N SER E 1332 -6.35 -0.03 10.69
CA SER E 1332 -6.86 -0.38 9.37
C SER E 1332 -7.94 -1.44 9.54
N SER E 1333 -8.90 -1.44 8.63
CA SER E 1333 -9.94 -2.45 8.64
C SER E 1333 -9.62 -3.62 7.70
N ASP E 1334 -8.39 -3.67 7.19
CA ASP E 1334 -7.88 -4.83 6.46
C ASP E 1334 -6.49 -5.14 6.97
N ALA E 1335 -6.09 -6.41 6.89
CA ALA E 1335 -4.78 -6.82 7.37
C ALA E 1335 -3.67 -6.25 6.49
N ALA E 1336 -3.91 -6.16 5.18
CA ALA E 1336 -2.86 -5.76 4.24
C ALA E 1336 -2.44 -4.32 4.45
N MET E 1337 -3.42 -3.42 4.64
CA MET E 1337 -3.09 -2.01 4.82
C MET E 1337 -2.40 -1.77 6.16
N LEU E 1338 -2.68 -2.61 7.16
CA LEU E 1338 -2.01 -2.46 8.45
C LEU E 1338 -0.54 -2.85 8.36
N ARG E 1339 -0.23 -3.92 7.62
CA ARG E 1339 1.17 -4.34 7.51
C ARG E 1339 1.92 -3.51 6.49
N THR E 1340 1.21 -2.83 5.59
CA THR E 1340 1.86 -1.82 4.76
C THR E 1340 1.85 -0.45 5.42
N ALA E 1341 1.17 -0.32 6.57
CA ALA E 1341 1.07 0.96 7.26
C ALA E 1341 2.30 1.30 8.09
N HIS E 1342 3.39 0.55 7.91
CA HIS E 1342 4.64 0.91 8.58
C HIS E 1342 5.45 1.91 7.76
N ALA E 1343 4.77 2.66 6.88
CA ALA E 1343 5.39 3.51 5.86
C ALA E 1343 6.34 2.69 4.99
N GLY E 1344 5.80 1.71 4.27
CA GLY E 1344 6.60 0.80 3.46
C GLY E 1344 7.37 1.49 2.36
N GLU E 1345 6.68 1.95 1.33
CA GLU E 1345 7.30 2.87 0.36
C GLU E 1345 7.02 4.31 0.78
N THR E 1346 7.28 4.57 2.07
CA THR E 1346 6.56 5.57 2.86
C THR E 1346 5.08 5.54 2.53
N GLY E 1347 4.51 4.34 2.56
CA GLY E 1347 3.24 4.07 1.93
C GLY E 1347 2.03 4.33 2.77
N ALA E 1348 1.26 5.36 2.39
CA ALA E 1348 0.02 5.70 3.07
C ALA E 1348 -1.16 5.32 2.18
N ASP E 1349 -1.73 4.14 2.44
CA ASP E 1349 -2.96 3.71 1.80
C ASP E 1349 -4.12 4.12 2.70
N GLU E 1350 -5.11 4.79 2.13
CA GLU E 1350 -6.23 5.31 2.90
C GLU E 1350 -7.48 4.47 2.76
N VAL E 1351 -7.91 4.21 1.53
CA VAL E 1351 -8.94 3.23 1.22
C VAL E 1351 -8.49 2.48 -0.03
N HIS E 1352 -8.69 1.17 -0.06
CA HIS E 1352 -8.30 0.41 -1.24
C HIS E 1352 -9.50 0.09 -2.13
N LEU E 1353 -10.47 -0.67 -1.61
CA LEU E 1353 -11.76 -0.71 -2.28
C LEU E 1353 -12.88 -0.28 -1.32
N ALA E 1354 -13.06 -0.98 -0.22
CA ALA E 1354 -14.07 -0.60 0.78
C ALA E 1354 -13.56 -0.66 2.20
N GLN E 1355 -12.54 -1.47 2.50
CA GLN E 1355 -11.89 -1.44 3.79
C GLN E 1355 -11.01 -0.19 3.88
N TYR E 1356 -10.82 0.29 5.11
CA TYR E 1356 -10.26 1.63 5.28
C TYR E 1356 -9.10 1.59 6.25
N LEU E 1357 -8.24 2.62 6.15
CA LEU E 1357 -7.16 2.84 7.10
C LEU E 1357 -7.36 4.25 7.66
N ILE E 1358 -7.24 4.38 8.98
CA ILE E 1358 -7.31 5.68 9.64
C ILE E 1358 -5.93 5.98 10.23
N ARG E 1359 -5.35 7.11 9.82
CA ARG E 1359 -4.07 7.52 10.36
C ARG E 1359 -4.21 7.94 11.82
N ASP E 1360 -3.10 7.89 12.54
CA ASP E 1360 -3.13 8.04 13.99
C ASP E 1360 -3.46 9.46 14.39
N ALA E 1361 -4.53 9.64 15.15
CA ALA E 1361 -4.89 10.92 15.73
C ALA E 1361 -4.67 10.96 17.24
N SER E 1362 -4.16 9.89 17.83
CA SER E 1362 -3.88 9.86 19.25
C SER E 1362 -2.65 10.71 19.58
N PRO E 1363 -2.51 11.14 20.84
CA PRO E 1363 -1.27 11.80 21.25
C PRO E 1363 -0.04 10.91 21.15
N LEU E 1364 -0.20 9.60 21.12
CA LEU E 1364 0.93 8.68 20.99
C LEU E 1364 1.28 8.51 19.51
N ARG E 1365 1.87 9.56 18.94
CA ARG E 1365 2.16 9.59 17.51
C ARG E 1365 3.54 9.01 17.22
N GLY E 1366 4.56 9.50 17.92
CA GLY E 1366 5.91 9.01 17.71
C GLY E 1366 6.35 7.97 18.73
N CYS E 1367 5.39 7.43 19.47
CA CYS E 1367 5.65 6.48 20.54
C CYS E 1367 5.19 5.08 20.11
N LEU E 1368 5.33 4.13 21.04
CA LEU E 1368 4.89 2.74 20.94
C LEU E 1368 5.46 2.06 19.69
N PRO E 1369 6.75 1.70 19.70
CA PRO E 1369 7.37 1.14 18.48
C PRO E 1369 6.75 -0.19 18.07
N LEU E 1370 6.70 -0.40 16.76
CA LEU E 1370 6.04 -1.57 16.19
C LEU E 1370 7.05 -2.66 15.85
N ALA F 1 -3.60 9.23 72.64
CA ALA F 1 -2.62 10.28 72.89
C ALA F 1 -3.24 11.66 72.68
N MET F 2 -3.19 12.16 71.45
CA MET F 2 -3.71 13.46 71.10
C MET F 2 -5.08 13.31 70.44
N PRO F 3 -5.95 14.33 70.57
CA PRO F 3 -7.17 14.35 69.76
C PRO F 3 -6.85 14.39 68.27
N PHE F 4 -7.67 13.73 67.48
CA PHE F 4 -7.48 13.67 66.03
C PHE F 4 -8.25 14.80 65.37
N GLU F 5 -7.57 15.93 65.17
CA GLU F 5 -8.20 17.03 64.45
C GLU F 5 -8.21 16.74 62.95
N ILE F 6 -9.23 17.25 62.28
CA ILE F 6 -9.30 17.22 60.82
C ILE F 6 -9.61 18.64 60.35
N GLU F 7 -8.77 19.17 59.47
CA GLU F 7 -9.06 20.44 58.81
C GLU F 7 -9.44 20.11 57.36
N VAL F 8 -10.54 20.69 56.91
CA VAL F 8 -11.00 20.56 55.53
C VAL F 8 -11.02 21.94 54.92
N LEU F 9 -10.38 22.09 53.77
CA LEU F 9 -10.20 23.40 53.14
C LEU F 9 -11.50 23.79 52.44
N LEU F 10 -12.20 24.77 53.00
CA LEU F 10 -13.38 25.29 52.35
C LEU F 10 -12.99 26.03 51.08
N PRO F 11 -13.69 25.77 49.96
CA PRO F 11 -13.27 26.36 48.67
C PRO F 11 -13.34 27.87 48.62
N GLY F 12 -14.34 28.48 49.25
CA GLY F 12 -14.39 29.93 49.37
C GLY F 12 -15.10 30.67 48.26
N GLU F 13 -15.46 30.01 47.16
CA GLU F 13 -16.27 30.65 46.13
C GLU F 13 -17.76 30.35 46.29
N LEU F 14 -18.16 29.75 47.41
CA LEU F 14 -19.57 29.64 47.73
C LEU F 14 -20.13 31.03 48.09
N SER F 15 -21.44 31.16 47.96
CA SER F 15 -22.10 32.40 48.32
C SER F 15 -22.09 32.58 49.83
N PRO F 16 -22.09 33.83 50.32
CA PRO F 16 -22.19 34.06 51.77
C PRO F 16 -23.47 33.52 52.40
N ALA F 17 -24.54 33.36 51.62
CA ALA F 17 -25.77 32.76 52.14
C ALA F 17 -25.58 31.30 52.53
N GLU F 18 -24.86 30.51 51.74
CA GLU F 18 -24.54 29.14 52.10
C GLU F 18 -23.48 29.03 53.18
N THR F 19 -22.71 30.10 53.40
CA THR F 19 -21.76 30.13 54.50
C THR F 19 -22.49 30.03 55.85
N SER F 20 -23.60 30.74 55.99
CA SER F 20 -24.42 30.58 57.18
C SER F 20 -25.11 29.21 57.22
N ALA F 21 -25.39 28.63 56.05
CA ALA F 21 -25.96 27.29 56.00
C ALA F 21 -24.97 26.25 56.50
N LEU F 22 -23.67 26.52 56.36
CA LEU F 22 -22.68 25.64 56.99
C LEU F 22 -22.33 26.11 58.40
N GLN F 23 -22.67 27.34 58.75
CA GLN F 23 -22.59 27.76 60.15
C GLN F 23 -23.62 27.02 61.00
N LYS F 24 -24.80 26.74 60.43
CA LYS F 24 -25.82 26.05 61.20
C LYS F 24 -25.56 24.55 61.27
N CYS F 25 -24.63 24.04 60.47
CA CYS F 25 -24.21 22.64 60.56
C CYS F 25 -22.89 22.52 61.32
N GLU F 26 -22.96 22.76 62.63
CA GLU F 26 -21.76 22.65 63.46
C GLU F 26 -21.70 21.36 64.27
N GLY F 27 -22.73 20.52 64.22
CA GLY F 27 -22.78 19.36 65.08
C GLY F 27 -23.32 18.11 64.42
N LYS F 28 -23.06 17.95 63.13
CA LYS F 28 -23.55 16.79 62.40
C LYS F 28 -22.40 15.84 62.07
N ILE F 29 -22.76 14.68 61.51
CA ILE F 29 -21.83 13.58 61.31
C ILE F 29 -21.44 13.51 59.84
N ILE F 30 -20.15 13.39 59.57
CA ILE F 30 -19.63 13.17 58.23
C ILE F 30 -18.75 11.92 58.24
N THR F 31 -18.58 11.32 57.08
CA THR F 31 -17.78 10.10 56.96
C THR F 31 -16.56 10.34 56.08
N PHE F 32 -15.51 9.58 56.37
CA PHE F 32 -14.25 9.63 55.61
C PHE F 32 -13.98 8.27 55.00
N SER F 33 -13.12 8.27 53.99
CA SER F 33 -12.67 7.03 53.37
C SER F 33 -11.47 6.45 54.10
N THR F 34 -10.38 7.20 54.19
CA THR F 34 -9.14 6.73 54.82
C THR F 34 -8.60 7.73 55.84
N LEU F 35 -9.49 8.37 56.60
CA LEU F 35 -9.16 9.39 57.59
C LEU F 35 -8.33 10.53 57.02
N ARG F 36 -7.09 10.67 57.52
CA ARG F 36 -6.12 11.72 57.22
C ARG F 36 -6.57 13.08 57.74
N HIS F 37 -5.60 13.93 58.10
CA HIS F 37 -5.93 15.28 58.55
C HIS F 37 -6.46 16.13 57.41
N ARG F 38 -5.78 16.10 56.27
CA ARG F 38 -6.19 16.91 55.12
C ARG F 38 -7.14 16.11 54.24
N ALA F 39 -8.25 16.74 53.88
CA ALA F 39 -9.20 16.18 52.94
C ALA F 39 -9.92 17.32 52.24
N SER F 40 -10.56 17.00 51.12
CA SER F 40 -11.31 17.97 50.35
C SER F 40 -12.79 17.88 50.70
N LEU F 41 -13.54 18.90 50.30
CA LEU F 41 -14.99 18.87 50.47
C LEU F 41 -15.64 17.83 49.59
N VAL F 42 -15.02 17.50 48.46
CA VAL F 42 -15.58 16.47 47.56
C VAL F 42 -15.44 15.09 48.18
N ASP F 43 -14.47 14.90 49.07
CA ASP F 43 -14.26 13.59 49.70
C ASP F 43 -15.38 13.21 50.66
N ILE F 44 -16.08 14.19 51.25
CA ILE F 44 -17.21 13.91 52.13
C ILE F 44 -18.54 13.96 51.40
N ALA F 45 -18.56 14.36 50.13
CA ALA F 45 -19.80 14.55 49.40
C ALA F 45 -20.35 13.22 48.93
N LEU F 46 -21.50 13.28 48.25
CA LEU F 46 -22.14 12.09 47.70
C LEU F 46 -21.35 11.46 46.56
N SER F 47 -20.40 12.19 45.96
CA SER F 47 -19.58 11.62 44.90
C SER F 47 -18.74 10.46 45.39
N SER F 48 -18.24 10.55 46.62
CA SER F 48 -17.55 9.43 47.25
C SER F 48 -18.50 8.28 47.55
N TYR F 49 -19.80 8.54 47.64
CA TYR F 49 -20.79 7.51 47.94
C TYR F 49 -21.29 6.80 46.70
N TYR F 50 -20.81 7.19 45.52
CA TYR F 50 -21.26 6.54 44.29
C TYR F 50 -20.57 5.19 44.14
N ILE F 51 -21.37 4.15 43.97
CA ILE F 51 -20.86 2.78 43.93
C ILE F 51 -20.63 2.31 42.50
N ASN F 52 -21.31 2.90 41.53
CA ASN F 52 -21.17 2.51 40.13
C ASN F 52 -21.25 3.75 39.25
N GLY F 53 -20.85 4.89 39.79
CA GLY F 53 -21.02 6.16 39.09
C GLY F 53 -22.46 6.63 39.14
N ALA F 54 -23.22 6.09 40.08
CA ALA F 54 -24.64 6.37 40.27
C ALA F 54 -24.87 6.64 41.74
N PRO F 55 -25.90 7.41 42.07
CA PRO F 55 -26.28 7.58 43.49
C PRO F 55 -26.65 6.25 44.12
N PRO F 56 -26.19 6.01 45.34
CA PRO F 56 -26.33 4.67 45.93
C PRO F 56 -27.76 4.34 46.32
N ASP F 57 -28.04 3.04 46.39
CA ASP F 57 -29.27 2.55 46.99
C ASP F 57 -29.19 2.69 48.51
N THR F 58 -30.27 2.30 49.20
CA THR F 58 -30.27 2.41 50.65
C THR F 58 -29.30 1.43 51.29
N LEU F 59 -29.35 0.15 50.91
CA LEU F 59 -28.52 -0.87 51.55
C LEU F 59 -27.04 -0.65 51.25
N SER F 60 -26.72 -0.23 50.02
CA SER F 60 -25.35 0.11 49.68
C SER F 60 -24.81 1.21 50.58
N LEU F 61 -25.69 2.12 50.99
CA LEU F 61 -25.26 3.12 51.97
C LEU F 61 -25.20 2.52 53.38
N LEU F 62 -25.87 1.39 53.64
CA LEU F 62 -25.65 0.71 54.93
C LEU F 62 -24.25 0.13 55.02
N GLU F 63 -23.78 -0.61 54.01
CA GLU F 63 -22.37 -1.03 54.11
C GLU F 63 -21.40 0.11 53.80
N ALA F 64 -21.89 1.24 53.26
CA ALA F 64 -21.05 2.42 53.24
C ALA F 64 -20.80 2.94 54.65
N TYR F 65 -21.86 3.10 55.44
CA TYR F 65 -21.69 3.56 56.83
C TYR F 65 -20.95 2.53 57.68
N ARG F 66 -21.15 1.25 57.41
CA ARG F 66 -20.41 0.23 58.16
C ARG F 66 -18.94 0.20 57.76
N MET F 67 -18.66 0.38 56.47
CA MET F 67 -17.30 0.28 55.95
C MET F 67 -16.47 1.52 56.28
N ARG F 68 -17.04 2.71 56.16
CA ARG F 68 -16.29 3.95 56.30
C ARG F 68 -16.10 4.32 57.76
N PHE F 69 -15.56 5.53 57.97
CA PHE F 69 -15.10 5.98 59.27
C PHE F 69 -15.86 7.24 59.66
N ALA F 70 -16.43 7.24 60.86
CA ALA F 70 -17.30 8.33 61.29
C ALA F 70 -16.49 9.51 61.81
N ALA F 71 -17.03 10.71 61.61
CA ALA F 71 -16.43 11.94 62.10
C ALA F 71 -17.53 12.93 62.40
N VAL F 72 -17.28 13.79 63.39
CA VAL F 72 -18.24 14.80 63.82
C VAL F 72 -17.65 16.18 63.59
N ILE F 73 -18.48 17.09 63.07
CA ILE F 73 -18.07 18.48 62.87
C ILE F 73 -17.95 19.15 64.22
N THR F 74 -16.87 19.90 64.42
CA THR F 74 -16.62 20.58 65.69
C THR F 74 -16.69 22.10 65.57
N ARG F 75 -15.90 22.70 64.67
CA ARG F 75 -15.90 24.15 64.51
C ARG F 75 -16.02 24.48 63.03
N VAL F 76 -16.86 25.47 62.71
CA VAL F 76 -17.00 25.94 61.34
C VAL F 76 -16.68 27.43 61.29
N ILE F 77 -15.44 27.77 60.95
CA ILE F 77 -15.05 29.16 60.73
C ILE F 77 -15.06 29.38 59.22
N PRO F 78 -15.14 30.63 58.73
CA PRO F 78 -15.06 30.85 57.28
C PRO F 78 -13.72 30.45 56.68
N GLY F 79 -13.74 29.48 55.77
CA GLY F 79 -12.54 29.01 55.10
C GLY F 79 -11.98 27.70 55.61
N LYS F 80 -12.32 27.30 56.84
CA LYS F 80 -11.80 26.07 57.44
C LYS F 80 -12.97 25.24 57.96
N LEU F 81 -12.80 23.92 57.98
CA LEU F 81 -13.78 23.03 58.56
C LEU F 81 -13.08 22.10 59.54
N LEU F 82 -13.51 22.12 60.79
CA LEU F 82 -12.85 21.39 61.87
C LEU F 82 -13.67 20.16 62.22
N ALA F 83 -13.00 19.02 62.36
CA ALA F 83 -13.68 17.76 62.67
C ALA F 83 -12.81 16.92 63.59
N HIS F 84 -13.46 15.95 64.25
CA HIS F 84 -12.78 15.02 65.14
C HIS F 84 -13.10 13.60 64.73
N ALA F 85 -12.19 12.69 65.02
CA ALA F 85 -12.40 11.28 64.72
C ALA F 85 -13.29 10.63 65.77
N ILE F 86 -14.21 9.79 65.31
CA ILE F 86 -15.17 9.08 66.16
C ILE F 86 -14.98 7.59 65.97
N GLY F 87 -14.80 6.88 67.09
CA GLY F 87 -14.67 5.43 67.05
C GLY F 87 -13.28 4.91 66.84
N VAL F 88 -12.33 5.76 66.43
CA VAL F 88 -10.94 5.34 66.29
C VAL F 88 -10.35 5.07 67.67
N GLY F 89 -10.73 5.85 68.67
CA GLY F 89 -10.25 5.66 70.03
C GLY F 89 -9.39 6.80 70.54
N THR F 90 -9.20 7.86 69.76
CA THR F 90 -8.46 9.00 70.25
C THR F 90 -9.26 9.72 71.33
N PRO F 91 -8.60 10.29 72.34
CA PRO F 91 -9.34 11.04 73.36
C PRO F 91 -9.57 12.47 72.92
N THR F 92 -10.85 12.83 72.82
CA THR F 92 -11.28 14.18 72.45
C THR F 92 -12.18 14.71 73.54
N PRO F 93 -11.80 15.78 74.24
CA PRO F 93 -12.65 16.30 75.33
C PRO F 93 -13.80 17.14 74.79
N GLY F 94 -14.97 17.00 75.43
CA GLY F 94 -16.08 17.90 75.20
C GLY F 94 -16.71 17.83 73.83
N LEU F 95 -17.46 16.77 73.56
CA LEU F 95 -18.14 16.65 72.28
C LEU F 95 -19.50 17.33 72.33
N PHE F 96 -20.05 17.59 71.15
CA PHE F 96 -21.44 18.04 71.05
C PHE F 96 -21.97 17.61 69.69
N ILE F 97 -23.22 17.14 69.67
CA ILE F 97 -23.89 16.77 68.43
C ILE F 97 -25.28 17.38 68.43
N GLN F 98 -25.85 17.50 67.23
CA GLN F 98 -27.24 17.87 67.05
C GLN F 98 -28.00 16.63 66.60
N ASN F 99 -29.07 16.30 67.31
CA ASN F 99 -29.88 15.15 66.93
C ASN F 99 -30.71 15.50 65.70
N THR F 100 -30.43 14.80 64.59
CA THR F 100 -31.15 14.99 63.34
C THR F 100 -32.42 14.17 63.27
N SER F 101 -32.64 13.29 64.25
CA SER F 101 -33.84 12.46 64.27
C SER F 101 -35.07 13.32 64.53
N PRO F 102 -36.25 12.91 64.04
CA PRO F 102 -37.48 13.62 64.36
C PRO F 102 -38.01 13.35 65.76
N VAL F 103 -37.41 12.43 66.51
CA VAL F 103 -37.90 12.04 67.81
C VAL F 103 -37.08 12.73 68.90
N ASP F 104 -37.66 12.77 70.09
CA ASP F 104 -37.00 13.34 71.25
C ASP F 104 -35.89 12.40 71.74
N LEU F 105 -34.86 13.01 72.35
CA LEU F 105 -33.73 12.28 72.87
C LEU F 105 -33.61 12.51 74.38
N CYS F 106 -33.56 11.44 75.14
CA CYS F 106 -33.39 11.51 76.59
C CYS F 106 -31.95 11.22 76.97
N ASN F 107 -31.58 11.65 78.18
CA ASN F 107 -30.22 11.44 78.67
C ASN F 107 -29.99 9.96 78.96
N GLY F 108 -28.76 9.51 78.72
CA GLY F 108 -28.39 8.13 78.95
C GLY F 108 -28.73 7.17 77.83
N ASP F 109 -29.37 7.65 76.77
CA ASP F 109 -29.68 6.79 75.63
C ASP F 109 -28.43 6.54 74.79
N TYR F 110 -28.59 5.77 73.73
CA TYR F 110 -27.50 5.51 72.80
C TYR F 110 -27.80 6.18 71.46
N ILE F 111 -26.87 6.01 70.52
CA ILE F 111 -26.99 6.58 69.18
C ILE F 111 -26.64 5.50 68.16
N CYS F 112 -27.53 5.29 67.20
CA CYS F 112 -27.26 4.48 66.02
C CYS F 112 -27.35 5.37 64.79
N LEU F 113 -26.76 4.93 63.69
CA LEU F 113 -26.75 5.68 62.44
C LEU F 113 -27.43 4.88 61.34
N LEU F 114 -28.40 5.50 60.68
CA LEU F 114 -29.08 4.92 59.53
C LEU F 114 -29.35 6.02 58.51
N PRO F 115 -29.37 5.67 57.23
CA PRO F 115 -29.55 6.69 56.18
C PRO F 115 -30.95 7.28 56.19
N PRO F 116 -31.11 8.49 55.64
CA PRO F 116 -32.45 9.09 55.57
C PRO F 116 -33.39 8.30 54.67
N VAL F 117 -34.57 8.02 55.21
CA VAL F 117 -35.61 7.30 54.48
C VAL F 117 -36.89 8.12 54.57
N TYR F 118 -36.75 9.40 54.93
CA TYR F 118 -37.89 10.28 55.17
C TYR F 118 -38.02 11.34 54.07
N GLY F 119 -37.36 11.14 52.95
CA GLY F 119 -37.47 12.04 51.83
C GLY F 119 -36.35 13.04 51.65
N SER F 120 -35.17 12.79 52.23
CA SER F 120 -33.98 13.65 52.13
C SER F 120 -34.29 15.06 52.65
N ALA F 121 -34.54 15.14 53.95
CA ALA F 121 -35.04 16.38 54.56
C ALA F 121 -34.00 17.49 54.53
N ASP F 122 -32.78 17.22 54.99
CA ASP F 122 -31.76 18.27 55.06
C ASP F 122 -31.29 18.68 53.66
N SER F 123 -30.62 17.75 52.97
CA SER F 123 -30.17 17.90 51.58
C SER F 123 -29.39 19.19 51.36
N ILE F 124 -28.23 19.28 52.02
CA ILE F 124 -27.40 20.48 51.91
C ILE F 124 -26.81 20.55 50.51
N ARG F 125 -27.26 21.54 49.74
CA ARG F 125 -26.92 21.67 48.32
C ARG F 125 -26.01 22.87 48.13
N LEU F 126 -24.88 22.65 47.49
CA LEU F 126 -23.93 23.70 47.11
C LEU F 126 -23.93 23.81 45.59
N ASP F 127 -24.69 24.78 45.06
CA ASP F 127 -24.70 25.01 43.62
C ASP F 127 -23.43 25.68 43.14
N SER F 128 -22.74 26.40 44.02
CA SER F 128 -21.50 27.08 43.63
C SER F 128 -20.41 26.06 43.30
N VAL F 129 -20.25 25.04 44.14
CA VAL F 129 -19.28 24.00 43.84
C VAL F 129 -19.89 22.93 42.95
N GLY F 130 -21.09 22.46 43.29
CA GLY F 130 -21.75 21.46 42.47
C GLY F 130 -21.78 20.07 43.06
N LEU F 131 -21.82 19.97 44.38
CA LEU F 131 -21.92 18.69 45.07
C LEU F 131 -23.09 18.71 46.05
N GLU F 132 -23.43 17.52 46.55
CA GLU F 132 -24.52 17.33 47.49
C GLU F 132 -23.94 16.81 48.80
N ILE F 133 -24.55 17.21 49.91
CA ILE F 133 -24.16 16.77 51.25
C ILE F 133 -25.38 16.18 51.94
N VAL F 134 -25.23 14.97 52.48
CA VAL F 134 -26.28 14.30 53.23
C VAL F 134 -25.76 14.03 54.62
N PHE F 135 -26.66 13.78 55.57
CA PHE F 135 -26.25 13.53 56.94
C PHE F 135 -26.95 12.30 57.50
N PRO F 136 -26.29 11.50 58.32
CA PRO F 136 -26.95 10.33 58.91
C PRO F 136 -27.91 10.75 60.02
N LEU F 137 -28.79 9.80 60.38
CA LEU F 137 -29.76 10.03 61.43
C LEU F 137 -29.27 9.45 62.75
N THR F 138 -29.42 10.23 63.82
CA THR F 138 -29.02 9.81 65.16
C THR F 138 -30.23 9.20 65.85
N ILE F 139 -30.37 7.89 65.72
CA ILE F 139 -31.50 7.13 66.26
C ILE F 139 -31.03 6.38 67.50
N PRO F 140 -31.81 6.33 68.57
CA PRO F 140 -31.39 5.58 69.76
C PRO F 140 -31.55 4.08 69.56
N GLN F 141 -30.96 3.33 70.49
CA GLN F 141 -31.28 1.91 70.57
C GLN F 141 -32.70 1.74 71.10
N THR F 142 -33.23 0.53 70.88
CA THR F 142 -34.62 0.15 71.09
C THR F 142 -35.60 1.01 70.28
N LEU F 143 -35.10 1.69 69.25
CA LEU F 143 -35.94 2.42 68.31
C LEU F 143 -35.60 1.95 66.90
N MET F 144 -34.37 1.45 66.73
CA MET F 144 -33.88 1.11 65.40
C MET F 144 -34.66 -0.03 64.77
N ARG F 145 -34.93 -1.09 65.55
CA ARG F 145 -35.45 -2.33 64.99
C ARG F 145 -36.86 -2.16 64.44
N GLU F 146 -37.75 -1.56 65.22
CA GLU F 146 -39.12 -1.38 64.75
C GLU F 146 -39.22 -0.35 63.64
N ILE F 147 -38.35 0.67 63.66
CA ILE F 147 -38.39 1.67 62.59
C ILE F 147 -37.89 1.09 61.26
N ILE F 148 -36.82 0.28 61.30
CA ILE F 148 -36.38 -0.34 60.06
C ILE F 148 -37.40 -1.39 59.60
N ALA F 149 -38.07 -2.07 60.55
CA ALA F 149 -39.14 -3.00 60.19
C ALA F 149 -40.29 -2.28 59.50
N LYS F 150 -40.66 -1.09 59.99
CA LYS F 150 -41.74 -0.35 59.35
C LYS F 150 -41.36 0.30 58.03
N VAL F 151 -40.11 0.75 57.85
CA VAL F 151 -39.78 1.32 56.54
C VAL F 151 -39.70 0.20 55.49
N VAL F 152 -39.17 -0.97 55.87
CA VAL F 152 -39.16 -2.06 54.89
C VAL F 152 -40.58 -2.60 54.72
N ALA F 153 -41.43 -2.48 55.73
CA ALA F 153 -42.82 -2.92 55.59
C ALA F 153 -43.59 -2.00 54.65
N ARG F 154 -43.45 -0.68 54.83
CA ARG F 154 -44.09 0.26 53.93
C ARG F 154 -43.53 0.14 52.52
N ALA F 155 -42.29 -0.32 52.39
CA ALA F 155 -41.78 -0.68 51.07
C ALA F 155 -42.46 -1.94 50.53
N VAL F 156 -42.86 -2.86 51.42
CA VAL F 156 -43.48 -4.11 50.97
C VAL F 156 -44.90 -3.85 50.45
N GLU F 157 -45.78 -3.24 51.27
CA GLU F 157 -47.08 -2.89 50.70
C GLU F 157 -47.06 -1.52 50.01
N ASP F 158 -45.88 -0.99 49.71
CA ASP F 158 -45.81 0.15 48.80
C ASP F 158 -46.01 -0.28 47.35
N LEU F 159 -45.86 -1.56 47.05
CA LEU F 159 -46.03 -2.07 45.69
C LEU F 159 -47.35 -2.83 45.57
N ASN F 160 -38.75 6.26 46.97
CA ASN F 160 -38.86 4.82 47.13
C ASN F 160 -37.76 4.22 46.27
N LEU F 161 -36.61 3.94 46.90
CA LEU F 161 -35.42 3.47 46.21
C LEU F 161 -34.89 2.17 46.82
N MET F 162 -35.60 1.60 47.79
CA MET F 162 -35.16 0.40 48.50
C MET F 162 -35.75 -0.88 47.91
N PHE F 163 -35.96 -0.89 46.58
CA PHE F 163 -36.38 -2.09 45.86
C PHE F 163 -35.44 -3.27 46.05
N SER F 164 -34.13 -3.03 46.16
CA SER F 164 -33.18 -4.12 46.31
C SER F 164 -33.29 -4.77 47.68
N ILE F 165 -33.62 -3.97 48.70
CA ILE F 165 -33.83 -4.50 50.04
C ILE F 165 -35.04 -5.43 50.06
N ASN F 166 -36.14 -5.01 49.42
CA ASN F 166 -37.34 -5.84 49.33
C ASN F 166 -37.07 -7.09 48.51
N GLU F 167 -36.28 -6.95 47.45
CA GLU F 167 -35.94 -8.10 46.61
C GLU F 167 -35.11 -9.12 47.39
N GLY F 168 -34.18 -8.64 48.22
CA GLY F 168 -33.44 -9.55 49.08
C GLY F 168 -34.30 -10.20 50.14
N CYS F 169 -35.23 -9.44 50.72
CA CYS F 169 -36.09 -9.99 51.76
C CYS F 169 -37.06 -11.02 51.18
N LEU F 170 -37.55 -10.82 49.96
CA LEU F 170 -38.42 -11.81 49.35
C LEU F 170 -37.63 -13.02 48.87
N LEU F 171 -36.45 -12.80 48.29
CA LEU F 171 -35.69 -13.89 47.68
C LEU F 171 -35.12 -14.83 48.73
N ILE F 172 -34.55 -14.28 49.80
CA ILE F 172 -33.82 -15.10 50.75
C ILE F 172 -34.76 -15.80 51.70
N LEU F 173 -35.84 -15.12 52.11
CA LEU F 173 -36.70 -15.67 53.15
C LEU F 173 -37.76 -16.61 52.58
N ALA F 174 -38.17 -16.43 51.32
CA ALA F 174 -39.34 -17.12 50.78
C ALA F 174 -39.02 -18.06 49.63
N LEU F 175 -38.28 -17.61 48.61
CA LEU F 175 -38.05 -18.45 47.44
C LEU F 175 -37.16 -19.64 47.76
N ILE F 176 -36.15 -19.45 48.60
CA ILE F 176 -35.22 -20.52 48.93
C ILE F 176 -35.82 -21.46 49.98
N PRO F 177 -36.41 -21.01 51.10
CA PRO F 177 -37.04 -21.99 52.00
C PRO F 177 -38.44 -22.34 51.51
N ARG F 178 -38.69 -23.63 51.31
CA ARG F 178 -39.99 -24.10 50.84
C ARG F 178 -40.93 -24.46 51.98
N LEU F 179 -40.79 -23.81 53.15
CA LEU F 179 -41.64 -23.91 54.33
C LEU F 179 -41.64 -25.29 54.99
N LEU F 180 -40.83 -26.24 54.52
CA LEU F 180 -40.74 -27.55 55.15
C LEU F 180 -39.32 -27.75 55.67
N ALA F 181 -38.79 -26.71 56.30
CA ALA F 181 -37.38 -26.60 56.67
C ALA F 181 -36.49 -26.86 55.45
N LEU F 182 -36.62 -25.96 54.47
CA LEU F 182 -35.97 -25.99 53.16
C LEU F 182 -36.38 -27.18 52.30
N LEU F 183 -37.46 -27.89 52.70
CA LEU F 183 -37.96 -29.08 52.00
C LEU F 183 -36.88 -30.15 51.82
N ILE F 184 -36.00 -30.27 52.81
CA ILE F 184 -34.88 -31.20 52.76
C ILE F 184 -34.44 -31.56 54.17
N PRO F 185 -34.22 -30.58 55.05
CA PRO F 185 -33.79 -30.90 56.43
C PRO F 185 -34.85 -31.63 57.23
N ARG F 186 -36.13 -31.43 56.93
CA ARG F 186 -37.17 -32.21 57.59
C ARG F 186 -37.07 -33.70 57.25
N LEU F 187 -36.80 -34.00 55.97
CA LEU F 187 -36.58 -35.39 55.58
C LEU F 187 -35.22 -35.89 56.01
N LEU F 188 -34.24 -34.99 56.16
CA LEU F 188 -32.89 -35.41 56.56
C LEU F 188 -32.85 -35.78 58.03
N ALA F 189 -33.51 -35.01 58.88
CA ALA F 189 -33.51 -35.28 60.32
C ALA F 189 -34.50 -36.36 60.73
N LEU F 190 -35.36 -36.80 59.83
CA LEU F 190 -36.32 -37.84 60.13
C LEU F 190 -35.72 -39.23 59.89
N VAL F 191 -42.10 -22.95 70.90
CA VAL F 191 -43.14 -23.48 70.03
C VAL F 191 -42.60 -24.63 69.19
N THR F 192 -42.09 -25.67 69.86
CA THR F 192 -41.55 -26.83 69.18
C THR F 192 -42.65 -27.72 68.65
N ARG F 193 -43.11 -27.45 67.43
CA ARG F 193 -44.18 -28.23 66.82
C ARG F 193 -43.83 -28.53 65.37
N GLU F 194 -44.32 -29.65 64.87
CA GLU F 194 -44.08 -30.09 63.50
C GLU F 194 -45.33 -30.07 62.64
N ALA F 195 -46.50 -30.09 63.25
CA ALA F 195 -47.76 -30.07 62.51
C ALA F 195 -48.18 -28.64 62.20
N ALA F 196 -49.41 -28.47 61.72
CA ALA F 196 -50.08 -27.19 61.48
C ALA F 196 -49.36 -26.33 60.44
N GLN F 197 -48.15 -25.85 60.77
CA GLN F 197 -47.41 -25.02 59.83
C GLN F 197 -46.94 -25.83 58.63
N LEU F 198 -46.62 -27.11 58.84
CA LEU F 198 -46.22 -27.95 57.71
C LEU F 198 -47.42 -28.32 56.84
N ILE F 199 -48.62 -28.31 57.42
CA ILE F 199 -49.83 -28.56 56.62
C ILE F 199 -50.11 -27.38 55.70
N HIS F 200 -49.97 -26.17 56.23
CA HIS F 200 -50.06 -24.98 55.39
C HIS F 200 -48.91 -24.89 54.39
N PRO F 201 -47.75 -25.49 54.64
CA PRO F 201 -46.67 -25.45 53.64
C PRO F 201 -47.02 -26.13 52.33
N GLU F 202 -47.84 -27.18 52.38
CA GLU F 202 -48.24 -27.87 51.15
C GLU F 202 -49.18 -27.02 50.32
N ALA F 203 -50.12 -26.33 50.96
CA ALA F 203 -51.03 -25.44 50.24
C ALA F 203 -50.30 -24.24 49.63
N PRO F 204 -49.46 -23.51 50.36
CA PRO F 204 -48.75 -22.37 49.77
C PRO F 204 -47.56 -22.82 48.95
N MET F 205 -47.68 -22.75 47.63
CA MET F 205 -46.60 -23.13 46.72
C MET F 205 -46.74 -22.28 45.47
N LEU F 206 -45.95 -21.20 45.39
CA LEU F 206 -46.07 -20.24 44.30
C LEU F 206 -45.35 -20.66 43.03
N MET F 207 -44.64 -21.79 43.06
CA MET F 207 -43.94 -22.26 41.86
C MET F 207 -43.79 -23.78 41.89
N LEU F 208 -27.62 -32.58 45.71
CA LEU F 208 -26.60 -31.65 45.18
C LEU F 208 -27.07 -30.17 45.02
N PRO F 209 -28.29 -29.89 44.53
CA PRO F 209 -28.76 -28.49 44.60
C PRO F 209 -29.01 -28.03 46.03
N ILE F 210 -29.30 -28.96 46.95
CA ILE F 210 -29.58 -28.59 48.33
C ILE F 210 -28.33 -28.02 49.00
N TYR F 211 -27.16 -28.56 48.63
CA TYR F 211 -25.87 -28.08 49.15
C TYR F 211 -25.65 -26.61 48.78
N GLU F 212 -25.77 -26.31 47.49
CA GLU F 212 -25.56 -24.95 47.02
C GLU F 212 -26.61 -23.99 47.56
N THR F 213 -27.87 -24.43 47.64
CA THR F 213 -28.91 -23.51 48.07
C THR F 213 -28.84 -23.27 49.57
N ILE F 214 -28.38 -24.24 50.37
CA ILE F 214 -28.26 -23.99 51.80
C ILE F 214 -27.02 -23.14 52.09
N SER F 215 -25.96 -23.30 51.28
CA SER F 215 -24.79 -22.43 51.44
C SER F 215 -25.15 -20.99 51.07
N SER F 216 -25.90 -20.82 49.98
CA SER F 216 -26.33 -19.48 49.57
C SER F 216 -27.27 -18.86 50.60
N TRP F 217 -28.18 -19.67 51.14
CA TRP F 217 -29.13 -19.15 52.13
C TRP F 217 -28.43 -18.72 53.40
N ILE F 218 -27.49 -19.53 53.89
CA ILE F 218 -26.73 -19.19 55.10
C ILE F 218 -25.91 -17.93 54.87
N SER F 219 -25.20 -17.85 53.73
CA SER F 219 -24.34 -16.70 53.45
C SER F 219 -25.17 -15.42 53.31
N THR F 220 -26.30 -15.50 52.59
CA THR F 220 -27.10 -14.31 52.34
C THR F 220 -27.81 -13.85 53.61
N SER F 221 -28.33 -14.78 54.41
CA SER F 221 -29.00 -14.41 55.66
C SER F 221 -28.02 -13.81 56.65
N SER F 222 -26.81 -14.40 56.74
CA SER F 222 -25.79 -13.85 57.62
C SER F 222 -25.32 -12.48 57.14
N ARG F 223 -25.22 -12.29 55.82
CA ARG F 223 -24.81 -10.99 55.28
C ARG F 223 -25.87 -9.93 55.55
N LEU F 224 -27.15 -10.27 55.41
CA LEU F 224 -28.19 -9.28 55.69
C LEU F 224 -28.29 -9.00 57.18
N GLY F 225 -27.99 -10.00 58.02
CA GLY F 225 -27.90 -9.74 59.45
C GLY F 225 -26.75 -8.83 59.80
N ASP F 226 -25.62 -8.97 59.08
CA ASP F 226 -24.47 -8.11 59.34
C ASP F 226 -24.73 -6.68 58.87
N THR F 227 -25.35 -6.52 57.69
CA THR F 227 -25.57 -5.17 57.15
C THR F 227 -26.58 -4.37 57.96
N LEU F 228 -27.70 -4.98 58.36
CA LEU F 228 -28.60 -4.33 59.31
C LEU F 228 -28.24 -4.74 60.73
N GLY F 229 -26.98 -4.56 61.11
CA GLY F 229 -26.52 -4.92 62.43
C GLY F 229 -25.52 -3.94 63.00
N THR F 230 -25.64 -2.68 62.62
CA THR F 230 -24.76 -1.65 63.17
C THR F 230 -25.12 -1.36 64.63
N ARG F 231 -24.11 -1.01 65.41
CA ARG F 231 -24.22 -0.91 66.86
C ARG F 231 -24.11 0.54 67.34
N ALA F 232 -24.26 0.70 68.65
CA ALA F 232 -24.19 2.02 69.26
C ALA F 232 -22.77 2.56 69.29
N ILE F 233 -22.63 3.86 69.08
CA ILE F 233 -21.33 4.51 68.95
C ILE F 233 -21.11 5.61 69.97
N LEU F 234 -22.13 6.41 70.30
CA LEU F 234 -21.97 7.52 71.23
C LEU F 234 -22.89 7.39 72.44
N ARG F 235 -22.58 8.20 73.45
CA ARG F 235 -23.33 8.27 74.70
C ARG F 235 -23.79 9.70 74.92
N VAL F 236 -25.10 9.93 74.88
CA VAL F 236 -25.61 11.22 75.32
C VAL F 236 -25.43 11.32 76.84
N CYS F 237 -24.77 12.39 77.28
CA CYS F 237 -24.41 12.55 78.69
C CYS F 237 -24.45 14.06 78.98
N VAL F 238 -25.57 14.53 79.50
CA VAL F 238 -25.77 15.94 79.75
C VAL F 238 -25.44 16.22 81.21
N PHE F 239 -24.46 17.09 81.43
CA PHE F 239 -24.10 17.53 82.78
C PHE F 239 -24.80 18.86 83.07
N ASP F 240 -25.78 18.82 83.97
CA ASP F 240 -26.50 19.99 84.46
C ASP F 240 -27.18 20.77 83.33
N GLY F 241 -28.12 20.09 82.68
CA GLY F 241 -28.87 20.70 81.61
C GLY F 241 -30.17 19.99 81.34
N PRO F 242 -30.67 20.07 80.11
CA PRO F 242 -31.96 19.45 79.80
C PRO F 242 -31.86 17.93 79.72
N SER F 243 -32.82 17.26 80.37
CA SER F 243 -32.91 15.81 80.24
C SER F 243 -33.34 15.42 78.83
N THR F 244 -34.26 16.17 78.25
CA THR F 244 -34.77 15.90 76.91
C THR F 244 -34.01 16.73 75.88
N VAL F 245 -33.68 16.08 74.77
CA VAL F 245 -33.00 16.75 73.65
C VAL F 245 -33.94 16.67 72.46
N HIS F 246 -34.61 17.78 72.16
CA HIS F 246 -35.54 17.84 71.07
C HIS F 246 -34.80 17.89 69.74
N PRO F 247 -35.48 17.59 68.62
CA PRO F 247 -34.85 17.79 67.30
C PRO F 247 -34.45 19.23 67.10
N GLY F 248 -33.27 19.41 66.50
CA GLY F 248 -32.72 20.73 66.28
C GLY F 248 -32.02 21.35 67.47
N ASP F 249 -31.90 20.63 68.58
CA ASP F 249 -31.29 21.16 69.79
C ASP F 249 -29.82 20.79 69.89
N ARG F 250 -29.22 21.16 71.02
CA ARG F 250 -27.81 20.91 71.26
C ARG F 250 -27.63 20.04 72.49
N THR F 251 -26.72 19.06 72.39
CA THR F 251 -26.44 18.17 73.50
C THR F 251 -24.99 17.74 73.47
N ALA F 252 -24.44 17.46 74.65
CA ALA F 252 -23.05 17.02 74.75
C ALA F 252 -22.99 15.51 74.93
N VAL F 253 -22.04 14.88 74.25
CA VAL F 253 -21.91 13.43 74.21
C VAL F 253 -20.47 13.02 74.52
N ILE F 254 -20.28 11.73 74.76
CA ILE F 254 -18.96 11.15 74.97
C ILE F 254 -18.86 9.86 74.15
N GLN F 255 -17.62 9.54 73.74
CA GLN F 255 -17.37 8.37 72.92
C GLN F 255 -17.54 7.09 73.72
N VAL F 256 -18.06 6.06 73.05
CA VAL F 256 -18.14 4.73 73.63
C VAL F 256 -17.95 3.70 72.53
N ALA G 1 -7.58 2.66 83.48
CA ALA G 1 -7.36 2.88 82.05
C ALA G 1 -6.02 2.31 81.61
N MET G 2 -5.66 1.16 82.18
CA MET G 2 -4.42 0.47 81.84
C MET G 2 -4.74 -0.81 81.08
N PRO G 3 -3.97 -1.11 80.02
CA PRO G 3 -4.21 -2.35 79.27
C PRO G 3 -3.89 -3.58 80.11
N PHE G 4 -4.64 -4.65 79.86
CA PHE G 4 -4.51 -5.87 80.65
C PHE G 4 -3.26 -6.59 80.21
N GLU G 5 -2.14 -6.20 80.82
CA GLU G 5 -0.84 -6.76 80.47
C GLU G 5 -0.74 -8.20 80.95
N ILE G 6 -0.69 -9.14 80.01
CA ILE G 6 -0.69 -10.56 80.29
C ILE G 6 0.62 -11.15 79.78
N GLU G 7 1.16 -12.10 80.53
CA GLU G 7 2.51 -12.58 80.33
C GLU G 7 2.52 -14.11 80.24
N VAL G 8 3.43 -14.65 79.44
CA VAL G 8 3.75 -16.07 79.44
C VAL G 8 5.27 -16.21 79.47
N LEU G 9 5.76 -17.08 80.34
CA LEU G 9 7.18 -17.21 80.59
C LEU G 9 7.78 -18.29 79.71
N LEU G 10 8.79 -17.93 78.94
CA LEU G 10 9.47 -18.89 78.08
C LEU G 10 10.50 -19.66 78.88
N PRO G 11 10.51 -20.98 78.82
CA PRO G 11 11.53 -21.76 79.55
C PRO G 11 12.92 -21.56 78.96
N GLY G 12 13.93 -21.82 79.79
CA GLY G 12 15.31 -21.47 79.44
C GLY G 12 15.97 -22.41 78.44
N GLU G 13 15.51 -23.65 78.33
CA GLU G 13 16.14 -24.63 77.44
C GLU G 13 15.55 -24.61 76.02
N ILE G 14 14.82 -23.56 75.65
CA ILE G 14 14.39 -23.39 74.26
C ILE G 14 15.60 -23.08 73.40
N SER G 15 15.71 -23.75 72.26
CA SER G 15 16.85 -23.54 71.37
C SER G 15 16.82 -22.14 70.76
N PRO G 16 18.00 -21.56 70.50
CA PRO G 16 18.04 -20.18 69.96
C PRO G 16 17.38 -20.03 68.59
N ALA G 17 17.44 -21.05 67.74
CA ALA G 17 16.73 -20.98 66.46
C ALA G 17 15.22 -20.92 66.67
N GLU G 18 14.73 -21.62 67.69
CA GLU G 18 13.31 -21.54 68.03
C GLU G 18 12.94 -20.16 68.54
N THR G 19 13.81 -19.53 69.34
CA THR G 19 13.55 -18.18 69.80
C THR G 19 13.56 -17.20 68.63
N SER G 20 14.44 -17.44 67.65
CA SER G 20 14.42 -16.64 66.42
C SER G 20 13.10 -16.82 65.68
N ALA G 21 12.58 -18.06 65.63
CA ALA G 21 11.31 -18.32 64.97
C ALA G 21 10.16 -17.60 65.65
N LEU G 22 10.13 -17.62 66.98
CA LEU G 22 9.08 -16.89 67.71
C LEU G 22 9.21 -15.38 67.52
N GLN G 23 10.43 -14.84 67.53
CA GLN G 23 10.54 -13.39 67.42
C GLN G 23 10.29 -12.91 66.00
N LYS G 24 10.46 -13.78 65.00
CA LYS G 24 10.03 -13.40 63.66
C LYS G 24 8.54 -13.65 63.47
N CYS G 25 7.95 -14.50 64.30
CA CYS G 25 6.50 -14.68 64.31
C CYS G 25 5.80 -13.77 65.31
N GLU G 26 6.40 -12.63 65.63
CA GLU G 26 5.76 -11.63 66.47
C GLU G 26 4.59 -10.99 65.73
N GLY G 27 3.53 -10.68 66.49
CA GLY G 27 2.39 -9.95 66.00
C GLY G 27 1.17 -10.79 65.68
N LYS G 28 1.20 -12.09 65.91
CA LYS G 28 0.05 -12.94 65.59
C LYS G 28 -0.83 -13.14 66.82
N ILE G 29 -1.77 -14.08 66.72
CA ILE G 29 -2.84 -14.24 67.69
C ILE G 29 -2.68 -15.58 68.41
N ILE G 30 -2.83 -15.56 69.73
CA ILE G 30 -2.87 -16.77 70.54
C ILE G 30 -4.00 -16.63 71.55
N THR G 31 -4.67 -17.73 71.86
CA THR G 31 -5.84 -17.71 72.73
C THR G 31 -5.54 -18.33 74.08
N PHE G 32 -6.29 -17.91 75.09
CA PHE G 32 -6.21 -18.43 76.45
C PHE G 32 -7.56 -18.94 76.92
N SER G 33 -7.50 -19.83 77.91
CA SER G 33 -8.61 -20.14 78.80
C SER G 33 -8.14 -19.86 80.22
N THR G 34 -9.04 -19.31 81.05
CA THR G 34 -8.77 -18.93 82.45
C THR G 34 -7.60 -17.96 82.53
N LEU G 35 -7.84 -16.76 82.00
CA LEU G 35 -6.83 -15.71 81.88
C LEU G 35 -6.22 -15.36 83.23
N ARG G 36 -4.90 -15.21 83.23
CA ARG G 36 -4.14 -14.86 84.43
C ARG G 36 -2.91 -14.09 83.98
N HIS G 37 -2.35 -13.30 84.92
CA HIS G 37 -1.38 -12.26 84.57
C HIS G 37 -0.07 -12.83 84.02
N ARG G 38 0.40 -13.94 84.57
CA ARG G 38 1.68 -14.55 84.16
C ARG G 38 1.43 -16.02 83.84
N ALA G 39 1.09 -16.30 82.58
CA ALA G 39 0.59 -17.61 82.18
C ALA G 39 1.75 -18.57 81.86
N SER G 40 1.42 -19.75 81.35
CA SER G 40 2.38 -20.81 81.09
C SER G 40 2.32 -21.22 79.63
N LEU G 41 3.43 -21.79 79.15
CA LEU G 41 3.60 -22.04 77.72
C LEU G 41 2.69 -23.16 77.23
N VAL G 42 2.28 -24.05 78.13
CA VAL G 42 1.48 -25.20 77.74
C VAL G 42 0.06 -24.78 77.34
N ASP G 43 -0.36 -23.57 77.70
CA ASP G 43 -1.71 -23.12 77.40
C ASP G 43 -1.88 -22.80 75.91
N ILE G 44 -0.87 -22.21 75.28
CA ILE G 44 -0.97 -21.84 73.87
C ILE G 44 -0.66 -22.99 72.93
N ALA G 45 -0.36 -24.17 73.45
CA ALA G 45 -0.03 -25.30 72.60
C ALA G 45 -1.30 -25.86 71.94
N LEU G 46 -1.09 -26.62 70.87
CA LEU G 46 -2.19 -27.36 70.27
C LEU G 46 -2.66 -28.50 71.17
N SER G 47 -1.82 -28.92 72.12
CA SER G 47 -2.23 -29.91 73.11
C SER G 47 -3.36 -29.39 73.99
N SER G 48 -3.34 -28.09 74.32
CA SER G 48 -4.41 -27.52 75.13
C SER G 48 -5.70 -27.37 74.34
N TYR G 49 -5.64 -27.48 73.02
CA TYR G 49 -6.84 -27.37 72.20
C TYR G 49 -7.67 -28.65 72.21
N TYR G 50 -7.12 -29.73 72.75
CA TYR G 50 -7.68 -31.08 72.62
C TYR G 50 -9.06 -31.28 73.25
N ILE G 51 -9.94 -31.94 72.51
CA ILE G 51 -11.06 -32.63 73.13
C ILE G 51 -10.56 -33.96 73.67
N ASN G 52 -11.42 -34.67 74.40
CA ASN G 52 -11.05 -35.94 75.02
C ASN G 52 -10.62 -36.96 73.98
N GLY G 53 -9.32 -37.26 73.97
CA GLY G 53 -8.72 -38.21 73.04
C GLY G 53 -8.23 -37.61 71.74
N ALA G 54 -9.13 -37.31 70.82
CA ALA G 54 -8.76 -36.95 69.46
C ALA G 54 -8.28 -35.50 69.38
N PRO G 55 -7.38 -35.21 68.44
CA PRO G 55 -7.12 -33.81 68.10
C PRO G 55 -8.36 -33.19 67.47
N PRO G 56 -8.56 -31.88 67.64
CA PRO G 56 -9.82 -31.27 67.22
C PRO G 56 -9.97 -31.22 65.71
N ASP G 57 -11.23 -31.31 65.27
CA ASP G 57 -11.61 -31.07 63.89
C ASP G 57 -12.05 -29.62 63.76
N THR G 58 -12.33 -29.20 62.51
CA THR G 58 -12.51 -27.79 62.22
C THR G 58 -13.77 -27.21 62.87
N LEU G 59 -14.83 -28.01 63.00
CA LEU G 59 -16.00 -27.57 63.75
C LEU G 59 -15.67 -27.37 65.22
N SER G 60 -15.00 -28.36 65.82
CA SER G 60 -14.55 -28.22 67.20
C SER G 60 -13.49 -27.14 67.33
N LEU G 61 -12.71 -26.91 66.27
CA LEU G 61 -11.69 -25.86 66.31
C LEU G 61 -12.30 -24.47 66.36
N LEU G 62 -13.27 -24.18 65.48
CA LEU G 62 -13.95 -22.90 65.53
C LEU G 62 -14.80 -22.79 66.80
N GLU G 63 -15.31 -23.92 67.28
CA GLU G 63 -16.08 -23.96 68.51
C GLU G 63 -15.23 -23.54 69.70
N ALA G 64 -14.00 -24.05 69.78
CA ALA G 64 -13.08 -23.64 70.84
C ALA G 64 -12.61 -22.20 70.63
N TYR G 65 -12.46 -21.77 69.38
CA TYR G 65 -12.07 -20.40 69.10
C TYR G 65 -13.12 -19.38 69.56
N ARG G 66 -14.41 -19.66 69.36
CA ARG G 66 -15.41 -18.79 69.96
C ARG G 66 -15.60 -19.06 71.44
N MET G 67 -15.07 -20.18 71.96
CA MET G 67 -15.17 -20.39 73.40
C MET G 67 -14.08 -19.62 74.14
N ARG G 68 -12.83 -19.77 73.71
CA ARG G 68 -11.67 -19.27 74.43
C ARG G 68 -11.45 -17.81 74.06
N PHE G 69 -10.64 -17.13 74.88
CA PHE G 69 -10.43 -15.70 74.76
C PHE G 69 -9.10 -15.44 74.08
N ALA G 70 -9.14 -14.72 72.97
CA ALA G 70 -7.95 -14.52 72.16
C ALA G 70 -7.10 -13.37 72.70
N ALA G 71 -5.84 -13.38 72.31
CA ALA G 71 -4.89 -12.35 72.71
C ALA G 71 -3.84 -12.21 71.62
N VAL G 72 -3.07 -11.12 71.68
CA VAL G 72 -2.10 -10.80 70.65
C VAL G 72 -0.72 -10.64 71.29
N ILE G 73 0.27 -11.28 70.68
CA ILE G 73 1.66 -11.03 71.04
C ILE G 73 2.10 -9.68 70.49
N THR G 74 2.80 -8.90 71.31
CA THR G 74 3.23 -7.57 70.92
C THR G 74 4.72 -7.30 71.12
N ARG G 75 5.43 -8.13 71.86
CA ARG G 75 6.87 -7.94 72.07
C ARG G 75 7.49 -9.26 72.46
N VAL G 76 8.67 -9.53 71.92
CA VAL G 76 9.40 -10.78 72.20
C VAL G 76 10.73 -10.37 72.83
N ILE G 77 10.77 -10.38 74.16
CA ILE G 77 12.01 -10.24 74.93
C ILE G 77 12.53 -11.66 75.07
N PRO G 78 13.84 -11.89 75.15
CA PRO G 78 14.29 -13.26 75.47
C PRO G 78 13.88 -13.71 76.87
N GLY G 79 13.23 -14.87 76.96
CA GLY G 79 12.82 -15.47 78.20
C GLY G 79 11.35 -15.33 78.53
N LYS G 80 10.62 -14.46 77.85
CA LYS G 80 9.22 -14.20 78.15
C LYS G 80 8.54 -13.55 76.95
N LEU G 81 7.21 -13.53 76.97
CA LEU G 81 6.43 -12.96 75.88
C LEU G 81 5.41 -11.97 76.43
N LEU G 82 5.43 -10.76 75.88
CA LEU G 82 4.51 -9.70 76.29
C LEU G 82 3.28 -9.76 75.39
N ALA G 83 2.13 -10.06 75.98
CA ALA G 83 0.89 -10.20 75.24
C ALA G 83 -0.14 -9.22 75.78
N HIS G 84 -1.13 -8.92 74.95
CA HIS G 84 -2.24 -8.04 75.32
C HIS G 84 -3.55 -8.78 75.08
N ALA G 85 -4.43 -8.76 76.08
CA ALA G 85 -5.76 -9.33 75.91
C ALA G 85 -6.64 -8.35 75.14
N ILE G 86 -7.42 -8.88 74.21
CA ILE G 86 -8.22 -8.05 73.33
C ILE G 86 -9.71 -8.37 73.39
N GLY G 87 -10.08 -9.53 73.93
CA GLY G 87 -11.49 -9.84 74.10
C GLY G 87 -12.17 -8.97 75.12
N VAL G 88 -11.45 -8.60 76.18
CA VAL G 88 -12.04 -7.76 77.23
C VAL G 88 -12.04 -6.30 76.78
N GLY G 89 -12.72 -5.47 77.56
CA GLY G 89 -12.88 -4.07 77.26
C GLY G 89 -11.73 -3.17 77.64
N THR G 90 -10.60 -3.74 78.04
CA THR G 90 -9.43 -2.91 78.36
C THR G 90 -8.82 -2.35 77.07
N PRO G 91 -8.68 -1.04 76.95
CA PRO G 91 -8.17 -0.47 75.71
C PRO G 91 -6.66 -0.66 75.57
N THR G 92 -6.18 -0.51 74.34
CA THR G 92 -4.75 -0.56 74.04
C THR G 92 -4.45 0.58 73.07
N PRO G 93 -3.52 1.47 73.39
CA PRO G 93 -3.24 2.61 72.50
C PRO G 93 -2.59 2.21 71.18
N GLY G 94 -1.52 1.43 71.25
CA GLY G 94 -0.81 1.02 70.05
C GLY G 94 -0.90 -0.46 69.79
N LEU G 95 -1.44 -0.84 68.64
CA LEU G 95 -1.66 -2.23 68.30
C LEU G 95 -1.20 -2.50 66.87
N PHE G 96 -0.54 -3.63 66.67
CA PHE G 96 -0.05 -4.00 65.34
C PHE G 96 -0.09 -5.51 65.18
N ILE G 97 -0.83 -5.97 64.17
CA ILE G 97 -0.83 -7.37 63.77
C ILE G 97 -0.51 -7.43 62.28
N GLN G 98 -0.08 -8.61 61.84
CA GLN G 98 0.13 -8.85 60.42
C GLN G 98 -0.90 -9.83 59.91
N ASN G 99 -1.23 -9.71 58.63
CA ASN G 99 -2.30 -10.52 58.03
C ASN G 99 -1.80 -11.94 57.80
N THR G 100 -2.20 -12.86 58.68
CA THR G 100 -1.84 -14.26 58.53
C THR G 100 -2.98 -14.94 57.79
N SER G 101 -3.11 -14.58 56.52
CA SER G 101 -4.10 -15.14 55.60
C SER G 101 -3.70 -14.74 54.19
N PRO G 102 -3.98 -15.57 53.19
CA PRO G 102 -3.57 -15.25 51.81
C PRO G 102 -4.49 -14.30 51.07
N VAL G 103 -5.38 -13.58 51.74
CA VAL G 103 -6.30 -12.66 51.11
C VAL G 103 -5.91 -11.24 51.51
N ASP G 104 -6.18 -10.29 50.63
CA ASP G 104 -5.92 -8.89 50.93
C ASP G 104 -6.98 -8.37 51.90
N LEU G 105 -6.62 -7.31 52.63
CA LEU G 105 -7.51 -6.68 53.60
C LEU G 105 -7.76 -5.24 53.17
N CYS G 106 -9.02 -4.83 53.16
CA CYS G 106 -9.37 -3.47 52.78
C CYS G 106 -9.55 -2.62 54.04
N ASN G 107 -9.40 -1.32 53.87
CA ASN G 107 -9.36 -0.39 55.00
C ASN G 107 -10.76 -0.21 55.58
N GLY G 108 -10.99 -0.80 56.75
CA GLY G 108 -12.24 -0.60 57.46
C GLY G 108 -13.00 -1.87 57.75
N ASP G 109 -12.56 -2.99 57.19
CA ASP G 109 -13.28 -4.24 57.34
C ASP G 109 -13.10 -4.81 58.75
N TYR G 110 -14.08 -5.61 59.17
CA TYR G 110 -14.01 -6.31 60.44
C TYR G 110 -13.27 -7.63 60.24
N ILE G 111 -12.11 -7.76 60.86
CA ILE G 111 -11.30 -8.97 60.73
C ILE G 111 -11.85 -10.01 61.70
N CYS G 112 -11.72 -11.29 61.34
CA CYS G 112 -12.29 -12.37 62.13
C CYS G 112 -11.29 -13.52 62.23
N LEU G 113 -11.57 -14.44 63.13
CA LEU G 113 -10.70 -15.57 63.42
C LEU G 113 -11.39 -16.87 63.06
N LEU G 114 -10.63 -17.81 62.51
CA LEU G 114 -11.08 -19.15 62.19
C LEU G 114 -9.86 -20.06 62.17
N PRO G 115 -10.04 -21.37 62.34
CA PRO G 115 -8.91 -22.27 62.18
C PRO G 115 -8.42 -22.27 60.74
N PRO G 116 -7.13 -22.55 60.53
CA PRO G 116 -6.59 -22.55 59.16
C PRO G 116 -7.14 -23.68 58.31
N VAL G 117 -7.97 -23.34 57.33
CA VAL G 117 -8.61 -24.33 56.47
C VAL G 117 -8.28 -24.14 55.00
N PHE G 118 -7.54 -23.10 54.63
CA PHE G 118 -7.22 -22.87 53.22
C PHE G 118 -6.15 -23.84 52.72
N GLY G 119 -5.27 -24.28 53.60
CA GLY G 119 -4.23 -25.22 53.22
C GLY G 119 -2.99 -25.08 54.09
N SER G 120 -2.44 -26.23 54.52
CA SER G 120 -1.30 -26.31 55.42
C SER G 120 -1.54 -25.56 56.73
N ALA G 121 -0.47 -25.24 57.44
CA ALA G 121 -0.57 -24.49 58.68
C ALA G 121 0.73 -23.75 58.89
N ASP G 122 0.67 -22.42 58.99
CA ASP G 122 1.86 -21.64 59.32
C ASP G 122 2.11 -21.89 60.79
N GLU G 123 2.91 -22.91 61.09
CA GLU G 123 3.02 -23.45 62.43
C GLU G 123 4.48 -23.45 62.85
N ILE G 124 4.71 -23.12 64.12
CA ILE G 124 6.06 -23.08 64.68
C ILE G 124 6.24 -24.30 65.58
N ARG G 125 7.17 -25.17 65.21
CA ARG G 125 7.35 -26.46 65.85
C ARG G 125 8.49 -26.33 66.86
N LEU G 126 8.12 -26.37 68.13
CA LEU G 126 9.09 -26.27 69.23
C LEU G 126 9.58 -27.68 69.57
N ASP G 127 10.85 -27.96 69.24
CA ASP G 127 11.40 -29.29 69.47
C ASP G 127 12.17 -29.40 70.78
N SER G 128 12.21 -28.35 71.60
CA SER G 128 12.92 -28.44 72.87
C SER G 128 12.22 -29.39 73.83
N VAL G 129 10.90 -29.27 73.96
CA VAL G 129 10.10 -30.23 74.73
C VAL G 129 9.02 -30.88 73.89
N GLY G 130 8.77 -30.41 72.68
CA GLY G 130 7.81 -31.07 71.81
C GLY G 130 6.38 -30.61 71.93
N LEU G 131 6.14 -29.30 71.99
CA LEU G 131 4.79 -28.77 71.94
C LEU G 131 4.58 -28.11 70.58
N GLU G 132 3.31 -28.00 70.19
CA GLU G 132 2.94 -27.51 68.87
C GLU G 132 2.06 -26.28 69.04
N ILE G 133 2.49 -25.15 68.48
CA ILE G 133 1.74 -23.90 68.57
C ILE G 133 1.33 -23.44 67.17
N VAL G 134 0.04 -23.26 66.96
CA VAL G 134 -0.52 -22.96 65.66
C VAL G 134 -1.27 -21.63 65.78
N PHE G 135 -1.38 -20.91 64.66
CA PHE G 135 -1.92 -19.57 64.68
C PHE G 135 -3.19 -19.49 63.84
N PRO G 136 -4.23 -18.84 64.34
CA PRO G 136 -5.50 -18.80 63.61
C PRO G 136 -5.41 -17.95 62.34
N LEU G 137 -6.26 -18.28 61.38
CA LEU G 137 -6.35 -17.56 60.12
C LEU G 137 -7.21 -16.32 60.32
N THR G 138 -6.80 -15.20 59.72
CA THR G 138 -7.49 -13.92 59.89
C THR G 138 -8.01 -13.41 58.55
N ILE G 139 -9.26 -13.74 58.23
CA ILE G 139 -9.90 -13.22 57.02
C ILE G 139 -11.00 -12.24 57.44
N PRO G 140 -11.27 -11.20 56.64
CA PRO G 140 -12.22 -10.17 57.09
C PRO G 140 -13.67 -10.64 57.09
N GLN G 141 -14.54 -9.72 57.51
CA GLN G 141 -15.98 -9.89 57.36
C GLN G 141 -16.36 -9.88 55.88
N THR G 142 -17.55 -10.40 55.58
CA THR G 142 -18.12 -10.68 54.27
C THR G 142 -17.34 -11.73 53.50
N LEU G 143 -16.39 -12.41 54.13
CA LEU G 143 -15.74 -13.59 53.58
C LEU G 143 -15.93 -14.82 54.45
N MET G 144 -15.75 -14.66 55.77
CA MET G 144 -15.93 -15.78 56.70
C MET G 144 -17.37 -16.28 56.70
N ARG G 145 -18.32 -15.39 56.37
CA ARG G 145 -19.72 -15.77 56.30
C ARG G 145 -19.95 -16.87 55.26
N GLU G 146 -19.51 -16.65 54.02
CA GLU G 146 -19.72 -17.69 53.03
C GLU G 146 -18.71 -18.83 53.19
N ILE G 147 -17.56 -18.57 53.84
CA ILE G 147 -16.65 -19.67 54.17
C ILE G 147 -17.33 -20.68 55.09
N ILE G 148 -17.95 -20.21 56.18
CA ILE G 148 -18.61 -21.14 57.08
C ILE G 148 -19.91 -21.63 56.46
N ALA G 149 -20.48 -20.90 55.50
CA ALA G 149 -21.61 -21.43 54.75
C ALA G 149 -21.21 -22.67 53.95
N LYS G 150 -20.08 -22.61 53.26
CA LYS G 150 -19.57 -23.77 52.53
C LYS G 150 -19.20 -24.89 53.49
N VAL G 151 -18.64 -24.55 54.66
CA VAL G 151 -18.26 -25.58 55.64
C VAL G 151 -19.50 -26.30 56.17
N VAL G 152 -20.55 -25.54 56.52
CA VAL G 152 -21.78 -26.14 57.02
C VAL G 152 -22.47 -26.95 55.93
N ALA G 153 -22.41 -26.46 54.68
CA ALA G 153 -23.01 -27.20 53.56
C ALA G 153 -22.29 -28.53 53.33
N ARG G 154 -20.95 -28.52 53.39
CA ARG G 154 -20.19 -29.76 53.25
C ARG G 154 -20.47 -30.70 54.43
N ALA G 155 -20.61 -30.15 55.64
CA ALA G 155 -20.91 -30.96 56.81
C ALA G 155 -22.28 -31.62 56.71
N VAL G 156 -23.29 -30.87 56.24
CA VAL G 156 -24.62 -31.44 56.18
C VAL G 156 -24.73 -32.43 55.03
N GLU G 157 -23.94 -32.23 53.96
CA GLU G 157 -23.90 -33.24 52.91
C GLU G 157 -23.21 -34.51 53.37
N ARG G 158 -22.17 -34.38 54.21
CA ARG G 158 -21.49 -35.58 54.68
C ARG G 158 -22.32 -36.32 55.72
N THR G 159 -23.03 -35.60 56.59
CA THR G 159 -23.88 -36.26 57.57
C THR G 159 -25.23 -36.65 56.99
N ALA G 160 -25.54 -36.23 55.76
CA ALA G 160 -26.76 -36.68 55.10
C ALA G 160 -26.75 -38.17 54.82
N ALA G 161 -25.59 -38.69 54.40
CA ALA G 161 -25.45 -40.12 54.14
C ALA G 161 -24.01 -40.57 54.35
N ASP G 162 -13.36 -28.56 47.41
CA ASP G 162 -14.18 -27.35 47.42
C ASP G 162 -13.37 -26.14 46.99
N VAL G 163 -14.04 -25.17 46.36
CA VAL G 163 -13.39 -23.97 45.83
C VAL G 163 -14.15 -22.75 46.35
N ILE G 164 -13.45 -21.63 46.47
CA ILE G 164 -14.03 -20.38 46.97
C ILE G 164 -13.65 -19.26 46.01
N CYS G 165 -14.45 -18.21 45.96
CA CYS G 165 -14.28 -17.10 45.02
C CYS G 165 -14.38 -15.77 45.77
N TYR G 166 -13.34 -14.95 45.64
CA TYR G 166 -13.35 -13.58 46.15
C TYR G 166 -12.32 -12.78 45.38
N ASN G 167 -12.79 -11.89 44.50
CA ASN G 167 -11.97 -11.05 43.63
C ASN G 167 -10.99 -11.89 42.81
N GLY G 168 -11.50 -12.97 42.24
CA GLY G 168 -10.67 -13.91 41.53
C GLY G 168 -9.87 -14.78 42.48
N ARG G 169 -8.78 -15.34 41.94
CA ARG G 169 -7.72 -16.08 42.66
C ARG G 169 -8.30 -17.16 43.58
N ARG G 170 -8.86 -18.19 42.94
CA ARG G 170 -9.54 -19.29 43.62
C ARG G 170 -8.62 -19.98 44.63
N TYR G 171 -9.18 -20.29 45.79
CA TYR G 171 -8.50 -21.09 46.80
C TYR G 171 -9.26 -22.39 47.02
N GLU G 172 -8.52 -23.44 47.38
CA GLU G 172 -9.09 -24.77 47.58
C GLU G 172 -9.32 -24.99 49.07
N LEU G 173 -10.56 -25.30 49.43
CA LEU G 173 -10.94 -25.50 50.82
C LEU G 173 -10.54 -26.91 51.26
N GLU G 174 -10.11 -27.01 52.52
CA GLU G 174 -9.48 -28.23 53.04
C GLU G 174 -10.09 -28.60 54.40
N THR G 175 -11.41 -28.69 54.46
CA THR G 175 -12.08 -29.05 55.71
C THR G 175 -11.74 -30.48 56.13
N ASN G 176 -11.20 -30.62 57.34
CA ASN G 176 -10.75 -31.90 57.87
C ASN G 176 -11.80 -32.52 58.80
N LEU G 177 -12.96 -32.82 58.21
CA LEU G 177 -14.09 -33.37 58.96
C LEU G 177 -13.91 -34.89 59.07
N GLN G 178 -13.78 -35.39 60.29
CA GLN G 178 -13.64 -36.83 60.52
C GLN G 178 -14.43 -37.26 61.76
N HIS G 179 -15.39 -36.45 62.16
CA HIS G 179 -16.17 -36.75 63.35
C HIS G 179 -17.62 -36.38 63.14
N ARG G 180 -18.51 -37.02 63.91
CA ARG G 180 -19.93 -36.67 63.96
C ARG G 180 -20.29 -36.52 65.44
N ASP G 181 -19.99 -35.36 65.99
CA ASP G 181 -20.34 -35.06 67.37
C ASP G 181 -21.05 -33.72 67.53
N GLY G 182 -20.65 -32.69 66.79
CA GLY G 182 -21.33 -31.41 66.79
C GLY G 182 -22.19 -31.16 65.59
N SER G 183 -22.30 -32.15 64.70
CA SER G 183 -23.18 -32.01 63.53
C SER G 183 -24.63 -31.90 63.95
N ASP G 184 -25.05 -32.70 64.93
CA ASP G 184 -26.41 -32.60 65.45
C ASP G 184 -26.66 -31.25 66.10
N ALA G 185 -25.66 -30.71 66.79
CA ALA G 185 -25.77 -29.38 67.38
C ALA G 185 -25.90 -28.31 66.30
N ALA G 186 -25.15 -28.45 65.20
CA ALA G 186 -25.25 -27.49 64.10
C ALA G 186 -26.63 -27.54 63.44
N ILE G 187 -27.15 -28.75 63.22
CA ILE G 187 -28.49 -28.89 62.65
C ILE G 187 -29.53 -28.32 63.60
N ARG G 188 -29.38 -28.56 64.90
CA ARG G 188 -30.31 -28.01 65.89
C ARG G 188 -30.29 -26.49 65.90
N THR G 189 -29.09 -25.90 65.85
CA THR G 189 -28.99 -24.44 65.82
C THR G 189 -29.63 -23.85 64.58
N LEU G 190 -29.41 -24.48 63.41
CA LEU G 190 -29.96 -23.91 62.18
C LEU G 190 -31.48 -24.06 62.13
N VAL G 191 -32.01 -25.18 62.64
CA VAL G 191 -33.47 -25.33 62.62
C VAL G 191 -34.12 -24.42 63.65
N LEU G 192 -33.41 -24.10 64.75
CA LEU G 192 -33.93 -23.11 65.68
C LEU G 192 -33.84 -21.69 65.12
N ASN G 193 -32.85 -21.41 64.26
CA ASN G 193 -32.87 -20.16 63.54
C ASN G 193 -34.04 -20.10 62.55
N LEU G 194 -34.39 -21.24 61.96
CA LEU G 194 -35.50 -21.27 61.02
C LEU G 194 -36.85 -21.06 61.73
N MET G 195 -37.13 -21.88 62.75
CA MET G 195 -38.50 -22.05 63.24
C MET G 195 -39.05 -20.80 63.93
N PHE G 196 -38.18 -19.89 64.37
CA PHE G 196 -38.66 -18.71 65.07
C PHE G 196 -39.28 -17.68 64.13
N SER G 197 -39.11 -17.83 62.82
CA SER G 197 -39.69 -16.90 61.85
C SER G 197 -40.41 -17.58 60.72
N ILE G 198 -39.97 -18.80 60.34
CA ILE G 198 -40.07 -19.29 58.96
C ILE G 198 -41.52 -19.40 58.51
N ASN G 199 -42.40 -19.92 59.37
CA ASN G 199 -43.77 -20.20 58.98
C ASN G 199 -44.56 -18.92 58.69
N GLU G 200 -44.66 -18.03 59.68
CA GLU G 200 -45.41 -16.79 59.51
C GLU G 200 -44.80 -15.90 58.44
N GLY G 201 -43.48 -15.73 58.47
CA GLY G 201 -42.83 -14.84 57.51
C GLY G 201 -42.95 -15.34 56.09
N THR G 202 -42.68 -16.63 55.86
CA THR G 202 -42.70 -17.17 54.52
C THR G 202 -44.11 -17.26 53.98
N THR G 203 -45.10 -17.57 54.83
CA THR G 203 -46.49 -17.56 54.37
C THR G 203 -46.94 -16.17 53.97
N LEU G 204 -46.65 -15.17 54.81
CA LEU G 204 -47.11 -13.81 54.53
C LEU G 204 -46.44 -13.23 53.28
N ILE G 205 -45.11 -13.26 53.21
CA ILE G 205 -44.49 -12.71 52.02
C ILE G 205 -44.55 -13.65 50.84
N LEU G 206 -44.97 -14.91 51.03
CA LEU G 206 -45.25 -15.77 49.89
C LEU G 206 -46.58 -15.40 49.26
N THR G 207 -47.56 -15.02 50.08
CA THR G 207 -48.77 -14.39 49.52
C THR G 207 -48.43 -13.09 48.81
N LEU G 208 -47.51 -12.29 49.38
CA LEU G 208 -47.07 -11.06 48.72
C LEU G 208 -46.39 -11.33 47.38
N ILE G 209 -45.51 -12.34 47.31
CA ILE G 209 -44.82 -12.60 46.05
C ILE G 209 -45.75 -13.30 45.05
N THR G 210 -46.75 -14.05 45.53
CA THR G 210 -47.75 -14.61 44.63
C THR G 210 -48.63 -13.52 44.05
N ARG G 211 -48.87 -12.46 44.83
CA ARG G 211 -49.45 -11.24 44.27
C ARG G 211 -48.51 -10.61 43.25
N LEU G 212 -47.20 -10.65 43.52
CA LEU G 212 -46.24 -10.02 42.61
C LEU G 212 -46.03 -10.83 41.33
N LEU G 213 -45.92 -12.15 41.44
CA LEU G 213 -45.70 -12.97 40.25
C LEU G 213 -47.00 -13.16 39.49
N ARG G 214 -49.15 -11.02 68.27
CA ARG G 214 -48.19 -10.56 67.27
C ARG G 214 -48.86 -9.80 66.13
N PHE G 215 -48.13 -8.86 65.56
CA PHE G 215 -48.68 -8.02 64.49
C PHE G 215 -48.24 -8.56 63.14
N PRO G 216 -49.08 -8.44 62.09
CA PRO G 216 -48.63 -8.85 60.76
C PRO G 216 -47.56 -7.92 60.22
N ILE G 217 -46.55 -8.53 59.59
CA ILE G 217 -45.40 -7.92 58.90
C ILE G 217 -44.43 -7.25 59.90
N TYR G 218 -44.91 -6.97 61.12
CA TYR G 218 -44.11 -6.34 62.16
C TYR G 218 -43.18 -7.32 62.87
N GLU G 219 -43.74 -8.34 63.53
CA GLU G 219 -42.93 -9.19 64.39
C GLU G 219 -42.06 -10.15 63.60
N ALA G 220 -42.54 -10.59 62.43
CA ALA G 220 -41.80 -11.56 61.63
C ALA G 220 -40.48 -10.98 61.11
N ILE G 221 -40.50 -9.71 60.68
CA ILE G 221 -39.28 -9.07 60.18
C ILE G 221 -38.28 -8.86 61.31
N SER G 222 -38.76 -8.40 62.48
CA SER G 222 -37.86 -8.19 63.62
C SER G 222 -37.23 -9.50 64.06
N SER G 223 -38.03 -10.57 64.11
CA SER G 223 -37.48 -11.89 64.42
C SER G 223 -36.53 -12.36 63.32
N TRP G 224 -36.75 -11.94 62.08
CA TRP G 224 -35.85 -12.33 60.99
C TRP G 224 -34.46 -11.72 61.16
N ILE G 225 -34.38 -10.41 61.37
CA ILE G 225 -33.07 -9.79 61.63
C ILE G 225 -32.45 -10.32 62.94
N SER G 226 -33.29 -10.57 63.95
CA SER G 226 -32.76 -11.11 65.20
C SER G 226 -32.14 -12.50 65.01
N THR G 227 -32.85 -13.39 64.31
CA THR G 227 -32.33 -14.73 64.09
C THR G 227 -31.18 -14.75 63.10
N SER G 228 -31.16 -13.82 62.14
CA SER G 228 -30.03 -13.75 61.21
C SER G 228 -28.77 -13.29 61.93
N SER G 229 -28.90 -12.31 62.83
CA SER G 229 -27.76 -11.91 63.66
C SER G 229 -27.32 -13.03 64.57
N ARG G 230 -28.28 -13.79 65.11
CA ARG G 230 -27.94 -14.93 65.97
C ARG G 230 -27.19 -16.01 65.20
N LEU G 231 -27.63 -16.32 63.98
CA LEU G 231 -26.95 -17.36 63.20
C LEU G 231 -25.60 -16.87 62.71
N GLY G 232 -25.45 -15.56 62.46
CA GLY G 232 -24.15 -15.02 62.13
C GLY G 232 -23.18 -15.08 63.29
N ASP G 233 -23.68 -14.85 64.51
CA ASP G 233 -22.82 -14.82 65.67
C ASP G 233 -22.52 -16.21 66.23
N THR G 234 -23.41 -17.18 66.03
CA THR G 234 -23.24 -18.50 66.64
C THR G 234 -22.42 -19.44 65.77
N LEU G 235 -22.73 -19.53 64.48
CA LEU G 235 -21.96 -20.38 63.59
C LEU G 235 -20.58 -19.81 63.29
N GLY G 236 -20.36 -18.53 63.56
CA GLY G 236 -19.08 -17.91 63.28
C GLY G 236 -18.41 -17.33 64.50
N THR G 237 -17.84 -16.12 64.34
CA THR G 237 -17.05 -15.47 65.36
C THR G 237 -17.50 -14.02 65.45
N ARG G 238 -17.37 -13.43 66.64
CA ARG G 238 -17.95 -12.15 67.04
C ARG G 238 -17.36 -10.95 66.29
N ALA G 239 -16.32 -11.14 65.44
CA ALA G 239 -15.65 -10.08 64.67
C ALA G 239 -15.08 -9.02 65.61
N ILE G 240 -14.06 -9.44 66.36
CA ILE G 240 -13.65 -8.72 67.55
C ILE G 240 -12.83 -7.47 67.21
N LEU G 241 -12.25 -7.41 66.02
CA LEU G 241 -11.34 -6.31 65.69
C LEU G 241 -11.71 -5.67 64.36
N ARG G 242 -11.23 -4.43 64.19
CA ARG G 242 -11.47 -3.65 62.98
C ARG G 242 -10.16 -3.02 62.54
N VAL G 243 -9.87 -3.10 61.25
CA VAL G 243 -8.61 -2.56 60.72
C VAL G 243 -8.79 -1.11 60.33
N CYS G 244 -7.80 -0.27 60.67
CA CYS G 244 -7.82 1.15 60.32
C CYS G 244 -6.38 1.64 60.27
N VAL G 245 -5.86 1.83 59.07
CA VAL G 245 -4.52 2.33 58.85
C VAL G 245 -4.59 3.82 58.55
N PHE G 246 -3.74 4.61 59.20
CA PHE G 246 -3.73 6.05 58.97
C PHE G 246 -2.78 6.42 57.84
N ASP G 247 -1.56 5.87 57.88
CA ASP G 247 -0.52 6.19 56.91
C ASP G 247 -0.21 4.95 56.08
N GLY G 248 -0.37 5.05 54.77
CA GLY G 248 0.01 3.97 53.88
C GLY G 248 -1.08 3.60 52.91
N PRO G 249 -0.93 2.43 52.28
CA PRO G 249 -1.92 1.99 51.30
C PRO G 249 -3.24 1.61 51.94
N SER G 250 -4.32 1.76 51.17
CA SER G 250 -5.64 1.38 51.65
C SER G 250 -5.75 -0.13 51.84
N THR G 251 -5.16 -0.90 50.92
CA THR G 251 -5.20 -2.35 50.99
C THR G 251 -3.83 -2.87 51.44
N VAL G 252 -3.84 -3.70 52.47
CA VAL G 252 -2.61 -4.20 53.09
C VAL G 252 -2.40 -5.66 52.70
N HIS G 253 -1.21 -5.94 52.18
CA HIS G 253 -0.89 -7.25 51.66
C HIS G 253 -0.65 -8.24 52.81
N PRO G 254 -0.77 -9.54 52.54
CA PRO G 254 -0.39 -10.54 53.54
C PRO G 254 1.07 -10.40 53.97
N GLY G 255 1.32 -10.60 55.25
CA GLY G 255 2.64 -10.42 55.82
C GLY G 255 2.97 -9.00 56.24
N ASP G 256 2.09 -8.05 55.99
CA ASP G 256 2.34 -6.66 56.35
C ASP G 256 1.61 -6.30 57.64
N ARG G 257 2.29 -5.53 58.48
CA ARG G 257 1.75 -5.14 59.78
C ARG G 257 0.68 -4.07 59.61
N THR G 258 -0.41 -4.22 60.35
CA THR G 258 -1.59 -3.36 60.22
C THR G 258 -1.94 -2.75 61.57
N ALA G 259 -2.38 -1.50 61.55
CA ALA G 259 -2.90 -0.86 62.75
C ALA G 259 -4.36 -1.26 62.96
N VAL G 260 -4.67 -1.73 64.18
CA VAL G 260 -5.94 -2.36 64.47
C VAL G 260 -6.55 -1.71 65.70
N ILE G 261 -7.84 -1.40 65.63
CA ILE G 261 -8.60 -0.87 66.76
C ILE G 261 -9.70 -1.86 67.13
N GLN G 262 -9.76 -2.17 68.44
CA GLN G 262 -10.75 -3.10 68.98
C GLN G 262 -12.16 -2.57 68.79
N VAL G 263 -13.09 -3.48 68.55
CA VAL G 263 -14.51 -3.13 68.47
C VAL G 263 -15.32 -4.10 69.33
N PHE H 1 1.16 10.92 89.68
CA PHE H 1 0.08 11.88 89.41
C PHE H 1 -0.70 11.60 88.13
N LYS H 2 -1.40 10.47 88.08
CA LYS H 2 -2.38 10.18 87.04
C LYS H 2 -3.67 9.72 87.69
N SER H 3 -4.81 10.06 87.07
CA SER H 3 -6.13 9.60 87.52
C SER H 3 -7.15 9.83 86.42
N THR H 4 -8.07 8.86 86.28
CA THR H 4 -9.18 8.95 85.32
C THR H 4 -10.45 8.42 85.97
N THR H 5 -11.60 8.96 85.57
CA THR H 5 -12.90 8.51 86.05
C THR H 5 -13.98 8.95 85.08
N GLN H 6 -15.17 8.40 85.22
CA GLN H 6 -16.29 8.74 84.36
C GLN H 6 -17.59 8.74 85.16
N LEU H 7 -18.45 9.73 84.91
CA LEU H 7 -19.72 9.88 85.62
C LEU H 7 -20.85 10.17 84.64
N ILE H 8 -22.06 9.79 85.04
CA ILE H 8 -23.30 10.17 84.35
C ILE H 8 -24.34 10.53 85.40
N GLN H 9 -24.98 11.69 85.23
CA GLN H 9 -26.05 12.11 86.11
C GLN H 9 -27.33 12.34 85.31
N GLN H 10 -28.48 12.21 85.98
CA GLN H 10 -29.77 12.35 85.33
C GLN H 10 -30.83 12.63 86.38
N VAL H 11 -31.82 13.46 86.02
CA VAL H 11 -32.87 13.84 86.97
C VAL H 11 -34.04 12.87 86.86
N SER H 12 -34.47 12.34 88.00
CA SER H 12 -35.58 11.39 88.04
C SER H 12 -36.44 11.70 89.26
N LEU H 13 -37.33 10.77 89.60
CA LEU H 13 -38.30 10.93 90.68
C LEU H 13 -37.82 10.20 91.92
N THR H 14 -37.99 10.84 93.10
CA THR H 14 -37.46 10.27 94.33
C THR H 14 -38.30 9.12 94.87
N ASP H 15 -39.61 9.12 94.61
CA ASP H 15 -40.51 8.15 95.24
C ASP H 15 -40.17 6.73 94.83
N PHE H 16 -39.86 6.53 93.56
CA PHE H 16 -39.14 5.32 93.17
C PHE H 16 -37.68 5.53 93.51
N PHE H 17 -37.09 4.59 94.27
CA PHE H 17 -35.69 4.67 94.70
C PHE H 17 -35.40 5.94 95.50
N ARG H 18 -35.93 5.95 96.71
CA ARG H 18 -35.47 6.90 97.72
C ARG H 18 -33.97 6.73 97.93
N PRO H 19 -33.13 7.70 97.54
CA PRO H 19 -31.69 7.40 97.40
C PRO H 19 -30.94 7.30 98.71
N ASP H 20 -31.37 8.01 99.75
CA ASP H 20 -30.57 8.04 100.98
C ASP H 20 -30.79 6.79 101.83
N ILE H 21 -31.80 6.00 101.50
CA ILE H 21 -32.12 4.83 102.31
C ILE H 21 -31.06 3.73 102.15
N GLU H 22 -30.59 3.52 100.91
CA GLU H 22 -29.67 2.41 100.68
C GLU H 22 -28.26 2.77 101.13
N HIS H 23 -27.32 1.90 100.79
CA HIS H 23 -25.93 2.10 101.17
C HIS H 23 -25.28 3.18 100.31
N ALA H 24 -23.97 3.33 100.47
CA ALA H 24 -23.23 4.31 99.68
C ALA H 24 -23.19 3.93 98.21
N GLY H 25 -23.12 2.63 97.91
CA GLY H 25 -23.09 2.18 96.54
C GLY H 25 -24.03 1.02 96.28
N SER H 26 -24.71 1.04 95.14
CA SER H 26 -25.54 -0.08 94.71
C SER H 26 -25.59 -0.06 93.18
N THR H 27 -26.55 -0.78 92.61
CA THR H 27 -26.79 -0.77 91.17
C THR H 27 -28.10 -0.02 90.92
N VAL H 28 -28.04 0.98 90.05
CA VAL H 28 -29.19 1.83 89.74
C VAL H 28 -29.52 1.70 88.27
N LEU H 29 -30.79 1.48 87.95
CA LEU H 29 -31.23 1.33 86.58
C LEU H 29 -32.46 2.20 86.34
N ILE H 30 -32.61 2.69 85.11
CA ILE H 30 -33.68 3.63 84.76
C ILE H 30 -34.69 2.93 83.88
N LEU H 31 -35.93 3.43 83.87
CA LEU H 31 -37.02 2.84 83.12
C LEU H 31 -37.19 3.58 81.80
N ARG H 32 -36.29 3.35 80.86
CA ARG H 32 -36.39 3.97 79.53
C ARG H 32 -37.22 3.04 78.66
N HIS H 33 -38.52 3.07 78.88
CA HIS H 33 -39.49 2.34 78.07
C HIS H 33 -39.62 3.00 76.70
N PRO H 34 -39.81 2.22 75.62
CA PRO H 34 -39.84 2.83 74.28
C PRO H 34 -41.13 3.58 73.97
N THR H 35 -42.15 3.53 74.83
CA THR H 35 -43.39 4.21 74.58
C THR H 35 -43.32 5.71 74.87
N ASP H 36 -42.20 6.21 75.37
CA ASP H 36 -42.11 7.62 75.75
C ASP H 36 -41.86 8.54 74.56
N LEU H 37 -41.71 8.01 73.35
CA LEU H 37 -41.42 8.83 72.17
C LEU H 37 -42.44 8.57 71.06
N PRO H 38 -43.64 9.14 71.17
CA PRO H 38 -44.59 9.09 70.06
C PRO H 38 -44.61 10.34 69.19
N ALA H 39 -43.68 11.28 69.39
CA ALA H 39 -43.70 12.57 68.72
C ALA H 39 -43.01 12.46 67.36
N LEU H 40 -43.67 11.74 66.46
CA LEU H 40 -43.21 11.60 65.09
C LEU H 40 -44.42 11.23 64.22
N ALA H 41 -44.21 11.20 62.91
CA ALA H 41 -45.30 10.88 61.99
C ALA H 41 -45.66 9.39 62.05
N ARG H 42 -44.79 8.56 62.61
CA ARG H 42 -45.02 7.12 62.68
C ARG H 42 -45.72 6.70 63.96
N HIS H 43 -45.61 7.50 65.02
CA HIS H 43 -46.28 7.29 66.31
C HIS H 43 -45.93 5.92 66.91
N ARG H 44 -44.64 5.77 67.21
CA ARG H 44 -44.11 4.57 67.88
C ARG H 44 -44.26 4.71 69.39
N ALA H 45 -45.46 4.38 69.86
CA ALA H 45 -45.72 4.15 71.29
C ALA H 45 -46.45 2.82 71.37
N PRO H 46 -45.72 1.71 71.39
CA PRO H 46 -46.35 0.39 71.21
C PRO H 46 -47.19 -0.01 72.41
N PRO H 47 -48.50 -0.19 72.21
CA PRO H 47 -49.36 -0.61 73.33
C PRO H 47 -49.12 -2.05 73.76
N GLY H 48 -49.14 -2.96 72.81
CA GLY H 48 -48.98 -4.38 73.07
C GLY H 48 -50.26 -5.15 72.80
N ARG H 49 -50.11 -6.48 72.67
CA ARG H 49 -51.26 -7.34 72.45
C ARG H 49 -52.05 -7.53 73.73
N GLN H 50 -53.38 -7.41 73.63
CA GLN H 50 -54.36 -7.36 74.73
C GLN H 50 -53.83 -6.56 75.93
N THR H 51 -53.47 -5.31 75.63
CA THR H 51 -52.75 -4.41 76.52
C THR H 51 -53.65 -3.72 77.55
N GLU H 52 -54.88 -4.19 77.76
CA GLU H 52 -55.78 -3.55 78.72
C GLU H 52 -55.24 -3.69 80.15
N ARG H 53 -54.78 -4.90 80.51
CA ARG H 53 -54.17 -5.10 81.81
C ARG H 53 -52.87 -4.31 81.93
N LEU H 54 -52.08 -4.28 80.86
CA LEU H 54 -50.87 -3.46 80.79
C LEU H 54 -51.17 -1.99 81.03
N ALA H 55 -52.16 -1.46 80.31
CA ALA H 55 -52.49 -0.04 80.41
C ALA H 55 -53.01 0.31 81.79
N GLU H 56 -53.89 -0.54 82.34
CA GLU H 56 -54.44 -0.30 83.67
C GLU H 56 -53.35 -0.32 84.73
N ALA H 57 -52.50 -1.36 84.71
CA ALA H 57 -51.47 -1.50 85.73
C ALA H 57 -50.45 -0.37 85.65
N TRP H 58 -49.97 -0.06 84.44
CA TRP H 58 -48.96 0.97 84.31
C TRP H 58 -49.52 2.35 84.61
N GLY H 59 -50.72 2.65 84.11
CA GLY H 59 -51.31 3.95 84.32
C GLY H 59 -51.64 4.23 85.78
N GLN H 60 -52.22 3.24 86.48
CA GLN H 60 -52.50 3.43 87.89
C GLN H 60 -51.24 3.45 88.72
N LEU H 61 -50.24 2.64 88.37
CA LEU H 61 -48.94 2.68 89.04
C LEU H 61 -48.27 4.04 88.86
N LEU H 62 -48.47 4.66 87.70
CA LEU H 62 -47.89 5.97 87.46
C LEU H 62 -48.65 7.06 88.23
N GLU H 63 -49.97 6.95 88.31
CA GLU H 63 -50.73 8.01 88.95
C GLU H 63 -50.59 7.94 90.47
N ALA H 64 -50.36 6.74 91.01
CA ALA H 64 -50.19 6.62 92.46
C ALA H 64 -48.74 6.81 92.87
N SER H 65 -47.84 6.94 91.91
CA SER H 65 -46.44 7.20 92.18
C SER H 65 -46.22 8.65 92.60
N ARG H 66 -42.00 7.82 82.33
CA ARG H 66 -40.68 8.41 82.10
C ARG H 66 -39.56 7.52 82.62
N ALA H 67 -38.36 8.06 82.69
CA ALA H 67 -37.19 7.32 83.13
C ALA H 67 -37.13 7.38 84.66
N TYR H 68 -37.72 6.37 85.30
CA TYR H 68 -37.73 6.30 86.75
C TYR H 68 -36.56 5.44 87.23
N VAL H 69 -35.78 6.00 88.16
CA VAL H 69 -34.69 5.23 88.76
C VAL H 69 -35.26 4.25 89.77
N THR H 70 -34.83 2.99 89.65
CA THR H 70 -35.12 1.95 90.63
C THR H 70 -33.85 1.14 90.82
N SER H 71 -33.45 0.94 92.07
CA SER H 71 -32.37 0.00 92.31
C SER H 71 -32.89 -1.43 92.17
N LEU H 72 -31.95 -2.38 92.09
CA LEU H 72 -32.37 -3.77 92.02
C LEU H 72 -32.74 -4.30 93.40
N SER H 73 -32.46 -3.54 94.44
CA SER H 73 -33.05 -3.83 95.75
C SER H 73 -34.57 -3.67 95.72
N PHE H 74 -35.09 -2.80 94.84
CA PHE H 74 -36.53 -2.67 94.67
C PHE H 74 -37.14 -3.90 94.00
N ILE H 75 -36.63 -4.29 92.83
CA ILE H 75 -37.32 -5.28 92.02
C ILE H 75 -37.17 -6.67 92.63
N ALA H 76 -36.00 -6.95 93.22
CA ALA H 76 -35.82 -8.21 93.95
C ALA H 76 -36.74 -8.28 95.17
N ALA H 77 -37.06 -7.13 95.76
CA ALA H 77 -37.98 -7.12 96.90
C ALA H 77 -39.41 -7.37 96.46
N CYS H 78 -39.82 -6.78 95.33
CA CYS H 78 -41.20 -7.00 94.92
C CYS H 78 -41.38 -8.34 94.21
N ARG H 79 -40.29 -9.00 93.83
CA ARG H 79 -40.35 -10.33 93.25
C ARG H 79 -39.85 -11.38 94.25
N ALA H 80 -39.81 -11.01 95.54
CA ALA H 80 -39.25 -11.88 96.56
C ALA H 80 -40.11 -13.10 96.83
N GLU H 81 -41.37 -13.08 96.38
CA GLU H 81 -42.27 -14.21 96.58
C GLU H 81 -41.94 -15.39 95.67
N GLU H 82 -41.27 -15.16 94.54
CA GLU H 82 -40.93 -16.23 93.61
C GLU H 82 -39.47 -16.64 93.64
N TYR H 83 -38.63 -15.93 94.39
CA TYR H 83 -37.23 -16.32 94.53
C TYR H 83 -37.12 -17.60 95.35
N THR H 84 -36.05 -18.36 95.12
CA THR H 84 -35.92 -19.66 95.79
C THR H 84 -35.57 -19.51 97.27
N ASP H 85 -34.93 -18.40 97.64
CA ASP H 85 -34.64 -18.14 99.04
C ASP H 85 -35.76 -17.34 99.67
N LYS H 86 -36.01 -17.57 100.97
CA LYS H 86 -37.10 -16.90 101.66
C LYS H 86 -36.63 -15.94 102.76
N GLN H 87 -35.59 -16.30 103.52
CA GLN H 87 -35.17 -15.49 104.65
C GLN H 87 -34.62 -14.15 104.18
N ALA H 88 -33.77 -14.18 103.15
CA ALA H 88 -33.31 -12.93 102.54
C ALA H 88 -34.45 -12.22 101.83
N ALA H 89 -35.38 -12.99 101.25
CA ALA H 89 -36.52 -12.40 100.55
C ALA H 89 -37.47 -11.70 101.53
N GLU H 90 -37.84 -12.38 102.61
CA GLU H 90 -38.73 -11.78 103.60
C GLU H 90 -38.04 -10.65 104.34
N ALA H 91 -36.72 -10.77 104.54
CA ALA H 91 -35.95 -9.70 105.16
C ALA H 91 -35.93 -8.46 104.26
N ASN H 92 -35.76 -8.65 102.95
CA ASN H 92 -35.81 -7.55 102.00
C ASN H 92 -37.18 -6.91 101.97
N ARG H 93 -38.23 -7.73 101.98
CA ARG H 93 -39.59 -7.20 101.98
C ARG H 93 -39.88 -6.42 103.25
N THR H 94 -39.43 -6.92 104.40
CA THR H 94 -39.67 -6.22 105.66
C THR H 94 -38.89 -4.90 105.70
N ALA H 95 -37.65 -4.91 105.20
CA ALA H 95 -36.85 -3.69 105.14
C ALA H 95 -37.47 -2.66 104.22
N ILE H 96 -38.07 -3.11 103.11
CA ILE H 96 -38.59 -2.13 102.14
C ILE H 96 -39.99 -1.67 102.55
N VAL H 97 -40.71 -2.46 103.35
CA VAL H 97 -41.97 -1.97 103.90
C VAL H 97 -41.72 -1.21 105.20
N SER H 98 -40.45 -1.12 105.62
CA SER H 98 -40.10 -0.21 106.69
C SER H 98 -39.14 0.90 106.29
N ALA H 99 -38.79 1.03 105.01
CA ALA H 99 -37.64 1.86 104.66
C ALA H 99 -37.91 2.98 103.66
N TYR H 100 -38.66 2.77 102.58
CA TYR H 100 -38.77 3.80 101.55
C TYR H 100 -39.94 4.74 101.87
N GLY H 101 -40.36 5.50 100.86
CA GLY H 101 -41.63 6.17 100.74
C GLY H 101 -42.28 6.85 101.93
N CYS H 102 -43.61 6.94 101.94
CA CYS H 102 -44.36 7.22 103.15
C CYS H 102 -45.39 6.14 103.47
N SER H 103 -46.36 5.96 102.57
CA SER H 103 -47.49 5.05 102.79
C SER H 103 -47.93 4.25 101.57
N ARG H 104 -47.36 4.51 100.39
CA ARG H 104 -47.74 3.87 99.13
C ARG H 104 -47.02 2.53 98.92
N MET H 105 -46.52 1.95 100.02
CA MET H 105 -45.27 1.21 99.98
C MET H 105 -45.48 -0.26 99.60
N GLY H 106 -46.24 -0.98 100.42
CA GLY H 106 -46.53 -2.37 100.10
C GLY H 106 -47.39 -2.50 98.85
N ALA H 107 -48.32 -1.55 98.66
CA ALA H 107 -49.11 -1.52 97.43
C ALA H 107 -48.24 -1.29 96.21
N ARG H 108 -47.23 -0.42 96.32
CA ARG H 108 -46.21 -0.24 95.29
C ARG H 108 -45.54 -1.56 94.95
N LEU H 109 -45.15 -2.31 95.98
CA LEU H 109 -44.47 -3.59 95.77
C LEU H 109 -45.34 -4.58 95.00
N ILE H 110 -46.51 -4.90 95.55
CA ILE H 110 -47.33 -5.96 94.94
C ILE H 110 -47.87 -5.50 93.60
N ARG H 111 -48.17 -4.20 93.47
CA ARG H 111 -48.77 -3.70 92.25
C ARG H 111 -47.74 -3.62 91.14
N PHE H 112 -46.49 -3.33 91.49
CA PHE H 112 -45.43 -3.30 90.48
C PHE H 112 -45.09 -4.71 90.02
N SER H 113 -45.16 -5.70 90.93
CA SER H 113 -45.02 -7.09 90.52
C SER H 113 -46.17 -7.49 89.58
N GLU H 114 -47.37 -7.01 89.87
CA GLU H 114 -48.50 -7.24 88.97
C GLU H 114 -48.29 -6.51 87.64
N CYS H 115 -47.59 -5.37 87.66
CA CYS H 115 -47.32 -4.66 86.42
C CYS H 115 -46.37 -5.43 85.52
N LEU H 116 -45.33 -6.04 86.10
CA LEU H 116 -44.49 -6.92 85.29
C LEU H 116 -45.21 -8.19 84.86
N ARG H 117 -46.16 -8.67 85.66
CA ARG H 117 -46.99 -9.78 85.18
C ARG H 117 -47.85 -9.35 83.99
N ALA H 118 -48.33 -8.11 84.02
CA ALA H 118 -49.03 -7.55 82.86
C ALA H 118 -48.09 -7.38 81.68
N MET H 119 -46.82 -7.06 81.94
CA MET H 119 -45.82 -6.99 80.87
C MET H 119 -45.68 -8.32 80.17
N VAL H 120 -45.49 -9.39 80.95
CA VAL H 120 -45.21 -10.69 80.34
C VAL H 120 -46.46 -11.31 79.73
N GLN H 121 -47.65 -10.95 80.22
CA GLN H 121 -48.85 -11.55 79.65
C GLN H 121 -49.18 -10.94 78.29
N CYS H 122 -48.77 -9.70 78.06
CA CYS H 122 -49.09 -8.98 76.83
C CYS H 122 -48.03 -9.13 75.74
N HIS H 123 -47.08 -10.04 75.92
CA HIS H 123 -46.07 -10.45 74.94
C HIS H 123 -45.06 -9.38 74.57
N VAL H 124 -45.20 -8.17 75.10
CA VAL H 124 -44.12 -7.17 75.02
C VAL H 124 -43.32 -7.32 76.31
N PHE H 125 -42.16 -7.93 76.18
CA PHE H 125 -41.48 -8.51 77.32
C PHE H 125 -40.78 -7.43 78.13
N PRO H 126 -40.59 -7.63 79.44
CA PRO H 126 -40.01 -6.58 80.28
C PRO H 126 -38.53 -6.32 80.03
N HIS H 127 -37.88 -7.08 79.14
CA HIS H 127 -36.54 -6.72 78.72
C HIS H 127 -36.64 -5.55 77.73
N ARG H 128 -35.50 -5.17 77.15
CA ARG H 128 -35.18 -4.08 76.21
C ARG H 128 -35.35 -2.72 76.89
N PHE H 129 -35.86 -2.71 78.12
CA PHE H 129 -35.77 -1.54 78.99
C PHE H 129 -35.35 -2.01 80.38
N ILE H 130 -35.47 -1.14 81.37
CA ILE H 130 -34.70 -1.16 82.61
C ILE H 130 -33.23 -1.19 82.18
N SER H 131 -32.81 -0.13 81.50
CA SER H 131 -31.42 -0.02 81.05
C SER H 131 -30.52 0.33 82.24
N PHE H 132 -29.25 -0.07 82.16
CA PHE H 132 -28.33 0.19 83.26
C PHE H 132 -27.97 1.67 83.30
N PHE H 133 -28.09 2.28 84.48
CA PHE H 133 -27.75 3.69 84.63
C PHE H 133 -26.35 3.87 85.21
N GLY H 134 -26.12 3.38 86.41
CA GLY H 134 -24.87 3.65 87.08
C GLY H 134 -24.81 3.02 88.46
N SER H 135 -23.97 3.60 89.32
CA SER H 135 -23.62 2.97 90.58
C SER H 135 -23.70 3.89 91.80
N LEU H 136 -24.72 4.76 91.90
CA LEU H 136 -25.18 5.32 93.18
C LEU H 136 -24.15 6.19 93.90
N LEU H 137 -24.11 7.49 93.58
CA LEU H 137 -23.21 8.41 94.26
C LEU H 137 -24.05 9.54 94.81
N GLU H 138 -23.40 10.65 95.20
CA GLU H 138 -23.87 11.59 96.23
C GLU H 138 -25.30 12.14 96.12
N TYR H 139 -25.97 11.91 94.99
CA TYR H 139 -27.34 12.31 94.64
C TYR H 139 -27.68 13.76 94.95
N THR H 140 -28.95 14.11 94.87
CA THR H 140 -29.38 15.44 95.31
C THR H 140 -30.57 15.35 96.26
N ILE H 141 -31.52 14.48 95.92
CA ILE H 141 -32.89 14.47 96.44
C ILE H 141 -33.41 15.91 96.43
N GLN H 142 -33.64 16.43 95.23
CA GLN H 142 -34.14 17.80 95.05
C GLN H 142 -35.65 17.77 95.29
N ASP H 143 -36.03 17.88 96.56
CA ASP H 143 -37.40 17.71 97.04
C ASP H 143 -37.97 16.38 96.57
N ASN H 144 -38.83 16.41 95.56
CA ASN H 144 -39.38 15.19 94.99
C ASN H 144 -38.59 14.71 93.77
N LEU H 145 -37.72 15.55 93.22
CA LEU H 145 -36.94 15.15 92.05
C LEU H 145 -35.58 14.60 92.47
N CYS H 146 -35.04 13.69 91.67
CA CYS H 146 -33.82 12.96 92.01
C CYS H 146 -32.74 13.24 90.97
N ASN H 147 -31.93 14.26 91.22
CA ASN H 147 -30.71 14.50 90.44
C ASN H 147 -29.55 13.67 91.00
N ILE H 148 -29.47 12.40 90.60
CA ILE H 148 -28.48 11.51 91.18
C ILE H 148 -27.28 11.40 90.25
N THR H 149 -26.08 11.40 90.84
CA THR H 149 -24.86 11.10 90.09
C THR H 149 -24.50 9.63 90.27
N ALA H 150 -23.96 9.04 89.22
CA ALA H 150 -23.66 7.62 89.26
C ALA H 150 -22.56 7.30 88.26
N VAL H 151 -21.66 6.40 88.63
CA VAL H 151 -20.59 5.97 87.74
C VAL H 151 -21.20 4.97 86.75
N ALA H 152 -21.31 5.38 85.48
CA ALA H 152 -21.89 4.51 84.47
C ALA H 152 -20.86 3.55 83.91
N LYS H 153 -19.71 4.07 83.51
CA LYS H 153 -18.64 3.30 82.90
C LYS H 153 -17.36 3.51 83.69
N GLY H 154 -16.41 2.60 83.53
CA GLY H 154 -15.15 2.71 84.22
C GLY H 154 -15.07 1.83 85.46
N PRO H 155 -13.96 1.92 86.18
CA PRO H 155 -13.77 1.05 87.35
C PRO H 155 -14.36 1.65 88.60
N GLN H 156 -14.65 0.78 89.57
CA GLN H 156 -15.13 1.21 90.88
C GLN H 156 -13.91 1.57 91.74
N GLU H 157 -14.16 2.09 92.94
CA GLU H 157 -13.16 2.80 93.77
C GLU H 157 -12.32 3.77 92.95
N ALA H 158 -12.98 4.59 92.12
CA ALA H 158 -12.27 5.55 91.28
C ALA H 158 -12.70 6.99 91.48
N ALA H 159 -13.94 7.24 91.89
CA ALA H 159 -14.42 8.61 92.03
C ALA H 159 -14.15 9.12 93.45
N ARG H 160 -14.73 10.29 93.76
CA ARG H 160 -14.53 10.94 95.06
C ARG H 160 -15.89 11.10 95.72
N THR H 161 -16.12 10.36 96.80
CA THR H 161 -17.37 10.45 97.57
C THR H 161 -17.09 11.04 98.95
N ASP H 162 -17.72 12.17 99.25
CA ASP H 162 -17.42 12.90 100.48
C ASP H 162 -18.19 12.39 101.68
N LYS H 163 -19.46 12.02 101.50
CA LYS H 163 -20.33 11.68 102.63
C LYS H 163 -20.20 10.22 103.04
N THR H 164 -18.96 9.80 103.28
CA THR H 164 -18.67 8.49 103.85
C THR H 164 -17.32 8.58 104.55
N SER H 165 -17.05 7.59 105.41
CA SER H 165 -15.88 7.66 106.27
C SER H 165 -14.58 7.44 105.49
N THR H 166 -14.56 6.44 104.62
CA THR H 166 -13.34 6.02 103.94
C THR H 166 -13.10 6.70 102.61
N ARG H 167 -14.03 7.54 102.16
CA ARG H 167 -13.99 8.30 100.90
C ARG H 167 -13.91 7.41 99.66
N ARG H 168 -14.18 6.12 99.80
CA ARG H 168 -14.16 5.16 98.70
C ARG H 168 -15.44 4.36 98.74
N VAL H 169 -15.91 3.94 97.56
CA VAL H 169 -17.22 3.31 97.42
C VAL H 169 -17.11 2.10 96.49
N THR H 170 -17.83 1.04 96.84
CA THR H 170 -17.97 -0.14 96.00
C THR H 170 -19.42 -0.61 96.04
N ALA H 171 -19.77 -1.48 95.09
CA ALA H 171 -21.16 -1.85 94.85
C ALA H 171 -21.70 -2.76 95.95
N ASN H 172 -23.03 -2.85 96.02
CA ASN H 172 -23.73 -3.69 96.97
C ASN H 172 -24.89 -4.39 96.27
N ILE H 173 -25.26 -5.55 96.79
CA ILE H 173 -26.40 -6.30 96.26
C ILE H 173 -26.89 -7.30 97.30
N PRO H 174 -28.21 -7.37 97.49
CA PRO H 174 -28.78 -8.47 98.29
C PRO H 174 -28.58 -9.82 97.64
N ALA H 175 -28.62 -10.86 98.47
CA ALA H 175 -28.30 -12.21 98.01
C ALA H 175 -29.43 -12.83 97.21
N CYS H 176 -30.59 -12.17 97.14
CA CYS H 176 -31.73 -12.75 96.43
C CYS H 176 -31.48 -12.86 94.94
N VAL H 177 -30.82 -11.86 94.35
CA VAL H 177 -30.61 -11.82 92.91
C VAL H 177 -29.19 -12.24 92.54
N PHE H 178 -28.44 -12.80 93.48
CA PHE H 178 -27.06 -13.22 93.22
C PHE H 178 -27.06 -14.63 92.66
N TRP H 179 -26.19 -14.88 91.69
CA TRP H 179 -26.04 -16.20 91.09
C TRP H 179 -24.59 -16.40 90.67
N ASP H 180 -24.01 -17.51 91.12
CA ASP H 180 -22.70 -17.97 90.65
C ASP H 180 -22.96 -19.26 89.88
N VAL H 181 -23.18 -19.13 88.56
CA VAL H 181 -23.45 -20.31 87.74
C VAL H 181 -22.22 -21.21 87.60
N ASP H 182 -21.02 -20.66 87.75
CA ASP H 182 -19.82 -21.44 87.48
C ASP H 182 -19.58 -22.50 88.55
N LYS H 183 -19.92 -22.20 89.80
CA LYS H 183 -19.80 -23.22 90.84
C LYS H 183 -20.91 -24.27 90.73
N ASP H 184 -22.08 -23.88 90.23
CA ASP H 184 -23.15 -24.85 90.04
C ASP H 184 -22.83 -25.73 88.83
N LEU H 185 -22.33 -25.13 87.75
CA LEU H 185 -21.89 -25.89 86.59
C LEU H 185 -20.53 -26.54 86.78
N HIS H 186 -19.89 -26.31 87.92
CA HIS H 186 -18.61 -26.92 88.30
C HIS H 186 -17.51 -26.57 87.30
N LEU H 187 -17.56 -25.33 86.80
CA LEU H 187 -16.66 -24.88 85.74
C LEU H 187 -15.85 -23.72 86.31
N SER H 188 -14.67 -24.06 86.86
CA SER H 188 -13.64 -23.12 87.31
C SER H 188 -14.08 -22.22 88.47
N ALA H 189 -13.13 -21.48 89.03
CA ALA H 189 -13.44 -20.51 90.07
C ALA H 189 -12.66 -19.22 89.86
N ASP H 190 -11.58 -19.30 89.09
CA ASP H 190 -10.63 -18.21 88.94
C ASP H 190 -10.67 -17.67 87.52
N GLY H 191 -10.34 -16.39 87.38
CA GLY H 191 -10.28 -15.74 86.09
C GLY H 191 -11.00 -14.40 86.10
N LEU H 192 -11.07 -13.80 84.92
CA LEU H 192 -11.77 -12.53 84.77
C LEU H 192 -13.25 -12.83 84.57
N LYS H 193 -14.09 -12.28 85.43
CA LYS H 193 -15.48 -12.68 85.57
C LYS H 193 -16.38 -11.67 84.87
N HIS H 194 -17.21 -12.16 83.95
CA HIS H 194 -18.22 -11.31 83.34
C HIS H 194 -19.41 -11.14 84.29
N VAL H 195 -20.00 -9.95 84.25
CA VAL H 195 -21.11 -9.59 85.12
C VAL H 195 -22.37 -9.51 84.27
N PHE H 196 -23.34 -10.37 84.56
CA PHE H 196 -24.56 -10.48 83.78
C PHE H 196 -25.78 -10.26 84.67
N LEU H 197 -26.74 -9.51 84.14
CA LEU H 197 -28.09 -9.43 84.68
C LEU H 197 -29.01 -10.09 83.66
N VAL H 198 -29.75 -11.09 84.12
CA VAL H 198 -30.54 -11.94 83.23
C VAL H 198 -31.99 -11.91 83.69
N PHE H 199 -32.91 -11.81 82.74
CA PHE H 199 -34.32 -12.05 82.98
C PHE H 199 -34.58 -13.53 82.71
N VAL H 200 -35.25 -14.20 83.64
CA VAL H 200 -35.79 -15.52 83.37
C VAL H 200 -37.29 -15.36 83.15
N TYR H 201 -37.78 -15.95 82.06
CA TYR H 201 -39.19 -15.88 81.71
C TYR H 201 -39.83 -17.24 81.94
N THR H 202 -40.94 -17.23 82.68
CA THR H 202 -41.65 -18.45 83.06
C THR H 202 -43.05 -18.33 82.47
N GLN H 203 -43.20 -18.81 81.23
CA GLN H 203 -44.51 -18.82 80.59
C GLN H 203 -45.41 -19.82 81.29
N ARG H 204 -46.61 -19.37 81.65
CA ARG H 204 -47.62 -20.14 82.40
C ARG H 204 -47.05 -20.67 83.70
N ARG H 205 -46.94 -22.00 83.80
CA ARG H 205 -46.46 -22.74 84.98
C ARG H 205 -47.16 -22.28 86.28
N GLN H 206 -48.46 -22.53 86.30
CA GLN H 206 -49.37 -22.16 87.40
C GLN H 206 -49.39 -20.66 87.64
N ARG H 207 -49.37 -19.90 86.52
CA ARG H 207 -49.51 -18.44 86.50
C ARG H 207 -48.44 -17.75 87.35
N GLU H 208 -47.19 -18.00 86.98
CA GLU H 208 -46.07 -17.39 87.69
C GLU H 208 -45.71 -16.05 87.05
N GLY H 209 -44.79 -15.34 87.70
CA GLY H 209 -44.25 -14.12 87.13
C GLY H 209 -42.85 -14.37 86.62
N VAL H 210 -42.05 -13.33 86.46
CA VAL H 210 -40.69 -13.49 85.96
C VAL H 210 -39.69 -12.94 86.96
N ARG H 211 -38.65 -13.73 87.20
CA ARG H 211 -37.61 -13.37 88.15
C ARG H 211 -36.42 -12.85 87.36
N LEU H 212 -35.46 -12.29 88.09
CA LEU H 212 -34.22 -11.85 87.50
C LEU H 212 -33.08 -12.11 88.48
N HIS H 213 -31.88 -12.22 87.93
CA HIS H 213 -30.70 -12.53 88.74
C HIS H 213 -29.50 -11.77 88.19
N LEU H 214 -28.68 -11.28 89.12
CA LEU H 214 -27.40 -10.67 88.78
C LEU H 214 -26.39 -11.82 88.80
N ALA H 215 -26.03 -12.31 87.62
CA ALA H 215 -25.25 -13.53 87.49
C ALA H 215 -23.79 -13.22 87.22
N LEU H 216 -22.93 -14.06 87.79
CA LEU H 216 -21.49 -14.01 87.56
C LEU H 216 -21.09 -15.23 86.76
N SER H 217 -20.33 -15.02 85.69
CA SER H 217 -19.91 -16.12 84.84
C SER H 217 -18.56 -15.83 84.22
N GLN H 218 -17.81 -16.89 83.91
CA GLN H 218 -16.59 -16.79 83.12
C GLN H 218 -16.86 -16.93 81.63
N LEU H 219 -18.09 -17.23 81.24
CA LEU H 219 -18.41 -17.42 79.83
C LEU H 219 -18.49 -16.08 79.12
N ASN H 220 -18.33 -16.13 77.80
CA ASN H 220 -18.32 -14.93 76.98
C ASN H 220 -19.73 -14.36 76.86
N GLU H 221 -19.82 -13.10 76.44
CA GLU H 221 -21.12 -12.48 76.17
C GLU H 221 -21.83 -13.20 75.03
N GLN H 222 -21.09 -13.62 74.01
CA GLN H 222 -21.66 -14.47 72.97
C GLN H 222 -22.05 -15.83 73.53
N CYS H 223 -21.34 -16.28 74.56
CA CYS H 223 -21.65 -17.52 75.25
C CYS H 223 -22.80 -17.27 76.24
N PHE H 224 -22.98 -18.23 77.16
CA PHE H 224 -23.89 -18.19 78.31
C PHE H 224 -25.35 -18.36 77.89
N GLY H 225 -25.61 -18.41 76.59
CA GLY H 225 -26.96 -18.67 76.13
C GLY H 225 -27.39 -20.11 76.36
N ARG H 226 -26.49 -21.06 76.08
CA ARG H 226 -26.82 -22.47 76.27
C ARG H 226 -26.83 -22.84 77.74
N GLY H 227 -26.04 -22.14 78.56
CA GLY H 227 -26.00 -22.44 79.99
C GLY H 227 -27.30 -22.05 80.68
N ILE H 228 -27.99 -21.05 80.14
CA ILE H 228 -29.35 -20.77 80.58
C ILE H 228 -30.34 -21.66 79.84
N GLY H 229 -29.99 -22.08 78.62
CA GLY H 229 -30.74 -23.12 77.96
C GLY H 229 -30.64 -24.45 78.71
N PHE H 230 -29.46 -24.73 79.25
CA PHE H 230 -29.28 -25.80 80.21
C PHE H 230 -29.72 -25.30 81.59
N LEU H 231 -29.80 -26.21 82.56
CA LEU H 231 -30.12 -25.95 83.96
C LEU H 231 -31.54 -25.38 84.10
N LEU H 232 -31.77 -24.17 83.59
CA LEU H 232 -33.12 -23.61 83.58
C LEU H 232 -34.04 -24.46 82.69
N GLY H 233 -33.62 -24.71 81.46
CA GLY H 233 -34.37 -25.58 80.58
C GLY H 233 -34.24 -27.06 80.89
N ALA H 234 -33.15 -27.46 81.56
CA ALA H 234 -33.00 -28.84 81.98
C ALA H 234 -33.88 -29.18 83.17
N ARG H 235 -34.19 -28.19 84.02
CA ARG H 235 -35.10 -28.39 85.14
C ARG H 235 -36.47 -27.84 84.76
N ILE H 236 -37.31 -28.73 84.24
CA ILE H 236 -38.67 -28.38 83.86
C ILE H 236 -39.57 -29.60 83.96
N CYS H 237 -40.67 -21.43 74.28
CA CYS H 237 -39.87 -20.39 73.65
C CYS H 237 -39.91 -19.10 74.46
N MET H 238 -38.97 -18.21 74.17
CA MET H 238 -38.86 -16.87 74.77
C MET H 238 -38.72 -16.98 76.29
N TYR H 239 -37.69 -17.70 76.72
CA TYR H 239 -37.54 -18.08 78.12
C TYR H 239 -36.57 -17.21 78.90
N ALA H 240 -35.70 -16.45 78.22
CA ALA H 240 -34.68 -15.71 78.94
C ALA H 240 -34.18 -14.54 78.11
N ALA H 241 -33.57 -13.57 78.80
CA ALA H 241 -32.93 -12.43 78.18
C ALA H 241 -31.88 -11.90 79.13
N TYR H 242 -30.68 -11.61 78.62
CA TYR H 242 -29.55 -11.22 79.42
C TYR H 242 -28.72 -10.14 78.73
N THR H 243 -27.91 -9.43 79.52
CA THR H 243 -27.06 -8.38 79.00
C THR H 243 -25.80 -8.28 79.86
N LEU H 244 -24.78 -7.62 79.31
CA LEU H 244 -23.52 -7.46 80.00
C LEU H 244 -23.45 -6.06 80.59
N ILE H 245 -22.95 -5.95 81.81
CA ILE H 245 -22.88 -4.70 82.55
C ILE H 245 -21.45 -4.35 82.93
N GLY H 246 -20.69 -5.32 83.39
CA GLY H 246 -19.30 -5.07 83.74
C GLY H 246 -18.51 -6.35 83.67
N THR H 247 -17.23 -6.22 84.00
CA THR H 247 -16.33 -7.36 84.15
C THR H 247 -15.57 -7.22 85.46
N ILE H 248 -15.01 -8.34 85.92
CA ILE H 248 -14.20 -8.32 87.13
C ILE H 248 -12.75 -8.56 86.75
N PRO H 249 -11.91 -7.53 86.75
CA PRO H 249 -10.53 -7.67 86.28
C PRO H 249 -9.56 -8.24 87.29
N SER H 250 -10.03 -8.66 88.46
CA SER H 250 -9.15 -9.28 89.44
C SER H 250 -8.79 -10.70 89.02
N GLU H 251 -7.76 -11.24 89.68
CA GLU H 251 -7.38 -12.63 89.46
C GLU H 251 -8.48 -13.57 89.95
N SER H 252 -8.73 -13.55 91.26
CA SER H 252 -9.80 -14.34 91.87
C SER H 252 -10.84 -13.38 92.43
N VAL H 253 -12.11 -13.75 92.30
CA VAL H 253 -13.18 -12.89 92.79
C VAL H 253 -13.25 -12.99 94.32
N ARG H 254 -13.76 -11.94 94.94
CA ARG H 254 -13.96 -11.92 96.38
C ARG H 254 -15.39 -11.49 96.68
N TYR H 255 -15.92 -12.01 97.78
CA TYR H 255 -17.22 -11.61 98.30
C TYR H 255 -17.09 -11.26 99.77
N THR H 256 -18.15 -10.70 100.34
CA THR H 256 -18.16 -10.39 101.76
C THR H 256 -19.60 -10.48 102.25
N ARG H 257 -19.89 -11.48 103.05
CA ARG H 257 -21.23 -11.70 103.60
C ARG H 257 -21.44 -10.95 104.91
N ARG H 258 -20.73 -9.85 105.13
CA ARG H 258 -20.89 -9.06 106.34
C ARG H 258 -22.29 -8.48 106.40
N MET H 259 -22.84 -8.44 107.62
CA MET H 259 -24.26 -8.14 107.77
C MET H 259 -24.47 -6.63 107.61
N GLU H 260 -25.51 -6.25 106.88
CA GLU H 260 -25.70 -4.87 106.44
C GLU H 260 -26.92 -4.26 107.11
N ARG H 261 -26.82 -2.96 107.40
CA ARG H 261 -27.88 -2.22 108.08
C ARG H 261 -28.57 -1.33 107.07
N PHE H 262 -29.76 -1.73 106.62
CA PHE H 262 -30.46 -0.97 105.59
C PHE H 262 -31.21 0.21 106.18
N GLY H 263 -32.23 -0.06 106.99
CA GLY H 263 -33.03 0.98 107.60
C GLY H 263 -33.37 0.62 109.03
N GLY H 264 -32.49 -0.17 109.65
CA GLY H 264 -32.75 -0.76 110.95
C GLY H 264 -33.10 -2.22 110.91
N TYR H 265 -33.33 -2.79 109.72
CA TYR H 265 -33.64 -4.20 109.58
C TYR H 265 -32.55 -4.88 108.75
N ASN H 266 -32.76 -6.17 108.50
CA ASN H 266 -31.71 -7.07 108.05
C ASN H 266 -31.69 -7.20 106.54
N VAL H 267 -30.53 -6.91 105.93
CA VAL H 267 -30.28 -7.22 104.52
C VAL H 267 -28.94 -7.93 104.37
N PRO H 268 -28.91 -9.12 103.73
CA PRO H 268 -27.65 -9.83 103.54
C PRO H 268 -26.91 -9.44 102.28
N THR H 269 -26.10 -8.37 102.34
CA THR H 269 -25.39 -7.92 101.16
C THR H 269 -24.26 -8.88 100.77
N ILE H 270 -23.77 -8.71 99.54
CA ILE H 270 -22.75 -9.58 98.99
C ILE H 270 -21.42 -8.81 98.97
N TRP H 271 -21.52 -7.48 98.86
CA TRP H 271 -20.38 -6.56 98.95
C TRP H 271 -19.33 -6.85 97.88
N LEU H 272 -19.74 -6.62 96.63
CA LEU H 272 -18.82 -6.76 95.52
C LEU H 272 -17.73 -5.70 95.59
N GLU H 273 -16.50 -6.11 95.30
CA GLU H 273 -15.35 -5.23 95.29
C GLU H 273 -14.49 -5.55 94.08
N GLY H 274 -13.91 -4.51 93.47
CA GLY H 274 -13.04 -4.71 92.32
C GLY H 274 -13.78 -5.10 91.06
N VAL H 275 -14.75 -4.29 90.67
CA VAL H 275 -15.49 -4.48 89.43
C VAL H 275 -15.37 -3.22 88.58
N VAL H 276 -15.18 -3.41 87.28
CA VAL H 276 -15.11 -2.31 86.33
C VAL H 276 -16.38 -2.34 85.50
N TRP H 277 -17.03 -1.19 85.38
CA TRP H 277 -18.29 -1.11 84.66
C TRP H 277 -18.02 -1.02 83.16
N GLY H 278 -19.02 -1.41 82.37
CA GLY H 278 -18.89 -1.41 80.93
C GLY H 278 -20.19 -1.79 80.24
N GLY H 279 -20.11 -2.65 79.24
CA GLY H 279 -21.30 -3.15 78.59
C GLY H 279 -21.81 -2.22 77.49
N THR H 280 -22.42 -2.83 76.49
CA THR H 280 -23.01 -2.09 75.37
C THR H 280 -24.53 -2.19 75.35
N ASN H 281 -25.11 -2.81 76.39
CA ASN H 281 -26.55 -2.91 76.63
C ASN H 281 -27.27 -3.53 75.41
N THR H 282 -26.81 -4.70 75.03
CA THR H 282 -27.42 -5.47 73.95
C THR H 282 -28.07 -6.71 74.56
N TRP H 283 -29.39 -6.65 74.73
CA TRP H 283 -30.13 -7.71 75.42
C TRP H 283 -30.21 -8.91 74.50
N ASN H 284 -29.23 -9.80 74.63
CA ASN H 284 -29.20 -11.03 73.86
C ASN H 284 -30.27 -11.96 74.40
N GLU H 285 -31.44 -11.94 73.78
CA GLU H 285 -32.59 -12.73 74.21
C GLU H 285 -32.43 -14.15 73.69
N CYS H 286 -32.79 -15.12 74.53
CA CYS H 286 -32.72 -16.53 74.13
C CYS H 286 -34.04 -17.24 74.43
#